data_8R3S
#
_entry.id   8R3S
#
_cell.length_a   94.900
_cell.length_b   149.900
_cell.length_c   253.300
_cell.angle_alpha   90.000
_cell.angle_beta   90.200
_cell.angle_gamma   90.000
#
_symmetry.space_group_name_H-M   'P 1 21 1'
#
loop_
_entity.id
_entity.type
_entity.pdbx_description
1 polymer Transketolase
2 non-polymer 'THIAMINE DIPHOSPHATE'
3 non-polymer 'MAGNESIUM ION'
#
_entity_poly.entity_id   1
_entity_poly.type   'polypeptide(L)'
_entity_poly.pdbx_seq_one_letter_code
;MFNEKDQLAVDTLRALSIDTIEKANSGHPGLPMGAAPMAYTLWTRHLNFNPQSKDYFNRDRFVLSAGHGSALLYSLLHVS
GSLELEELKQFRQWGSKTPGHPEYRHTDGVEVTTGPLGQGFAMSVGLALAEDHLAGKFNKEGYNVVDHYTYVLASDGDLM
EGISHEAASFAGHNKLSKLVVLYDSNDISLDGELNKAFSENTKARFEAYGWNYLLVKDGNDLEEIDKAITTAKSQEGPTI
IEVKTTIGFGSPNKAGTNGVHGAPLGEVERKLTFENYGLDPEKRFNVSEEVYEIFQNTMLKRANEDESQWNSLLEKYAET
YPELAEEFKLAISGKLPKNYKDELPRFELGHNGASRADSGTVIQAISKTVPSFFGGSADLAGSNKSNVNDATDYSSETPE
GKNVWFGVREFAMGAAVNGMAAHGGLHPYGATFFVFSDYLKPALRLSSIMGLNATFIFTHDSIAVGEDGPTHEPIEQLAG
LRAIPNMNVIRPADGNETRVAWEVALESESTPTSLVLTRQNLPVLDVPEDVVEEGVRKGAYTVYGSEETPEFLLLASGSE
VSLAVEAAKDLEKQGKSVRVVSMPNWNAFEQQSEEYKESVIPSSVTKRVAIEMASPLGWHKYVGTAGKVIAIDGFGASAP
GDLVVEKYGFTKENILNQVMSLENLYFQGLEHHHHHH
;
_entity_poly.pdbx_strand_id   A,B,C,D,E,F,G,H,I,J
#
# COMPACT_ATOMS: atom_id res chain seq x y z
N MET A 1 -26.42 -59.28 52.31
CA MET A 1 -25.64 -60.44 52.72
C MET A 1 -24.41 -59.99 53.49
N PHE A 2 -24.42 -58.74 53.95
CA PHE A 2 -23.30 -58.15 54.67
C PHE A 2 -23.75 -57.71 56.05
N ASN A 3 -22.98 -58.10 57.06
CA ASN A 3 -23.30 -57.84 58.44
C ASN A 3 -22.35 -56.80 59.02
N GLU A 4 -22.56 -56.49 60.30
CA GLU A 4 -21.61 -55.74 61.11
C GLU A 4 -20.26 -56.43 61.22
N LYS A 5 -20.23 -57.77 61.11
CA LYS A 5 -18.96 -58.49 61.11
C LYS A 5 -18.16 -58.16 59.85
N ASP A 6 -18.83 -58.05 58.71
CA ASP A 6 -18.17 -57.66 57.48
C ASP A 6 -17.59 -56.26 57.60
N GLN A 7 -18.33 -55.35 58.25
CA GLN A 7 -17.80 -54.01 58.50
C GLN A 7 -16.62 -54.05 59.45
N LEU A 8 -16.69 -54.93 60.46
CA LEU A 8 -15.55 -55.12 61.36
C LEU A 8 -14.32 -55.57 60.60
N ALA A 9 -14.48 -56.48 59.64
CA ALA A 9 -13.36 -56.92 58.81
C ALA A 9 -12.79 -55.76 58.00
N VAL A 10 -13.67 -54.96 57.38
CA VAL A 10 -13.23 -53.83 56.55
C VAL A 10 -12.43 -52.83 57.38
N ASP A 11 -12.99 -52.40 58.52
CA ASP A 11 -12.31 -51.43 59.36
C ASP A 11 -11.05 -52.02 60.00
N THR A 12 -11.02 -53.34 60.22
CA THR A 12 -9.78 -53.98 60.63
C THR A 12 -8.71 -53.82 59.58
N LEU A 13 -9.05 -54.08 58.32
CA LEU A 13 -8.09 -53.86 57.24
C LEU A 13 -7.54 -52.43 57.29
N ARG A 14 -8.43 -51.45 57.44
CA ARG A 14 -8.00 -50.05 57.47
C ARG A 14 -7.06 -49.77 58.65
N ALA A 15 -7.45 -50.24 59.85
CA ALA A 15 -6.62 -50.01 61.02
C ALA A 15 -5.26 -50.67 60.87
N LEU A 16 -5.23 -51.87 60.31
CA LEU A 16 -3.96 -52.57 60.08
C LEU A 16 -3.07 -51.78 59.14
N SER A 17 -3.63 -51.35 58.01
CA SER A 17 -2.87 -50.55 57.05
C SER A 17 -2.24 -49.34 57.73
N ILE A 18 -3.02 -48.62 58.53
CA ILE A 18 -2.48 -47.37 59.04
C ILE A 18 -1.54 -47.61 60.22
N ASP A 19 -1.71 -48.69 60.99
CA ASP A 19 -0.71 -49.03 62.01
C ASP A 19 0.61 -49.42 61.36
N THR A 20 0.55 -50.13 60.23
CA THR A 20 1.73 -50.40 59.42
C THR A 20 2.43 -49.11 59.02
N ILE A 21 1.70 -48.21 58.37
CA ILE A 21 2.28 -46.94 57.92
C ILE A 21 2.79 -46.12 59.11
N GLU A 22 2.12 -46.21 60.26
CA GLU A 22 2.53 -45.44 61.42
C GLU A 22 3.85 -45.96 61.98
N LYS A 23 4.01 -47.28 62.06
CA LYS A 23 5.29 -47.85 62.47
C LYS A 23 6.39 -47.40 61.52
N ALA A 24 6.16 -47.50 60.21
CA ALA A 24 7.23 -47.16 59.28
C ALA A 24 7.51 -45.66 59.23
N ASN A 25 6.58 -44.81 59.71
CA ASN A 25 6.63 -43.37 59.48
C ASN A 25 6.83 -43.06 57.99
N SER A 26 6.16 -43.84 57.15
CA SER A 26 6.27 -43.79 55.70
C SER A 26 5.15 -44.64 55.12
N GLY A 27 4.56 -44.15 54.03
CA GLY A 27 3.48 -44.90 53.40
C GLY A 27 2.32 -44.04 52.97
N HIS A 28 1.27 -44.68 52.46
CA HIS A 28 0.16 -43.99 51.82
C HIS A 28 -1.14 -44.46 52.45
N PRO A 29 -1.70 -43.72 53.40
CA PRO A 29 -2.90 -44.19 54.11
C PRO A 29 -4.17 -44.06 53.28
N GLY A 30 -4.26 -42.99 52.49
CA GLY A 30 -5.47 -42.61 51.78
C GLY A 30 -6.17 -43.70 51.00
N LEU A 31 -5.49 -44.26 49.99
CA LEU A 31 -6.12 -45.30 49.18
C LEU A 31 -6.48 -46.55 49.98
N PRO A 32 -5.64 -47.07 50.89
CA PRO A 32 -6.09 -48.19 51.72
C PRO A 32 -7.31 -47.86 52.58
N MET A 33 -7.42 -46.62 53.06
CA MET A 33 -8.62 -46.23 53.81
C MET A 33 -9.85 -46.20 52.91
N GLY A 34 -9.70 -45.73 51.68
CA GLY A 34 -10.85 -45.53 50.81
C GLY A 34 -11.28 -46.76 50.04
N ALA A 35 -10.35 -47.69 49.81
CA ALA A 35 -10.59 -48.83 48.95
C ALA A 35 -10.86 -50.12 49.71
N ALA A 36 -10.68 -50.13 51.03
CA ALA A 36 -10.88 -51.37 51.81
C ALA A 36 -12.23 -52.03 51.58
N PRO A 37 -13.35 -51.30 51.48
CA PRO A 37 -14.63 -52.01 51.22
C PRO A 37 -14.65 -52.77 49.90
N MET A 38 -14.28 -52.12 48.79
CA MET A 38 -14.35 -52.81 47.51
C MET A 38 -13.35 -53.95 47.43
N ALA A 39 -12.15 -53.77 48.00
CA ALA A 39 -11.19 -54.86 48.04
C ALA A 39 -11.71 -56.03 48.86
N TYR A 40 -12.32 -55.74 50.01
CA TYR A 40 -12.91 -56.79 50.83
C TYR A 40 -13.99 -57.55 50.07
N THR A 41 -14.89 -56.81 49.42
CA THR A 41 -15.96 -57.45 48.65
C THR A 41 -15.40 -58.32 47.53
N LEU A 42 -14.40 -57.80 46.81
CA LEU A 42 -13.76 -58.57 45.74
C LEU A 42 -13.17 -59.87 46.29
N TRP A 43 -12.31 -59.76 47.29
CA TRP A 43 -11.56 -60.93 47.76
C TRP A 43 -12.48 -61.96 48.41
N THR A 44 -13.44 -61.51 49.23
CA THR A 44 -14.24 -62.44 50.01
C THR A 44 -15.45 -62.97 49.26
N ARG A 45 -15.90 -62.29 48.19
CA ARG A 45 -17.12 -62.71 47.52
C ARG A 45 -16.92 -63.17 46.08
N HIS A 46 -15.75 -62.97 45.48
CA HIS A 46 -15.61 -63.30 44.06
C HIS A 46 -14.27 -63.94 43.72
N LEU A 47 -13.18 -63.41 44.26
CA LEU A 47 -11.85 -63.75 43.77
C LEU A 47 -11.49 -65.20 44.11
N ASN A 48 -11.25 -66.00 43.07
CA ASN A 48 -10.84 -67.40 43.22
C ASN A 48 -9.32 -67.43 43.33
N PHE A 49 -8.84 -67.21 44.55
CA PHE A 49 -7.41 -67.02 44.77
C PHE A 49 -7.06 -67.40 46.20
N ASN A 50 -6.07 -68.27 46.34
CA ASN A 50 -5.49 -68.56 47.64
C ASN A 50 -4.05 -68.07 47.65
N PRO A 51 -3.71 -67.04 48.41
CA PRO A 51 -2.30 -66.58 48.43
C PRO A 51 -1.33 -67.64 48.90
N GLN A 52 -1.81 -68.71 49.52
CA GLN A 52 -0.95 -69.84 49.85
C GLN A 52 -0.69 -70.71 48.62
N SER A 53 -1.72 -70.96 47.81
CA SER A 53 -1.54 -71.66 46.54
C SER A 53 -1.36 -70.64 45.42
N LYS A 54 -0.23 -69.94 45.50
CA LYS A 54 0.02 -68.76 44.67
C LYS A 54 0.16 -69.09 43.18
N ASP A 55 0.28 -70.35 42.80
CA ASP A 55 0.60 -70.73 41.43
C ASP A 55 -0.50 -71.57 40.77
N TYR A 56 -1.70 -71.57 41.33
CA TYR A 56 -2.83 -72.22 40.68
C TYR A 56 -3.06 -71.59 39.31
N PHE A 57 -2.88 -72.38 38.25
CA PHE A 57 -2.83 -71.80 36.91
C PHE A 57 -4.16 -71.19 36.50
N ASN A 58 -5.29 -71.74 36.95
CA ASN A 58 -6.59 -71.14 36.68
C ASN A 58 -7.05 -70.21 37.79
N ARG A 59 -6.12 -69.64 38.57
CA ARG A 59 -6.48 -68.67 39.58
C ARG A 59 -6.86 -67.34 38.92
N ASP A 60 -7.77 -66.61 39.56
CA ASP A 60 -8.05 -65.25 39.15
C ASP A 60 -6.84 -64.39 39.46
N ARG A 61 -6.50 -63.49 38.54
CA ARG A 61 -5.33 -62.63 38.65
C ARG A 61 -5.79 -61.25 39.10
N PHE A 62 -5.44 -60.88 40.32
CA PHE A 62 -5.73 -59.56 40.86
C PHE A 62 -4.47 -58.72 40.84
N VAL A 63 -4.58 -57.50 40.30
CA VAL A 63 -3.44 -56.59 40.19
C VAL A 63 -3.83 -55.26 40.85
N LEU A 64 -2.94 -54.73 41.67
CA LEU A 64 -3.08 -53.41 42.28
C LEU A 64 -2.19 -52.46 41.47
N SER A 65 -2.77 -51.84 40.44
CA SER A 65 -2.05 -50.85 39.66
C SER A 65 -1.60 -49.68 40.52
N ALA A 66 -2.41 -49.30 41.51
CA ALA A 66 -2.06 -48.22 42.44
C ALA A 66 -1.15 -48.79 43.51
N GLY A 67 0.12 -48.95 43.14
CA GLY A 67 1.08 -49.61 44.03
C GLY A 67 1.23 -48.93 45.38
N HIS A 68 0.99 -47.62 45.43
CA HIS A 68 1.13 -46.90 46.69
C HIS A 68 0.13 -47.35 47.76
N GLY A 69 -0.88 -48.13 47.38
CA GLY A 69 -1.78 -48.72 48.36
C GLY A 69 -1.33 -50.07 48.84
N SER A 70 -0.02 -50.34 48.70
CA SER A 70 0.53 -51.67 49.01
C SER A 70 0.03 -52.20 50.35
N ALA A 71 -0.02 -51.33 51.37
CA ALA A 71 -0.43 -51.77 52.71
C ALA A 71 -1.71 -52.58 52.65
N LEU A 72 -2.75 -52.03 52.00
CA LEU A 72 -4.01 -52.75 51.88
C LEU A 72 -3.79 -54.17 51.39
N LEU A 73 -3.10 -54.31 50.25
CA LEU A 73 -2.79 -55.64 49.71
C LEU A 73 -2.16 -56.52 50.77
N TYR A 74 -1.08 -56.03 51.40
CA TYR A 74 -0.42 -56.81 52.44
C TYR A 74 -1.41 -57.19 53.54
N SER A 75 -2.20 -56.21 54.00
CA SER A 75 -3.20 -56.50 55.02
C SER A 75 -4.10 -57.64 54.57
N LEU A 76 -4.61 -57.54 53.34
CA LEU A 76 -5.42 -58.64 52.79
C LEU A 76 -4.64 -59.94 52.84
N LEU A 77 -3.41 -59.94 52.32
CA LEU A 77 -2.61 -61.15 52.29
C LEU A 77 -2.32 -61.68 53.69
N HIS A 78 -2.37 -60.81 54.71
CA HIS A 78 -2.18 -61.35 56.05
C HIS A 78 -3.43 -62.03 56.56
N VAL A 79 -4.61 -61.44 56.32
CA VAL A 79 -5.81 -62.05 56.87
C VAL A 79 -6.24 -63.27 56.08
N SER A 80 -5.56 -63.57 54.98
CA SER A 80 -5.83 -64.74 54.16
C SER A 80 -4.79 -65.84 54.35
N GLY A 81 -3.81 -65.63 55.22
CA GLY A 81 -2.99 -66.72 55.71
C GLY A 81 -1.69 -66.98 54.98
N SER A 82 -1.08 -65.95 54.39
CA SER A 82 0.20 -66.11 53.71
C SER A 82 1.30 -65.19 54.21
N LEU A 83 0.95 -64.11 54.91
CA LEU A 83 1.92 -63.10 55.29
C LEU A 83 1.78 -62.85 56.78
N GLU A 84 2.91 -62.78 57.47
CA GLU A 84 2.86 -62.68 58.92
C GLU A 84 2.67 -61.23 59.34
N LEU A 85 2.09 -61.06 60.53
CA LEU A 85 1.98 -59.74 61.13
C LEU A 85 3.34 -59.09 61.30
N GLU A 86 4.40 -59.89 61.44
CA GLU A 86 5.74 -59.35 61.65
C GLU A 86 6.26 -58.67 60.38
N GLU A 87 5.91 -59.20 59.20
CA GLU A 87 6.31 -58.54 57.97
C GLU A 87 5.60 -57.19 57.83
N LEU A 88 4.33 -57.11 58.23
CA LEU A 88 3.64 -55.82 58.27
C LEU A 88 4.33 -54.86 59.23
N LYS A 89 4.71 -55.36 60.41
CA LYS A 89 5.46 -54.58 61.36
C LYS A 89 6.85 -54.19 60.85
N GLN A 90 7.33 -54.82 59.79
CA GLN A 90 8.58 -54.45 59.14
C GLN A 90 8.35 -53.80 57.78
N PHE A 91 7.33 -52.95 57.68
CA PHE A 91 6.97 -52.33 56.42
C PHE A 91 8.02 -51.32 55.97
N ARG A 92 8.41 -51.39 54.70
CA ARG A 92 9.36 -50.46 54.11
C ARG A 92 10.69 -50.48 54.86
N GLN A 93 11.07 -51.66 55.35
CA GLN A 93 12.32 -51.87 56.06
C GLN A 93 13.20 -52.83 55.26
N TRP A 94 14.48 -52.89 55.62
CA TRP A 94 15.44 -53.66 54.86
C TRP A 94 15.12 -55.16 54.94
N GLY A 95 15.09 -55.82 53.78
CA GLY A 95 14.88 -57.25 53.70
C GLY A 95 13.45 -57.71 53.90
N SER A 96 12.52 -56.80 54.20
CA SER A 96 11.16 -57.18 54.51
C SER A 96 10.45 -57.82 53.33
N LYS A 97 9.52 -58.74 53.63
CA LYS A 97 8.58 -59.25 52.63
C LYS A 97 7.47 -58.25 52.32
N THR A 98 7.51 -57.06 52.92
CA THR A 98 6.50 -56.02 52.69
C THR A 98 7.19 -54.74 52.22
N PRO A 99 7.68 -54.71 50.98
CA PRO A 99 8.27 -53.48 50.46
C PRO A 99 7.22 -52.42 50.15
N GLY A 100 7.70 -51.19 50.02
CA GLY A 100 6.80 -50.04 49.90
C GLY A 100 5.85 -50.14 48.72
N HIS A 101 6.36 -50.56 47.56
CA HIS A 101 5.49 -50.83 46.44
C HIS A 101 5.53 -52.31 46.11
N PRO A 102 4.40 -52.92 45.76
CA PRO A 102 4.34 -54.38 45.66
C PRO A 102 5.33 -54.92 44.63
N GLU A 103 6.05 -55.97 45.01
CA GLU A 103 7.09 -56.56 44.17
C GLU A 103 6.83 -58.04 43.93
N TYR A 104 6.99 -58.44 42.68
CA TYR A 104 6.85 -59.83 42.26
C TYR A 104 8.05 -60.64 42.73
N ARG A 105 7.82 -61.90 43.08
CA ARG A 105 8.84 -62.86 43.53
C ARG A 105 9.35 -62.57 44.94
N HIS A 106 9.16 -61.35 45.42
CA HIS A 106 9.59 -61.00 46.78
C HIS A 106 8.50 -61.30 47.81
N THR A 107 7.25 -61.05 47.46
CA THR A 107 6.10 -61.36 48.30
C THR A 107 5.21 -62.34 47.57
N ASP A 108 4.76 -63.38 48.27
CA ASP A 108 3.85 -64.34 47.68
C ASP A 108 2.49 -63.70 47.47
N GLY A 109 1.90 -63.96 46.30
CA GLY A 109 0.61 -63.40 45.95
C GLY A 109 0.67 -62.15 45.11
N VAL A 110 1.76 -61.40 45.15
CA VAL A 110 1.91 -60.21 44.32
C VAL A 110 2.24 -60.68 42.91
N GLU A 111 1.27 -60.55 41.99
CA GLU A 111 1.41 -61.16 40.67
C GLU A 111 2.38 -60.37 39.79
N VAL A 112 2.27 -59.05 39.79
CA VAL A 112 3.17 -58.19 39.03
C VAL A 112 3.70 -57.10 39.95
N THR A 113 4.89 -56.59 39.62
CA THR A 113 5.46 -55.48 40.37
C THR A 113 4.83 -54.18 39.88
N THR A 114 4.16 -53.47 40.79
CA THR A 114 3.45 -52.24 40.46
C THR A 114 4.05 -51.08 41.24
N GLY A 115 3.64 -49.87 40.84
CA GLY A 115 4.17 -48.65 41.38
C GLY A 115 4.09 -47.52 40.38
N PRO A 116 4.87 -47.62 39.30
CA PRO A 116 4.70 -46.70 38.17
C PRO A 116 3.29 -46.77 37.62
N LEU A 117 2.60 -45.62 37.62
CA LEU A 117 1.17 -45.61 37.38
C LEU A 117 0.83 -45.99 35.94
N GLY A 118 -0.37 -46.54 35.76
CA GLY A 118 -0.84 -47.03 34.49
C GLY A 118 -0.28 -48.37 34.06
N GLN A 119 0.93 -48.71 34.52
CA GLN A 119 1.58 -49.93 34.05
C GLN A 119 0.86 -51.18 34.56
N GLY A 120 0.37 -51.14 35.81
CA GLY A 120 -0.37 -52.27 36.32
C GLY A 120 -1.62 -52.56 35.49
N PHE A 121 -2.32 -51.50 35.08
CA PHE A 121 -3.52 -51.65 34.26
C PHE A 121 -3.19 -52.30 32.91
N ALA A 122 -2.13 -51.83 32.26
CA ALA A 122 -1.78 -52.39 30.96
C ALA A 122 -1.26 -53.82 31.08
N MET A 123 -0.51 -54.10 32.15
CA MET A 123 -0.11 -55.48 32.40
C MET A 123 -1.31 -56.37 32.67
N SER A 124 -2.36 -55.83 33.31
CA SER A 124 -3.58 -56.61 33.50
C SER A 124 -4.27 -56.89 32.18
N VAL A 125 -4.25 -55.91 31.27
CA VAL A 125 -4.72 -56.17 29.90
C VAL A 125 -3.92 -57.30 29.28
N GLY A 126 -2.61 -57.31 29.52
CA GLY A 126 -1.77 -58.40 28.99
C GLY A 126 -2.12 -59.75 29.60
N LEU A 127 -2.40 -59.77 30.90
CA LEU A 127 -2.80 -61.00 31.57
C LEU A 127 -4.09 -61.55 30.99
N ALA A 128 -5.10 -60.69 30.82
CA ALA A 128 -6.34 -61.12 30.21
C ALA A 128 -6.13 -61.57 28.76
N LEU A 129 -5.21 -60.91 28.06
CA LEU A 129 -4.83 -61.35 26.71
C LEU A 129 -4.33 -62.78 26.73
N ALA A 130 -3.36 -63.06 27.60
CA ALA A 130 -2.84 -64.42 27.74
C ALA A 130 -3.97 -65.41 28.05
N GLU A 131 -4.88 -65.01 28.94
CA GLU A 131 -6.00 -65.89 29.30
C GLU A 131 -6.83 -66.26 28.08
N ASP A 132 -7.27 -65.24 27.32
CA ASP A 132 -8.11 -65.50 26.15
C ASP A 132 -7.38 -66.38 25.14
N HIS A 133 -6.10 -66.11 24.88
CA HIS A 133 -5.39 -66.88 23.86
C HIS A 133 -5.19 -68.33 24.29
N LEU A 134 -4.77 -68.54 25.54
CA LEU A 134 -4.58 -69.91 26.03
C LEU A 134 -5.88 -70.68 26.00
N ALA A 135 -7.00 -70.03 26.38
CA ALA A 135 -8.29 -70.70 26.29
C ALA A 135 -8.66 -71.03 24.85
N GLY A 136 -8.40 -70.11 23.92
CA GLY A 136 -8.70 -70.38 22.53
C GLY A 136 -7.92 -71.58 22.00
N LYS A 137 -6.68 -71.75 22.47
CA LYS A 137 -5.88 -72.88 21.99
C LYS A 137 -6.30 -74.20 22.63
N PHE A 138 -6.49 -74.22 23.95
CA PHE A 138 -6.57 -75.48 24.68
C PHE A 138 -8.00 -75.96 24.96
N ASN A 139 -8.95 -75.05 25.21
CA ASN A 139 -10.27 -75.46 25.67
C ASN A 139 -11.02 -76.26 24.61
N LYS A 140 -11.84 -77.20 25.09
CA LYS A 140 -12.64 -78.08 24.25
C LYS A 140 -14.05 -78.14 24.82
N GLU A 141 -14.87 -79.05 24.30
CA GLU A 141 -16.22 -79.24 24.80
C GLU A 141 -16.16 -79.80 26.23
N GLY A 142 -16.71 -79.04 27.18
CA GLY A 142 -16.71 -79.47 28.56
C GLY A 142 -15.35 -79.53 29.21
N TYR A 143 -14.31 -79.00 28.55
CA TYR A 143 -12.96 -78.96 29.09
C TYR A 143 -12.47 -77.51 29.08
N ASN A 144 -13.08 -76.68 29.94
CA ASN A 144 -12.64 -75.30 30.09
C ASN A 144 -11.40 -75.30 30.97
N VAL A 145 -10.27 -75.61 30.34
CA VAL A 145 -9.02 -75.75 31.08
C VAL A 145 -8.48 -74.37 31.45
N VAL A 146 -8.74 -73.35 30.64
CA VAL A 146 -8.38 -71.97 30.95
C VAL A 146 -9.67 -71.17 31.03
N ASP A 147 -10.01 -70.71 32.23
CA ASP A 147 -11.23 -69.93 32.46
C ASP A 147 -11.06 -69.22 33.81
N HIS A 148 -10.54 -68.00 33.77
CA HIS A 148 -10.40 -67.20 34.98
C HIS A 148 -10.43 -65.73 34.60
N TYR A 149 -10.72 -64.91 35.60
CA TYR A 149 -10.92 -63.47 35.43
C TYR A 149 -9.63 -62.71 35.73
N THR A 150 -9.60 -61.48 35.25
CA THR A 150 -8.49 -60.56 35.51
C THR A 150 -9.06 -59.31 36.15
N TYR A 151 -8.77 -59.11 37.43
CA TYR A 151 -9.22 -57.97 38.19
C TYR A 151 -8.06 -57.01 38.40
N VAL A 152 -8.35 -55.71 38.34
CA VAL A 152 -7.35 -54.70 38.62
C VAL A 152 -8.00 -53.57 39.41
N LEU A 153 -7.27 -53.04 40.38
CA LEU A 153 -7.71 -51.87 41.17
C LEU A 153 -6.81 -50.69 40.80
N ALA A 154 -7.41 -49.66 40.23
CA ALA A 154 -6.67 -48.52 39.70
C ALA A 154 -7.19 -47.23 40.31
N SER A 155 -6.38 -46.18 40.20
CA SER A 155 -6.66 -44.87 40.74
C SER A 155 -6.68 -43.82 39.62
N ASP A 156 -6.78 -42.54 40.01
CA ASP A 156 -6.88 -41.47 39.02
C ASP A 156 -5.60 -41.32 38.22
N GLY A 157 -4.45 -41.48 38.87
CA GLY A 157 -3.18 -41.40 38.16
C GLY A 157 -3.02 -42.46 37.10
N ASP A 158 -3.62 -43.64 37.31
CA ASP A 158 -3.59 -44.67 36.28
C ASP A 158 -4.32 -44.22 35.03
N LEU A 159 -5.49 -43.60 35.18
CA LEU A 159 -6.31 -43.23 34.03
C LEU A 159 -5.89 -41.90 33.41
N MET A 160 -5.06 -41.11 34.09
CA MET A 160 -4.49 -39.92 33.48
C MET A 160 -3.33 -40.27 32.54
N GLU A 161 -2.83 -41.49 32.60
CA GLU A 161 -1.66 -41.91 31.82
C GLU A 161 -2.12 -42.55 30.52
N GLY A 162 -1.45 -42.19 29.43
CA GLY A 162 -1.90 -42.59 28.11
C GLY A 162 -1.83 -44.08 27.88
N ILE A 163 -0.97 -44.79 28.64
CA ILE A 163 -0.89 -46.23 28.48
C ILE A 163 -2.22 -46.87 28.86
N SER A 164 -2.96 -46.25 29.78
CA SER A 164 -4.32 -46.71 30.05
C SER A 164 -5.20 -46.58 28.82
N HIS A 165 -5.07 -45.46 28.09
CA HIS A 165 -5.85 -45.25 26.88
C HIS A 165 -5.50 -46.30 25.83
N GLU A 166 -4.19 -46.58 25.67
CA GLU A 166 -3.73 -47.58 24.70
C GLU A 166 -4.25 -48.97 25.05
N ALA A 167 -4.07 -49.38 26.31
CA ALA A 167 -4.48 -50.71 26.74
C ALA A 167 -5.99 -50.87 26.69
N ALA A 168 -6.74 -49.84 27.12
CA ALA A 168 -8.19 -49.93 27.10
C ALA A 168 -8.71 -50.01 25.68
N SER A 169 -8.10 -49.27 24.75
CA SER A 169 -8.50 -49.42 23.35
C SER A 169 -8.28 -50.85 22.87
N PHE A 170 -7.08 -51.39 23.14
CA PHE A 170 -6.80 -52.77 22.72
C PHE A 170 -7.76 -53.77 23.35
N ALA A 171 -8.10 -53.57 24.63
CA ALA A 171 -8.99 -54.52 25.31
C ALA A 171 -10.40 -54.44 24.76
N GLY A 172 -10.93 -53.23 24.58
CA GLY A 172 -12.27 -53.08 24.06
C GLY A 172 -12.40 -53.57 22.63
N HIS A 173 -11.37 -53.35 21.82
CA HIS A 173 -11.44 -53.81 20.43
C HIS A 173 -11.50 -55.33 20.35
N ASN A 174 -10.81 -56.03 21.25
CA ASN A 174 -10.75 -57.49 21.22
C ASN A 174 -11.75 -58.13 22.19
N LYS A 175 -12.61 -57.32 22.82
CA LYS A 175 -13.69 -57.77 23.69
C LYS A 175 -13.20 -58.74 24.76
N LEU A 176 -12.24 -58.27 25.55
CA LEU A 176 -11.70 -59.01 26.68
C LEU A 176 -12.70 -58.91 27.82
N SER A 177 -13.67 -59.84 27.82
CA SER A 177 -14.81 -59.73 28.73
C SER A 177 -14.42 -59.97 30.19
N LYS A 178 -13.46 -60.88 30.43
CA LYS A 178 -13.10 -61.27 31.79
C LYS A 178 -12.15 -60.29 32.46
N LEU A 179 -12.08 -59.05 31.98
CA LEU A 179 -11.26 -58.00 32.57
C LEU A 179 -12.17 -57.02 33.30
N VAL A 180 -11.99 -56.90 34.61
CA VAL A 180 -12.78 -56.01 35.45
C VAL A 180 -11.85 -55.06 36.19
N VAL A 181 -12.12 -53.76 36.04
CA VAL A 181 -11.36 -52.71 36.70
C VAL A 181 -12.23 -52.09 37.78
N LEU A 182 -11.64 -51.91 38.96
CA LEU A 182 -12.25 -51.20 40.07
C LEU A 182 -11.50 -49.89 40.19
N TYR A 183 -12.16 -48.80 39.86
CA TYR A 183 -11.55 -47.48 39.81
C TYR A 183 -11.90 -46.75 41.11
N ASP A 184 -10.90 -46.50 41.94
CA ASP A 184 -11.06 -45.68 43.14
C ASP A 184 -11.07 -44.22 42.70
N SER A 185 -12.27 -43.65 42.57
CA SER A 185 -12.45 -42.26 42.17
C SER A 185 -12.63 -41.41 43.43
N ASN A 186 -11.53 -40.81 43.90
CA ASN A 186 -11.53 -39.99 45.10
C ASN A 186 -11.38 -38.51 44.80
N ASP A 187 -11.33 -38.13 43.52
CA ASP A 187 -11.31 -36.71 43.09
C ASP A 187 -10.16 -35.95 43.75
N ILE A 188 -9.09 -36.66 44.07
CA ILE A 188 -7.92 -36.10 44.73
C ILE A 188 -6.68 -36.78 44.17
N SER A 189 -5.60 -36.01 44.03
CA SER A 189 -4.29 -36.57 43.69
C SER A 189 -3.26 -36.12 44.71
N LEU A 190 -1.97 -36.29 44.40
CA LEU A 190 -0.92 -35.94 45.35
C LEU A 190 -0.88 -34.43 45.59
N ASP A 191 -0.92 -33.63 44.51
CA ASP A 191 -0.74 -32.20 44.67
C ASP A 191 -2.02 -31.46 45.01
N GLY A 192 -3.18 -32.11 44.98
CA GLY A 192 -4.40 -31.45 45.39
C GLY A 192 -5.66 -32.08 44.84
N GLU A 193 -6.65 -31.25 44.54
CA GLU A 193 -7.91 -31.71 43.98
C GLU A 193 -7.76 -32.05 42.51
N LEU A 194 -8.48 -33.09 42.09
CA LEU A 194 -8.38 -33.57 40.71
C LEU A 194 -8.90 -32.55 39.69
N ASN A 195 -9.73 -31.60 40.10
CA ASN A 195 -10.26 -30.62 39.16
C ASN A 195 -9.24 -29.57 38.74
N LYS A 196 -7.98 -29.72 39.14
CA LYS A 196 -6.91 -28.82 38.71
C LYS A 196 -6.25 -29.27 37.41
N ALA A 197 -6.35 -30.55 37.07
CA ALA A 197 -5.75 -31.09 35.86
C ALA A 197 -6.62 -32.12 35.16
N PHE A 198 -7.70 -32.58 35.77
CA PHE A 198 -8.54 -33.66 35.25
C PHE A 198 -9.99 -33.24 35.33
N SER A 199 -10.75 -33.52 34.26
CA SER A 199 -12.13 -33.06 34.19
C SER A 199 -13.01 -33.91 33.29
N GLU A 200 -12.62 -35.14 32.98
CA GLU A 200 -13.22 -35.85 31.87
C GLU A 200 -14.13 -36.99 32.33
N ASN A 201 -15.04 -37.35 31.43
CA ASN A 201 -16.01 -38.40 31.67
C ASN A 201 -15.36 -39.75 31.43
N THR A 202 -15.11 -40.51 32.49
CA THR A 202 -14.63 -41.88 32.31
C THR A 202 -15.68 -42.72 31.61
N LYS A 203 -16.96 -42.45 31.86
CA LYS A 203 -18.06 -43.16 31.21
C LYS A 203 -17.94 -43.11 29.69
N ALA A 204 -18.12 -41.91 29.12
CA ALA A 204 -18.12 -41.79 27.66
C ALA A 204 -16.81 -42.27 27.06
N ARG A 205 -15.69 -41.99 27.73
CA ARG A 205 -14.39 -42.43 27.23
C ARG A 205 -14.32 -43.94 27.09
N PHE A 206 -14.64 -44.66 28.16
CA PHE A 206 -14.48 -46.11 28.10
C PHE A 206 -15.57 -46.77 27.27
N GLU A 207 -16.77 -46.18 27.21
CA GLU A 207 -17.76 -46.69 26.26
C GLU A 207 -17.30 -46.47 24.82
N ALA A 208 -16.55 -45.40 24.55
CA ALA A 208 -15.98 -45.21 23.23
C ALA A 208 -14.87 -46.23 22.95
N TYR A 209 -14.17 -46.67 24.00
CA TYR A 209 -13.21 -47.76 23.79
C TYR A 209 -13.89 -49.10 23.51
N GLY A 210 -15.21 -49.19 23.65
CA GLY A 210 -15.92 -50.45 23.55
C GLY A 210 -16.16 -51.15 24.86
N TRP A 211 -16.00 -50.46 25.98
CA TRP A 211 -16.14 -51.06 27.30
C TRP A 211 -17.57 -50.95 27.81
N ASN A 212 -17.84 -51.67 28.90
CA ASN A 212 -19.03 -51.49 29.70
C ASN A 212 -18.67 -50.65 30.92
N TYR A 213 -19.64 -49.87 31.40
CA TYR A 213 -19.40 -48.97 32.53
C TYR A 213 -20.42 -49.23 33.62
N LEU A 214 -19.95 -49.14 34.87
CA LEU A 214 -20.81 -49.25 36.04
C LEU A 214 -20.35 -48.21 37.07
N LEU A 215 -21.32 -47.53 37.67
CA LEU A 215 -21.06 -46.51 38.68
C LEU A 215 -21.54 -46.97 40.04
N VAL A 216 -20.65 -46.96 41.02
CA VAL A 216 -20.96 -47.27 42.40
C VAL A 216 -20.95 -45.96 43.17
N LYS A 217 -22.13 -45.52 43.63
CA LYS A 217 -22.25 -44.18 44.19
C LYS A 217 -21.60 -44.09 45.57
N ASP A 218 -21.71 -45.13 46.39
CA ASP A 218 -21.08 -45.19 47.70
C ASP A 218 -20.10 -46.34 47.72
N GLY A 219 -18.81 -46.02 47.83
CA GLY A 219 -17.78 -47.05 47.94
C GLY A 219 -17.82 -47.82 49.23
N ASN A 220 -18.49 -47.31 50.25
CA ASN A 220 -18.62 -48.02 51.51
C ASN A 220 -19.80 -48.97 51.54
N ASP A 221 -20.68 -48.92 50.55
CA ASP A 221 -21.81 -49.84 50.46
C ASP A 221 -21.35 -51.13 49.81
N LEU A 222 -21.05 -52.13 50.65
CA LEU A 222 -20.54 -53.40 50.15
C LEU A 222 -21.49 -54.05 49.15
N GLU A 223 -22.80 -53.86 49.34
CA GLU A 223 -23.79 -54.54 48.50
C GLU A 223 -23.77 -53.99 47.08
N GLU A 224 -23.70 -52.66 46.95
CA GLU A 224 -23.62 -52.03 45.64
C GLU A 224 -22.39 -52.51 44.88
N ILE A 225 -21.24 -52.59 45.56
CA ILE A 225 -20.02 -53.09 44.93
C ILE A 225 -20.20 -54.54 44.48
N ASP A 226 -20.73 -55.39 45.37
CA ASP A 226 -20.93 -56.78 45.02
C ASP A 226 -21.78 -56.94 43.76
N LYS A 227 -22.86 -56.16 43.67
CA LYS A 227 -23.69 -56.22 42.46
C LYS A 227 -22.92 -55.75 41.25
N ALA A 228 -22.14 -54.67 41.39
CA ALA A 228 -21.36 -54.17 40.27
C ALA A 228 -20.40 -55.24 39.73
N ILE A 229 -19.72 -55.93 40.64
CA ILE A 229 -18.77 -56.97 40.23
C ILE A 229 -19.50 -58.12 39.54
N THR A 230 -20.66 -58.53 40.07
CA THR A 230 -21.37 -59.66 39.48
C THR A 230 -21.83 -59.32 38.06
N THR A 231 -22.46 -58.16 37.89
CA THR A 231 -22.88 -57.72 36.56
C THR A 231 -21.68 -57.64 35.62
N ALA A 232 -20.58 -57.03 36.07
CA ALA A 232 -19.38 -56.94 35.24
C ALA A 232 -18.90 -58.32 34.81
N LYS A 233 -19.03 -59.31 35.70
CA LYS A 233 -18.61 -60.67 35.39
C LYS A 233 -19.52 -61.34 34.37
N SER A 234 -20.79 -60.93 34.30
CA SER A 234 -21.71 -61.52 33.34
C SER A 234 -21.76 -60.79 32.00
N GLN A 235 -20.78 -59.95 31.69
CA GLN A 235 -20.87 -59.09 30.51
C GLN A 235 -19.84 -59.47 29.45
N GLU A 236 -20.09 -58.99 28.23
CA GLU A 236 -19.36 -59.40 27.04
C GLU A 236 -18.17 -58.49 26.72
N GLY A 237 -18.16 -57.26 27.20
CA GLY A 237 -17.02 -56.40 27.00
C GLY A 237 -16.17 -56.31 28.25
N PRO A 238 -14.98 -55.73 28.12
CA PRO A 238 -14.26 -55.28 29.32
C PRO A 238 -15.13 -54.32 30.10
N THR A 239 -14.92 -54.28 31.42
CA THR A 239 -15.80 -53.48 32.26
C THR A 239 -14.97 -52.71 33.28
N ILE A 240 -15.34 -51.45 33.49
CA ILE A 240 -14.75 -50.61 34.53
C ILE A 240 -15.86 -50.17 35.48
N ILE A 241 -15.60 -50.30 36.77
CA ILE A 241 -16.52 -49.86 37.81
C ILE A 241 -15.90 -48.66 38.51
N GLU A 242 -16.56 -47.51 38.42
CA GLU A 242 -16.09 -46.29 39.08
C GLU A 242 -16.65 -46.23 40.48
N VAL A 243 -15.95 -46.85 41.42
CA VAL A 243 -16.33 -46.80 42.82
C VAL A 243 -16.00 -45.42 43.37
N LYS A 244 -17.01 -44.72 43.86
CA LYS A 244 -16.86 -43.35 44.36
C LYS A 244 -16.55 -43.39 45.85
N THR A 245 -15.32 -43.02 46.21
CA THR A 245 -14.86 -43.10 47.59
C THR A 245 -14.30 -41.75 48.03
N THR A 246 -14.16 -41.59 49.34
CA THR A 246 -13.52 -40.43 49.95
C THR A 246 -12.14 -40.85 50.43
N ILE A 247 -11.10 -40.19 49.90
CA ILE A 247 -9.74 -40.52 50.31
C ILE A 247 -9.55 -40.20 51.79
N GLY A 248 -8.87 -41.09 52.50
CA GLY A 248 -8.72 -40.96 53.93
C GLY A 248 -10.03 -41.03 54.71
N PHE A 249 -10.94 -41.92 54.31
CA PHE A 249 -12.23 -42.03 54.99
C PHE A 249 -12.01 -42.44 56.44
N GLY A 250 -12.77 -41.80 57.34
CA GLY A 250 -12.64 -41.99 58.76
C GLY A 250 -11.84 -40.93 59.47
N SER A 251 -10.91 -40.28 58.78
CA SER A 251 -10.13 -39.21 59.39
C SER A 251 -10.92 -37.90 59.35
N PRO A 252 -11.11 -37.23 60.49
CA PRO A 252 -11.87 -35.96 60.48
C PRO A 252 -11.10 -34.81 59.85
N ASN A 253 -9.82 -34.65 60.20
CA ASN A 253 -9.05 -33.49 59.79
C ASN A 253 -8.25 -33.69 58.51
N LYS A 254 -8.15 -34.92 57.98
CA LYS A 254 -7.38 -35.18 56.78
C LYS A 254 -8.13 -35.93 55.70
N ALA A 255 -9.43 -36.20 55.87
CA ALA A 255 -10.15 -36.88 54.81
C ALA A 255 -10.36 -35.94 53.62
N GLY A 256 -10.53 -36.54 52.44
CA GLY A 256 -10.82 -35.78 51.24
C GLY A 256 -9.80 -34.73 50.90
N THR A 257 -8.55 -34.92 51.31
CA THR A 257 -7.48 -33.97 51.02
C THR A 257 -6.24 -34.72 50.55
N ASN A 258 -5.34 -33.99 49.90
CA ASN A 258 -4.09 -34.57 49.44
C ASN A 258 -3.19 -35.02 50.59
N GLY A 259 -3.34 -34.42 51.77
CA GLY A 259 -2.44 -34.73 52.87
C GLY A 259 -2.45 -36.18 53.29
N VAL A 260 -3.61 -36.85 53.18
CA VAL A 260 -3.72 -38.27 53.54
C VAL A 260 -3.23 -39.19 52.44
N HIS A 261 -2.81 -38.65 51.30
CA HIS A 261 -2.45 -39.50 50.17
C HIS A 261 -1.14 -40.24 50.41
N GLY A 262 -0.11 -39.52 50.86
CA GLY A 262 1.21 -40.13 50.96
C GLY A 262 2.00 -39.78 52.21
N ALA A 263 1.33 -39.32 53.25
CA ALA A 263 1.99 -39.02 54.52
C ALA A 263 1.25 -39.73 55.66
N PRO A 264 1.99 -40.22 56.66
CA PRO A 264 1.34 -40.89 57.80
C PRO A 264 0.39 -39.95 58.52
N LEU A 265 -0.66 -40.55 59.11
CA LEU A 265 -1.66 -39.77 59.83
C LEU A 265 -1.06 -39.10 61.06
N GLY A 266 -0.34 -39.87 61.86
CA GLY A 266 0.04 -39.47 63.21
C GLY A 266 -0.88 -40.09 64.24
N GLU A 267 -0.37 -40.22 65.46
CA GLU A 267 -1.13 -40.92 66.49
C GLU A 267 -2.39 -40.15 66.88
N VAL A 268 -2.36 -38.83 66.82
CA VAL A 268 -3.55 -38.04 67.11
C VAL A 268 -4.67 -38.38 66.13
N GLU A 269 -4.39 -38.20 64.83
CA GLU A 269 -5.40 -38.46 63.81
C GLU A 269 -5.73 -39.95 63.71
N ARG A 270 -4.75 -40.82 63.93
CA ARG A 270 -5.04 -42.25 63.99
C ARG A 270 -5.98 -42.58 65.14
N LYS A 271 -5.81 -41.91 66.27
CA LYS A 271 -6.70 -42.10 67.42
C LYS A 271 -8.12 -41.68 67.06
N LEU A 272 -8.28 -40.49 66.48
CA LEU A 272 -9.62 -40.02 66.13
C LEU A 272 -10.27 -40.91 65.07
N THR A 273 -9.48 -41.36 64.10
CA THR A 273 -9.99 -42.26 63.06
C THR A 273 -10.43 -43.60 63.67
N PHE A 274 -9.64 -44.13 64.60
CA PHE A 274 -10.02 -45.36 65.29
C PHE A 274 -11.33 -45.18 66.05
N GLU A 275 -11.46 -44.05 66.75
CA GLU A 275 -12.74 -43.75 67.41
C GLU A 275 -13.89 -43.81 66.43
N ASN A 276 -13.71 -43.21 65.25
CA ASN A 276 -14.77 -43.26 64.24
C ASN A 276 -15.03 -44.69 63.77
N TYR A 277 -14.00 -45.53 63.70
CA TYR A 277 -14.19 -46.90 63.24
C TYR A 277 -14.82 -47.78 64.30
N GLY A 278 -14.82 -47.35 65.56
CA GLY A 278 -15.26 -48.19 66.65
C GLY A 278 -14.20 -49.17 67.15
N LEU A 279 -12.93 -48.80 67.06
CA LEU A 279 -11.84 -49.68 67.44
C LEU A 279 -11.00 -49.05 68.55
N ASP A 280 -10.41 -49.90 69.39
CA ASP A 280 -9.60 -49.46 70.52
C ASP A 280 -8.33 -48.78 70.00
N PRO A 281 -8.11 -47.50 70.31
CA PRO A 281 -6.84 -46.86 69.90
C PRO A 281 -5.63 -47.47 70.57
N GLU A 282 -5.74 -47.87 71.84
CA GLU A 282 -4.58 -48.32 72.60
C GLU A 282 -4.02 -49.65 72.08
N LYS A 283 -4.82 -50.44 71.37
CA LYS A 283 -4.39 -51.74 70.86
C LYS A 283 -3.97 -51.60 69.39
N ARG A 284 -2.75 -52.03 69.09
CA ARG A 284 -2.15 -51.83 67.78
C ARG A 284 -1.89 -53.17 67.08
N PHE A 285 -2.13 -53.18 65.76
CA PHE A 285 -1.95 -54.37 64.92
C PHE A 285 -2.89 -55.50 65.34
N ASN A 286 -4.08 -55.15 65.80
CA ASN A 286 -5.04 -56.14 66.30
C ASN A 286 -5.99 -56.56 65.19
N VAL A 287 -6.13 -57.87 65.00
CA VAL A 287 -7.07 -58.46 64.07
C VAL A 287 -7.93 -59.47 64.83
N SER A 288 -9.24 -59.29 64.79
CA SER A 288 -10.14 -60.22 65.44
C SER A 288 -10.08 -61.60 64.76
N GLU A 289 -10.33 -62.64 65.54
CA GLU A 289 -10.41 -63.98 64.97
C GLU A 289 -11.57 -64.11 64.00
N GLU A 290 -12.61 -63.29 64.18
CA GLU A 290 -13.72 -63.26 63.22
C GLU A 290 -13.23 -62.84 61.84
N VAL A 291 -12.26 -61.93 61.79
CA VAL A 291 -11.77 -61.43 60.51
C VAL A 291 -11.03 -62.52 59.75
N TYR A 292 -10.05 -63.16 60.40
CA TYR A 292 -9.37 -64.31 59.81
C TYR A 292 -10.39 -65.38 59.40
N GLU A 293 -11.35 -65.64 60.28
CA GLU A 293 -12.34 -66.68 60.04
C GLU A 293 -13.15 -66.42 58.77
N ILE A 294 -13.52 -65.16 58.54
CA ILE A 294 -14.35 -64.83 57.38
C ILE A 294 -13.62 -65.19 56.09
N PHE A 295 -12.35 -64.77 56.00
CA PHE A 295 -11.55 -65.12 54.82
C PHE A 295 -11.36 -66.63 54.72
N GLN A 296 -11.26 -67.32 55.85
CA GLN A 296 -11.12 -68.78 55.81
C GLN A 296 -12.36 -69.44 55.22
N ASN A 297 -13.55 -68.97 55.59
CA ASN A 297 -14.78 -69.63 55.18
C ASN A 297 -15.29 -69.16 53.83
N THR A 298 -14.72 -68.09 53.27
CA THR A 298 -15.18 -67.58 51.99
C THR A 298 -14.14 -67.82 50.90
N MET A 299 -13.11 -66.96 50.86
CA MET A 299 -12.19 -66.97 49.72
C MET A 299 -11.34 -68.24 49.70
N LEU A 300 -10.77 -68.61 50.85
CA LEU A 300 -9.81 -69.70 50.87
C LEU A 300 -10.45 -71.03 50.46
N LYS A 301 -11.61 -71.35 51.05
CA LYS A 301 -12.28 -72.61 50.73
C LYS A 301 -12.77 -72.62 49.28
N ARG A 302 -13.33 -71.49 48.82
CA ARG A 302 -13.77 -71.38 47.44
C ARG A 302 -12.60 -71.61 46.48
N ALA A 303 -11.46 -70.98 46.75
CA ALA A 303 -10.29 -71.13 45.88
C ALA A 303 -9.76 -72.55 45.92
N ASN A 304 -9.72 -73.15 47.10
CA ASN A 304 -9.29 -74.54 47.22
C ASN A 304 -10.18 -75.45 46.37
N GLU A 305 -11.50 -75.26 46.46
CA GLU A 305 -12.42 -76.12 45.71
C GLU A 305 -12.30 -75.88 44.22
N ASP A 306 -12.10 -74.63 43.80
CA ASP A 306 -11.88 -74.37 42.37
C ASP A 306 -10.62 -75.07 41.89
N GLU A 307 -9.53 -75.00 42.66
CA GLU A 307 -8.30 -75.69 42.28
C GLU A 307 -8.50 -77.19 42.19
N SER A 308 -9.25 -77.76 43.14
CA SER A 308 -9.48 -79.20 43.17
C SER A 308 -10.29 -79.66 41.97
N GLN A 309 -11.36 -78.91 41.64
CA GLN A 309 -12.17 -79.25 40.48
C GLN A 309 -11.39 -79.08 39.19
N TRP A 310 -10.53 -78.05 39.11
CA TRP A 310 -9.68 -77.86 37.95
C TRP A 310 -8.72 -79.05 37.78
N ASN A 311 -8.16 -79.53 38.89
CA ASN A 311 -7.24 -80.67 38.83
C ASN A 311 -7.96 -81.93 38.36
N SER A 312 -9.20 -82.14 38.83
CA SER A 312 -9.97 -83.28 38.34
C SER A 312 -10.25 -83.15 36.85
N LEU A 313 -10.71 -81.97 36.41
CA LEU A 313 -10.98 -81.75 35.00
C LEU A 313 -9.74 -82.01 34.16
N LEU A 314 -8.57 -81.63 34.67
CA LEU A 314 -7.34 -81.84 33.92
C LEU A 314 -6.96 -83.31 33.87
N GLU A 315 -7.19 -84.04 34.96
CA GLU A 315 -6.94 -85.48 34.94
C GLU A 315 -7.80 -86.18 33.90
N LYS A 316 -9.03 -85.69 33.66
CA LYS A 316 -9.86 -86.27 32.61
C LYS A 316 -9.46 -85.78 31.22
N TYR A 317 -9.11 -84.49 31.14
CA TYR A 317 -8.61 -83.87 29.91
C TYR A 317 -7.41 -84.63 29.37
N ALA A 318 -6.54 -85.10 30.26
CA ALA A 318 -5.39 -85.89 29.82
C ALA A 318 -5.82 -87.21 29.19
N GLU A 319 -6.93 -87.79 29.65
CA GLU A 319 -7.39 -89.04 29.06
C GLU A 319 -8.03 -88.81 27.70
N THR A 320 -8.86 -87.77 27.57
CA THR A 320 -9.58 -87.60 26.31
C THR A 320 -8.72 -86.88 25.26
N TYR A 321 -7.93 -85.88 25.68
CA TYR A 321 -7.04 -85.14 24.78
C TYR A 321 -5.63 -85.20 25.34
N PRO A 322 -4.92 -86.32 25.15
CA PRO A 322 -3.63 -86.52 25.84
C PRO A 322 -2.51 -85.59 25.39
N GLU A 323 -2.35 -85.47 24.07
CA GLU A 323 -1.31 -84.63 23.49
C GLU A 323 -1.45 -83.18 23.98
N LEU A 324 -2.67 -82.65 23.93
CA LEU A 324 -2.91 -81.29 24.40
C LEU A 324 -2.53 -81.14 25.87
N ALA A 325 -2.81 -82.16 26.68
CA ALA A 325 -2.52 -82.09 28.11
C ALA A 325 -1.02 -82.05 28.37
N GLU A 326 -0.26 -82.87 27.65
CA GLU A 326 1.19 -82.81 27.79
C GLU A 326 1.71 -81.44 27.36
N GLU A 327 1.22 -80.92 26.23
CA GLU A 327 1.68 -79.61 25.77
C GLU A 327 1.32 -78.51 26.77
N PHE A 328 0.14 -78.62 27.38
CA PHE A 328 -0.31 -77.63 28.36
C PHE A 328 0.55 -77.65 29.62
N LYS A 329 0.92 -78.85 30.09
CA LYS A 329 1.82 -78.93 31.24
C LYS A 329 3.19 -78.33 30.90
N LEU A 330 3.70 -78.62 29.70
CA LEU A 330 4.97 -78.02 29.30
C LEU A 330 4.88 -76.50 29.23
N ALA A 331 3.73 -75.99 28.79
CA ALA A 331 3.53 -74.54 28.74
C ALA A 331 3.53 -73.93 30.13
N ILE A 332 2.78 -74.55 31.06
CA ILE A 332 2.74 -74.02 32.43
C ILE A 332 4.12 -74.03 33.06
N SER A 333 4.92 -75.07 32.77
CA SER A 333 6.25 -75.14 33.36
C SER A 333 7.19 -74.09 32.77
N GLY A 334 6.90 -73.59 31.59
CA GLY A 334 7.80 -72.67 30.92
C GLY A 334 8.97 -73.33 30.24
N LYS A 335 8.98 -74.66 30.14
CA LYS A 335 10.08 -75.38 29.51
C LYS A 335 9.95 -75.34 28.00
N LEU A 336 11.09 -75.47 27.34
CA LEU A 336 11.02 -75.45 25.89
C LEU A 336 11.07 -76.86 25.32
N PRO A 337 10.43 -77.09 24.18
CA PRO A 337 10.43 -78.44 23.59
C PRO A 337 11.85 -78.93 23.35
N LYS A 338 12.06 -80.22 23.64
CA LYS A 338 13.38 -80.82 23.47
C LYS A 338 13.81 -80.78 22.01
N ASN A 339 15.04 -80.33 21.78
CA ASN A 339 15.62 -80.26 20.43
C ASN A 339 14.85 -79.32 19.51
N TYR A 340 14.17 -78.32 20.09
CA TYR A 340 13.56 -77.29 19.25
C TYR A 340 14.60 -76.60 18.38
N LYS A 341 15.78 -76.32 18.97
CA LYS A 341 16.87 -75.71 18.24
C LYS A 341 17.19 -76.45 16.95
N ASP A 342 16.99 -77.78 16.93
CA ASP A 342 17.35 -78.56 15.77
C ASP A 342 16.54 -78.18 14.53
N GLU A 343 15.41 -77.50 14.69
CA GLU A 343 14.63 -77.05 13.55
C GLU A 343 14.83 -75.57 13.27
N LEU A 344 15.85 -74.95 13.85
CA LEU A 344 16.06 -73.54 13.62
C LEU A 344 16.97 -73.34 12.40
N PRO A 345 16.82 -72.21 11.70
CA PRO A 345 17.45 -72.06 10.38
C PRO A 345 18.98 -72.04 10.41
N ARG A 346 19.58 -72.66 9.39
CA ARG A 346 21.02 -72.66 9.13
C ARG A 346 21.27 -71.73 7.94
N PHE A 347 22.02 -70.65 8.15
CA PHE A 347 22.39 -69.75 7.05
C PHE A 347 23.80 -70.07 6.57
N GLU A 348 23.95 -70.27 5.27
CA GLU A 348 25.22 -70.68 4.68
C GLU A 348 25.93 -69.50 4.03
N LEU A 349 27.25 -69.66 3.85
CA LEU A 349 28.07 -68.60 3.30
C LEU A 349 27.54 -68.15 1.93
N GLY A 350 27.75 -66.87 1.63
CA GLY A 350 27.17 -66.27 0.45
C GLY A 350 25.79 -65.68 0.67
N HIS A 351 25.23 -65.85 1.86
CA HIS A 351 23.94 -65.27 2.21
C HIS A 351 24.15 -63.84 2.73
N ASN A 352 23.38 -62.91 2.19
CA ASN A 352 23.39 -61.50 2.62
C ASN A 352 21.98 -61.19 3.10
N GLY A 353 21.76 -61.28 4.40
CA GLY A 353 20.42 -61.19 4.95
C GLY A 353 20.34 -60.19 6.08
N ALA A 354 19.29 -59.37 6.03
CA ALA A 354 19.00 -58.46 7.12
C ALA A 354 18.65 -59.25 8.37
N SER A 355 19.08 -58.75 9.53
CA SER A 355 18.79 -59.42 10.79
C SER A 355 17.28 -59.53 11.03
N ARG A 356 16.50 -58.60 10.49
CA ARG A 356 15.05 -58.71 10.62
C ARG A 356 14.49 -59.83 9.75
N ALA A 357 15.04 -60.01 8.54
CA ALA A 357 14.57 -61.09 7.68
C ALA A 357 14.96 -62.45 8.23
N ASP A 358 16.19 -62.57 8.71
CA ASP A 358 16.62 -63.82 9.32
C ASP A 358 15.86 -64.09 10.61
N SER A 359 15.54 -63.04 11.36
CA SER A 359 14.64 -63.20 12.49
C SER A 359 13.30 -63.73 12.04
N GLY A 360 12.77 -63.21 10.93
CA GLY A 360 11.50 -63.72 10.41
C GLY A 360 11.55 -65.19 10.07
N THR A 361 12.65 -65.64 9.46
CA THR A 361 12.82 -67.06 9.16
C THR A 361 12.85 -67.89 10.45
N VAL A 362 13.64 -67.44 11.43
CA VAL A 362 13.71 -68.13 12.72
C VAL A 362 12.34 -68.17 13.40
N ILE A 363 11.57 -67.09 13.25
CA ILE A 363 10.24 -67.03 13.85
C ILE A 363 9.29 -68.03 13.18
N GLN A 364 9.37 -68.12 11.84
CA GLN A 364 8.64 -69.18 11.15
C GLN A 364 8.95 -70.55 11.76
N ALA A 365 10.23 -70.79 12.08
CA ALA A 365 10.59 -72.06 12.71
C ALA A 365 10.04 -72.18 14.13
N ILE A 366 10.11 -71.09 14.90
CA ILE A 366 9.76 -71.15 16.32
C ILE A 366 8.27 -71.37 16.50
N SER A 367 7.44 -70.76 15.64
CA SER A 367 6.00 -70.99 15.74
C SER A 367 5.66 -72.46 15.51
N LYS A 368 6.43 -73.16 14.67
CA LYS A 368 6.20 -74.57 14.44
C LYS A 368 6.68 -75.41 15.62
N THR A 369 7.88 -75.12 16.13
CA THR A 369 8.47 -76.01 17.11
C THR A 369 8.05 -75.71 18.55
N VAL A 370 7.84 -74.44 18.89
CA VAL A 370 7.52 -74.04 20.25
C VAL A 370 6.05 -73.60 20.28
N PRO A 371 5.14 -74.40 20.84
CA PRO A 371 3.72 -74.05 20.79
C PRO A 371 3.30 -72.92 21.73
N SER A 372 4.21 -72.44 22.59
CA SER A 372 3.89 -71.38 23.55
C SER A 372 4.19 -69.98 23.01
N PHE A 373 4.90 -69.90 21.87
CA PHE A 373 5.30 -68.63 21.28
C PHE A 373 4.07 -67.79 20.93
N PHE A 374 4.08 -66.52 21.37
CA PHE A 374 2.96 -65.63 21.15
C PHE A 374 3.45 -64.18 21.17
N GLY A 375 2.94 -63.38 20.24
CA GLY A 375 3.27 -61.97 20.22
C GLY A 375 2.88 -61.33 18.90
N GLY A 376 3.38 -60.11 18.71
CA GLY A 376 3.07 -59.36 17.51
C GLY A 376 3.84 -58.06 17.47
N SER A 377 3.41 -57.16 16.59
CA SER A 377 4.07 -55.88 16.36
C SER A 377 3.12 -54.72 16.65
N ALA A 378 3.71 -53.53 16.74
CA ALA A 378 2.95 -52.30 16.90
C ALA A 378 2.73 -51.66 15.53
N ASP A 379 1.92 -52.35 14.71
CA ASP A 379 1.61 -51.91 13.35
C ASP A 379 2.86 -51.74 12.50
N LEU A 380 3.82 -52.65 12.66
CA LEU A 380 5.06 -52.59 11.89
C LEU A 380 5.54 -53.98 11.49
N ALA A 381 4.61 -54.93 11.34
CA ALA A 381 5.00 -56.31 11.05
C ALA A 381 5.64 -56.43 9.66
N GLY A 382 5.20 -55.62 8.70
CA GLY A 382 5.87 -55.60 7.41
C GLY A 382 7.31 -55.11 7.51
N SER A 383 7.55 -54.12 8.38
CA SER A 383 8.89 -53.57 8.56
C SER A 383 9.70 -54.36 9.57
N ASN A 384 9.06 -54.97 10.57
CA ASN A 384 9.76 -55.76 11.58
C ASN A 384 9.89 -57.22 11.20
N LYS A 385 9.09 -57.71 10.25
CA LYS A 385 9.10 -59.11 9.85
C LYS A 385 8.86 -60.03 11.05
N SER A 386 7.88 -59.67 11.87
CA SER A 386 7.57 -60.40 13.09
C SER A 386 6.34 -61.28 12.96
N ASN A 387 5.82 -61.45 11.74
CA ASN A 387 4.59 -62.19 11.52
C ASN A 387 4.89 -63.66 11.29
N VAL A 388 3.99 -64.51 11.77
CA VAL A 388 3.96 -65.93 11.41
C VAL A 388 2.98 -66.09 10.26
N ASN A 389 3.51 -66.35 9.06
CA ASN A 389 2.68 -66.41 7.86
C ASN A 389 1.85 -67.68 7.80
N ASP A 390 2.21 -68.71 8.55
CA ASP A 390 1.44 -69.95 8.63
C ASP A 390 0.40 -69.92 9.75
N ALA A 391 0.16 -68.75 10.34
CA ALA A 391 -0.73 -68.64 11.50
C ALA A 391 -1.73 -67.51 11.27
N THR A 392 -2.84 -67.61 11.98
CA THR A 392 -3.91 -66.61 11.93
C THR A 392 -3.64 -65.48 12.91
N ASP A 393 -4.49 -64.47 12.88
CA ASP A 393 -4.36 -63.29 13.73
C ASP A 393 -5.25 -63.43 14.96
N TYR A 394 -4.76 -62.93 16.09
CA TYR A 394 -5.55 -62.94 17.31
C TYR A 394 -6.72 -61.97 17.18
N SER A 395 -7.88 -62.39 17.68
CA SER A 395 -9.10 -61.59 17.60
C SER A 395 -10.10 -62.15 18.60
N SER A 396 -11.25 -61.48 18.71
CA SER A 396 -12.34 -62.01 19.51
C SER A 396 -12.96 -63.25 18.86
N GLU A 397 -12.98 -63.29 17.52
CA GLU A 397 -13.55 -64.46 16.83
C GLU A 397 -12.54 -65.60 16.73
N THR A 398 -11.24 -65.28 16.76
CA THR A 398 -10.17 -66.27 16.67
C THR A 398 -9.20 -66.04 17.80
N PRO A 399 -9.57 -66.40 19.03
CA PRO A 399 -8.65 -66.26 20.16
C PRO A 399 -7.43 -67.18 20.08
N GLU A 400 -7.52 -68.23 19.27
CA GLU A 400 -6.39 -69.13 19.08
C GLU A 400 -5.31 -68.54 18.20
N GLY A 401 -5.62 -67.48 17.45
CA GLY A 401 -4.65 -66.94 16.51
C GLY A 401 -3.38 -66.46 17.21
N LYS A 402 -2.24 -66.66 16.54
CA LYS A 402 -0.93 -66.47 17.14
C LYS A 402 -0.23 -65.20 16.67
N ASN A 403 -0.91 -64.31 15.95
CA ASN A 403 -0.38 -63.01 15.58
C ASN A 403 -1.25 -61.93 16.20
N VAL A 404 -0.62 -60.98 16.90
CA VAL A 404 -1.32 -59.90 17.59
C VAL A 404 -1.04 -58.60 16.87
N TRP A 405 -2.10 -57.81 16.67
CA TRP A 405 -2.00 -56.47 16.08
C TRP A 405 -2.16 -55.48 17.23
N PHE A 406 -1.03 -55.07 17.81
CA PHE A 406 -1.07 -54.16 18.95
C PHE A 406 -1.51 -52.76 18.55
N GLY A 407 -1.25 -52.36 17.30
CA GLY A 407 -1.48 -50.99 16.88
C GLY A 407 -0.35 -50.08 17.33
N VAL A 408 -0.49 -48.79 17.00
CA VAL A 408 0.52 -47.80 17.37
C VAL A 408 0.45 -47.54 18.88
N ARG A 409 0.59 -48.61 19.67
CA ARG A 409 0.51 -48.55 21.13
C ARG A 409 1.71 -49.34 21.68
N GLU A 410 2.89 -48.74 21.61
CA GLU A 410 4.11 -49.47 21.96
C GLU A 410 4.22 -49.70 23.47
N PHE A 411 4.02 -48.65 24.26
CA PHE A 411 4.11 -48.77 25.72
C PHE A 411 3.15 -49.84 26.22
N ALA A 412 1.90 -49.78 25.79
CA ALA A 412 0.92 -50.81 26.16
C ALA A 412 1.35 -52.19 25.65
N MET A 413 1.96 -52.25 24.46
CA MET A 413 2.44 -53.55 23.96
C MET A 413 3.50 -54.14 24.89
N GLY A 414 4.44 -53.29 25.35
CA GLY A 414 5.45 -53.78 26.27
C GLY A 414 4.85 -54.27 27.57
N ALA A 415 3.99 -53.45 28.17
CA ALA A 415 3.32 -53.87 29.39
C ALA A 415 2.48 -55.13 29.18
N ALA A 416 1.92 -55.30 27.99
CA ALA A 416 1.11 -56.49 27.70
C ALA A 416 1.98 -57.73 27.59
N VAL A 417 3.15 -57.60 26.95
CA VAL A 417 4.09 -58.71 26.89
C VAL A 417 4.54 -59.08 28.30
N ASN A 418 4.72 -58.07 29.17
CA ASN A 418 5.09 -58.33 30.55
C ASN A 418 3.99 -59.06 31.30
N GLY A 419 2.73 -58.64 31.09
CA GLY A 419 1.62 -59.34 31.73
C GLY A 419 1.45 -60.77 31.24
N MET A 420 1.67 -60.98 29.93
CA MET A 420 1.62 -62.34 29.39
C MET A 420 2.70 -63.21 30.01
N ALA A 421 3.92 -62.67 30.13
CA ALA A 421 4.99 -63.43 30.75
C ALA A 421 4.70 -63.72 32.23
N ALA A 422 4.12 -62.75 32.93
CA ALA A 422 3.76 -62.97 34.32
C ALA A 422 2.64 -64.01 34.46
N HIS A 423 1.74 -64.08 33.48
CA HIS A 423 0.64 -65.04 33.54
C HIS A 423 1.15 -66.47 33.52
N GLY A 424 1.98 -66.80 32.54
CA GLY A 424 2.51 -68.14 32.39
C GLY A 424 1.83 -68.91 31.27
N GLY A 425 2.54 -69.91 30.77
CA GLY A 425 2.06 -70.72 29.67
C GLY A 425 2.45 -70.22 28.30
N LEU A 426 3.18 -69.11 28.23
CA LEU A 426 3.48 -68.47 26.95
C LEU A 426 4.93 -68.02 26.93
N HIS A 427 5.46 -67.90 25.72
CA HIS A 427 6.75 -67.25 25.48
C HIS A 427 6.46 -65.99 24.68
N PRO A 428 6.34 -64.81 25.32
CA PRO A 428 5.80 -63.64 24.63
C PRO A 428 6.87 -62.71 24.05
N TYR A 429 6.52 -62.08 22.93
CA TYR A 429 7.40 -61.15 22.24
C TYR A 429 6.60 -59.98 21.70
N GLY A 430 7.28 -58.85 21.55
CA GLY A 430 6.67 -57.68 20.95
C GLY A 430 7.69 -56.96 20.09
N ALA A 431 7.21 -56.34 19.01
CA ALA A 431 8.09 -55.80 17.99
C ALA A 431 7.82 -54.32 17.72
N THR A 432 8.90 -53.57 17.52
CA THR A 432 8.80 -52.20 17.01
C THR A 432 10.16 -51.78 16.45
N PHE A 433 10.29 -50.50 16.08
CA PHE A 433 11.56 -49.92 15.68
C PHE A 433 12.41 -49.60 16.91
N PHE A 434 13.72 -49.78 16.76
CA PHE A 434 14.63 -49.52 17.88
C PHE A 434 14.50 -48.08 18.38
N VAL A 435 14.35 -47.11 17.47
CA VAL A 435 14.30 -45.71 17.86
C VAL A 435 13.08 -45.42 18.72
N PHE A 436 12.04 -46.24 18.60
CA PHE A 436 10.81 -46.08 19.38
C PHE A 436 10.80 -46.97 20.62
N SER A 437 11.90 -47.68 20.88
CA SER A 437 12.07 -48.33 22.17
C SER A 437 11.88 -47.33 23.32
N ASP A 438 12.27 -46.07 23.09
CA ASP A 438 12.09 -45.02 24.10
C ASP A 438 10.65 -44.94 24.59
N TYR A 439 9.69 -45.31 23.74
CA TYR A 439 8.29 -45.23 24.14
C TYR A 439 7.98 -46.22 25.25
N LEU A 440 8.53 -47.42 25.19
CA LEU A 440 8.19 -48.48 26.15
C LEU A 440 9.32 -48.74 27.15
N LYS A 441 10.27 -47.82 27.29
CA LYS A 441 11.39 -48.04 28.18
C LYS A 441 10.98 -48.31 29.63
N PRO A 442 9.93 -47.68 30.20
CA PRO A 442 9.50 -48.11 31.54
C PRO A 442 9.14 -49.58 31.61
N ALA A 443 8.33 -50.06 30.66
CA ALA A 443 7.96 -51.48 30.62
C ALA A 443 9.20 -52.35 30.71
N LEU A 444 10.18 -52.09 29.83
CA LEU A 444 11.44 -52.83 29.85
C LEU A 444 12.05 -52.86 31.24
N ARG A 445 12.12 -51.71 31.91
CA ARG A 445 12.66 -51.65 33.26
C ARG A 445 11.92 -52.60 34.20
N LEU A 446 10.59 -52.57 34.16
CA LEU A 446 9.83 -53.49 35.00
C LEU A 446 10.15 -54.93 34.63
N SER A 447 10.24 -55.23 33.32
CA SER A 447 10.60 -56.57 32.89
C SER A 447 11.92 -57.00 33.52
N SER A 448 12.85 -56.06 33.68
CA SER A 448 14.15 -56.40 34.25
C SER A 448 14.10 -56.44 35.77
N ILE A 449 13.16 -55.70 36.37
CA ILE A 449 13.04 -55.75 37.82
C ILE A 449 12.36 -57.05 38.25
N MET A 450 11.34 -57.49 37.50
CA MET A 450 10.66 -58.74 37.82
C MET A 450 11.42 -59.96 37.33
N GLY A 451 12.20 -59.81 36.25
CA GLY A 451 12.87 -60.95 35.65
C GLY A 451 11.91 -61.78 34.82
N LEU A 452 11.40 -61.19 33.74
CA LEU A 452 10.37 -61.81 32.92
C LEU A 452 10.99 -62.35 31.64
N ASN A 453 10.61 -63.58 31.27
CA ASN A 453 11.03 -64.16 29.99
C ASN A 453 10.22 -63.56 28.85
N ALA A 454 10.33 -62.24 28.72
CA ALA A 454 9.74 -61.50 27.62
C ALA A 454 10.81 -61.12 26.61
N THR A 455 10.47 -61.17 25.33
CA THR A 455 11.41 -60.80 24.27
C THR A 455 10.87 -59.61 23.49
N PHE A 456 11.73 -58.62 23.26
CA PHE A 456 11.38 -57.39 22.57
C PHE A 456 12.22 -57.27 21.31
N ILE A 457 11.60 -57.53 20.17
CA ILE A 457 12.21 -57.36 18.86
C ILE A 457 12.22 -55.88 18.50
N PHE A 458 13.42 -55.34 18.27
CA PHE A 458 13.60 -53.97 17.83
C PHE A 458 14.40 -53.98 16.53
N THR A 459 13.76 -53.55 15.44
CA THR A 459 14.42 -53.47 14.16
C THR A 459 14.84 -52.02 13.87
N HIS A 460 15.54 -51.83 12.75
CA HIS A 460 15.97 -50.52 12.28
C HIS A 460 16.81 -49.82 13.37
N ASP A 461 18.04 -50.31 13.49
CA ASP A 461 18.87 -50.01 14.66
C ASP A 461 19.86 -48.87 14.45
N SER A 462 19.97 -48.31 13.26
CA SER A 462 21.09 -47.41 13.02
C SER A 462 20.77 -46.42 11.91
N ILE A 463 21.76 -45.59 11.59
CA ILE A 463 21.67 -44.61 10.53
C ILE A 463 21.48 -45.26 9.16
N ALA A 464 21.81 -46.56 9.04
CA ALA A 464 21.56 -47.30 7.81
C ALA A 464 20.08 -47.42 7.48
N VAL A 465 19.19 -47.05 8.41
CA VAL A 465 17.78 -46.91 8.08
C VAL A 465 17.62 -46.04 6.85
N GLY A 466 18.30 -44.89 6.86
CA GLY A 466 18.49 -44.12 5.65
C GLY A 466 17.56 -42.93 5.47
N GLU A 467 16.63 -43.05 4.53
CA GLU A 467 15.84 -41.91 4.10
C GLU A 467 14.88 -41.41 5.16
N ASP A 468 14.53 -42.25 6.15
CA ASP A 468 13.51 -41.85 7.12
C ASP A 468 14.02 -40.80 8.11
N GLY A 469 15.32 -40.53 8.13
CA GLY A 469 15.85 -39.36 8.82
C GLY A 469 16.25 -39.58 10.26
N PRO A 470 16.80 -38.54 10.87
CA PRO A 470 17.33 -38.67 12.24
C PRO A 470 16.30 -39.04 13.28
N THR A 471 15.02 -38.65 13.12
CA THR A 471 14.00 -39.06 14.08
C THR A 471 13.82 -40.57 14.09
N HIS A 472 14.17 -41.26 13.00
CA HIS A 472 13.94 -42.70 12.88
C HIS A 472 15.23 -43.50 12.90
N GLU A 473 16.35 -42.89 13.28
CA GLU A 473 17.63 -43.57 13.32
C GLU A 473 18.19 -43.55 14.73
N PRO A 474 18.38 -44.69 15.36
CA PRO A 474 18.85 -44.73 16.74
C PRO A 474 20.31 -44.36 16.89
N ILE A 475 20.62 -43.74 18.04
CA ILE A 475 21.99 -43.37 18.38
C ILE A 475 22.30 -43.76 19.82
N GLU A 476 21.39 -43.43 20.73
CA GLU A 476 21.66 -43.57 22.16
C GLU A 476 20.87 -44.69 22.82
N GLN A 477 20.07 -45.43 22.06
CA GLN A 477 19.16 -46.40 22.66
C GLN A 477 19.91 -47.63 23.18
N LEU A 478 20.92 -48.08 22.42
CA LEU A 478 21.70 -49.23 22.85
C LEU A 478 22.31 -49.01 24.22
N ALA A 479 22.89 -47.83 24.45
CA ALA A 479 23.55 -47.56 25.72
C ALA A 479 22.54 -47.48 26.86
N GLY A 480 21.39 -46.84 26.62
CA GLY A 480 20.36 -46.78 27.64
C GLY A 480 19.86 -48.15 28.05
N LEU A 481 19.66 -49.04 27.07
CA LEU A 481 19.19 -50.38 27.40
C LEU A 481 20.30 -51.21 28.05
N ARG A 482 21.55 -51.02 27.61
CA ARG A 482 22.68 -51.70 28.24
C ARG A 482 22.87 -51.26 29.68
N ALA A 483 22.43 -50.06 30.03
CA ALA A 483 22.55 -49.61 31.41
C ALA A 483 21.50 -50.23 32.33
N ILE A 484 20.39 -50.73 31.80
CA ILE A 484 19.38 -51.38 32.63
C ILE A 484 19.93 -52.67 33.19
N PRO A 485 19.98 -52.85 34.52
CA PRO A 485 20.42 -54.13 35.08
C PRO A 485 19.50 -55.26 34.65
N ASN A 486 20.10 -56.43 34.38
CA ASN A 486 19.37 -57.63 33.97
C ASN A 486 18.59 -57.40 32.68
N MET A 487 19.30 -56.94 31.65
CA MET A 487 18.69 -56.75 30.35
C MET A 487 19.63 -57.31 29.28
N ASN A 488 19.21 -58.37 28.61
CA ASN A 488 20.00 -58.98 27.54
C ASN A 488 19.76 -58.16 26.28
N VAL A 489 20.71 -57.30 25.93
CA VAL A 489 20.61 -56.50 24.72
C VAL A 489 21.53 -57.13 23.68
N ILE A 490 20.97 -57.96 22.81
CA ILE A 490 21.76 -58.71 21.84
C ILE A 490 21.56 -58.09 20.46
N ARG A 491 22.67 -57.69 19.84
CA ARG A 491 22.68 -57.16 18.48
C ARG A 491 23.41 -58.14 17.59
N PRO A 492 22.72 -59.04 16.90
CA PRO A 492 23.40 -60.10 16.15
C PRO A 492 24.13 -59.57 14.92
N ALA A 493 25.22 -60.26 14.57
CA ALA A 493 26.08 -59.80 13.48
C ALA A 493 25.63 -60.35 12.13
N ASP A 494 25.03 -61.53 12.11
CA ASP A 494 24.55 -62.15 10.88
C ASP A 494 23.35 -63.02 11.24
N GLY A 495 22.93 -63.87 10.30
CA GLY A 495 21.73 -64.66 10.51
C GLY A 495 21.91 -65.74 11.56
N ASN A 496 23.08 -66.39 11.54
CA ASN A 496 23.36 -67.45 12.51
C ASN A 496 23.40 -66.88 13.93
N GLU A 497 24.07 -65.74 14.09
CA GLU A 497 24.03 -65.03 15.37
C GLU A 497 22.60 -64.72 15.77
N THR A 498 21.75 -64.35 14.81
CA THR A 498 20.35 -64.05 15.11
C THR A 498 19.63 -65.28 15.65
N ARG A 499 19.87 -66.44 15.03
CA ARG A 499 19.30 -67.67 15.56
C ARG A 499 19.72 -67.91 17.01
N VAL A 500 21.02 -67.79 17.29
CA VAL A 500 21.46 -68.05 18.66
C VAL A 500 20.93 -66.99 19.63
N ALA A 501 20.75 -65.76 19.16
CA ALA A 501 20.18 -64.73 20.02
C ALA A 501 18.73 -65.04 20.33
N TRP A 502 17.99 -65.57 19.36
CA TRP A 502 16.63 -66.03 19.64
C TRP A 502 16.62 -67.14 20.68
N GLU A 503 17.59 -68.06 20.58
CA GLU A 503 17.69 -69.13 21.58
C GLU A 503 17.91 -68.55 22.97
N VAL A 504 18.83 -67.60 23.09
CA VAL A 504 19.05 -66.93 24.37
C VAL A 504 17.76 -66.29 24.87
N ALA A 505 17.04 -65.61 23.97
CA ALA A 505 15.82 -64.91 24.36
C ALA A 505 14.75 -65.87 24.86
N LEU A 506 14.68 -67.06 24.26
CA LEU A 506 13.66 -68.03 24.69
C LEU A 506 14.05 -68.72 25.98
N GLU A 507 15.33 -69.04 26.17
CA GLU A 507 15.76 -69.81 27.34
C GLU A 507 16.14 -68.94 28.54
N SER A 508 16.02 -67.62 28.43
CA SER A 508 16.35 -66.71 29.52
C SER A 508 15.13 -66.56 30.42
N GLU A 509 15.08 -67.38 31.47
CA GLU A 509 13.88 -67.44 32.30
C GLU A 509 13.79 -66.29 33.31
N SER A 510 14.92 -65.72 33.70
CA SER A 510 14.96 -64.64 34.66
C SER A 510 15.40 -63.31 34.06
N THR A 511 15.58 -63.24 32.75
CA THR A 511 16.12 -62.03 32.14
C THR A 511 15.38 -61.68 30.86
N PRO A 512 14.84 -60.47 30.76
CA PRO A 512 14.25 -60.04 29.49
C PRO A 512 15.32 -59.74 28.46
N THR A 513 14.95 -59.92 27.20
CA THR A 513 15.89 -59.81 26.09
C THR A 513 15.34 -58.83 25.05
N SER A 514 16.13 -57.80 24.74
CA SER A 514 15.94 -56.97 23.56
C SER A 514 16.83 -57.46 22.43
N LEU A 515 16.22 -57.69 21.27
CA LEU A 515 16.93 -58.10 20.07
C LEU A 515 17.03 -56.87 19.15
N VAL A 516 18.24 -56.37 18.97
CA VAL A 516 18.51 -55.21 18.13
C VAL A 516 18.90 -55.73 16.75
N LEU A 517 18.00 -55.56 15.78
CA LEU A 517 18.15 -56.10 14.43
C LEU A 517 18.29 -54.97 13.42
N THR A 518 18.70 -55.33 12.20
CA THR A 518 18.97 -54.35 11.16
C THR A 518 18.01 -54.54 9.98
N ARG A 519 17.92 -53.49 9.16
CA ARG A 519 17.17 -53.54 7.91
C ARG A 519 18.07 -53.75 6.68
N GLN A 520 19.37 -53.49 6.81
CA GLN A 520 20.30 -53.66 5.71
C GLN A 520 20.86 -55.08 5.70
N ASN A 521 21.12 -55.59 4.50
CA ASN A 521 21.65 -56.94 4.34
C ASN A 521 23.02 -57.03 5.01
N LEU A 522 23.16 -57.99 5.92
CA LEU A 522 24.41 -58.24 6.60
C LEU A 522 25.09 -59.46 5.99
N PRO A 523 26.42 -59.47 5.97
CA PRO A 523 27.15 -60.62 5.40
C PRO A 523 27.29 -61.74 6.43
N VAL A 524 27.02 -62.97 6.00
CA VAL A 524 27.23 -64.13 6.86
C VAL A 524 28.72 -64.37 7.03
N LEU A 525 29.12 -64.65 8.27
CA LEU A 525 30.53 -64.73 8.64
C LEU A 525 31.00 -66.17 8.62
N ASP A 526 32.26 -66.37 8.19
CA ASP A 526 32.90 -67.67 8.22
C ASP A 526 33.41 -67.95 9.64
N VAL A 527 32.48 -68.18 10.55
CA VAL A 527 32.78 -68.67 11.89
C VAL A 527 31.99 -69.96 12.06
N PRO A 528 32.61 -71.12 12.33
CA PRO A 528 31.82 -72.34 12.46
C PRO A 528 30.75 -72.26 13.55
N GLU A 529 29.75 -73.13 13.38
CA GLU A 529 28.52 -73.01 14.15
C GLU A 529 28.74 -73.18 15.64
N ASP A 530 29.55 -74.16 16.03
CA ASP A 530 29.96 -74.37 17.42
C ASP A 530 30.32 -73.06 18.10
N VAL A 531 31.26 -72.34 17.48
CA VAL A 531 31.76 -71.09 18.03
C VAL A 531 30.66 -70.05 18.14
N VAL A 532 29.74 -70.02 17.17
CA VAL A 532 28.68 -69.01 17.21
C VAL A 532 27.77 -69.26 18.40
N GLU A 533 27.30 -70.52 18.56
CA GLU A 533 26.43 -70.81 19.70
C GLU A 533 27.12 -70.47 21.01
N GLU A 534 28.33 -70.99 21.21
CA GLU A 534 29.04 -70.71 22.46
C GLU A 534 29.27 -69.22 22.66
N GLY A 535 29.66 -68.50 21.61
CA GLY A 535 30.10 -67.13 21.77
C GLY A 535 28.95 -66.15 21.95
N VAL A 536 27.85 -66.36 21.24
CA VAL A 536 26.66 -65.54 21.49
C VAL A 536 26.15 -65.79 22.90
N ARG A 537 26.24 -67.04 23.38
CA ARG A 537 25.78 -67.29 24.75
C ARG A 537 26.72 -66.68 25.79
N LYS A 538 28.00 -66.50 25.47
CA LYS A 538 28.95 -65.89 26.39
C LYS A 538 29.15 -64.41 26.13
N GLY A 539 28.40 -63.82 25.22
CA GLY A 539 28.46 -62.38 25.02
C GLY A 539 29.45 -61.84 24.00
N ALA A 540 30.70 -62.28 24.07
CA ALA A 540 31.73 -61.81 23.16
C ALA A 540 32.65 -62.96 22.81
N TYR A 541 32.98 -63.09 21.53
CA TYR A 541 33.86 -64.17 21.09
C TYR A 541 34.64 -63.70 19.87
N THR A 542 35.83 -64.30 19.69
CA THR A 542 36.66 -63.96 18.56
C THR A 542 36.05 -64.52 17.27
N VAL A 543 35.92 -63.66 16.26
CA VAL A 543 35.49 -64.09 14.95
C VAL A 543 36.64 -64.17 13.95
N TYR A 544 37.70 -63.38 14.12
CA TYR A 544 38.80 -63.42 13.16
C TYR A 544 40.13 -63.30 13.89
N GLY A 545 41.08 -64.16 13.52
CA GLY A 545 42.40 -64.11 14.11
C GLY A 545 42.61 -65.20 15.16
N SER A 546 43.89 -65.49 15.43
CA SER A 546 44.27 -66.52 16.38
C SER A 546 45.17 -66.02 17.51
N GLU A 547 45.79 -64.86 17.35
CA GLU A 547 46.76 -64.34 18.31
C GLU A 547 46.02 -63.63 19.44
N GLU A 548 46.09 -64.19 20.65
CA GLU A 548 45.41 -63.58 21.79
C GLU A 548 45.87 -62.15 22.00
N THR A 549 47.19 -61.94 22.05
CA THR A 549 47.77 -60.61 22.17
C THR A 549 48.23 -60.16 20.79
N PRO A 550 47.49 -59.32 20.10
CA PRO A 550 47.97 -58.77 18.82
C PRO A 550 48.38 -57.33 18.96
N GLU A 551 48.86 -56.72 17.87
CA GLU A 551 49.03 -55.28 17.87
C GLU A 551 47.68 -54.58 17.96
N PHE A 552 46.71 -55.03 17.17
CA PHE A 552 45.40 -54.41 17.10
C PHE A 552 44.33 -55.40 17.48
N LEU A 553 43.42 -54.98 18.36
CA LEU A 553 42.24 -55.75 18.72
C LEU A 553 41.04 -54.87 18.38
N LEU A 554 40.22 -55.36 17.44
CA LEU A 554 39.07 -54.62 16.93
C LEU A 554 37.79 -55.25 17.47
N LEU A 555 36.99 -54.46 18.17
CA LEU A 555 35.74 -54.91 18.75
C LEU A 555 34.57 -54.35 17.96
N ALA A 556 33.57 -55.20 17.70
CA ALA A 556 32.45 -54.79 16.87
C ALA A 556 31.17 -55.47 17.34
N SER A 557 30.04 -54.93 16.89
CA SER A 557 28.73 -55.53 17.15
C SER A 557 27.86 -55.35 15.92
N GLY A 558 27.01 -56.33 15.67
CA GLY A 558 26.04 -56.23 14.58
C GLY A 558 26.67 -55.88 13.25
N SER A 559 26.04 -54.93 12.54
CA SER A 559 26.41 -54.59 11.16
C SER A 559 27.89 -54.33 10.99
N GLU A 560 28.62 -54.05 12.07
CA GLU A 560 30.00 -53.62 11.99
C GLU A 560 31.00 -54.77 11.95
N VAL A 561 30.62 -55.96 12.42
CA VAL A 561 31.62 -57.03 12.57
C VAL A 561 32.29 -57.34 11.24
N SER A 562 31.49 -57.58 10.19
CA SER A 562 32.04 -57.80 8.86
C SER A 562 33.00 -56.68 8.47
N LEU A 563 32.57 -55.42 8.64
CA LEU A 563 33.44 -54.30 8.32
C LEU A 563 34.74 -54.42 9.08
N ALA A 564 34.67 -54.67 10.39
CA ALA A 564 35.87 -54.86 11.18
C ALA A 564 36.77 -55.92 10.55
N VAL A 565 36.18 -57.08 10.23
CA VAL A 565 36.96 -58.15 9.63
C VAL A 565 37.67 -57.66 8.39
N GLU A 566 36.94 -56.95 7.52
CA GLU A 566 37.55 -56.40 6.32
C GLU A 566 38.80 -55.59 6.67
N ALA A 567 38.66 -54.64 7.60
CA ALA A 567 39.81 -53.83 8.00
C ALA A 567 40.96 -54.72 8.45
N ALA A 568 40.65 -55.72 9.28
CA ALA A 568 41.69 -56.64 9.78
C ALA A 568 42.53 -57.17 8.63
N LYS A 569 41.87 -57.65 7.56
CA LYS A 569 42.62 -58.23 6.45
C LYS A 569 43.66 -57.25 5.93
N ASP A 570 43.25 -56.00 5.69
CA ASP A 570 44.19 -55.02 5.16
C ASP A 570 45.33 -54.78 6.13
N LEU A 571 45.03 -54.70 7.43
CA LEU A 571 46.09 -54.58 8.42
C LEU A 571 47.05 -55.74 8.31
N GLU A 572 46.52 -56.96 8.20
CA GLU A 572 47.37 -58.13 8.01
C GLU A 572 48.19 -58.02 6.73
N LYS A 573 47.59 -57.45 5.68
CA LYS A 573 48.30 -57.32 4.42
C LYS A 573 49.41 -56.28 4.47
N GLN A 574 49.51 -55.50 5.55
CA GLN A 574 50.60 -54.55 5.71
C GLN A 574 51.41 -54.84 6.98
N GLY A 575 51.51 -56.11 7.35
CA GLY A 575 52.41 -56.52 8.41
C GLY A 575 51.96 -56.21 9.81
N LYS A 576 50.65 -56.13 10.04
CA LYS A 576 50.09 -55.83 11.36
C LYS A 576 49.29 -57.02 11.87
N SER A 577 49.54 -57.39 13.12
CA SER A 577 48.77 -58.44 13.77
C SER A 577 47.49 -57.86 14.34
N VAL A 578 46.38 -58.59 14.17
CA VAL A 578 45.07 -58.07 14.54
C VAL A 578 44.13 -59.22 14.84
N ARG A 579 43.23 -59.00 15.80
CA ARG A 579 42.15 -59.93 16.12
C ARG A 579 40.83 -59.17 16.15
N VAL A 580 39.78 -59.77 15.59
CA VAL A 580 38.46 -59.17 15.53
C VAL A 580 37.50 -59.97 16.40
N VAL A 581 36.86 -59.27 17.33
CA VAL A 581 35.96 -59.83 18.33
C VAL A 581 34.57 -59.22 18.13
N SER A 582 33.55 -60.09 18.00
CA SER A 582 32.16 -59.69 18.04
C SER A 582 31.63 -59.72 19.47
N MET A 583 30.87 -58.69 19.85
CA MET A 583 30.26 -58.59 21.17
C MET A 583 28.75 -58.45 21.02
N PRO A 584 28.04 -59.55 20.74
CA PRO A 584 26.58 -59.45 20.63
C PRO A 584 25.89 -58.97 21.90
N ASN A 585 26.19 -59.55 23.06
CA ASN A 585 25.47 -59.25 24.29
C ASN A 585 26.44 -58.87 25.40
N TRP A 586 26.44 -57.59 25.79
CA TRP A 586 27.31 -57.13 26.86
C TRP A 586 26.95 -57.76 28.20
N ASN A 587 25.66 -57.99 28.45
CA ASN A 587 25.22 -58.60 29.70
C ASN A 587 25.82 -59.98 29.87
N ALA A 588 25.74 -60.80 28.81
CA ALA A 588 26.31 -62.14 28.87
C ALA A 588 27.83 -62.08 29.06
N PHE A 589 28.50 -61.14 28.40
CA PHE A 589 29.95 -61.04 28.53
C PHE A 589 30.34 -60.64 29.94
N GLU A 590 29.61 -59.71 30.56
CA GLU A 590 29.91 -59.34 31.93
C GLU A 590 29.49 -60.41 32.93
N GLN A 591 28.72 -61.40 32.51
CA GLN A 591 28.44 -62.53 33.39
C GLN A 591 29.56 -63.59 33.39
N GLN A 592 30.52 -63.50 32.49
CA GLN A 592 31.50 -64.56 32.32
C GLN A 592 32.70 -64.38 33.26
N SER A 593 33.58 -65.38 33.25
CA SER A 593 34.75 -65.39 34.11
C SER A 593 35.83 -64.45 33.60
N GLU A 594 36.67 -63.98 34.54
CA GLU A 594 37.80 -63.13 34.20
C GLU A 594 38.74 -63.81 33.21
N GLU A 595 38.85 -65.13 33.28
CA GLU A 595 39.71 -65.86 32.34
C GLU A 595 39.21 -65.69 30.91
N TYR A 596 37.92 -65.93 30.69
CA TYR A 596 37.34 -65.75 29.37
C TYR A 596 37.42 -64.28 28.93
N LYS A 597 37.15 -63.36 29.87
CA LYS A 597 37.19 -61.94 29.53
C LYS A 597 38.57 -61.52 29.06
N GLU A 598 39.62 -62.02 29.71
CA GLU A 598 40.97 -61.66 29.31
C GLU A 598 41.48 -62.47 28.12
N SER A 599 40.87 -63.62 27.84
CA SER A 599 41.20 -64.32 26.61
C SER A 599 40.62 -63.61 25.39
N VAL A 600 39.41 -63.04 25.53
CA VAL A 600 38.77 -62.38 24.40
C VAL A 600 39.28 -60.95 24.25
N ILE A 601 39.25 -60.18 25.32
CA ILE A 601 39.74 -58.80 25.31
C ILE A 601 40.88 -58.64 26.32
N PRO A 602 42.10 -59.03 25.98
CA PRO A 602 43.22 -58.78 26.89
C PRO A 602 43.42 -57.29 27.12
N SER A 603 43.46 -56.90 28.40
CA SER A 603 43.85 -55.53 28.73
C SER A 603 45.31 -55.25 28.42
N SER A 604 46.09 -56.29 28.09
CA SER A 604 47.48 -56.15 27.69
C SER A 604 47.63 -55.48 26.32
N VAL A 605 46.62 -55.57 25.47
CA VAL A 605 46.63 -54.92 24.17
C VAL A 605 46.28 -53.45 24.38
N THR A 606 47.22 -52.56 24.09
CA THR A 606 46.94 -51.15 24.33
C THR A 606 46.16 -50.53 23.17
N LYS A 607 46.43 -50.94 21.93
CA LYS A 607 45.71 -50.41 20.76
C LYS A 607 44.45 -51.23 20.51
N ARG A 608 43.47 -51.03 21.38
CA ARG A 608 42.15 -51.62 21.23
C ARG A 608 41.22 -50.58 20.59
N VAL A 609 40.52 -51.00 19.54
CA VAL A 609 39.60 -50.12 18.84
C VAL A 609 38.24 -50.80 18.78
N ALA A 610 37.20 -50.03 19.08
CA ALA A 610 35.82 -50.48 18.93
C ALA A 610 35.18 -49.74 17.76
N ILE A 611 34.24 -50.42 17.09
CA ILE A 611 33.47 -49.82 16.00
C ILE A 611 32.00 -50.19 16.19
N GLU A 612 31.16 -49.19 16.44
CA GLU A 612 29.73 -49.37 16.52
C GLU A 612 29.04 -48.14 15.94
N MET A 613 27.93 -48.37 15.25
CA MET A 613 27.14 -47.29 14.66
C MET A 613 26.10 -46.84 15.70
N ALA A 614 26.61 -46.28 16.79
CA ALA A 614 25.79 -45.86 17.92
C ALA A 614 26.61 -44.92 18.78
N SER A 615 26.10 -44.61 19.98
CA SER A 615 26.78 -43.74 20.91
C SER A 615 28.06 -44.39 21.41
N PRO A 616 29.10 -43.59 21.68
CA PRO A 616 30.35 -44.14 22.23
C PRO A 616 30.20 -44.62 23.67
N LEU A 617 29.19 -44.16 24.38
CA LEU A 617 29.08 -44.37 25.82
C LEU A 617 29.08 -45.86 26.17
N GLY A 618 30.02 -46.26 27.04
CA GLY A 618 30.16 -47.62 27.48
C GLY A 618 31.29 -48.38 26.79
N TRP A 619 31.82 -47.87 25.68
CA TRP A 619 32.83 -48.57 24.91
C TRP A 619 34.24 -48.41 25.48
N HIS A 620 34.50 -47.33 26.20
CA HIS A 620 35.83 -47.09 26.75
C HIS A 620 36.18 -48.09 27.85
N LYS A 621 35.19 -48.77 28.42
CA LYS A 621 35.48 -49.91 29.28
C LYS A 621 36.27 -50.98 28.53
N TYR A 622 35.99 -51.15 27.23
CA TYR A 622 36.55 -52.24 26.47
C TYR A 622 37.70 -51.85 25.55
N VAL A 623 38.00 -50.56 25.42
CA VAL A 623 39.14 -50.13 24.63
C VAL A 623 40.29 -49.64 25.50
N GLY A 624 40.03 -49.17 26.72
CA GLY A 624 41.08 -48.73 27.61
C GLY A 624 41.50 -47.29 27.37
N THR A 625 42.54 -46.89 28.12
CA THR A 625 42.99 -45.51 28.09
C THR A 625 43.68 -45.15 26.77
N ALA A 626 44.36 -46.11 26.14
CA ALA A 626 45.11 -45.85 24.92
C ALA A 626 44.39 -46.40 23.68
N GLY A 627 43.10 -46.69 23.79
CA GLY A 627 42.33 -47.22 22.69
C GLY A 627 41.42 -46.17 22.08
N LYS A 628 40.80 -46.54 20.96
CA LYS A 628 39.94 -45.60 20.24
C LYS A 628 38.57 -46.23 19.97
N VAL A 629 37.56 -45.36 19.95
CA VAL A 629 36.19 -45.76 19.66
C VAL A 629 35.74 -45.01 18.41
N ILE A 630 35.32 -45.76 17.40
CA ILE A 630 34.72 -45.22 16.19
C ILE A 630 33.22 -45.43 16.32
N ALA A 631 32.48 -44.34 16.54
CA ALA A 631 31.06 -44.43 16.81
C ALA A 631 30.37 -43.21 16.21
N ILE A 632 29.15 -42.94 16.66
CA ILE A 632 28.39 -41.77 16.25
C ILE A 632 28.16 -40.90 17.49
N ASP A 633 28.57 -39.64 17.40
CA ASP A 633 28.45 -38.69 18.51
C ASP A 633 27.28 -37.74 18.33
N GLY A 634 26.74 -37.59 17.12
CA GLY A 634 25.58 -36.76 16.88
C GLY A 634 24.40 -37.53 16.34
N PHE A 635 23.39 -36.83 15.83
CA PHE A 635 22.21 -37.49 15.28
C PHE A 635 22.43 -37.84 13.81
N GLY A 636 21.45 -38.51 13.21
CA GLY A 636 21.56 -39.04 11.87
C GLY A 636 21.09 -38.06 10.80
N ALA A 637 20.86 -38.60 9.61
CA ALA A 637 20.57 -37.78 8.45
C ALA A 637 19.58 -38.52 7.54
N SER A 638 18.85 -37.73 6.75
CA SER A 638 17.92 -38.27 5.76
C SER A 638 18.66 -38.39 4.43
N ALA A 639 18.96 -39.63 4.02
CA ALA A 639 19.66 -39.94 2.78
C ALA A 639 19.74 -41.46 2.66
N PRO A 640 19.95 -42.01 1.46
CA PRO A 640 20.09 -43.47 1.33
C PRO A 640 21.07 -44.04 2.34
N GLY A 641 20.75 -45.23 2.84
CA GLY A 641 21.46 -45.76 4.00
C GLY A 641 22.94 -45.98 3.78
N ASP A 642 23.30 -46.46 2.59
CA ASP A 642 24.72 -46.65 2.27
C ASP A 642 25.47 -45.32 2.38
N LEU A 643 24.88 -44.26 1.86
CA LEU A 643 25.52 -42.95 1.87
C LEU A 643 25.67 -42.43 3.29
N VAL A 644 24.62 -42.53 4.11
CA VAL A 644 24.70 -42.07 5.49
C VAL A 644 25.78 -42.83 6.25
N VAL A 645 25.83 -44.16 6.06
CA VAL A 645 26.85 -44.96 6.73
C VAL A 645 28.24 -44.53 6.30
N GLU A 646 28.44 -44.31 5.00
CA GLU A 646 29.76 -43.92 4.52
C GLU A 646 30.17 -42.54 5.03
N LYS A 647 29.22 -41.60 5.08
CA LYS A 647 29.56 -40.25 5.54
C LYS A 647 29.89 -40.18 7.02
N TYR A 648 29.46 -41.17 7.81
CA TYR A 648 29.61 -41.13 9.25
C TYR A 648 30.84 -41.88 9.73
N GLY A 649 31.75 -42.25 8.82
CA GLY A 649 33.02 -42.83 9.19
C GLY A 649 33.13 -44.34 9.02
N PHE A 650 32.01 -45.02 8.83
CA PHE A 650 31.98 -46.49 8.84
C PHE A 650 32.24 -47.03 7.44
N THR A 651 33.45 -46.74 6.97
CA THR A 651 34.03 -47.33 5.77
C THR A 651 35.37 -47.95 6.16
N LYS A 652 35.79 -48.98 5.43
CA LYS A 652 37.00 -49.70 5.81
C LYS A 652 38.21 -48.78 5.82
N GLU A 653 38.31 -47.87 4.84
CA GLU A 653 39.47 -46.99 4.73
C GLU A 653 39.57 -46.04 5.90
N ASN A 654 38.45 -45.52 6.38
CA ASN A 654 38.51 -44.61 7.53
C ASN A 654 38.90 -45.36 8.80
N ILE A 655 38.41 -46.59 8.96
CA ILE A 655 38.85 -47.41 10.09
C ILE A 655 40.35 -47.64 10.01
N LEU A 656 40.86 -47.91 8.81
CA LEU A 656 42.30 -48.09 8.63
C LEU A 656 43.07 -46.83 8.99
N ASN A 657 42.59 -45.67 8.52
CA ASN A 657 43.26 -44.41 8.82
C ASN A 657 43.28 -44.13 10.32
N GLN A 658 42.12 -44.28 10.96
CA GLN A 658 42.03 -44.08 12.40
C GLN A 658 42.97 -45.02 13.15
N VAL A 659 42.97 -46.30 12.77
CA VAL A 659 43.73 -47.31 13.51
C VAL A 659 45.22 -47.10 13.33
N MET A 660 45.67 -46.81 12.10
CA MET A 660 47.09 -46.61 11.86
C MET A 660 47.59 -45.28 12.40
N SER A 661 46.71 -44.30 12.55
CA SER A 661 47.13 -43.02 13.12
C SER A 661 47.29 -43.08 14.64
N LEU A 662 46.68 -44.06 15.29
CA LEU A 662 46.74 -44.18 16.74
C LEU A 662 48.13 -44.64 17.18
N GLU A 663 48.74 -43.89 18.09
CA GLU A 663 50.12 -44.11 18.57
C GLU A 663 51.08 -44.69 17.51
N MET B 1 -16.38 -19.44 -2.15
CA MET B 1 -16.50 -19.91 -3.53
C MET B 1 -15.30 -20.79 -3.86
N PHE B 2 -15.54 -21.91 -4.55
CA PHE B 2 -14.45 -22.80 -4.96
C PHE B 2 -14.56 -23.09 -6.44
N ASN B 3 -13.55 -22.65 -7.18
CA ASN B 3 -13.46 -22.81 -8.62
C ASN B 3 -12.81 -24.14 -8.97
N GLU B 4 -12.86 -24.50 -10.25
CA GLU B 4 -12.05 -25.61 -10.74
C GLU B 4 -10.57 -25.28 -10.68
N LYS B 5 -10.22 -23.99 -10.57
CA LYS B 5 -8.82 -23.62 -10.34
C LYS B 5 -8.35 -24.10 -8.96
N ASP B 6 -9.22 -24.02 -7.96
CA ASP B 6 -8.89 -24.59 -6.65
C ASP B 6 -8.62 -26.09 -6.77
N GLN B 7 -9.45 -26.80 -7.53
CA GLN B 7 -9.24 -28.23 -7.73
C GLN B 7 -7.92 -28.50 -8.45
N LEU B 8 -7.58 -27.67 -9.43
CA LEU B 8 -6.29 -27.80 -10.10
C LEU B 8 -5.16 -27.60 -9.10
N ALA B 9 -5.33 -26.67 -8.16
CA ALA B 9 -4.31 -26.48 -7.12
C ALA B 9 -4.14 -27.73 -6.27
N VAL B 10 -5.25 -28.32 -5.83
CA VAL B 10 -5.18 -29.52 -4.99
C VAL B 10 -4.49 -30.66 -5.72
N ASP B 11 -4.85 -30.86 -7.00
CA ASP B 11 -4.27 -31.97 -7.74
C ASP B 11 -2.82 -31.71 -8.14
N THR B 12 -2.44 -30.43 -8.30
CA THR B 12 -1.03 -30.12 -8.48
C THR B 12 -0.24 -30.48 -7.23
N LEU B 13 -0.80 -30.20 -6.05
CA LEU B 13 -0.15 -30.59 -4.80
C LEU B 13 0.05 -32.11 -4.76
N ARG B 14 -0.99 -32.86 -5.14
CA ARG B 14 -0.87 -34.32 -5.17
C ARG B 14 0.21 -34.77 -6.16
N ALA B 15 0.18 -34.23 -7.37
CA ALA B 15 1.15 -34.65 -8.39
C ALA B 15 2.56 -34.33 -7.96
N LEU B 16 2.77 -33.16 -7.35
CA LEU B 16 4.10 -32.77 -6.89
C LEU B 16 4.61 -33.70 -5.81
N SER B 17 3.74 -34.06 -4.85
CA SER B 17 4.13 -35.01 -3.82
C SER B 17 4.48 -36.37 -4.42
N ILE B 18 3.63 -36.85 -5.34
CA ILE B 18 3.88 -38.15 -5.97
C ILE B 18 5.20 -38.13 -6.71
N ASP B 19 5.51 -37.03 -7.39
CA ASP B 19 6.74 -36.96 -8.17
C ASP B 19 7.97 -36.92 -7.26
N THR B 20 7.90 -36.19 -6.15
CA THR B 20 9.01 -36.20 -5.20
C THR B 20 9.27 -37.61 -4.67
N ILE B 21 8.20 -38.31 -4.27
CA ILE B 21 8.38 -39.67 -3.76
C ILE B 21 8.86 -40.61 -4.85
N GLU B 22 8.43 -40.39 -6.10
CA GLU B 22 8.90 -41.22 -7.20
C GLU B 22 10.38 -41.04 -7.45
N LYS B 23 10.84 -39.79 -7.50
CA LYS B 23 12.25 -39.52 -7.75
C LYS B 23 13.12 -40.05 -6.61
N ALA B 24 12.66 -39.91 -5.36
CA ALA B 24 13.46 -40.44 -4.26
C ALA B 24 13.39 -41.95 -4.17
N ASN B 25 12.40 -42.58 -4.81
CA ASN B 25 12.11 -44.00 -4.63
C ASN B 25 11.94 -44.34 -3.14
N SER B 26 11.51 -43.35 -2.37
CA SER B 26 11.27 -43.48 -0.94
C SER B 26 10.17 -42.50 -0.57
N GLY B 27 9.36 -42.87 0.42
CA GLY B 27 8.40 -41.96 1.01
C GLY B 27 6.99 -42.50 0.98
N HIS B 28 6.07 -41.63 1.43
CA HIS B 28 4.68 -42.02 1.69
C HIS B 28 3.74 -41.17 0.85
N PRO B 29 3.12 -41.74 -0.19
CA PRO B 29 2.21 -40.93 -1.02
C PRO B 29 0.83 -40.78 -0.40
N GLY B 30 0.44 -41.75 0.43
CA GLY B 30 -0.96 -41.88 0.82
C GLY B 30 -1.53 -40.65 1.51
N LEU B 31 -0.84 -40.15 2.53
CA LEU B 31 -1.37 -39.02 3.29
C LEU B 31 -1.38 -37.75 2.45
N PRO B 32 -0.32 -37.48 1.65
CA PRO B 32 -0.43 -36.40 0.66
C PRO B 32 -1.68 -36.51 -0.20
N MET B 33 -1.88 -37.65 -0.85
CA MET B 33 -3.01 -37.76 -1.77
C MET B 33 -4.35 -37.56 -1.06
N GLY B 34 -4.51 -38.15 0.13
CA GLY B 34 -5.79 -38.10 0.79
C GLY B 34 -6.09 -36.81 1.51
N ALA B 35 -5.07 -36.14 2.02
CA ALA B 35 -5.25 -34.94 2.82
C ALA B 35 -4.83 -33.67 2.09
N ALA B 36 -4.52 -33.75 0.80
CA ALA B 36 -4.27 -32.55 0.03
C ALA B 36 -5.45 -31.58 0.00
N PRO B 37 -6.70 -32.00 -0.15
CA PRO B 37 -7.80 -31.01 -0.11
C PRO B 37 -7.87 -30.23 1.18
N MET B 38 -7.82 -30.91 2.33
CA MET B 38 -7.97 -30.21 3.62
C MET B 38 -6.77 -29.33 3.91
N ALA B 39 -5.57 -29.80 3.58
CA ALA B 39 -4.39 -28.96 3.75
C ALA B 39 -4.47 -27.72 2.87
N TYR B 40 -4.90 -27.88 1.61
CA TYR B 40 -5.06 -26.75 0.71
C TYR B 40 -6.06 -25.75 1.26
N THR B 41 -7.22 -26.25 1.72
CA THR B 41 -8.26 -25.36 2.26
C THR B 41 -7.74 -24.57 3.46
N LEU B 42 -7.08 -25.25 4.39
CA LEU B 42 -6.57 -24.56 5.57
C LEU B 42 -5.51 -23.54 5.19
N TRP B 43 -4.51 -23.96 4.39
CA TRP B 43 -3.39 -23.07 4.07
C TRP B 43 -3.84 -21.86 3.27
N THR B 44 -4.69 -22.06 2.26
CA THR B 44 -5.04 -20.97 1.38
C THR B 44 -6.17 -20.10 1.91
N ARG B 45 -7.02 -20.62 2.81
CA ARG B 45 -8.21 -19.87 3.21
C ARG B 45 -8.23 -19.42 4.65
N HIS B 46 -7.49 -20.07 5.56
CA HIS B 46 -7.58 -19.74 6.97
C HIS B 46 -6.26 -19.39 7.62
N LEU B 47 -5.15 -19.89 7.11
CA LEU B 47 -3.88 -19.82 7.80
C LEU B 47 -3.28 -18.43 7.64
N ASN B 48 -2.98 -17.78 8.78
CA ASN B 48 -2.27 -16.50 8.80
C ASN B 48 -0.77 -16.77 8.99
N PHE B 49 -0.17 -17.27 7.92
CA PHE B 49 1.22 -17.72 7.96
C PHE B 49 1.91 -17.33 6.67
N ASN B 50 3.04 -16.64 6.78
CA ASN B 50 3.92 -16.42 5.64
C ASN B 50 5.19 -17.23 5.85
N PRO B 51 5.43 -18.26 5.04
CA PRO B 51 6.65 -19.08 5.23
C PRO B 51 7.92 -18.28 5.08
N GLN B 52 7.88 -17.16 4.35
CA GLN B 52 9.08 -16.35 4.15
C GLN B 52 9.41 -15.52 5.39
N SER B 53 8.40 -14.90 6.01
CA SER B 53 8.57 -14.29 7.33
C SER B 53 8.19 -15.32 8.40
N LYS B 54 9.00 -16.38 8.46
CA LYS B 54 8.70 -17.51 9.32
C LYS B 54 8.72 -17.15 10.80
N ASP B 55 9.27 -15.99 11.16
CA ASP B 55 9.42 -15.60 12.56
C ASP B 55 8.39 -14.56 13.00
N TYR B 56 7.40 -14.25 12.17
CA TYR B 56 6.29 -13.40 12.60
C TYR B 56 5.66 -14.02 13.83
N PHE B 57 5.76 -13.32 14.97
CA PHE B 57 5.46 -13.96 16.24
C PHE B 57 4.00 -14.33 16.38
N ASN B 58 3.10 -13.52 15.83
CA ASN B 58 1.66 -13.81 15.90
C ASN B 58 1.17 -14.65 14.73
N ARG B 59 2.07 -15.34 14.03
CA ARG B 59 1.64 -16.23 12.97
C ARG B 59 0.83 -17.39 13.53
N ASP B 60 -0.07 -17.91 12.71
CA ASP B 60 -0.75 -19.16 13.04
C ASP B 60 0.24 -20.31 12.91
N ARG B 61 0.42 -21.07 13.99
CA ARG B 61 1.36 -22.17 14.00
C ARG B 61 0.69 -23.43 13.47
N PHE B 62 1.24 -23.98 12.39
CA PHE B 62 0.76 -25.24 11.82
C PHE B 62 1.78 -26.34 12.09
N VAL B 63 1.28 -27.51 12.45
CA VAL B 63 2.09 -28.68 12.74
C VAL B 63 1.56 -29.87 11.95
N LEU B 64 2.46 -30.65 11.36
CA LEU B 64 2.10 -31.90 10.69
C LEU B 64 2.58 -33.03 11.59
N SER B 65 1.68 -33.51 12.46
CA SER B 65 2.04 -34.62 13.34
C SER B 65 2.29 -35.90 12.57
N ALA B 66 1.66 -36.05 11.41
CA ALA B 66 1.91 -37.18 10.52
C ALA B 66 3.09 -36.82 9.61
N GLY B 67 4.29 -36.89 10.20
CA GLY B 67 5.49 -36.56 9.46
C GLY B 67 5.64 -37.32 8.16
N HIS B 68 5.10 -38.54 8.08
CA HIS B 68 5.18 -39.32 6.86
C HIS B 68 4.45 -38.66 5.69
N GLY B 69 3.67 -37.62 5.94
CA GLY B 69 3.09 -36.83 4.86
C GLY B 69 3.96 -35.66 4.45
N SER B 70 5.27 -35.79 4.70
CA SER B 70 6.20 -34.67 4.52
C SER B 70 6.04 -34.02 3.16
N ALA B 71 5.98 -34.84 2.10
CA ALA B 71 5.88 -34.32 0.74
C ALA B 71 4.80 -33.25 0.63
N LEU B 72 3.60 -33.53 1.17
CA LEU B 72 2.51 -32.56 1.10
C LEU B 72 2.96 -31.20 1.64
N LEU B 73 3.51 -31.19 2.86
CA LEU B 73 4.01 -29.95 3.44
C LEU B 73 5.00 -29.28 2.50
N TYR B 74 5.99 -30.04 2.02
CA TYR B 74 6.97 -29.47 1.10
C TYR B 74 6.29 -28.85 -0.10
N SER B 75 5.31 -29.56 -0.68
CA SER B 75 4.60 -29.02 -1.82
C SER B 75 3.92 -27.70 -1.45
N LEU B 76 3.24 -27.67 -0.31
CA LEU B 76 2.70 -26.39 0.15
C LEU B 76 3.81 -25.34 0.22
N LEU B 77 4.92 -25.68 0.88
CA LEU B 77 5.99 -24.69 1.03
C LEU B 77 6.59 -24.31 -0.31
N HIS B 78 6.47 -25.16 -1.33
CA HIS B 78 6.96 -24.73 -2.63
C HIS B 78 5.98 -23.79 -3.31
N VAL B 79 4.68 -24.05 -3.19
CA VAL B 79 3.74 -23.17 -3.86
C VAL B 79 3.59 -21.85 -3.12
N SER B 80 4.03 -21.79 -1.87
CA SER B 80 4.03 -20.58 -1.07
C SER B 80 5.30 -19.75 -1.25
N GLY B 81 6.31 -20.30 -1.91
CA GLY B 81 7.49 -19.55 -2.30
C GLY B 81 8.70 -19.73 -1.41
N SER B 82 8.60 -20.46 -0.31
CA SER B 82 9.75 -20.58 0.58
C SER B 82 10.72 -21.66 0.14
N LEU B 83 10.26 -22.70 -0.52
CA LEU B 83 11.06 -23.85 -0.87
C LEU B 83 11.17 -23.97 -2.37
N GLU B 84 12.39 -24.17 -2.86
CA GLU B 84 12.65 -24.27 -4.29
C GLU B 84 12.27 -25.66 -4.82
N LEU B 85 11.91 -25.70 -6.10
CA LEU B 85 11.60 -26.97 -6.74
C LEU B 85 12.80 -27.91 -6.72
N GLU B 86 14.01 -27.36 -6.86
CA GLU B 86 15.21 -28.18 -6.84
C GLU B 86 15.42 -28.87 -5.51
N GLU B 87 14.90 -28.30 -4.42
CA GLU B 87 14.96 -28.98 -3.13
C GLU B 87 14.02 -30.18 -3.10
N LEU B 88 12.79 -30.02 -3.62
CA LEU B 88 11.88 -31.15 -3.72
C LEU B 88 12.43 -32.23 -4.63
N LYS B 89 13.19 -31.84 -5.65
CA LYS B 89 13.86 -32.80 -6.51
C LYS B 89 15.03 -33.53 -5.81
N GLN B 90 15.22 -33.29 -4.51
CA GLN B 90 16.22 -33.99 -3.71
C GLN B 90 15.60 -34.51 -2.43
N PHE B 91 14.36 -35.01 -2.54
CA PHE B 91 13.64 -35.53 -1.39
C PHE B 91 14.40 -36.68 -0.76
N ARG B 92 14.59 -36.61 0.56
CA ARG B 92 15.25 -37.68 1.33
C ARG B 92 16.69 -37.94 0.84
N GLN B 93 17.36 -36.89 0.38
CA GLN B 93 18.71 -37.00 -0.15
C GLN B 93 19.67 -36.25 0.76
N TRP B 94 20.96 -36.56 0.63
CA TRP B 94 21.98 -35.97 1.49
C TRP B 94 22.01 -34.45 1.33
N GLY B 95 22.00 -33.74 2.46
CA GLY B 95 22.09 -32.30 2.49
C GLY B 95 20.86 -31.55 2.01
N SER B 96 19.77 -32.24 1.68
CA SER B 96 18.57 -31.57 1.19
C SER B 96 17.83 -30.84 2.33
N LYS B 97 17.09 -29.81 1.96
CA LYS B 97 16.13 -29.16 2.86
C LYS B 97 14.77 -29.87 2.85
N THR B 98 14.71 -31.05 2.24
CA THR B 98 13.50 -31.86 2.16
C THR B 98 13.79 -33.27 2.70
N PRO B 99 14.05 -33.39 4.01
CA PRO B 99 14.26 -34.73 4.60
C PRO B 99 12.96 -35.54 4.64
N GLY B 100 13.13 -36.82 5.00
CA GLY B 100 12.01 -37.74 4.97
C GLY B 100 10.88 -37.35 5.90
N HIS B 101 11.21 -36.82 7.06
CA HIS B 101 10.22 -36.27 7.99
C HIS B 101 10.56 -34.81 8.29
N PRO B 102 9.55 -33.98 8.57
CA PRO B 102 9.81 -32.54 8.69
C PRO B 102 10.75 -32.21 9.85
N GLU B 103 11.74 -31.38 9.56
CA GLU B 103 12.78 -31.00 10.51
C GLU B 103 12.80 -29.49 10.71
N TYR B 104 12.66 -29.07 11.96
CA TYR B 104 12.73 -27.67 12.33
C TYR B 104 14.17 -27.18 12.28
N ARG B 105 14.34 -25.90 11.95
CA ARG B 105 15.64 -25.22 11.90
C ARG B 105 16.49 -25.68 10.72
N HIS B 106 16.17 -26.85 10.14
CA HIS B 106 16.84 -27.30 8.93
C HIS B 106 16.12 -26.86 7.66
N THR B 107 14.81 -26.62 7.76
CA THR B 107 13.99 -26.15 6.65
C THR B 107 13.16 -24.98 7.14
N ASP B 108 13.02 -23.96 6.28
CA ASP B 108 12.32 -22.74 6.67
C ASP B 108 10.81 -22.98 6.71
N GLY B 109 10.20 -22.67 7.85
CA GLY B 109 8.76 -22.74 7.97
C GLY B 109 8.23 -24.02 8.60
N VAL B 110 9.08 -24.96 8.95
CA VAL B 110 8.68 -26.14 9.70
C VAL B 110 8.79 -25.79 11.18
N GLU B 111 7.65 -25.70 11.86
CA GLU B 111 7.63 -25.16 13.22
C GLU B 111 8.28 -26.11 14.22
N VAL B 112 8.01 -27.42 14.10
CA VAL B 112 8.59 -28.42 15.00
C VAL B 112 8.94 -29.66 14.18
N THR B 113 9.90 -30.42 14.69
CA THR B 113 10.26 -31.68 14.06
C THR B 113 9.26 -32.76 14.45
N THR B 114 8.72 -33.46 13.47
CA THR B 114 7.78 -34.55 13.70
C THR B 114 8.28 -35.80 13.01
N GLY B 115 7.47 -36.85 13.04
CA GLY B 115 7.89 -38.17 12.65
C GLY B 115 7.49 -39.19 13.70
N PRO B 116 8.03 -39.04 14.91
CA PRO B 116 7.49 -39.79 16.05
C PRO B 116 6.03 -39.40 16.29
N LEU B 117 5.16 -40.39 16.40
CA LEU B 117 3.73 -40.14 16.37
C LEU B 117 3.20 -39.67 17.72
N GLY B 118 2.19 -38.82 17.67
CA GLY B 118 1.61 -38.20 18.84
C GLY B 118 2.38 -36.99 19.35
N GLN B 119 3.69 -36.93 19.11
CA GLN B 119 4.49 -35.88 19.72
C GLN B 119 4.24 -34.52 19.07
N GLY B 120 3.93 -34.49 17.78
CA GLY B 120 3.55 -33.24 17.14
C GLY B 120 2.23 -32.72 17.69
N PHE B 121 1.25 -33.61 17.89
CA PHE B 121 -0.03 -33.22 18.46
C PHE B 121 0.15 -32.62 19.85
N ALA B 122 0.97 -33.26 20.69
CA ALA B 122 1.18 -32.75 22.05
C ALA B 122 1.99 -31.47 22.04
N MET B 123 2.96 -31.35 21.12
CA MET B 123 3.69 -30.11 20.97
C MET B 123 2.77 -28.99 20.49
N SER B 124 1.74 -29.32 19.71
CA SER B 124 0.74 -28.32 19.33
C SER B 124 -0.05 -27.87 20.55
N VAL B 125 -0.39 -28.80 21.43
CA VAL B 125 -0.99 -28.44 22.71
C VAL B 125 -0.09 -27.47 23.46
N GLY B 126 1.22 -27.75 23.48
CA GLY B 126 2.15 -26.86 24.16
C GLY B 126 2.23 -25.49 23.52
N LEU B 127 2.15 -25.44 22.19
CA LEU B 127 2.13 -24.17 21.48
C LEU B 127 0.91 -23.34 21.86
N ALA B 128 -0.27 -23.97 21.90
CA ALA B 128 -1.48 -23.25 22.28
C ALA B 128 -1.41 -22.80 23.74
N LEU B 129 -0.79 -23.62 24.59
CA LEU B 129 -0.61 -23.24 25.99
C LEU B 129 0.27 -22.01 26.11
N ALA B 130 1.37 -21.97 25.35
CA ALA B 130 2.22 -20.78 25.34
C ALA B 130 1.44 -19.56 24.85
N GLU B 131 0.63 -19.74 23.79
CA GLU B 131 -0.18 -18.64 23.28
C GLU B 131 -1.07 -18.06 24.37
N ASP B 132 -1.81 -18.94 25.06
CA ASP B 132 -2.73 -18.47 26.09
C ASP B 132 -2.00 -17.78 27.23
N HIS B 133 -0.86 -18.34 27.68
CA HIS B 133 -0.16 -17.74 28.81
C HIS B 133 0.42 -16.37 28.44
N LEU B 134 1.02 -16.26 27.25
CA LEU B 134 1.54 -14.97 26.82
C LEU B 134 0.42 -13.95 26.62
N ALA B 135 -0.75 -14.40 26.17
CA ALA B 135 -1.89 -13.48 26.02
C ALA B 135 -2.39 -13.02 27.38
N GLY B 136 -2.44 -13.92 28.36
CA GLY B 136 -2.83 -13.52 29.70
C GLY B 136 -1.85 -12.56 30.33
N LYS B 137 -0.57 -12.64 29.94
CA LYS B 137 0.42 -11.76 30.55
C LYS B 137 0.50 -10.39 29.86
N PHE B 138 0.43 -10.36 28.53
CA PHE B 138 0.75 -9.13 27.81
C PHE B 138 -0.46 -8.41 27.23
N ASN B 139 -1.55 -9.11 26.91
CA ASN B 139 -2.66 -8.48 26.21
C ASN B 139 -3.33 -7.43 27.09
N LYS B 140 -3.63 -6.29 26.48
CA LYS B 140 -4.29 -5.18 27.14
C LYS B 140 -5.55 -4.80 26.36
N GLU B 141 -6.15 -3.68 26.76
CA GLU B 141 -7.41 -3.24 26.16
C GLU B 141 -7.13 -2.64 24.79
N GLY B 142 -7.67 -3.29 23.75
CA GLY B 142 -7.36 -2.92 22.39
C GLY B 142 -5.97 -3.30 21.93
N TYR B 143 -5.16 -3.92 22.80
CA TYR B 143 -3.81 -4.38 22.47
C TYR B 143 -3.79 -5.89 22.63
N ASN B 144 -4.35 -6.59 21.65
CA ASN B 144 -4.30 -8.05 21.63
C ASN B 144 -3.03 -8.47 20.89
N VAL B 145 -1.90 -8.33 21.58
CA VAL B 145 -0.60 -8.55 20.96
C VAL B 145 -0.30 -10.03 20.74
N VAL B 146 -1.04 -10.93 21.39
CA VAL B 146 -0.93 -12.38 21.15
C VAL B 146 -2.32 -12.88 20.83
N ASP B 147 -2.55 -13.23 19.56
CA ASP B 147 -3.87 -13.67 19.10
C ASP B 147 -3.75 -14.49 17.83
N HIS B 148 -3.33 -15.75 17.96
CA HIS B 148 -3.19 -16.63 16.81
C HIS B 148 -3.64 -18.03 17.18
N TYR B 149 -3.94 -18.82 16.15
CA TYR B 149 -4.43 -20.19 16.30
C TYR B 149 -3.30 -21.19 16.11
N THR B 150 -3.51 -22.39 16.67
CA THR B 150 -2.61 -23.53 16.48
C THR B 150 -3.38 -24.64 15.78
N TYR B 151 -2.94 -25.01 14.59
CA TYR B 151 -3.53 -26.08 13.81
C TYR B 151 -2.56 -27.25 13.72
N VAL B 152 -3.12 -28.46 13.71
CA VAL B 152 -2.32 -29.67 13.58
C VAL B 152 -3.03 -30.63 12.64
N LEU B 153 -2.27 -31.19 11.70
CA LEU B 153 -2.72 -32.30 10.87
C LEU B 153 -2.24 -33.60 11.53
N ALA B 154 -3.19 -34.49 11.84
CA ALA B 154 -2.89 -35.72 12.55
C ALA B 154 -3.53 -36.91 11.85
N SER B 155 -2.96 -38.09 12.07
CA SER B 155 -3.37 -39.35 11.46
C SER B 155 -3.88 -40.29 12.55
N ASP B 156 -4.30 -41.50 12.12
CA ASP B 156 -4.82 -42.48 13.08
C ASP B 156 -3.78 -42.85 14.12
N GLY B 157 -2.51 -43.00 13.69
CA GLY B 157 -1.46 -43.38 14.61
C GLY B 157 -1.21 -42.33 15.68
N ASP B 158 -1.38 -41.06 15.34
CA ASP B 158 -1.25 -40.00 16.33
C ASP B 158 -2.26 -40.17 17.47
N LEU B 159 -3.42 -40.77 17.18
CA LEU B 159 -4.46 -40.90 18.19
C LEU B 159 -4.43 -42.25 18.90
N MET B 160 -3.86 -43.29 18.27
CA MET B 160 -3.64 -44.52 19.02
C MET B 160 -2.60 -44.35 20.12
N GLU B 161 -1.73 -43.36 20.02
CA GLU B 161 -0.69 -43.13 21.01
C GLU B 161 -1.28 -42.47 22.25
N GLY B 162 -0.80 -42.90 23.43
CA GLY B 162 -1.37 -42.42 24.66
C GLY B 162 -1.03 -40.98 24.98
N ILE B 163 0.10 -40.49 24.45
CA ILE B 163 0.44 -39.09 24.63
C ILE B 163 -0.68 -38.21 24.09
N SER B 164 -1.38 -38.67 23.05
CA SER B 164 -2.55 -37.93 22.55
C SER B 164 -3.64 -37.85 23.61
N HIS B 165 -3.94 -38.99 24.25
CA HIS B 165 -4.92 -38.99 25.34
C HIS B 165 -4.54 -37.97 26.41
N GLU B 166 -3.29 -38.02 26.86
CA GLU B 166 -2.83 -37.10 27.91
C GLU B 166 -2.99 -35.64 27.48
N ALA B 167 -2.46 -35.31 26.30
CA ALA B 167 -2.43 -33.91 25.85
C ALA B 167 -3.83 -33.39 25.57
N ALA B 168 -4.69 -34.22 24.96
CA ALA B 168 -6.06 -33.80 24.73
C ALA B 168 -6.81 -33.61 26.04
N SER B 169 -6.55 -34.45 27.05
CA SER B 169 -7.16 -34.23 28.35
C SER B 169 -6.72 -32.89 28.92
N PHE B 170 -5.42 -32.62 28.90
CA PHE B 170 -4.90 -31.34 29.37
C PHE B 170 -5.54 -30.16 28.61
N ALA B 171 -5.73 -30.31 27.30
CA ALA B 171 -6.22 -29.19 26.49
C ALA B 171 -7.71 -28.97 26.69
N GLY B 172 -8.48 -30.05 26.86
CA GLY B 172 -9.89 -29.90 27.12
C GLY B 172 -10.17 -29.37 28.51
N HIS B 173 -9.38 -29.80 29.49
CA HIS B 173 -9.55 -29.28 30.85
C HIS B 173 -9.22 -27.79 30.93
N ASN B 174 -8.31 -27.32 30.09
CA ASN B 174 -7.86 -25.93 30.13
C ASN B 174 -8.45 -25.08 29.01
N LYS B 175 -9.43 -25.61 28.28
CA LYS B 175 -10.21 -24.83 27.31
C LYS B 175 -9.33 -24.10 26.30
N LEU B 176 -8.35 -24.81 25.75
CA LEU B 176 -7.47 -24.22 24.73
C LEU B 176 -8.27 -24.09 23.44
N SER B 177 -9.04 -23.00 23.36
CA SER B 177 -10.04 -22.85 22.30
C SER B 177 -9.41 -22.60 20.93
N LYS B 178 -8.16 -22.14 20.87
CA LYS B 178 -7.53 -21.77 19.62
C LYS B 178 -6.75 -22.93 18.99
N LEU B 179 -7.03 -24.16 19.41
CA LEU B 179 -6.37 -25.35 18.90
C LEU B 179 -7.36 -26.12 18.03
N VAL B 180 -7.00 -26.33 16.77
CA VAL B 180 -7.81 -27.11 15.83
C VAL B 180 -6.96 -28.26 15.31
N VAL B 181 -7.49 -29.46 15.44
CA VAL B 181 -6.89 -30.67 14.88
C VAL B 181 -7.70 -31.09 13.67
N LEU B 182 -7.01 -31.45 12.60
CA LEU B 182 -7.59 -32.07 11.41
C LEU B 182 -7.15 -33.53 11.41
N TYR B 183 -8.12 -34.44 11.59
CA TYR B 183 -7.86 -35.87 11.73
C TYR B 183 -8.11 -36.55 10.39
N ASP B 184 -7.04 -37.07 9.78
CA ASP B 184 -7.15 -37.83 8.54
C ASP B 184 -7.65 -39.23 8.88
N SER B 185 -8.95 -39.44 8.74
CA SER B 185 -9.56 -40.74 9.03
C SER B 185 -9.67 -41.50 7.71
N ASN B 186 -8.60 -42.23 7.38
CA ASN B 186 -8.59 -43.09 6.20
C ASN B 186 -8.85 -44.55 6.54
N ASP B 187 -8.99 -44.89 7.82
CA ASP B 187 -9.29 -46.25 8.27
C ASP B 187 -8.25 -47.26 7.80
N ILE B 188 -7.02 -46.80 7.59
CA ILE B 188 -5.92 -47.63 7.11
C ILE B 188 -4.67 -47.27 7.90
N SER B 189 -3.86 -48.27 8.23
CA SER B 189 -2.59 -48.02 8.89
C SER B 189 -1.45 -48.63 8.08
N LEU B 190 -0.24 -48.69 8.65
CA LEU B 190 0.89 -49.22 7.89
C LEU B 190 0.73 -50.71 7.63
N ASP B 191 0.38 -51.48 8.68
CA ASP B 191 0.32 -52.92 8.55
C ASP B 191 -0.95 -53.40 7.86
N GLY B 192 -1.98 -52.56 7.78
CA GLY B 192 -3.18 -52.93 7.10
C GLY B 192 -4.34 -52.01 7.40
N GLU B 193 -5.50 -52.61 7.61
CA GLU B 193 -6.74 -51.88 7.82
C GLU B 193 -6.93 -51.57 9.31
N LEU B 194 -7.58 -50.44 9.58
CA LEU B 194 -7.68 -49.95 10.95
C LEU B 194 -8.54 -50.85 11.83
N ASN B 195 -9.51 -51.56 11.22
CA ASN B 195 -10.42 -52.42 11.99
C ASN B 195 -9.73 -53.62 12.61
N LYS B 196 -8.43 -53.83 12.38
CA LYS B 196 -7.72 -54.97 12.95
C LYS B 196 -7.06 -54.65 14.28
N ALA B 197 -6.95 -53.37 14.64
CA ALA B 197 -6.41 -52.99 15.95
C ALA B 197 -7.13 -51.80 16.58
N PHE B 198 -8.09 -51.17 15.90
CA PHE B 198 -8.64 -49.90 16.33
C PHE B 198 -10.13 -49.85 16.01
N SER B 199 -10.94 -49.41 16.99
CA SER B 199 -12.38 -49.37 16.81
C SER B 199 -13.06 -48.27 17.60
N GLU B 200 -12.34 -47.22 18.03
CA GLU B 200 -12.95 -46.26 18.92
C GLU B 200 -13.91 -45.33 18.19
N ASN B 201 -14.74 -44.66 19.00
CA ASN B 201 -15.55 -43.53 18.59
C ASN B 201 -14.79 -42.27 18.99
N THR B 202 -14.16 -41.62 18.00
CA THR B 202 -13.38 -40.42 18.27
C THR B 202 -14.25 -39.31 18.85
N LYS B 203 -15.48 -39.19 18.35
CA LYS B 203 -16.38 -38.14 18.83
C LYS B 203 -16.67 -38.28 20.31
N ALA B 204 -17.08 -39.48 20.74
CA ALA B 204 -17.36 -39.70 22.16
C ALA B 204 -16.12 -39.48 23.01
N ARG B 205 -14.98 -39.99 22.56
CA ARG B 205 -13.72 -39.83 23.31
C ARG B 205 -13.40 -38.37 23.53
N PHE B 206 -13.35 -37.59 22.44
CA PHE B 206 -12.89 -36.21 22.56
C PHE B 206 -13.93 -35.32 23.23
N GLU B 207 -15.22 -35.61 23.07
CA GLU B 207 -16.22 -34.87 23.81
C GLU B 207 -16.17 -35.21 25.29
N ALA B 208 -15.72 -36.42 25.64
CA ALA B 208 -15.44 -36.73 27.03
C ALA B 208 -14.22 -35.95 27.54
N TYR B 209 -13.25 -35.68 26.66
CA TYR B 209 -12.10 -34.86 27.06
C TYR B 209 -12.45 -33.40 27.30
N GLY B 210 -13.63 -32.95 26.90
CA GLY B 210 -13.93 -31.53 26.88
C GLY B 210 -13.66 -30.84 25.57
N TRP B 211 -13.67 -31.58 24.46
CA TRP B 211 -13.39 -31.09 23.12
C TRP B 211 -14.67 -31.01 22.29
N ASN B 212 -14.59 -30.26 21.20
CA ASN B 212 -15.65 -30.19 20.22
C ASN B 212 -15.34 -31.14 19.07
N TYR B 213 -16.39 -31.65 18.44
CA TYR B 213 -16.24 -32.60 17.36
C TYR B 213 -17.02 -32.14 16.14
N LEU B 214 -16.39 -32.27 14.97
CA LEU B 214 -17.03 -32.06 13.68
C LEU B 214 -16.64 -33.21 12.76
N LEU B 215 -17.57 -33.59 11.89
CA LEU B 215 -17.38 -34.68 10.95
C LEU B 215 -17.53 -34.14 9.54
N VAL B 216 -16.42 -34.10 8.80
CA VAL B 216 -16.46 -33.81 7.37
C VAL B 216 -16.52 -35.16 6.67
N LYS B 217 -17.65 -35.43 5.99
CA LYS B 217 -17.87 -36.75 5.43
C LYS B 217 -17.14 -36.95 4.11
N ASP B 218 -17.04 -35.90 3.29
CA ASP B 218 -16.30 -35.97 2.02
C ASP B 218 -14.99 -35.20 2.19
N GLY B 219 -13.90 -35.94 2.37
CA GLY B 219 -12.57 -35.34 2.43
C GLY B 219 -12.16 -34.57 1.19
N ASN B 220 -12.86 -34.76 0.07
CA ASN B 220 -12.59 -34.02 -1.15
C ASN B 220 -13.43 -32.75 -1.29
N ASP B 221 -14.40 -32.54 -0.40
CA ASP B 221 -15.30 -31.39 -0.48
C ASP B 221 -14.68 -30.21 0.26
N LEU B 222 -14.14 -29.25 -0.50
CA LEU B 222 -13.40 -28.15 0.12
C LEU B 222 -14.30 -27.24 0.95
N GLU B 223 -15.57 -27.09 0.55
CA GLU B 223 -16.46 -26.19 1.29
C GLU B 223 -16.83 -26.78 2.65
N GLU B 224 -17.03 -28.10 2.71
CA GLU B 224 -17.24 -28.75 4.00
C GLU B 224 -16.07 -28.47 4.94
N ILE B 225 -14.84 -28.53 4.41
CA ILE B 225 -13.67 -28.30 5.25
C ILE B 225 -13.57 -26.83 5.66
N ASP B 226 -13.86 -25.91 4.73
CA ASP B 226 -13.83 -24.48 5.06
C ASP B 226 -14.81 -24.17 6.18
N LYS B 227 -16.04 -24.68 6.07
CA LYS B 227 -17.03 -24.46 7.11
C LYS B 227 -16.62 -25.11 8.42
N ALA B 228 -15.99 -26.28 8.34
CA ALA B 228 -15.49 -26.96 9.53
C ALA B 228 -14.47 -26.10 10.27
N ILE B 229 -13.54 -25.51 9.53
CA ILE B 229 -12.48 -24.73 10.18
C ILE B 229 -13.05 -23.43 10.74
N THR B 230 -13.97 -22.78 10.01
CA THR B 230 -14.59 -21.57 10.54
C THR B 230 -15.33 -21.85 11.85
N THR B 231 -16.10 -22.94 11.90
CA THR B 231 -16.81 -23.30 13.12
C THR B 231 -15.83 -23.67 14.24
N ALA B 232 -14.76 -24.40 13.92
CA ALA B 232 -13.77 -24.75 14.93
C ALA B 232 -13.12 -23.52 15.52
N LYS B 233 -12.87 -22.50 14.69
CA LYS B 233 -12.33 -21.25 15.20
C LYS B 233 -13.34 -20.50 16.05
N SER B 234 -14.63 -20.68 15.77
CA SER B 234 -15.66 -19.96 16.52
C SER B 234 -16.01 -20.61 17.85
N GLN B 235 -15.70 -21.89 18.04
CA GLN B 235 -16.13 -22.57 19.24
C GLN B 235 -15.20 -22.29 20.41
N GLU B 236 -15.70 -22.58 21.62
CA GLU B 236 -15.03 -22.20 22.86
C GLU B 236 -14.11 -23.28 23.41
N GLY B 237 -14.15 -24.50 22.86
CA GLY B 237 -13.22 -25.53 23.28
C GLY B 237 -12.26 -25.91 22.17
N PRO B 238 -11.27 -26.74 22.48
CA PRO B 238 -10.44 -27.32 21.41
C PRO B 238 -11.30 -28.22 20.53
N THR B 239 -11.03 -28.19 19.23
CA THR B 239 -11.90 -28.83 18.25
C THR B 239 -11.09 -29.81 17.40
N ILE B 240 -11.58 -31.03 17.26
CA ILE B 240 -11.07 -32.00 16.30
C ILE B 240 -12.08 -32.15 15.17
N ILE B 241 -11.59 -32.11 13.94
CA ILE B 241 -12.41 -32.32 12.75
C ILE B 241 -11.99 -33.65 12.14
N GLU B 242 -12.91 -34.62 12.17
CA GLU B 242 -12.68 -35.90 11.52
C GLU B 242 -12.99 -35.74 10.04
N VAL B 243 -11.95 -35.78 9.21
CA VAL B 243 -12.08 -35.68 7.77
C VAL B 243 -11.98 -37.07 7.19
N LYS B 244 -13.07 -37.57 6.60
CA LYS B 244 -13.11 -38.91 6.05
C LYS B 244 -12.51 -38.87 4.64
N THR B 245 -11.32 -39.44 4.49
CA THR B 245 -10.59 -39.42 3.24
C THR B 245 -10.20 -40.84 2.86
N THR B 246 -10.01 -41.06 1.56
CA THR B 246 -9.51 -42.31 1.03
C THR B 246 -7.99 -42.22 0.91
N ILE B 247 -7.28 -43.18 1.53
CA ILE B 247 -5.83 -43.17 1.48
C ILE B 247 -5.37 -43.43 0.05
N GLY B 248 -4.54 -42.54 -0.47
CA GLY B 248 -4.11 -42.61 -1.86
C GLY B 248 -5.23 -42.42 -2.85
N PHE B 249 -6.14 -41.49 -2.60
CA PHE B 249 -7.25 -41.23 -3.52
C PHE B 249 -6.73 -40.86 -4.91
N GLY B 250 -7.35 -41.43 -5.94
CA GLY B 250 -6.95 -41.20 -7.30
C GLY B 250 -6.19 -42.34 -7.95
N SER B 251 -5.70 -43.30 -7.15
CA SER B 251 -5.00 -44.46 -7.70
C SER B 251 -5.99 -45.58 -7.95
N PRO B 252 -6.15 -46.05 -9.19
CA PRO B 252 -7.16 -47.10 -9.45
C PRO B 252 -6.95 -48.37 -8.65
N ASN B 253 -5.70 -48.82 -8.49
CA ASN B 253 -5.45 -50.14 -7.93
C ASN B 253 -4.85 -50.14 -6.53
N LYS B 254 -4.24 -49.03 -6.09
CA LYS B 254 -3.63 -48.96 -4.78
C LYS B 254 -4.42 -48.14 -3.78
N ALA B 255 -5.57 -47.58 -4.17
CA ALA B 255 -6.34 -46.75 -3.26
C ALA B 255 -7.09 -47.61 -2.24
N GLY B 256 -7.21 -47.09 -1.03
CA GLY B 256 -7.85 -47.83 0.05
C GLY B 256 -7.02 -48.94 0.64
N THR B 257 -5.70 -48.93 0.43
CA THR B 257 -4.82 -49.99 0.89
C THR B 257 -3.73 -49.41 1.77
N ASN B 258 -3.06 -50.29 2.51
CA ASN B 258 -1.85 -49.92 3.24
C ASN B 258 -0.62 -49.91 2.35
N GLY B 259 -0.72 -50.41 1.12
CA GLY B 259 0.43 -50.40 0.22
C GLY B 259 0.75 -49.00 -0.29
N VAL B 260 -0.28 -48.21 -0.58
CA VAL B 260 -0.09 -46.82 -0.97
C VAL B 260 0.34 -45.95 0.20
N HIS B 261 0.40 -46.51 1.41
CA HIS B 261 0.73 -45.71 2.59
C HIS B 261 2.21 -45.37 2.65
N GLY B 262 3.08 -46.34 2.35
CA GLY B 262 4.50 -46.13 2.55
C GLY B 262 5.40 -46.52 1.40
N ALA B 263 4.83 -46.74 0.21
CA ALA B 263 5.63 -47.14 -0.92
C ALA B 263 5.36 -46.23 -2.12
N PRO B 264 6.39 -45.89 -2.90
CA PRO B 264 6.16 -45.15 -4.14
C PRO B 264 5.15 -45.86 -5.02
N LEU B 265 4.38 -45.06 -5.77
CA LEU B 265 3.29 -45.62 -6.58
C LEU B 265 3.79 -46.52 -7.69
N GLY B 266 5.00 -46.27 -8.20
CA GLY B 266 5.36 -46.88 -9.46
C GLY B 266 4.86 -46.07 -10.63
N GLU B 267 5.63 -46.10 -11.72
CA GLU B 267 5.34 -45.22 -12.85
C GLU B 267 4.04 -45.62 -13.55
N VAL B 268 3.74 -46.93 -13.61
CA VAL B 268 2.50 -47.39 -14.22
C VAL B 268 1.29 -46.82 -13.47
N GLU B 269 1.25 -47.11 -12.16
CA GLU B 269 0.18 -46.56 -11.32
C GLU B 269 0.22 -45.04 -11.30
N ARG B 270 1.41 -44.44 -11.38
CA ARG B 270 1.50 -42.98 -11.46
C ARG B 270 0.77 -42.46 -12.69
N LYS B 271 0.99 -43.10 -13.84
CA LYS B 271 0.35 -42.66 -15.08
C LYS B 271 -1.17 -42.79 -14.97
N LEU B 272 -1.64 -43.93 -14.43
CA LEU B 272 -3.08 -44.11 -14.28
C LEU B 272 -3.67 -43.08 -13.32
N THR B 273 -2.96 -42.80 -12.21
CA THR B 273 -3.42 -41.85 -11.22
C THR B 273 -3.47 -40.43 -11.79
N PHE B 274 -2.45 -40.04 -12.56
CA PHE B 274 -2.47 -38.73 -13.19
C PHE B 274 -3.59 -38.61 -14.20
N GLU B 275 -3.92 -39.72 -14.87
CA GLU B 275 -5.09 -39.71 -15.75
C GLU B 275 -6.37 -39.43 -14.96
N ASN B 276 -6.51 -40.09 -13.79
CA ASN B 276 -7.68 -39.81 -12.96
C ASN B 276 -7.73 -38.35 -12.52
N TYR B 277 -6.56 -37.76 -12.23
CA TYR B 277 -6.48 -36.35 -11.85
C TYR B 277 -6.64 -35.40 -13.03
N GLY B 278 -6.66 -35.92 -14.26
CA GLY B 278 -6.70 -35.05 -15.42
C GLY B 278 -5.39 -34.33 -15.71
N LEU B 279 -4.29 -34.81 -15.15
CA LEU B 279 -2.96 -34.21 -15.37
C LEU B 279 -2.18 -34.98 -16.42
N ASP B 280 -1.18 -34.32 -16.99
CA ASP B 280 -0.35 -34.93 -18.02
C ASP B 280 0.68 -35.85 -17.39
N PRO B 281 0.65 -37.16 -17.68
CA PRO B 281 1.65 -38.06 -17.10
C PRO B 281 3.04 -37.84 -17.63
N GLU B 282 3.20 -37.13 -18.75
CA GLU B 282 4.54 -36.92 -19.31
C GLU B 282 5.31 -35.88 -18.52
N LYS B 283 4.64 -34.79 -18.12
CA LYS B 283 5.30 -33.72 -17.39
C LYS B 283 5.53 -34.13 -15.94
N ARG B 284 6.76 -33.95 -15.46
CA ARG B 284 7.13 -34.21 -14.08
C ARG B 284 7.52 -32.91 -13.40
N PHE B 285 7.13 -32.77 -12.12
CA PHE B 285 7.42 -31.58 -11.34
C PHE B 285 6.90 -30.32 -12.04
N ASN B 286 5.60 -30.36 -12.35
CA ASN B 286 4.94 -29.33 -13.13
C ASN B 286 3.88 -28.67 -12.27
N VAL B 287 4.11 -27.40 -11.92
CA VAL B 287 3.12 -26.57 -11.24
C VAL B 287 2.71 -25.47 -12.21
N SER B 288 1.41 -25.40 -12.51
CA SER B 288 0.91 -24.28 -13.30
C SER B 288 1.05 -22.99 -12.51
N GLU B 289 1.21 -21.88 -13.23
CA GLU B 289 1.34 -20.59 -12.57
C GLU B 289 0.04 -20.13 -11.94
N GLU B 290 -1.09 -20.75 -12.30
CA GLU B 290 -2.35 -20.47 -11.61
C GLU B 290 -2.26 -20.83 -10.13
N VAL B 291 -1.61 -21.95 -9.81
CA VAL B 291 -1.53 -22.37 -8.41
C VAL B 291 -0.66 -21.41 -7.60
N TYR B 292 0.52 -21.07 -8.14
CA TYR B 292 1.34 -20.03 -7.55
C TYR B 292 0.52 -18.76 -7.32
N GLU B 293 -0.29 -18.38 -8.30
CA GLU B 293 -1.10 -17.17 -8.19
C GLU B 293 -2.13 -17.28 -7.07
N ILE B 294 -2.77 -18.45 -6.96
CA ILE B 294 -3.75 -18.64 -5.89
C ILE B 294 -3.09 -18.44 -4.54
N PHE B 295 -1.96 -19.11 -4.32
CA PHE B 295 -1.31 -18.99 -3.02
C PHE B 295 -0.80 -17.58 -2.77
N GLN B 296 -0.42 -16.86 -3.84
CA GLN B 296 0.02 -15.48 -3.67
C GLN B 296 -1.13 -14.57 -3.28
N ASN B 297 -2.29 -14.73 -3.92
CA ASN B 297 -3.42 -13.84 -3.66
C ASN B 297 -4.09 -14.13 -2.33
N THR B 298 -3.95 -15.34 -1.80
CA THR B 298 -4.71 -15.75 -0.63
C THR B 298 -3.87 -15.68 0.64
N MET B 299 -3.07 -16.72 0.88
CA MET B 299 -2.39 -16.84 2.16
C MET B 299 -1.33 -15.76 2.33
N LEU B 300 -0.55 -15.48 1.29
CA LEU B 300 0.61 -14.59 1.43
C LEU B 300 0.17 -13.15 1.67
N LYS B 301 -0.72 -12.64 0.81
CA LYS B 301 -1.25 -11.30 0.99
C LYS B 301 -1.85 -11.13 2.38
N ARG B 302 -2.70 -12.07 2.79
CA ARG B 302 -3.38 -11.98 4.08
C ARG B 302 -2.38 -12.02 5.22
N ALA B 303 -1.36 -12.89 5.13
CA ALA B 303 -0.38 -13.00 6.21
C ALA B 303 0.44 -11.72 6.33
N ASN B 304 0.79 -11.13 5.18
CA ASN B 304 1.58 -9.91 5.24
C ASN B 304 0.77 -8.74 5.80
N GLU B 305 -0.51 -8.64 5.45
CA GLU B 305 -1.33 -7.59 6.04
C GLU B 305 -1.50 -7.80 7.54
N ASP B 306 -1.76 -9.05 7.95
CA ASP B 306 -1.76 -9.42 9.36
C ASP B 306 -0.52 -8.90 10.07
N GLU B 307 0.66 -9.15 9.50
CA GLU B 307 1.89 -8.76 10.16
C GLU B 307 2.07 -7.25 10.19
N SER B 308 1.65 -6.55 9.13
CA SER B 308 1.75 -5.09 9.13
C SER B 308 0.91 -4.50 10.25
N GLN B 309 -0.34 -4.95 10.37
CA GLN B 309 -1.19 -4.51 11.46
C GLN B 309 -0.56 -4.84 12.81
N TRP B 310 0.04 -6.02 12.93
CA TRP B 310 0.66 -6.42 14.20
C TRP B 310 1.81 -5.49 14.57
N ASN B 311 2.66 -5.14 13.61
CA ASN B 311 3.78 -4.25 13.89
C ASN B 311 3.29 -2.88 14.32
N SER B 312 2.26 -2.35 13.66
CA SER B 312 1.71 -1.07 14.08
C SER B 312 1.11 -1.14 15.48
N LEU B 313 0.43 -2.25 15.79
CA LEU B 313 -0.15 -2.42 17.12
C LEU B 313 0.94 -2.49 18.17
N LEU B 314 2.08 -3.11 17.85
CA LEU B 314 3.19 -3.14 18.81
C LEU B 314 3.77 -1.74 19.02
N GLU B 315 3.89 -0.95 17.95
CA GLU B 315 4.37 0.42 18.12
C GLU B 315 3.46 1.22 19.03
N LYS B 316 2.14 1.03 18.91
CA LYS B 316 1.22 1.75 19.79
C LYS B 316 1.30 1.21 21.22
N TYR B 317 1.43 -0.11 21.34
CA TYR B 317 1.66 -0.77 22.62
C TYR B 317 2.82 -0.13 23.38
N ALA B 318 3.95 0.07 22.69
CA ALA B 318 5.13 0.64 23.35
C ALA B 318 4.86 2.04 23.88
N GLU B 319 4.03 2.83 23.20
CA GLU B 319 3.66 4.14 23.75
C GLU B 319 2.78 3.98 24.98
N THR B 320 1.76 3.12 24.90
CA THR B 320 0.80 3.03 26.00
C THR B 320 1.36 2.23 27.17
N TYR B 321 2.08 1.15 26.92
CA TYR B 321 2.65 0.30 27.97
C TYR B 321 4.12 0.04 27.67
N PRO B 322 4.97 1.05 27.89
CA PRO B 322 6.39 0.92 27.48
C PRO B 322 7.15 -0.23 28.11
N GLU B 323 7.22 -0.27 29.45
CA GLU B 323 7.94 -1.34 30.14
C GLU B 323 7.46 -2.72 29.71
N LEU B 324 6.15 -2.89 29.57
CA LEU B 324 5.58 -4.17 29.18
C LEU B 324 5.97 -4.52 27.75
N ALA B 325 6.04 -3.52 26.87
CA ALA B 325 6.47 -3.78 25.50
C ALA B 325 7.94 -4.18 25.44
N GLU B 326 8.78 -3.53 26.24
CA GLU B 326 10.19 -3.92 26.28
C GLU B 326 10.35 -5.35 26.80
N GLU B 327 9.55 -5.72 27.80
CA GLU B 327 9.62 -7.08 28.31
C GLU B 327 9.11 -8.08 27.27
N PHE B 328 8.08 -7.70 26.52
CA PHE B 328 7.59 -8.53 25.42
C PHE B 328 8.67 -8.76 24.36
N LYS B 329 9.38 -7.70 23.98
CA LYS B 329 10.43 -7.84 22.96
C LYS B 329 11.59 -8.68 23.48
N LEU B 330 11.97 -8.51 24.76
CA LEU B 330 13.03 -9.33 25.31
C LEU B 330 12.61 -10.80 25.34
N ALA B 331 11.34 -11.08 25.65
CA ALA B 331 10.87 -12.46 25.62
C ALA B 331 10.89 -13.04 24.22
N ILE B 332 10.49 -12.25 23.22
CA ILE B 332 10.54 -12.72 21.84
C ILE B 332 11.98 -13.03 21.45
N SER B 333 12.92 -12.15 21.83
CA SER B 333 14.32 -12.37 21.48
C SER B 333 14.92 -13.62 22.13
N GLY B 334 14.19 -14.27 23.02
CA GLY B 334 14.72 -15.42 23.74
C GLY B 334 15.82 -15.09 24.74
N LYS B 335 15.99 -13.81 25.09
CA LYS B 335 17.08 -13.39 25.93
C LYS B 335 16.69 -13.37 27.41
N LEU B 336 17.70 -13.24 28.25
CA LEU B 336 17.54 -13.12 29.69
C LEU B 336 17.81 -11.69 30.14
N PRO B 337 17.09 -11.20 31.14
CA PRO B 337 17.39 -9.86 31.67
C PRO B 337 18.81 -9.80 32.20
N LYS B 338 19.47 -8.67 31.95
CA LYS B 338 20.84 -8.50 32.41
C LYS B 338 20.89 -8.50 33.94
N ASN B 339 21.97 -9.07 34.48
CA ASN B 339 22.21 -9.11 35.92
C ASN B 339 21.09 -9.83 36.68
N TYR B 340 20.39 -10.75 36.01
CA TYR B 340 19.38 -11.54 36.72
C TYR B 340 20.03 -12.39 37.81
N LYS B 341 21.18 -13.00 37.51
CA LYS B 341 21.85 -13.89 38.44
C LYS B 341 22.27 -13.20 39.73
N ASP B 342 22.33 -11.86 39.75
CA ASP B 342 22.66 -11.17 40.98
C ASP B 342 21.62 -11.42 42.05
N GLU B 343 20.38 -11.69 41.67
CA GLU B 343 19.32 -11.96 42.63
C GLU B 343 19.18 -13.45 42.94
N LEU B 344 20.17 -14.24 42.58
CA LEU B 344 20.02 -15.67 42.80
C LEU B 344 20.62 -16.07 44.15
N PRO B 345 20.10 -17.15 44.75
CA PRO B 345 20.44 -17.45 46.14
C PRO B 345 21.90 -17.83 46.33
N ARG B 346 22.41 -17.49 47.50
CA ARG B 346 23.76 -17.87 47.94
C ARG B 346 23.65 -18.73 49.18
N PHE B 347 24.31 -19.89 49.16
CA PHE B 347 24.33 -20.81 50.29
C PHE B 347 25.74 -20.89 50.86
N GLU B 348 25.85 -20.84 52.18
CA GLU B 348 27.11 -20.69 52.87
C GLU B 348 27.46 -21.93 53.69
N LEU B 349 28.71 -21.97 54.15
CA LEU B 349 29.21 -23.10 54.92
C LEU B 349 28.33 -23.36 56.13
N GLY B 350 27.95 -24.62 56.32
CA GLY B 350 26.99 -25.00 57.34
C GLY B 350 25.58 -25.18 56.83
N HIS B 351 25.32 -24.84 55.57
CA HIS B 351 24.03 -25.10 54.98
C HIS B 351 23.96 -26.56 54.53
N ASN B 352 22.92 -27.26 54.98
CA ASN B 352 22.64 -28.62 54.55
C ASN B 352 21.25 -28.61 53.94
N GLY B 353 21.17 -28.86 52.64
CA GLY B 353 19.90 -28.74 51.94
C GLY B 353 19.82 -29.70 50.78
N ALA B 354 18.62 -30.17 50.50
CA ALA B 354 18.42 -31.05 49.36
C ALA B 354 18.47 -30.23 48.06
N SER B 355 18.85 -30.90 46.98
CA SER B 355 18.91 -30.22 45.69
C SER B 355 17.53 -29.78 45.21
N ARG B 356 16.47 -30.47 45.63
CA ARG B 356 15.13 -30.02 45.29
C ARG B 356 14.80 -28.72 46.03
N ALA B 357 15.22 -28.60 47.29
CA ALA B 357 14.89 -27.41 48.07
C ALA B 357 15.67 -26.19 47.59
N ASP B 358 16.97 -26.35 47.36
CA ASP B 358 17.77 -25.24 46.85
C ASP B 358 17.36 -24.90 45.42
N SER B 359 17.01 -25.93 44.64
CA SER B 359 16.32 -25.70 43.37
C SER B 359 15.13 -24.78 43.54
N GLY B 360 14.23 -25.11 44.48
CA GLY B 360 13.04 -24.31 44.68
C GLY B 360 13.33 -22.89 45.11
N THR B 361 14.33 -22.70 45.96
CA THR B 361 14.74 -21.35 46.34
C THR B 361 15.16 -20.56 45.10
N VAL B 362 16.03 -21.17 44.29
CA VAL B 362 16.46 -20.55 43.04
C VAL B 362 15.25 -20.23 42.16
N ILE B 363 14.32 -21.19 42.02
CA ILE B 363 13.15 -21.02 41.17
C ILE B 363 12.30 -19.84 41.63
N GLN B 364 12.11 -19.72 42.94
CA GLN B 364 11.38 -18.59 43.49
C GLN B 364 12.09 -17.28 43.18
N ALA B 365 13.42 -17.29 43.10
CA ALA B 365 14.13 -16.08 42.68
C ALA B 365 13.99 -15.84 41.16
N ILE B 366 14.05 -16.90 40.37
CA ILE B 366 14.02 -16.79 38.92
C ILE B 366 12.71 -16.19 38.46
N SER B 367 11.58 -16.72 38.96
CA SER B 367 10.29 -16.22 38.52
C SER B 367 10.13 -14.73 38.80
N LYS B 368 10.74 -14.24 39.88
CA LYS B 368 10.71 -12.82 40.18
C LYS B 368 11.56 -12.04 39.18
N THR B 369 12.79 -12.50 38.93
CA THR B 369 13.71 -11.73 38.09
C THR B 369 13.59 -12.04 36.60
N VAL B 370 13.22 -13.26 36.23
CA VAL B 370 13.11 -13.64 34.83
C VAL B 370 11.62 -13.75 34.49
N PRO B 371 11.04 -12.78 33.77
CA PRO B 371 9.59 -12.78 33.55
C PRO B 371 9.10 -13.79 32.53
N SER B 372 10.00 -14.43 31.79
CA SER B 372 9.61 -15.43 30.79
C SER B 372 9.57 -16.84 31.36
N PHE B 373 9.87 -17.00 32.65
CA PHE B 373 9.87 -18.31 33.30
C PHE B 373 8.45 -18.87 33.36
N PHE B 374 8.30 -20.13 32.95
CA PHE B 374 7.00 -20.79 32.90
C PHE B 374 7.21 -22.29 33.04
N GLY B 375 6.28 -22.96 33.71
CA GLY B 375 6.37 -24.39 33.86
C GLY B 375 5.57 -24.86 35.05
N GLY B 376 5.77 -26.13 35.37
CA GLY B 376 5.08 -26.76 36.47
C GLY B 376 5.54 -28.19 36.66
N SER B 377 4.68 -29.03 37.24
CA SER B 377 5.05 -30.40 37.55
C SER B 377 3.92 -31.33 37.14
N ALA B 378 4.25 -32.62 37.11
CA ALA B 378 3.28 -33.66 36.78
C ALA B 378 2.77 -34.31 38.08
N ASP B 379 2.03 -33.50 38.85
CA ASP B 379 1.45 -33.91 40.14
C ASP B 379 2.52 -34.20 41.19
N LEU B 380 3.69 -33.59 41.08
CA LEU B 380 4.76 -33.79 42.05
C LEU B 380 5.40 -32.47 42.47
N ALA B 381 4.72 -31.35 42.22
CA ALA B 381 5.30 -30.04 42.53
C ALA B 381 5.63 -29.91 44.01
N GLY B 382 4.81 -30.50 44.87
CA GLY B 382 5.15 -30.52 46.29
C GLY B 382 6.43 -31.28 46.56
N SER B 383 6.63 -32.40 45.86
CA SER B 383 7.87 -33.16 46.00
C SER B 383 9.03 -32.47 45.29
N ASN B 384 8.87 -32.17 43.99
CA ASN B 384 9.94 -31.58 43.22
C ASN B 384 10.32 -30.18 43.72
N LYS B 385 9.43 -29.53 44.47
CA LYS B 385 9.61 -28.15 44.92
C LYS B 385 9.86 -27.22 43.72
N SER B 386 8.99 -27.35 42.72
CA SER B 386 9.03 -26.53 41.52
C SER B 386 7.97 -25.43 41.52
N ASN B 387 7.07 -25.43 42.52
CA ASN B 387 6.01 -24.45 42.56
C ASN B 387 6.55 -23.06 42.87
N VAL B 388 6.04 -22.06 42.14
CA VAL B 388 6.31 -20.66 42.43
C VAL B 388 5.26 -20.23 43.45
N ASN B 389 5.67 -20.09 44.72
CA ASN B 389 4.73 -19.84 45.79
C ASN B 389 4.10 -18.46 45.69
N ASP B 390 4.81 -17.50 45.11
CA ASP B 390 4.32 -16.13 44.98
C ASP B 390 3.37 -15.93 43.80
N ALA B 391 2.96 -17.00 43.12
CA ALA B 391 2.24 -16.86 41.85
C ALA B 391 1.00 -17.74 41.82
N THR B 392 0.13 -17.42 40.85
CA THR B 392 -1.15 -18.08 40.63
C THR B 392 -0.97 -19.33 39.80
N ASP B 393 -1.99 -20.18 39.78
CA ASP B 393 -1.98 -21.38 38.96
C ASP B 393 -2.60 -21.11 37.60
N TYR B 394 -2.06 -21.74 36.56
CA TYR B 394 -2.61 -21.58 35.23
C TYR B 394 -3.97 -22.26 35.12
N SER B 395 -4.90 -21.59 34.46
CA SER B 395 -6.24 -22.13 34.23
C SER B 395 -6.86 -21.41 33.04
N SER B 396 -8.07 -21.81 32.68
CA SER B 396 -8.82 -21.07 31.68
C SER B 396 -9.21 -19.68 32.19
N GLU B 397 -9.43 -19.55 33.50
CA GLU B 397 -9.82 -18.27 34.08
C GLU B 397 -8.63 -17.37 34.39
N THR B 398 -7.44 -17.95 34.56
CA THR B 398 -6.24 -17.20 34.92
C THR B 398 -5.10 -17.65 34.03
N PRO B 399 -5.15 -17.32 32.73
CA PRO B 399 -4.08 -17.76 31.82
C PRO B 399 -2.75 -17.09 32.09
N GLU B 400 -2.73 -15.98 32.83
CA GLU B 400 -1.51 -15.35 33.28
C GLU B 400 -0.84 -16.11 34.43
N GLY B 401 -1.42 -17.20 34.91
CA GLY B 401 -0.82 -17.93 36.00
C GLY B 401 0.45 -18.64 35.56
N LYS B 402 1.46 -18.64 36.44
CA LYS B 402 2.79 -19.14 36.11
C LYS B 402 3.06 -20.54 36.66
N ASN B 403 2.05 -21.20 37.23
CA ASN B 403 2.17 -22.56 37.71
C ASN B 403 1.22 -23.44 36.92
N VAL B 404 1.77 -24.40 36.18
CA VAL B 404 0.99 -25.32 35.36
C VAL B 404 0.83 -26.63 36.12
N TRP B 405 -0.38 -27.17 36.09
CA TRP B 405 -0.70 -28.46 36.71
C TRP B 405 -0.93 -29.45 35.58
N PHE B 406 0.10 -30.24 35.27
CA PHE B 406 0.01 -31.19 34.17
C PHE B 406 -0.70 -32.49 34.55
N GLY B 407 -0.72 -32.81 35.85
CA GLY B 407 -1.23 -34.10 36.29
C GLY B 407 -0.28 -35.22 35.91
N VAL B 408 -0.77 -36.45 36.06
CA VAL B 408 0.06 -37.62 35.78
C VAL B 408 0.16 -37.82 34.27
N ARG B 409 0.85 -36.89 33.58
CA ARG B 409 0.95 -36.83 32.12
C ARG B 409 2.38 -36.43 31.75
N GLU B 410 3.34 -37.35 31.93
CA GLU B 410 4.75 -36.97 31.81
C GLU B 410 5.15 -36.77 30.36
N PHE B 411 4.78 -37.71 29.48
CA PHE B 411 5.13 -37.59 28.06
C PHE B 411 4.50 -36.35 27.45
N ALA B 412 3.20 -36.14 27.69
CA ALA B 412 2.53 -34.93 27.22
C ALA B 412 3.16 -33.68 27.80
N MET B 413 3.65 -33.77 29.04
CA MET B 413 4.26 -32.61 29.68
C MET B 413 5.58 -32.24 29.01
N GLY B 414 6.42 -33.24 28.73
CA GLY B 414 7.67 -32.98 28.04
C GLY B 414 7.44 -32.43 26.64
N ALA B 415 6.47 -33.00 25.92
CA ALA B 415 6.14 -32.48 24.60
C ALA B 415 5.56 -31.06 24.68
N ALA B 416 4.81 -30.75 25.74
CA ALA B 416 4.26 -29.41 25.88
C ALA B 416 5.36 -28.40 26.19
N VAL B 417 6.30 -28.77 27.04
CA VAL B 417 7.47 -27.93 27.29
C VAL B 417 8.19 -27.66 25.97
N ASN B 418 8.35 -28.69 25.14
CA ASN B 418 9.05 -28.53 23.88
C ASN B 418 8.29 -27.58 22.95
N GLY B 419 6.97 -27.74 22.85
CA GLY B 419 6.17 -26.82 22.04
C GLY B 419 6.26 -25.39 22.53
N MET B 420 6.25 -25.19 23.85
CA MET B 420 6.44 -23.86 24.41
C MET B 420 7.79 -23.29 24.01
N ALA B 421 8.84 -24.11 24.07
CA ALA B 421 10.15 -23.65 23.66
C ALA B 421 10.15 -23.25 22.18
N ALA B 422 9.43 -24.01 21.36
CA ALA B 422 9.35 -23.70 19.93
C ALA B 422 8.60 -22.40 19.68
N HIS B 423 7.54 -22.15 20.46
CA HIS B 423 6.69 -20.99 20.23
C HIS B 423 7.47 -19.69 20.32
N GLY B 424 8.37 -19.59 21.29
CA GLY B 424 9.06 -18.34 21.54
C GLY B 424 8.34 -17.49 22.58
N GLY B 425 9.13 -16.73 23.33
CA GLY B 425 8.61 -15.86 24.37
C GLY B 425 8.56 -16.48 25.75
N LEU B 426 8.99 -17.73 25.90
CA LEU B 426 8.91 -18.43 27.17
C LEU B 426 10.25 -19.08 27.50
N HIS B 427 10.45 -19.31 28.79
CA HIS B 427 11.55 -20.12 29.30
C HIS B 427 10.90 -21.31 30.01
N PRO B 428 10.46 -22.30 29.26
CA PRO B 428 9.60 -23.34 29.82
C PRO B 428 10.41 -24.35 30.61
N TYR B 429 9.75 -24.92 31.63
CA TYR B 429 10.41 -25.93 32.43
C TYR B 429 9.44 -27.05 32.78
N GLY B 430 10.01 -28.24 33.01
CA GLY B 430 9.24 -29.37 33.45
C GLY B 430 9.87 -30.01 34.67
N ALA B 431 9.04 -30.75 35.40
CA ALA B 431 9.45 -31.36 36.66
C ALA B 431 8.69 -32.68 36.86
N THR B 432 9.43 -33.73 37.20
CA THR B 432 8.89 -34.99 37.70
C THR B 432 10.01 -35.69 38.46
N PHE B 433 9.79 -36.96 38.80
CA PHE B 433 10.84 -37.76 39.42
C PHE B 433 11.79 -38.31 38.36
N PHE B 434 13.06 -38.44 38.73
CA PHE B 434 14.07 -38.92 37.80
C PHE B 434 13.69 -40.29 37.24
N VAL B 435 13.12 -41.16 38.09
CA VAL B 435 12.79 -42.51 37.65
C VAL B 435 11.76 -42.48 36.54
N PHE B 436 10.84 -41.52 36.56
CA PHE B 436 9.84 -41.41 35.52
C PHE B 436 10.28 -40.52 34.37
N SER B 437 11.56 -40.17 34.31
CA SER B 437 12.10 -39.52 33.12
C SER B 437 11.92 -40.40 31.89
N ASP B 438 11.87 -41.72 32.10
CA ASP B 438 11.64 -42.65 30.99
C ASP B 438 10.28 -42.45 30.36
N TYR B 439 9.31 -41.90 31.12
CA TYR B 439 7.99 -41.66 30.56
C TYR B 439 8.03 -40.57 29.49
N LEU B 440 9.00 -39.66 29.56
CA LEU B 440 9.10 -38.56 28.61
C LEU B 440 10.42 -38.59 27.83
N LYS B 441 11.05 -39.76 27.72
CA LYS B 441 12.32 -39.86 26.99
C LYS B 441 12.20 -39.51 25.51
N PRO B 442 11.20 -40.00 24.77
CA PRO B 442 11.10 -39.62 23.35
C PRO B 442 11.00 -38.12 23.14
N ALA B 443 10.34 -37.41 24.07
CA ALA B 443 10.27 -35.95 23.96
C ALA B 443 11.62 -35.31 24.24
N LEU B 444 12.39 -35.89 25.17
CA LEU B 444 13.73 -35.40 25.43
C LEU B 444 14.59 -35.51 24.18
N ARG B 445 14.47 -36.64 23.46
CA ARG B 445 15.24 -36.83 22.23
C ARG B 445 14.95 -35.74 21.21
N LEU B 446 13.67 -35.40 21.02
CA LEU B 446 13.34 -34.36 20.06
C LEU B 446 13.77 -32.98 20.56
N SER B 447 13.71 -32.75 21.87
CA SER B 447 14.29 -31.53 22.42
C SER B 447 15.76 -31.40 22.02
N SER B 448 16.49 -32.51 22.07
CA SER B 448 17.91 -32.47 21.74
C SER B 448 18.15 -32.32 20.23
N ILE B 449 17.32 -32.98 19.41
CA ILE B 449 17.45 -32.86 17.96
C ILE B 449 17.15 -31.44 17.50
N MET B 450 16.12 -30.82 18.08
CA MET B 450 15.66 -29.50 17.69
C MET B 450 16.48 -28.38 18.31
N GLY B 451 17.20 -28.67 19.40
CA GLY B 451 17.98 -27.66 20.07
C GLY B 451 17.11 -26.62 20.75
N LEU B 452 16.19 -27.08 21.60
CA LEU B 452 15.26 -26.22 22.29
C LEU B 452 15.76 -25.92 23.70
N ASN B 453 15.64 -24.65 24.11
CA ASN B 453 15.99 -24.24 25.47
C ASN B 453 14.84 -24.67 26.40
N ALA B 454 14.82 -25.97 26.69
CA ALA B 454 13.90 -26.55 27.64
C ALA B 454 14.68 -27.03 28.86
N THR B 455 14.03 -26.97 30.02
CA THR B 455 14.66 -27.33 31.28
C THR B 455 13.76 -28.31 32.02
N PHE B 456 14.28 -29.49 32.32
CA PHE B 456 13.51 -30.57 32.93
C PHE B 456 14.05 -30.85 34.32
N ILE B 457 13.26 -30.53 35.33
CA ILE B 457 13.63 -30.75 36.73
C ILE B 457 13.32 -32.20 37.06
N PHE B 458 14.37 -32.99 37.31
CA PHE B 458 14.24 -34.39 37.70
C PHE B 458 14.74 -34.52 39.13
N THR B 459 13.84 -34.81 40.07
CA THR B 459 14.21 -34.99 41.47
C THR B 459 14.15 -36.47 41.84
N HIS B 460 14.60 -36.76 43.05
CA HIS B 460 14.64 -38.13 43.60
C HIS B 460 15.49 -39.04 42.71
N ASP B 461 16.80 -38.78 42.76
CA ASP B 461 17.71 -39.20 41.72
C ASP B 461 18.43 -40.52 41.98
N SER B 462 18.36 -41.08 43.18
CA SER B 462 19.24 -42.17 43.55
C SER B 462 18.48 -43.19 44.38
N ILE B 463 19.23 -44.14 44.95
CA ILE B 463 18.65 -45.10 45.89
C ILE B 463 18.39 -44.48 47.25
N ALA B 464 18.67 -43.19 47.42
CA ALA B 464 18.42 -42.53 48.68
C ALA B 464 16.95 -42.16 48.87
N VAL B 465 16.12 -42.31 47.83
CA VAL B 465 14.67 -42.21 47.99
C VAL B 465 14.22 -43.07 49.16
N GLY B 466 14.64 -44.33 49.16
CA GLY B 466 14.47 -45.18 50.30
C GLY B 466 13.25 -46.07 50.26
N GLU B 467 12.29 -45.78 51.13
CA GLU B 467 11.19 -46.70 51.38
C GLU B 467 10.27 -46.87 50.17
N ASP B 468 10.30 -45.95 49.21
CA ASP B 468 9.45 -46.11 48.03
C ASP B 468 9.86 -47.35 47.23
N GLY B 469 11.15 -47.68 47.20
CA GLY B 469 11.59 -48.96 46.70
C GLY B 469 12.25 -48.93 45.33
N PRO B 470 12.51 -50.12 44.79
CA PRO B 470 13.32 -50.21 43.56
C PRO B 470 12.68 -49.57 42.33
N THR B 471 11.36 -49.72 42.17
CA THR B 471 10.69 -49.14 41.01
C THR B 471 10.66 -47.63 41.03
N HIS B 472 10.96 -47.00 42.18
CA HIS B 472 11.02 -45.55 42.30
C HIS B 472 12.44 -45.05 42.53
N GLU B 473 13.45 -45.92 42.37
CA GLU B 473 14.83 -45.57 42.68
C GLU B 473 15.67 -45.63 41.41
N PRO B 474 16.19 -44.49 40.94
CA PRO B 474 16.92 -44.47 39.67
C PRO B 474 18.25 -45.20 39.77
N ILE B 475 18.60 -45.90 38.69
CA ILE B 475 19.92 -46.51 38.53
C ILE B 475 20.50 -46.13 37.17
N GLU B 476 19.75 -46.43 36.11
CA GLU B 476 20.26 -46.37 34.74
C GLU B 476 19.83 -45.14 33.96
N GLN B 477 19.10 -44.21 34.60
CA GLN B 477 18.58 -43.07 33.87
C GLN B 477 19.68 -42.09 33.50
N LEU B 478 20.64 -41.89 34.40
CA LEU B 478 21.77 -41.00 34.12
C LEU B 478 22.50 -41.40 32.84
N ALA B 479 22.76 -42.70 32.66
CA ALA B 479 23.52 -43.14 31.51
C ALA B 479 22.72 -42.99 30.22
N GLY B 480 21.46 -43.44 30.24
CA GLY B 480 20.62 -43.29 29.06
C GLY B 480 20.43 -41.84 28.63
N LEU B 481 20.43 -40.92 29.59
CA LEU B 481 20.34 -39.51 29.24
C LEU B 481 21.66 -38.97 28.71
N ARG B 482 22.78 -39.34 29.35
CA ARG B 482 24.09 -38.84 28.94
C ARG B 482 24.46 -39.28 27.53
N ALA B 483 23.80 -40.32 27.00
CA ALA B 483 24.08 -40.77 25.64
C ALA B 483 23.31 -39.99 24.59
N ILE B 484 22.32 -39.19 25.00
CA ILE B 484 21.53 -38.36 24.10
C ILE B 484 22.38 -37.19 23.61
N PRO B 485 22.70 -37.10 22.33
CA PRO B 485 23.47 -35.95 21.84
C PRO B 485 22.71 -34.65 22.04
N ASN B 486 23.43 -33.60 22.44
CA ASN B 486 22.85 -32.30 22.75
C ASN B 486 21.84 -32.39 23.89
N MET B 487 22.33 -32.89 25.03
CA MET B 487 21.52 -32.92 26.24
C MET B 487 22.44 -32.62 27.41
N ASN B 488 22.22 -31.47 28.05
CA ASN B 488 22.97 -31.10 29.25
C ASN B 488 22.31 -31.75 30.45
N VAL B 489 22.93 -32.81 30.98
CA VAL B 489 22.44 -33.46 32.20
C VAL B 489 23.31 -32.96 33.35
N ILE B 490 22.72 -32.17 34.25
CA ILE B 490 23.46 -31.54 35.35
C ILE B 490 22.97 -32.12 36.67
N ARG B 491 23.91 -32.71 37.42
CA ARG B 491 23.67 -33.23 38.77
C ARG B 491 24.40 -32.36 39.78
N PRO B 492 23.75 -31.35 40.35
CA PRO B 492 24.45 -30.45 41.29
C PRO B 492 24.90 -31.17 42.55
N ALA B 493 26.08 -30.77 43.03
CA ALA B 493 26.62 -31.40 44.24
C ALA B 493 26.09 -30.72 45.51
N ASP B 494 25.91 -29.41 45.49
CA ASP B 494 25.30 -28.68 46.60
C ASP B 494 24.28 -27.71 46.02
N GLY B 495 23.91 -26.70 46.82
CA GLY B 495 23.01 -25.65 46.34
C GLY B 495 23.68 -24.61 45.47
N ASN B 496 24.95 -24.30 45.74
CA ASN B 496 25.67 -23.38 44.87
C ASN B 496 25.82 -23.95 43.46
N GLU B 497 26.21 -25.23 43.39
CA GLU B 497 26.17 -25.95 42.12
C GLU B 497 24.78 -25.92 41.51
N THR B 498 23.72 -25.95 42.32
CA THR B 498 22.37 -25.91 41.77
C THR B 498 22.05 -24.55 41.16
N ARG B 499 22.51 -23.47 41.80
CA ARG B 499 22.30 -22.14 41.24
C ARG B 499 23.02 -22.00 39.90
N VAL B 500 24.30 -22.41 39.85
CA VAL B 500 25.01 -22.31 38.58
C VAL B 500 24.40 -23.24 37.54
N ALA B 501 23.87 -24.39 37.97
CA ALA B 501 23.21 -25.30 37.05
C ALA B 501 21.96 -24.66 36.45
N TRP B 502 21.20 -23.94 37.27
CA TRP B 502 20.04 -23.23 36.76
C TRP B 502 20.45 -22.13 35.78
N GLU B 503 21.55 -21.43 36.09
CA GLU B 503 22.03 -20.40 35.18
C GLU B 503 22.38 -21.00 33.81
N VAL B 504 23.14 -22.10 33.82
CA VAL B 504 23.46 -22.80 32.58
C VAL B 504 22.19 -23.25 31.86
N ALA B 505 21.22 -23.74 32.63
CA ALA B 505 19.98 -24.24 32.04
C ALA B 505 19.22 -23.12 31.33
N LEU B 506 19.23 -21.92 31.89
CA LEU B 506 18.52 -20.81 31.28
C LEU B 506 19.30 -20.17 30.14
N GLU B 507 20.64 -20.21 30.20
CA GLU B 507 21.47 -19.61 29.16
C GLU B 507 21.75 -20.56 28.00
N SER B 508 21.19 -21.77 28.03
CA SER B 508 21.46 -22.80 27.01
C SER B 508 20.47 -22.62 25.86
N GLU B 509 20.80 -21.71 24.96
CA GLU B 509 19.87 -21.31 23.91
C GLU B 509 19.63 -22.39 22.86
N SER B 510 20.54 -23.34 22.70
CA SER B 510 20.38 -24.37 21.68
C SER B 510 20.52 -25.78 22.22
N THR B 511 20.58 -25.97 23.53
CA THR B 511 20.66 -27.31 24.07
C THR B 511 19.69 -27.45 25.24
N PRO B 512 18.90 -28.52 25.29
CA PRO B 512 18.03 -28.75 26.44
C PRO B 512 18.84 -29.18 27.66
N THR B 513 18.24 -28.94 28.83
CA THR B 513 18.88 -29.21 30.11
C THR B 513 17.97 -30.06 30.98
N SER B 514 18.52 -31.16 31.48
CA SER B 514 17.89 -32.03 32.47
C SER B 514 18.62 -31.84 33.80
N LEU B 515 17.89 -31.36 34.81
CA LEU B 515 18.44 -31.18 36.15
C LEU B 515 18.13 -32.41 36.99
N VAL B 516 19.17 -33.04 37.53
CA VAL B 516 19.05 -34.24 38.35
C VAL B 516 19.30 -33.81 39.79
N LEU B 517 18.27 -33.89 40.63
CA LEU B 517 18.31 -33.35 41.98
C LEU B 517 18.04 -34.45 43.01
N THR B 518 18.38 -34.15 44.26
CA THR B 518 18.33 -35.13 45.34
C THR B 518 17.20 -34.80 46.31
N ARG B 519 16.60 -35.87 46.86
CA ARG B 519 15.64 -35.72 47.95
C ARG B 519 16.32 -35.53 49.29
N GLN B 520 17.50 -36.10 49.47
CA GLN B 520 18.22 -36.04 50.73
C GLN B 520 19.11 -34.81 50.79
N ASN B 521 19.40 -34.36 52.01
CA ASN B 521 20.15 -33.14 52.22
C ASN B 521 21.61 -33.33 51.83
N LEU B 522 22.14 -32.41 51.04
CA LEU B 522 23.52 -32.34 50.62
C LEU B 522 24.24 -31.24 51.38
N PRO B 523 25.47 -31.49 51.82
CA PRO B 523 26.26 -30.44 52.46
C PRO B 523 26.90 -29.53 51.42
N VAL B 524 27.05 -28.28 51.83
CA VAL B 524 27.67 -27.26 50.98
C VAL B 524 29.19 -27.37 51.10
N LEU B 525 29.88 -27.24 49.96
CA LEU B 525 31.32 -27.43 49.90
C LEU B 525 32.07 -26.10 49.95
N ASP B 526 33.34 -26.19 50.33
CA ASP B 526 34.20 -25.04 50.58
C ASP B 526 34.88 -24.50 49.33
N VAL B 527 34.41 -24.86 48.15
CA VAL B 527 34.94 -24.22 46.94
C VAL B 527 34.43 -22.79 46.86
N PRO B 528 35.25 -21.82 46.42
CA PRO B 528 34.77 -20.44 46.33
C PRO B 528 33.84 -20.26 45.14
N GLU B 529 32.94 -19.27 45.27
CA GLU B 529 31.82 -19.15 44.34
C GLU B 529 32.30 -19.04 42.89
N ASP B 530 33.39 -18.31 42.66
CA ASP B 530 33.91 -18.18 41.31
C ASP B 530 34.28 -19.54 40.73
N VAL B 531 34.90 -20.40 41.55
CA VAL B 531 35.29 -21.72 41.07
C VAL B 531 34.06 -22.55 40.72
N VAL B 532 32.98 -22.43 41.51
CA VAL B 532 31.74 -23.14 41.20
C VAL B 532 31.18 -22.65 39.88
N GLU B 533 31.07 -21.33 39.72
CA GLU B 533 30.45 -20.79 38.52
C GLU B 533 31.27 -21.13 37.27
N GLU B 534 32.59 -21.17 37.40
CA GLU B 534 33.42 -21.56 36.26
C GLU B 534 33.34 -23.05 36.00
N GLY B 535 33.30 -23.88 37.05
CA GLY B 535 33.42 -25.31 36.90
C GLY B 535 32.16 -26.01 36.47
N VAL B 536 31.02 -25.62 37.05
CA VAL B 536 29.75 -26.15 36.56
C VAL B 536 29.56 -25.80 35.09
N ARG B 537 30.06 -24.64 34.67
CA ARG B 537 29.98 -24.27 33.26
C ARG B 537 30.95 -25.08 32.42
N LYS B 538 32.15 -25.34 32.93
CA LYS B 538 33.09 -26.20 32.22
C LYS B 538 32.82 -27.68 32.43
N GLY B 539 31.84 -28.03 33.27
CA GLY B 539 31.39 -29.40 33.39
C GLY B 539 32.16 -30.26 34.38
N ALA B 540 33.42 -29.93 34.64
CA ALA B 540 34.20 -30.65 35.64
C ALA B 540 35.27 -29.71 36.21
N TYR B 541 35.46 -29.78 37.51
CA TYR B 541 36.43 -28.93 38.19
C TYR B 541 36.86 -29.62 39.48
N THR B 542 38.02 -29.22 39.98
CA THR B 542 38.56 -29.79 41.21
C THR B 542 37.91 -29.14 42.42
N VAL B 543 37.42 -29.96 43.34
CA VAL B 543 36.90 -29.46 44.61
C VAL B 543 37.85 -29.73 45.77
N TYR B 544 38.87 -30.56 45.58
CA TYR B 544 39.83 -30.77 46.67
C TYR B 544 41.20 -31.12 46.09
N GLY B 545 42.23 -30.48 46.63
CA GLY B 545 43.60 -30.86 46.31
C GLY B 545 44.28 -29.83 45.43
N SER B 546 45.61 -29.93 45.38
CA SER B 546 46.43 -29.02 44.60
C SER B 546 47.34 -29.71 43.59
N GLU B 547 47.65 -30.99 43.76
CA GLU B 547 48.58 -31.69 42.88
C GLU B 547 47.86 -32.18 41.63
N GLU B 548 48.37 -31.78 40.46
CA GLU B 548 47.74 -32.16 39.21
C GLU B 548 47.80 -33.68 39.00
N THR B 549 48.96 -34.28 39.25
CA THR B 549 49.08 -35.72 39.28
C THR B 549 49.19 -36.17 40.73
N PRO B 550 48.10 -36.58 41.38
CA PRO B 550 48.21 -37.19 42.70
C PRO B 550 48.26 -38.70 42.59
N GLU B 551 48.49 -39.39 43.72
CA GLU B 551 48.37 -40.84 43.71
C GLU B 551 46.93 -41.26 43.47
N PHE B 552 45.97 -40.46 43.93
CA PHE B 552 44.56 -40.78 43.80
C PHE B 552 43.79 -39.60 43.22
N LEU B 553 42.99 -39.88 42.20
CA LEU B 553 42.05 -38.91 41.64
C LEU B 553 40.65 -39.48 41.85
N LEU B 554 39.88 -38.84 42.72
CA LEU B 554 38.50 -39.21 42.99
C LEU B 554 37.62 -38.38 42.06
N LEU B 555 36.67 -39.03 41.39
CA LEU B 555 35.70 -38.34 40.54
C LEU B 555 34.30 -38.64 41.05
N ALA B 556 33.44 -37.62 41.06
CA ALA B 556 32.09 -37.87 41.54
C ALA B 556 31.14 -36.85 40.95
N SER B 557 29.84 -37.16 41.05
CA SER B 557 28.77 -36.28 40.61
C SER B 557 27.74 -36.20 41.71
N GLY B 558 27.48 -34.98 42.19
CA GLY B 558 26.41 -34.75 43.14
C GLY B 558 26.64 -35.31 44.53
N SER B 559 25.71 -36.18 44.96
CA SER B 559 25.62 -36.59 46.36
C SER B 559 26.92 -37.16 46.91
N GLU B 560 27.77 -37.70 46.03
CA GLU B 560 28.97 -38.41 46.46
C GLU B 560 30.22 -37.53 46.45
N VAL B 561 30.17 -36.36 45.82
CA VAL B 561 31.34 -35.46 45.83
C VAL B 561 31.81 -35.25 47.26
N SER B 562 30.92 -34.77 48.13
CA SER B 562 31.24 -34.61 49.54
C SER B 562 31.85 -35.88 50.12
N LEU B 563 31.19 -37.02 49.88
CA LEU B 563 31.72 -38.31 50.30
C LEU B 563 33.18 -38.44 49.88
N ALA B 564 33.44 -38.31 48.58
CA ALA B 564 34.81 -38.38 48.07
C ALA B 564 35.72 -37.46 48.85
N VAL B 565 35.30 -36.19 49.03
CA VAL B 565 36.11 -35.23 49.76
C VAL B 565 36.53 -35.80 51.11
N GLU B 566 35.55 -36.27 51.89
CA GLU B 566 35.86 -36.82 53.20
C GLU B 566 36.87 -37.96 53.07
N ALA B 567 36.58 -38.90 52.16
CA ALA B 567 37.51 -40.00 51.96
C ALA B 567 38.91 -39.47 51.67
N ALA B 568 39.00 -38.48 50.77
CA ALA B 568 40.29 -37.87 50.45
C ALA B 568 41.05 -37.53 51.72
N LYS B 569 40.41 -36.79 52.63
CA LYS B 569 41.08 -36.36 53.85
C LYS B 569 41.65 -37.55 54.60
N ASP B 570 40.84 -38.60 54.81
CA ASP B 570 41.37 -39.78 55.50
C ASP B 570 42.52 -40.36 54.72
N LEU B 571 42.34 -40.54 53.41
CA LEU B 571 43.44 -40.95 52.54
C LEU B 571 44.69 -40.10 52.81
N GLU B 572 44.52 -38.78 52.87
CA GLU B 572 45.66 -37.91 53.11
C GLU B 572 46.35 -38.24 54.42
N LYS B 573 45.59 -38.46 55.50
CA LYS B 573 46.25 -38.72 56.77
C LYS B 573 46.62 -40.19 56.93
N GLN B 574 46.47 -41.00 55.89
CA GLN B 574 47.18 -42.27 55.85
C GLN B 574 48.39 -42.19 54.94
N GLY B 575 48.73 -41.00 54.46
CA GLY B 575 49.98 -40.76 53.76
C GLY B 575 49.87 -40.78 52.25
N LYS B 576 48.79 -40.24 51.69
CA LYS B 576 48.56 -40.26 50.26
C LYS B 576 48.19 -38.86 49.76
N SER B 577 48.36 -38.67 48.45
CA SER B 577 47.99 -37.43 47.77
C SER B 577 46.71 -37.67 46.99
N VAL B 578 45.69 -36.83 47.23
CA VAL B 578 44.37 -37.03 46.65
C VAL B 578 43.91 -35.73 46.00
N ARG B 579 43.15 -35.88 44.91
CA ARG B 579 42.41 -34.76 44.32
C ARG B 579 40.99 -35.21 44.01
N VAL B 580 40.02 -34.47 44.54
CA VAL B 580 38.60 -34.75 44.35
C VAL B 580 38.04 -33.79 43.33
N VAL B 581 37.28 -34.34 42.37
CA VAL B 581 36.76 -33.63 41.22
C VAL B 581 35.25 -33.83 41.12
N SER B 582 34.53 -32.72 40.92
CA SER B 582 33.09 -32.74 40.70
C SER B 582 32.80 -32.63 39.21
N MET B 583 31.89 -33.47 38.73
CA MET B 583 31.51 -33.52 37.31
C MET B 583 30.01 -33.36 37.18
N PRO B 584 29.49 -32.14 37.30
CA PRO B 584 28.03 -31.96 37.21
C PRO B 584 27.49 -32.18 35.82
N ASN B 585 28.24 -31.83 34.77
CA ASN B 585 27.74 -31.92 33.40
C ASN B 585 28.84 -32.49 32.51
N TRP B 586 28.61 -33.69 32.00
CA TRP B 586 29.58 -34.30 31.09
C TRP B 586 29.58 -33.60 29.74
N ASN B 587 28.40 -33.18 29.27
CA ASN B 587 28.29 -32.52 27.97
C ASN B 587 29.17 -31.27 27.91
N ALA B 588 29.23 -30.51 29.00
CA ALA B 588 30.08 -29.33 29.04
C ALA B 588 31.55 -29.70 29.10
N PHE B 589 31.88 -30.75 29.86
CA PHE B 589 33.29 -31.13 30.00
C PHE B 589 33.87 -31.64 28.69
N GLU B 590 33.13 -32.47 27.97
CA GLU B 590 33.61 -32.96 26.68
C GLU B 590 33.82 -31.82 25.70
N GLN B 591 33.08 -30.74 25.86
CA GLN B 591 33.13 -29.57 24.98
C GLN B 591 34.36 -28.69 25.20
N GLN B 592 35.28 -29.09 26.09
CA GLN B 592 36.35 -28.20 26.52
C GLN B 592 37.66 -28.52 25.81
N SER B 593 38.66 -27.68 26.07
CA SER B 593 39.99 -27.91 25.55
C SER B 593 40.63 -29.10 26.26
N GLU B 594 41.34 -29.93 25.48
CA GLU B 594 41.99 -31.11 26.05
C GLU B 594 42.98 -30.73 27.13
N GLU B 595 43.58 -29.54 27.05
CA GLU B 595 44.46 -29.06 28.11
C GLU B 595 43.71 -28.96 29.43
N TYR B 596 42.53 -28.35 29.42
CA TYR B 596 41.70 -28.27 30.62
C TYR B 596 41.31 -29.66 31.10
N LYS B 597 40.88 -30.51 30.17
CA LYS B 597 40.43 -31.86 30.54
C LYS B 597 41.54 -32.65 31.20
N GLU B 598 42.78 -32.49 30.73
CA GLU B 598 43.90 -33.16 31.35
C GLU B 598 44.27 -32.53 32.68
N SER B 599 44.07 -31.21 32.83
CA SER B 599 44.31 -30.58 34.12
C SER B 599 43.35 -31.12 35.18
N VAL B 600 42.11 -31.41 34.78
CA VAL B 600 41.11 -31.91 35.73
C VAL B 600 41.19 -33.43 35.86
N ILE B 601 41.13 -34.16 34.76
CA ILE B 601 41.23 -35.63 34.79
C ILE B 601 42.44 -36.07 33.98
N PRO B 602 43.63 -36.09 34.56
CA PRO B 602 44.82 -36.45 33.77
C PRO B 602 44.88 -37.94 33.47
N SER B 603 45.27 -38.26 32.24
CA SER B 603 45.52 -39.65 31.87
C SER B 603 46.73 -40.23 32.58
N SER B 604 47.58 -39.39 33.16
CA SER B 604 48.80 -39.81 33.82
C SER B 604 48.56 -40.45 35.18
N VAL B 605 47.35 -40.33 35.74
CA VAL B 605 47.03 -40.90 37.03
C VAL B 605 46.37 -42.25 36.80
N THR B 606 47.07 -43.32 37.17
CA THR B 606 46.52 -44.67 36.95
C THR B 606 45.40 -44.97 37.94
N LYS B 607 45.57 -44.56 39.20
CA LYS B 607 44.58 -44.85 40.24
C LYS B 607 43.54 -43.73 40.25
N ARG B 608 42.63 -43.82 39.29
CA ARG B 608 41.45 -42.98 39.21
C ARG B 608 40.24 -43.82 39.58
N VAL B 609 39.31 -43.22 40.31
CA VAL B 609 38.15 -43.93 40.81
C VAL B 609 36.96 -42.97 40.84
N ALA B 610 35.82 -43.49 40.43
CA ALA B 610 34.58 -42.73 40.37
C ALA B 610 33.61 -43.27 41.42
N ILE B 611 32.87 -42.36 42.06
CA ILE B 611 31.83 -42.73 43.00
C ILE B 611 30.55 -42.03 42.57
N GLU B 612 29.58 -42.81 42.08
CA GLU B 612 28.30 -42.27 41.65
C GLU B 612 27.23 -43.33 41.91
N MET B 613 26.15 -42.92 42.56
CA MET B 613 25.05 -43.84 42.89
C MET B 613 24.14 -43.98 41.67
N ALA B 614 24.64 -44.73 40.69
CA ALA B 614 23.97 -44.99 39.43
C ALA B 614 24.68 -46.17 38.77
N SER B 615 24.40 -46.39 37.49
CA SER B 615 25.05 -47.45 36.74
C SER B 615 26.52 -47.10 36.48
N PRO B 616 27.37 -48.12 36.31
CA PRO B 616 28.77 -47.85 35.92
C PRO B 616 28.91 -47.30 34.51
N LEU B 617 27.92 -47.53 33.64
CA LEU B 617 28.10 -47.36 32.21
C LEU B 617 28.44 -45.90 31.86
N GLY B 618 29.62 -45.70 31.27
CA GLY B 618 30.10 -44.39 30.91
C GLY B 618 31.27 -43.90 31.73
N TRP B 619 31.56 -44.53 32.88
CA TRP B 619 32.53 -43.99 33.83
C TRP B 619 33.96 -44.48 33.58
N HIS B 620 34.13 -45.60 32.86
CA HIS B 620 35.47 -46.08 32.56
C HIS B 620 36.20 -45.15 31.60
N LYS B 621 35.49 -44.26 30.91
CA LYS B 621 36.15 -43.26 30.07
C LYS B 621 37.05 -42.35 30.90
N TYR B 622 36.70 -42.12 32.15
CA TYR B 622 37.45 -41.18 32.99
C TYR B 622 38.31 -41.87 34.05
N VAL B 623 38.03 -43.13 34.40
CA VAL B 623 38.89 -43.84 35.34
C VAL B 623 39.94 -44.68 34.64
N GLY B 624 39.82 -44.91 33.34
CA GLY B 624 40.86 -45.58 32.59
C GLY B 624 40.89 -47.08 32.80
N THR B 625 41.93 -47.70 32.22
CA THR B 625 42.06 -49.15 32.25
C THR B 625 42.30 -49.67 33.67
N ALA B 626 42.99 -48.89 34.51
CA ALA B 626 43.40 -49.35 35.82
C ALA B 626 42.59 -48.72 36.96
N GLY B 627 41.56 -47.93 36.63
CA GLY B 627 40.75 -47.28 37.64
C GLY B 627 39.62 -48.17 38.12
N LYS B 628 38.87 -47.64 39.10
CA LYS B 628 37.74 -48.36 39.67
C LYS B 628 36.48 -47.49 39.61
N VAL B 629 35.34 -48.15 39.39
CA VAL B 629 34.05 -47.50 39.37
C VAL B 629 33.24 -48.09 40.51
N ILE B 630 32.96 -47.27 41.53
CA ILE B 630 32.05 -47.64 42.60
C ILE B 630 30.67 -47.14 42.20
N ALA B 631 29.78 -48.06 41.85
CA ALA B 631 28.48 -47.69 41.35
C ALA B 631 27.47 -48.76 41.76
N ILE B 632 26.39 -48.90 40.99
CA ILE B 632 25.34 -49.86 41.26
C ILE B 632 25.00 -50.56 39.96
N ASP B 633 25.22 -51.87 39.90
CA ASP B 633 24.84 -52.66 38.74
C ASP B 633 23.63 -53.55 39.02
N GLY B 634 22.72 -53.07 39.86
CA GLY B 634 21.47 -53.76 40.14
C GLY B 634 20.41 -52.75 40.53
N PHE B 635 19.26 -53.22 41.00
CA PHE B 635 18.17 -52.31 41.35
C PHE B 635 18.20 -52.00 42.84
N GLY B 636 17.30 -51.13 43.27
CA GLY B 636 17.30 -50.60 44.62
C GLY B 636 16.51 -51.44 45.60
N ALA B 637 16.21 -50.83 46.74
CA ALA B 637 15.62 -51.53 47.86
C ALA B 637 14.71 -50.60 48.64
N SER B 638 13.63 -51.16 49.19
CA SER B 638 12.71 -50.42 50.04
C SER B 638 13.21 -50.54 51.48
N ALA B 639 13.71 -49.42 52.03
CA ALA B 639 14.26 -49.29 53.38
C ALA B 639 14.59 -47.82 53.61
N PRO B 640 14.83 -47.38 54.85
CA PRO B 640 15.25 -46.00 55.06
C PRO B 640 16.44 -45.63 54.17
N GLY B 641 16.35 -44.47 53.53
CA GLY B 641 17.27 -44.14 52.44
C GLY B 641 18.73 -44.26 52.84
N ASP B 642 19.08 -43.73 54.01
CA ASP B 642 20.45 -43.83 54.50
C ASP B 642 20.91 -45.28 54.55
N LEU B 643 20.02 -46.18 55.00
CA LEU B 643 20.37 -47.59 55.09
C LEU B 643 20.63 -48.17 53.71
N VAL B 644 19.86 -47.75 52.70
CA VAL B 644 20.10 -48.24 51.35
C VAL B 644 21.44 -47.75 50.84
N VAL B 645 21.73 -46.47 51.08
CA VAL B 645 23.00 -45.90 50.62
C VAL B 645 24.18 -46.62 51.26
N GLU B 646 24.10 -46.87 52.57
CA GLU B 646 25.22 -47.53 53.25
C GLU B 646 25.34 -48.99 52.83
N LYS B 647 24.22 -49.70 52.72
CA LYS B 647 24.26 -51.11 52.30
C LYS B 647 24.70 -51.26 50.85
N TYR B 648 24.57 -50.22 50.03
CA TYR B 648 25.00 -50.28 48.64
C TYR B 648 26.42 -49.77 48.46
N GLY B 649 27.18 -49.63 49.54
CA GLY B 649 28.61 -49.39 49.47
C GLY B 649 29.04 -47.95 49.57
N PHE B 650 28.11 -47.01 49.72
CA PHE B 650 28.46 -45.59 49.66
C PHE B 650 28.62 -45.03 51.07
N THR B 651 29.66 -45.56 51.73
CA THR B 651 30.20 -45.02 52.97
C THR B 651 31.67 -44.70 52.73
N LYS B 652 32.22 -43.86 53.61
CA LYS B 652 33.63 -43.49 53.47
C LYS B 652 34.53 -44.70 53.61
N GLU B 653 34.18 -45.62 54.51
CA GLU B 653 35.05 -46.75 54.83
C GLU B 653 35.13 -47.75 53.68
N ASN B 654 34.01 -48.01 53.01
CA ASN B 654 34.03 -48.92 51.87
C ASN B 654 34.83 -48.33 50.72
N ILE B 655 34.70 -47.02 50.48
CA ILE B 655 35.50 -46.36 49.46
C ILE B 655 36.98 -46.47 49.79
N LEU B 656 37.35 -46.23 51.05
CA LEU B 656 38.75 -46.33 51.42
C LEU B 656 39.27 -47.76 51.28
N ASN B 657 38.46 -48.74 51.67
CA ASN B 657 38.86 -50.15 51.56
C ASN B 657 39.10 -50.53 50.11
N GLN B 658 38.18 -50.17 49.23
CA GLN B 658 38.33 -50.50 47.81
C GLN B 658 39.44 -49.68 47.15
N VAL B 659 39.68 -48.46 47.64
CA VAL B 659 40.68 -47.59 47.03
C VAL B 659 42.08 -48.05 47.41
N MET B 660 42.29 -48.42 48.67
CA MET B 660 43.58 -48.93 49.10
C MET B 660 43.80 -50.37 48.68
N SER B 661 42.73 -51.11 48.38
CA SER B 661 42.92 -52.42 47.75
C SER B 661 43.55 -52.28 46.37
N LEU B 662 43.16 -51.24 45.63
CA LEU B 662 43.75 -50.95 44.32
C LEU B 662 45.22 -50.59 44.45
N MET C 1 -14.05 9.27 27.73
CA MET C 1 -12.64 9.09 27.39
C MET C 1 -12.49 8.69 25.91
N PHE C 2 -11.32 8.93 25.33
CA PHE C 2 -11.04 8.59 23.94
C PHE C 2 -9.77 7.75 23.85
N ASN C 3 -9.79 6.76 22.96
CA ASN C 3 -8.69 5.83 22.78
C ASN C 3 -8.50 5.61 21.28
N GLU C 4 -7.69 4.60 20.93
CA GLU C 4 -7.47 4.28 19.54
C GLU C 4 -8.61 3.49 18.93
N LYS C 5 -9.48 2.88 19.76
CA LYS C 5 -10.70 2.30 19.22
C LYS C 5 -11.58 3.36 18.58
N ASP C 6 -11.60 4.55 19.19
CA ASP C 6 -12.33 5.66 18.60
C ASP C 6 -11.72 6.11 17.29
N GLN C 7 -10.39 6.09 17.19
CA GLN C 7 -9.73 6.41 15.93
C GLN C 7 -10.02 5.35 14.87
N LEU C 8 -10.03 4.08 15.28
CA LEU C 8 -10.42 3.01 14.37
C LEU C 8 -11.83 3.23 13.85
N ALA C 9 -12.74 3.66 14.72
CA ALA C 9 -14.11 3.91 14.28
C ALA C 9 -14.20 5.10 13.34
N VAL C 10 -13.47 6.18 13.64
CA VAL C 10 -13.49 7.35 12.78
C VAL C 10 -12.95 7.01 11.39
N ASP C 11 -11.78 6.36 11.35
CA ASP C 11 -11.19 5.99 10.07
C ASP C 11 -12.01 4.94 9.35
N THR C 12 -12.73 4.09 10.10
CA THR C 12 -13.66 3.15 9.48
C THR C 12 -14.81 3.89 8.81
N LEU C 13 -15.34 4.93 9.46
CA LEU C 13 -16.40 5.73 8.85
C LEU C 13 -15.91 6.37 7.56
N ARG C 14 -14.71 6.95 7.60
CA ARG C 14 -14.13 7.52 6.38
C ARG C 14 -13.98 6.48 5.28
N ALA C 15 -13.42 5.31 5.63
CA ALA C 15 -13.17 4.29 4.62
C ALA C 15 -14.47 3.74 4.05
N LEU C 16 -15.50 3.62 4.89
CA LEU C 16 -16.80 3.17 4.42
C LEU C 16 -17.42 4.19 3.47
N SER C 17 -17.33 5.49 3.81
CA SER C 17 -17.77 6.53 2.90
C SER C 17 -17.04 6.43 1.56
N ILE C 18 -15.73 6.22 1.61
CA ILE C 18 -14.92 6.13 0.40
C ILE C 18 -15.38 4.96 -0.47
N ASP C 19 -15.50 3.77 0.13
CA ASP C 19 -15.88 2.60 -0.63
C ASP C 19 -17.31 2.72 -1.17
N THR C 20 -18.20 3.33 -0.38
CA THR C 20 -19.56 3.60 -0.83
C THR C 20 -19.57 4.47 -2.07
N ILE C 21 -18.74 5.51 -2.10
CA ILE C 21 -18.70 6.39 -3.27
C ILE C 21 -17.97 5.70 -4.43
N GLU C 22 -16.97 4.89 -4.13
CA GLU C 22 -16.14 4.30 -5.17
C GLU C 22 -16.90 3.22 -5.93
N LYS C 23 -17.76 2.46 -5.24
CA LYS C 23 -18.56 1.46 -5.93
C LYS C 23 -19.50 2.12 -6.93
N ALA C 24 -20.09 3.26 -6.57
CA ALA C 24 -21.07 3.92 -7.42
C ALA C 24 -20.43 4.81 -8.48
N ASN C 25 -19.15 5.15 -8.34
CA ASN C 25 -18.48 6.12 -9.22
C ASN C 25 -19.23 7.44 -9.26
N SER C 26 -19.87 7.79 -8.15
CA SER C 26 -20.51 9.07 -7.93
C SER C 26 -20.54 9.32 -6.43
N GLY C 27 -20.36 10.57 -6.05
CA GLY C 27 -20.41 10.91 -4.64
C GLY C 27 -19.43 11.99 -4.24
N HIS C 28 -19.51 12.42 -2.99
CA HIS C 28 -18.68 13.51 -2.48
C HIS C 28 -17.87 12.98 -1.31
N PRO C 29 -16.57 12.74 -1.49
CA PRO C 29 -15.77 12.14 -0.41
C PRO C 29 -15.15 13.15 0.54
N GLY C 30 -14.94 14.39 0.08
CA GLY C 30 -14.14 15.33 0.84
C GLY C 30 -14.73 15.64 2.22
N LEU C 31 -16.02 15.97 2.26
CA LEU C 31 -16.68 16.20 3.55
C LEU C 31 -16.69 14.95 4.41
N PRO C 32 -17.09 13.77 3.93
CA PRO C 32 -17.01 12.59 4.82
C PRO C 32 -15.63 12.35 5.38
N MET C 33 -14.57 12.59 4.61
CA MET C 33 -13.22 12.49 5.17
C MET C 33 -12.99 13.52 6.25
N GLY C 34 -13.32 14.79 5.98
CA GLY C 34 -12.92 15.86 6.86
C GLY C 34 -13.75 15.96 8.13
N ALA C 35 -15.01 15.55 8.07
CA ALA C 35 -15.97 15.81 9.15
C ALA C 35 -16.23 14.59 10.02
N ALA C 36 -15.71 13.41 9.67
CA ALA C 36 -16.00 12.20 10.43
C ALA C 36 -15.69 12.32 11.92
N PRO C 37 -14.60 12.98 12.36
CA PRO C 37 -14.40 13.14 13.82
C PRO C 37 -15.53 13.85 14.53
N MET C 38 -15.95 15.02 14.03
CA MET C 38 -17.02 15.78 14.69
C MET C 38 -18.31 14.98 14.73
N ALA C 39 -18.65 14.32 13.62
CA ALA C 39 -19.88 13.54 13.56
C ALA C 39 -19.81 12.35 14.49
N TYR C 40 -18.65 11.67 14.54
CA TYR C 40 -18.49 10.54 15.44
C TYR C 40 -18.59 10.97 16.90
N THR C 41 -17.98 12.10 17.25
CA THR C 41 -18.05 12.61 18.61
C THR C 41 -19.50 12.92 19.00
N LEU C 42 -20.19 13.69 18.17
CA LEU C 42 -21.58 14.02 18.44
C LEU C 42 -22.45 12.76 18.53
N TRP C 43 -22.20 11.79 17.65
CA TRP C 43 -23.03 10.59 17.57
C TRP C 43 -22.83 9.70 18.79
N THR C 44 -21.58 9.38 19.12
CA THR C 44 -21.30 8.39 20.16
C THR C 44 -21.38 8.98 21.57
N ARG C 45 -21.11 10.27 21.74
CA ARG C 45 -21.01 10.81 23.09
C ARG C 45 -22.13 11.77 23.48
N HIS C 46 -22.92 12.27 22.54
CA HIS C 46 -23.89 13.31 22.89
C HIS C 46 -25.30 13.03 22.39
N LEU C 47 -25.42 12.38 21.24
CA LEU C 47 -26.71 12.22 20.57
C LEU C 47 -27.57 11.20 21.30
N ASN C 48 -28.74 11.65 21.78
CA ASN C 48 -29.77 10.77 22.32
C ASN C 48 -30.65 10.32 21.17
N PHE C 49 -30.15 9.33 20.42
CA PHE C 49 -30.79 8.91 19.18
C PHE C 49 -30.51 7.44 18.93
N ASN C 50 -31.56 6.71 18.57
CA ASN C 50 -31.43 5.33 18.10
C ASN C 50 -32.19 5.22 16.79
N PRO C 51 -31.50 5.09 15.65
CA PRO C 51 -32.20 5.07 14.36
C PRO C 51 -33.19 3.93 14.21
N GLN C 52 -33.12 2.90 15.06
CA GLN C 52 -34.15 1.88 15.07
C GLN C 52 -35.42 2.38 15.76
N SER C 53 -35.27 3.16 16.82
CA SER C 53 -36.38 3.90 17.42
C SER C 53 -36.40 5.31 16.83
N LYS C 54 -36.65 5.36 15.52
CA LYS C 54 -36.57 6.62 14.78
C LYS C 54 -37.70 7.58 15.12
N ASP C 55 -38.79 7.10 15.70
CA ASP C 55 -39.97 7.93 15.95
C ASP C 55 -40.10 8.31 17.42
N TYR C 56 -39.04 8.14 18.20
CA TYR C 56 -39.02 8.63 19.58
C TYR C 56 -39.13 10.16 19.57
N PHE C 57 -40.16 10.69 20.24
CA PHE C 57 -40.49 12.11 20.09
C PHE C 57 -39.44 13.01 20.73
N ASN C 58 -38.89 12.61 21.87
CA ASN C 58 -37.87 13.38 22.55
C ASN C 58 -36.47 13.06 22.05
N ARG C 59 -36.35 12.45 20.88
CA ARG C 59 -35.03 12.17 20.32
C ARG C 59 -34.33 13.47 19.94
N ASP C 60 -33.01 13.47 20.08
CA ASP C 60 -32.21 14.58 19.59
C ASP C 60 -32.28 14.60 18.06
N ARG C 61 -32.68 15.73 17.51
CA ARG C 61 -32.82 15.88 16.06
C ARG C 61 -31.48 16.25 15.45
N PHE C 62 -30.92 15.35 14.64
CA PHE C 62 -29.73 15.64 13.86
C PHE C 62 -30.09 15.88 12.40
N VAL C 63 -29.41 16.85 11.79
CA VAL C 63 -29.61 17.22 10.40
C VAL C 63 -28.25 17.39 9.73
N LEU C 64 -28.13 16.89 8.50
CA LEU C 64 -26.97 17.15 7.65
C LEU C 64 -27.42 18.10 6.53
N SER C 65 -27.28 19.41 6.78
CA SER C 65 -27.66 20.40 5.78
C SER C 65 -26.79 20.33 4.54
N ALA C 66 -25.55 19.86 4.67
CA ALA C 66 -24.68 19.62 3.52
C ALA C 66 -24.93 18.20 3.02
N GLY C 67 -26.02 18.05 2.26
CA GLY C 67 -26.47 16.73 1.83
C GLY C 67 -25.44 15.95 1.03
N HIS C 68 -24.46 16.61 0.42
CA HIS C 68 -23.43 15.92 -0.34
C HIS C 68 -22.52 15.09 0.55
N GLY C 69 -22.52 15.31 1.86
CA GLY C 69 -21.85 14.41 2.78
C GLY C 69 -22.70 13.21 3.13
N SER C 70 -23.69 12.92 2.28
CA SER C 70 -24.64 11.84 2.54
C SER C 70 -23.95 10.56 2.97
N ALA C 71 -22.86 10.20 2.27
CA ALA C 71 -22.14 8.97 2.58
C ALA C 71 -21.88 8.84 4.08
N LEU C 72 -21.31 9.88 4.69
CA LEU C 72 -21.06 9.86 6.13
C LEU C 72 -22.28 9.41 6.90
N LEU C 73 -23.41 10.10 6.69
CA LEU C 73 -24.64 9.74 7.38
C LEU C 73 -24.94 8.26 7.24
N TYR C 74 -24.96 7.75 6.01
CA TYR C 74 -25.26 6.34 5.79
C TYR C 74 -24.29 5.46 6.56
N SER C 75 -22.99 5.78 6.49
CA SER C 75 -22.01 5.04 7.28
C SER C 75 -22.39 5.05 8.76
N LEU C 76 -22.65 6.25 9.31
CA LEU C 76 -23.16 6.32 10.67
C LEU C 76 -24.40 5.47 10.83
N LEU C 77 -25.39 5.66 9.96
CA LEU C 77 -26.62 4.89 10.09
C LEU C 77 -26.35 3.39 9.98
N HIS C 78 -25.30 2.99 9.28
CA HIS C 78 -25.05 1.57 9.19
C HIS C 78 -24.38 1.04 10.46
N VAL C 79 -23.47 1.81 11.05
CA VAL C 79 -22.72 1.30 12.19
C VAL C 79 -23.60 1.42 13.42
N SER C 80 -24.81 1.94 13.22
CA SER C 80 -25.81 2.05 14.27
C SER C 80 -26.94 1.03 14.12
N GLY C 81 -26.91 0.22 13.07
CA GLY C 81 -27.76 -0.95 13.00
C GLY C 81 -29.11 -0.79 12.33
N SER C 82 -29.36 0.34 11.66
CA SER C 82 -30.64 0.52 10.98
C SER C 82 -30.54 0.38 9.48
N LEU C 83 -29.34 0.50 8.91
CA LEU C 83 -29.12 0.45 7.48
C LEU C 83 -28.26 -0.75 7.13
N GLU C 84 -28.59 -1.40 6.02
CA GLU C 84 -27.85 -2.57 5.57
C GLU C 84 -26.63 -2.17 4.77
N LEU C 85 -25.56 -2.97 4.92
CA LEU C 85 -24.35 -2.73 4.14
C LEU C 85 -24.61 -2.92 2.65
N GLU C 86 -25.49 -3.86 2.29
CA GLU C 86 -25.89 -4.05 0.89
C GLU C 86 -26.40 -2.74 0.29
N GLU C 87 -27.17 -1.97 1.05
CA GLU C 87 -27.67 -0.70 0.56
C GLU C 87 -26.54 0.28 0.30
N LEU C 88 -25.57 0.36 1.22
CA LEU C 88 -24.38 1.17 0.97
C LEU C 88 -23.66 0.72 -0.30
N LYS C 89 -23.74 -0.57 -0.61
CA LYS C 89 -23.24 -1.06 -1.89
C LYS C 89 -24.15 -0.68 -3.05
N GLN C 90 -25.38 -0.23 -2.78
CA GLN C 90 -26.28 0.26 -3.82
C GLN C 90 -26.45 1.79 -3.78
N PHE C 91 -25.44 2.50 -3.27
CA PHE C 91 -25.51 3.95 -3.14
C PHE C 91 -25.65 4.63 -4.50
N ARG C 92 -26.55 5.62 -4.56
CA ARG C 92 -26.79 6.40 -5.77
C ARG C 92 -27.24 5.51 -6.93
N GLN C 93 -28.02 4.47 -6.61
CA GLN C 93 -28.55 3.54 -7.60
C GLN C 93 -30.06 3.44 -7.46
N TRP C 94 -30.67 2.73 -8.42
CA TRP C 94 -32.12 2.70 -8.54
C TRP C 94 -32.77 1.93 -7.40
N GLY C 95 -33.74 2.54 -6.75
CA GLY C 95 -34.49 1.91 -5.69
C GLY C 95 -33.80 1.84 -4.36
N SER C 96 -32.56 2.30 -4.27
CA SER C 96 -31.76 2.20 -3.04
C SER C 96 -32.40 2.96 -1.88
N LYS C 97 -32.13 2.48 -0.66
CA LYS C 97 -32.39 3.25 0.54
C LYS C 97 -31.30 4.28 0.81
N THR C 98 -30.32 4.41 -0.08
CA THR C 98 -29.18 5.31 0.08
C THR C 98 -29.03 6.19 -1.15
N PRO C 99 -29.97 7.11 -1.38
CA PRO C 99 -29.86 8.00 -2.54
C PRO C 99 -28.75 9.02 -2.35
N GLY C 100 -28.44 9.72 -3.45
CA GLY C 100 -27.27 10.59 -3.47
C GLY C 100 -27.34 11.71 -2.45
N HIS C 101 -28.51 12.30 -2.27
CA HIS C 101 -28.71 13.24 -1.19
C HIS C 101 -29.74 12.66 -0.21
N PRO C 102 -29.58 12.89 1.08
CA PRO C 102 -30.41 12.19 2.08
C PRO C 102 -31.88 12.56 1.94
N GLU C 103 -32.73 11.53 1.91
CA GLU C 103 -34.15 11.70 1.69
C GLU C 103 -34.96 11.24 2.90
N TYR C 104 -35.85 12.11 3.36
CA TYR C 104 -36.79 11.78 4.42
C TYR C 104 -37.90 10.89 3.86
N ARG C 105 -38.38 9.98 4.71
CA ARG C 105 -39.39 8.97 4.37
C ARG C 105 -38.81 7.84 3.51
N HIS C 106 -37.65 8.06 2.91
CA HIS C 106 -37.00 7.04 2.09
C HIS C 106 -35.91 6.28 2.82
N THR C 107 -35.11 6.97 3.63
CA THR C 107 -34.12 6.34 4.49
C THR C 107 -34.52 6.53 5.95
N ASP C 108 -34.65 5.44 6.68
CA ASP C 108 -34.97 5.51 8.10
C ASP C 108 -33.90 6.27 8.87
N GLY C 109 -34.33 7.22 9.69
CA GLY C 109 -33.43 8.03 10.48
C GLY C 109 -33.11 9.39 9.90
N VAL C 110 -33.38 9.58 8.61
CA VAL C 110 -33.20 10.90 7.97
C VAL C 110 -34.31 11.83 8.46
N GLU C 111 -33.91 12.89 9.18
CA GLU C 111 -34.91 13.75 9.82
C GLU C 111 -35.54 14.73 8.83
N VAL C 112 -34.74 15.31 7.94
CA VAL C 112 -35.26 16.16 6.87
C VAL C 112 -34.48 15.85 5.60
N THR C 113 -35.12 16.08 4.46
CA THR C 113 -34.45 15.93 3.17
C THR C 113 -33.62 17.17 2.88
N THR C 114 -32.31 16.99 2.72
CA THR C 114 -31.37 18.08 2.52
C THR C 114 -30.59 17.86 1.22
N GLY C 115 -29.80 18.87 0.86
CA GLY C 115 -29.10 18.88 -0.41
C GLY C 115 -28.95 20.29 -0.96
N PRO C 116 -30.08 20.93 -1.25
CA PRO C 116 -30.03 22.37 -1.59
C PRO C 116 -29.51 23.16 -0.42
N LEU C 117 -28.42 23.89 -0.64
CA LEU C 117 -27.62 24.42 0.45
C LEU C 117 -28.36 25.50 1.23
N GLY C 118 -28.10 25.54 2.53
CA GLY C 118 -28.70 26.51 3.42
C GLY C 118 -30.04 26.11 3.99
N GLN C 119 -30.77 25.21 3.33
CA GLN C 119 -32.14 24.93 3.76
C GLN C 119 -32.18 24.06 5.00
N GLY C 120 -31.30 23.06 5.09
CA GLY C 120 -31.24 22.25 6.30
C GLY C 120 -30.98 23.09 7.54
N PHE C 121 -30.17 24.13 7.41
CA PHE C 121 -29.92 25.08 8.49
C PHE C 121 -31.23 25.70 9.00
N ALA C 122 -32.00 26.32 8.10
CA ALA C 122 -33.24 26.97 8.50
C ALA C 122 -34.30 25.97 8.94
N MET C 123 -34.33 24.79 8.33
CA MET C 123 -35.23 23.73 8.82
C MET C 123 -34.85 23.29 10.23
N SER C 124 -33.55 23.31 10.56
CA SER C 124 -33.13 23.01 11.93
C SER C 124 -33.60 24.10 12.87
N VAL C 125 -33.58 25.35 12.41
CA VAL C 125 -34.21 26.43 13.17
C VAL C 125 -35.68 26.10 13.42
N GLY C 126 -36.36 25.59 12.40
CA GLY C 126 -37.77 25.26 12.55
C GLY C 126 -38.01 24.12 13.53
N LEU C 127 -37.16 23.10 13.48
CA LEU C 127 -37.26 21.96 14.40
C LEU C 127 -37.05 22.42 15.84
N ALA C 128 -36.01 23.22 16.08
CA ALA C 128 -35.75 23.74 17.41
C ALA C 128 -36.91 24.60 17.90
N LEU C 129 -37.51 25.40 17.01
CA LEU C 129 -38.65 26.21 17.43
C LEU C 129 -39.85 25.34 17.80
N ALA C 130 -40.08 24.28 17.02
CA ALA C 130 -41.13 23.33 17.39
C ALA C 130 -40.90 22.79 18.78
N GLU C 131 -39.66 22.36 19.07
CA GLU C 131 -39.33 21.89 20.41
C GLU C 131 -39.64 22.95 21.47
N ASP C 132 -39.23 24.20 21.23
CA ASP C 132 -39.42 25.25 22.23
C ASP C 132 -40.90 25.52 22.49
N HIS C 133 -41.68 25.64 21.42
CA HIS C 133 -43.11 25.91 21.57
C HIS C 133 -43.84 24.74 22.24
N LEU C 134 -43.49 23.51 21.86
CA LEU C 134 -44.14 22.35 22.46
C LEU C 134 -43.76 22.23 23.94
N ALA C 135 -42.51 22.55 24.28
CA ALA C 135 -42.09 22.55 25.68
C ALA C 135 -42.84 23.62 26.47
N GLY C 136 -43.01 24.81 25.89
CA GLY C 136 -43.82 25.82 26.56
C GLY C 136 -45.24 25.36 26.82
N LYS C 137 -45.83 24.65 25.85
CA LYS C 137 -47.23 24.27 26.01
C LYS C 137 -47.43 23.10 26.97
N PHE C 138 -46.59 22.07 26.88
CA PHE C 138 -46.87 20.80 27.54
C PHE C 138 -46.06 20.53 28.80
N ASN C 139 -44.88 21.13 28.95
CA ASN C 139 -44.04 20.83 30.11
C ASN C 139 -44.65 21.40 31.38
N LYS C 140 -44.53 20.63 32.46
CA LYS C 140 -44.93 21.04 33.81
C LYS C 140 -43.75 20.79 34.74
N GLU C 141 -43.89 21.18 36.01
CA GLU C 141 -42.80 21.03 36.95
C GLU C 141 -42.62 19.57 37.34
N GLY C 142 -41.39 19.08 37.21
CA GLY C 142 -41.12 17.66 37.34
C GLY C 142 -41.50 16.84 36.14
N TYR C 143 -42.26 17.40 35.21
CA TYR C 143 -42.72 16.70 34.01
C TYR C 143 -42.15 17.43 32.79
N ASN C 144 -40.87 17.21 32.54
CA ASN C 144 -40.20 17.81 31.38
C ASN C 144 -40.42 16.90 30.18
N VAL C 145 -41.65 16.98 29.65
CA VAL C 145 -42.07 16.08 28.60
C VAL C 145 -41.31 16.34 27.29
N VAL C 146 -40.99 17.60 27.00
CA VAL C 146 -40.25 17.97 25.79
C VAL C 146 -38.94 18.62 26.22
N ASP C 147 -37.82 17.95 25.90
CA ASP C 147 -36.49 18.42 26.26
C ASP C 147 -35.43 17.71 25.45
N HIS C 148 -35.20 18.17 24.22
CA HIS C 148 -34.16 17.59 23.38
C HIS C 148 -33.49 18.71 22.57
N TYR C 149 -32.35 18.37 21.99
CA TYR C 149 -31.52 19.31 21.24
C TYR C 149 -31.68 19.11 19.74
N THR C 150 -31.27 20.12 18.99
CA THR C 150 -31.24 20.07 17.52
C THR C 150 -29.83 20.43 17.06
N TYR C 151 -29.19 19.50 16.37
CA TYR C 151 -27.83 19.64 15.86
C TYR C 151 -27.86 19.64 14.34
N VAL C 152 -27.05 20.48 13.73
CA VAL C 152 -26.96 20.52 12.27
C VAL C 152 -25.49 20.58 11.85
N LEU C 153 -25.11 19.70 10.93
CA LEU C 153 -23.79 19.72 10.33
C LEU C 153 -23.84 20.58 9.07
N ALA C 154 -23.18 21.74 9.11
CA ALA C 154 -23.22 22.72 8.04
C ALA C 154 -21.86 22.83 7.36
N SER C 155 -21.84 23.52 6.23
CA SER C 155 -20.63 23.73 5.43
C SER C 155 -20.49 25.22 5.14
N ASP C 156 -19.44 25.56 4.38
CA ASP C 156 -19.22 26.95 3.98
C ASP C 156 -20.31 27.43 3.03
N GLY C 157 -20.75 26.57 2.11
CA GLY C 157 -21.83 26.95 1.22
C GLY C 157 -23.14 27.21 1.94
N ASP C 158 -23.40 26.46 3.02
CA ASP C 158 -24.57 26.70 3.85
C ASP C 158 -24.58 28.13 4.38
N LEU C 159 -23.41 28.66 4.73
CA LEU C 159 -23.32 29.98 5.34
C LEU C 159 -23.18 31.10 4.32
N MET C 160 -22.96 30.77 3.06
CA MET C 160 -22.97 31.75 1.99
C MET C 160 -24.36 31.98 1.44
N GLU C 161 -25.32 31.18 1.88
CA GLU C 161 -26.70 31.31 1.43
C GLU C 161 -27.46 32.21 2.38
N GLY C 162 -28.26 33.11 1.82
CA GLY C 162 -28.95 34.11 2.63
C GLY C 162 -29.99 33.53 3.55
N ILE C 163 -30.51 32.35 3.22
CA ILE C 163 -31.48 31.71 4.10
C ILE C 163 -30.85 31.44 5.46
N SER C 164 -29.55 31.09 5.47
CA SER C 164 -28.84 30.95 6.74
C SER C 164 -28.76 32.27 7.49
N HIS C 165 -28.59 33.39 6.77
CA HIS C 165 -28.61 34.71 7.42
C HIS C 165 -29.94 34.95 8.13
N GLU C 166 -31.05 34.82 7.40
CA GLU C 166 -32.37 35.04 7.98
C GLU C 166 -32.61 34.10 9.16
N ALA C 167 -32.31 32.81 8.97
CA ALA C 167 -32.56 31.82 10.02
C ALA C 167 -31.71 32.10 11.25
N ALA C 168 -30.47 32.54 11.06
CA ALA C 168 -29.61 32.83 12.20
C ALA C 168 -30.10 34.06 12.96
N SER C 169 -30.52 35.10 12.23
CA SER C 169 -31.07 36.27 12.90
C SER C 169 -32.31 35.89 13.72
N PHE C 170 -33.20 35.10 13.12
CA PHE C 170 -34.40 34.65 13.84
C PHE C 170 -34.03 33.88 15.10
N ALA C 171 -33.12 32.91 14.98
CA ALA C 171 -32.77 32.07 16.12
C ALA C 171 -32.07 32.87 17.22
N GLY C 172 -31.21 33.81 16.85
CA GLY C 172 -30.53 34.62 17.84
C GLY C 172 -31.46 35.58 18.54
N HIS C 173 -32.46 36.10 17.83
CA HIS C 173 -33.44 36.96 18.47
C HIS C 173 -34.27 36.19 19.49
N ASN C 174 -34.65 34.96 19.15
CA ASN C 174 -35.55 34.14 19.97
C ASN C 174 -34.79 33.21 20.92
N LYS C 175 -33.47 33.34 21.01
CA LYS C 175 -32.65 32.61 21.97
C LYS C 175 -32.92 31.10 21.91
N LEU C 176 -32.70 30.53 20.73
CA LEU C 176 -32.91 29.10 20.52
C LEU C 176 -31.68 28.37 21.06
N SER C 177 -31.69 28.18 22.38
CA SER C 177 -30.47 27.78 23.08
C SER C 177 -30.05 26.35 22.73
N LYS C 178 -31.01 25.46 22.52
CA LYS C 178 -30.71 24.05 22.29
C LYS C 178 -30.32 23.73 20.85
N LEU C 179 -30.15 24.74 20.00
CA LEU C 179 -29.72 24.55 18.62
C LEU C 179 -28.21 24.73 18.53
N VAL C 180 -27.52 23.73 17.98
CA VAL C 180 -26.06 23.73 17.87
C VAL C 180 -25.66 23.36 16.45
N VAL C 181 -24.80 24.19 15.86
CA VAL C 181 -24.29 24.00 14.49
C VAL C 181 -22.84 23.56 14.57
N LEU C 182 -22.53 22.47 13.86
CA LEU C 182 -21.17 22.01 13.66
C LEU C 182 -20.77 22.38 12.23
N TYR C 183 -19.91 23.37 12.09
CA TYR C 183 -19.60 23.97 10.81
C TYR C 183 -18.26 23.42 10.31
N ASP C 184 -18.29 22.77 9.15
CA ASP C 184 -17.09 22.23 8.51
C ASP C 184 -16.40 23.34 7.74
N SER C 185 -15.45 23.99 8.40
CA SER C 185 -14.65 25.06 7.79
C SER C 185 -13.41 24.41 7.19
N ASN C 186 -13.51 24.05 5.91
CA ASN C 186 -12.40 23.44 5.17
C ASN C 186 -11.73 24.42 4.22
N ASP C 187 -12.16 25.68 4.18
CA ASP C 187 -11.59 26.71 3.33
C ASP C 187 -11.68 26.37 1.84
N ILE C 188 -12.59 25.49 1.48
CA ILE C 188 -12.71 24.97 0.12
C ILE C 188 -14.18 24.92 -0.26
N SER C 189 -14.49 25.31 -1.50
CA SER C 189 -15.82 25.14 -2.07
C SER C 189 -15.71 24.23 -3.29
N LEU C 190 -16.81 24.10 -4.03
CA LEU C 190 -16.84 23.20 -5.18
C LEU C 190 -15.89 23.67 -6.28
N ASP C 191 -15.87 24.97 -6.54
CA ASP C 191 -15.14 25.53 -7.68
C ASP C 191 -13.69 25.84 -7.37
N GLY C 192 -13.26 25.72 -6.13
CA GLY C 192 -11.89 26.04 -5.77
C GLY C 192 -11.82 26.46 -4.31
N GLU C 193 -11.03 27.51 -4.06
CA GLU C 193 -10.82 27.97 -2.70
C GLU C 193 -11.89 28.96 -2.27
N LEU C 194 -12.02 29.13 -0.96
CA LEU C 194 -13.04 30.00 -0.40
C LEU C 194 -12.68 31.47 -0.52
N ASN C 195 -11.40 31.80 -0.44
CA ASN C 195 -10.98 33.20 -0.47
C ASN C 195 -11.19 33.87 -1.82
N LYS C 196 -11.77 33.18 -2.81
CA LYS C 196 -12.06 33.79 -4.10
C LYS C 196 -13.45 34.40 -4.17
N ALA C 197 -14.34 34.05 -3.25
CA ALA C 197 -15.67 34.64 -3.20
C ALA C 197 -16.18 34.86 -1.78
N PHE C 198 -15.38 34.56 -0.75
CA PHE C 198 -15.86 34.53 0.62
C PHE C 198 -14.69 34.76 1.56
N SER C 199 -14.81 35.78 2.42
CA SER C 199 -13.71 36.13 3.32
C SER C 199 -14.22 36.66 4.66
N GLU C 200 -15.48 36.40 5.01
CA GLU C 200 -16.09 37.06 6.15
C GLU C 200 -15.73 36.36 7.46
N ASN C 201 -15.81 37.14 8.54
CA ASN C 201 -15.58 36.65 9.90
C ASN C 201 -16.87 36.01 10.41
N THR C 202 -16.89 34.67 10.41
CA THR C 202 -18.06 33.94 10.91
C THR C 202 -18.37 34.33 12.35
N LYS C 203 -17.33 34.50 13.17
CA LYS C 203 -17.52 34.77 14.60
C LYS C 203 -18.23 36.10 14.82
N ALA C 204 -17.73 37.18 14.21
CA ALA C 204 -18.34 38.49 14.41
C ALA C 204 -19.77 38.50 13.90
N ARG C 205 -20.01 37.88 12.74
CA ARG C 205 -21.35 37.77 12.19
C ARG C 205 -22.30 37.08 13.17
N PHE C 206 -21.97 35.85 13.56
CA PHE C 206 -22.91 35.06 14.36
C PHE C 206 -23.05 35.63 15.77
N GLU C 207 -22.01 36.26 16.30
CA GLU C 207 -22.16 36.96 17.57
C GLU C 207 -23.06 38.18 17.42
N ALA C 208 -23.02 38.84 16.26
CA ALA C 208 -23.94 39.93 15.98
C ALA C 208 -25.38 39.44 15.85
N TYR C 209 -25.59 38.18 15.49
CA TYR C 209 -26.94 37.62 15.50
C TYR C 209 -27.44 37.31 16.91
N GLY C 210 -26.56 37.35 17.92
CA GLY C 210 -26.88 36.88 19.24
C GLY C 210 -26.45 35.45 19.53
N TRP C 211 -25.59 34.88 18.70
CA TRP C 211 -25.14 33.51 18.86
C TRP C 211 -23.85 33.46 19.68
N ASN C 212 -23.60 32.29 20.25
CA ASN C 212 -22.34 32.00 20.89
C ASN C 212 -21.42 31.33 19.88
N TYR C 213 -20.13 31.64 19.94
CA TYR C 213 -19.16 31.13 18.99
C TYR C 213 -18.12 30.29 19.73
N LEU C 214 -17.88 29.07 19.23
CA LEU C 214 -16.80 28.23 19.70
C LEU C 214 -15.97 27.80 18.51
N LEU C 215 -14.66 27.71 18.70
CA LEU C 215 -13.71 27.40 17.65
C LEU C 215 -12.91 26.15 18.03
N VAL C 216 -12.97 25.13 17.20
CA VAL C 216 -12.13 23.95 17.33
C VAL C 216 -11.01 24.07 16.30
N LYS C 217 -9.76 24.14 16.79
CA LYS C 217 -8.64 24.36 15.89
C LYS C 217 -8.20 23.09 15.17
N ASP C 218 -8.46 21.92 15.77
CA ASP C 218 -8.09 20.65 15.15
C ASP C 218 -9.34 19.77 15.02
N GLY C 219 -9.88 19.71 13.81
CA GLY C 219 -11.01 18.86 13.48
C GLY C 219 -10.74 17.38 13.57
N ASN C 220 -9.51 16.99 13.88
CA ASN C 220 -9.14 15.61 14.16
C ASN C 220 -9.07 15.32 15.65
N ASP C 221 -9.26 16.32 16.49
CA ASP C 221 -9.21 16.17 17.94
C ASP C 221 -10.61 15.87 18.46
N LEU C 222 -10.87 14.59 18.77
CA LEU C 222 -12.17 14.23 19.32
C LEU C 222 -12.46 14.95 20.62
N GLU C 223 -11.42 15.21 21.43
CA GLU C 223 -11.64 15.79 22.74
C GLU C 223 -11.97 17.28 22.64
N GLU C 224 -11.29 18.00 21.74
CA GLU C 224 -11.61 19.41 21.54
C GLU C 224 -13.05 19.59 21.06
N ILE C 225 -13.49 18.75 20.13
CA ILE C 225 -14.87 18.80 19.67
C ILE C 225 -15.83 18.46 20.80
N ASP C 226 -15.48 17.47 21.63
CA ASP C 226 -16.33 17.10 22.75
C ASP C 226 -16.51 18.28 23.71
N LYS C 227 -15.41 18.92 24.09
CA LYS C 227 -15.49 20.07 24.98
C LYS C 227 -16.33 21.18 24.36
N ALA C 228 -16.16 21.41 23.06
CA ALA C 228 -16.97 22.42 22.37
C ALA C 228 -18.45 22.09 22.46
N ILE C 229 -18.83 20.84 22.19
CA ILE C 229 -20.24 20.46 22.19
C ILE C 229 -20.84 20.59 23.59
N THR C 230 -20.09 20.18 24.62
CA THR C 230 -20.59 20.33 25.99
C THR C 230 -20.82 21.80 26.34
N THR C 231 -19.82 22.64 26.10
CA THR C 231 -19.95 24.07 26.37
C THR C 231 -21.17 24.63 25.65
N ALA C 232 -21.33 24.28 24.36
CA ALA C 232 -22.47 24.77 23.60
C ALA C 232 -23.78 24.34 24.21
N LYS C 233 -23.88 23.07 24.60
CA LYS C 233 -25.10 22.55 25.20
C LYS C 233 -25.44 23.25 26.51
N SER C 234 -24.47 23.86 27.18
CA SER C 234 -24.76 24.54 28.44
C SER C 234 -24.96 26.05 28.30
N GLN C 235 -25.32 26.55 27.12
CA GLN C 235 -25.31 27.99 26.89
C GLN C 235 -26.65 28.53 26.42
N GLU C 236 -26.88 29.81 26.70
CA GLU C 236 -28.10 30.52 26.33
C GLU C 236 -27.94 31.12 24.93
N GLY C 237 -28.95 30.95 24.10
CA GLY C 237 -28.89 31.35 22.72
C GLY C 237 -28.24 30.28 21.86
N PRO C 238 -28.47 30.34 20.56
CA PRO C 238 -27.90 29.33 19.66
C PRO C 238 -26.38 29.45 19.60
N THR C 239 -25.74 28.32 19.34
CA THR C 239 -24.29 28.22 19.39
C THR C 239 -23.77 27.59 18.11
N ILE C 240 -22.76 28.22 17.51
CA ILE C 240 -22.11 27.68 16.33
C ILE C 240 -20.65 27.36 16.69
N ILE C 241 -20.22 26.16 16.32
CA ILE C 241 -18.84 25.72 16.52
C ILE C 241 -18.19 25.64 15.15
N GLU C 242 -17.24 26.53 14.90
CA GLU C 242 -16.43 26.48 13.69
C GLU C 242 -15.28 25.52 13.95
N VAL C 243 -15.28 24.39 13.25
CA VAL C 243 -14.32 23.32 13.47
C VAL C 243 -13.42 23.24 12.25
N LYS C 244 -12.14 23.60 12.43
CA LYS C 244 -11.20 23.68 11.32
C LYS C 244 -10.78 22.29 10.89
N THR C 245 -11.10 21.92 9.65
CA THR C 245 -10.74 20.62 9.11
C THR C 245 -10.06 20.78 7.76
N THR C 246 -9.35 19.74 7.35
CA THR C 246 -8.84 19.61 6.00
C THR C 246 -9.79 18.70 5.22
N ILE C 247 -10.30 19.21 4.10
CA ILE C 247 -11.17 18.42 3.26
C ILE C 247 -10.36 17.27 2.65
N GLY C 248 -10.97 16.09 2.61
CA GLY C 248 -10.27 14.92 2.10
C GLY C 248 -9.06 14.50 2.90
N PHE C 249 -9.13 14.62 4.23
CA PHE C 249 -7.98 14.29 5.08
C PHE C 249 -7.58 12.83 4.88
N GLY C 250 -6.28 12.59 4.75
CA GLY C 250 -5.74 11.28 4.47
C GLY C 250 -5.34 11.08 3.03
N SER C 251 -5.89 11.87 2.10
CA SER C 251 -5.48 11.80 0.71
C SER C 251 -4.20 12.59 0.51
N PRO C 252 -3.10 11.96 0.12
CA PRO C 252 -1.84 12.72 -0.04
C PRO C 252 -1.89 13.74 -1.16
N ASN C 253 -2.71 13.53 -2.19
CA ASN C 253 -2.66 14.37 -3.39
C ASN C 253 -3.91 15.18 -3.64
N LYS C 254 -5.05 14.79 -3.08
CA LYS C 254 -6.31 15.48 -3.33
C LYS C 254 -6.81 16.28 -2.13
N ALA C 255 -6.13 16.20 -0.99
CA ALA C 255 -6.57 16.95 0.19
C ALA C 255 -6.30 18.43 0.03
N GLY C 256 -7.17 19.25 0.63
CA GLY C 256 -7.04 20.68 0.50
C GLY C 256 -7.35 21.21 -0.88
N THR C 257 -8.01 20.41 -1.72
CA THR C 257 -8.32 20.77 -3.09
C THR C 257 -9.83 20.65 -3.32
N ASN C 258 -10.31 21.38 -4.32
CA ASN C 258 -11.70 21.23 -4.73
C ASN C 258 -11.94 19.90 -5.43
N GLY C 259 -10.88 19.27 -5.97
CA GLY C 259 -11.06 18.02 -6.71
C GLY C 259 -11.63 16.90 -5.88
N VAL C 260 -11.34 16.89 -4.57
CA VAL C 260 -11.89 15.86 -3.68
C VAL C 260 -13.33 16.15 -3.28
N HIS C 261 -13.88 17.30 -3.69
CA HIS C 261 -15.21 17.69 -3.23
C HIS C 261 -16.30 16.83 -3.85
N GLY C 262 -16.26 16.62 -5.17
CA GLY C 262 -17.38 15.98 -5.84
C GLY C 262 -17.04 14.81 -6.75
N ALA C 263 -15.78 14.35 -6.74
CA ALA C 263 -15.44 13.22 -7.58
C ALA C 263 -14.88 12.08 -6.75
N PRO C 264 -15.22 10.84 -7.07
CA PRO C 264 -14.60 9.70 -6.39
C PRO C 264 -13.08 9.73 -6.57
N LEU C 265 -12.37 9.35 -5.53
CA LEU C 265 -10.92 9.53 -5.48
C LEU C 265 -10.15 8.53 -6.32
N GLY C 266 -10.73 7.38 -6.64
CA GLY C 266 -10.04 6.46 -7.53
C GLY C 266 -9.17 5.48 -6.78
N GLU C 267 -8.97 4.31 -7.40
CA GLU C 267 -8.37 3.18 -6.70
C GLU C 267 -6.94 3.47 -6.26
N VAL C 268 -6.18 4.20 -7.07
CA VAL C 268 -4.80 4.52 -6.72
C VAL C 268 -4.77 5.43 -5.50
N GLU C 269 -5.44 6.58 -5.59
CA GLU C 269 -5.52 7.49 -4.46
C GLU C 269 -6.18 6.83 -3.25
N ARG C 270 -7.14 5.94 -3.49
CA ARG C 270 -7.77 5.22 -2.38
C ARG C 270 -6.76 4.32 -1.68
N LYS C 271 -5.92 3.62 -2.43
CA LYS C 271 -4.88 2.82 -1.80
C LYS C 271 -3.98 3.69 -0.93
N LEU C 272 -3.48 4.80 -1.51
CA LEU C 272 -2.60 5.68 -0.75
C LEU C 272 -3.29 6.19 0.51
N THR C 273 -4.57 6.55 0.41
CA THR C 273 -5.28 7.11 1.55
C THR C 273 -5.53 6.05 2.63
N PHE C 274 -5.91 4.84 2.21
CA PHE C 274 -6.16 3.77 3.18
C PHE C 274 -4.88 3.41 3.93
N GLU C 275 -3.74 3.36 3.22
CA GLU C 275 -2.47 3.14 3.93
C GLU C 275 -2.17 4.29 4.88
N ASN C 276 -2.48 5.53 4.47
CA ASN C 276 -2.28 6.66 5.38
C ASN C 276 -3.11 6.52 6.66
N TYR C 277 -4.35 6.04 6.54
CA TYR C 277 -5.15 5.80 7.73
C TYR C 277 -4.62 4.62 8.53
N GLY C 278 -4.07 3.61 7.86
CA GLY C 278 -3.68 2.38 8.47
C GLY C 278 -4.58 1.20 8.19
N LEU C 279 -5.52 1.34 7.26
CA LEU C 279 -6.47 0.28 6.94
C LEU C 279 -5.98 -0.55 5.76
N ASP C 280 -6.45 -1.78 5.71
CA ASP C 280 -6.13 -2.67 4.59
C ASP C 280 -6.80 -2.16 3.32
N PRO C 281 -6.04 -1.79 2.28
CA PRO C 281 -6.65 -1.30 1.04
C PRO C 281 -7.36 -2.37 0.24
N GLU C 282 -7.11 -3.65 0.52
CA GLU C 282 -7.68 -4.71 -0.31
C GLU C 282 -9.05 -5.18 0.15
N LYS C 283 -9.44 -4.87 1.39
CA LYS C 283 -10.76 -5.21 1.87
C LYS C 283 -11.73 -4.06 1.60
N ARG C 284 -12.87 -4.37 1.01
CA ARG C 284 -13.88 -3.38 0.68
C ARG C 284 -15.07 -3.53 1.61
N PHE C 285 -15.63 -2.41 2.05
CA PHE C 285 -16.79 -2.37 2.94
C PHE C 285 -16.54 -3.19 4.20
N ASN C 286 -15.48 -2.84 4.92
CA ASN C 286 -15.04 -3.59 6.08
C ASN C 286 -15.25 -2.77 7.35
N VAL C 287 -16.10 -3.27 8.24
CA VAL C 287 -16.34 -2.69 9.55
C VAL C 287 -15.97 -3.73 10.59
N SER C 288 -15.01 -3.39 11.46
CA SER C 288 -14.69 -4.27 12.58
C SER C 288 -15.91 -4.44 13.48
N GLU C 289 -16.03 -5.62 14.07
CA GLU C 289 -17.05 -5.82 15.09
C GLU C 289 -16.88 -4.82 16.22
N GLU C 290 -15.64 -4.35 16.43
CA GLU C 290 -15.34 -3.45 17.53
C GLU C 290 -16.04 -2.10 17.37
N VAL C 291 -16.16 -1.62 16.14
CA VAL C 291 -16.82 -0.33 15.91
C VAL C 291 -18.32 -0.45 16.21
N TYR C 292 -18.95 -1.51 15.70
CA TYR C 292 -20.33 -1.80 16.06
C TYR C 292 -20.50 -1.82 17.56
N GLU C 293 -19.57 -2.46 18.26
CA GLU C 293 -19.65 -2.51 19.72
C GLU C 293 -19.56 -1.13 20.33
N ILE C 294 -18.68 -0.27 19.80
CA ILE C 294 -18.61 1.11 20.28
C ILE C 294 -19.99 1.75 20.18
N PHE C 295 -20.60 1.68 19.00
CA PHE C 295 -21.88 2.37 18.81
C PHE C 295 -22.98 1.76 19.67
N GLN C 296 -22.92 0.47 19.94
CA GLN C 296 -23.97 -0.12 20.76
C GLN C 296 -23.77 0.17 22.24
N ASN C 297 -22.53 0.28 22.70
CA ASN C 297 -22.23 0.54 24.11
C ASN C 297 -22.22 2.03 24.44
N THR C 298 -22.37 2.90 23.45
CA THR C 298 -22.43 4.33 23.67
C THR C 298 -23.80 4.90 23.28
N MET C 299 -23.98 5.17 21.98
CA MET C 299 -25.19 5.88 21.55
C MET C 299 -26.44 5.06 21.78
N LEU C 300 -26.43 3.79 21.37
CA LEU C 300 -27.66 2.99 21.38
C LEU C 300 -28.16 2.73 22.80
N LYS C 301 -27.25 2.40 23.72
CA LYS C 301 -27.66 2.21 25.11
C LYS C 301 -28.20 3.50 25.71
N ARG C 302 -27.51 4.61 25.46
CA ARG C 302 -27.97 5.90 25.98
C ARG C 302 -29.36 6.23 25.46
N ALA C 303 -29.60 6.04 24.16
CA ALA C 303 -30.90 6.34 23.58
C ALA C 303 -31.98 5.41 24.11
N ASN C 304 -31.65 4.13 24.32
CA ASN C 304 -32.64 3.20 24.85
C ASN C 304 -33.03 3.58 26.27
N GLU C 305 -32.03 3.92 27.10
CA GLU C 305 -32.32 4.34 28.46
C GLU C 305 -33.15 5.62 28.47
N ASP C 306 -32.79 6.59 27.62
CA ASP C 306 -33.53 7.85 27.56
C ASP C 306 -34.98 7.63 27.15
N GLU C 307 -35.21 6.78 26.13
CA GLU C 307 -36.57 6.53 25.70
C GLU C 307 -37.38 5.81 26.77
N SER C 308 -36.78 4.83 27.47
CA SER C 308 -37.50 4.15 28.53
C SER C 308 -37.90 5.11 29.64
N GLN C 309 -36.96 5.96 30.06
CA GLN C 309 -37.27 6.94 31.11
C GLN C 309 -38.35 7.90 30.65
N TRP C 310 -38.30 8.33 29.39
CA TRP C 310 -39.31 9.26 28.87
C TRP C 310 -40.69 8.61 28.85
N ASN C 311 -40.76 7.33 28.47
CA ASN C 311 -42.05 6.63 28.46
C ASN C 311 -42.62 6.51 29.86
N SER C 312 -41.77 6.20 30.85
CA SER C 312 -42.25 6.13 32.22
C SER C 312 -42.72 7.48 32.73
N LEU C 313 -41.92 8.53 32.47
CA LEU C 313 -42.33 9.87 32.86
C LEU C 313 -43.64 10.26 32.18
N LEU C 314 -43.87 9.80 30.95
CA LEU C 314 -45.13 10.11 30.28
C LEU C 314 -46.30 9.40 30.93
N GLU C 315 -46.09 8.17 31.40
CA GLU C 315 -47.15 7.51 32.16
C GLU C 315 -47.50 8.31 33.41
N LYS C 316 -46.48 8.76 34.14
CA LYS C 316 -46.71 9.65 35.28
C LYS C 316 -47.48 10.90 34.87
N TYR C 317 -47.04 11.52 33.77
CA TYR C 317 -47.68 12.74 33.25
C TYR C 317 -49.14 12.50 32.93
N ALA C 318 -49.46 11.32 32.39
CA ALA C 318 -50.85 10.96 32.14
C ALA C 318 -51.63 10.88 33.43
N GLU C 319 -51.00 10.38 34.50
CA GLU C 319 -51.73 10.30 35.76
C GLU C 319 -51.97 11.68 36.39
N THR C 320 -50.97 12.56 36.35
CA THR C 320 -51.15 13.86 37.01
C THR C 320 -51.91 14.85 36.14
N TYR C 321 -51.67 14.81 34.83
CA TYR C 321 -52.28 15.73 33.88
C TYR C 321 -52.88 14.95 32.73
N PRO C 322 -53.94 14.27 32.97
CA PRO C 322 -54.59 13.44 31.91
C PRO C 322 -54.94 14.14 30.62
N GLU C 323 -55.60 15.30 30.72
CA GLU C 323 -56.04 16.04 29.54
C GLU C 323 -54.84 16.48 28.70
N LEU C 324 -53.83 17.05 29.36
CA LEU C 324 -52.63 17.47 28.65
C LEU C 324 -51.95 16.29 27.99
N ALA C 325 -51.98 15.12 28.62
CA ALA C 325 -51.38 13.93 28.04
C ALA C 325 -52.13 13.47 26.80
N GLU C 326 -53.47 13.54 26.84
CA GLU C 326 -54.26 13.23 25.66
C GLU C 326 -53.95 14.19 24.52
N GLU C 327 -53.89 15.49 24.83
CA GLU C 327 -53.47 16.49 23.84
C GLU C 327 -52.13 16.12 23.23
N PHE C 328 -51.16 15.79 24.07
CA PHE C 328 -49.80 15.52 23.60
C PHE C 328 -49.76 14.30 22.69
N LYS C 329 -50.43 13.22 23.08
CA LYS C 329 -50.50 12.04 22.23
C LYS C 329 -51.14 12.36 20.88
N LEU C 330 -52.31 13.00 20.91
CA LEU C 330 -52.99 13.35 19.66
C LEU C 330 -52.07 14.17 18.76
N ALA C 331 -51.40 15.17 19.33
CA ALA C 331 -50.47 15.98 18.55
C ALA C 331 -49.41 15.12 17.89
N ILE C 332 -48.84 14.17 18.65
CA ILE C 332 -47.80 13.31 18.07
C ILE C 332 -48.36 12.47 16.93
N SER C 333 -49.61 12.04 17.03
CA SER C 333 -50.18 11.19 15.99
C SER C 333 -50.34 11.91 14.66
N GLY C 334 -50.17 13.23 14.62
CA GLY C 334 -50.47 13.98 13.43
C GLY C 334 -51.94 14.07 13.11
N LYS C 335 -52.80 13.82 14.10
CA LYS C 335 -54.24 13.77 13.92
C LYS C 335 -54.89 15.04 14.47
N LEU C 336 -56.12 15.27 14.04
CA LEU C 336 -56.88 16.43 14.44
C LEU C 336 -58.00 16.04 15.40
N PRO C 337 -58.48 16.97 16.21
CA PRO C 337 -59.60 16.66 17.11
C PRO C 337 -60.84 16.26 16.34
N LYS C 338 -61.54 15.26 16.84
CA LYS C 338 -62.75 14.78 16.20
C LYS C 338 -63.83 15.86 16.24
N ASN C 339 -64.54 16.01 15.11
CA ASN C 339 -65.60 17.01 14.97
C ASN C 339 -65.10 18.42 15.20
N TYR C 340 -63.85 18.69 14.78
CA TYR C 340 -63.35 20.07 14.87
C TYR C 340 -64.08 20.97 13.87
N LYS C 341 -64.40 20.44 12.68
CA LYS C 341 -65.05 21.23 11.65
C LYS C 341 -66.37 21.85 12.11
N ASP C 342 -67.02 21.26 13.11
CA ASP C 342 -68.28 21.79 13.59
C ASP C 342 -68.14 23.17 14.21
N GLU C 343 -66.93 23.56 14.62
CA GLU C 343 -66.72 24.89 15.16
C GLU C 343 -66.22 25.88 14.12
N LEU C 344 -66.25 25.52 12.86
CA LEU C 344 -65.69 26.43 11.88
C LEU C 344 -66.74 27.40 11.35
N PRO C 345 -66.33 28.62 11.02
CA PRO C 345 -67.31 29.66 10.64
C PRO C 345 -68.11 29.28 9.39
N ARG C 346 -69.41 29.53 9.47
CA ARG C 346 -70.33 29.37 8.34
C ARG C 346 -70.78 30.74 7.87
N PHE C 347 -70.67 30.99 6.56
CA PHE C 347 -70.97 32.29 5.99
C PHE C 347 -72.25 32.22 5.16
N GLU C 348 -73.17 33.12 5.43
CA GLU C 348 -74.51 33.10 4.85
C GLU C 348 -74.58 33.99 3.62
N LEU C 349 -75.68 33.86 2.88
CA LEU C 349 -75.90 34.68 1.71
C LEU C 349 -76.07 36.14 2.11
N GLY C 350 -75.53 37.03 1.28
CA GLY C 350 -75.44 38.44 1.60
C GLY C 350 -74.11 38.84 2.21
N HIS C 351 -73.32 37.89 2.68
CA HIS C 351 -72.00 38.20 3.21
C HIS C 351 -71.02 38.42 2.07
N ASN C 352 -70.38 39.59 2.08
CA ASN C 352 -69.28 39.92 1.17
C ASN C 352 -67.99 39.91 2.00
N GLY C 353 -67.11 38.96 1.72
CA GLY C 353 -65.88 38.87 2.50
C GLY C 353 -64.66 38.46 1.71
N ALA C 354 -63.56 39.18 1.89
CA ALA C 354 -62.30 38.81 1.26
C ALA C 354 -61.77 37.52 1.87
N SER C 355 -61.20 36.66 1.00
CA SER C 355 -60.72 35.34 1.46
C SER C 355 -59.71 35.47 2.59
N ARG C 356 -58.95 36.57 2.63
CA ARG C 356 -57.99 36.73 3.72
C ARG C 356 -58.71 36.99 5.04
N ALA C 357 -59.75 37.84 5.02
CA ALA C 357 -60.51 38.10 6.24
C ALA C 357 -61.24 36.85 6.71
N ASP C 358 -61.84 36.10 5.77
CA ASP C 358 -62.53 34.89 6.15
C ASP C 358 -61.56 33.81 6.62
N SER C 359 -60.33 33.80 6.08
CA SER C 359 -59.29 32.94 6.64
C SER C 359 -58.94 33.38 8.05
N GLY C 360 -58.93 34.68 8.31
CA GLY C 360 -58.68 35.16 9.67
C GLY C 360 -59.71 34.67 10.66
N THR C 361 -60.98 34.75 10.28
CA THR C 361 -62.05 34.19 11.12
C THR C 361 -61.85 32.69 11.33
N VAL C 362 -61.60 31.94 10.24
CA VAL C 362 -61.43 30.50 10.35
C VAL C 362 -60.21 30.16 11.22
N ILE C 363 -59.16 30.97 11.15
CA ILE C 363 -57.96 30.74 11.94
C ILE C 363 -58.23 30.97 13.41
N GLN C 364 -58.96 32.06 13.71
CA GLN C 364 -59.39 32.31 15.08
C GLN C 364 -60.18 31.13 15.63
N ALA C 365 -60.94 30.44 14.78
CA ALA C 365 -61.63 29.22 15.25
C ALA C 365 -60.67 28.05 15.42
N ILE C 366 -59.78 27.83 14.44
CA ILE C 366 -58.91 26.66 14.44
C ILE C 366 -58.02 26.66 15.68
N SER C 367 -57.46 27.82 16.03
CA SER C 367 -56.64 27.89 17.24
C SER C 367 -57.41 27.41 18.45
N LYS C 368 -58.70 27.70 18.51
CA LYS C 368 -59.54 27.22 19.61
C LYS C 368 -59.69 25.71 19.56
N THR C 369 -59.98 25.16 18.38
CA THR C 369 -60.36 23.76 18.30
C THR C 369 -59.21 22.80 17.96
N VAL C 370 -58.14 23.29 17.36
CA VAL C 370 -56.96 22.47 17.04
C VAL C 370 -55.80 23.00 17.87
N PRO C 371 -55.39 22.29 18.93
CA PRO C 371 -54.36 22.81 19.83
C PRO C 371 -52.93 22.71 19.32
N SER C 372 -52.69 22.07 18.17
CA SER C 372 -51.36 22.01 17.58
C SER C 372 -51.11 23.12 16.57
N PHE C 373 -52.02 24.08 16.47
CA PHE C 373 -51.90 25.14 15.49
C PHE C 373 -50.78 26.10 15.88
N PHE C 374 -49.88 26.37 14.94
CA PHE C 374 -48.72 27.20 15.20
C PHE C 374 -48.31 27.86 13.89
N GLY C 375 -48.15 29.17 13.91
CA GLY C 375 -47.79 29.84 12.68
C GLY C 375 -47.55 31.31 12.90
N GLY C 376 -47.26 31.98 11.79
CA GLY C 376 -46.99 33.41 11.81
C GLY C 376 -46.78 33.91 10.39
N SER C 377 -46.63 35.22 10.29
CA SER C 377 -46.47 35.89 9.01
C SER C 377 -45.08 36.49 8.91
N ALA C 378 -44.71 36.86 7.68
CA ALA C 378 -43.43 37.51 7.40
C ALA C 378 -43.63 39.03 7.39
N ASP C 379 -43.82 39.57 8.59
CA ASP C 379 -44.05 41.01 8.80
C ASP C 379 -45.29 41.51 8.07
N LEU C 380 -46.30 40.65 7.88
CA LEU C 380 -47.50 41.05 7.14
C LEU C 380 -48.74 40.42 7.76
N ALA C 381 -48.80 40.35 9.09
CA ALA C 381 -49.90 39.65 9.74
C ALA C 381 -51.19 40.47 9.71
N GLY C 382 -51.08 41.79 9.89
CA GLY C 382 -52.24 42.63 9.77
C GLY C 382 -52.85 42.63 8.38
N SER C 383 -52.04 42.37 7.36
CA SER C 383 -52.56 42.28 6.00
C SER C 383 -52.97 40.85 5.63
N ASN C 384 -52.28 39.85 6.14
CA ASN C 384 -52.59 38.46 5.83
C ASN C 384 -53.74 37.91 6.66
N LYS C 385 -54.08 38.59 7.76
CA LYS C 385 -55.13 38.13 8.68
C LYS C 385 -54.80 36.74 9.23
N SER C 386 -53.53 36.51 9.52
CA SER C 386 -53.06 35.25 10.06
C SER C 386 -52.86 35.27 11.56
N ASN C 387 -53.05 36.42 12.19
CA ASN C 387 -52.84 36.56 13.62
C ASN C 387 -54.01 35.99 14.41
N VAL C 388 -53.69 35.26 15.48
CA VAL C 388 -54.68 34.80 16.44
C VAL C 388 -54.79 35.87 17.52
N ASN C 389 -55.99 36.43 17.69
CA ASN C 389 -56.14 37.59 18.57
C ASN C 389 -56.13 37.20 20.04
N ASP C 390 -56.87 36.15 20.42
CA ASP C 390 -56.90 35.70 21.80
C ASP C 390 -55.70 34.82 22.16
N ALA C 391 -54.61 34.92 21.41
CA ALA C 391 -53.39 34.19 21.70
C ALA C 391 -52.24 35.17 21.89
N THR C 392 -51.21 34.71 22.59
CA THR C 392 -50.03 35.52 22.84
C THR C 392 -48.97 35.26 21.78
N ASP C 393 -48.03 36.19 21.66
CA ASP C 393 -46.95 36.04 20.69
C ASP C 393 -45.90 35.08 21.21
N TYR C 394 -45.30 34.32 20.30
CA TYR C 394 -44.14 33.52 20.65
C TYR C 394 -42.99 34.44 21.03
N SER C 395 -42.38 34.17 22.18
CA SER C 395 -41.18 34.84 22.63
C SER C 395 -40.26 33.79 23.22
N SER C 396 -38.98 34.14 23.37
CA SER C 396 -38.12 33.34 24.24
C SER C 396 -38.71 33.29 25.65
N GLU C 397 -39.27 34.41 26.10
CA GLU C 397 -39.87 34.50 27.41
C GLU C 397 -41.25 33.85 27.45
N THR C 398 -41.97 33.87 26.33
CA THR C 398 -43.30 33.29 26.23
C THR C 398 -43.32 32.27 25.09
N PRO C 399 -42.68 31.11 25.28
CA PRO C 399 -42.61 30.14 24.18
C PRO C 399 -43.92 29.40 23.93
N GLU C 400 -44.88 29.50 24.85
CA GLU C 400 -46.22 28.96 24.65
C GLU C 400 -47.09 29.86 23.77
N GLY C 401 -46.57 30.98 23.31
CA GLY C 401 -47.35 31.84 22.42
C GLY C 401 -47.51 31.20 21.04
N LYS C 402 -48.66 31.43 20.43
CA LYS C 402 -49.02 30.81 19.16
C LYS C 402 -48.86 31.76 17.98
N ASN C 403 -48.30 32.95 18.20
CA ASN C 403 -48.11 33.96 17.16
C ASN C 403 -46.62 34.15 16.92
N VAL C 404 -46.16 33.78 15.73
CA VAL C 404 -44.74 33.87 15.37
C VAL C 404 -44.53 35.09 14.48
N TRP C 405 -43.43 35.79 14.71
CA TRP C 405 -43.03 36.97 13.93
C TRP C 405 -41.74 36.61 13.21
N PHE C 406 -41.86 36.11 11.98
CA PHE C 406 -40.66 35.77 11.21
C PHE C 406 -39.98 37.00 10.65
N GLY C 407 -40.72 38.08 10.41
CA GLY C 407 -40.17 39.26 9.81
C GLY C 407 -39.98 39.10 8.31
N VAL C 408 -39.27 40.05 7.72
CA VAL C 408 -38.99 40.03 6.29
C VAL C 408 -37.98 38.93 6.00
N ARG C 409 -38.38 37.67 6.28
CA ARG C 409 -37.53 36.48 6.20
C ARG C 409 -38.38 35.36 5.60
N GLU C 410 -38.79 35.54 4.34
CA GLU C 410 -39.76 34.64 3.71
C GLU C 410 -39.19 33.24 3.54
N PHE C 411 -37.98 33.13 2.97
CA PHE C 411 -37.35 31.83 2.75
C PHE C 411 -37.13 31.09 4.06
N ALA C 412 -36.57 31.78 5.06
CA ALA C 412 -36.36 31.15 6.35
C ALA C 412 -37.66 30.70 6.98
N MET C 413 -38.73 31.50 6.81
CA MET C 413 -40.04 31.11 7.35
C MET C 413 -40.57 29.86 6.69
N GLY C 414 -40.43 29.74 5.37
CA GLY C 414 -40.87 28.53 4.68
C GLY C 414 -40.11 27.30 5.16
N ALA C 415 -38.79 27.40 5.22
CA ALA C 415 -38.00 26.29 5.73
C ALA C 415 -38.34 25.96 7.17
N ALA C 416 -38.66 26.98 7.97
CA ALA C 416 -38.98 26.73 9.38
C ALA C 416 -40.31 26.01 9.52
N VAL C 417 -41.30 26.39 8.72
CA VAL C 417 -42.59 25.68 8.75
C VAL C 417 -42.39 24.24 8.32
N ASN C 418 -41.52 24.01 7.33
CA ASN C 418 -41.18 22.63 6.97
C ASN C 418 -40.57 21.88 8.15
N GLY C 419 -39.65 22.52 8.88
CA GLY C 419 -39.03 21.87 10.01
C GLY C 419 -40.01 21.56 11.13
N MET C 420 -40.96 22.47 11.37
CA MET C 420 -41.96 22.24 12.40
C MET C 420 -42.91 21.12 12.01
N ALA C 421 -43.23 21.02 10.72
CA ALA C 421 -43.99 19.86 10.25
C ALA C 421 -43.20 18.57 10.45
N ALA C 422 -41.89 18.60 10.13
CA ALA C 422 -41.09 17.39 10.22
C ALA C 422 -40.88 16.95 11.67
N HIS C 423 -40.92 17.88 12.62
CA HIS C 423 -40.68 17.53 14.01
C HIS C 423 -41.79 16.63 14.56
N GLY C 424 -43.04 16.99 14.30
CA GLY C 424 -44.19 16.31 14.87
C GLY C 424 -44.80 17.12 16.01
N GLY C 425 -46.08 16.83 16.28
CA GLY C 425 -46.80 17.54 17.31
C GLY C 425 -47.33 18.90 16.91
N LEU C 426 -47.09 19.34 15.68
CA LEU C 426 -47.49 20.67 15.25
C LEU C 426 -48.21 20.61 13.91
N HIS C 427 -49.18 21.52 13.75
CA HIS C 427 -49.84 21.77 12.48
C HIS C 427 -49.42 23.18 12.03
N PRO C 428 -48.29 23.32 11.34
CA PRO C 428 -47.68 24.64 11.13
C PRO C 428 -48.18 25.38 9.92
N TYR C 429 -48.17 26.72 10.02
CA TYR C 429 -48.54 27.58 8.91
C TYR C 429 -47.59 28.77 8.82
N GLY C 430 -47.44 29.28 7.61
CA GLY C 430 -46.70 30.51 7.38
C GLY C 430 -47.42 31.37 6.36
N ALA C 431 -47.28 32.69 6.50
CA ALA C 431 -48.05 33.63 5.71
C ALA C 431 -47.17 34.72 5.10
N THR C 432 -47.46 35.06 3.84
CA THR C 432 -46.85 36.20 3.15
C THR C 432 -47.74 36.54 1.95
N PHE C 433 -47.27 37.45 1.10
CA PHE C 433 -47.97 37.76 -0.14
C PHE C 433 -47.67 36.70 -1.18
N PHE C 434 -48.69 36.41 -2.00
CA PHE C 434 -48.53 35.46 -3.11
C PHE C 434 -47.31 35.83 -3.97
N VAL C 435 -47.15 37.12 -4.26
CA VAL C 435 -46.08 37.57 -5.15
C VAL C 435 -44.69 37.22 -4.59
N PHE C 436 -44.53 37.26 -3.27
CA PHE C 436 -43.26 36.94 -2.65
C PHE C 436 -43.14 35.46 -2.30
N SER C 437 -44.13 34.65 -2.69
CA SER C 437 -43.98 33.20 -2.63
C SER C 437 -42.72 32.75 -3.37
N ASP C 438 -42.34 33.44 -4.44
CA ASP C 438 -41.10 33.14 -5.14
C ASP C 438 -39.92 33.10 -4.18
N TYR C 439 -39.86 34.06 -3.25
CA TYR C 439 -38.77 34.11 -2.27
C TYR C 439 -38.58 32.77 -1.56
N LEU C 440 -39.66 32.03 -1.32
CA LEU C 440 -39.59 30.75 -0.62
C LEU C 440 -39.88 29.57 -1.54
N LYS C 441 -39.81 29.77 -2.86
CA LYS C 441 -40.15 28.69 -3.78
C LYS C 441 -39.28 27.44 -3.61
N PRO C 442 -37.97 27.52 -3.39
CA PRO C 442 -37.23 26.28 -3.10
C PRO C 442 -37.80 25.53 -1.92
N ALA C 443 -38.02 26.22 -0.80
CA ALA C 443 -38.61 25.60 0.38
C ALA C 443 -39.91 24.88 0.04
N LEU C 444 -40.82 25.57 -0.67
CA LEU C 444 -42.07 24.94 -1.08
C LEU C 444 -41.80 23.60 -1.74
N ARG C 445 -40.90 23.59 -2.73
CA ARG C 445 -40.58 22.35 -3.43
C ARG C 445 -40.14 21.26 -2.45
N LEU C 446 -39.23 21.62 -1.53
CA LEU C 446 -38.76 20.64 -0.57
C LEU C 446 -39.91 20.09 0.25
N SER C 447 -40.83 20.97 0.65
CA SER C 447 -42.05 20.52 1.32
C SER C 447 -42.74 19.42 0.50
N SER C 448 -43.02 19.73 -0.78
CA SER C 448 -43.69 18.77 -1.63
C SER C 448 -42.87 17.49 -1.80
N ILE C 449 -41.54 17.59 -1.74
CA ILE C 449 -40.72 16.40 -1.86
C ILE C 449 -40.88 15.54 -0.62
N MET C 450 -40.93 16.18 0.56
CA MET C 450 -41.02 15.40 1.79
C MET C 450 -42.44 14.99 2.15
N GLY C 451 -43.43 15.49 1.41
CA GLY C 451 -44.82 15.16 1.72
C GLY C 451 -45.26 15.66 3.08
N LEU C 452 -44.91 16.89 3.43
CA LEU C 452 -45.18 17.42 4.76
C LEU C 452 -46.56 18.07 4.82
N ASN C 453 -47.27 17.81 5.92
CA ASN C 453 -48.51 18.51 6.21
C ASN C 453 -48.21 19.96 6.62
N ALA C 454 -47.79 20.77 5.66
CA ALA C 454 -47.51 22.18 5.88
C ALA C 454 -48.50 23.03 5.10
N THR C 455 -48.77 24.22 5.61
CA THR C 455 -49.68 25.15 4.95
C THR C 455 -49.03 26.52 4.86
N PHE C 456 -49.15 27.16 3.70
CA PHE C 456 -48.56 28.45 3.43
C PHE C 456 -49.67 29.41 2.98
N ILE C 457 -49.98 30.38 3.84
CA ILE C 457 -51.03 31.36 3.56
C ILE C 457 -50.46 32.46 2.67
N PHE C 458 -51.04 32.63 1.48
CA PHE C 458 -50.62 33.65 0.53
C PHE C 458 -51.80 34.57 0.25
N THR C 459 -51.69 35.83 0.67
CA THR C 459 -52.74 36.83 0.46
C THR C 459 -52.33 37.81 -0.64
N HIS C 460 -53.29 38.66 -1.02
CA HIS C 460 -53.09 39.66 -2.07
C HIS C 460 -52.63 38.97 -3.34
N ASP C 461 -53.58 38.40 -4.08
CA ASP C 461 -53.31 37.34 -5.04
C ASP C 461 -53.38 37.76 -6.50
N SER C 462 -53.73 39.01 -6.79
CA SER C 462 -54.05 39.36 -8.17
C SER C 462 -53.68 40.82 -8.44
N ILE C 463 -53.98 41.25 -9.66
CA ILE C 463 -53.85 42.66 -10.03
C ILE C 463 -54.69 43.54 -9.12
N ALA C 464 -55.63 42.94 -8.39
CA ALA C 464 -56.51 43.69 -7.51
C ALA C 464 -55.78 44.39 -6.37
N VAL C 465 -54.51 44.06 -6.13
CA VAL C 465 -53.70 44.80 -5.15
C VAL C 465 -53.72 46.28 -5.52
N GLY C 466 -53.56 46.58 -6.79
CA GLY C 466 -53.88 47.91 -7.31
C GLY C 466 -52.68 48.87 -7.24
N GLU C 467 -52.81 49.89 -6.40
CA GLU C 467 -51.89 51.02 -6.40
C GLU C 467 -50.46 50.63 -6.06
N ASP C 468 -50.21 49.42 -5.58
CA ASP C 468 -48.85 49.02 -5.23
C ASP C 468 -48.02 48.65 -6.46
N GLY C 469 -48.65 48.37 -7.59
CA GLY C 469 -47.94 48.22 -8.84
C GLY C 469 -47.69 46.79 -9.25
N PRO C 470 -47.04 46.61 -10.39
CA PRO C 470 -46.84 45.25 -10.93
C PRO C 470 -45.84 44.42 -10.14
N THR C 471 -44.95 45.04 -9.36
CA THR C 471 -44.03 44.26 -8.54
C THR C 471 -44.76 43.58 -7.39
N HIS C 472 -45.86 44.17 -6.92
CA HIS C 472 -46.64 43.63 -5.81
C HIS C 472 -47.89 42.87 -6.27
N GLU C 473 -48.08 42.72 -7.59
CA GLU C 473 -49.26 42.04 -8.13
C GLU C 473 -48.85 40.73 -8.76
N PRO C 474 -49.35 39.60 -8.28
CA PRO C 474 -49.01 38.31 -8.88
C PRO C 474 -49.63 38.15 -10.26
N ILE C 475 -48.96 37.37 -11.10
CA ILE C 475 -49.48 37.00 -12.42
C ILE C 475 -49.26 35.51 -12.66
N GLU C 476 -48.06 35.02 -12.35
CA GLU C 476 -47.62 33.71 -12.80
C GLU C 476 -47.37 32.73 -11.66
N GLN C 477 -47.61 33.13 -10.42
CA GLN C 477 -47.25 32.29 -9.28
C GLN C 477 -48.08 31.01 -9.23
N LEU C 478 -49.36 31.11 -9.59
CA LEU C 478 -50.23 29.94 -9.61
C LEU C 478 -49.67 28.85 -10.50
N ALA C 479 -49.18 29.22 -11.70
CA ALA C 479 -48.70 28.21 -12.62
C ALA C 479 -47.48 27.49 -12.07
N GLY C 480 -46.48 28.26 -11.61
CA GLY C 480 -45.30 27.65 -11.03
C GLY C 480 -45.62 26.74 -9.87
N LEU C 481 -46.58 27.12 -9.03
CA LEU C 481 -46.93 26.28 -7.88
C LEU C 481 -47.70 25.04 -8.32
N ARG C 482 -48.64 25.20 -9.27
CA ARG C 482 -49.43 24.09 -9.78
C ARG C 482 -48.59 23.06 -10.52
N ALA C 483 -47.45 23.46 -11.08
CA ALA C 483 -46.55 22.52 -11.73
C ALA C 483 -45.69 21.74 -10.74
N ILE C 484 -45.61 22.19 -9.48
CA ILE C 484 -44.87 21.47 -8.44
C ILE C 484 -45.67 20.22 -8.05
N PRO C 485 -45.10 19.02 -8.22
CA PRO C 485 -45.82 17.80 -7.82
C PRO C 485 -46.14 17.79 -6.32
N ASN C 486 -47.30 17.24 -5.98
CA ASN C 486 -47.79 17.20 -4.61
C ASN C 486 -47.82 18.59 -3.98
N MET C 487 -48.47 19.52 -4.66
CA MET C 487 -48.72 20.85 -4.14
C MET C 487 -50.21 21.15 -4.30
N ASN C 488 -50.93 21.23 -3.18
CA ASN C 488 -52.30 21.72 -3.19
C ASN C 488 -52.23 23.23 -3.33
N VAL C 489 -52.85 23.77 -4.37
CA VAL C 489 -52.87 25.22 -4.61
C VAL C 489 -54.35 25.60 -4.64
N ILE C 490 -54.90 25.97 -3.48
CA ILE C 490 -56.34 26.20 -3.37
C ILE C 490 -56.62 27.70 -3.38
N ARG C 491 -57.45 28.11 -4.34
CA ARG C 491 -57.88 29.49 -4.52
C ARG C 491 -59.37 29.57 -4.19
N PRO C 492 -59.75 29.81 -2.94
CA PRO C 492 -61.17 29.75 -2.57
C PRO C 492 -61.98 30.89 -3.16
N ALA C 493 -63.27 30.62 -3.38
CA ALA C 493 -64.17 31.58 -4.02
C ALA C 493 -64.95 32.44 -3.04
N ASP C 494 -65.27 31.92 -1.86
CA ASP C 494 -65.98 32.67 -0.83
C ASP C 494 -65.46 32.23 0.52
N GLY C 495 -66.16 32.62 1.59
CA GLY C 495 -65.74 32.24 2.93
C GLY C 495 -65.91 30.77 3.22
N ASN C 496 -66.93 30.14 2.62
CA ASN C 496 -67.18 28.73 2.87
C ASN C 496 -66.15 27.86 2.15
N GLU C 497 -65.79 28.26 0.92
CA GLU C 497 -64.68 27.62 0.24
C GLU C 497 -63.39 27.80 1.02
N THR C 498 -63.19 28.97 1.63
CA THR C 498 -62.00 29.17 2.47
C THR C 498 -62.01 28.24 3.68
N ARG C 499 -63.18 28.03 4.29
CA ARG C 499 -63.30 27.08 5.38
C ARG C 499 -62.88 25.68 4.94
N VAL C 500 -63.49 25.18 3.86
CA VAL C 500 -63.18 23.84 3.40
C VAL C 500 -61.72 23.73 2.98
N ALA C 501 -61.16 24.82 2.45
CA ALA C 501 -59.76 24.80 2.03
C ALA C 501 -58.82 24.73 3.22
N TRP C 502 -59.14 25.45 4.31
CA TRP C 502 -58.38 25.29 5.54
C TRP C 502 -58.50 23.86 6.07
N GLU C 503 -59.68 23.26 5.93
CA GLU C 503 -59.84 21.86 6.33
C GLU C 503 -58.92 20.95 5.52
N VAL C 504 -58.94 21.09 4.20
CA VAL C 504 -58.08 20.28 3.35
C VAL C 504 -56.61 20.49 3.70
N ALA C 505 -56.24 21.73 4.03
CA ALA C 505 -54.87 22.01 4.44
C ALA C 505 -54.52 21.28 5.74
N LEU C 506 -55.48 21.20 6.67
CA LEU C 506 -55.21 20.57 7.96
C LEU C 506 -55.16 19.05 7.86
N GLU C 507 -55.99 18.46 7.01
CA GLU C 507 -56.11 17.01 6.88
C GLU C 507 -55.18 16.42 5.82
N SER C 508 -54.26 17.21 5.26
CA SER C 508 -53.41 16.78 4.16
C SER C 508 -52.11 16.22 4.73
N GLU C 509 -52.19 14.95 5.16
CA GLU C 509 -51.08 14.33 5.88
C GLU C 509 -49.82 14.24 5.03
N SER C 510 -49.95 14.08 3.72
CA SER C 510 -48.79 13.87 2.85
C SER C 510 -48.65 14.90 1.74
N THR C 511 -49.53 15.90 1.65
CA THR C 511 -49.34 16.92 0.64
C THR C 511 -49.26 18.30 1.30
N PRO C 512 -48.29 19.13 0.92
CA PRO C 512 -48.30 20.52 1.36
C PRO C 512 -49.41 21.28 0.66
N THR C 513 -49.80 22.39 1.29
CA THR C 513 -50.94 23.17 0.86
C THR C 513 -50.62 24.65 0.88
N SER C 514 -50.89 25.32 -0.24
CA SER C 514 -50.73 26.76 -0.41
C SER C 514 -52.10 27.36 -0.66
N LEU C 515 -52.50 28.31 0.19
CA LEU C 515 -53.80 28.94 0.15
C LEU C 515 -53.66 30.34 -0.45
N VAL C 516 -54.44 30.62 -1.49
CA VAL C 516 -54.33 31.86 -2.25
C VAL C 516 -55.57 32.69 -1.97
N LEU C 517 -55.41 33.78 -1.20
CA LEU C 517 -56.52 34.59 -0.75
C LEU C 517 -56.46 36.00 -1.34
N THR C 518 -57.60 36.69 -1.26
CA THR C 518 -57.82 37.96 -1.96
C THR C 518 -57.95 39.10 -0.97
N ARG C 519 -57.43 40.27 -1.34
CA ARG C 519 -57.69 41.49 -0.58
C ARG C 519 -59.10 42.01 -0.82
N GLN C 520 -59.59 41.88 -2.04
CA GLN C 520 -60.91 42.40 -2.42
C GLN C 520 -62.02 41.52 -1.86
N ASN C 521 -63.18 42.14 -1.61
CA ASN C 521 -64.30 41.43 -1.04
C ASN C 521 -64.86 40.41 -2.03
N LEU C 522 -65.29 39.27 -1.52
CA LEU C 522 -65.82 38.19 -2.33
C LEU C 522 -67.22 37.82 -1.88
N PRO C 523 -68.19 37.73 -2.80
CA PRO C 523 -69.55 37.36 -2.41
C PRO C 523 -69.68 35.88 -2.12
N VAL C 524 -70.40 35.56 -1.04
CA VAL C 524 -70.75 34.17 -0.77
C VAL C 524 -71.68 33.69 -1.87
N LEU C 525 -71.39 32.50 -2.39
CA LEU C 525 -72.15 31.93 -3.49
C LEU C 525 -73.33 31.13 -2.96
N ASP C 526 -74.40 31.08 -3.76
CA ASP C 526 -75.59 30.31 -3.41
C ASP C 526 -75.37 28.85 -3.81
N VAL C 527 -74.50 28.19 -3.07
CA VAL C 527 -74.19 26.78 -3.27
C VAL C 527 -74.37 26.04 -1.95
N PRO C 528 -75.13 24.94 -1.91
CA PRO C 528 -75.35 24.23 -0.64
C PRO C 528 -74.04 23.81 0.02
N GLU C 529 -74.06 23.80 1.35
CA GLU C 529 -72.83 23.62 2.11
C GLU C 529 -72.19 22.26 1.85
N ASP C 530 -73.01 21.20 1.80
CA ASP C 530 -72.48 19.88 1.48
C ASP C 530 -71.80 19.87 0.11
N VAL C 531 -72.40 20.56 -0.87
CA VAL C 531 -71.83 20.64 -2.21
C VAL C 531 -70.45 21.27 -2.17
N VAL C 532 -70.28 22.32 -1.36
CA VAL C 532 -68.97 22.97 -1.24
C VAL C 532 -67.98 22.03 -0.57
N GLU C 533 -68.39 21.41 0.54
CA GLU C 533 -67.46 20.55 1.26
C GLU C 533 -67.01 19.36 0.42
N GLU C 534 -67.87 18.87 -0.47
CA GLU C 534 -67.46 17.80 -1.37
C GLU C 534 -66.61 18.32 -2.52
N GLY C 535 -67.01 19.44 -3.12
CA GLY C 535 -66.37 19.89 -4.35
C GLY C 535 -64.98 20.46 -4.13
N VAL C 536 -64.82 21.29 -3.10
CA VAL C 536 -63.48 21.79 -2.78
C VAL C 536 -62.57 20.63 -2.43
N ARG C 537 -63.11 19.59 -1.78
CA ARG C 537 -62.32 18.40 -1.50
C ARG C 537 -61.91 17.69 -2.79
N LYS C 538 -62.79 17.70 -3.80
CA LYS C 538 -62.52 17.03 -5.06
C LYS C 538 -61.84 17.92 -6.09
N GLY C 539 -61.68 19.21 -5.83
CA GLY C 539 -60.87 20.09 -6.66
C GLY C 539 -61.63 20.87 -7.72
N ALA C 540 -62.79 20.40 -8.15
CA ALA C 540 -63.60 21.13 -9.13
C ALA C 540 -65.02 20.60 -9.10
N TYR C 541 -65.98 21.51 -9.19
CA TYR C 541 -67.39 21.15 -9.09
C TYR C 541 -68.22 22.27 -9.70
N THR C 542 -69.44 21.91 -10.10
CA THR C 542 -70.36 22.87 -10.69
C THR C 542 -70.97 23.73 -9.57
N VAL C 543 -70.84 25.05 -9.70
CA VAL C 543 -71.50 25.96 -8.76
C VAL C 543 -72.75 26.60 -9.37
N TYR C 544 -72.87 26.66 -10.69
CA TYR C 544 -74.10 27.18 -11.28
C TYR C 544 -74.48 26.34 -12.48
N GLY C 545 -75.77 26.07 -12.62
CA GLY C 545 -76.28 25.35 -13.77
C GLY C 545 -76.58 23.89 -13.46
N SER C 546 -77.29 23.25 -14.40
CA SER C 546 -77.76 21.88 -14.19
C SER C 546 -77.55 20.95 -15.38
N GLU C 547 -77.21 21.47 -16.55
CA GLU C 547 -77.23 20.70 -17.79
C GLU C 547 -75.89 20.04 -18.06
N GLU C 548 -75.90 18.76 -18.43
CA GLU C 548 -74.64 18.03 -18.54
C GLU C 548 -73.82 18.48 -19.75
N THR C 549 -74.49 18.88 -20.83
CA THR C 549 -73.83 19.41 -22.04
C THR C 549 -74.36 20.81 -22.36
N PRO C 550 -74.01 21.80 -21.55
CA PRO C 550 -74.45 23.17 -21.83
C PRO C 550 -73.73 23.69 -23.06
N GLU C 551 -74.30 24.72 -23.67
CA GLU C 551 -73.60 25.38 -24.77
C GLU C 551 -72.33 26.06 -24.28
N PHE C 552 -72.32 26.53 -23.03
CA PHE C 552 -71.17 27.26 -22.48
C PHE C 552 -70.77 26.64 -21.15
N LEU C 553 -69.51 26.23 -21.06
CA LEU C 553 -68.91 25.79 -19.81
C LEU C 553 -67.91 26.85 -19.38
N LEU C 554 -68.23 27.56 -18.31
CA LEU C 554 -67.34 28.57 -17.75
C LEU C 554 -66.57 27.92 -16.60
N LEU C 555 -65.24 27.90 -16.72
CA LEU C 555 -64.35 27.43 -15.67
C LEU C 555 -63.75 28.64 -14.96
N ALA C 556 -63.62 28.57 -13.64
CA ALA C 556 -63.07 29.72 -12.94
C ALA C 556 -62.51 29.28 -11.60
N SER C 557 -61.78 30.20 -10.96
CA SER C 557 -61.14 29.97 -9.67
C SER C 557 -61.10 31.29 -8.91
N GLY C 558 -61.47 31.24 -7.63
CA GLY C 558 -61.33 32.41 -6.77
C GLY C 558 -62.25 33.55 -7.18
N SER C 559 -61.69 34.77 -7.15
CA SER C 559 -62.46 36.00 -7.34
C SER C 559 -63.17 36.06 -8.69
N GLU C 560 -62.91 35.12 -9.58
CA GLU C 560 -63.56 35.12 -10.88
C GLU C 560 -64.79 34.23 -10.93
N VAL C 561 -64.94 33.29 -9.99
CA VAL C 561 -66.12 32.42 -9.95
C VAL C 561 -67.39 33.26 -9.98
N SER C 562 -67.51 34.19 -9.02
CA SER C 562 -68.63 35.12 -9.01
C SER C 562 -68.84 35.73 -10.38
N LEU C 563 -67.77 36.26 -10.97
CA LEU C 563 -67.85 36.85 -12.30
C LEU C 563 -68.56 35.91 -13.27
N ALA C 564 -68.06 34.68 -13.36
CA ALA C 564 -68.65 33.71 -14.29
C ALA C 564 -70.13 33.57 -14.04
N VAL C 565 -70.52 33.39 -12.78
CA VAL C 565 -71.95 33.23 -12.46
C VAL C 565 -72.72 34.44 -12.95
N GLU C 566 -72.21 35.64 -12.64
CA GLU C 566 -72.88 36.86 -13.08
C GLU C 566 -73.01 36.90 -14.59
N ALA C 567 -71.98 36.42 -15.31
CA ALA C 567 -72.09 36.35 -16.76
C ALA C 567 -73.06 35.25 -17.18
N ALA C 568 -73.00 34.09 -16.51
CA ALA C 568 -73.80 32.95 -16.94
C ALA C 568 -75.29 33.29 -16.93
N LYS C 569 -75.76 33.87 -15.83
CA LYS C 569 -77.15 34.31 -15.75
C LYS C 569 -77.52 35.18 -16.94
N ASP C 570 -76.66 36.15 -17.28
CA ASP C 570 -76.94 37.00 -18.43
C ASP C 570 -77.03 36.17 -19.72
N LEU C 571 -76.10 35.24 -19.92
CA LEU C 571 -76.19 34.37 -21.09
C LEU C 571 -77.48 33.57 -21.08
N GLU C 572 -77.98 33.22 -19.90
CA GLU C 572 -79.26 32.50 -19.85
C GLU C 572 -80.41 33.40 -20.29
N LYS C 573 -80.33 34.69 -19.99
CA LYS C 573 -81.43 35.59 -20.31
C LYS C 573 -81.57 35.80 -21.81
N GLN C 574 -80.48 35.65 -22.57
CA GLN C 574 -80.53 35.76 -24.03
C GLN C 574 -80.59 34.40 -24.72
N GLY C 575 -80.99 33.35 -23.98
CA GLY C 575 -81.33 32.08 -24.59
C GLY C 575 -80.18 31.11 -24.77
N LYS C 576 -79.28 31.04 -23.79
CA LYS C 576 -78.13 30.15 -23.86
C LYS C 576 -78.05 29.32 -22.58
N SER C 577 -77.51 28.11 -22.71
CA SER C 577 -77.30 27.22 -21.58
C SER C 577 -75.87 27.35 -21.10
N VAL C 578 -75.70 27.61 -19.81
CA VAL C 578 -74.39 27.84 -19.21
C VAL C 578 -74.28 27.03 -17.94
N ARG C 579 -73.08 26.52 -17.69
CA ARG C 579 -72.71 25.96 -16.39
C ARG C 579 -71.38 26.55 -15.95
N VAL C 580 -71.35 27.01 -14.69
CA VAL C 580 -70.18 27.60 -14.07
C VAL C 580 -69.60 26.59 -13.10
N VAL C 581 -68.31 26.28 -13.31
CA VAL C 581 -67.54 25.35 -12.49
C VAL C 581 -66.50 26.15 -11.71
N SER C 582 -66.48 25.96 -10.40
CA SER C 582 -65.40 26.45 -9.56
C SER C 582 -64.32 25.38 -9.50
N MET C 583 -63.08 25.77 -9.80
CA MET C 583 -61.97 24.85 -9.75
C MET C 583 -61.01 25.27 -8.65
N PRO C 584 -61.31 24.95 -7.38
CA PRO C 584 -60.45 25.45 -6.30
C PRO C 584 -59.05 24.87 -6.32
N ASN C 585 -58.89 23.57 -6.62
CA ASN C 585 -57.59 22.92 -6.56
C ASN C 585 -57.43 21.99 -7.76
N TRP C 586 -56.43 22.27 -8.59
CA TRP C 586 -56.13 21.36 -9.70
C TRP C 586 -55.62 20.02 -9.20
N ASN C 587 -54.91 20.01 -8.07
CA ASN C 587 -54.30 18.78 -7.58
C ASN C 587 -55.37 17.76 -7.19
N ALA C 588 -56.41 18.20 -6.49
CA ALA C 588 -57.47 17.27 -6.12
C ALA C 588 -58.27 16.81 -7.34
N PHE C 589 -58.54 17.73 -8.26
CA PHE C 589 -59.33 17.37 -9.44
C PHE C 589 -58.59 16.35 -10.30
N GLU C 590 -57.29 16.53 -10.52
CA GLU C 590 -56.54 15.58 -11.32
C GLU C 590 -56.41 14.23 -10.63
N GLN C 591 -56.64 14.17 -9.32
CA GLN C 591 -56.61 12.92 -8.57
C GLN C 591 -57.91 12.12 -8.65
N GLN C 592 -59.00 12.74 -9.12
CA GLN C 592 -60.31 12.10 -9.11
C GLN C 592 -60.44 11.10 -10.26
N SER C 593 -61.53 10.33 -10.20
CA SER C 593 -61.84 9.39 -11.26
C SER C 593 -62.19 10.13 -12.54
N GLU C 594 -61.89 9.48 -13.68
CA GLU C 594 -62.24 10.06 -14.97
C GLU C 594 -63.74 10.28 -15.10
N GLU C 595 -64.55 9.42 -14.47
CA GLU C 595 -65.99 9.62 -14.51
C GLU C 595 -66.37 10.95 -13.87
N TYR C 596 -65.79 11.28 -12.71
CA TYR C 596 -66.04 12.57 -12.08
C TYR C 596 -65.56 13.71 -12.96
N LYS C 597 -64.36 13.58 -13.53
CA LYS C 597 -63.80 14.65 -14.34
C LYS C 597 -64.66 14.93 -15.56
N GLU C 598 -65.16 13.87 -16.20
CA GLU C 598 -66.07 14.05 -17.34
C GLU C 598 -67.43 14.58 -16.89
N SER C 599 -67.85 14.27 -15.67
CA SER C 599 -69.09 14.82 -15.17
C SER C 599 -68.99 16.33 -14.94
N VAL C 600 -67.81 16.79 -14.51
CA VAL C 600 -67.64 18.22 -14.23
C VAL C 600 -67.19 18.98 -15.48
N ILE C 601 -66.19 18.47 -16.18
CA ILE C 601 -65.71 19.08 -17.41
C ILE C 601 -65.99 18.12 -18.56
N PRO C 602 -67.18 18.16 -19.16
CA PRO C 602 -67.51 17.21 -20.22
C PRO C 602 -66.63 17.37 -21.44
N SER C 603 -66.39 16.26 -22.14
CA SER C 603 -65.64 16.30 -23.39
C SER C 603 -66.47 16.90 -24.51
N SER C 604 -67.79 16.69 -24.50
CA SER C 604 -68.63 17.10 -25.61
C SER C 604 -68.69 18.61 -25.79
N VAL C 605 -68.57 19.38 -24.71
CA VAL C 605 -68.75 20.82 -24.78
C VAL C 605 -67.53 21.44 -25.46
N THR C 606 -67.73 21.99 -26.65
CA THR C 606 -66.66 22.66 -27.37
C THR C 606 -66.40 24.06 -26.81
N LYS C 607 -67.46 24.79 -26.48
CA LYS C 607 -67.34 26.18 -26.03
C LYS C 607 -67.06 26.23 -24.52
N ARG C 608 -65.84 25.85 -24.17
CA ARG C 608 -65.35 25.94 -22.80
C ARG C 608 -64.51 27.20 -22.64
N VAL C 609 -64.79 27.96 -21.59
CA VAL C 609 -64.13 29.24 -21.33
C VAL C 609 -63.63 29.26 -19.90
N ALA C 610 -62.36 29.65 -19.74
CA ALA C 610 -61.73 29.82 -18.44
C ALA C 610 -61.58 31.29 -18.11
N ILE C 611 -61.83 31.65 -16.85
CA ILE C 611 -61.66 33.01 -16.35
C ILE C 611 -60.78 32.95 -15.11
N GLU C 612 -59.58 33.52 -15.20
CA GLU C 612 -58.74 33.67 -14.03
C GLU C 612 -57.81 34.86 -14.23
N MET C 613 -57.64 35.65 -13.17
CA MET C 613 -56.71 36.78 -13.18
C MET C 613 -55.32 36.25 -12.86
N ALA C 614 -54.72 35.59 -13.84
CA ALA C 614 -53.39 34.99 -13.70
C ALA C 614 -52.88 34.68 -15.10
N SER C 615 -51.74 33.99 -15.17
CA SER C 615 -51.20 33.56 -16.45
C SER C 615 -52.19 32.63 -17.15
N PRO C 616 -52.15 32.56 -18.49
CA PRO C 616 -53.02 31.60 -19.18
C PRO C 616 -52.55 30.17 -19.05
N LEU C 617 -51.30 29.94 -18.64
CA LEU C 617 -50.67 28.63 -18.73
C LEU C 617 -51.41 27.58 -17.91
N GLY C 618 -51.68 26.43 -18.53
CA GLY C 618 -52.30 25.30 -17.89
C GLY C 618 -53.79 25.16 -18.11
N TRP C 619 -54.49 26.25 -18.47
CA TRP C 619 -55.93 26.21 -18.66
C TRP C 619 -56.36 25.59 -19.99
N HIS C 620 -55.46 25.56 -20.98
CA HIS C 620 -55.82 24.93 -22.25
C HIS C 620 -56.05 23.44 -22.09
N LYS C 621 -55.51 22.83 -21.04
CA LYS C 621 -55.86 21.46 -20.69
C LYS C 621 -57.36 21.32 -20.47
N TYR C 622 -57.98 22.31 -19.82
CA TYR C 622 -59.37 22.20 -19.41
C TYR C 622 -60.34 22.82 -20.41
N VAL C 623 -59.94 23.88 -21.11
CA VAL C 623 -60.86 24.49 -22.07
C VAL C 623 -60.78 23.79 -23.42
N GLY C 624 -59.63 23.20 -23.74
CA GLY C 624 -59.49 22.44 -24.97
C GLY C 624 -59.09 23.26 -26.17
N THR C 625 -59.08 22.56 -27.33
CA THR C 625 -58.62 23.17 -28.57
C THR C 625 -59.53 24.32 -29.00
N ALA C 626 -60.84 24.15 -28.85
CA ALA C 626 -61.80 25.17 -29.24
C ALA C 626 -62.15 26.13 -28.11
N GLY C 627 -61.54 25.98 -26.94
CA GLY C 627 -61.88 26.81 -25.82
C GLY C 627 -61.16 28.14 -25.80
N LYS C 628 -61.66 29.06 -24.98
CA LYS C 628 -61.04 30.36 -24.80
C LYS C 628 -60.57 30.49 -23.36
N VAL C 629 -59.34 30.96 -23.17
CA VAL C 629 -58.84 31.34 -21.87
C VAL C 629 -58.82 32.86 -21.81
N ILE C 630 -59.45 33.43 -20.78
CA ILE C 630 -59.38 34.85 -20.46
C ILE C 630 -58.50 34.98 -19.23
N ALA C 631 -57.38 35.67 -19.38
CA ALA C 631 -56.39 35.72 -18.33
C ALA C 631 -55.54 36.97 -18.52
N ILE C 632 -54.36 37.00 -17.91
CA ILE C 632 -53.42 38.10 -18.02
C ILE C 632 -52.16 37.59 -18.69
N ASP C 633 -51.77 38.26 -19.78
CA ASP C 633 -50.60 37.84 -20.55
C ASP C 633 -49.39 38.76 -20.34
N GLY C 634 -49.49 39.69 -19.39
CA GLY C 634 -48.37 40.54 -19.04
C GLY C 634 -48.43 40.92 -17.57
N PHE C 635 -47.69 41.95 -17.18
CA PHE C 635 -47.66 42.37 -15.78
C PHE C 635 -48.79 43.36 -15.50
N GLY C 636 -48.90 43.77 -14.25
CA GLY C 636 -49.97 44.63 -13.80
C GLY C 636 -49.61 46.10 -13.87
N ALA C 637 -50.37 46.91 -13.13
CA ALA C 637 -50.21 48.35 -13.19
C ALA C 637 -50.58 48.97 -11.85
N SER C 638 -49.97 50.12 -11.56
CA SER C 638 -50.29 50.89 -10.37
C SER C 638 -51.53 51.73 -10.63
N ALA C 639 -52.65 51.42 -9.95
CA ALA C 639 -53.93 52.08 -10.11
C ALA C 639 -54.91 51.57 -9.05
N PRO C 640 -56.03 52.23 -8.79
CA PRO C 640 -57.03 51.64 -7.88
C PRO C 640 -57.41 50.23 -8.33
N GLY C 641 -57.48 49.31 -7.37
CA GLY C 641 -57.56 47.89 -7.71
C GLY C 641 -58.76 47.54 -8.57
N ASP C 642 -59.93 48.09 -8.22
CA ASP C 642 -61.13 47.88 -9.03
C ASP C 642 -60.86 48.23 -10.49
N LEU C 643 -60.28 49.41 -10.72
CA LEU C 643 -59.98 49.87 -12.07
C LEU C 643 -59.02 48.91 -12.78
N VAL C 644 -58.02 48.38 -12.06
CA VAL C 644 -57.07 47.46 -12.68
C VAL C 644 -57.79 46.20 -13.13
N VAL C 645 -58.67 45.66 -12.29
CA VAL C 645 -59.46 44.50 -12.68
C VAL C 645 -60.29 44.81 -13.93
N GLU C 646 -60.85 46.01 -13.99
CA GLU C 646 -61.73 46.35 -15.11
C GLU C 646 -60.95 46.55 -16.40
N LYS C 647 -59.79 47.21 -16.32
CA LYS C 647 -58.99 47.45 -17.52
C LYS C 647 -58.38 46.19 -18.07
N TYR C 648 -58.21 45.15 -17.25
CA TYR C 648 -57.61 43.90 -17.69
C TYR C 648 -58.66 42.90 -18.18
N GLY C 649 -59.92 43.33 -18.29
CA GLY C 649 -60.94 42.58 -18.99
C GLY C 649 -61.92 41.83 -18.12
N PHE C 650 -61.73 41.83 -16.81
CA PHE C 650 -62.55 41.02 -15.91
C PHE C 650 -63.79 41.81 -15.45
N THR C 651 -64.58 42.20 -16.43
CA THR C 651 -65.92 42.74 -16.21
C THR C 651 -66.91 41.79 -16.86
N LYS C 652 -68.11 41.72 -16.27
CA LYS C 652 -69.15 40.84 -16.79
C LYS C 652 -69.34 41.02 -18.29
N GLU C 653 -69.34 42.27 -18.75
CA GLU C 653 -69.62 42.56 -20.15
C GLU C 653 -68.51 42.06 -21.06
N ASN C 654 -67.25 42.18 -20.64
CA ASN C 654 -66.16 41.70 -21.48
C ASN C 654 -66.20 40.17 -21.59
N ILE C 655 -66.47 39.47 -20.49
CA ILE C 655 -66.59 38.02 -20.56
C ILE C 655 -67.73 37.63 -21.49
N LEU C 656 -68.87 38.33 -21.40
CA LEU C 656 -69.95 38.09 -22.34
C LEU C 656 -69.49 38.31 -23.78
N ASN C 657 -68.77 39.41 -24.03
CA ASN C 657 -68.33 39.73 -25.38
C ASN C 657 -67.38 38.67 -25.93
N GLN C 658 -66.52 38.13 -25.07
CA GLN C 658 -65.62 37.07 -25.52
C GLN C 658 -66.36 35.77 -25.75
N VAL C 659 -67.28 35.43 -24.83
CA VAL C 659 -67.96 34.15 -24.89
C VAL C 659 -68.85 34.07 -26.13
N MET C 660 -69.62 35.12 -26.40
CA MET C 660 -70.53 35.09 -27.54
C MET C 660 -69.82 35.25 -28.87
N SER C 661 -68.52 35.51 -28.89
CA SER C 661 -67.75 35.60 -30.12
C SER C 661 -66.90 34.35 -30.36
N LEU C 662 -67.11 33.29 -29.60
CA LEU C 662 -66.33 32.08 -29.71
C LEU C 662 -66.87 31.17 -30.81
N GLU C 663 -65.96 30.41 -31.41
CA GLU C 663 -66.25 29.53 -32.55
C GLU C 663 -66.69 30.30 -33.78
N MET D 1 -22.13 74.19 5.11
CA MET D 1 -23.07 75.29 5.41
C MET D 1 -24.51 74.92 5.06
N PHE D 2 -25.39 74.99 6.06
CA PHE D 2 -26.82 74.77 5.87
C PHE D 2 -27.58 75.88 6.58
N ASN D 3 -28.52 76.51 5.87
CA ASN D 3 -29.31 77.61 6.39
C ASN D 3 -30.78 77.19 6.45
N GLU D 4 -31.65 78.15 6.78
CA GLU D 4 -33.07 77.86 6.91
C GLU D 4 -33.72 77.52 5.57
N LYS D 5 -33.11 77.92 4.44
CA LYS D 5 -33.64 77.53 3.14
C LYS D 5 -33.48 76.03 2.89
N ASP D 6 -32.37 75.44 3.38
CA ASP D 6 -32.23 73.99 3.31
C ASP D 6 -33.32 73.28 4.10
N GLN D 7 -33.67 73.82 5.27
CA GLN D 7 -34.75 73.22 6.06
C GLN D 7 -36.09 73.41 5.39
N LEU D 8 -36.29 74.55 4.73
CA LEU D 8 -37.51 74.75 3.95
C LEU D 8 -37.59 73.73 2.81
N ALA D 9 -36.46 73.43 2.17
CA ALA D 9 -36.46 72.41 1.13
C ALA D 9 -36.79 71.03 1.70
N VAL D 10 -36.19 70.67 2.84
CA VAL D 10 -36.46 69.37 3.44
C VAL D 10 -37.94 69.24 3.81
N ASP D 11 -38.48 70.27 4.48
CA ASP D 11 -39.87 70.21 4.90
C ASP D 11 -40.82 70.30 3.70
N THR D 12 -40.39 70.95 2.61
CA THR D 12 -41.20 70.97 1.40
C THR D 12 -41.25 69.60 0.75
N LEU D 13 -40.12 68.90 0.73
CA LEU D 13 -40.12 67.52 0.25
C LEU D 13 -41.08 66.67 1.08
N ARG D 14 -40.99 66.82 2.40
CA ARG D 14 -41.90 66.10 3.29
C ARG D 14 -43.36 66.39 2.93
N ALA D 15 -43.74 67.67 2.91
CA ALA D 15 -45.14 68.02 2.68
C ALA D 15 -45.60 67.62 1.28
N LEU D 16 -44.72 67.68 0.29
CA LEU D 16 -45.08 67.27 -1.06
C LEU D 16 -45.38 65.78 -1.11
N SER D 17 -44.51 64.96 -0.51
CA SER D 17 -44.80 63.54 -0.40
C SER D 17 -46.11 63.30 0.33
N ILE D 18 -46.35 64.06 1.40
CA ILE D 18 -47.57 63.87 2.18
C ILE D 18 -48.80 64.17 1.35
N ASP D 19 -48.75 65.23 0.55
CA ASP D 19 -49.92 65.59 -0.25
C ASP D 19 -50.14 64.60 -1.39
N THR D 20 -49.07 64.10 -2.01
CA THR D 20 -49.26 63.07 -3.04
C THR D 20 -49.93 61.83 -2.45
N ILE D 21 -49.44 61.38 -1.28
CA ILE D 21 -50.04 60.23 -0.63
C ILE D 21 -51.48 60.54 -0.20
N GLU D 22 -51.76 61.77 0.19
CA GLU D 22 -53.10 62.12 0.65
C GLU D 22 -54.09 62.14 -0.51
N LYS D 23 -53.74 62.80 -1.60
CA LYS D 23 -54.61 62.82 -2.77
C LYS D 23 -54.83 61.41 -3.31
N ALA D 24 -53.80 60.56 -3.24
CA ALA D 24 -53.99 59.18 -3.68
C ALA D 24 -54.79 58.35 -2.69
N ASN D 25 -54.87 58.80 -1.42
CA ASN D 25 -55.44 57.99 -0.34
C ASN D 25 -54.78 56.62 -0.28
N SER D 26 -53.51 56.57 -0.67
CA SER D 26 -52.71 55.35 -0.73
C SER D 26 -51.24 55.75 -0.68
N GLY D 27 -50.41 54.87 -0.14
CA GLY D 27 -48.99 55.09 -0.11
C GLY D 27 -48.42 55.05 1.29
N HIS D 28 -47.11 55.29 1.36
CA HIS D 28 -46.31 55.08 2.56
C HIS D 28 -45.64 56.39 2.99
N PRO D 29 -46.15 57.06 4.04
CA PRO D 29 -45.63 58.39 4.40
C PRO D 29 -44.40 58.35 5.30
N GLY D 30 -44.28 57.27 6.08
CA GLY D 30 -43.31 57.25 7.17
C GLY D 30 -41.89 57.46 6.69
N LEU D 31 -41.48 56.68 5.69
CA LEU D 31 -40.12 56.82 5.17
C LEU D 31 -39.87 58.19 4.58
N PRO D 32 -40.75 58.76 3.74
CA PRO D 32 -40.50 60.14 3.27
C PRO D 32 -40.29 61.11 4.41
N MET D 33 -41.19 61.09 5.40
CA MET D 33 -41.09 62.03 6.51
C MET D 33 -39.80 61.85 7.30
N GLY D 34 -39.35 60.60 7.45
CA GLY D 34 -38.18 60.34 8.27
C GLY D 34 -36.87 60.49 7.56
N ALA D 35 -36.85 60.34 6.24
CA ALA D 35 -35.61 60.28 5.49
C ALA D 35 -35.47 61.41 4.47
N ALA D 36 -36.39 62.39 4.46
CA ALA D 36 -36.16 63.56 3.62
C ALA D 36 -34.85 64.28 3.90
N PRO D 37 -34.42 64.49 5.16
CA PRO D 37 -33.13 65.18 5.36
C PRO D 37 -31.95 64.46 4.71
N MET D 38 -31.84 63.15 4.88
CA MET D 38 -30.68 62.43 4.37
C MET D 38 -30.70 62.42 2.84
N ALA D 39 -31.89 62.25 2.24
CA ALA D 39 -31.99 62.24 0.79
C ALA D 39 -31.69 63.60 0.22
N TYR D 40 -32.17 64.66 0.87
CA TYR D 40 -31.87 66.02 0.45
C TYR D 40 -30.36 66.27 0.49
N THR D 41 -29.70 65.85 1.58
CA THR D 41 -28.27 66.08 1.71
C THR D 41 -27.51 65.36 0.60
N LEU D 42 -27.79 64.07 0.41
CA LEU D 42 -27.14 63.31 -0.65
C LEU D 42 -27.37 63.95 -2.01
N TRP D 43 -28.62 64.29 -2.32
CA TRP D 43 -28.94 64.75 -3.67
C TRP D 43 -28.37 66.13 -3.95
N THR D 44 -28.45 67.05 -2.99
CA THR D 44 -28.05 68.42 -3.26
C THR D 44 -26.55 68.63 -3.07
N ARG D 45 -25.89 67.91 -2.15
CA ARG D 45 -24.51 68.22 -1.85
C ARG D 45 -23.50 67.23 -2.42
N HIS D 46 -23.90 66.01 -2.78
CA HIS D 46 -22.92 64.98 -3.11
C HIS D 46 -23.12 64.31 -4.46
N LEU D 47 -24.32 64.36 -5.03
CA LEU D 47 -24.69 63.46 -6.11
C LEU D 47 -24.46 64.12 -7.46
N ASN D 48 -23.68 63.45 -8.33
CA ASN D 48 -23.44 63.91 -9.70
C ASN D 48 -24.46 63.25 -10.63
N PHE D 49 -25.70 63.69 -10.49
CA PHE D 49 -26.82 63.14 -11.23
C PHE D 49 -27.67 64.29 -11.75
N ASN D 50 -27.92 64.30 -13.04
CA ASN D 50 -28.86 65.24 -13.61
C ASN D 50 -30.04 64.47 -14.19
N PRO D 51 -31.25 64.65 -13.66
CA PRO D 51 -32.39 63.87 -14.15
C PRO D 51 -32.82 64.23 -15.55
N GLN D 52 -32.38 65.37 -16.08
CA GLN D 52 -32.73 65.75 -17.44
C GLN D 52 -32.03 64.85 -18.45
N SER D 53 -30.69 64.73 -18.33
CA SER D 53 -29.93 63.72 -19.05
C SER D 53 -29.78 62.52 -18.14
N LYS D 54 -30.82 61.67 -18.11
CA LYS D 54 -30.79 60.48 -17.27
C LYS D 54 -29.73 59.48 -17.67
N ASP D 55 -29.12 59.64 -18.85
CA ASP D 55 -28.22 58.63 -19.40
C ASP D 55 -26.77 59.11 -19.50
N TYR D 56 -26.41 60.15 -18.75
CA TYR D 56 -25.00 60.49 -18.57
C TYR D 56 -24.28 59.26 -18.00
N PHE D 57 -23.32 58.73 -18.77
CA PHE D 57 -22.78 57.40 -18.44
C PHE D 57 -22.02 57.41 -17.14
N ASN D 58 -21.23 58.45 -16.87
CA ASN D 58 -20.48 58.55 -15.63
C ASN D 58 -21.31 59.16 -14.50
N ARG D 59 -22.63 59.20 -14.63
CA ARG D 59 -23.45 59.75 -13.57
C ARG D 59 -23.35 58.87 -12.32
N ASP D 60 -23.51 59.51 -11.17
CA ASP D 60 -23.69 58.77 -9.93
C ASP D 60 -25.05 58.08 -9.95
N ARG D 61 -25.05 56.77 -9.70
CA ARG D 61 -26.29 56.00 -9.68
C ARG D 61 -26.89 56.01 -8.28
N PHE D 62 -28.20 56.24 -8.21
CA PHE D 62 -28.95 56.26 -6.96
C PHE D 62 -30.08 55.24 -7.05
N VAL D 63 -30.20 54.40 -6.03
CA VAL D 63 -31.25 53.39 -5.95
C VAL D 63 -32.00 53.56 -4.63
N LEU D 64 -33.31 53.39 -4.68
CA LEU D 64 -34.15 53.38 -3.48
C LEU D 64 -34.71 51.96 -3.35
N SER D 65 -33.96 51.10 -2.65
CA SER D 65 -34.39 49.72 -2.44
C SER D 65 -35.68 49.65 -1.63
N ALA D 66 -35.92 50.65 -0.77
CA ALA D 66 -37.19 50.76 -0.06
C ALA D 66 -38.20 51.47 -0.96
N GLY D 67 -38.61 50.75 -2.00
CA GLY D 67 -39.52 51.28 -3.01
C GLY D 67 -40.79 51.89 -2.47
N HIS D 68 -41.27 51.42 -1.32
CA HIS D 68 -42.47 51.98 -0.72
C HIS D 68 -42.31 53.46 -0.40
N GLY D 69 -41.08 53.94 -0.24
CA GLY D 69 -40.85 55.36 -0.11
C GLY D 69 -40.76 56.07 -1.46
N SER D 70 -41.61 55.65 -2.41
CA SER D 70 -41.55 56.22 -3.75
C SER D 70 -41.76 57.74 -3.74
N ALA D 71 -42.74 58.22 -2.97
CA ALA D 71 -43.14 59.62 -3.06
C ALA D 71 -41.96 60.57 -2.92
N LEU D 72 -41.14 60.38 -1.88
CA LEU D 72 -39.93 61.18 -1.69
C LEU D 72 -39.15 61.29 -2.99
N LEU D 73 -38.78 60.15 -3.58
CA LEU D 73 -38.04 60.16 -4.84
C LEU D 73 -38.77 61.01 -5.88
N TYR D 74 -40.06 60.75 -6.07
CA TYR D 74 -40.84 61.56 -7.01
C TYR D 74 -40.75 63.03 -6.67
N SER D 75 -40.97 63.37 -5.39
CA SER D 75 -40.83 64.75 -4.97
C SER D 75 -39.46 65.29 -5.35
N LEU D 76 -38.41 64.50 -5.10
CA LEU D 76 -37.07 64.91 -5.51
C LEU D 76 -37.01 65.14 -7.01
N LEU D 77 -37.48 64.16 -7.80
CA LEU D 77 -37.45 64.32 -9.25
C LEU D 77 -38.24 65.54 -9.68
N HIS D 78 -39.23 65.96 -8.89
CA HIS D 78 -39.98 67.16 -9.25
C HIS D 78 -39.13 68.41 -9.02
N VAL D 79 -38.53 68.53 -7.84
CA VAL D 79 -37.86 69.78 -7.51
C VAL D 79 -36.55 69.93 -8.27
N SER D 80 -36.10 68.88 -8.94
CA SER D 80 -34.90 68.92 -9.77
C SER D 80 -35.21 69.14 -11.25
N GLY D 81 -36.48 69.16 -11.64
CA GLY D 81 -36.87 69.61 -12.97
C GLY D 81 -37.45 68.58 -13.92
N SER D 82 -37.37 67.28 -13.64
CA SER D 82 -37.80 66.30 -14.65
C SER D 82 -39.25 65.89 -14.52
N LEU D 83 -39.82 65.92 -13.33
CA LEU D 83 -41.14 65.34 -13.08
C LEU D 83 -42.15 66.44 -12.77
N GLU D 84 -43.27 66.43 -13.50
CA GLU D 84 -44.27 67.48 -13.38
C GLU D 84 -45.06 67.36 -12.09
N LEU D 85 -45.54 68.50 -11.60
CA LEU D 85 -46.35 68.52 -10.39
C LEU D 85 -47.69 67.80 -10.61
N GLU D 86 -48.23 67.89 -11.83
CA GLU D 86 -49.45 67.15 -12.15
C GLU D 86 -49.24 65.65 -12.04
N GLU D 87 -48.03 65.17 -12.34
CA GLU D 87 -47.73 63.76 -12.21
C GLU D 87 -47.77 63.32 -10.75
N LEU D 88 -47.11 64.09 -9.88
CA LEU D 88 -47.21 63.81 -8.45
C LEU D 88 -48.65 63.87 -7.97
N LYS D 89 -49.47 64.71 -8.62
CA LYS D 89 -50.90 64.76 -8.34
C LYS D 89 -51.68 63.59 -8.93
N GLN D 90 -51.07 62.80 -9.82
CA GLN D 90 -51.67 61.56 -10.32
C GLN D 90 -51.00 60.33 -9.71
N PHE D 91 -50.42 60.48 -8.53
CA PHE D 91 -49.73 59.39 -7.85
C PHE D 91 -50.63 58.17 -7.68
N ARG D 92 -50.10 57.00 -8.04
CA ARG D 92 -50.78 55.71 -7.88
C ARG D 92 -52.11 55.66 -8.65
N GLN D 93 -52.17 56.31 -9.81
CA GLN D 93 -53.35 56.26 -10.66
C GLN D 93 -52.97 55.69 -12.02
N TRP D 94 -53.99 55.22 -12.73
CA TRP D 94 -53.83 54.53 -14.01
C TRP D 94 -53.02 55.34 -15.01
N GLY D 95 -51.93 54.76 -15.50
CA GLY D 95 -51.14 55.34 -16.56
C GLY D 95 -50.29 56.53 -16.18
N SER D 96 -50.14 56.84 -14.88
CA SER D 96 -49.30 57.94 -14.50
C SER D 96 -47.84 57.52 -14.52
N LYS D 97 -46.96 58.52 -14.53
CA LYS D 97 -45.53 58.27 -14.40
C LYS D 97 -45.10 58.11 -12.93
N THR D 98 -46.06 58.09 -12.00
CA THR D 98 -45.78 58.01 -10.57
C THR D 98 -46.47 56.78 -9.98
N PRO D 99 -45.97 55.58 -10.28
CA PRO D 99 -46.56 54.37 -9.70
C PRO D 99 -46.22 54.24 -8.22
N GLY D 100 -46.96 53.34 -7.56
CA GLY D 100 -46.78 53.15 -6.13
C GLY D 100 -45.36 52.78 -5.76
N HIS D 101 -44.67 52.03 -6.62
CA HIS D 101 -43.27 51.74 -6.43
C HIS D 101 -42.51 52.20 -7.67
N PRO D 102 -41.27 52.66 -7.50
CA PRO D 102 -40.57 53.29 -8.64
C PRO D 102 -40.25 52.28 -9.72
N GLU D 103 -40.52 52.67 -10.98
CA GLU D 103 -40.41 51.76 -12.12
C GLU D 103 -39.42 52.30 -13.15
N TYR D 104 -38.50 51.44 -13.55
CA TYR D 104 -37.53 51.75 -14.59
C TYR D 104 -38.23 51.89 -15.94
N ARG D 105 -37.71 52.79 -16.78
CA ARG D 105 -38.19 53.02 -18.15
C ARG D 105 -39.54 53.71 -18.15
N HIS D 106 -40.20 53.77 -17.00
CA HIS D 106 -41.49 54.44 -16.84
C HIS D 106 -41.35 55.88 -16.37
N THR D 107 -40.44 56.13 -15.42
CA THR D 107 -40.19 57.45 -14.87
C THR D 107 -38.71 57.79 -15.08
N ASP D 108 -38.45 58.95 -15.67
CA ASP D 108 -37.07 59.35 -15.93
C ASP D 108 -36.32 59.58 -14.64
N GLY D 109 -35.13 58.99 -14.54
CA GLY D 109 -34.32 59.10 -13.34
C GLY D 109 -34.45 57.93 -12.38
N VAL D 110 -35.37 57.00 -12.64
CA VAL D 110 -35.51 55.78 -11.85
C VAL D 110 -34.58 54.75 -12.49
N GLU D 111 -33.37 54.63 -11.95
CA GLU D 111 -32.37 53.77 -12.57
C GLU D 111 -32.77 52.30 -12.54
N VAL D 112 -33.60 51.92 -11.59
CA VAL D 112 -33.87 50.52 -11.32
C VAL D 112 -35.27 50.40 -10.72
N THR D 113 -35.97 49.32 -11.06
CA THR D 113 -37.27 49.06 -10.48
C THR D 113 -37.09 48.38 -9.13
N THR D 114 -37.68 48.97 -8.09
CA THR D 114 -37.64 48.44 -6.73
C THR D 114 -39.05 48.21 -6.21
N GLY D 115 -39.13 47.74 -4.96
CA GLY D 115 -40.37 47.29 -4.39
C GLY D 115 -40.17 46.02 -3.60
N PRO D 116 -39.81 44.93 -4.28
CA PRO D 116 -39.39 43.71 -3.56
C PRO D 116 -38.15 44.01 -2.72
N LEU D 117 -38.31 43.89 -1.41
CA LEU D 117 -37.27 44.33 -0.49
C LEU D 117 -35.98 43.55 -0.69
N GLY D 118 -34.85 44.25 -0.50
CA GLY D 118 -33.53 43.67 -0.62
C GLY D 118 -32.92 43.71 -2.00
N GLN D 119 -33.76 43.68 -3.05
CA GLN D 119 -33.22 43.52 -4.40
C GLN D 119 -32.59 44.81 -4.92
N GLY D 120 -33.11 45.98 -4.53
CA GLY D 120 -32.46 47.21 -4.93
C GLY D 120 -31.05 47.32 -4.38
N PHE D 121 -30.87 46.94 -3.12
CA PHE D 121 -29.55 46.93 -2.47
C PHE D 121 -28.57 46.03 -3.23
N ALA D 122 -28.98 44.80 -3.52
CA ALA D 122 -28.10 43.87 -4.24
C ALA D 122 -27.86 44.33 -5.69
N MET D 123 -28.88 44.90 -6.33
CA MET D 123 -28.70 45.42 -7.67
C MET D 123 -27.73 46.59 -7.68
N SER D 124 -27.70 47.37 -6.61
CA SER D 124 -26.69 48.41 -6.46
C SER D 124 -25.29 47.81 -6.33
N VAL D 125 -25.19 46.68 -5.62
CA VAL D 125 -23.93 45.93 -5.61
C VAL D 125 -23.52 45.59 -7.04
N GLY D 126 -24.50 45.17 -7.86
CA GLY D 126 -24.20 44.87 -9.26
C GLY D 126 -23.78 46.09 -10.06
N LEU D 127 -24.42 47.23 -9.80
CA LEU D 127 -24.06 48.47 -10.48
C LEU D 127 -22.61 48.86 -10.16
N ALA D 128 -22.23 48.73 -8.89
CA ALA D 128 -20.86 49.05 -8.49
C ALA D 128 -19.87 48.07 -9.11
N LEU D 129 -20.28 46.80 -9.24
CA LEU D 129 -19.46 45.81 -9.93
C LEU D 129 -19.23 46.19 -11.38
N ALA D 130 -20.30 46.63 -12.07
CA ALA D 130 -20.16 47.13 -13.44
C ALA D 130 -19.18 48.31 -13.50
N GLU D 131 -19.34 49.27 -12.59
CA GLU D 131 -18.44 50.42 -12.56
C GLU D 131 -16.99 50.01 -12.42
N ASP D 132 -16.70 49.13 -11.44
CA ASP D 132 -15.32 48.72 -11.20
C ASP D 132 -14.74 47.97 -12.40
N HIS D 133 -15.51 47.05 -12.98
CA HIS D 133 -14.99 46.26 -14.10
C HIS D 133 -14.73 47.14 -15.32
N LEU D 134 -15.68 48.02 -15.65
CA LEU D 134 -15.48 48.92 -16.79
C LEU D 134 -14.31 49.86 -16.55
N ALA D 135 -14.14 50.34 -15.31
CA ALA D 135 -13.00 51.19 -14.99
C ALA D 135 -11.69 50.46 -15.24
N GLY D 136 -11.53 49.28 -14.62
CA GLY D 136 -10.35 48.47 -14.85
C GLY D 136 -10.07 48.21 -16.32
N LYS D 137 -11.13 48.07 -17.14
CA LYS D 137 -10.90 47.80 -18.56
C LYS D 137 -10.45 49.05 -19.31
N PHE D 138 -11.09 50.20 -19.06
CA PHE D 138 -10.94 51.35 -19.93
C PHE D 138 -10.10 52.49 -19.35
N ASN D 139 -10.00 52.59 -18.03
CA ASN D 139 -9.27 53.72 -17.44
C ASN D 139 -7.77 53.57 -17.64
N LYS D 140 -7.13 54.66 -18.03
CA LYS D 140 -5.69 54.79 -18.15
C LYS D 140 -5.22 55.89 -17.20
N GLU D 141 -3.92 56.18 -17.21
CA GLU D 141 -3.41 57.22 -16.34
C GLU D 141 -3.86 58.59 -16.84
N GLY D 142 -4.35 59.42 -15.91
CA GLY D 142 -4.96 60.69 -16.24
C GLY D 142 -6.32 60.58 -16.89
N TYR D 143 -6.79 59.38 -17.20
CA TYR D 143 -8.02 59.17 -17.96
C TYR D 143 -8.95 58.29 -17.13
N ASN D 144 -9.92 58.91 -16.47
CA ASN D 144 -10.85 58.21 -15.61
C ASN D 144 -12.23 58.26 -16.24
N VAL D 145 -12.39 57.49 -17.32
CA VAL D 145 -13.63 57.56 -18.08
C VAL D 145 -14.76 56.88 -17.31
N VAL D 146 -14.42 55.93 -16.43
CA VAL D 146 -15.39 55.32 -15.51
C VAL D 146 -14.96 55.70 -14.10
N ASP D 147 -15.73 56.59 -13.46
CA ASP D 147 -15.45 57.00 -12.08
C ASP D 147 -16.73 57.63 -11.53
N HIS D 148 -17.49 56.87 -10.76
CA HIS D 148 -18.69 57.39 -10.10
C HIS D 148 -19.05 56.46 -8.95
N TYR D 149 -20.01 56.93 -8.15
CA TYR D 149 -20.41 56.26 -6.93
C TYR D 149 -21.80 55.67 -7.07
N THR D 150 -22.05 54.57 -6.37
CA THR D 150 -23.36 53.93 -6.31
C THR D 150 -23.92 54.12 -4.91
N TYR D 151 -25.08 54.78 -4.81
CA TYR D 151 -25.74 55.06 -3.54
C TYR D 151 -27.03 54.25 -3.44
N VAL D 152 -27.31 53.74 -2.24
CA VAL D 152 -28.56 53.04 -1.97
C VAL D 152 -29.25 53.74 -0.80
N LEU D 153 -30.58 53.78 -0.83
CA LEU D 153 -31.37 54.12 0.34
C LEU D 153 -32.15 52.87 0.73
N ALA D 154 -31.82 52.30 1.89
CA ALA D 154 -32.31 50.99 2.29
C ALA D 154 -32.99 51.08 3.66
N SER D 155 -33.82 50.10 3.95
CA SER D 155 -34.64 50.08 5.16
C SER D 155 -34.33 48.85 6.01
N ASP D 156 -35.06 48.69 7.11
CA ASP D 156 -34.87 47.52 7.97
C ASP D 156 -35.23 46.24 7.23
N GLY D 157 -36.30 46.28 6.44
CA GLY D 157 -36.69 45.10 5.68
C GLY D 157 -35.66 44.68 4.65
N ASP D 158 -34.90 45.64 4.12
CA ASP D 158 -33.81 45.28 3.22
C ASP D 158 -32.73 44.49 3.94
N LEU D 159 -32.42 44.88 5.17
CA LEU D 159 -31.34 44.23 5.91
C LEU D 159 -31.79 42.94 6.59
N MET D 160 -33.10 42.71 6.70
CA MET D 160 -33.53 41.41 7.20
C MET D 160 -33.52 40.33 6.13
N GLU D 161 -33.49 40.70 4.85
CA GLU D 161 -33.53 39.72 3.77
C GLU D 161 -32.14 39.14 3.49
N GLY D 162 -32.11 37.84 3.19
CA GLY D 162 -30.83 37.18 3.00
C GLY D 162 -30.07 37.68 1.80
N ILE D 163 -30.78 38.26 0.83
CA ILE D 163 -30.12 38.81 -0.35
C ILE D 163 -29.17 39.93 0.06
N SER D 164 -29.51 40.67 1.12
CA SER D 164 -28.61 41.70 1.63
C SER D 164 -27.35 41.07 2.22
N HIS D 165 -27.49 39.95 2.93
CA HIS D 165 -26.31 39.27 3.48
C HIS D 165 -25.41 38.77 2.35
N GLU D 166 -26.00 38.11 1.35
CA GLU D 166 -25.23 37.61 0.22
C GLU D 166 -24.51 38.75 -0.51
N ALA D 167 -25.26 39.80 -0.86
CA ALA D 167 -24.68 40.90 -1.65
C ALA D 167 -23.66 41.68 -0.84
N ALA D 168 -23.91 41.90 0.45
CA ALA D 168 -22.95 42.62 1.27
C ALA D 168 -21.66 41.82 1.42
N SER D 169 -21.77 40.50 1.60
CA SER D 169 -20.57 39.67 1.64
C SER D 169 -19.80 39.79 0.34
N PHE D 170 -20.50 39.68 -0.80
CA PHE D 170 -19.83 39.79 -2.09
C PHE D 170 -19.16 41.15 -2.26
N ALA D 171 -19.81 42.21 -1.81
CA ALA D 171 -19.26 43.56 -1.99
C ALA D 171 -18.04 43.77 -1.11
N GLY D 172 -18.16 43.47 0.18
CA GLY D 172 -17.02 43.65 1.08
C GLY D 172 -15.84 42.77 0.72
N HIS D 173 -16.11 41.57 0.19
CA HIS D 173 -15.02 40.69 -0.23
C HIS D 173 -14.22 41.31 -1.37
N ASN D 174 -14.89 42.06 -2.25
CA ASN D 174 -14.23 42.67 -3.40
C ASN D 174 -14.02 44.17 -3.22
N LYS D 175 -14.23 44.68 -2.01
CA LYS D 175 -13.86 46.05 -1.62
C LYS D 175 -14.43 47.10 -2.58
N LEU D 176 -15.74 47.02 -2.82
CA LEU D 176 -16.44 47.96 -3.69
C LEU D 176 -16.57 49.29 -2.96
N SER D 177 -15.52 50.10 -3.10
CA SER D 177 -15.31 51.26 -2.24
C SER D 177 -16.32 52.37 -2.53
N LYS D 178 -16.64 52.57 -3.80
CA LYS D 178 -17.51 53.65 -4.22
C LYS D 178 -18.99 53.37 -3.95
N LEU D 179 -19.30 52.35 -3.16
CA LEU D 179 -20.67 51.98 -2.87
C LEU D 179 -21.02 52.42 -1.45
N VAL D 180 -22.08 53.22 -1.33
CA VAL D 180 -22.49 53.80 -0.06
C VAL D 180 -23.97 53.51 0.17
N VAL D 181 -24.30 53.05 1.36
CA VAL D 181 -25.68 52.75 1.77
C VAL D 181 -26.10 53.78 2.82
N LEU D 182 -27.24 54.41 2.58
CA LEU D 182 -27.93 55.23 3.58
C LEU D 182 -29.06 54.37 4.13
N TYR D 183 -28.92 53.94 5.37
CA TYR D 183 -29.83 52.99 5.98
C TYR D 183 -30.76 53.73 6.95
N ASP D 184 -32.06 53.72 6.64
CA ASP D 184 -33.09 54.39 7.41
C ASP D 184 -33.45 53.54 8.62
N SER D 185 -32.76 53.79 9.74
CA SER D 185 -32.97 53.07 10.98
C SER D 185 -34.07 53.79 11.77
N ASN D 186 -35.30 53.27 11.67
CA ASN D 186 -36.44 53.83 12.35
C ASN D 186 -37.00 52.91 13.44
N ASP D 187 -36.42 51.72 13.60
CA ASP D 187 -36.84 50.76 14.62
C ASP D 187 -38.31 50.35 14.44
N ILE D 188 -38.80 50.42 13.22
CA ILE D 188 -40.21 50.14 12.91
C ILE D 188 -40.28 49.29 11.66
N SER D 189 -41.07 48.22 11.72
CA SER D 189 -41.47 47.44 10.54
C SER D 189 -42.97 47.62 10.35
N LEU D 190 -43.50 47.04 9.26
CA LEU D 190 -44.91 47.21 8.95
C LEU D 190 -45.80 46.72 10.09
N ASP D 191 -45.48 45.55 10.64
CA ASP D 191 -46.34 44.94 11.65
C ASP D 191 -46.13 45.52 13.04
N GLY D 192 -45.07 46.30 13.26
CA GLY D 192 -44.89 46.92 14.55
C GLY D 192 -43.45 47.27 14.87
N GLU D 193 -43.07 47.11 16.13
CA GLU D 193 -41.72 47.42 16.56
C GLU D 193 -40.73 46.42 15.98
N LEU D 194 -39.52 46.91 15.70
CA LEU D 194 -38.50 46.05 15.12
C LEU D 194 -37.98 45.03 16.12
N ASN D 195 -38.04 45.35 17.41
CA ASN D 195 -37.60 44.43 18.45
C ASN D 195 -38.50 43.22 18.60
N LYS D 196 -39.56 43.10 17.80
CA LYS D 196 -40.42 41.94 17.88
C LYS D 196 -39.93 40.78 17.04
N ALA D 197 -38.91 40.98 16.20
CA ALA D 197 -38.44 39.93 15.31
C ALA D 197 -36.96 40.12 14.96
N PHE D 198 -36.39 41.26 15.36
CA PHE D 198 -35.06 41.65 14.88
C PHE D 198 -34.36 42.42 15.99
N SER D 199 -33.17 41.94 16.38
CA SER D 199 -32.37 42.54 17.45
C SER D 199 -30.90 42.52 17.10
N GLU D 200 -30.58 42.65 15.81
CA GLU D 200 -29.30 42.28 15.26
C GLU D 200 -28.35 43.48 15.16
N ASN D 201 -27.11 43.30 15.60
CA ASN D 201 -26.11 44.35 15.50
C ASN D 201 -25.64 44.48 14.04
N THR D 202 -25.89 45.64 13.45
CA THR D 202 -25.59 45.85 12.04
C THR D 202 -24.17 46.35 11.82
N LYS D 203 -23.65 47.18 12.72
CA LYS D 203 -22.24 47.55 12.69
C LYS D 203 -21.36 46.31 12.68
N ALA D 204 -21.55 45.41 13.65
CA ALA D 204 -20.71 44.22 13.73
C ALA D 204 -20.86 43.33 12.51
N ARG D 205 -22.09 43.18 12.03
CA ARG D 205 -22.34 42.36 10.85
C ARG D 205 -21.59 42.88 9.63
N PHE D 206 -21.86 44.13 9.26
CA PHE D 206 -21.25 44.68 8.06
C PHE D 206 -19.74 44.81 8.20
N GLU D 207 -19.23 45.04 9.42
CA GLU D 207 -17.79 45.04 9.63
C GLU D 207 -17.21 43.64 9.43
N ALA D 208 -17.94 42.61 9.84
CA ALA D 208 -17.51 41.24 9.55
C ALA D 208 -17.58 40.93 8.06
N TYR D 209 -18.38 41.66 7.30
CA TYR D 209 -18.35 41.52 5.85
C TYR D 209 -17.15 42.22 5.21
N GLY D 210 -16.39 43.00 5.98
CA GLY D 210 -15.33 43.83 5.44
C GLY D 210 -15.73 45.27 5.16
N TRP D 211 -16.95 45.66 5.54
CA TRP D 211 -17.48 46.99 5.28
C TRP D 211 -16.95 48.00 6.29
N ASN D 212 -17.19 49.28 5.98
CA ASN D 212 -17.03 50.37 6.92
C ASN D 212 -18.41 50.78 7.43
N TYR D 213 -18.44 51.27 8.68
CA TYR D 213 -19.70 51.61 9.32
C TYR D 213 -19.62 52.99 9.95
N LEU D 214 -20.62 53.82 9.67
CA LEU D 214 -20.75 55.14 10.25
C LEU D 214 -22.16 55.31 10.81
N LEU D 215 -22.27 56.07 11.89
CA LEU D 215 -23.53 56.24 12.61
C LEU D 215 -23.92 57.71 12.62
N VAL D 216 -25.14 58.00 12.18
CA VAL D 216 -25.73 59.32 12.29
C VAL D 216 -26.81 59.21 13.35
N LYS D 217 -26.63 59.90 14.48
CA LYS D 217 -27.55 59.77 15.60
C LYS D 217 -28.78 60.67 15.46
N ASP D 218 -28.69 61.75 14.70
CA ASP D 218 -29.84 62.59 14.38
C ASP D 218 -30.03 62.60 12.86
N GLY D 219 -31.06 61.90 12.40
CA GLY D 219 -31.39 61.90 10.98
C GLY D 219 -31.77 63.24 10.43
N ASN D 220 -32.00 64.23 11.28
CA ASN D 220 -32.37 65.58 10.88
C ASN D 220 -31.19 66.53 10.79
N ASP D 221 -30.04 66.17 11.38
CA ASP D 221 -28.85 67.03 11.41
C ASP D 221 -28.11 66.87 10.09
N LEU D 222 -28.42 67.75 9.13
CA LEU D 222 -27.83 67.62 7.80
C LEU D 222 -26.31 67.70 7.82
N GLU D 223 -25.73 68.38 8.80
CA GLU D 223 -24.27 68.44 8.87
C GLU D 223 -23.67 67.09 9.24
N GLU D 224 -24.33 66.37 10.16
CA GLU D 224 -23.90 65.02 10.49
C GLU D 224 -23.98 64.12 9.25
N ILE D 225 -25.09 64.22 8.51
CA ILE D 225 -25.29 63.43 7.30
C ILE D 225 -24.19 63.74 6.29
N ASP D 226 -23.87 65.02 6.10
CA ASP D 226 -22.89 65.43 5.11
C ASP D 226 -21.50 64.96 5.48
N LYS D 227 -21.12 65.14 6.75
CA LYS D 227 -19.86 64.60 7.24
C LYS D 227 -19.77 63.11 6.97
N ALA D 228 -20.85 62.37 7.25
CA ALA D 228 -20.85 60.94 7.04
C ALA D 228 -20.62 60.58 5.58
N ILE D 229 -21.33 61.24 4.67
CA ILE D 229 -21.22 60.88 3.25
C ILE D 229 -19.83 61.21 2.71
N THR D 230 -19.26 62.36 3.12
CA THR D 230 -17.90 62.68 2.71
C THR D 230 -16.91 61.62 3.20
N THR D 231 -17.01 61.25 4.49
CA THR D 231 -16.12 60.22 5.02
C THR D 231 -16.29 58.89 4.27
N ALA D 232 -17.53 58.52 3.97
CA ALA D 232 -17.77 57.25 3.27
C ALA D 232 -17.12 57.25 1.89
N LYS D 233 -17.17 58.39 1.19
CA LYS D 233 -16.52 58.47 -0.11
C LYS D 233 -15.00 58.47 0.02
N SER D 234 -14.47 58.89 1.17
CA SER D 234 -13.02 58.84 1.36
C SER D 234 -12.51 57.41 1.53
N GLN D 235 -13.27 56.56 2.21
CA GLN D 235 -12.74 55.28 2.67
C GLN D 235 -12.69 54.23 1.57
N GLU D 236 -11.82 53.25 1.77
CA GLU D 236 -11.73 52.10 0.88
C GLU D 236 -12.56 50.96 1.46
N GLY D 237 -13.29 50.28 0.58
CA GLY D 237 -14.27 49.30 0.99
C GLY D 237 -15.68 49.88 1.01
N PRO D 238 -16.69 49.01 0.95
CA PRO D 238 -18.07 49.49 1.04
C PRO D 238 -18.36 50.12 2.39
N THR D 239 -19.29 51.07 2.41
CA THR D 239 -19.64 51.80 3.61
C THR D 239 -21.16 51.85 3.77
N ILE D 240 -21.65 51.52 4.96
CA ILE D 240 -23.05 51.67 5.31
C ILE D 240 -23.15 52.72 6.41
N ILE D 241 -24.04 53.69 6.22
CA ILE D 241 -24.27 54.75 7.19
C ILE D 241 -25.65 54.53 7.80
N GLU D 242 -25.67 54.07 9.05
CA GLU D 242 -26.92 53.95 9.79
C GLU D 242 -27.34 55.33 10.29
N VAL D 243 -28.47 55.82 9.81
CA VAL D 243 -28.98 57.15 10.14
C VAL D 243 -30.27 56.97 10.92
N LYS D 244 -30.22 57.25 12.22
CA LYS D 244 -31.35 57.00 13.11
C LYS D 244 -32.45 58.04 12.88
N THR D 245 -33.62 57.58 12.46
CA THR D 245 -34.72 58.48 12.16
C THR D 245 -35.96 58.05 12.95
N THR D 246 -36.89 58.98 13.06
CA THR D 246 -38.21 58.70 13.61
C THR D 246 -39.18 58.57 12.44
N ILE D 247 -39.67 57.36 12.20
CA ILE D 247 -40.58 57.12 11.10
C ILE D 247 -41.80 58.02 11.25
N GLY D 248 -42.21 58.65 10.15
CA GLY D 248 -43.27 59.63 10.20
C GLY D 248 -42.98 60.84 11.08
N PHE D 249 -41.71 61.27 11.13
CA PHE D 249 -41.31 62.42 11.95
C PHE D 249 -42.21 63.62 11.71
N GLY D 250 -42.60 64.27 12.80
CA GLY D 250 -43.40 65.47 12.75
C GLY D 250 -44.87 65.25 13.03
N SER D 251 -45.37 64.03 12.88
CA SER D 251 -46.75 63.74 13.19
C SER D 251 -46.93 63.65 14.69
N PRO D 252 -47.76 64.49 15.31
CA PRO D 252 -47.95 64.40 16.77
C PRO D 252 -48.44 63.04 17.24
N ASN D 253 -49.31 62.40 16.46
CA ASN D 253 -50.04 61.22 16.93
C ASN D 253 -49.68 59.95 16.17
N LYS D 254 -48.86 60.01 15.14
CA LYS D 254 -48.52 58.83 14.37
C LYS D 254 -47.03 58.55 14.27
N ALA D 255 -46.17 59.50 14.65
CA ALA D 255 -44.73 59.29 14.54
C ALA D 255 -44.24 58.25 15.54
N GLY D 256 -43.14 57.58 15.19
CA GLY D 256 -42.65 56.46 15.97
C GLY D 256 -43.55 55.26 16.00
N THR D 257 -44.56 55.19 15.14
CA THR D 257 -45.51 54.08 15.11
C THR D 257 -45.46 53.38 13.75
N ASN D 258 -45.95 52.14 13.73
CA ASN D 258 -46.07 51.39 12.47
C ASN D 258 -47.33 51.75 11.70
N GLY D 259 -48.29 52.43 12.34
CA GLY D 259 -49.45 52.91 11.62
C GLY D 259 -49.12 53.93 10.56
N VAL D 260 -48.07 54.72 10.78
CA VAL D 260 -47.62 55.72 9.80
C VAL D 260 -46.88 55.10 8.63
N HIS D 261 -46.63 53.79 8.65
CA HIS D 261 -45.78 53.17 7.63
C HIS D 261 -46.45 53.18 6.26
N GLY D 262 -47.69 52.72 6.17
CA GLY D 262 -48.30 52.50 4.87
C GLY D 262 -49.73 52.96 4.71
N ALA D 263 -50.07 54.09 5.34
CA ALA D 263 -51.40 54.66 5.21
C ALA D 263 -51.29 56.17 5.21
N PRO D 264 -52.07 56.85 4.36
CA PRO D 264 -52.09 58.32 4.38
C PRO D 264 -52.43 58.86 5.76
N LEU D 265 -51.83 60.02 6.07
CA LEU D 265 -51.96 60.59 7.42
C LEU D 265 -53.40 60.89 7.78
N GLY D 266 -54.19 61.35 6.83
CA GLY D 266 -55.47 61.93 7.14
C GLY D 266 -55.39 63.44 7.20
N GLU D 267 -56.50 64.11 6.94
CA GLU D 267 -56.48 65.57 6.84
C GLU D 267 -56.16 66.23 8.17
N VAL D 268 -56.76 65.77 9.27
CA VAL D 268 -56.51 66.40 10.56
C VAL D 268 -55.06 66.19 10.99
N GLU D 269 -54.55 64.97 10.81
CA GLU D 269 -53.15 64.69 11.13
C GLU D 269 -52.21 65.43 10.20
N ARG D 270 -52.56 65.53 8.92
CA ARG D 270 -51.76 66.30 7.98
C ARG D 270 -51.67 67.76 8.41
N LYS D 271 -52.78 68.34 8.86
CA LYS D 271 -52.77 69.72 9.34
C LYS D 271 -51.87 69.86 10.57
N LEU D 272 -52.02 68.95 11.53
CA LEU D 272 -51.15 68.98 12.71
C LEU D 272 -49.68 68.90 12.32
N THR D 273 -49.36 68.03 11.36
CA THR D 273 -47.96 67.84 10.96
C THR D 273 -47.41 69.06 10.24
N PHE D 274 -48.19 69.64 9.33
CA PHE D 274 -47.78 70.87 8.66
C PHE D 274 -47.59 72.00 9.66
N GLU D 275 -48.39 72.02 10.73
CA GLU D 275 -48.22 73.03 11.76
C GLU D 275 -46.92 72.82 12.53
N ASN D 276 -46.58 71.56 12.82
CA ASN D 276 -45.26 71.28 13.40
C ASN D 276 -44.14 71.73 12.48
N TYR D 277 -44.28 71.48 11.17
CA TYR D 277 -43.31 71.95 10.19
C TYR D 277 -43.30 73.46 10.01
N GLY D 278 -44.32 74.16 10.52
CA GLY D 278 -44.45 75.58 10.29
C GLY D 278 -44.94 75.97 8.91
N LEU D 279 -45.41 75.01 8.12
CA LEU D 279 -45.93 75.28 6.80
C LEU D 279 -47.42 75.60 6.84
N ASP D 280 -47.94 76.10 5.72
CA ASP D 280 -49.33 76.52 5.63
C ASP D 280 -50.21 75.38 5.13
N PRO D 281 -51.08 74.80 5.95
CA PRO D 281 -51.93 73.70 5.47
C PRO D 281 -53.02 74.14 4.50
N GLU D 282 -53.20 75.45 4.29
CA GLU D 282 -54.25 75.89 3.38
C GLU D 282 -53.91 75.57 1.93
N LYS D 283 -52.63 75.51 1.59
CA LYS D 283 -52.22 75.22 0.21
C LYS D 283 -51.60 73.83 0.15
N ARG D 284 -52.10 73.02 -0.78
CA ARG D 284 -51.58 71.69 -1.09
C ARG D 284 -50.64 71.79 -2.28
N PHE D 285 -49.62 70.95 -2.29
CA PHE D 285 -48.66 70.91 -3.39
C PHE D 285 -47.97 72.25 -3.60
N ASN D 286 -47.60 72.90 -2.50
CA ASN D 286 -46.95 74.20 -2.53
C ASN D 286 -45.44 74.02 -2.46
N VAL D 287 -44.76 74.34 -3.55
CA VAL D 287 -43.30 74.32 -3.62
C VAL D 287 -42.82 75.74 -3.87
N SER D 288 -42.11 76.30 -2.90
CA SER D 288 -41.57 77.64 -3.06
C SER D 288 -40.47 77.67 -4.11
N GLU D 289 -40.33 78.82 -4.78
CA GLU D 289 -39.33 78.96 -5.83
C GLU D 289 -37.90 78.91 -5.28
N GLU D 290 -37.72 79.22 -3.99
CA GLU D 290 -36.40 79.08 -3.39
C GLU D 290 -35.93 77.64 -3.39
N VAL D 291 -36.86 76.68 -3.24
CA VAL D 291 -36.48 75.27 -3.22
C VAL D 291 -35.98 74.83 -4.58
N TYR D 292 -36.77 75.13 -5.63
CA TYR D 292 -36.32 74.91 -6.99
C TYR D 292 -34.94 75.53 -7.21
N GLU D 293 -34.75 76.77 -6.75
CA GLU D 293 -33.47 77.45 -6.98
C GLU D 293 -32.33 76.75 -6.25
N ILE D 294 -32.58 76.28 -5.03
CA ILE D 294 -31.56 75.52 -4.31
C ILE D 294 -31.13 74.32 -5.11
N PHE D 295 -32.11 73.56 -5.64
CA PHE D 295 -31.75 72.39 -6.43
C PHE D 295 -31.07 72.78 -7.75
N GLN D 296 -31.44 73.94 -8.31
CA GLN D 296 -30.83 74.40 -9.55
C GLN D 296 -29.36 74.72 -9.37
N ASN D 297 -29.05 75.48 -8.31
CA ASN D 297 -27.70 75.99 -8.13
C ASN D 297 -26.76 75.00 -7.44
N THR D 298 -27.28 73.90 -6.90
CA THR D 298 -26.42 72.89 -6.30
C THR D 298 -26.28 71.69 -7.23
N MET D 299 -27.20 70.73 -7.13
CA MET D 299 -27.07 69.48 -7.86
C MET D 299 -27.04 69.71 -9.37
N LEU D 300 -27.95 70.55 -9.87
CA LEU D 300 -28.13 70.66 -11.32
C LEU D 300 -26.88 71.21 -11.99
N LYS D 301 -26.37 72.34 -11.50
CA LYS D 301 -25.19 72.96 -12.10
C LYS D 301 -23.97 72.07 -11.95
N ARG D 302 -23.77 71.50 -10.76
CA ARG D 302 -22.67 70.58 -10.53
C ARG D 302 -22.70 69.42 -11.52
N ALA D 303 -23.88 68.81 -11.68
CA ALA D 303 -24.00 67.64 -12.55
C ALA D 303 -23.73 68.01 -14.01
N ASN D 304 -24.26 69.14 -14.45
CA ASN D 304 -23.98 69.58 -15.82
C ASN D 304 -22.50 69.83 -16.04
N GLU D 305 -21.84 70.49 -15.08
CA GLU D 305 -20.41 70.73 -15.23
C GLU D 305 -19.61 69.44 -15.24
N ASP D 306 -20.01 68.48 -14.40
CA ASP D 306 -19.35 67.19 -14.35
C ASP D 306 -19.48 66.47 -15.69
N GLU D 307 -20.70 66.46 -16.26
CA GLU D 307 -20.89 65.84 -17.55
C GLU D 307 -20.04 66.51 -18.62
N SER D 308 -20.01 67.84 -18.63
CA SER D 308 -19.24 68.56 -19.66
C SER D 308 -17.76 68.22 -19.56
N GLN D 309 -17.22 68.23 -18.34
CA GLN D 309 -15.80 67.89 -18.17
C GLN D 309 -15.52 66.44 -18.52
N TRP D 310 -16.48 65.54 -18.29
CA TRP D 310 -16.30 64.15 -18.70
C TRP D 310 -16.29 64.02 -20.22
N ASN D 311 -17.14 64.78 -20.92
CA ASN D 311 -17.11 64.81 -22.38
C ASN D 311 -15.77 65.29 -22.90
N SER D 312 -15.22 66.35 -22.28
CA SER D 312 -13.91 66.84 -22.69
C SER D 312 -12.82 65.79 -22.48
N LEU D 313 -12.81 65.19 -21.29
CA LEU D 313 -11.87 64.12 -21.00
C LEU D 313 -11.99 63.00 -22.03
N LEU D 314 -13.22 62.67 -22.43
CA LEU D 314 -13.41 61.58 -23.39
C LEU D 314 -12.91 61.95 -24.77
N GLU D 315 -13.00 63.22 -25.15
CA GLU D 315 -12.41 63.63 -26.43
C GLU D 315 -10.89 63.49 -26.40
N LYS D 316 -10.25 63.95 -25.33
CA LYS D 316 -8.82 63.67 -25.19
C LYS D 316 -8.53 62.17 -25.13
N TYR D 317 -9.51 61.38 -24.67
CA TYR D 317 -9.39 59.93 -24.61
C TYR D 317 -9.37 59.33 -26.01
N ALA D 318 -10.26 59.81 -26.88
CA ALA D 318 -10.19 59.45 -28.29
C ALA D 318 -8.84 59.82 -28.88
N GLU D 319 -8.28 60.96 -28.48
CA GLU D 319 -6.99 61.37 -29.02
C GLU D 319 -5.88 60.38 -28.64
N THR D 320 -5.66 60.18 -27.33
CA THR D 320 -4.54 59.31 -26.93
C THR D 320 -4.84 57.84 -27.21
N TYR D 321 -6.09 57.40 -26.97
CA TYR D 321 -6.47 56.00 -27.12
C TYR D 321 -7.69 55.92 -28.03
N PRO D 322 -7.48 55.92 -29.36
CA PRO D 322 -8.64 55.85 -30.27
C PRO D 322 -9.40 54.54 -30.20
N GLU D 323 -8.68 53.42 -30.21
CA GLU D 323 -9.31 52.11 -30.18
C GLU D 323 -10.16 51.92 -28.93
N LEU D 324 -9.59 52.26 -27.77
CA LEU D 324 -10.34 52.13 -26.52
C LEU D 324 -11.57 53.02 -26.53
N ALA D 325 -11.47 54.20 -27.12
CA ALA D 325 -12.61 55.10 -27.15
C ALA D 325 -13.73 54.55 -28.03
N GLU D 326 -13.37 53.96 -29.19
CA GLU D 326 -14.42 53.39 -30.03
C GLU D 326 -15.05 52.15 -29.38
N GLU D 327 -14.22 51.32 -28.75
CA GLU D 327 -14.76 50.20 -27.97
C GLU D 327 -15.71 50.70 -26.90
N PHE D 328 -15.38 51.83 -26.27
CA PHE D 328 -16.24 52.40 -25.22
C PHE D 328 -17.55 52.90 -25.79
N LYS D 329 -17.53 53.59 -26.93
CA LYS D 329 -18.77 54.01 -27.56
C LYS D 329 -19.66 52.82 -27.85
N LEU D 330 -19.08 51.77 -28.46
CA LEU D 330 -19.88 50.59 -28.80
C LEU D 330 -20.43 49.93 -27.55
N ALA D 331 -19.64 49.91 -26.47
CA ALA D 331 -20.11 49.32 -25.23
C ALA D 331 -21.29 50.09 -24.67
N ILE D 332 -21.17 51.42 -24.63
CA ILE D 332 -22.25 52.26 -24.10
C ILE D 332 -23.52 52.07 -24.92
N SER D 333 -23.40 52.16 -26.25
CA SER D 333 -24.55 52.07 -27.13
C SER D 333 -25.27 50.73 -27.05
N GLY D 334 -24.71 49.76 -26.32
CA GLY D 334 -25.28 48.43 -26.27
C GLY D 334 -25.18 47.64 -27.56
N LYS D 335 -24.52 48.18 -28.58
CA LYS D 335 -24.44 47.50 -29.86
C LYS D 335 -23.54 46.28 -29.78
N LEU D 336 -23.94 45.23 -30.46
CA LEU D 336 -23.08 44.07 -30.62
C LEU D 336 -22.18 44.27 -31.84
N PRO D 337 -20.91 43.86 -31.76
CA PRO D 337 -20.01 44.05 -32.89
C PRO D 337 -20.52 43.39 -34.16
N LYS D 338 -20.32 44.07 -35.28
CA LYS D 338 -20.72 43.52 -36.57
C LYS D 338 -19.97 42.22 -36.86
N ASN D 339 -20.72 41.23 -37.34
CA ASN D 339 -20.16 39.92 -37.70
C ASN D 339 -19.52 39.24 -36.49
N TYR D 340 -20.05 39.48 -35.29
CA TYR D 340 -19.59 38.73 -34.13
C TYR D 340 -19.94 37.25 -34.25
N LYS D 341 -20.98 36.93 -35.04
CA LYS D 341 -21.45 35.56 -35.17
C LYS D 341 -20.47 34.67 -35.92
N ASP D 342 -19.51 35.26 -36.64
CA ASP D 342 -18.68 34.47 -37.54
C ASP D 342 -17.72 33.57 -36.78
N GLU D 343 -17.23 34.01 -35.61
CA GLU D 343 -16.39 33.15 -34.79
C GLU D 343 -17.21 32.12 -34.02
N LEU D 344 -18.50 32.35 -33.83
CA LEU D 344 -19.29 31.45 -32.99
C LEU D 344 -19.24 30.03 -33.56
N PRO D 345 -19.09 29.03 -32.71
CA PRO D 345 -18.76 27.69 -33.21
C PRO D 345 -19.90 27.04 -33.98
N ARG D 346 -19.53 26.19 -34.94
CA ARG D 346 -20.47 25.36 -35.67
C ARG D 346 -20.09 23.91 -35.47
N PHE D 347 -21.10 23.05 -35.30
CA PHE D 347 -20.89 21.64 -34.97
C PHE D 347 -21.46 20.77 -36.07
N GLU D 348 -20.67 19.80 -36.53
CA GLU D 348 -21.04 19.03 -37.71
C GLU D 348 -21.77 17.74 -37.33
N LEU D 349 -22.37 17.12 -38.35
CA LEU D 349 -23.11 15.88 -38.14
C LEU D 349 -22.17 14.78 -37.66
N GLY D 350 -22.65 13.99 -36.70
CA GLY D 350 -21.83 13.01 -36.02
C GLY D 350 -21.18 13.50 -34.75
N HIS D 351 -21.42 14.76 -34.36
CA HIS D 351 -20.87 15.32 -33.13
C HIS D 351 -21.85 15.13 -31.99
N ASN D 352 -21.36 14.63 -30.87
CA ASN D 352 -22.14 14.46 -29.65
C ASN D 352 -21.60 15.43 -28.62
N GLY D 353 -22.46 16.29 -28.09
CA GLY D 353 -21.99 17.26 -27.11
C GLY D 353 -23.02 17.66 -26.09
N ALA D 354 -22.60 17.88 -24.85
CA ALA D 354 -23.52 18.43 -23.87
C ALA D 354 -23.77 19.91 -24.14
N SER D 355 -25.03 20.32 -24.00
CA SER D 355 -25.40 21.70 -24.29
C SER D 355 -24.62 22.68 -23.42
N ARG D 356 -24.21 22.25 -22.22
CA ARG D 356 -23.32 23.07 -21.41
C ARG D 356 -21.94 23.18 -22.03
N ALA D 357 -21.41 22.09 -22.59
CA ALA D 357 -20.08 22.15 -23.20
C ALA D 357 -20.10 22.96 -24.49
N ASP D 358 -21.13 22.77 -25.30
CA ASP D 358 -21.28 23.57 -26.51
C ASP D 358 -21.49 25.05 -26.16
N SER D 359 -22.19 25.30 -25.05
CA SER D 359 -22.34 26.66 -24.56
C SER D 359 -21.00 27.24 -24.14
N GLY D 360 -20.16 26.44 -23.47
CA GLY D 360 -18.84 26.94 -23.07
C GLY D 360 -17.96 27.27 -24.25
N THR D 361 -17.99 26.45 -25.29
CA THR D 361 -17.27 26.77 -26.52
C THR D 361 -17.75 28.08 -27.11
N VAL D 362 -19.08 28.22 -27.24
CA VAL D 362 -19.66 29.48 -27.71
C VAL D 362 -19.23 30.64 -26.82
N ILE D 363 -19.10 30.40 -25.51
CA ILE D 363 -18.75 31.47 -24.58
C ILE D 363 -17.33 31.94 -24.81
N GLN D 364 -16.39 31.01 -24.99
CA GLN D 364 -15.02 31.40 -25.34
C GLN D 364 -15.02 32.26 -26.60
N ALA D 365 -15.77 31.84 -27.62
CA ALA D 365 -15.85 32.63 -28.84
C ALA D 365 -16.42 34.02 -28.56
N ILE D 366 -17.50 34.09 -27.77
CA ILE D 366 -18.17 35.37 -27.50
C ILE D 366 -17.23 36.31 -26.78
N SER D 367 -16.50 35.80 -25.79
CA SER D 367 -15.56 36.64 -25.06
C SER D 367 -14.48 37.16 -25.99
N LYS D 368 -14.03 36.34 -26.95
CA LYS D 368 -13.03 36.83 -27.89
C LYS D 368 -13.59 37.93 -28.78
N THR D 369 -14.81 37.75 -29.30
CA THR D 369 -15.35 38.71 -30.27
C THR D 369 -16.13 39.86 -29.63
N VAL D 370 -16.82 39.63 -28.52
CA VAL D 370 -17.67 40.64 -27.89
C VAL D 370 -16.95 41.14 -26.62
N PRO D 371 -16.45 42.37 -26.62
CA PRO D 371 -15.68 42.85 -25.46
C PRO D 371 -16.53 43.27 -24.26
N SER D 372 -17.82 43.50 -24.42
CA SER D 372 -18.68 43.88 -23.30
C SER D 372 -19.16 42.70 -22.46
N PHE D 373 -18.83 41.47 -22.88
CA PHE D 373 -19.24 40.27 -22.17
C PHE D 373 -18.63 40.24 -20.76
N PHE D 374 -19.41 39.74 -19.80
CA PHE D 374 -18.99 39.73 -18.40
C PHE D 374 -19.91 38.79 -17.62
N GLY D 375 -19.36 38.16 -16.58
CA GLY D 375 -20.17 37.38 -15.67
C GLY D 375 -19.44 36.13 -15.20
N GLY D 376 -20.20 35.27 -14.54
CA GLY D 376 -19.63 34.09 -13.92
C GLY D 376 -20.71 33.18 -13.39
N SER D 377 -20.31 32.28 -12.50
CA SER D 377 -21.19 31.25 -11.95
C SER D 377 -21.34 31.44 -10.44
N ALA D 378 -22.32 30.72 -9.89
CA ALA D 378 -22.55 30.68 -8.45
C ALA D 378 -21.84 29.47 -7.85
N ASP D 379 -20.51 29.51 -7.92
CA ASP D 379 -19.63 28.44 -7.48
C ASP D 379 -19.86 27.15 -8.26
N LEU D 380 -20.29 27.27 -9.53
CA LEU D 380 -20.51 26.09 -10.37
C LEU D 380 -19.95 26.28 -11.77
N ALA D 381 -18.86 27.04 -11.90
CA ALA D 381 -18.29 27.32 -13.23
C ALA D 381 -17.73 26.04 -13.86
N GLY D 382 -17.14 25.17 -13.05
CA GLY D 382 -16.71 23.88 -13.56
C GLY D 382 -17.87 23.00 -13.99
N SER D 383 -19.01 23.11 -13.33
CA SER D 383 -20.14 22.25 -13.71
C SER D 383 -21.01 22.90 -14.78
N ASN D 384 -21.06 24.23 -14.81
CA ASN D 384 -21.84 24.95 -15.80
C ASN D 384 -21.10 25.15 -17.12
N LYS D 385 -19.76 25.00 -17.13
CA LYS D 385 -18.94 25.27 -18.31
C LYS D 385 -19.07 26.74 -18.75
N SER D 386 -19.30 27.63 -17.78
CA SER D 386 -19.50 29.04 -18.02
C SER D 386 -18.21 29.84 -18.03
N ASN D 387 -17.12 29.27 -17.55
CA ASN D 387 -15.88 30.01 -17.39
C ASN D 387 -15.30 30.41 -18.75
N VAL D 388 -14.55 31.50 -18.77
CA VAL D 388 -13.76 31.91 -19.92
C VAL D 388 -12.32 31.53 -19.61
N ASN D 389 -11.77 30.59 -20.38
CA ASN D 389 -10.45 30.05 -20.08
C ASN D 389 -9.33 31.06 -20.32
N ASP D 390 -9.51 31.95 -21.30
CA ASP D 390 -8.44 32.85 -21.72
C ASP D 390 -8.53 34.22 -21.04
N ALA D 391 -9.23 34.32 -19.92
CA ALA D 391 -9.33 35.58 -19.19
C ALA D 391 -9.02 35.34 -17.71
N THR D 392 -8.72 36.45 -17.04
CA THR D 392 -8.43 36.41 -15.60
C THR D 392 -9.72 36.55 -14.81
N ASP D 393 -9.60 36.36 -13.50
CA ASP D 393 -10.75 36.40 -12.61
C ASP D 393 -10.89 37.80 -12.00
N TYR D 394 -12.13 38.26 -11.90
CA TYR D 394 -12.38 39.54 -11.27
C TYR D 394 -12.02 39.48 -9.79
N SER D 395 -11.32 40.51 -9.32
CA SER D 395 -11.01 40.68 -7.92
C SER D 395 -10.83 42.17 -7.64
N SER D 396 -10.73 42.53 -6.36
CA SER D 396 -10.32 43.88 -6.01
C SER D 396 -9.00 44.24 -6.67
N GLU D 397 -8.17 43.22 -6.92
CA GLU D 397 -6.85 43.44 -7.51
C GLU D 397 -6.91 43.53 -9.03
N THR D 398 -7.80 42.77 -9.66
CA THR D 398 -7.91 42.71 -11.11
C THR D 398 -9.34 42.97 -11.54
N PRO D 399 -9.81 44.22 -11.45
CA PRO D 399 -11.16 44.54 -11.92
C PRO D 399 -11.36 44.25 -13.40
N GLU D 400 -10.28 44.21 -14.18
CA GLU D 400 -10.40 43.92 -15.60
C GLU D 400 -10.76 42.46 -15.87
N GLY D 401 -10.59 41.57 -14.89
CA GLY D 401 -10.88 40.17 -15.11
C GLY D 401 -12.34 39.96 -15.46
N LYS D 402 -12.58 39.07 -16.43
CA LYS D 402 -13.91 38.91 -17.02
C LYS D 402 -14.64 37.67 -16.51
N ASN D 403 -14.13 37.03 -15.46
CA ASN D 403 -14.79 35.90 -14.81
C ASN D 403 -15.08 36.25 -13.37
N VAL D 404 -16.37 36.24 -13.00
CA VAL D 404 -16.81 36.63 -11.68
C VAL D 404 -17.02 35.38 -10.84
N TRP D 405 -16.49 35.39 -9.62
CA TRP D 405 -16.71 34.35 -8.62
C TRP D 405 -17.80 34.86 -7.67
N PHE D 406 -19.04 34.46 -7.95
CA PHE D 406 -20.18 34.88 -7.12
C PHE D 406 -20.30 34.04 -5.86
N GLY D 407 -19.87 32.79 -5.91
CA GLY D 407 -20.09 31.86 -4.83
C GLY D 407 -21.53 31.37 -4.77
N VAL D 408 -21.81 30.60 -3.71
CA VAL D 408 -23.15 30.05 -3.47
C VAL D 408 -24.10 31.16 -3.05
N ARG D 409 -24.36 32.11 -3.99
CA ARG D 409 -25.18 33.31 -3.75
C ARG D 409 -26.06 33.51 -4.99
N GLU D 410 -27.05 32.63 -5.17
CA GLU D 410 -27.80 32.60 -6.41
C GLU D 410 -28.67 33.84 -6.57
N PHE D 411 -29.48 34.15 -5.55
CA PHE D 411 -30.35 35.31 -5.58
C PHE D 411 -29.56 36.60 -5.82
N ALA D 412 -28.52 36.81 -5.01
CA ALA D 412 -27.70 38.01 -5.16
C ALA D 412 -27.00 38.05 -6.50
N MET D 413 -26.61 36.89 -7.04
CA MET D 413 -26.01 36.87 -8.38
C MET D 413 -26.99 37.36 -9.43
N GLY D 414 -28.22 36.87 -9.38
CA GLY D 414 -29.23 37.34 -10.33
C GLY D 414 -29.47 38.82 -10.21
N ALA D 415 -29.55 39.32 -8.97
CA ALA D 415 -29.72 40.75 -8.75
C ALA D 415 -28.54 41.54 -9.32
N ALA D 416 -27.33 41.02 -9.17
CA ALA D 416 -26.15 41.73 -9.66
C ALA D 416 -26.10 41.74 -11.19
N VAL D 417 -26.48 40.63 -11.83
CA VAL D 417 -26.56 40.63 -13.29
C VAL D 417 -27.56 41.67 -13.75
N ASN D 418 -28.71 41.75 -13.06
CA ASN D 418 -29.68 42.79 -13.37
C ASN D 418 -29.09 44.18 -13.25
N GLY D 419 -28.34 44.43 -12.17
CA GLY D 419 -27.74 45.74 -11.98
C GLY D 419 -26.73 46.08 -13.06
N MET D 420 -25.94 45.09 -13.49
CA MET D 420 -25.02 45.31 -14.60
C MET D 420 -25.76 45.60 -15.90
N ALA D 421 -26.87 44.94 -16.14
CA ALA D 421 -27.67 45.29 -17.32
C ALA D 421 -28.23 46.70 -17.21
N ALA D 422 -28.58 47.13 -16.00
CA ALA D 422 -29.13 48.47 -15.79
C ALA D 422 -28.05 49.55 -15.86
N HIS D 423 -26.79 49.19 -15.66
CA HIS D 423 -25.73 50.20 -15.68
C HIS D 423 -25.46 50.70 -17.10
N GLY D 424 -25.26 49.79 -18.03
CA GLY D 424 -24.81 50.12 -19.36
C GLY D 424 -23.36 49.70 -19.57
N GLY D 425 -23.03 49.37 -20.82
CA GLY D 425 -21.68 49.03 -21.21
C GLY D 425 -21.30 47.57 -21.07
N LEU D 426 -22.16 46.75 -20.47
CA LEU D 426 -21.85 45.34 -20.25
C LEU D 426 -22.92 44.46 -20.86
N HIS D 427 -22.50 43.28 -21.32
CA HIS D 427 -23.41 42.19 -21.65
C HIS D 427 -23.29 41.14 -20.56
N PRO D 428 -24.22 41.07 -19.63
CA PRO D 428 -24.00 40.36 -18.36
C PRO D 428 -24.67 39.01 -18.25
N TYR D 429 -24.01 38.04 -17.61
CA TYR D 429 -24.57 36.70 -17.46
C TYR D 429 -24.20 36.10 -16.10
N GLY D 430 -25.08 35.21 -15.63
CA GLY D 430 -24.82 34.45 -14.43
C GLY D 430 -25.25 33.01 -14.63
N ALA D 431 -24.67 32.13 -13.82
CA ALA D 431 -24.87 30.70 -14.02
C ALA D 431 -25.08 29.98 -12.70
N THR D 432 -25.96 28.97 -12.74
CA THR D 432 -26.13 27.99 -11.67
C THR D 432 -26.90 26.81 -12.25
N PHE D 433 -27.33 25.89 -11.39
CA PHE D 433 -28.13 24.75 -11.83
C PHE D 433 -29.60 25.12 -11.96
N PHE D 434 -30.25 24.57 -12.99
CA PHE D 434 -31.65 24.89 -13.28
C PHE D 434 -32.53 24.72 -12.05
N VAL D 435 -32.30 23.66 -11.28
CA VAL D 435 -33.10 23.40 -10.08
C VAL D 435 -32.99 24.55 -9.10
N PHE D 436 -31.85 25.23 -9.07
CA PHE D 436 -31.66 26.34 -8.15
C PHE D 436 -31.97 27.70 -8.79
N SER D 437 -32.60 27.70 -9.97
CA SER D 437 -33.20 28.94 -10.44
C SER D 437 -34.34 29.39 -9.53
N ASP D 438 -34.92 28.45 -8.77
CA ASP D 438 -35.92 28.79 -7.77
C ASP D 438 -35.36 29.76 -6.73
N TYR D 439 -34.04 29.66 -6.46
CA TYR D 439 -33.42 30.56 -5.50
C TYR D 439 -33.38 32.00 -5.99
N LEU D 440 -33.41 32.22 -7.31
CA LEU D 440 -33.30 33.57 -7.87
C LEU D 440 -34.54 33.96 -8.67
N LYS D 441 -35.67 33.32 -8.43
CA LYS D 441 -36.87 33.63 -9.20
C LYS D 441 -37.35 35.08 -9.06
N PRO D 442 -37.31 35.73 -7.89
CA PRO D 442 -37.72 37.14 -7.84
C PRO D 442 -36.81 38.04 -8.66
N ALA D 443 -35.52 37.72 -8.72
CA ALA D 443 -34.61 38.48 -9.57
C ALA D 443 -35.01 38.35 -11.04
N LEU D 444 -35.40 37.15 -11.46
CA LEU D 444 -35.88 36.95 -12.82
C LEU D 444 -37.15 37.75 -13.08
N ARG D 445 -38.04 37.78 -12.10
CA ARG D 445 -39.27 38.56 -12.26
C ARG D 445 -38.96 40.04 -12.43
N LEU D 446 -38.07 40.58 -11.61
CA LEU D 446 -37.69 41.98 -11.78
C LEU D 446 -37.05 42.20 -13.15
N SER D 447 -36.21 41.26 -13.58
CA SER D 447 -35.57 41.37 -14.88
C SER D 447 -36.61 41.47 -16.01
N SER D 448 -37.64 40.64 -15.96
CA SER D 448 -38.66 40.69 -17.01
C SER D 448 -39.54 41.94 -16.91
N ILE D 449 -39.82 42.39 -15.68
CA ILE D 449 -40.58 43.62 -15.50
C ILE D 449 -39.83 44.82 -16.05
N MET D 450 -38.50 44.81 -15.95
CA MET D 450 -37.68 45.91 -16.44
C MET D 450 -37.29 45.78 -17.90
N GLY D 451 -37.43 44.60 -18.49
CA GLY D 451 -37.03 44.41 -19.87
C GLY D 451 -35.53 44.58 -20.05
N LEU D 452 -34.75 43.79 -19.34
CA LEU D 452 -33.30 43.90 -19.40
C LEU D 452 -32.71 42.81 -20.28
N ASN D 453 -31.65 43.17 -21.01
CA ASN D 453 -30.85 42.19 -21.71
C ASN D 453 -29.98 41.42 -20.72
N ALA D 454 -30.52 40.39 -20.10
CA ALA D 454 -29.78 39.57 -19.16
C ALA D 454 -29.89 38.11 -19.55
N THR D 455 -28.77 37.40 -19.51
CA THR D 455 -28.73 35.98 -19.84
C THR D 455 -28.43 35.17 -18.59
N PHE D 456 -29.34 34.25 -18.27
CA PHE D 456 -29.18 33.36 -17.12
C PHE D 456 -28.95 31.95 -17.64
N ILE D 457 -27.76 31.42 -17.38
CA ILE D 457 -27.40 30.07 -17.80
C ILE D 457 -27.77 29.09 -16.70
N PHE D 458 -28.74 28.22 -16.97
CA PHE D 458 -29.16 27.16 -16.07
C PHE D 458 -28.85 25.80 -16.71
N THR D 459 -27.94 25.05 -16.10
CA THR D 459 -27.52 23.75 -16.62
C THR D 459 -28.08 22.63 -15.74
N HIS D 460 -27.81 21.39 -16.15
CA HIS D 460 -28.29 20.20 -15.44
C HIS D 460 -29.80 20.26 -15.28
N ASP D 461 -30.47 20.16 -16.43
CA ASP D 461 -31.83 20.66 -16.60
C ASP D 461 -32.90 19.61 -16.36
N SER D 462 -32.55 18.38 -15.99
CA SER D 462 -33.51 17.30 -16.14
C SER D 462 -33.19 16.17 -15.16
N ILE D 463 -34.03 15.13 -15.20
CA ILE D 463 -33.82 13.91 -14.45
C ILE D 463 -32.53 13.21 -14.88
N ALA D 464 -32.00 13.56 -16.06
CA ALA D 464 -30.74 12.99 -16.51
C ALA D 464 -29.54 13.47 -15.70
N VAL D 465 -29.75 14.38 -14.73
CA VAL D 465 -28.71 14.69 -13.75
C VAL D 465 -28.26 13.41 -13.04
N GLY D 466 -29.23 12.60 -12.61
CA GLY D 466 -28.94 11.27 -12.13
C GLY D 466 -28.72 11.10 -10.63
N GLU D 467 -27.50 10.74 -10.26
CA GLU D 467 -27.22 10.23 -8.92
C GLU D 467 -27.37 11.28 -7.82
N ASP D 468 -27.50 12.55 -8.17
CA ASP D 468 -27.66 13.57 -7.13
C ASP D 468 -29.07 13.56 -6.54
N GLY D 469 -30.07 13.15 -7.32
CA GLY D 469 -31.37 12.86 -6.76
C GLY D 469 -32.45 13.88 -7.07
N PRO D 470 -33.60 13.73 -6.41
CA PRO D 470 -34.76 14.58 -6.75
C PRO D 470 -34.57 16.03 -6.36
N THR D 471 -33.83 16.30 -5.28
CA THR D 471 -33.55 17.67 -4.88
C THR D 471 -32.72 18.41 -5.93
N HIS D 472 -32.06 17.68 -6.84
CA HIS D 472 -31.16 18.27 -7.81
C HIS D 472 -31.66 18.09 -9.26
N GLU D 473 -32.87 17.58 -9.44
CA GLU D 473 -33.39 17.30 -10.76
C GLU D 473 -34.60 18.17 -11.03
N PRO D 474 -34.54 19.06 -12.02
CA PRO D 474 -35.67 19.96 -12.26
C PRO D 474 -36.84 19.23 -12.90
N ILE D 475 -38.05 19.67 -12.55
CA ILE D 475 -39.29 19.13 -13.08
C ILE D 475 -40.23 20.26 -13.48
N GLU D 476 -40.51 21.16 -12.54
CA GLU D 476 -41.51 22.21 -12.71
C GLU D 476 -40.93 23.54 -13.16
N GLN D 477 -39.61 23.66 -13.24
CA GLN D 477 -39.00 24.97 -13.47
C GLN D 477 -39.28 25.51 -14.86
N LEU D 478 -39.40 24.65 -15.87
CA LEU D 478 -39.67 25.13 -17.22
C LEU D 478 -41.02 25.83 -17.30
N ALA D 479 -42.07 25.20 -16.77
CA ALA D 479 -43.38 25.83 -16.76
C ALA D 479 -43.37 27.09 -15.88
N GLY D 480 -42.61 27.06 -14.79
CA GLY D 480 -42.56 28.23 -13.92
C GLY D 480 -41.94 29.45 -14.58
N LEU D 481 -40.91 29.23 -15.42
CA LEU D 481 -40.30 30.35 -16.11
C LEU D 481 -41.08 30.74 -17.37
N ARG D 482 -41.65 29.75 -18.07
CA ARG D 482 -42.49 30.05 -19.22
C ARG D 482 -43.73 30.83 -18.81
N ALA D 483 -44.05 30.87 -17.52
CA ALA D 483 -45.19 31.65 -17.04
C ALA D 483 -44.85 33.12 -16.86
N ILE D 484 -43.56 33.45 -16.76
CA ILE D 484 -43.12 34.85 -16.61
C ILE D 484 -43.24 35.56 -17.95
N PRO D 485 -44.00 36.65 -18.03
CA PRO D 485 -44.05 37.44 -19.27
C PRO D 485 -42.72 38.13 -19.52
N ASN D 486 -42.42 38.33 -20.81
CA ASN D 486 -41.14 38.91 -21.23
C ASN D 486 -39.96 38.14 -20.67
N MET D 487 -39.99 36.83 -20.87
CA MET D 487 -38.89 35.96 -20.45
C MET D 487 -38.67 34.90 -21.52
N ASN D 488 -37.49 34.91 -22.14
CA ASN D 488 -37.12 33.82 -23.03
C ASN D 488 -36.66 32.65 -22.19
N VAL D 489 -37.17 31.47 -22.48
CA VAL D 489 -36.70 30.23 -21.87
C VAL D 489 -36.29 29.32 -23.02
N ILE D 490 -34.99 29.29 -23.32
CA ILE D 490 -34.50 28.62 -24.51
C ILE D 490 -33.78 27.35 -24.10
N ARG D 491 -34.31 26.22 -24.57
CA ARG D 491 -33.77 24.88 -24.39
C ARG D 491 -33.24 24.39 -25.74
N PRO D 492 -31.95 24.49 -26.01
CA PRO D 492 -31.42 24.01 -27.28
C PRO D 492 -31.47 22.49 -27.39
N ALA D 493 -31.50 22.01 -28.63
CA ALA D 493 -31.55 20.58 -28.92
C ALA D 493 -30.21 20.01 -29.38
N ASP D 494 -29.20 20.85 -29.59
CA ASP D 494 -27.83 20.41 -29.92
C ASP D 494 -26.92 21.62 -29.79
N GLY D 495 -25.70 21.52 -30.33
CA GLY D 495 -24.75 22.62 -30.22
C GLY D 495 -25.06 23.79 -31.13
N ASN D 496 -25.63 23.54 -32.30
CA ASN D 496 -25.96 24.63 -33.21
C ASN D 496 -27.16 25.43 -32.71
N GLU D 497 -28.19 24.72 -32.21
CA GLU D 497 -29.26 25.41 -31.50
C GLU D 497 -28.73 26.17 -30.30
N THR D 498 -27.69 25.65 -29.64
CA THR D 498 -27.08 26.37 -28.53
C THR D 498 -26.45 27.67 -29.01
N ARG D 499 -25.74 27.63 -30.15
CA ARG D 499 -25.16 28.85 -30.71
C ARG D 499 -26.25 29.87 -31.03
N VAL D 500 -27.33 29.43 -31.68
CA VAL D 500 -28.38 30.39 -32.03
C VAL D 500 -29.07 30.91 -30.77
N ALA D 501 -29.18 30.09 -29.73
CA ALA D 501 -29.79 30.56 -28.49
C ALA D 501 -28.91 31.59 -27.81
N TRP D 502 -27.59 31.41 -27.87
CA TRP D 502 -26.67 32.41 -27.32
C TRP D 502 -26.75 33.71 -28.13
N GLU D 503 -26.88 33.60 -29.45
CA GLU D 503 -27.10 34.79 -30.27
C GLU D 503 -28.37 35.52 -29.84
N VAL D 504 -29.46 34.76 -29.65
CA VAL D 504 -30.73 35.37 -29.26
C VAL D 504 -30.62 36.00 -27.88
N ALA D 505 -29.89 35.34 -26.97
CA ALA D 505 -29.66 35.89 -25.66
C ALA D 505 -28.92 37.22 -25.73
N LEU D 506 -27.95 37.32 -26.63
CA LEU D 506 -27.18 38.55 -26.75
C LEU D 506 -28.00 39.66 -27.41
N GLU D 507 -28.77 39.33 -28.45
CA GLU D 507 -29.44 40.34 -29.27
C GLU D 507 -30.78 40.79 -28.70
N SER D 508 -31.37 40.08 -27.74
CA SER D 508 -32.54 40.63 -27.07
C SER D 508 -32.15 41.93 -26.38
N GLU D 509 -32.90 42.99 -26.64
CA GLU D 509 -32.61 44.28 -26.02
C GLU D 509 -33.55 44.63 -24.88
N SER D 510 -34.72 44.00 -24.81
CA SER D 510 -35.68 44.25 -23.75
C SER D 510 -36.32 42.97 -23.24
N THR D 511 -35.63 41.84 -23.38
CA THR D 511 -36.13 40.58 -22.85
C THR D 511 -34.99 39.78 -22.22
N PRO D 512 -35.09 39.48 -20.93
CA PRO D 512 -34.12 38.56 -20.33
C PRO D 512 -34.28 37.15 -20.90
N THR D 513 -33.17 36.43 -20.90
CA THR D 513 -33.08 35.12 -21.52
C THR D 513 -32.51 34.12 -20.53
N SER D 514 -33.21 33.01 -20.36
CA SER D 514 -32.80 31.91 -19.50
C SER D 514 -32.43 30.74 -20.39
N LEU D 515 -31.14 30.38 -20.41
CA LEU D 515 -30.65 29.27 -21.21
C LEU D 515 -30.71 27.99 -20.39
N VAL D 516 -31.47 27.01 -20.85
CA VAL D 516 -31.63 25.74 -20.16
C VAL D 516 -30.78 24.71 -20.91
N LEU D 517 -29.68 24.30 -20.30
CA LEU D 517 -28.71 23.40 -20.93
C LEU D 517 -28.66 22.07 -20.19
N THR D 518 -28.04 21.07 -20.85
CA THR D 518 -28.01 19.71 -20.36
C THR D 518 -26.60 19.29 -19.98
N ARG D 519 -26.51 18.36 -19.03
CA ARG D 519 -25.24 17.76 -18.64
C ARG D 519 -24.83 16.62 -19.56
N GLN D 520 -25.81 15.96 -20.18
CA GLN D 520 -25.56 14.78 -21.00
C GLN D 520 -25.35 15.16 -22.46
N ASN D 521 -24.71 14.26 -23.19
CA ASN D 521 -24.40 14.50 -24.59
C ASN D 521 -25.66 14.44 -25.45
N LEU D 522 -25.82 15.42 -26.33
CA LEU D 522 -26.88 15.49 -27.31
C LEU D 522 -26.32 15.30 -28.71
N PRO D 523 -26.97 14.48 -29.52
CA PRO D 523 -26.57 14.34 -30.93
C PRO D 523 -27.02 15.54 -31.74
N VAL D 524 -26.20 15.91 -32.71
CA VAL D 524 -26.55 16.98 -33.65
C VAL D 524 -27.54 16.44 -34.68
N LEU D 525 -28.50 17.27 -35.06
CA LEU D 525 -29.56 16.87 -35.98
C LEU D 525 -29.22 17.31 -37.40
N ASP D 526 -29.70 16.53 -38.37
CA ASP D 526 -29.51 16.85 -39.79
C ASP D 526 -30.55 17.88 -40.21
N VAL D 527 -30.35 19.10 -39.71
CA VAL D 527 -31.17 20.25 -40.08
C VAL D 527 -30.21 21.34 -40.61
N PRO D 528 -30.44 21.87 -41.80
CA PRO D 528 -29.53 22.89 -42.35
C PRO D 528 -29.46 24.12 -41.45
N GLU D 529 -28.30 24.79 -41.50
CA GLU D 529 -27.96 25.80 -40.50
C GLU D 529 -28.86 27.03 -40.59
N ASP D 530 -29.11 27.53 -41.80
CA ASP D 530 -30.00 28.67 -41.94
C ASP D 530 -31.37 28.38 -41.34
N VAL D 531 -31.82 27.13 -41.45
CA VAL D 531 -33.07 26.72 -40.82
C VAL D 531 -32.95 26.81 -39.31
N VAL D 532 -31.77 26.51 -38.75
CA VAL D 532 -31.62 26.61 -37.30
C VAL D 532 -31.68 28.07 -36.87
N GLU D 533 -30.93 28.94 -37.54
CA GLU D 533 -30.97 30.36 -37.19
C GLU D 533 -32.37 30.94 -37.33
N GLU D 534 -33.09 30.57 -38.39
CA GLU D 534 -34.44 31.08 -38.58
C GLU D 534 -35.39 30.52 -37.52
N GLY D 535 -35.32 29.21 -37.29
CA GLY D 535 -36.36 28.52 -36.53
C GLY D 535 -36.21 28.70 -35.03
N VAL D 536 -34.97 28.77 -34.53
CA VAL D 536 -34.81 29.08 -33.12
C VAL D 536 -35.35 30.46 -32.82
N ARG D 537 -35.07 31.43 -33.69
CA ARG D 537 -35.60 32.77 -33.50
C ARG D 537 -37.12 32.80 -33.56
N LYS D 538 -37.70 32.02 -34.48
CA LYS D 538 -39.16 31.90 -34.50
C LYS D 538 -39.70 31.10 -33.32
N GLY D 539 -38.86 30.30 -32.66
CA GLY D 539 -39.23 29.64 -31.43
C GLY D 539 -39.75 28.22 -31.58
N ALA D 540 -40.13 27.82 -32.79
CA ALA D 540 -40.55 26.44 -33.06
C ALA D 540 -40.50 26.24 -34.57
N TYR D 541 -39.91 25.12 -34.99
CA TYR D 541 -39.69 24.91 -36.42
C TYR D 541 -39.57 23.41 -36.68
N THR D 542 -40.01 23.01 -37.88
CA THR D 542 -39.97 21.61 -38.28
C THR D 542 -38.52 21.15 -38.46
N VAL D 543 -38.18 20.00 -37.85
CA VAL D 543 -36.84 19.43 -37.94
C VAL D 543 -36.82 18.10 -38.69
N TYR D 544 -37.97 17.53 -39.03
CA TYR D 544 -38.03 16.28 -39.77
C TYR D 544 -39.45 16.10 -40.30
N GLY D 545 -39.59 15.87 -41.59
CA GLY D 545 -40.92 15.66 -42.15
C GLY D 545 -41.29 16.67 -43.21
N SER D 546 -42.24 16.32 -44.08
CA SER D 546 -42.47 17.06 -45.31
C SER D 546 -43.92 17.45 -45.59
N GLU D 547 -44.88 17.07 -44.75
CA GLU D 547 -46.28 17.43 -44.97
C GLU D 547 -46.79 18.25 -43.80
N GLU D 548 -47.57 19.29 -44.12
CA GLU D 548 -48.20 20.11 -43.10
C GLU D 548 -49.48 19.49 -42.56
N THR D 549 -49.88 18.32 -43.03
CA THR D 549 -50.95 17.54 -42.42
C THR D 549 -50.46 16.11 -42.26
N PRO D 550 -49.49 15.89 -41.36
CA PRO D 550 -49.05 14.51 -41.09
C PRO D 550 -50.05 13.81 -40.18
N GLU D 551 -49.99 12.48 -40.22
CA GLU D 551 -50.82 11.71 -39.31
C GLU D 551 -50.39 11.93 -37.86
N PHE D 552 -49.09 12.07 -37.62
CA PHE D 552 -48.56 12.34 -36.30
C PHE D 552 -47.66 13.57 -36.33
N LEU D 553 -47.86 14.44 -35.36
CA LEU D 553 -47.03 15.63 -35.16
C LEU D 553 -46.41 15.51 -33.78
N LEU D 554 -45.10 15.31 -33.74
CA LEU D 554 -44.35 15.20 -32.51
C LEU D 554 -43.75 16.57 -32.20
N LEU D 555 -43.97 17.06 -30.98
CA LEU D 555 -43.43 18.33 -30.52
C LEU D 555 -42.44 18.04 -29.39
N ALA D 556 -41.23 18.59 -29.49
CA ALA D 556 -40.22 18.27 -28.49
C ALA D 556 -39.36 19.49 -28.21
N SER D 557 -38.60 19.40 -27.12
CA SER D 557 -37.70 20.46 -26.67
C SER D 557 -36.42 19.84 -26.15
N GLY D 558 -35.28 20.40 -26.56
CA GLY D 558 -34.00 19.96 -26.04
C GLY D 558 -33.73 18.49 -26.27
N SER D 559 -33.33 17.81 -25.21
CA SER D 559 -32.88 16.41 -25.28
C SER D 559 -33.88 15.50 -25.95
N GLU D 560 -35.15 15.89 -25.98
CA GLU D 560 -36.20 15.01 -26.46
C GLU D 560 -36.51 15.21 -27.94
N VAL D 561 -35.78 16.09 -28.63
CA VAL D 561 -36.01 16.24 -30.07
C VAL D 561 -35.45 15.05 -30.83
N SER D 562 -34.18 14.70 -30.57
CA SER D 562 -33.58 13.54 -31.24
C SER D 562 -34.42 12.29 -31.03
N LEU D 563 -34.79 12.01 -29.77
CA LEU D 563 -35.75 10.95 -29.46
C LEU D 563 -36.93 11.00 -30.42
N ALA D 564 -37.60 12.15 -30.49
CA ALA D 564 -38.73 12.32 -31.40
C ALA D 564 -38.39 11.85 -32.81
N VAL D 565 -37.29 12.37 -33.37
CA VAL D 565 -36.97 12.02 -34.75
C VAL D 565 -36.73 10.52 -34.88
N GLU D 566 -36.08 9.92 -33.88
CA GLU D 566 -35.93 8.47 -33.89
C GLU D 566 -37.31 7.83 -33.99
N ALA D 567 -38.19 8.17 -33.04
CA ALA D 567 -39.55 7.69 -33.10
C ALA D 567 -40.14 7.95 -34.48
N ALA D 568 -39.96 9.17 -34.99
CA ALA D 568 -40.51 9.53 -36.29
C ALA D 568 -40.13 8.50 -37.34
N LYS D 569 -38.83 8.21 -37.45
CA LYS D 569 -38.38 7.31 -38.50
C LYS D 569 -39.05 5.94 -38.34
N ASP D 570 -39.14 5.44 -37.10
CA ASP D 570 -39.77 4.15 -36.91
C ASP D 570 -41.26 4.21 -37.27
N LEU D 571 -41.93 5.31 -36.91
CA LEU D 571 -43.32 5.47 -37.32
C LEU D 571 -43.43 5.42 -38.84
N GLU D 572 -42.42 5.94 -39.55
CA GLU D 572 -42.45 5.90 -40.99
C GLU D 572 -42.17 4.50 -41.53
N LYS D 573 -41.37 3.71 -40.80
CA LYS D 573 -41.09 2.37 -41.26
C LYS D 573 -42.30 1.46 -41.08
N GLN D 574 -43.20 1.81 -40.18
CA GLN D 574 -44.48 1.11 -40.04
C GLN D 574 -45.50 1.57 -41.04
N GLY D 575 -45.19 2.60 -41.81
CA GLY D 575 -46.12 3.15 -42.77
C GLY D 575 -46.91 4.34 -42.30
N LYS D 576 -46.50 5.00 -41.22
CA LYS D 576 -47.25 6.12 -40.65
C LYS D 576 -46.50 7.43 -40.92
N SER D 577 -47.16 8.37 -41.59
CA SER D 577 -46.57 9.66 -41.86
C SER D 577 -46.43 10.46 -40.57
N VAL D 578 -45.42 11.32 -40.53
CA VAL D 578 -45.04 11.98 -39.28
C VAL D 578 -44.28 13.26 -39.60
N ARG D 579 -44.31 14.19 -38.66
CA ARG D 579 -43.45 15.37 -38.67
C ARG D 579 -43.05 15.68 -37.24
N VAL D 580 -41.84 16.23 -37.09
CA VAL D 580 -41.26 16.53 -35.79
C VAL D 580 -40.94 18.01 -35.74
N VAL D 581 -41.18 18.61 -34.58
CA VAL D 581 -41.05 20.05 -34.39
C VAL D 581 -40.21 20.29 -33.13
N SER D 582 -39.02 20.84 -33.32
CA SER D 582 -38.27 21.40 -32.21
C SER D 582 -38.98 22.63 -31.68
N MET D 583 -39.10 22.73 -30.36
CA MET D 583 -39.79 23.83 -29.69
C MET D 583 -38.83 24.56 -28.75
N PRO D 584 -37.77 25.16 -29.29
CA PRO D 584 -36.70 25.67 -28.42
C PRO D 584 -37.16 26.75 -27.45
N ASN D 585 -38.05 27.65 -27.86
CA ASN D 585 -38.45 28.77 -27.01
C ASN D 585 -39.91 29.11 -27.26
N TRP D 586 -40.75 28.91 -26.23
N TRP D 586 -40.74 28.90 -26.23
CA TRP D 586 -42.18 29.19 -26.37
CA TRP D 586 -42.17 29.19 -26.33
C TRP D 586 -42.44 30.66 -26.59
C TRP D 586 -42.42 30.66 -26.60
N ASN D 587 -41.64 31.54 -25.97
CA ASN D 587 -41.89 32.97 -26.05
C ASN D 587 -41.76 33.48 -27.48
N ALA D 588 -40.71 33.06 -28.18
CA ALA D 588 -40.56 33.44 -29.58
C ALA D 588 -41.72 32.92 -30.42
N PHE D 589 -42.15 31.68 -30.16
CA PHE D 589 -43.24 31.11 -30.94
C PHE D 589 -44.53 31.89 -30.79
N GLU D 590 -44.87 32.26 -29.55
CA GLU D 590 -46.15 32.94 -29.38
C GLU D 590 -46.17 34.35 -29.95
N GLN D 591 -45.02 34.90 -30.34
CA GLN D 591 -44.96 36.22 -30.95
C GLN D 591 -45.03 36.19 -32.48
N GLN D 592 -44.94 35.02 -33.09
CA GLN D 592 -44.98 34.90 -34.53
C GLN D 592 -46.41 35.03 -35.05
N SER D 593 -46.53 35.05 -36.37
CA SER D 593 -47.83 35.22 -37.01
C SER D 593 -48.71 33.99 -36.82
N GLU D 594 -50.01 34.18 -37.06
CA GLU D 594 -50.93 33.04 -37.08
C GLU D 594 -50.52 32.04 -38.16
N GLU D 595 -50.00 32.55 -39.28
CA GLU D 595 -49.75 31.70 -40.44
C GLU D 595 -48.58 30.76 -40.19
N TYR D 596 -47.46 31.28 -39.67
CA TYR D 596 -46.33 30.43 -39.32
C TYR D 596 -46.73 29.42 -38.25
N LYS D 597 -47.46 29.86 -37.23
CA LYS D 597 -47.90 28.97 -36.16
C LYS D 597 -48.76 27.84 -36.72
N GLU D 598 -49.62 28.15 -37.68
CA GLU D 598 -50.47 27.11 -38.26
C GLU D 598 -49.69 26.22 -39.21
N SER D 599 -48.62 26.72 -39.80
CA SER D 599 -47.78 25.88 -40.65
C SER D 599 -46.95 24.91 -39.82
N VAL D 600 -46.54 25.30 -38.62
CA VAL D 600 -45.74 24.43 -37.76
C VAL D 600 -46.64 23.45 -37.00
N ILE D 601 -47.67 23.96 -36.34
CA ILE D 601 -48.63 23.15 -35.61
C ILE D 601 -50.02 23.38 -36.18
N PRO D 602 -50.41 22.66 -37.24
CA PRO D 602 -51.78 22.75 -37.71
C PRO D 602 -52.75 22.22 -36.66
N SER D 603 -53.80 22.98 -36.39
CA SER D 603 -54.88 22.45 -35.57
C SER D 603 -55.73 21.43 -36.32
N SER D 604 -55.55 21.32 -37.64
CA SER D 604 -56.21 20.27 -38.41
C SER D 604 -55.77 18.88 -37.96
N VAL D 605 -54.49 18.73 -37.62
CA VAL D 605 -53.94 17.46 -37.12
C VAL D 605 -54.41 17.24 -35.69
N THR D 606 -55.05 16.10 -35.46
CA THR D 606 -55.61 15.77 -34.16
C THR D 606 -54.66 14.99 -33.26
N LYS D 607 -53.79 14.15 -33.83
CA LYS D 607 -52.86 13.35 -33.04
C LYS D 607 -51.53 14.07 -32.93
N ARG D 608 -51.49 15.05 -32.02
CA ARG D 608 -50.27 15.75 -31.66
C ARG D 608 -49.79 15.23 -30.31
N VAL D 609 -48.51 14.89 -30.24
CA VAL D 609 -47.88 14.35 -29.04
C VAL D 609 -46.64 15.16 -28.72
N ALA D 610 -46.51 15.56 -27.46
CA ALA D 610 -45.37 16.35 -26.99
C ALA D 610 -44.50 15.48 -26.10
N ILE D 611 -43.19 15.65 -26.22
CA ILE D 611 -42.22 14.91 -25.40
C ILE D 611 -41.30 15.93 -24.74
N GLU D 612 -41.21 15.86 -23.41
CA GLU D 612 -40.30 16.71 -22.67
C GLU D 612 -40.11 16.12 -21.28
N MET D 613 -38.89 16.19 -20.78
CA MET D 613 -38.58 15.69 -19.44
C MET D 613 -38.76 16.83 -18.43
N ALA D 614 -40.01 17.17 -18.22
CA ALA D 614 -40.43 18.23 -17.29
C ALA D 614 -41.92 18.05 -17.02
N SER D 615 -42.52 18.98 -16.29
CA SER D 615 -43.94 18.92 -15.98
C SER D 615 -44.78 19.04 -17.25
N PRO D 616 -45.96 18.39 -17.29
CA PRO D 616 -46.86 18.56 -18.45
C PRO D 616 -47.56 19.90 -18.51
N LEU D 617 -47.44 20.75 -17.49
CA LEU D 617 -48.22 21.98 -17.43
C LEU D 617 -47.83 22.95 -18.54
N GLY D 618 -48.80 23.30 -19.38
CA GLY D 618 -48.61 24.17 -20.51
C GLY D 618 -48.62 23.48 -21.85
N TRP D 619 -48.35 22.17 -21.89
CA TRP D 619 -48.18 21.48 -23.17
C TRP D 619 -49.51 21.21 -23.86
N HIS D 620 -50.60 21.10 -23.11
CA HIS D 620 -51.91 20.87 -23.70
C HIS D 620 -52.31 21.99 -24.66
N LYS D 621 -51.69 23.17 -24.54
CA LYS D 621 -51.93 24.24 -25.49
C LYS D 621 -51.59 23.81 -26.91
N TYR D 622 -50.54 23.01 -27.09
CA TYR D 622 -50.05 22.69 -28.42
C TYR D 622 -50.43 21.29 -28.90
N VAL D 623 -51.06 20.47 -28.06
CA VAL D 623 -51.43 19.12 -28.46
C VAL D 623 -52.93 18.97 -28.68
N GLY D 624 -53.76 19.75 -28.00
CA GLY D 624 -55.20 19.69 -28.17
C GLY D 624 -55.87 18.76 -27.19
N THR D 625 -57.19 18.66 -27.32
CA THR D 625 -57.94 17.74 -26.47
C THR D 625 -57.60 16.29 -26.82
N ALA D 626 -57.44 16.00 -28.11
CA ALA D 626 -57.14 14.66 -28.59
C ALA D 626 -55.65 14.34 -28.61
N GLY D 627 -54.81 15.23 -28.07
CA GLY D 627 -53.38 15.02 -28.07
C GLY D 627 -52.89 14.32 -26.81
N LYS D 628 -51.56 14.16 -26.75
CA LYS D 628 -50.94 13.46 -25.63
C LYS D 628 -49.66 14.16 -25.22
N VAL D 629 -49.46 14.29 -23.91
CA VAL D 629 -48.24 14.84 -23.32
C VAL D 629 -47.49 13.71 -22.64
N ILE D 630 -46.29 13.39 -23.14
CA ILE D 630 -45.39 12.45 -22.50
C ILE D 630 -44.38 13.28 -21.72
N ALA D 631 -44.56 13.36 -20.41
CA ALA D 631 -43.78 14.23 -19.56
C ALA D 631 -43.57 13.54 -18.21
N ILE D 632 -43.27 14.33 -17.18
CA ILE D 632 -43.04 13.83 -15.83
C ILE D 632 -43.98 14.55 -14.88
N ASP D 633 -44.76 13.78 -14.11
CA ASP D 633 -45.70 14.36 -13.18
C ASP D 633 -45.33 14.06 -11.72
N GLY D 634 -44.10 13.64 -11.48
CA GLY D 634 -43.61 13.45 -10.12
C GLY D 634 -42.19 13.96 -9.99
N PHE D 635 -41.54 13.68 -8.87
CA PHE D 635 -40.16 14.12 -8.69
C PHE D 635 -39.21 13.07 -9.22
N GLY D 636 -37.91 13.33 -9.09
CA GLY D 636 -36.88 12.52 -9.70
C GLY D 636 -36.45 11.35 -8.86
N ALA D 637 -35.28 10.82 -9.19
CA ALA D 637 -34.74 9.64 -8.54
C ALA D 637 -33.21 9.67 -8.63
N SER D 638 -32.55 9.02 -7.69
CA SER D 638 -31.10 8.93 -7.67
C SER D 638 -30.68 7.61 -8.32
N ALA D 639 -30.19 7.71 -9.55
CA ALA D 639 -29.66 6.56 -10.29
C ALA D 639 -28.70 7.10 -11.34
N PRO D 640 -28.02 6.26 -12.11
CA PRO D 640 -27.38 6.75 -13.33
C PRO D 640 -28.41 7.44 -14.22
N GLY D 641 -28.03 8.60 -14.75
CA GLY D 641 -28.99 9.40 -15.51
C GLY D 641 -29.65 8.64 -16.64
N ASP D 642 -28.90 7.74 -17.28
CA ASP D 642 -29.44 6.90 -18.34
C ASP D 642 -30.64 6.09 -17.85
N LEU D 643 -30.46 5.42 -16.71
CA LEU D 643 -31.52 4.60 -16.15
C LEU D 643 -32.72 5.45 -15.74
N VAL D 644 -32.47 6.66 -15.23
CA VAL D 644 -33.58 7.52 -14.85
C VAL D 644 -34.39 7.92 -16.08
N VAL D 645 -33.70 8.27 -17.17
CA VAL D 645 -34.40 8.61 -18.40
C VAL D 645 -35.20 7.41 -18.90
N GLU D 646 -34.59 6.23 -18.89
CA GLU D 646 -35.26 5.04 -19.41
C GLU D 646 -36.51 4.72 -18.61
N LYS D 647 -36.39 4.67 -17.28
CA LYS D 647 -37.50 4.26 -16.42
C LYS D 647 -38.67 5.22 -16.49
N TYR D 648 -38.41 6.50 -16.73
CA TYR D 648 -39.46 7.50 -16.76
C TYR D 648 -40.20 7.55 -18.10
N GLY D 649 -39.84 6.69 -19.04
CA GLY D 649 -40.60 6.52 -20.26
C GLY D 649 -40.02 7.17 -21.49
N PHE D 650 -38.87 7.84 -21.37
CA PHE D 650 -38.29 8.57 -22.50
C PHE D 650 -37.33 7.67 -23.28
N THR D 651 -37.87 6.55 -23.71
CA THR D 651 -37.24 5.67 -24.68
C THR D 651 -38.06 5.67 -25.95
N LYS D 652 -37.38 5.41 -27.07
CA LYS D 652 -38.06 5.33 -28.36
C LYS D 652 -39.25 4.39 -28.28
N GLU D 653 -39.02 3.18 -27.77
CA GLU D 653 -40.07 2.15 -27.72
C GLU D 653 -41.30 2.64 -26.96
N ASN D 654 -41.10 3.35 -25.85
CA ASN D 654 -42.24 3.84 -25.08
C ASN D 654 -42.99 4.93 -25.84
N ILE D 655 -42.25 5.84 -26.49
CA ILE D 655 -42.89 6.88 -27.31
C ILE D 655 -43.74 6.24 -28.39
N LEU D 656 -43.20 5.22 -29.08
CA LEU D 656 -43.95 4.54 -30.12
C LEU D 656 -45.20 3.86 -29.57
N ASN D 657 -45.05 3.13 -28.46
CA ASN D 657 -46.20 2.42 -27.89
C ASN D 657 -47.31 3.39 -27.50
N GLN D 658 -46.96 4.51 -26.88
CA GLN D 658 -47.98 5.47 -26.46
C GLN D 658 -48.56 6.23 -27.65
N VAL D 659 -47.75 6.48 -28.67
CA VAL D 659 -48.25 7.19 -29.85
C VAL D 659 -49.24 6.33 -30.63
N MET D 660 -48.90 5.06 -30.84
CA MET D 660 -49.83 4.16 -31.53
C MET D 660 -51.02 3.77 -30.65
N SER D 661 -50.88 3.87 -29.32
CA SER D 661 -52.04 3.72 -28.45
C SER D 661 -53.02 4.87 -28.62
N LEU D 662 -52.52 6.06 -28.96
CA LEU D 662 -53.37 7.22 -29.13
C LEU D 662 -54.34 7.01 -30.29
N GLU D 663 -55.60 7.36 -30.06
CA GLU D 663 -56.65 7.17 -31.07
C GLU D 663 -57.49 8.43 -31.23
N MET E 1 -42.19 -18.77 -45.04
CA MET E 1 -40.95 -17.99 -45.13
C MET E 1 -39.90 -18.76 -45.92
N PHE E 2 -39.16 -18.05 -46.77
CA PHE E 2 -38.43 -18.73 -47.83
C PHE E 2 -37.25 -17.92 -48.34
N ASN E 3 -36.54 -17.23 -47.45
CA ASN E 3 -35.33 -16.51 -47.85
C ASN E 3 -34.23 -16.79 -46.84
N GLU E 4 -32.99 -16.55 -47.25
CA GLU E 4 -31.89 -16.61 -46.30
C GLU E 4 -32.00 -15.49 -45.29
N LYS E 5 -32.65 -14.39 -45.66
CA LYS E 5 -32.88 -13.30 -44.72
C LYS E 5 -33.79 -13.76 -43.59
N ASP E 6 -34.83 -14.54 -43.92
CA ASP E 6 -35.71 -15.09 -42.89
C ASP E 6 -34.91 -15.97 -41.93
N GLN E 7 -33.95 -16.73 -42.46
CA GLN E 7 -33.10 -17.55 -41.59
C GLN E 7 -32.20 -16.67 -40.73
N LEU E 8 -31.71 -15.57 -41.28
CA LEU E 8 -30.96 -14.61 -40.45
C LEU E 8 -31.80 -14.14 -39.28
N ALA E 9 -33.07 -13.84 -39.53
CA ALA E 9 -33.96 -13.42 -38.45
C ALA E 9 -34.14 -14.54 -37.42
N VAL E 10 -34.40 -15.76 -37.89
CA VAL E 10 -34.65 -16.89 -36.97
C VAL E 10 -33.43 -17.11 -36.07
N ASP E 11 -32.24 -17.11 -36.67
CA ASP E 11 -31.02 -17.34 -35.89
C ASP E 11 -30.71 -16.18 -34.96
N THR E 12 -31.02 -14.94 -35.37
CA THR E 12 -30.85 -13.81 -34.47
C THR E 12 -31.78 -13.92 -33.27
N LEU E 13 -33.01 -14.38 -33.47
CA LEU E 13 -33.92 -14.60 -32.35
C LEU E 13 -33.35 -15.61 -31.37
N ARG E 14 -32.88 -16.75 -31.90
CA ARG E 14 -32.22 -17.74 -31.05
C ARG E 14 -31.08 -17.12 -30.25
N ALA E 15 -30.18 -16.41 -30.93
CA ALA E 15 -29.00 -15.88 -30.28
C ALA E 15 -29.35 -14.82 -29.24
N LEU E 16 -30.39 -14.02 -29.52
CA LEU E 16 -30.83 -12.99 -28.58
C LEU E 16 -31.36 -13.63 -27.30
N SER E 17 -32.21 -14.65 -27.45
CA SER E 17 -32.67 -15.39 -26.27
C SER E 17 -31.50 -15.94 -25.47
N ILE E 18 -30.52 -16.51 -26.19
CA ILE E 18 -29.35 -17.08 -25.53
C ILE E 18 -28.58 -16.01 -24.77
N ASP E 19 -28.40 -14.83 -25.37
CA ASP E 19 -27.61 -13.79 -24.73
C ASP E 19 -28.31 -13.23 -23.49
N THR E 20 -29.63 -13.06 -23.56
CA THR E 20 -30.37 -12.60 -22.39
C THR E 20 -30.26 -13.60 -21.25
N ILE E 21 -30.46 -14.89 -21.55
CA ILE E 21 -30.32 -15.91 -20.52
C ILE E 21 -28.89 -15.98 -19.99
N GLU E 22 -27.90 -15.75 -20.87
CA GLU E 22 -26.50 -15.80 -20.45
C GLU E 22 -26.18 -14.67 -19.49
N LYS E 23 -26.62 -13.45 -19.80
CA LYS E 23 -26.37 -12.33 -18.91
C LYS E 23 -27.10 -12.49 -17.58
N ALA E 24 -28.32 -13.04 -17.61
CA ALA E 24 -29.02 -13.26 -16.35
C ALA E 24 -28.42 -14.42 -15.56
N ASN E 25 -27.77 -15.36 -16.25
CA ASN E 25 -27.37 -16.64 -15.67
C ASN E 25 -28.57 -17.39 -15.10
N SER E 26 -29.73 -17.20 -15.72
CA SER E 26 -30.97 -17.83 -15.31
C SER E 26 -31.92 -17.80 -16.49
N GLY E 27 -32.68 -18.88 -16.67
CA GLY E 27 -33.61 -18.95 -17.79
C GLY E 27 -33.62 -20.29 -18.50
N HIS E 28 -34.38 -20.38 -19.59
CA HIS E 28 -34.62 -21.64 -20.30
C HIS E 28 -34.30 -21.47 -21.77
N PRO E 29 -33.16 -22.01 -22.24
CA PRO E 29 -32.76 -21.79 -23.65
C PRO E 29 -33.34 -22.78 -24.64
N GLY E 30 -33.60 -24.01 -24.18
CA GLY E 30 -33.88 -25.09 -25.11
C GLY E 30 -35.13 -24.87 -25.94
N LEU E 31 -36.23 -24.47 -25.29
CA LEU E 31 -37.47 -24.21 -26.02
C LEU E 31 -37.34 -23.04 -26.98
N PRO E 32 -36.76 -21.89 -26.60
CA PRO E 32 -36.55 -20.84 -27.60
C PRO E 32 -35.72 -21.30 -28.78
N MET E 33 -34.62 -22.00 -28.52
CA MET E 33 -33.81 -22.56 -29.60
C MET E 33 -34.65 -23.41 -30.54
N GLY E 34 -35.50 -24.27 -29.99
CA GLY E 34 -36.24 -25.20 -30.82
C GLY E 34 -37.42 -24.58 -31.54
N ALA E 35 -38.03 -23.55 -30.95
CA ALA E 35 -39.29 -23.02 -31.44
C ALA E 35 -39.18 -21.61 -32.01
N ALA E 36 -37.97 -21.09 -32.21
CA ALA E 36 -37.84 -19.80 -32.89
C ALA E 36 -38.35 -19.84 -34.34
N PRO E 37 -38.10 -20.86 -35.15
CA PRO E 37 -38.65 -20.83 -36.53
C PRO E 37 -40.15 -20.71 -36.58
N MET E 38 -40.86 -21.55 -35.84
CA MET E 38 -42.32 -21.56 -35.90
C MET E 38 -42.89 -20.23 -35.40
N ALA E 39 -42.28 -19.67 -34.36
CA ALA E 39 -42.74 -18.37 -33.85
C ALA E 39 -42.47 -17.28 -34.88
N TYR E 40 -41.31 -17.34 -35.53
CA TYR E 40 -41.00 -16.40 -36.60
C TYR E 40 -42.07 -16.45 -37.68
N THR E 41 -42.40 -17.66 -38.14
CA THR E 41 -43.43 -17.84 -39.17
C THR E 41 -44.75 -17.23 -38.71
N LEU E 42 -45.19 -17.58 -37.49
CA LEU E 42 -46.47 -17.08 -36.99
C LEU E 42 -46.48 -15.55 -36.95
N TRP E 43 -45.43 -14.94 -36.39
CA TRP E 43 -45.44 -13.50 -36.18
C TRP E 43 -45.33 -12.74 -37.50
N THR E 44 -44.37 -13.11 -38.35
CA THR E 44 -44.14 -12.32 -39.57
C THR E 44 -45.25 -12.55 -40.59
N ARG E 45 -45.70 -13.78 -40.76
CA ARG E 45 -46.54 -14.11 -41.90
C ARG E 45 -48.03 -14.09 -41.62
N HIS E 46 -48.46 -14.42 -40.40
CA HIS E 46 -49.88 -14.63 -40.13
C HIS E 46 -50.48 -13.75 -39.05
N LEU E 47 -49.72 -13.37 -38.04
CA LEU E 47 -50.31 -12.73 -36.86
C LEU E 47 -50.68 -11.28 -37.17
N ASN E 48 -51.97 -10.98 -37.09
CA ASN E 48 -52.46 -9.61 -37.23
C ASN E 48 -52.37 -8.94 -35.87
N PHE E 49 -51.17 -8.44 -35.55
CA PHE E 49 -50.92 -7.92 -34.22
C PHE E 49 -49.76 -6.95 -34.25
N ASN E 50 -50.00 -5.75 -33.72
CA ASN E 50 -48.95 -4.76 -33.53
C ASN E 50 -48.67 -4.61 -32.05
N PRO E 51 -47.47 -4.96 -31.58
CA PRO E 51 -47.17 -4.79 -30.14
C PRO E 51 -47.30 -3.35 -29.66
N GLN E 52 -47.21 -2.38 -30.56
CA GLN E 52 -47.30 -0.96 -30.21
C GLN E 52 -48.74 -0.51 -30.01
N SER E 53 -49.66 -0.98 -30.84
CA SER E 53 -51.08 -0.80 -30.57
C SER E 53 -51.60 -2.07 -29.88
N LYS E 54 -51.16 -2.21 -28.62
CA LYS E 54 -51.42 -3.42 -27.87
C LYS E 54 -52.89 -3.64 -27.58
N ASP E 55 -53.70 -2.56 -27.58
CA ASP E 55 -55.09 -2.65 -27.18
C ASP E 55 -56.06 -2.60 -28.37
N TYR E 56 -55.56 -2.85 -29.57
CA TYR E 56 -56.42 -2.99 -30.74
C TYR E 56 -57.34 -4.18 -30.54
N PHE E 57 -58.66 -3.93 -30.55
CA PHE E 57 -59.61 -4.92 -30.04
C PHE E 57 -59.79 -6.10 -30.99
N ASN E 58 -59.56 -5.92 -32.29
CA ASN E 58 -59.62 -7.04 -33.21
C ASN E 58 -58.25 -7.59 -33.57
N ARG E 59 -57.24 -7.31 -32.75
CA ARG E 59 -55.94 -7.94 -32.95
C ARG E 59 -56.05 -9.44 -32.73
N ASP E 60 -55.22 -10.18 -33.44
CA ASP E 60 -55.05 -11.59 -33.12
C ASP E 60 -54.41 -11.72 -31.74
N ARG E 61 -54.91 -12.66 -30.96
CA ARG E 61 -54.37 -12.92 -29.64
C ARG E 61 -53.32 -14.03 -29.75
N PHE E 62 -52.18 -13.84 -29.10
CA PHE E 62 -51.14 -14.85 -29.05
C PHE E 62 -50.75 -15.09 -27.60
N VAL E 63 -50.67 -16.36 -27.21
CA VAL E 63 -50.36 -16.76 -25.83
C VAL E 63 -49.24 -17.79 -25.86
N LEU E 64 -48.22 -17.57 -25.04
CA LEU E 64 -47.14 -18.53 -24.84
C LEU E 64 -47.43 -19.33 -23.57
N SER E 65 -48.12 -20.46 -23.75
CA SER E 65 -48.47 -21.29 -22.59
C SER E 65 -47.22 -21.81 -21.87
N ALA E 66 -46.17 -22.11 -22.62
CA ALA E 66 -44.89 -22.49 -22.04
C ALA E 66 -44.11 -21.22 -21.70
N GLY E 67 -44.53 -20.56 -20.63
CA GLY E 67 -43.96 -19.31 -20.19
C GLY E 67 -42.45 -19.33 -20.01
N HIS E 68 -41.87 -20.50 -19.74
CA HIS E 68 -40.42 -20.62 -19.65
C HIS E 68 -39.72 -20.38 -20.96
N GLY E 69 -40.46 -20.10 -22.03
CA GLY E 69 -39.85 -19.64 -23.27
C GLY E 69 -39.86 -18.13 -23.35
N SER E 70 -39.92 -17.47 -22.19
CA SER E 70 -40.06 -16.01 -22.13
C SER E 70 -39.03 -15.30 -23.01
N ALA E 71 -37.77 -15.75 -22.98
CA ALA E 71 -36.72 -15.09 -23.72
C ALA E 71 -37.04 -14.98 -25.21
N LEU E 72 -37.74 -15.98 -25.76
CA LEU E 72 -38.17 -15.88 -27.15
C LEU E 72 -39.16 -14.74 -27.33
N LEU E 73 -40.23 -14.73 -26.53
CA LEU E 73 -41.28 -13.73 -26.70
C LEU E 73 -40.70 -12.33 -26.64
N TYR E 74 -39.91 -12.05 -25.59
CA TYR E 74 -39.24 -10.75 -25.47
C TYR E 74 -38.45 -10.41 -26.72
N SER E 75 -37.64 -11.36 -27.21
CA SER E 75 -36.93 -11.14 -28.46
C SER E 75 -37.89 -10.78 -29.58
N LEU E 76 -38.97 -11.56 -29.73
CA LEU E 76 -39.98 -11.23 -30.75
C LEU E 76 -40.57 -9.85 -30.51
N LEU E 77 -40.72 -9.46 -29.24
CA LEU E 77 -41.24 -8.14 -28.93
C LEU E 77 -40.22 -7.04 -29.16
N HIS E 78 -38.93 -7.37 -29.13
CA HIS E 78 -37.91 -6.36 -29.36
C HIS E 78 -37.80 -6.03 -30.85
N VAL E 79 -37.58 -7.05 -31.68
CA VAL E 79 -37.41 -6.87 -33.11
C VAL E 79 -38.72 -6.41 -33.74
N SER E 80 -39.77 -6.26 -32.93
CA SER E 80 -41.05 -5.74 -33.38
C SER E 80 -41.30 -4.30 -32.96
N GLY E 81 -40.43 -3.73 -32.13
CA GLY E 81 -40.42 -2.29 -31.90
C GLY E 81 -41.13 -1.78 -30.67
N SER E 82 -41.37 -2.62 -29.65
CA SER E 82 -42.01 -2.15 -28.43
C SER E 82 -41.22 -2.44 -27.16
N LEU E 83 -40.17 -3.25 -27.23
CA LEU E 83 -39.38 -3.63 -26.06
C LEU E 83 -37.93 -3.23 -26.31
N GLU E 84 -37.32 -2.57 -25.33
CA GLU E 84 -35.97 -2.08 -25.51
C GLU E 84 -34.95 -3.22 -25.41
N LEU E 85 -33.79 -2.99 -26.03
CA LEU E 85 -32.69 -3.94 -25.90
C LEU E 85 -32.20 -4.02 -24.46
N GLU E 86 -32.23 -2.90 -23.74
CA GLU E 86 -31.72 -2.87 -22.37
C GLU E 86 -32.61 -3.69 -21.44
N GLU E 87 -33.92 -3.70 -21.68
CA GLU E 87 -34.81 -4.53 -20.88
C GLU E 87 -34.48 -6.00 -21.08
N LEU E 88 -34.22 -6.41 -22.32
CA LEU E 88 -33.73 -7.76 -22.59
C LEU E 88 -32.40 -8.01 -21.89
N LYS E 89 -31.57 -6.98 -21.75
CA LYS E 89 -30.33 -7.09 -21.00
C LYS E 89 -30.53 -7.05 -19.49
N GLN E 90 -31.77 -6.83 -19.03
CA GLN E 90 -32.13 -6.90 -17.62
C GLN E 90 -33.07 -8.06 -17.33
N PHE E 91 -33.00 -9.10 -18.16
CA PHE E 91 -33.88 -10.26 -18.03
C PHE E 91 -33.73 -10.92 -16.66
N ARG E 92 -34.87 -11.15 -16.00
CA ARG E 92 -34.93 -11.84 -14.71
C ARG E 92 -34.23 -11.04 -13.61
N GLN E 93 -34.35 -9.71 -13.67
CA GLN E 93 -33.74 -8.82 -12.70
C GLN E 93 -34.79 -7.90 -12.10
N TRP E 94 -34.43 -7.27 -10.98
CA TRP E 94 -35.37 -6.45 -10.21
C TRP E 94 -35.90 -5.28 -11.01
N GLY E 95 -37.22 -5.19 -11.13
CA GLY E 95 -37.87 -4.07 -11.77
C GLY E 95 -37.95 -4.13 -13.28
N SER E 96 -37.42 -5.18 -13.89
CA SER E 96 -37.38 -5.29 -15.34
C SER E 96 -38.79 -5.40 -15.93
N LYS E 97 -38.91 -4.97 -17.18
CA LYS E 97 -40.09 -5.27 -17.98
C LYS E 97 -40.05 -6.67 -18.60
N THR E 98 -39.11 -7.51 -18.18
CA THR E 98 -38.88 -8.83 -18.75
C THR E 98 -38.81 -9.86 -17.65
N PRO E 99 -39.90 -10.15 -17.03
CA PRO E 99 -39.92 -11.22 -15.97
C PRO E 99 -39.48 -12.59 -16.45
N GLY E 100 -39.04 -13.44 -15.51
CA GLY E 100 -38.68 -14.79 -15.88
C GLY E 100 -39.80 -15.56 -16.57
N HIS E 101 -41.03 -15.25 -16.24
CA HIS E 101 -42.21 -15.76 -16.92
C HIS E 101 -43.08 -14.58 -17.34
N PRO E 102 -43.75 -14.68 -18.50
CA PRO E 102 -44.45 -13.50 -19.04
C PRO E 102 -45.59 -13.04 -18.14
N GLU E 103 -45.62 -11.74 -17.87
CA GLU E 103 -46.63 -11.12 -17.01
C GLU E 103 -47.41 -10.07 -17.78
N TYR E 104 -48.74 -10.15 -17.68
CA TYR E 104 -49.64 -9.16 -18.23
C TYR E 104 -49.64 -7.91 -17.34
N ARG E 105 -49.92 -6.76 -17.97
N ARG E 105 -49.95 -6.77 -17.95
CA ARG E 105 -50.03 -5.48 -17.27
CA ARG E 105 -50.03 -5.48 -17.27
C ARG E 105 -48.66 -5.02 -16.78
C ARG E 105 -48.66 -5.02 -16.80
N HIS E 106 -47.65 -5.88 -16.92
CA HIS E 106 -46.29 -5.53 -16.59
C HIS E 106 -45.45 -5.29 -17.83
N THR E 107 -45.74 -6.01 -18.92
CA THR E 107 -45.04 -5.83 -20.19
C THR E 107 -46.06 -5.60 -21.30
N ASP E 108 -45.74 -4.68 -22.20
CA ASP E 108 -46.65 -4.35 -23.30
C ASP E 108 -46.70 -5.49 -24.30
N GLY E 109 -47.92 -5.90 -24.68
CA GLY E 109 -48.09 -6.94 -25.65
C GLY E 109 -48.08 -8.35 -25.10
N VAL E 110 -47.93 -8.51 -23.78
CA VAL E 110 -48.12 -9.79 -23.12
C VAL E 110 -49.59 -9.87 -22.70
N GLU E 111 -50.33 -10.81 -23.29
CA GLU E 111 -51.79 -10.81 -23.17
C GLU E 111 -52.30 -11.49 -21.90
N VAL E 112 -51.66 -12.58 -21.47
CA VAL E 112 -52.01 -13.24 -20.22
C VAL E 112 -50.72 -13.67 -19.54
N THR E 113 -50.74 -13.66 -18.21
CA THR E 113 -49.62 -14.20 -17.45
C THR E 113 -49.62 -15.72 -17.53
N THR E 114 -48.49 -16.30 -17.93
CA THR E 114 -48.34 -17.74 -18.09
C THR E 114 -47.16 -18.24 -17.25
N GLY E 115 -47.05 -19.56 -17.19
CA GLY E 115 -46.04 -20.19 -16.37
C GLY E 115 -46.53 -21.53 -15.85
N PRO E 116 -47.58 -21.50 -14.99
CA PRO E 116 -48.25 -22.75 -14.60
C PRO E 116 -48.80 -23.51 -15.81
N LEU E 117 -48.23 -24.65 -16.17
CA LEU E 117 -48.50 -25.15 -17.51
C LEU E 117 -49.97 -25.56 -17.67
N GLY E 118 -50.42 -25.58 -18.93
CA GLY E 118 -51.80 -25.86 -19.25
C GLY E 118 -52.75 -24.70 -19.02
N GLN E 119 -52.37 -23.72 -18.21
CA GLN E 119 -53.28 -22.61 -17.98
C GLN E 119 -53.32 -21.66 -19.17
N GLY E 120 -52.17 -21.37 -19.79
CA GLY E 120 -52.19 -20.55 -21.00
C GLY E 120 -53.06 -21.16 -22.08
N PHE E 121 -53.04 -22.50 -22.18
CA PHE E 121 -53.88 -23.21 -23.13
C PHE E 121 -55.37 -22.99 -22.85
N ALA E 122 -55.78 -23.17 -21.60
CA ALA E 122 -57.20 -23.04 -21.26
C ALA E 122 -57.67 -21.58 -21.28
N MET E 123 -56.80 -20.66 -20.89
CA MET E 123 -57.08 -19.24 -21.09
C MET E 123 -57.25 -18.90 -22.57
N SER E 124 -56.47 -19.53 -23.45
CA SER E 124 -56.65 -19.30 -24.88
C SER E 124 -57.98 -19.86 -25.36
N VAL E 125 -58.42 -20.97 -24.77
CA VAL E 125 -59.79 -21.43 -25.02
C VAL E 125 -60.79 -20.34 -24.62
N GLY E 126 -60.60 -19.75 -23.44
CA GLY E 126 -61.50 -18.68 -23.01
C GLY E 126 -61.46 -17.47 -23.93
N LEU E 127 -60.29 -17.18 -24.49
CA LEU E 127 -60.15 -16.08 -25.44
C LEU E 127 -60.96 -16.36 -26.70
N ALA E 128 -60.84 -17.59 -27.23
CA ALA E 128 -61.61 -17.94 -28.42
C ALA E 128 -63.10 -17.91 -28.15
N LEU E 129 -63.50 -18.32 -26.94
CA LEU E 129 -64.91 -18.25 -26.57
C LEU E 129 -65.40 -16.81 -26.53
N ALA E 130 -64.62 -15.92 -25.90
CA ALA E 130 -64.96 -14.51 -25.88
C ALA E 130 -65.11 -13.95 -27.29
N GLU E 131 -64.18 -14.30 -28.18
CA GLU E 131 -64.28 -13.85 -29.56
C GLU E 131 -65.59 -14.32 -30.18
N ASP E 132 -65.90 -15.62 -30.04
CA ASP E 132 -67.11 -16.16 -30.66
C ASP E 132 -68.37 -15.50 -30.10
N HIS E 133 -68.44 -15.32 -28.78
CA HIS E 133 -69.64 -14.75 -28.19
C HIS E 133 -69.82 -13.28 -28.60
N LEU E 134 -68.73 -12.50 -28.54
CA LEU E 134 -68.81 -11.10 -28.93
C LEU E 134 -69.14 -10.95 -30.41
N ALA E 135 -68.65 -11.87 -31.24
CA ALA E 135 -68.97 -11.82 -32.66
C ALA E 135 -70.42 -12.21 -32.91
N GLY E 136 -70.91 -13.22 -32.20
CA GLY E 136 -72.29 -13.62 -32.36
C GLY E 136 -73.27 -12.57 -31.86
N LYS E 137 -72.83 -11.72 -30.94
CA LYS E 137 -73.69 -10.65 -30.45
C LYS E 137 -73.61 -9.39 -31.32
N PHE E 138 -72.42 -9.01 -31.79
CA PHE E 138 -72.25 -7.68 -32.39
C PHE E 138 -72.11 -7.67 -33.89
N ASN E 139 -71.58 -8.73 -34.50
CA ASN E 139 -71.37 -8.72 -35.95
C ASN E 139 -72.70 -8.71 -36.70
N LYS E 140 -72.73 -7.96 -37.80
CA LYS E 140 -73.88 -7.93 -38.70
C LYS E 140 -73.40 -8.29 -40.11
N GLU E 141 -74.29 -8.09 -41.10
CA GLU E 141 -74.02 -8.59 -42.44
C GLU E 141 -72.82 -7.89 -43.08
N GLY E 142 -72.84 -6.57 -43.14
CA GLY E 142 -71.70 -5.88 -43.68
C GLY E 142 -70.57 -5.66 -42.71
N TYR E 143 -70.79 -5.99 -41.44
CA TYR E 143 -69.90 -5.56 -40.35
C TYR E 143 -69.37 -6.76 -39.62
N ASN E 144 -68.05 -6.97 -39.70
CA ASN E 144 -67.36 -8.02 -38.96
C ASN E 144 -66.57 -7.41 -37.82
N VAL E 145 -67.26 -6.79 -36.84
CA VAL E 145 -66.54 -5.99 -35.86
C VAL E 145 -65.64 -6.86 -34.98
N VAL E 146 -65.98 -8.13 -34.82
CA VAL E 146 -65.16 -9.10 -34.09
C VAL E 146 -64.87 -10.24 -35.04
N ASP E 147 -63.59 -10.39 -35.42
CA ASP E 147 -63.18 -11.43 -36.36
C ASP E 147 -61.65 -11.50 -36.29
N HIS E 148 -61.16 -12.30 -35.35
CA HIS E 148 -59.72 -12.49 -35.19
C HIS E 148 -59.49 -13.89 -34.62
N TYR E 149 -58.26 -14.36 -34.77
CA TYR E 149 -57.88 -15.69 -34.32
C TYR E 149 -57.23 -15.64 -32.94
N THR E 150 -57.05 -16.83 -32.36
CA THR E 150 -56.36 -17.02 -31.10
C THR E 150 -55.32 -18.11 -31.28
N TYR E 151 -54.04 -17.76 -31.11
CA TYR E 151 -52.92 -18.67 -31.27
C TYR E 151 -52.26 -18.94 -29.93
N VAL E 152 -51.78 -20.17 -29.74
CA VAL E 152 -51.09 -20.52 -28.49
C VAL E 152 -49.93 -21.45 -28.78
N LEU E 153 -48.76 -21.13 -28.22
CA LEU E 153 -47.57 -21.98 -28.30
C LEU E 153 -47.45 -22.79 -27.01
N ALA E 154 -47.64 -24.10 -27.13
CA ALA E 154 -47.68 -25.01 -25.98
C ALA E 154 -46.57 -26.05 -26.09
N SER E 155 -46.34 -26.74 -24.96
CA SER E 155 -45.24 -27.68 -24.82
C SER E 155 -45.78 -29.04 -24.38
N ASP E 156 -44.87 -30.02 -24.29
CA ASP E 156 -45.27 -31.36 -23.86
C ASP E 156 -45.87 -31.34 -22.46
N GLY E 157 -45.28 -30.57 -21.56
CA GLY E 157 -45.85 -30.45 -20.23
C GLY E 157 -47.22 -29.79 -20.21
N ASP E 158 -47.46 -28.87 -21.14
CA ASP E 158 -48.78 -28.26 -21.27
C ASP E 158 -49.84 -29.32 -21.59
N LEU E 159 -49.50 -30.30 -22.42
CA LEU E 159 -50.45 -31.32 -22.84
C LEU E 159 -50.52 -32.50 -21.88
N MET E 160 -49.56 -32.62 -20.95
CA MET E 160 -49.63 -33.64 -19.92
C MET E 160 -50.59 -33.28 -18.80
N GLU E 161 -51.07 -32.04 -18.75
CA GLU E 161 -51.90 -31.56 -17.65
C GLU E 161 -53.38 -31.73 -17.97
N GLY E 162 -54.18 -31.99 -16.93
CA GLY E 162 -55.59 -32.29 -17.13
C GLY E 162 -56.41 -31.11 -17.57
N ILE E 163 -55.97 -29.89 -17.25
CA ILE E 163 -56.67 -28.70 -17.69
C ILE E 163 -56.65 -28.61 -19.22
N SER E 164 -55.59 -29.11 -19.85
CA SER E 164 -55.56 -29.20 -21.30
C SER E 164 -56.66 -30.11 -21.81
N HIS E 165 -56.84 -31.28 -21.18
CA HIS E 165 -57.89 -32.20 -21.59
C HIS E 165 -59.27 -31.56 -21.46
N GLU E 166 -59.55 -30.97 -20.29
CA GLU E 166 -60.82 -30.29 -20.06
C GLU E 166 -61.07 -29.21 -21.11
N ALA E 167 -60.09 -28.33 -21.31
CA ALA E 167 -60.27 -27.20 -22.22
C ALA E 167 -60.43 -27.65 -23.67
N ALA E 168 -59.63 -28.63 -24.11
CA ALA E 168 -59.74 -29.10 -25.48
C ALA E 168 -61.05 -29.82 -25.73
N SER E 169 -61.58 -30.53 -24.72
CA SER E 169 -62.93 -31.06 -24.86
C SER E 169 -63.93 -29.93 -25.08
N PHE E 170 -63.83 -28.88 -24.27
CA PHE E 170 -64.76 -27.76 -24.42
C PHE E 170 -64.65 -27.11 -25.80
N ALA E 171 -63.43 -26.92 -26.29
CA ALA E 171 -63.24 -26.24 -27.57
C ALA E 171 -63.65 -27.11 -28.74
N GLY E 172 -63.47 -28.43 -28.65
CA GLY E 172 -63.93 -29.31 -29.70
C GLY E 172 -65.43 -29.44 -29.74
N HIS E 173 -66.09 -29.41 -28.57
CA HIS E 173 -67.54 -29.49 -28.54
C HIS E 173 -68.18 -28.26 -29.16
N ASN E 174 -67.62 -27.07 -28.92
CA ASN E 174 -68.18 -25.83 -29.42
C ASN E 174 -67.45 -25.30 -30.65
N LYS E 175 -66.54 -26.07 -31.22
CA LYS E 175 -65.88 -25.80 -32.50
C LYS E 175 -65.34 -24.36 -32.57
N LEU E 176 -64.34 -24.09 -31.73
CA LEU E 176 -63.69 -22.79 -31.73
C LEU E 176 -62.66 -22.74 -32.87
N SER E 177 -63.18 -22.66 -34.08
CA SER E 177 -62.38 -22.84 -35.29
C SER E 177 -61.26 -21.82 -35.43
N LYS E 178 -61.24 -20.78 -34.59
CA LYS E 178 -60.18 -19.78 -34.61
C LYS E 178 -59.13 -20.02 -33.54
N LEU E 179 -59.17 -21.17 -32.89
CA LEU E 179 -58.15 -21.57 -31.92
C LEU E 179 -57.13 -22.44 -32.63
N VAL E 180 -55.91 -21.95 -32.75
CA VAL E 180 -54.82 -22.71 -33.37
C VAL E 180 -53.71 -22.85 -32.34
N VAL E 181 -53.30 -24.09 -32.11
CA VAL E 181 -52.29 -24.44 -31.12
C VAL E 181 -51.06 -24.93 -31.88
N LEU E 182 -49.95 -24.23 -31.68
CA LEU E 182 -48.64 -24.65 -32.15
C LEU E 182 -47.96 -25.38 -31.00
N TYR E 183 -47.60 -26.64 -31.22
CA TYR E 183 -47.17 -27.55 -30.17
C TYR E 183 -45.73 -27.95 -30.40
N ASP E 184 -44.84 -27.55 -29.48
CA ASP E 184 -43.43 -27.92 -29.57
C ASP E 184 -43.26 -29.35 -29.06
N SER E 185 -43.20 -30.30 -29.99
CA SER E 185 -43.03 -31.71 -29.65
C SER E 185 -41.54 -32.06 -29.78
N ASN E 186 -40.80 -31.77 -28.72
CA ASN E 186 -39.37 -32.06 -28.65
C ASN E 186 -39.07 -33.38 -27.97
N ASP E 187 -40.09 -34.07 -27.45
CA ASP E 187 -39.93 -35.36 -26.76
C ASP E 187 -38.96 -35.24 -25.57
N ILE E 188 -39.05 -34.13 -24.85
CA ILE E 188 -38.16 -33.86 -23.72
C ILE E 188 -38.95 -33.08 -22.68
N SER E 189 -38.74 -33.40 -21.41
CA SER E 189 -39.28 -32.64 -20.29
C SER E 189 -38.14 -32.14 -19.41
N LEU E 190 -38.47 -31.54 -18.27
CA LEU E 190 -37.45 -31.01 -17.38
C LEU E 190 -36.61 -32.12 -16.76
N ASP E 191 -37.20 -33.28 -16.49
CA ASP E 191 -36.54 -34.35 -15.76
C ASP E 191 -35.85 -35.36 -16.66
N GLY E 192 -36.05 -35.30 -17.96
CA GLY E 192 -35.42 -36.23 -18.87
C GLY E 192 -36.24 -36.37 -20.15
N GLU E 193 -36.29 -37.60 -20.67
CA GLU E 193 -37.00 -37.86 -21.90
C GLU E 193 -38.50 -38.01 -21.66
N LEU E 194 -39.28 -37.71 -22.70
CA LEU E 194 -40.73 -37.76 -22.61
C LEU E 194 -41.26 -39.19 -22.51
N ASN E 195 -40.47 -40.18 -22.92
CA ASN E 195 -40.89 -41.58 -22.83
C ASN E 195 -40.83 -42.14 -21.42
N LYS E 196 -40.24 -41.41 -20.46
CA LYS E 196 -40.24 -41.87 -19.08
C LYS E 196 -41.58 -41.68 -18.39
N ALA E 197 -42.55 -41.01 -19.04
CA ALA E 197 -43.82 -40.71 -18.41
C ALA E 197 -44.97 -40.50 -19.38
N PHE E 198 -44.69 -40.29 -20.67
CA PHE E 198 -45.70 -39.88 -21.65
C PHE E 198 -45.55 -40.74 -22.90
N SER E 199 -46.69 -41.21 -23.46
CA SER E 199 -46.64 -42.09 -24.63
C SER E 199 -47.96 -42.11 -25.41
N GLU E 200 -48.78 -41.07 -25.30
CA GLU E 200 -50.07 -41.05 -25.97
C GLU E 200 -49.98 -40.39 -27.33
N ASN E 201 -50.88 -40.80 -28.22
CA ASN E 201 -50.98 -40.26 -29.58
C ASN E 201 -51.77 -38.96 -29.53
N THR E 202 -51.05 -37.83 -29.61
CA THR E 202 -51.72 -36.53 -29.58
C THR E 202 -52.73 -36.41 -30.70
N LYS E 203 -52.41 -36.94 -31.88
CA LYS E 203 -53.33 -36.93 -33.01
C LYS E 203 -54.67 -37.57 -32.65
N ALA E 204 -54.63 -38.82 -32.17
CA ALA E 204 -55.86 -39.54 -31.88
C ALA E 204 -56.63 -38.89 -30.73
N ARG E 205 -55.91 -38.40 -29.71
CA ARG E 205 -56.56 -37.71 -28.60
C ARG E 205 -57.35 -36.51 -29.09
N PHE E 206 -56.70 -35.64 -29.87
CA PHE E 206 -57.38 -34.41 -30.25
C PHE E 206 -58.44 -34.65 -31.31
N GLU E 207 -58.25 -35.65 -32.18
CA GLU E 207 -59.34 -36.05 -33.07
C GLU E 207 -60.52 -36.59 -32.28
N ALA E 208 -60.26 -37.22 -31.13
CA ALA E 208 -61.36 -37.63 -30.25
C ALA E 208 -62.06 -36.42 -29.64
N TYR E 209 -61.30 -35.39 -29.29
CA TYR E 209 -61.92 -34.18 -28.75
C TYR E 209 -62.75 -33.43 -29.79
N GLY E 210 -62.52 -33.69 -31.07
CA GLY E 210 -63.15 -32.92 -32.13
C GLY E 210 -62.24 -31.91 -32.80
N TRP E 211 -60.93 -32.07 -32.68
CA TRP E 211 -59.96 -31.15 -33.25
C TRP E 211 -59.42 -31.66 -34.57
N ASN E 212 -58.96 -30.73 -35.40
CA ASN E 212 -58.18 -31.04 -36.59
C ASN E 212 -56.71 -31.13 -36.19
N TYR E 213 -55.97 -31.98 -36.89
CA TYR E 213 -54.57 -32.22 -36.57
C TYR E 213 -53.73 -32.03 -37.82
N LEU E 214 -52.55 -31.43 -37.65
CA LEU E 214 -51.55 -31.35 -38.70
C LEU E 214 -50.19 -31.63 -38.07
N LEU E 215 -49.28 -32.19 -38.87
CA LEU E 215 -47.95 -32.55 -38.40
C LEU E 215 -46.89 -31.83 -39.23
N VAL E 216 -46.01 -31.11 -38.55
CA VAL E 216 -44.83 -30.50 -39.16
C VAL E 216 -43.63 -31.36 -38.79
N LYS E 217 -43.10 -32.11 -39.76
CA LYS E 217 -42.05 -33.07 -39.46
C LYS E 217 -40.72 -32.38 -39.15
N ASP E 218 -40.33 -31.41 -39.96
CA ASP E 218 -39.13 -30.62 -39.71
C ASP E 218 -39.55 -29.28 -39.13
N GLY E 219 -39.32 -29.11 -37.82
CA GLY E 219 -39.61 -27.87 -37.13
C GLY E 219 -38.73 -26.70 -37.51
N ASN E 220 -37.77 -26.90 -38.42
CA ASN E 220 -36.93 -25.81 -38.92
C ASN E 220 -37.32 -25.36 -40.32
N ASP E 221 -38.24 -26.08 -40.98
CA ASP E 221 -38.72 -25.71 -42.30
C ASP E 221 -39.84 -24.68 -42.15
N LEU E 222 -39.55 -23.44 -42.54
CA LEU E 222 -40.54 -22.37 -42.42
C LEU E 222 -41.70 -22.57 -43.38
N GLU E 223 -41.45 -23.20 -44.54
CA GLU E 223 -42.49 -23.40 -45.53
C GLU E 223 -43.54 -24.41 -45.07
N GLU E 224 -43.10 -25.50 -44.45
CA GLU E 224 -44.04 -26.49 -43.93
C GLU E 224 -44.91 -25.89 -42.84
N ILE E 225 -44.30 -25.15 -41.90
CA ILE E 225 -45.06 -24.48 -40.86
C ILE E 225 -46.06 -23.50 -41.47
N ASP E 226 -45.63 -22.76 -42.50
CA ASP E 226 -46.53 -21.79 -43.13
C ASP E 226 -47.73 -22.48 -43.76
N LYS E 227 -47.49 -23.53 -44.53
CA LYS E 227 -48.59 -24.31 -45.09
C LYS E 227 -49.50 -24.83 -43.99
N ALA E 228 -48.93 -25.27 -42.86
CA ALA E 228 -49.73 -25.82 -41.78
C ALA E 228 -50.63 -24.75 -41.16
N ILE E 229 -50.09 -23.56 -40.92
CA ILE E 229 -50.91 -22.49 -40.32
C ILE E 229 -51.97 -22.01 -41.29
N THR E 230 -51.63 -21.96 -42.58
CA THR E 230 -52.63 -21.59 -43.59
C THR E 230 -53.78 -22.59 -43.63
N THR E 231 -53.44 -23.89 -43.62
CA THR E 231 -54.48 -24.91 -43.59
C THR E 231 -55.26 -24.85 -42.29
N ALA E 232 -54.58 -24.52 -41.19
CA ALA E 232 -55.23 -24.45 -39.88
C ALA E 232 -56.30 -23.37 -39.85
N LYS E 233 -55.99 -22.19 -40.39
CA LYS E 233 -56.95 -21.10 -40.38
C LYS E 233 -58.19 -21.40 -41.21
N SER E 234 -58.10 -22.34 -42.15
CA SER E 234 -59.18 -22.59 -43.11
C SER E 234 -60.17 -23.64 -42.63
N GLN E 235 -60.04 -24.13 -41.40
CA GLN E 235 -60.88 -25.24 -40.97
C GLN E 235 -61.93 -24.77 -39.99
N GLU E 236 -62.96 -25.60 -39.85
CA GLU E 236 -64.16 -25.32 -39.06
C GLU E 236 -64.10 -26.00 -37.69
N GLY E 237 -62.91 -26.45 -37.28
CA GLY E 237 -62.71 -26.88 -35.92
C GLY E 237 -61.43 -26.32 -35.32
N PRO E 238 -61.30 -26.41 -34.00
CA PRO E 238 -60.00 -26.14 -33.38
C PRO E 238 -58.94 -27.08 -33.94
N THR E 239 -57.72 -26.56 -34.10
CA THR E 239 -56.66 -27.28 -34.79
C THR E 239 -55.35 -27.20 -34.00
N ILE E 240 -54.73 -28.35 -33.78
CA ILE E 240 -53.41 -28.45 -33.17
C ILE E 240 -52.42 -28.87 -34.25
N ILE E 241 -51.32 -28.13 -34.36
CA ILE E 241 -50.22 -28.47 -35.25
C ILE E 241 -49.06 -28.96 -34.39
N GLU E 242 -48.76 -30.25 -34.47
CA GLU E 242 -47.57 -30.80 -33.84
C GLU E 242 -46.36 -30.46 -34.69
N VAL E 243 -45.41 -29.71 -34.12
CA VAL E 243 -44.19 -29.32 -34.82
C VAL E 243 -43.04 -30.04 -34.15
N LYS E 244 -42.47 -31.01 -34.85
CA LYS E 244 -41.39 -31.82 -34.29
C LYS E 244 -40.07 -31.06 -34.36
N THR E 245 -39.51 -30.76 -33.19
CA THR E 245 -38.30 -29.97 -33.09
C THR E 245 -37.28 -30.69 -32.22
N THR E 246 -36.02 -30.34 -32.39
CA THR E 246 -34.95 -30.76 -31.50
C THR E 246 -34.71 -29.65 -30.49
N ILE E 247 -34.97 -29.95 -29.20
CA ILE E 247 -34.76 -28.97 -28.15
C ILE E 247 -33.30 -28.53 -28.12
N GLY E 248 -33.09 -27.23 -27.91
CA GLY E 248 -31.74 -26.69 -27.91
C GLY E 248 -31.03 -26.83 -29.24
N PHE E 249 -31.76 -26.74 -30.36
CA PHE E 249 -31.14 -26.92 -31.67
C PHE E 249 -30.01 -25.92 -31.87
N GLY E 250 -28.93 -26.38 -32.49
CA GLY E 250 -27.74 -25.59 -32.70
C GLY E 250 -26.63 -25.89 -31.71
N SER E 251 -26.96 -26.35 -30.51
CA SER E 251 -25.93 -26.76 -29.57
C SER E 251 -25.35 -28.11 -30.00
N PRO E 252 -24.03 -28.21 -30.12
CA PRO E 252 -23.45 -29.51 -30.51
C PRO E 252 -23.56 -30.55 -29.40
N ASN E 253 -23.45 -30.15 -28.14
CA ASN E 253 -23.28 -31.11 -27.06
C ASN E 253 -24.50 -31.29 -26.18
N LYS E 254 -25.35 -30.28 -26.03
CA LYS E 254 -26.49 -30.40 -25.13
C LYS E 254 -27.83 -30.29 -25.85
N ALA E 255 -27.84 -30.45 -27.17
CA ALA E 255 -29.10 -30.50 -27.91
C ALA E 255 -29.79 -31.84 -27.70
N GLY E 256 -31.12 -31.82 -27.65
CA GLY E 256 -31.86 -33.04 -27.46
C GLY E 256 -31.73 -33.64 -26.09
N THR E 257 -31.30 -32.86 -25.10
CA THR E 257 -31.14 -33.31 -23.73
C THR E 257 -32.02 -32.47 -22.82
N ASN E 258 -32.19 -32.94 -21.58
CA ASN E 258 -32.91 -32.15 -20.58
C ASN E 258 -32.04 -31.05 -19.99
N GLY E 259 -30.71 -31.17 -20.12
CA GLY E 259 -29.83 -30.14 -19.57
C GLY E 259 -30.01 -28.78 -20.23
N VAL E 260 -30.35 -28.78 -21.52
CA VAL E 260 -30.58 -27.52 -22.24
C VAL E 260 -31.95 -26.92 -21.94
N HIS E 261 -32.79 -27.62 -21.18
CA HIS E 261 -34.16 -27.15 -20.96
C HIS E 261 -34.18 -25.82 -20.20
N GLY E 262 -33.62 -25.81 -18.99
CA GLY E 262 -33.76 -24.64 -18.13
C GLY E 262 -32.50 -24.15 -17.45
N ALA E 263 -31.35 -24.30 -18.09
CA ALA E 263 -30.11 -23.79 -17.55
C ALA E 263 -29.32 -23.06 -18.63
N PRO E 264 -28.68 -21.95 -18.30
CA PRO E 264 -27.86 -21.25 -19.29
C PRO E 264 -26.74 -22.14 -19.81
N LEU E 265 -26.52 -22.09 -21.12
CA LEU E 265 -25.63 -23.05 -21.75
C LEU E 265 -24.18 -22.81 -21.41
N GLY E 266 -23.78 -21.54 -21.26
CA GLY E 266 -22.43 -21.18 -20.88
C GLY E 266 -21.63 -20.66 -22.06
N GLU E 267 -20.48 -20.08 -21.72
CA GLU E 267 -19.66 -19.38 -22.71
C GLU E 267 -19.19 -20.33 -23.82
N VAL E 268 -18.68 -21.51 -23.44
CA VAL E 268 -18.10 -22.44 -24.40
C VAL E 268 -19.15 -22.98 -25.36
N GLU E 269 -20.25 -23.50 -24.81
CA GLU E 269 -21.34 -24.00 -25.63
C GLU E 269 -22.00 -22.86 -26.42
N ARG E 270 -21.98 -21.65 -25.88
CA ARG E 270 -22.46 -20.49 -26.63
C ARG E 270 -21.64 -20.28 -27.89
N LYS E 271 -20.30 -20.26 -27.74
CA LYS E 271 -19.43 -20.12 -28.90
C LYS E 271 -19.73 -21.20 -29.93
N LEU E 272 -19.76 -22.46 -29.49
CA LEU E 272 -20.01 -23.57 -30.41
C LEU E 272 -21.36 -23.41 -31.11
N THR E 273 -22.40 -23.06 -30.37
CA THR E 273 -23.74 -22.93 -30.93
C THR E 273 -23.81 -21.81 -31.95
N PHE E 274 -23.32 -20.62 -31.58
CA PHE E 274 -23.31 -19.50 -32.52
C PHE E 274 -22.54 -19.86 -33.78
N GLU E 275 -21.45 -20.62 -33.64
CA GLU E 275 -20.69 -21.04 -34.82
C GLU E 275 -21.50 -21.99 -35.68
N ASN E 276 -22.33 -22.84 -35.06
CA ASN E 276 -23.28 -23.63 -35.84
C ASN E 276 -24.28 -22.73 -36.57
N TYR E 277 -24.69 -21.63 -35.94
CA TYR E 277 -25.62 -20.70 -36.57
C TYR E 277 -24.95 -19.81 -37.61
N GLY E 278 -23.62 -19.71 -37.60
CA GLY E 278 -22.95 -18.75 -38.44
C GLY E 278 -23.00 -17.32 -37.95
N LEU E 279 -22.98 -17.12 -36.63
CA LEU E 279 -23.01 -15.81 -36.02
C LEU E 279 -21.71 -15.55 -35.27
N ASP E 280 -21.35 -14.27 -35.17
CA ASP E 280 -20.15 -13.90 -34.44
C ASP E 280 -20.42 -13.93 -32.93
N PRO E 281 -19.75 -14.81 -32.17
CA PRO E 281 -19.96 -14.83 -30.72
C PRO E 281 -19.28 -13.71 -29.97
N GLU E 282 -18.39 -12.95 -30.63
CA GLU E 282 -17.78 -11.80 -29.98
C GLU E 282 -18.78 -10.66 -29.80
N LYS E 283 -19.77 -10.55 -30.70
CA LYS E 283 -20.80 -9.53 -30.60
C LYS E 283 -22.02 -10.12 -29.89
N ARG E 284 -22.38 -9.52 -28.76
CA ARG E 284 -23.51 -9.98 -27.95
C ARG E 284 -24.67 -9.01 -28.08
N PHE E 285 -25.89 -9.56 -28.10
CA PHE E 285 -27.11 -8.78 -28.27
C PHE E 285 -27.13 -8.05 -29.62
N ASN E 286 -26.61 -8.71 -30.64
CA ASN E 286 -26.41 -8.10 -31.95
C ASN E 286 -27.57 -8.47 -32.87
N VAL E 287 -28.31 -7.46 -33.32
CA VAL E 287 -29.42 -7.64 -34.26
C VAL E 287 -29.09 -6.89 -35.54
N SER E 288 -29.08 -7.60 -36.66
CA SER E 288 -28.92 -6.93 -37.94
C SER E 288 -30.16 -6.12 -38.27
N GLU E 289 -29.94 -4.94 -38.84
CA GLU E 289 -31.01 -4.03 -39.22
C GLU E 289 -31.98 -4.69 -40.19
N GLU E 290 -31.51 -5.69 -40.94
CA GLU E 290 -32.38 -6.43 -41.84
C GLU E 290 -33.50 -7.15 -41.09
N VAL E 291 -33.23 -7.60 -39.86
CA VAL E 291 -34.26 -8.28 -39.09
C VAL E 291 -35.33 -7.31 -38.64
N TYR E 292 -34.91 -6.17 -38.08
CA TYR E 292 -35.84 -5.10 -37.76
C TYR E 292 -36.70 -4.76 -38.97
N GLU E 293 -36.06 -4.56 -40.12
CA GLU E 293 -36.79 -4.26 -41.35
C GLU E 293 -37.77 -5.38 -41.72
N ILE E 294 -37.35 -6.63 -41.56
CA ILE E 294 -38.20 -7.77 -41.90
C ILE E 294 -39.49 -7.70 -41.10
N PHE E 295 -39.37 -7.44 -39.80
CA PHE E 295 -40.58 -7.33 -38.99
C PHE E 295 -41.38 -6.07 -39.34
N GLN E 296 -40.71 -4.98 -39.68
CA GLN E 296 -41.42 -3.76 -40.07
C GLN E 296 -42.29 -3.99 -41.30
N ASN E 297 -41.70 -4.56 -42.34
CA ASN E 297 -42.38 -4.69 -43.63
C ASN E 297 -43.32 -5.88 -43.69
N THR E 298 -43.31 -6.75 -42.69
CA THR E 298 -44.24 -7.87 -42.65
C THR E 298 -45.33 -7.62 -41.61
N MET E 299 -45.01 -7.81 -40.34
CA MET E 299 -46.02 -7.81 -39.30
C MET E 299 -46.59 -6.42 -39.06
N LEU E 300 -45.73 -5.44 -38.82
CA LEU E 300 -46.19 -4.14 -38.33
C LEU E 300 -47.07 -3.44 -39.36
N LYS E 301 -46.62 -3.40 -40.61
CA LYS E 301 -47.40 -2.78 -41.67
C LYS E 301 -48.75 -3.48 -41.84
N ARG E 302 -48.74 -4.82 -41.81
CA ARG E 302 -49.97 -5.58 -41.97
C ARG E 302 -50.96 -5.28 -40.86
N ALA E 303 -50.49 -5.30 -39.61
CA ALA E 303 -51.38 -5.06 -38.48
C ALA E 303 -51.89 -3.62 -38.48
N ASN E 304 -51.06 -2.67 -38.93
CA ASN E 304 -51.50 -1.28 -38.99
C ASN E 304 -52.59 -1.12 -40.05
N GLU E 305 -52.42 -1.78 -41.20
CA GLU E 305 -53.48 -1.77 -42.21
C GLU E 305 -54.76 -2.38 -41.64
N ASP E 306 -54.64 -3.52 -40.95
CA ASP E 306 -55.81 -4.18 -40.38
C ASP E 306 -56.53 -3.26 -39.40
N GLU E 307 -55.78 -2.58 -38.54
CA GLU E 307 -56.40 -1.74 -37.52
C GLU E 307 -57.02 -0.47 -38.12
N SER E 308 -56.37 0.13 -39.13
CA SER E 308 -56.97 1.29 -39.77
C SER E 308 -58.26 0.91 -40.50
N GLN E 309 -58.24 -0.23 -41.19
CA GLN E 309 -59.45 -0.74 -41.81
C GLN E 309 -60.54 -1.00 -40.77
N TRP E 310 -60.15 -1.55 -39.62
CA TRP E 310 -61.11 -1.85 -38.57
C TRP E 310 -61.70 -0.57 -38.00
N ASN E 311 -60.90 0.47 -37.84
CA ASN E 311 -61.40 1.73 -37.33
C ASN E 311 -62.37 2.36 -38.32
N SER E 312 -62.05 2.29 -39.62
CA SER E 312 -63.01 2.72 -40.64
C SER E 312 -64.31 1.92 -40.55
N LEU E 313 -64.21 0.60 -40.35
CA LEU E 313 -65.41 -0.22 -40.28
C LEU E 313 -66.23 0.12 -39.05
N LEU E 314 -65.59 0.36 -37.91
CA LEU E 314 -66.32 0.78 -36.73
C LEU E 314 -66.96 2.15 -36.94
N GLU E 315 -66.32 3.02 -37.71
CA GLU E 315 -66.90 4.30 -38.04
C GLU E 315 -68.19 4.14 -38.84
N LYS E 316 -68.22 3.19 -39.77
CA LYS E 316 -69.46 2.99 -40.54
C LYS E 316 -70.49 2.20 -39.75
N TYR E 317 -70.02 1.26 -38.93
CA TYR E 317 -70.87 0.52 -38.00
C TYR E 317 -71.63 1.46 -37.07
N ALA E 318 -70.96 2.52 -36.60
CA ALA E 318 -71.60 3.48 -35.71
C ALA E 318 -72.72 4.24 -36.41
N GLU E 319 -72.60 4.45 -37.72
CA GLU E 319 -73.68 5.09 -38.46
C GLU E 319 -74.84 4.12 -38.68
N THR E 320 -74.55 2.90 -39.11
CA THR E 320 -75.62 1.99 -39.49
C THR E 320 -76.34 1.43 -38.26
N TYR E 321 -75.60 1.03 -37.23
CA TYR E 321 -76.15 0.40 -36.04
C TYR E 321 -75.68 1.18 -34.81
N PRO E 322 -76.16 2.41 -34.64
CA PRO E 322 -75.55 3.30 -33.63
C PRO E 322 -75.70 2.80 -32.20
N GLU E 323 -76.83 2.21 -31.85
CA GLU E 323 -77.02 1.71 -30.49
C GLU E 323 -76.08 0.55 -30.21
N LEU E 324 -76.04 -0.43 -31.12
CA LEU E 324 -75.09 -1.53 -31.01
C LEU E 324 -73.67 -1.01 -30.87
N ALA E 325 -73.32 0.03 -31.63
CA ALA E 325 -71.94 0.51 -31.63
C ALA E 325 -71.59 1.22 -30.33
N GLU E 326 -72.51 2.03 -29.80
CA GLU E 326 -72.28 2.66 -28.52
C GLU E 326 -72.13 1.60 -27.42
N GLU E 327 -72.99 0.58 -27.45
CA GLU E 327 -72.88 -0.53 -26.51
C GLU E 327 -71.54 -1.25 -26.67
N PHE E 328 -71.06 -1.36 -27.92
CA PHE E 328 -69.78 -2.00 -28.17
C PHE E 328 -68.63 -1.21 -27.56
N LYS E 329 -68.61 0.11 -27.79
CA LYS E 329 -67.59 0.96 -27.19
C LYS E 329 -67.61 0.84 -25.66
N LEU E 330 -68.80 0.86 -25.08
CA LEU E 330 -68.92 0.69 -23.63
C LEU E 330 -68.32 -0.63 -23.18
N ALA E 331 -68.57 -1.70 -23.94
CA ALA E 331 -68.00 -3.00 -23.61
C ALA E 331 -66.47 -2.98 -23.64
N ILE E 332 -65.90 -2.51 -24.75
CA ILE E 332 -64.43 -2.47 -24.88
C ILE E 332 -63.81 -1.65 -23.76
N SER E 333 -64.46 -0.55 -23.37
CA SER E 333 -63.92 0.25 -22.27
C SER E 333 -64.06 -0.44 -20.92
N GLY E 334 -64.75 -1.58 -20.86
CA GLY E 334 -64.95 -2.28 -19.62
C GLY E 334 -65.94 -1.64 -18.67
N LYS E 335 -66.46 -0.47 -19.00
CA LYS E 335 -67.36 0.23 -18.11
C LYS E 335 -68.72 -0.44 -18.05
N LEU E 336 -69.50 -0.06 -17.04
CA LEU E 336 -70.84 -0.59 -16.84
C LEU E 336 -71.89 0.46 -17.18
N PRO E 337 -73.07 0.04 -17.62
CA PRO E 337 -74.14 1.01 -17.91
C PRO E 337 -74.49 1.83 -16.69
N LYS E 338 -74.84 3.08 -16.92
CA LYS E 338 -75.14 3.98 -15.81
C LYS E 338 -76.48 3.62 -15.18
N ASN E 339 -76.52 3.69 -13.85
CA ASN E 339 -77.74 3.43 -13.07
C ASN E 339 -78.27 2.02 -13.31
N TYR E 340 -77.37 1.07 -13.59
CA TYR E 340 -77.78 -0.33 -13.68
C TYR E 340 -78.29 -0.85 -12.34
N LYS E 341 -77.72 -0.33 -11.23
CA LYS E 341 -78.09 -0.78 -9.90
C LYS E 341 -79.58 -0.63 -9.63
N ASP E 342 -80.24 0.30 -10.32
CA ASP E 342 -81.67 0.49 -10.12
C ASP E 342 -82.45 -0.78 -10.43
N GLU E 343 -82.04 -1.53 -11.45
CA GLU E 343 -82.77 -2.73 -11.79
C GLU E 343 -82.51 -3.89 -10.84
N LEU E 344 -81.51 -3.78 -9.97
CA LEU E 344 -81.14 -4.90 -9.11
C LEU E 344 -82.15 -5.05 -7.97
N PRO E 345 -82.42 -6.28 -7.56
CA PRO E 345 -83.54 -6.52 -6.63
C PRO E 345 -83.28 -5.97 -5.23
N ARG E 346 -84.37 -5.55 -4.58
CA ARG E 346 -84.37 -5.19 -3.17
C ARG E 346 -85.21 -6.20 -2.41
N PHE E 347 -84.68 -6.69 -1.29
CA PHE E 347 -85.35 -7.73 -0.51
C PHE E 347 -85.87 -7.14 0.80
N GLU E 348 -87.15 -7.37 1.07
CA GLU E 348 -87.86 -6.71 2.16
C GLU E 348 -87.75 -7.52 3.46
N LEU E 349 -88.10 -6.86 4.56
CA LEU E 349 -88.17 -7.53 5.84
C LEU E 349 -89.21 -8.64 5.80
N GLY E 350 -88.87 -9.80 6.35
CA GLY E 350 -89.71 -10.97 6.30
C GLY E 350 -89.35 -11.96 5.21
N HIS E 351 -88.59 -11.52 4.21
CA HIS E 351 -88.12 -12.42 3.17
C HIS E 351 -87.09 -13.40 3.72
N ASN E 352 -87.27 -14.68 3.41
CA ASN E 352 -86.28 -15.72 3.69
C ASN E 352 -85.82 -16.30 2.37
N GLY E 353 -84.54 -16.18 2.09
CA GLY E 353 -83.99 -16.69 0.86
C GLY E 353 -82.53 -17.07 0.98
N ALA E 354 -82.16 -18.22 0.39
CA ALA E 354 -80.75 -18.56 0.29
C ALA E 354 -80.03 -17.49 -0.52
N SER E 355 -78.77 -17.24 -0.16
CA SER E 355 -77.98 -16.31 -0.96
C SER E 355 -77.74 -16.83 -2.37
N ARG E 356 -77.89 -18.13 -2.61
CA ARG E 356 -77.82 -18.64 -3.98
C ARG E 356 -79.06 -18.24 -4.78
N ALA E 357 -80.25 -18.36 -4.18
CA ALA E 357 -81.47 -17.95 -4.87
C ALA E 357 -81.52 -16.44 -5.09
N ASP E 358 -81.12 -15.67 -4.08
CA ASP E 358 -81.09 -14.22 -4.24
C ASP E 358 -80.03 -13.81 -5.24
N SER E 359 -78.88 -14.49 -5.24
CA SER E 359 -77.90 -14.27 -6.29
C SER E 359 -78.51 -14.52 -7.66
N GLY E 360 -79.31 -15.58 -7.80
CA GLY E 360 -79.95 -15.85 -9.08
C GLY E 360 -80.92 -14.77 -9.52
N THR E 361 -81.70 -14.24 -8.56
CA THR E 361 -82.55 -13.10 -8.88
C THR E 361 -81.71 -11.92 -9.39
N VAL E 362 -80.60 -11.63 -8.71
CA VAL E 362 -79.72 -10.56 -9.15
C VAL E 362 -79.14 -10.87 -10.53
N ILE E 363 -78.86 -12.14 -10.81
CA ILE E 363 -78.32 -12.51 -12.12
C ILE E 363 -79.31 -12.21 -13.22
N GLN E 364 -80.58 -12.58 -13.01
CA GLN E 364 -81.62 -12.18 -13.97
C GLN E 364 -81.58 -10.67 -14.19
N ALA E 365 -81.55 -9.90 -13.09
CA ALA E 365 -81.50 -8.45 -13.20
C ALA E 365 -80.29 -7.99 -14.02
N ILE E 366 -79.11 -8.53 -13.72
CA ILE E 366 -77.88 -8.05 -14.33
C ILE E 366 -77.85 -8.36 -15.82
N SER E 367 -78.22 -9.59 -16.20
CA SER E 367 -78.28 -9.88 -17.63
C SER E 367 -79.32 -9.02 -18.32
N LYS E 368 -80.33 -8.53 -17.58
CA LYS E 368 -81.27 -7.61 -18.19
C LYS E 368 -80.64 -6.22 -18.43
N THR E 369 -79.89 -5.71 -17.45
CA THR E 369 -79.41 -4.33 -17.56
C THR E 369 -77.98 -4.20 -18.05
N VAL E 370 -77.17 -5.25 -17.94
CA VAL E 370 -75.76 -5.19 -18.30
C VAL E 370 -75.54 -6.11 -19.50
N PRO E 371 -75.22 -5.57 -20.68
CA PRO E 371 -75.06 -6.40 -21.87
C PRO E 371 -73.75 -7.15 -21.97
N SER E 372 -72.76 -6.83 -21.15
CA SER E 372 -71.46 -7.51 -21.20
C SER E 372 -71.43 -8.78 -20.35
N PHE E 373 -72.49 -9.07 -19.61
CA PHE E 373 -72.55 -10.26 -18.77
C PHE E 373 -72.37 -11.51 -19.61
N PHE E 374 -71.60 -12.47 -19.07
CA PHE E 374 -71.36 -13.73 -19.76
C PHE E 374 -70.80 -14.73 -18.76
N GLY E 375 -71.32 -15.95 -18.80
CA GLY E 375 -70.81 -16.98 -17.90
C GLY E 375 -71.73 -18.18 -17.87
N GLY E 376 -71.52 -19.01 -16.86
CA GLY E 376 -72.23 -20.27 -16.76
C GLY E 376 -71.66 -21.08 -15.62
N SER E 377 -72.00 -22.36 -15.59
CA SER E 377 -71.64 -23.25 -14.49
C SER E 377 -70.94 -24.49 -15.03
N ALA E 378 -70.32 -25.22 -14.11
CA ALA E 378 -69.71 -26.53 -14.41
C ALA E 378 -70.70 -27.63 -14.01
N ASP E 379 -71.76 -27.73 -14.80
CA ASP E 379 -72.81 -28.73 -14.63
C ASP E 379 -73.58 -28.56 -13.32
N LEU E 380 -73.63 -27.34 -12.77
CA LEU E 380 -74.38 -27.10 -11.54
C LEU E 380 -75.20 -25.81 -11.63
N ALA E 381 -75.68 -25.46 -12.83
CA ALA E 381 -76.45 -24.23 -12.98
C ALA E 381 -77.72 -24.27 -12.15
N GLY E 382 -78.43 -25.39 -12.15
CA GLY E 382 -79.63 -25.49 -11.34
C GLY E 382 -79.35 -25.40 -9.85
N SER E 383 -78.27 -26.02 -9.40
CA SER E 383 -77.91 -25.98 -7.98
C SER E 383 -77.38 -24.60 -7.60
N ASN E 384 -76.57 -24.00 -8.46
CA ASN E 384 -75.94 -22.73 -8.16
C ASN E 384 -76.85 -21.53 -8.45
N LYS E 385 -78.00 -21.76 -9.08
CA LYS E 385 -78.89 -20.67 -9.50
C LYS E 385 -78.11 -19.65 -10.33
N SER E 386 -77.39 -20.16 -11.34
CA SER E 386 -76.53 -19.32 -12.16
C SER E 386 -77.03 -19.20 -13.60
N ASN E 387 -78.21 -19.73 -13.91
CA ASN E 387 -78.75 -19.65 -15.25
C ASN E 387 -79.52 -18.35 -15.43
N VAL E 388 -79.26 -17.65 -16.54
CA VAL E 388 -80.12 -16.56 -16.97
C VAL E 388 -81.33 -17.21 -17.65
N ASN E 389 -82.49 -17.14 -17.00
CA ASN E 389 -83.64 -17.90 -17.46
C ASN E 389 -84.17 -17.38 -18.79
N ASP E 390 -84.14 -16.06 -18.98
CA ASP E 390 -84.59 -15.47 -20.24
C ASP E 390 -83.42 -15.29 -21.21
N ALA E 391 -82.68 -16.38 -21.46
CA ALA E 391 -81.53 -16.30 -22.34
C ALA E 391 -81.29 -17.67 -22.98
N THR E 392 -80.53 -17.64 -24.07
CA THR E 392 -80.17 -18.84 -24.83
C THR E 392 -78.85 -19.39 -24.34
N ASP E 393 -78.67 -20.70 -24.50
CA ASP E 393 -77.41 -21.34 -24.16
C ASP E 393 -76.38 -21.08 -25.25
N TYR E 394 -75.14 -20.83 -24.84
CA TYR E 394 -74.05 -20.73 -25.79
C TYR E 394 -73.83 -22.08 -26.47
N SER E 395 -73.67 -22.05 -27.79
CA SER E 395 -73.40 -23.24 -28.57
C SER E 395 -72.76 -22.83 -29.89
N SER E 396 -72.36 -23.82 -30.69
CA SER E 396 -71.82 -23.53 -32.01
C SER E 396 -72.88 -22.97 -32.95
N GLU E 397 -74.14 -23.34 -32.74
CA GLU E 397 -75.22 -22.81 -33.56
C GLU E 397 -75.71 -21.46 -33.08
N THR E 398 -75.62 -21.20 -31.77
CA THR E 398 -76.14 -19.98 -31.16
C THR E 398 -75.04 -19.33 -30.32
N PRO E 399 -73.99 -18.81 -30.97
CA PRO E 399 -72.89 -18.19 -30.19
C PRO E 399 -73.30 -16.93 -29.47
N GLU E 400 -74.49 -16.38 -29.74
CA GLU E 400 -74.98 -15.21 -29.04
C GLU E 400 -75.56 -15.54 -27.66
N GLY E 401 -75.84 -16.81 -27.38
CA GLY E 401 -76.43 -17.18 -26.10
C GLY E 401 -75.46 -16.91 -24.95
N LYS E 402 -76.03 -16.49 -23.82
CA LYS E 402 -75.25 -16.02 -22.68
C LYS E 402 -75.09 -17.07 -21.59
N ASN E 403 -75.57 -18.29 -21.80
CA ASN E 403 -75.47 -19.36 -20.81
C ASN E 403 -74.49 -20.40 -21.33
N VAL E 404 -73.38 -20.57 -20.63
CA VAL E 404 -72.34 -21.53 -20.98
C VAL E 404 -72.51 -22.78 -20.13
N TRP E 405 -72.41 -23.95 -20.77
CA TRP E 405 -72.40 -25.24 -20.10
C TRP E 405 -70.95 -25.75 -20.14
N PHE E 406 -70.21 -25.51 -19.07
CA PHE E 406 -68.82 -25.95 -19.04
C PHE E 406 -68.71 -27.46 -18.86
N GLY E 407 -69.68 -28.09 -18.21
CA GLY E 407 -69.55 -29.48 -17.81
C GLY E 407 -68.63 -29.60 -16.61
N VAL E 408 -68.40 -30.85 -16.19
CA VAL E 408 -67.57 -31.10 -15.02
C VAL E 408 -66.11 -30.79 -15.35
N ARG E 409 -65.79 -29.48 -15.47
CA ARG E 409 -64.48 -28.98 -15.92
C ARG E 409 -64.16 -27.70 -15.14
N GLU E 410 -63.96 -27.83 -13.83
CA GLU E 410 -63.86 -26.65 -12.97
C GLU E 410 -62.61 -25.84 -13.26
N PHE E 411 -61.45 -26.51 -13.30
CA PHE E 411 -60.18 -25.82 -13.53
C PHE E 411 -60.18 -25.09 -14.87
N ALA E 412 -60.56 -25.80 -15.95
CA ALA E 412 -60.66 -25.16 -17.25
C ALA E 412 -61.66 -24.02 -17.24
N MET E 413 -62.74 -24.14 -16.47
CA MET E 413 -63.72 -23.06 -16.40
C MET E 413 -63.12 -21.81 -15.76
N GLY E 414 -62.36 -21.99 -14.68
CA GLY E 414 -61.68 -20.85 -14.09
C GLY E 414 -60.73 -20.19 -15.06
N ALA E 415 -59.91 -21.00 -15.74
CA ALA E 415 -58.98 -20.44 -16.72
C ALA E 415 -59.69 -19.77 -17.88
N ALA E 416 -60.86 -20.30 -18.28
CA ALA E 416 -61.59 -19.73 -19.40
C ALA E 416 -62.25 -18.40 -19.03
N VAL E 417 -62.80 -18.32 -17.82
CA VAL E 417 -63.29 -17.03 -17.31
C VAL E 417 -62.14 -16.02 -17.31
N ASN E 418 -60.95 -16.48 -16.91
CA ASN E 418 -59.77 -15.60 -16.96
C ASN E 418 -59.49 -15.13 -18.39
N GLY E 419 -59.53 -16.05 -19.35
CA GLY E 419 -59.28 -15.67 -20.74
C GLY E 419 -60.30 -14.66 -21.25
N MET E 420 -61.58 -14.86 -20.91
CA MET E 420 -62.61 -13.92 -21.31
C MET E 420 -62.37 -12.55 -20.70
N ALA E 421 -62.01 -12.50 -19.41
CA ALA E 421 -61.63 -11.23 -18.80
C ALA E 421 -60.48 -10.59 -19.56
N ALA E 422 -59.49 -11.39 -19.95
CA ALA E 422 -58.34 -10.87 -20.69
C ALA E 422 -58.74 -10.31 -22.05
N HIS E 423 -59.80 -10.85 -22.64
CA HIS E 423 -60.21 -10.41 -23.98
C HIS E 423 -60.75 -8.98 -23.95
N GLY E 424 -61.73 -8.71 -23.12
CA GLY E 424 -62.33 -7.40 -23.07
C GLY E 424 -63.69 -7.38 -23.74
N GLY E 425 -64.55 -6.47 -23.26
CA GLY E 425 -65.92 -6.44 -23.73
C GLY E 425 -66.83 -7.48 -23.11
N LEU E 426 -66.36 -8.17 -22.09
CA LEU E 426 -67.15 -9.18 -21.38
C LEU E 426 -66.98 -8.99 -19.88
N HIS E 427 -68.03 -9.34 -19.14
CA HIS E 427 -67.98 -9.40 -17.68
C HIS E 427 -68.17 -10.86 -17.28
N PRO E 428 -67.09 -11.62 -17.11
CA PRO E 428 -67.19 -13.08 -17.02
C PRO E 428 -67.39 -13.62 -15.61
N TYR E 429 -68.24 -14.66 -15.52
CA TYR E 429 -68.51 -15.35 -14.27
C TYR E 429 -68.53 -16.85 -14.49
N GLY E 430 -68.16 -17.59 -13.44
CA GLY E 430 -68.18 -19.03 -13.46
C GLY E 430 -68.66 -19.58 -12.13
N ALA E 431 -69.43 -20.67 -12.13
CA ALA E 431 -70.09 -21.12 -10.91
C ALA E 431 -69.77 -22.59 -10.60
N THR E 432 -69.67 -22.90 -9.31
CA THR E 432 -69.54 -24.27 -8.82
C THR E 432 -69.80 -24.27 -7.31
N PHE E 433 -69.63 -25.44 -6.69
CA PHE E 433 -69.73 -25.56 -5.24
C PHE E 433 -68.46 -25.02 -4.58
N PHE E 434 -68.62 -24.52 -3.35
CA PHE E 434 -67.49 -23.92 -2.64
C PHE E 434 -66.43 -24.95 -2.31
N VAL E 435 -66.83 -26.20 -2.06
CA VAL E 435 -65.85 -27.23 -1.75
C VAL E 435 -64.98 -27.53 -2.96
N PHE E 436 -65.53 -27.43 -4.16
CA PHE E 436 -64.82 -27.77 -5.38
C PHE E 436 -64.06 -26.59 -5.96
N SER E 437 -64.15 -25.42 -5.32
CA SER E 437 -63.30 -24.29 -5.67
C SER E 437 -61.83 -24.68 -5.73
N ASP E 438 -61.40 -25.62 -4.88
CA ASP E 438 -60.02 -26.10 -4.91
C ASP E 438 -59.61 -26.54 -6.32
N TYR E 439 -60.52 -27.18 -7.04
CA TYR E 439 -60.20 -27.65 -8.39
C TYR E 439 -59.74 -26.52 -9.30
N LEU E 440 -60.25 -25.30 -9.10
CA LEU E 440 -59.84 -24.17 -9.91
C LEU E 440 -58.94 -23.20 -9.16
N LYS E 441 -58.29 -23.66 -8.08
CA LYS E 441 -57.50 -22.76 -7.24
C LYS E 441 -56.30 -22.16 -7.97
N PRO E 442 -55.53 -22.90 -8.76
CA PRO E 442 -54.43 -22.24 -9.49
C PRO E 442 -54.92 -21.12 -10.40
N ALA E 443 -55.95 -21.38 -11.22
CA ALA E 443 -56.56 -20.34 -12.02
C ALA E 443 -56.92 -19.11 -11.18
N LEU E 444 -57.60 -19.33 -10.05
CA LEU E 444 -57.92 -18.24 -9.14
C LEU E 444 -56.69 -17.39 -8.88
N ARG E 445 -55.59 -18.04 -8.50
CA ARG E 445 -54.34 -17.33 -8.23
C ARG E 445 -53.94 -16.44 -9.41
N LEU E 446 -53.92 -17.01 -10.62
CA LEU E 446 -53.49 -16.22 -11.76
C LEU E 446 -54.42 -15.03 -11.95
N SER E 447 -55.72 -15.22 -11.73
CA SER E 447 -56.65 -14.09 -11.80
C SER E 447 -56.19 -12.97 -10.89
N SER E 448 -55.91 -13.31 -9.62
CA SER E 448 -55.48 -12.30 -8.66
C SER E 448 -54.13 -11.72 -9.04
N ILE E 449 -53.28 -12.50 -9.73
CA ILE E 449 -52.02 -11.93 -10.20
C ILE E 449 -52.29 -10.93 -11.32
N MET E 450 -53.19 -11.27 -12.23
CA MET E 450 -53.41 -10.42 -13.38
C MET E 450 -54.34 -9.25 -13.07
N GLY E 451 -55.06 -9.30 -11.95
CA GLY E 451 -56.03 -8.28 -11.62
C GLY E 451 -57.15 -8.21 -12.64
N LEU E 452 -57.88 -9.31 -12.78
CA LEU E 452 -58.94 -9.41 -13.77
C LEU E 452 -60.31 -9.29 -13.12
N ASN E 453 -61.20 -8.56 -13.77
CA ASN E 453 -62.61 -8.53 -13.38
C ASN E 453 -63.37 -9.82 -13.68
N ALA E 454 -62.91 -10.91 -13.08
CA ALA E 454 -63.62 -12.17 -13.14
C ALA E 454 -64.40 -12.36 -11.85
N THR E 455 -65.50 -13.11 -11.94
CA THR E 455 -66.27 -13.45 -10.77
C THR E 455 -66.54 -14.95 -10.73
N PHE E 456 -66.40 -15.53 -9.54
CA PHE E 456 -66.60 -16.96 -9.33
C PHE E 456 -67.67 -17.14 -8.25
N ILE E 457 -68.79 -17.72 -8.66
CA ILE E 457 -69.94 -17.99 -7.80
C ILE E 457 -69.74 -19.36 -7.18
N PHE E 458 -69.35 -19.38 -5.92
CA PHE E 458 -69.23 -20.60 -5.14
C PHE E 458 -70.44 -20.71 -4.21
N THR E 459 -71.25 -21.74 -4.42
CA THR E 459 -72.42 -21.98 -3.58
C THR E 459 -72.19 -23.20 -2.71
N HIS E 460 -73.13 -23.43 -1.79
CA HIS E 460 -73.06 -24.53 -0.83
C HIS E 460 -71.78 -24.41 -0.02
N ASP E 461 -71.81 -23.54 1.00
CA ASP E 461 -70.61 -22.96 1.58
C ASP E 461 -70.24 -23.52 2.95
N SER E 462 -71.01 -24.44 3.51
CA SER E 462 -70.74 -24.84 4.88
C SER E 462 -71.30 -26.25 5.11
N ILE E 463 -71.24 -26.67 6.38
CA ILE E 463 -71.81 -27.93 6.81
C ILE E 463 -73.32 -27.97 6.66
N ALA E 464 -73.98 -26.82 6.46
CA ALA E 464 -75.42 -26.78 6.26
C ALA E 464 -75.85 -27.45 4.96
N VAL E 465 -74.91 -27.87 4.11
CA VAL E 465 -75.24 -28.70 2.97
C VAL E 465 -75.84 -30.02 3.44
N GLY E 466 -75.22 -30.62 4.45
CA GLY E 466 -75.78 -31.79 5.11
C GLY E 466 -75.51 -33.13 4.45
N GLU E 467 -76.55 -33.70 3.84
CA GLU E 467 -76.60 -35.12 3.58
C GLU E 467 -75.58 -35.60 2.55
N ASP E 468 -74.94 -34.70 1.81
CA ASP E 468 -73.93 -35.13 0.85
C ASP E 468 -72.60 -35.45 1.50
N GLY E 469 -72.35 -34.94 2.71
CA GLY E 469 -71.24 -35.43 3.50
C GLY E 469 -70.04 -34.50 3.56
N PRO E 470 -69.03 -34.92 4.33
CA PRO E 470 -67.87 -34.05 4.55
C PRO E 470 -67.06 -33.75 3.29
N THR E 471 -67.12 -34.60 2.26
CA THR E 471 -66.40 -34.29 1.03
C THR E 471 -67.08 -33.20 0.22
N HIS E 472 -68.36 -32.95 0.49
CA HIS E 472 -69.10 -31.88 -0.17
C HIS E 472 -69.32 -30.68 0.75
N GLU E 473 -68.75 -30.69 1.95
CA GLU E 473 -68.98 -29.62 2.91
C GLU E 473 -67.69 -28.83 3.12
N PRO E 474 -67.62 -27.58 2.71
CA PRO E 474 -66.38 -26.81 2.85
C PRO E 474 -66.09 -26.47 4.30
N ILE E 475 -64.81 -26.34 4.62
CA ILE E 475 -64.36 -25.97 5.96
C ILE E 475 -63.24 -24.93 5.86
N GLU E 476 -62.24 -25.22 5.03
CA GLU E 476 -61.01 -24.45 4.99
C GLU E 476 -60.90 -23.57 3.75
N GLN E 477 -61.87 -23.65 2.84
CA GLN E 477 -61.75 -22.95 1.56
C GLN E 477 -61.73 -21.43 1.76
N LEU E 478 -62.49 -20.93 2.74
CA LEU E 478 -62.56 -19.49 2.97
C LEU E 478 -61.20 -18.92 3.31
N ALA E 479 -60.47 -19.59 4.21
CA ALA E 479 -59.17 -19.08 4.65
C ALA E 479 -58.16 -19.09 3.50
N GLY E 480 -58.10 -20.18 2.75
CA GLY E 480 -57.20 -20.26 1.62
C GLY E 480 -57.49 -19.21 0.57
N LEU E 481 -58.77 -18.95 0.29
CA LEU E 481 -59.09 -17.88 -0.65
C LEU E 481 -58.70 -16.52 -0.09
N ARG E 482 -58.97 -16.27 1.19
CA ARG E 482 -58.63 -14.99 1.79
C ARG E 482 -57.13 -14.74 1.78
N ALA E 483 -56.33 -15.81 1.82
CA ALA E 483 -54.88 -15.66 1.84
C ALA E 483 -54.33 -15.19 0.50
N ILE E 484 -55.04 -15.47 -0.59
CA ILE E 484 -54.57 -14.99 -1.91
C ILE E 484 -54.62 -13.47 -1.94
N PRO E 485 -53.53 -12.79 -2.29
CA PRO E 485 -53.60 -11.33 -2.42
C PRO E 485 -54.45 -10.93 -3.63
N ASN E 486 -55.12 -9.79 -3.51
CA ASN E 486 -56.02 -9.28 -4.55
C ASN E 486 -57.10 -10.28 -4.93
N MET E 487 -57.78 -10.78 -3.90
CA MET E 487 -58.98 -11.60 -4.06
C MET E 487 -60.04 -11.07 -3.11
N ASN E 488 -61.18 -10.67 -3.66
CA ASN E 488 -62.35 -10.36 -2.85
C ASN E 488 -63.02 -11.69 -2.55
N VAL E 489 -63.28 -11.95 -1.28
CA VAL E 489 -64.00 -13.17 -0.85
C VAL E 489 -65.23 -12.67 -0.13
N ILE E 490 -66.32 -12.47 -0.86
CA ILE E 490 -67.53 -11.85 -0.33
C ILE E 490 -68.55 -12.92 -0.02
N ARG E 491 -68.91 -13.04 1.26
CA ARG E 491 -69.90 -13.99 1.76
C ARG E 491 -71.09 -13.18 2.25
N PRO E 492 -72.11 -12.98 1.41
CA PRO E 492 -73.22 -12.10 1.80
C PRO E 492 -74.08 -12.72 2.90
N ALA E 493 -74.63 -11.84 3.75
CA ALA E 493 -75.38 -12.30 4.91
C ALA E 493 -76.86 -12.49 4.59
N ASP E 494 -77.42 -11.61 3.78
CA ASP E 494 -78.80 -11.75 3.32
C ASP E 494 -78.83 -11.46 1.82
N GLY E 495 -80.04 -11.27 1.29
CA GLY E 495 -80.17 -10.97 -0.13
C GLY E 495 -79.68 -9.58 -0.49
N ASN E 496 -79.83 -8.61 0.41
CA ASN E 496 -79.39 -7.25 0.11
C ASN E 496 -77.87 -7.17 0.07
N GLU E 497 -77.20 -7.79 1.04
CA GLU E 497 -75.74 -7.94 0.96
C GLU E 497 -75.34 -8.67 -0.30
N THR E 498 -76.15 -9.63 -0.76
CA THR E 498 -75.84 -10.34 -2.00
C THR E 498 -75.88 -9.40 -3.20
N ARG E 499 -76.89 -8.54 -3.27
CA ARG E 499 -76.96 -7.54 -4.34
C ARG E 499 -75.72 -6.65 -4.33
N VAL E 500 -75.37 -6.11 -3.16
CA VAL E 500 -74.21 -5.22 -3.11
C VAL E 500 -72.92 -5.98 -3.39
N ALA E 501 -72.85 -7.24 -2.99
CA ALA E 501 -71.68 -8.07 -3.29
C ALA E 501 -71.54 -8.29 -4.79
N TRP E 502 -72.66 -8.52 -5.47
CA TRP E 502 -72.63 -8.62 -6.93
C TRP E 502 -72.14 -7.32 -7.56
N GLU E 503 -72.60 -6.18 -7.04
CA GLU E 503 -72.10 -4.90 -7.52
C GLU E 503 -70.58 -4.81 -7.36
N VAL E 504 -70.09 -5.03 -6.13
CA VAL E 504 -68.65 -5.01 -5.88
C VAL E 504 -67.91 -5.93 -6.83
N ALA E 505 -68.49 -7.08 -7.15
CA ALA E 505 -67.87 -8.00 -8.09
C ALA E 505 -67.79 -7.40 -9.49
N LEU E 506 -68.87 -6.72 -9.91
CA LEU E 506 -68.93 -6.19 -11.27
C LEU E 506 -68.05 -4.96 -11.45
N GLU E 507 -67.91 -4.12 -10.42
CA GLU E 507 -67.19 -2.85 -10.53
C GLU E 507 -65.71 -2.95 -10.16
N SER E 508 -65.21 -4.13 -9.81
CA SER E 508 -63.90 -4.25 -9.16
C SER E 508 -62.76 -4.32 -10.19
N GLU E 509 -62.80 -3.37 -11.13
CA GLU E 509 -62.00 -3.38 -12.36
C GLU E 509 -60.69 -4.19 -12.33
N SER E 510 -59.92 -4.09 -11.25
CA SER E 510 -58.62 -4.75 -11.18
C SER E 510 -58.53 -5.79 -10.07
N THR E 511 -59.66 -6.26 -9.54
CA THR E 511 -59.66 -7.26 -8.48
C THR E 511 -60.67 -8.36 -8.80
N PRO E 512 -60.25 -9.62 -8.79
CA PRO E 512 -61.21 -10.72 -8.92
C PRO E 512 -62.03 -10.89 -7.65
N THR E 513 -63.25 -11.40 -7.83
CA THR E 513 -64.18 -11.62 -6.74
C THR E 513 -64.65 -13.07 -6.72
N SER E 514 -64.72 -13.62 -5.51
CA SER E 514 -65.25 -14.94 -5.23
C SER E 514 -66.48 -14.76 -4.36
N LEU E 515 -67.63 -15.21 -4.85
CA LEU E 515 -68.90 -15.08 -4.15
C LEU E 515 -69.19 -16.38 -3.41
N VAL E 516 -69.25 -16.31 -2.09
CA VAL E 516 -69.52 -17.47 -1.23
C VAL E 516 -70.96 -17.39 -0.77
N LEU E 517 -71.79 -18.29 -1.28
CA LEU E 517 -73.23 -18.28 -1.03
C LEU E 517 -73.69 -19.56 -0.37
N THR E 518 -74.94 -19.56 0.08
CA THR E 518 -75.48 -20.63 0.89
C THR E 518 -76.62 -21.36 0.20
N ARG E 519 -76.78 -22.63 0.58
CA ARG E 519 -77.87 -23.47 0.11
C ARG E 519 -79.15 -23.21 0.88
N GLN E 520 -79.05 -22.95 2.19
CA GLN E 520 -80.19 -22.83 3.07
C GLN E 520 -80.70 -21.39 3.13
N ASN E 521 -82.00 -21.24 3.37
CA ASN E 521 -82.63 -19.93 3.38
C ASN E 521 -82.02 -19.04 4.47
N LEU E 522 -81.94 -17.75 4.19
CA LEU E 522 -81.37 -16.80 5.12
C LEU E 522 -82.35 -15.67 5.40
N PRO E 523 -82.49 -15.26 6.65
CA PRO E 523 -83.38 -14.13 6.97
C PRO E 523 -82.77 -12.81 6.53
N VAL E 524 -83.62 -11.95 5.99
CA VAL E 524 -83.21 -10.57 5.72
C VAL E 524 -83.07 -9.83 7.04
N LEU E 525 -82.01 -9.03 7.17
CA LEU E 525 -81.69 -8.32 8.40
C LEU E 525 -82.25 -6.89 8.37
N ASP E 526 -82.54 -6.36 9.56
CA ASP E 526 -83.06 -5.00 9.70
C ASP E 526 -81.87 -4.05 9.72
N VAL E 527 -81.32 -3.81 8.54
CA VAL E 527 -80.36 -2.73 8.32
C VAL E 527 -80.84 -1.98 7.08
N PRO E 528 -80.94 -0.65 7.13
CA PRO E 528 -81.42 0.09 5.96
C PRO E 528 -80.44 -0.03 4.79
N GLU E 529 -80.99 0.23 3.60
CA GLU E 529 -80.27 -0.02 2.35
C GLU E 529 -78.96 0.76 2.27
N ASP E 530 -78.99 2.03 2.66
CA ASP E 530 -77.79 2.86 2.61
C ASP E 530 -76.63 2.18 3.34
N VAL E 531 -76.91 1.71 4.56
CA VAL E 531 -75.88 1.10 5.39
C VAL E 531 -75.37 -0.20 4.79
N VAL E 532 -76.24 -0.98 4.17
CA VAL E 532 -75.76 -2.24 3.62
C VAL E 532 -74.86 -1.98 2.42
N GLU E 533 -75.23 -1.02 1.56
CA GLU E 533 -74.37 -0.71 0.42
C GLU E 533 -73.00 -0.21 0.89
N GLU E 534 -72.98 0.85 1.70
CA GLU E 534 -71.71 1.39 2.16
C GLU E 534 -70.88 0.34 2.90
N GLY E 535 -71.53 -0.50 3.71
CA GLY E 535 -70.79 -1.38 4.60
C GLY E 535 -70.23 -2.60 3.90
N VAL E 536 -70.99 -3.18 2.97
CA VAL E 536 -70.44 -4.24 2.15
C VAL E 536 -69.27 -3.71 1.33
N ARG E 537 -69.38 -2.48 0.81
CA ARG E 537 -68.22 -1.93 0.11
C ARG E 537 -67.04 -1.70 1.06
N LYS E 538 -67.31 -1.46 2.34
CA LYS E 538 -66.24 -1.32 3.32
C LYS E 538 -65.80 -2.65 3.93
N GLY E 539 -66.50 -3.75 3.63
CA GLY E 539 -66.10 -5.07 4.08
C GLY E 539 -66.48 -5.43 5.51
N ALA E 540 -66.75 -4.44 6.36
CA ALA E 540 -67.17 -4.73 7.74
C ALA E 540 -67.92 -3.52 8.27
N TYR E 541 -69.06 -3.75 8.90
CA TYR E 541 -69.88 -2.65 9.38
C TYR E 541 -70.84 -3.18 10.45
N THR E 542 -71.18 -2.30 11.39
CA THR E 542 -72.11 -2.65 12.45
C THR E 542 -73.49 -2.92 11.90
N VAL E 543 -74.06 -4.07 12.24
CA VAL E 543 -75.45 -4.36 11.87
C VAL E 543 -76.34 -4.22 13.10
N TYR E 544 -75.81 -4.51 14.30
CA TYR E 544 -76.65 -4.41 15.49
C TYR E 544 -75.88 -3.72 16.61
N GLY E 545 -76.54 -2.79 17.29
CA GLY E 545 -75.92 -2.15 18.43
C GLY E 545 -75.42 -0.74 18.11
N SER E 546 -75.33 0.10 19.14
CA SER E 546 -74.99 1.50 18.98
C SER E 546 -73.78 1.95 19.81
N GLU E 547 -73.34 1.15 20.79
CA GLU E 547 -72.18 1.52 21.59
C GLU E 547 -70.91 1.21 20.81
N GLU E 548 -70.01 2.20 20.69
CA GLU E 548 -68.76 1.96 19.99
C GLU E 548 -67.86 1.00 20.76
N THR E 549 -67.84 1.12 22.09
CA THR E 549 -67.11 0.17 22.93
C THR E 549 -68.11 -0.63 23.77
N PRO E 550 -68.77 -1.63 23.19
CA PRO E 550 -69.68 -2.46 23.98
C PRO E 550 -68.88 -3.46 24.80
N GLU E 551 -69.57 -4.09 25.74
CA GLU E 551 -68.91 -5.12 26.53
C GLU E 551 -68.59 -6.33 25.66
N PHE E 552 -69.50 -6.71 24.77
CA PHE E 552 -69.29 -7.81 23.85
C PHE E 552 -69.48 -7.35 22.41
N LEU E 553 -68.59 -7.83 21.53
CA LEU E 553 -68.63 -7.52 20.10
C LEU E 553 -68.63 -8.85 19.35
N LEU E 554 -69.80 -9.25 18.87
CA LEU E 554 -69.93 -10.43 18.03
C LEU E 554 -69.55 -10.08 16.60
N LEU E 555 -68.73 -10.93 15.98
CA LEU E 555 -68.29 -10.78 14.60
C LEU E 555 -68.77 -11.98 13.80
N ALA E 556 -69.39 -11.74 12.65
CA ALA E 556 -69.91 -12.86 11.88
C ALA E 556 -69.79 -12.57 10.38
N SER E 557 -70.11 -13.61 9.60
CA SER E 557 -70.17 -13.52 8.14
C SER E 557 -71.27 -14.47 7.65
N GLY E 558 -72.01 -14.01 6.64
CA GLY E 558 -72.99 -14.87 6.00
C GLY E 558 -74.00 -15.45 6.98
N SER E 559 -74.22 -16.77 6.86
CA SER E 559 -75.22 -17.53 7.59
C SER E 559 -75.19 -17.29 9.09
N GLU E 560 -74.11 -16.70 9.58
CA GLU E 560 -73.92 -16.53 11.01
C GLU E 560 -74.46 -15.22 11.55
N VAL E 561 -74.55 -14.18 10.72
CA VAL E 561 -74.92 -12.85 11.21
C VAL E 561 -76.23 -12.90 11.98
N SER E 562 -77.28 -13.45 11.36
CA SER E 562 -78.56 -13.60 12.05
C SER E 562 -78.37 -14.28 13.40
N LEU E 563 -77.65 -15.41 13.43
CA LEU E 563 -77.36 -16.07 14.70
C LEU E 563 -76.72 -15.10 15.68
N ALA E 564 -75.65 -14.42 15.25
CA ALA E 564 -74.97 -13.46 16.11
C ALA E 564 -75.91 -12.33 16.54
N VAL E 565 -76.89 -11.98 15.72
CA VAL E 565 -77.87 -11.00 16.16
C VAL E 565 -78.78 -11.61 17.22
N GLU E 566 -79.29 -12.81 16.95
CA GLU E 566 -80.15 -13.51 17.90
C GLU E 566 -79.51 -13.55 19.28
N ALA E 567 -78.33 -14.19 19.37
CA ALA E 567 -77.57 -14.21 20.61
C ALA E 567 -77.49 -12.83 21.25
N ALA E 568 -77.12 -11.81 20.45
CA ALA E 568 -76.98 -10.46 20.97
C ALA E 568 -78.23 -10.04 21.74
N LYS E 569 -79.40 -10.24 21.14
CA LYS E 569 -80.64 -9.86 21.80
C LYS E 569 -80.79 -10.57 23.13
N ASP E 570 -80.58 -11.90 23.14
CA ASP E 570 -80.64 -12.62 24.40
C ASP E 570 -79.61 -12.08 25.39
N LEU E 571 -78.42 -11.72 24.91
CA LEU E 571 -77.44 -11.18 25.85
C LEU E 571 -77.92 -9.84 26.40
N GLU E 572 -78.58 -9.04 25.55
CA GLU E 572 -79.19 -7.80 26.05
C GLU E 572 -80.21 -8.08 27.13
N LYS E 573 -80.92 -9.20 27.04
CA LYS E 573 -81.93 -9.52 28.05
C LYS E 573 -81.30 -9.72 29.41
N GLN E 574 -80.05 -10.16 29.47
CA GLN E 574 -79.34 -10.34 30.73
C GLN E 574 -78.53 -9.11 31.13
N GLY E 575 -78.73 -7.98 30.45
CA GLY E 575 -78.14 -6.72 30.84
C GLY E 575 -76.82 -6.37 30.19
N LYS E 576 -76.32 -7.20 29.29
CA LYS E 576 -75.01 -6.99 28.68
C LYS E 576 -75.16 -6.21 27.37
N SER E 577 -74.22 -5.28 27.13
CA SER E 577 -74.24 -4.45 25.94
C SER E 577 -73.46 -5.13 24.82
N VAL E 578 -74.12 -5.32 23.68
CA VAL E 578 -73.55 -6.10 22.59
C VAL E 578 -73.60 -5.28 21.31
N ARG E 579 -72.61 -5.50 20.46
CA ARG E 579 -72.68 -5.02 19.10
C ARG E 579 -72.33 -6.17 18.18
N VAL E 580 -73.00 -6.26 17.03
CA VAL E 580 -72.79 -7.30 16.03
C VAL E 580 -72.33 -6.65 14.74
N VAL E 581 -71.22 -7.18 14.19
CA VAL E 581 -70.59 -6.70 12.97
C VAL E 581 -70.64 -7.81 11.92
N SER E 582 -71.21 -7.49 10.76
CA SER E 582 -71.10 -8.32 9.57
C SER E 582 -69.83 -7.95 8.81
N MET E 583 -68.99 -8.96 8.53
CA MET E 583 -67.73 -8.79 7.80
C MET E 583 -67.82 -9.57 6.48
N PRO E 584 -68.48 -9.02 5.48
CA PRO E 584 -68.65 -9.76 4.21
C PRO E 584 -67.39 -9.83 3.37
N ASN E 585 -66.40 -8.97 3.56
CA ASN E 585 -65.19 -8.98 2.73
C ASN E 585 -64.00 -8.43 3.52
N TRP E 586 -63.06 -9.32 3.87
CA TRP E 586 -61.87 -8.88 4.60
C TRP E 586 -60.97 -7.99 3.76
N ASN E 587 -60.92 -8.22 2.45
CA ASN E 587 -60.08 -7.42 1.55
C ASN E 587 -60.45 -5.94 1.65
N ALA E 588 -61.75 -5.65 1.46
CA ALA E 588 -62.23 -4.28 1.59
C ALA E 588 -61.94 -3.71 2.97
N PHE E 589 -62.03 -4.55 4.01
CA PHE E 589 -61.78 -4.05 5.36
C PHE E 589 -60.32 -3.65 5.54
N GLU E 590 -59.40 -4.48 5.07
CA GLU E 590 -57.98 -4.15 5.20
C GLU E 590 -57.56 -3.03 4.26
N GLN E 591 -58.39 -2.63 3.30
CA GLN E 591 -58.12 -1.41 2.54
C GLN E 591 -58.66 -0.13 3.21
N GLN E 592 -59.25 -0.22 4.40
CA GLN E 592 -59.89 0.93 5.01
C GLN E 592 -58.93 1.69 5.92
N SER E 593 -59.38 2.86 6.37
CA SER E 593 -58.61 3.67 7.30
C SER E 593 -58.59 3.04 8.69
N GLU E 594 -57.48 3.24 9.39
CA GLU E 594 -57.39 2.75 10.77
C GLU E 594 -58.51 3.30 11.65
N GLU E 595 -58.97 4.52 11.35
CA GLU E 595 -60.05 5.12 12.12
C GLU E 595 -61.36 4.36 11.91
N TYR E 596 -61.69 4.02 10.66
CA TYR E 596 -62.85 3.19 10.40
C TYR E 596 -62.70 1.83 11.08
N LYS E 597 -61.50 1.27 11.06
CA LYS E 597 -61.28 -0.05 11.65
C LYS E 597 -61.50 -0.02 13.16
N GLU E 598 -61.06 1.05 13.83
CA GLU E 598 -61.31 1.16 15.26
C GLU E 598 -62.77 1.49 15.55
N SER E 599 -63.45 2.18 14.63
CA SER E 599 -64.88 2.43 14.83
C SER E 599 -65.68 1.13 14.76
N VAL E 600 -65.30 0.22 13.85
CA VAL E 600 -66.04 -1.03 13.73
C VAL E 600 -65.52 -2.06 14.72
N ILE E 601 -64.21 -2.19 14.85
CA ILE E 601 -63.60 -3.13 15.78
C ILE E 601 -62.63 -2.38 16.68
N PRO E 602 -63.05 -1.93 17.85
CA PRO E 602 -62.11 -1.29 18.78
C PRO E 602 -61.16 -2.31 19.38
N SER E 603 -59.90 -1.89 19.53
CA SER E 603 -58.94 -2.68 20.29
C SER E 603 -59.12 -2.50 21.80
N SER E 604 -59.91 -1.52 22.23
CA SER E 604 -60.26 -1.40 23.64
C SER E 604 -61.02 -2.63 24.13
N VAL E 605 -61.89 -3.17 23.29
CA VAL E 605 -62.81 -4.23 23.70
C VAL E 605 -62.06 -5.55 23.76
N THR E 606 -61.96 -6.13 24.95
CA THR E 606 -61.28 -7.41 25.12
C THR E 606 -62.17 -8.59 24.74
N LYS E 607 -63.45 -8.52 25.10
CA LYS E 607 -64.38 -9.63 24.87
C LYS E 607 -64.97 -9.51 23.47
N ARG E 608 -64.15 -9.88 22.49
CA ARG E 608 -64.54 -9.95 21.09
C ARG E 608 -64.70 -11.41 20.68
N VAL E 609 -65.86 -11.76 20.14
CA VAL E 609 -66.17 -13.13 19.77
C VAL E 609 -66.58 -13.17 18.30
N ALA E 610 -66.05 -14.16 17.57
CA ALA E 610 -66.36 -14.34 16.17
C ALA E 610 -67.06 -15.68 15.98
N ILE E 611 -67.99 -15.75 15.02
CA ILE E 611 -68.71 -16.98 14.70
C ILE E 611 -68.69 -17.18 13.19
N GLU E 612 -68.26 -18.38 12.76
CA GLU E 612 -68.29 -18.77 11.35
C GLU E 612 -68.28 -20.28 11.24
N MET E 613 -69.00 -20.80 10.25
CA MET E 613 -68.98 -22.23 9.98
C MET E 613 -67.87 -22.54 8.99
N ALA E 614 -66.64 -22.38 9.48
CA ALA E 614 -65.44 -22.57 8.69
C ALA E 614 -64.27 -22.80 9.64
N SER E 615 -63.07 -22.82 9.10
CA SER E 615 -61.86 -22.90 9.91
C SER E 615 -61.67 -21.63 10.73
N PRO E 616 -61.07 -21.73 11.92
CA PRO E 616 -60.81 -20.53 12.71
C PRO E 616 -59.64 -19.69 12.23
N LEU E 617 -58.91 -20.12 11.20
CA LEU E 617 -57.67 -19.47 10.81
C LEU E 617 -57.93 -18.06 10.30
N GLY E 618 -57.34 -17.07 11.00
CA GLY E 618 -57.41 -15.68 10.60
C GLY E 618 -58.35 -14.83 11.41
N TRP E 619 -59.25 -15.44 12.18
CA TRP E 619 -60.19 -14.68 13.00
C TRP E 619 -59.51 -14.05 14.22
N HIS E 620 -58.44 -14.66 14.72
CA HIS E 620 -57.75 -14.12 15.89
C HIS E 620 -57.12 -12.76 15.62
N LYS E 621 -56.98 -12.38 14.34
CA LYS E 621 -56.61 -11.02 14.01
C LYS E 621 -57.59 -10.02 14.61
N TYR E 622 -58.88 -10.33 14.58
CA TYR E 622 -59.92 -9.40 14.98
C TYR E 622 -60.43 -9.62 16.40
N VAL E 623 -60.42 -10.86 16.89
CA VAL E 623 -60.92 -11.09 18.24
C VAL E 623 -59.87 -10.71 19.29
N GLY E 624 -58.59 -10.87 18.96
CA GLY E 624 -57.52 -10.50 19.87
C GLY E 624 -57.12 -11.62 20.82
N THR E 625 -56.20 -11.27 21.72
CA THR E 625 -55.64 -12.26 22.64
C THR E 625 -56.70 -12.74 23.64
N ALA E 626 -57.52 -11.84 24.14
CA ALA E 626 -58.56 -12.23 25.08
C ALA E 626 -59.82 -12.74 24.39
N GLY E 627 -59.93 -12.57 23.07
CA GLY E 627 -61.14 -12.89 22.35
C GLY E 627 -61.39 -14.38 22.21
N LYS E 628 -62.49 -14.69 21.52
CA LYS E 628 -62.91 -16.07 21.31
C LYS E 628 -63.40 -16.24 19.88
N VAL E 629 -63.13 -17.42 19.32
CA VAL E 629 -63.51 -17.78 17.96
C VAL E 629 -64.32 -19.08 18.04
N ILE E 630 -65.57 -19.01 17.61
CA ILE E 630 -66.46 -20.17 17.54
C ILE E 630 -66.50 -20.59 16.08
N ALA E 631 -65.85 -21.69 15.75
CA ALA E 631 -65.69 -22.11 14.37
C ALA E 631 -65.63 -23.64 14.32
N ILE E 632 -65.13 -24.18 13.21
CA ILE E 632 -65.09 -25.62 12.97
C ILE E 632 -63.64 -26.04 12.80
N ASP E 633 -63.16 -26.87 13.71
CA ASP E 633 -61.81 -27.40 13.64
C ASP E 633 -61.73 -28.74 12.92
N GLY E 634 -62.86 -29.41 12.70
CA GLY E 634 -62.90 -30.67 12.01
C GLY E 634 -63.59 -30.59 10.66
N PHE E 635 -63.93 -31.76 10.14
CA PHE E 635 -64.67 -31.87 8.90
C PHE E 635 -66.15 -32.05 9.21
N GLY E 636 -66.97 -32.05 8.16
CA GLY E 636 -68.41 -32.10 8.30
C GLY E 636 -68.93 -33.51 8.51
N ALA E 637 -70.25 -33.62 8.37
CA ALA E 637 -70.94 -34.89 8.63
C ALA E 637 -72.14 -35.00 7.72
N SER E 638 -72.48 -36.23 7.36
CA SER E 638 -73.65 -36.50 6.53
C SER E 638 -74.86 -36.64 7.45
N ALA E 639 -75.88 -35.80 7.20
CA ALA E 639 -77.09 -35.68 8.01
C ALA E 639 -77.94 -34.55 7.41
N PRO E 640 -79.17 -34.33 7.89
CA PRO E 640 -79.86 -33.08 7.54
C PRO E 640 -79.04 -31.87 7.97
N GLY E 641 -78.96 -30.88 7.08
CA GLY E 641 -78.04 -29.77 7.30
C GLY E 641 -78.32 -29.02 8.59
N ASP E 642 -79.60 -28.87 8.95
CA ASP E 642 -79.95 -28.22 10.21
C ASP E 642 -79.34 -28.96 11.39
N LEU E 643 -79.51 -30.29 11.41
CA LEU E 643 -78.92 -31.10 12.46
C LEU E 643 -77.42 -30.90 12.57
N VAL E 644 -76.73 -30.84 11.42
CA VAL E 644 -75.29 -30.64 11.43
C VAL E 644 -74.94 -29.28 12.01
N VAL E 645 -75.67 -28.23 11.60
CA VAL E 645 -75.39 -26.89 12.10
C VAL E 645 -75.55 -26.85 13.62
N GLU E 646 -76.60 -27.49 14.14
CA GLU E 646 -76.79 -27.50 15.59
C GLU E 646 -75.72 -28.34 16.29
N LYS E 647 -75.37 -29.49 15.73
CA LYS E 647 -74.42 -30.39 16.37
C LYS E 647 -73.01 -29.81 16.41
N TYR E 648 -72.68 -28.89 15.52
CA TYR E 648 -71.37 -28.25 15.50
C TYR E 648 -71.33 -26.96 16.31
N GLY E 649 -72.38 -26.68 17.08
CA GLY E 649 -72.36 -25.59 18.03
C GLY E 649 -72.85 -24.27 17.52
N PHE E 650 -73.58 -24.24 16.41
CA PHE E 650 -74.10 -23.00 15.84
C PHE E 650 -75.59 -22.85 16.13
N THR E 651 -75.93 -23.07 17.41
CA THR E 651 -77.18 -22.66 18.01
C THR E 651 -76.90 -21.42 18.86
N LYS E 652 -77.92 -20.59 19.06
CA LYS E 652 -77.71 -19.37 19.84
C LYS E 652 -77.35 -19.69 21.28
N GLU E 653 -77.85 -20.80 21.83
CA GLU E 653 -77.57 -21.13 23.21
C GLU E 653 -76.09 -21.45 23.41
N ASN E 654 -75.48 -22.15 22.45
CA ASN E 654 -74.05 -22.40 22.51
C ASN E 654 -73.27 -21.09 22.50
N ILE E 655 -73.66 -20.15 21.65
CA ILE E 655 -72.95 -18.87 21.60
C ILE E 655 -73.09 -18.15 22.92
N LEU E 656 -74.28 -18.21 23.53
CA LEU E 656 -74.47 -17.59 24.84
C LEU E 656 -73.54 -18.20 25.88
N ASN E 657 -73.53 -19.53 25.97
CA ASN E 657 -72.71 -20.21 26.99
C ASN E 657 -71.23 -19.90 26.78
N GLN E 658 -70.76 -19.96 25.53
CA GLN E 658 -69.35 -19.71 25.25
C GLN E 658 -68.98 -18.27 25.57
N VAL E 659 -69.84 -17.32 25.20
CA VAL E 659 -69.54 -15.91 25.39
C VAL E 659 -69.56 -15.54 26.87
N MET E 660 -70.49 -16.11 27.63
CA MET E 660 -70.56 -15.78 29.05
C MET E 660 -69.50 -16.52 29.86
N SER E 661 -69.01 -17.65 29.36
CA SER E 661 -67.89 -18.31 30.04
C SER E 661 -66.61 -17.48 29.94
N LEU E 662 -66.49 -16.67 28.90
CA LEU E 662 -65.30 -15.84 28.67
C LEU E 662 -65.15 -14.76 29.74
N MET F 1 -75.86 -68.73 -18.32
CA MET F 1 -75.19 -68.60 -17.04
C MET F 1 -76.02 -67.80 -16.04
N PHE F 2 -76.99 -67.05 -16.57
CA PHE F 2 -77.83 -66.18 -15.76
C PHE F 2 -79.28 -66.63 -15.87
N ASN F 3 -79.88 -67.00 -14.73
CA ASN F 3 -81.28 -67.39 -14.63
C ASN F 3 -82.12 -66.15 -14.39
N GLU F 4 -83.39 -66.36 -14.00
CA GLU F 4 -84.23 -65.25 -13.58
C GLU F 4 -83.96 -64.86 -12.13
N LYS F 5 -83.33 -65.75 -11.35
CA LYS F 5 -83.00 -65.41 -9.98
C LYS F 5 -81.96 -64.29 -9.94
N ASP F 6 -81.00 -64.32 -10.87
CA ASP F 6 -80.06 -63.21 -10.99
C ASP F 6 -80.79 -61.92 -11.33
N GLN F 7 -81.80 -62.00 -12.20
CA GLN F 7 -82.59 -60.81 -12.53
C GLN F 7 -83.34 -60.30 -11.31
N LEU F 8 -83.88 -61.20 -10.48
CA LEU F 8 -84.53 -60.76 -9.24
C LEU F 8 -83.53 -60.09 -8.33
N ALA F 9 -82.30 -60.61 -8.26
CA ALA F 9 -81.28 -59.98 -7.41
C ALA F 9 -80.93 -58.58 -7.92
N VAL F 10 -80.81 -58.42 -9.24
CA VAL F 10 -80.55 -57.10 -9.82
C VAL F 10 -81.66 -56.13 -9.44
N ASP F 11 -82.91 -56.53 -9.67
CA ASP F 11 -84.03 -55.65 -9.37
C ASP F 11 -84.17 -55.42 -7.87
N THR F 12 -83.74 -56.38 -7.06
CA THR F 12 -83.71 -56.19 -5.61
C THR F 12 -82.74 -55.08 -5.24
N LEU F 13 -81.54 -55.11 -5.82
CA LEU F 13 -80.57 -54.05 -5.57
C LEU F 13 -81.14 -52.70 -5.95
N ARG F 14 -81.77 -52.62 -7.14
CA ARG F 14 -82.41 -51.37 -7.56
C ARG F 14 -83.43 -50.90 -6.53
N ALA F 15 -84.36 -51.79 -6.15
CA ALA F 15 -85.45 -51.39 -5.27
C ALA F 15 -84.93 -51.01 -3.89
N LEU F 16 -83.92 -51.73 -3.39
CA LEU F 16 -83.33 -51.40 -2.10
C LEU F 16 -82.69 -50.02 -2.13
N SER F 17 -81.99 -49.69 -3.21
CA SER F 17 -81.44 -48.34 -3.33
C SER F 17 -82.55 -47.30 -3.37
N ILE F 18 -83.64 -47.60 -4.07
CA ILE F 18 -84.75 -46.66 -4.16
C ILE F 18 -85.32 -46.38 -2.78
N ASP F 19 -85.57 -47.44 -2.00
CA ASP F 19 -86.16 -47.25 -0.67
C ASP F 19 -85.19 -46.55 0.26
N THR F 20 -83.90 -46.86 0.13
CA THR F 20 -82.86 -46.20 0.91
C THR F 20 -82.86 -44.70 0.68
N ILE F 21 -83.06 -44.27 -0.57
CA ILE F 21 -83.19 -42.85 -0.83
C ILE F 21 -84.52 -42.31 -0.35
N GLU F 22 -85.61 -43.07 -0.58
CA GLU F 22 -86.95 -42.58 -0.28
C GLU F 22 -87.13 -42.28 1.21
N LYS F 23 -86.66 -43.16 2.08
CA LYS F 23 -86.75 -42.87 3.50
C LYS F 23 -85.93 -41.63 3.86
N ALA F 24 -84.78 -41.45 3.20
CA ALA F 24 -83.93 -40.30 3.46
C ALA F 24 -84.45 -39.03 2.80
N ASN F 25 -85.31 -39.16 1.79
CA ASN F 25 -85.77 -38.01 0.99
C ASN F 25 -84.58 -37.24 0.42
N SER F 26 -83.52 -37.97 0.12
CA SER F 26 -82.26 -37.40 -0.38
C SER F 26 -81.34 -38.53 -0.85
N GLY F 27 -80.76 -38.37 -2.01
CA GLY F 27 -79.96 -39.41 -2.62
C GLY F 27 -80.12 -39.39 -4.13
N HIS F 28 -79.36 -40.27 -4.75
CA HIS F 28 -79.19 -40.27 -6.20
C HIS F 28 -79.63 -41.62 -6.77
N PRO F 29 -80.86 -41.72 -7.29
CA PRO F 29 -81.36 -43.03 -7.71
C PRO F 29 -80.91 -43.44 -9.11
N GLY F 30 -80.55 -42.48 -9.97
CA GLY F 30 -80.36 -42.78 -11.38
C GLY F 30 -79.25 -43.76 -11.64
N LEU F 31 -78.08 -43.54 -11.03
CA LEU F 31 -76.95 -44.43 -11.23
C LEU F 31 -77.23 -45.82 -10.67
N PRO F 32 -77.78 -45.96 -9.46
CA PRO F 32 -78.16 -47.31 -9.00
C PRO F 32 -79.10 -48.01 -9.97
N MET F 33 -80.18 -47.34 -10.37
CA MET F 33 -81.14 -47.95 -11.29
C MET F 33 -80.49 -48.36 -12.60
N GLY F 34 -79.55 -47.57 -13.11
CA GLY F 34 -78.96 -47.88 -14.40
C GLY F 34 -77.81 -48.86 -14.36
N ALA F 35 -77.07 -48.91 -13.24
CA ALA F 35 -75.82 -49.62 -13.17
C ALA F 35 -75.85 -50.84 -12.25
N ALA F 36 -76.99 -51.14 -11.61
CA ALA F 36 -77.06 -52.34 -10.79
C ALA F 36 -76.72 -53.63 -11.53
N PRO F 37 -77.07 -53.83 -12.82
CA PRO F 37 -76.67 -55.08 -13.48
C PRO F 37 -75.16 -55.28 -13.59
N MET F 38 -74.41 -54.24 -13.96
CA MET F 38 -72.98 -54.43 -14.16
C MET F 38 -72.25 -54.56 -12.82
N ALA F 39 -72.69 -53.81 -11.81
CA ALA F 39 -72.17 -54.02 -10.46
C ALA F 39 -72.49 -55.42 -9.97
N TYR F 40 -73.69 -55.91 -10.28
CA TYR F 40 -74.07 -57.27 -9.88
C TYR F 40 -73.15 -58.29 -10.52
N THR F 41 -72.92 -58.18 -11.83
CA THR F 41 -72.05 -59.12 -12.51
C THR F 41 -70.64 -59.06 -11.93
N LEU F 42 -70.09 -57.86 -11.72
CA LEU F 42 -68.73 -57.76 -11.22
C LEU F 42 -68.61 -58.34 -9.81
N TRP F 43 -69.50 -57.95 -8.90
CA TRP F 43 -69.44 -58.46 -7.53
C TRP F 43 -69.66 -59.97 -7.50
N THR F 44 -70.81 -60.42 -8.01
CA THR F 44 -71.16 -61.84 -7.95
C THR F 44 -70.12 -62.71 -8.65
N ARG F 45 -69.84 -62.43 -9.92
CA ARG F 45 -69.17 -63.40 -10.78
C ARG F 45 -67.67 -63.20 -10.93
N HIS F 46 -67.11 -62.08 -10.48
CA HIS F 46 -65.68 -61.86 -10.73
C HIS F 46 -64.90 -61.40 -9.51
N LEU F 47 -65.55 -60.65 -8.62
CA LEU F 47 -64.82 -59.98 -7.55
C LEU F 47 -64.36 -60.97 -6.49
N ASN F 48 -63.05 -60.96 -6.19
CA ASN F 48 -62.49 -61.68 -5.05
C ASN F 48 -62.44 -60.73 -3.86
N PHE F 49 -63.60 -60.52 -3.25
CA PHE F 49 -63.74 -59.59 -2.13
C PHE F 49 -64.55 -60.23 -1.02
N ASN F 50 -64.17 -59.93 0.22
CA ASN F 50 -64.87 -60.37 1.41
C ASN F 50 -65.23 -59.15 2.24
N PRO F 51 -66.48 -58.67 2.17
CA PRO F 51 -66.85 -57.51 3.00
C PRO F 51 -66.64 -57.77 4.47
N GLN F 52 -66.67 -59.03 4.87
CA GLN F 52 -66.47 -59.33 6.28
C GLN F 52 -64.98 -59.41 6.61
N SER F 53 -64.20 -60.09 5.76
CA SER F 53 -62.74 -60.01 5.84
C SER F 53 -62.26 -58.85 4.97
N LYS F 54 -62.62 -57.65 5.41
CA LYS F 54 -62.33 -56.44 4.63
C LYS F 54 -60.85 -56.20 4.43
N ASP F 55 -60.00 -56.79 5.28
CA ASP F 55 -58.57 -56.51 5.26
C ASP F 55 -57.75 -57.64 4.66
N TYR F 56 -58.40 -58.54 3.91
CA TYR F 56 -57.66 -59.55 3.15
C TYR F 56 -56.78 -58.82 2.14
N PHE F 57 -55.45 -58.90 2.35
CA PHE F 57 -54.54 -58.05 1.60
C PHE F 57 -54.59 -58.33 0.11
N ASN F 58 -54.87 -59.57 -0.30
CA ASN F 58 -54.92 -59.92 -1.72
C ASN F 58 -56.34 -59.88 -2.27
N ARG F 59 -57.26 -59.23 -1.58
CA ARG F 59 -58.60 -59.02 -2.13
C ARG F 59 -58.53 -58.12 -3.36
N ASP F 60 -59.51 -58.26 -4.24
CA ASP F 60 -59.69 -57.30 -5.31
C ASP F 60 -60.25 -56.00 -4.73
N ARG F 61 -59.77 -54.87 -5.26
CA ARG F 61 -60.17 -53.56 -4.78
C ARG F 61 -61.20 -52.96 -5.74
N PHE F 62 -62.39 -52.65 -5.23
CA PHE F 62 -63.46 -52.03 -6.01
C PHE F 62 -63.68 -50.62 -5.49
N VAL F 63 -63.48 -49.64 -6.35
CA VAL F 63 -63.69 -48.24 -6.03
C VAL F 63 -64.92 -47.75 -6.80
N LEU F 64 -65.82 -47.07 -6.10
CA LEU F 64 -66.98 -46.42 -6.71
C LEU F 64 -66.64 -44.95 -6.91
N SER F 65 -66.11 -44.62 -8.09
CA SER F 65 -65.69 -43.24 -8.36
C SER F 65 -66.87 -42.30 -8.43
N ALA F 66 -68.01 -42.76 -8.94
CA ALA F 66 -69.24 -41.98 -8.90
C ALA F 66 -69.90 -42.23 -7.54
N GLY F 67 -69.38 -41.53 -6.53
CA GLY F 67 -69.85 -41.68 -5.16
C GLY F 67 -71.32 -41.46 -4.97
N HIS F 68 -71.96 -40.67 -5.83
CA HIS F 68 -73.38 -40.37 -5.65
C HIS F 68 -74.25 -41.61 -5.78
N GLY F 69 -73.74 -42.69 -6.38
CA GLY F 69 -74.44 -43.95 -6.43
C GLY F 69 -74.27 -44.77 -5.16
N SER F 70 -73.96 -44.07 -4.06
CA SER F 70 -73.64 -44.72 -2.79
C SER F 70 -74.62 -45.83 -2.45
N ALA F 71 -75.92 -45.54 -2.57
CA ALA F 71 -76.95 -46.51 -2.19
C ALA F 71 -76.65 -47.89 -2.78
N LEU F 72 -76.37 -47.94 -4.08
CA LEU F 72 -76.04 -49.20 -4.73
C LEU F 72 -74.95 -49.94 -3.97
N LEU F 73 -73.80 -49.28 -3.78
CA LEU F 73 -72.72 -49.86 -2.99
C LEU F 73 -73.24 -50.37 -1.66
N TYR F 74 -73.94 -49.50 -0.92
CA TYR F 74 -74.47 -49.90 0.39
C TYR F 74 -75.37 -51.12 0.24
N SER F 75 -76.27 -51.10 -0.74
CA SER F 75 -77.12 -52.26 -0.99
C SER F 75 -76.27 -53.52 -1.11
N LEU F 76 -75.25 -53.48 -1.96
CA LEU F 76 -74.39 -54.64 -2.13
C LEU F 76 -73.79 -55.07 -0.80
N LEU F 77 -73.25 -54.10 -0.05
CA LEU F 77 -72.60 -54.44 1.22
C LEU F 77 -73.57 -55.10 2.17
N HIS F 78 -74.86 -54.74 2.10
CA HIS F 78 -75.84 -55.41 2.93
C HIS F 78 -76.09 -56.83 2.44
N VAL F 79 -76.31 -57.00 1.13
CA VAL F 79 -76.62 -58.32 0.61
C VAL F 79 -75.45 -59.28 0.79
N SER F 80 -74.25 -58.74 0.95
CA SER F 80 -73.04 -59.53 1.13
C SER F 80 -72.72 -59.79 2.60
N GLY F 81 -73.63 -59.44 3.52
CA GLY F 81 -73.56 -59.89 4.89
C GLY F 81 -72.81 -58.99 5.85
N SER F 82 -72.40 -57.80 5.43
CA SER F 82 -71.60 -56.93 6.28
C SER F 82 -72.32 -55.68 6.77
N LEU F 83 -73.39 -55.26 6.11
CA LEU F 83 -74.09 -54.04 6.47
C LEU F 83 -75.54 -54.36 6.84
N GLU F 84 -75.98 -53.84 7.98
CA GLU F 84 -77.31 -54.11 8.47
C GLU F 84 -78.36 -53.35 7.67
N LEU F 85 -79.58 -53.90 7.64
CA LEU F 85 -80.68 -53.22 6.99
C LEU F 85 -81.01 -51.91 7.69
N GLU F 86 -80.84 -51.86 9.01
CA GLU F 86 -81.16 -50.65 9.76
C GLU F 86 -80.25 -49.49 9.36
N GLU F 87 -78.98 -49.79 9.07
CA GLU F 87 -78.09 -48.76 8.58
C GLU F 87 -78.58 -48.21 7.23
N LEU F 88 -79.00 -49.10 6.33
CA LEU F 88 -79.59 -48.66 5.07
C LEU F 88 -80.82 -47.80 5.30
N LYS F 89 -81.55 -48.06 6.37
CA LYS F 89 -82.66 -47.22 6.77
C LYS F 89 -82.22 -45.96 7.50
N GLN F 90 -80.92 -45.79 7.76
CA GLN F 90 -80.40 -44.55 8.31
C GLN F 90 -79.51 -43.79 7.32
N PHE F 91 -79.76 -43.99 6.02
CA PHE F 91 -78.96 -43.35 4.98
C PHE F 91 -78.99 -41.84 5.10
N ARG F 92 -77.81 -41.22 5.01
CA ARG F 92 -77.66 -39.76 5.05
C ARG F 92 -78.25 -39.17 6.33
N GLN F 93 -78.10 -39.90 7.43
CA GLN F 93 -78.59 -39.46 8.72
C GLN F 93 -77.44 -39.45 9.73
N TRP F 94 -77.66 -38.74 10.83
CA TRP F 94 -76.60 -38.52 11.82
C TRP F 94 -76.16 -39.82 12.47
N GLY F 95 -74.85 -40.02 12.57
CA GLY F 95 -74.25 -41.19 13.19
C GLY F 95 -74.24 -42.45 12.35
N SER F 96 -74.75 -42.40 11.12
CA SER F 96 -74.96 -43.59 10.32
C SER F 96 -73.65 -44.17 9.80
N LYS F 97 -73.66 -45.48 9.55
CA LYS F 97 -72.65 -46.14 8.75
C LYS F 97 -72.97 -46.10 7.26
N THR F 98 -73.97 -45.32 6.86
CA THR F 98 -74.36 -45.16 5.46
C THR F 98 -74.37 -43.68 5.10
N PRO F 99 -73.20 -43.03 5.05
CA PRO F 99 -73.17 -41.61 4.66
C PRO F 99 -73.44 -41.42 3.17
N GLY F 100 -73.86 -40.19 2.84
CA GLY F 100 -74.36 -39.87 1.51
C GLY F 100 -73.37 -40.11 0.38
N HIS F 101 -72.08 -40.13 0.68
CA HIS F 101 -71.08 -40.56 -0.28
C HIS F 101 -70.15 -41.54 0.44
N PRO F 102 -69.66 -42.57 -0.27
CA PRO F 102 -68.96 -43.66 0.42
C PRO F 102 -67.73 -43.16 1.16
N GLU F 103 -67.54 -43.68 2.38
CA GLU F 103 -66.51 -43.18 3.29
C GLU F 103 -65.63 -44.31 3.80
N TYR F 104 -64.33 -44.11 3.72
CA TYR F 104 -63.34 -45.03 4.24
C TYR F 104 -63.25 -44.88 5.75
N ARG F 105 -62.92 -45.99 6.43
CA ARG F 105 -62.73 -46.05 7.88
C ARG F 105 -64.05 -45.90 8.63
N HIS F 106 -65.11 -45.49 7.92
CA HIS F 106 -66.44 -45.32 8.49
C HIS F 106 -67.37 -46.48 8.20
N THR F 107 -67.22 -47.14 7.04
CA THR F 107 -68.05 -48.27 6.64
C THR F 107 -67.13 -49.39 6.15
N ASP F 108 -67.38 -50.61 6.63
CA ASP F 108 -66.60 -51.76 6.19
C ASP F 108 -66.90 -52.09 4.74
N GLY F 109 -65.87 -52.42 3.98
CA GLY F 109 -66.00 -52.73 2.57
C GLY F 109 -65.72 -51.57 1.63
N VAL F 110 -65.58 -50.36 2.16
CA VAL F 110 -65.33 -49.17 1.35
C VAL F 110 -63.84 -48.87 1.38
N GLU F 111 -63.18 -48.96 0.24
CA GLU F 111 -61.73 -48.88 0.20
C GLU F 111 -61.23 -47.44 0.19
N VAL F 112 -61.98 -46.50 -0.39
CA VAL F 112 -61.58 -45.10 -0.42
C VAL F 112 -62.83 -44.24 -0.27
N THR F 113 -62.61 -42.99 0.15
CA THR F 113 -63.69 -42.02 0.32
C THR F 113 -63.84 -41.25 -1.00
N THR F 114 -64.83 -41.63 -1.79
CA THR F 114 -65.10 -40.98 -3.06
C THR F 114 -66.20 -39.94 -2.91
N GLY F 115 -66.64 -39.39 -4.03
CA GLY F 115 -67.58 -38.29 -4.05
C GLY F 115 -67.14 -37.22 -5.02
N PRO F 116 -66.07 -36.51 -4.69
CA PRO F 116 -65.46 -35.58 -5.66
C PRO F 116 -64.98 -36.35 -6.89
N LEU F 117 -65.55 -35.98 -8.04
CA LEU F 117 -65.42 -36.77 -9.25
C LEU F 117 -64.00 -36.76 -9.80
N GLY F 118 -63.66 -37.84 -10.50
CA GLY F 118 -62.31 -38.11 -11.00
C GLY F 118 -61.36 -38.73 -9.97
N GLN F 119 -61.50 -38.34 -8.71
CA GLN F 119 -60.49 -38.68 -7.72
C GLN F 119 -60.50 -40.17 -7.38
N GLY F 120 -61.66 -40.81 -7.41
CA GLY F 120 -61.70 -42.26 -7.25
C GLY F 120 -60.96 -42.98 -8.36
N PHE F 121 -61.15 -42.53 -9.60
CA PHE F 121 -60.47 -43.12 -10.75
C PHE F 121 -58.94 -43.03 -10.59
N ALA F 122 -58.44 -41.86 -10.21
CA ALA F 122 -56.99 -41.70 -10.11
C ALA F 122 -56.43 -42.42 -8.89
N MET F 123 -57.19 -42.44 -7.79
CA MET F 123 -56.81 -43.29 -6.67
C MET F 123 -56.77 -44.76 -7.09
N SER F 124 -57.63 -45.16 -8.02
CA SER F 124 -57.63 -46.55 -8.49
C SER F 124 -56.37 -46.84 -9.29
N VAL F 125 -55.93 -45.88 -10.09
CA VAL F 125 -54.62 -46.01 -10.73
C VAL F 125 -53.53 -46.14 -9.68
N GLY F 126 -53.68 -45.44 -8.55
CA GLY F 126 -52.74 -45.59 -7.45
C GLY F 126 -52.76 -46.99 -6.84
N LEU F 127 -53.96 -47.55 -6.65
CA LEU F 127 -54.09 -48.90 -6.10
C LEU F 127 -53.48 -49.94 -7.03
N ALA F 128 -53.71 -49.79 -8.34
CA ALA F 128 -53.12 -50.71 -9.31
C ALA F 128 -51.60 -50.59 -9.33
N LEU F 129 -51.09 -49.37 -9.23
CA LEU F 129 -49.66 -49.16 -9.14
C LEU F 129 -49.09 -49.83 -7.90
N ALA F 130 -49.79 -49.71 -6.77
CA ALA F 130 -49.34 -50.36 -5.54
C ALA F 130 -49.27 -51.87 -5.71
N GLU F 131 -50.32 -52.48 -6.29
CA GLU F 131 -50.30 -53.91 -6.58
C GLU F 131 -49.08 -54.28 -7.40
N ASP F 132 -48.85 -53.57 -8.51
CA ASP F 132 -47.78 -53.95 -9.43
C ASP F 132 -46.40 -53.80 -8.80
N HIS F 133 -46.17 -52.72 -8.04
CA HIS F 133 -44.87 -52.52 -7.42
C HIS F 133 -44.62 -53.56 -6.32
N LEU F 134 -45.61 -53.78 -5.46
CA LEU F 134 -45.44 -54.79 -4.41
C LEU F 134 -45.27 -56.18 -5.00
N ALA F 135 -45.91 -56.46 -6.13
CA ALA F 135 -45.70 -57.75 -6.79
C ALA F 135 -44.28 -57.85 -7.34
N GLY F 136 -43.79 -56.79 -7.96
CA GLY F 136 -42.39 -56.78 -8.36
C GLY F 136 -41.47 -57.10 -7.19
N LYS F 137 -41.68 -56.44 -6.05
CA LYS F 137 -40.74 -56.57 -4.96
C LYS F 137 -40.83 -57.90 -4.23
N PHE F 138 -42.02 -58.49 -4.13
CA PHE F 138 -42.20 -59.66 -3.29
C PHE F 138 -42.49 -60.96 -4.03
N ASN F 139 -43.15 -60.91 -5.18
CA ASN F 139 -43.50 -62.14 -5.89
C ASN F 139 -42.25 -62.88 -6.32
N LYS F 140 -42.22 -64.19 -6.06
CA LYS F 140 -41.13 -65.06 -6.44
C LYS F 140 -41.69 -66.20 -7.30
N GLU F 141 -40.88 -67.23 -7.51
CA GLU F 141 -41.27 -68.35 -8.35
C GLU F 141 -42.22 -69.27 -7.58
N GLY F 142 -43.43 -69.45 -8.11
CA GLY F 142 -44.44 -70.24 -7.44
C GLY F 142 -45.12 -69.57 -6.28
N TYR F 143 -44.74 -68.34 -5.94
CA TYR F 143 -45.33 -67.57 -4.84
C TYR F 143 -45.77 -66.22 -5.38
N ASN F 144 -46.90 -66.18 -6.07
CA ASN F 144 -47.53 -64.88 -6.34
C ASN F 144 -48.26 -64.53 -5.04
N VAL F 145 -47.54 -63.85 -4.16
CA VAL F 145 -48.14 -63.38 -2.91
C VAL F 145 -48.94 -62.11 -3.16
N VAL F 146 -48.68 -61.43 -4.27
CA VAL F 146 -49.46 -60.28 -4.72
C VAL F 146 -50.01 -60.62 -6.11
N ASP F 147 -51.32 -60.64 -6.24
CA ASP F 147 -51.99 -60.88 -7.51
C ASP F 147 -53.48 -60.61 -7.37
N HIS F 148 -53.88 -59.37 -7.60
CA HIS F 148 -55.30 -59.03 -7.55
C HIS F 148 -55.57 -57.88 -8.50
N TYR F 149 -56.83 -57.78 -8.91
CA TYR F 149 -57.26 -56.76 -9.85
C TYR F 149 -57.78 -55.53 -9.12
N THR F 150 -57.92 -54.43 -9.87
CA THR F 150 -58.45 -53.18 -9.36
C THR F 150 -59.56 -52.73 -10.31
N TYR F 151 -60.80 -52.77 -9.82
CA TYR F 151 -61.95 -52.33 -10.59
C TYR F 151 -62.46 -51.00 -10.06
N VAL F 152 -62.94 -50.17 -10.96
CA VAL F 152 -63.57 -48.90 -10.56
C VAL F 152 -64.82 -48.70 -11.41
N LEU F 153 -65.85 -48.12 -10.79
CA LEU F 153 -67.11 -47.79 -11.46
C LEU F 153 -67.13 -46.27 -11.65
N ALA F 154 -67.18 -45.83 -12.89
CA ALA F 154 -67.04 -44.42 -13.23
C ALA F 154 -68.27 -43.91 -13.97
N SER F 155 -68.54 -42.63 -13.80
CA SER F 155 -69.63 -41.91 -14.46
C SER F 155 -69.05 -41.01 -15.55
N ASP F 156 -69.95 -40.30 -16.24
CA ASP F 156 -69.50 -39.37 -17.29
C ASP F 156 -68.68 -38.23 -16.71
N GLY F 157 -69.06 -37.75 -15.51
CA GLY F 157 -68.34 -36.64 -14.90
C GLY F 157 -66.92 -36.99 -14.50
N ASP F 158 -66.69 -38.23 -14.07
CA ASP F 158 -65.33 -38.69 -13.83
C ASP F 158 -64.48 -38.52 -15.10
N LEU F 159 -64.99 -39.01 -16.23
CA LEU F 159 -64.26 -38.93 -17.48
C LEU F 159 -64.16 -37.51 -18.02
N MET F 160 -65.01 -36.60 -17.54
CA MET F 160 -64.86 -35.20 -17.93
C MET F 160 -63.72 -34.51 -17.19
N GLU F 161 -63.42 -34.93 -15.97
CA GLU F 161 -62.40 -34.26 -15.18
C GLU F 161 -61.01 -34.53 -15.74
N GLY F 162 -60.15 -33.52 -15.66
CA GLY F 162 -58.80 -33.64 -16.20
C GLY F 162 -57.95 -34.65 -15.47
N ILE F 163 -58.20 -34.84 -14.17
CA ILE F 163 -57.45 -35.82 -13.41
C ILE F 163 -57.63 -37.21 -14.01
N SER F 164 -58.81 -37.49 -14.57
CA SER F 164 -59.02 -38.75 -15.27
C SER F 164 -58.05 -38.88 -16.44
N HIS F 165 -57.87 -37.81 -17.21
CA HIS F 165 -56.95 -37.83 -18.34
C HIS F 165 -55.52 -38.09 -17.88
N GLU F 166 -55.07 -37.35 -16.86
CA GLU F 166 -53.73 -37.57 -16.33
C GLU F 166 -53.53 -39.01 -15.89
N ALA F 167 -54.46 -39.52 -15.08
CA ALA F 167 -54.31 -40.86 -14.52
C ALA F 167 -54.36 -41.93 -15.59
N ALA F 168 -55.27 -41.79 -16.57
CA ALA F 168 -55.33 -42.77 -17.66
C ALA F 168 -54.07 -42.73 -18.50
N SER F 169 -53.47 -41.55 -18.68
CA SER F 169 -52.20 -41.48 -19.39
C SER F 169 -51.12 -42.23 -18.62
N PHE F 170 -51.01 -41.99 -17.31
CA PHE F 170 -50.03 -42.70 -16.50
C PHE F 170 -50.25 -44.20 -16.51
N ALA F 171 -51.51 -44.63 -16.55
CA ALA F 171 -51.83 -46.06 -16.46
C ALA F 171 -51.61 -46.77 -17.79
N GLY F 172 -51.93 -46.13 -18.91
CA GLY F 172 -51.66 -46.72 -20.20
C GLY F 172 -50.19 -46.72 -20.56
N HIS F 173 -49.44 -45.71 -20.10
CA HIS F 173 -48.00 -45.71 -20.28
C HIS F 173 -47.35 -46.89 -19.59
N ASN F 174 -47.83 -47.24 -18.41
CA ASN F 174 -47.17 -48.19 -17.53
C ASN F 174 -47.82 -49.56 -17.53
N LYS F 175 -48.75 -49.82 -18.46
CA LYS F 175 -49.27 -51.16 -18.71
C LYS F 175 -49.86 -51.78 -17.43
N LEU F 176 -50.76 -51.04 -16.79
CA LEU F 176 -51.44 -51.51 -15.58
C LEU F 176 -52.61 -52.39 -16.00
N SER F 177 -52.28 -53.63 -16.39
CA SER F 177 -53.20 -54.54 -17.06
C SER F 177 -54.33 -55.02 -16.16
N LYS F 178 -54.23 -54.85 -14.85
CA LYS F 178 -55.25 -55.32 -13.92
C LYS F 178 -56.22 -54.23 -13.50
N LEU F 179 -56.16 -53.06 -14.14
CA LEU F 179 -57.08 -51.97 -13.87
C LEU F 179 -58.25 -52.07 -14.85
N VAL F 180 -59.45 -52.28 -14.31
CA VAL F 180 -60.66 -52.41 -15.13
C VAL F 180 -61.65 -51.33 -14.68
N VAL F 181 -61.96 -50.43 -15.60
CA VAL F 181 -62.96 -49.39 -15.37
C VAL F 181 -64.25 -49.82 -16.05
N LEU F 182 -65.36 -49.71 -15.32
CA LEU F 182 -66.70 -49.92 -15.83
C LEU F 182 -67.37 -48.56 -15.88
N TYR F 183 -67.64 -48.09 -17.09
CA TYR F 183 -68.10 -46.72 -17.33
C TYR F 183 -69.60 -46.75 -17.61
N ASP F 184 -70.37 -46.18 -16.69
CA ASP F 184 -71.82 -46.07 -16.84
C ASP F 184 -72.09 -44.87 -17.75
N SER F 185 -72.10 -45.12 -19.06
CA SER F 185 -72.38 -44.09 -20.05
C SER F 185 -73.90 -44.04 -20.26
N ASN F 186 -74.53 -43.04 -19.64
CA ASN F 186 -75.98 -42.85 -19.72
C ASN F 186 -76.36 -41.60 -20.50
N ASP F 187 -75.39 -40.89 -21.09
CA ASP F 187 -75.62 -39.69 -21.89
C ASP F 187 -76.32 -38.58 -21.10
N ILE F 188 -76.16 -38.57 -19.78
CA ILE F 188 -76.89 -37.66 -18.89
C ILE F 188 -75.93 -37.14 -17.82
N SER F 189 -76.04 -35.85 -17.50
CA SER F 189 -75.32 -35.24 -16.38
C SER F 189 -76.35 -34.60 -15.44
N LEU F 190 -75.86 -34.05 -14.30
CA LEU F 190 -76.76 -33.44 -13.33
C LEU F 190 -77.58 -32.31 -13.96
N ASP F 191 -76.98 -31.54 -14.86
CA ASP F 191 -77.60 -30.34 -15.38
C ASP F 191 -78.40 -30.57 -16.66
N GLY F 192 -78.31 -31.76 -17.26
CA GLY F 192 -79.10 -32.03 -18.46
C GLY F 192 -78.46 -33.14 -19.28
N GLU F 193 -78.71 -33.08 -20.59
CA GLU F 193 -78.16 -34.06 -21.50
C GLU F 193 -76.69 -33.76 -21.80
N LEU F 194 -75.93 -34.82 -22.04
CA LEU F 194 -74.49 -34.68 -22.20
C LEU F 194 -74.09 -34.04 -23.52
N ASN F 195 -75.00 -33.99 -24.50
CA ASN F 195 -74.68 -33.30 -25.76
C ASN F 195 -74.58 -31.79 -25.59
N LYS F 196 -74.85 -31.28 -24.38
CA LYS F 196 -74.75 -29.85 -24.12
C LYS F 196 -73.32 -29.40 -23.84
N ALA F 197 -72.46 -30.31 -23.37
CA ALA F 197 -71.08 -29.97 -23.07
C ALA F 197 -70.08 -31.06 -23.44
N PHE F 198 -70.53 -32.24 -23.88
CA PHE F 198 -69.64 -33.38 -24.03
C PHE F 198 -70.00 -34.16 -25.29
N SER F 199 -69.00 -34.39 -26.14
CA SER F 199 -69.19 -35.22 -27.32
C SER F 199 -67.93 -36.03 -27.64
N GLU F 200 -67.09 -36.29 -26.63
CA GLU F 200 -65.83 -36.99 -26.86
C GLU F 200 -66.04 -38.43 -27.31
N ASN F 201 -65.15 -38.90 -28.18
CA ASN F 201 -65.04 -40.32 -28.47
C ASN F 201 -64.13 -40.91 -27.40
N THR F 202 -64.75 -41.50 -26.38
CA THR F 202 -63.99 -42.11 -25.29
C THR F 202 -63.11 -43.24 -25.80
N LYS F 203 -63.63 -44.03 -26.76
CA LYS F 203 -62.85 -45.10 -27.35
C LYS F 203 -61.53 -44.57 -27.92
N ALA F 204 -61.60 -43.56 -28.79
CA ALA F 204 -60.39 -43.01 -29.40
C ALA F 204 -59.45 -42.44 -28.35
N ARG F 205 -60.00 -41.68 -27.40
CA ARG F 205 -59.21 -41.11 -26.31
C ARG F 205 -58.41 -42.19 -25.58
N PHE F 206 -59.12 -43.17 -25.02
CA PHE F 206 -58.45 -44.13 -24.17
C PHE F 206 -57.54 -45.05 -24.97
N GLU F 207 -57.95 -45.43 -26.18
CA GLU F 207 -57.06 -46.23 -27.02
C GLU F 207 -55.81 -45.45 -27.39
N ALA F 208 -55.90 -44.11 -27.45
CA ALA F 208 -54.70 -43.32 -27.60
C ALA F 208 -53.84 -43.33 -26.34
N TYR F 209 -54.48 -43.43 -25.17
CA TYR F 209 -53.70 -43.54 -23.94
C TYR F 209 -52.89 -44.82 -23.87
N GLY F 210 -53.28 -45.85 -24.62
CA GLY F 210 -52.75 -47.18 -24.45
C GLY F 210 -53.71 -48.12 -23.76
N TRP F 211 -54.96 -47.71 -23.58
CA TRP F 211 -55.98 -48.50 -22.92
C TRP F 211 -56.71 -49.38 -23.91
N ASN F 212 -57.41 -50.38 -23.37
CA ASN F 212 -58.24 -51.28 -24.14
C ASN F 212 -59.70 -50.90 -23.95
N TYR F 213 -60.47 -50.93 -25.04
CA TYR F 213 -61.84 -50.44 -25.05
C TYR F 213 -62.79 -51.54 -25.49
N LEU F 214 -63.83 -51.78 -24.70
CA LEU F 214 -64.91 -52.69 -25.05
C LEU F 214 -66.23 -51.96 -24.90
N LEU F 215 -67.19 -52.28 -25.76
CA LEU F 215 -68.50 -51.65 -25.77
C LEU F 215 -69.56 -52.68 -25.39
N VAL F 216 -70.34 -52.37 -24.36
CA VAL F 216 -71.51 -53.15 -23.99
C VAL F 216 -72.72 -52.33 -24.40
N LYS F 217 -73.44 -52.80 -25.41
CA LYS F 217 -74.55 -52.02 -25.94
C LYS F 217 -75.76 -52.02 -25.02
N ASP F 218 -75.96 -53.10 -24.27
CA ASP F 218 -77.10 -53.25 -23.37
C ASP F 218 -76.59 -53.41 -21.94
N GLY F 219 -76.73 -52.36 -21.14
CA GLY F 219 -76.31 -52.38 -19.75
C GLY F 219 -77.10 -53.35 -18.88
N ASN F 220 -78.24 -53.82 -19.34
CA ASN F 220 -79.03 -54.80 -18.59
C ASN F 220 -78.74 -56.23 -19.01
N ASP F 221 -77.89 -56.42 -20.03
CA ASP F 221 -77.53 -57.76 -20.51
C ASP F 221 -76.38 -58.29 -19.67
N LEU F 222 -76.69 -59.19 -18.74
CA LEU F 222 -75.66 -59.70 -17.82
C LEU F 222 -74.59 -60.49 -18.56
N GLU F 223 -74.96 -61.20 -19.63
CA GLU F 223 -74.00 -62.02 -20.35
C GLU F 223 -72.95 -61.16 -21.06
N GLU F 224 -73.39 -60.08 -21.71
CA GLU F 224 -72.46 -59.18 -22.38
C GLU F 224 -71.48 -58.57 -21.37
N ILE F 225 -71.98 -58.11 -20.23
CA ILE F 225 -71.12 -57.55 -19.19
C ILE F 225 -70.09 -58.58 -18.73
N ASP F 226 -70.55 -59.80 -18.45
CA ASP F 226 -69.65 -60.85 -17.99
C ASP F 226 -68.54 -61.11 -19.01
N LYS F 227 -68.93 -61.27 -20.28
CA LYS F 227 -67.96 -61.50 -21.34
C LYS F 227 -66.94 -60.37 -21.42
N ALA F 228 -67.42 -59.12 -21.35
CA ALA F 228 -66.52 -57.98 -21.42
C ALA F 228 -65.54 -57.98 -20.25
N ILE F 229 -66.02 -58.31 -19.05
CA ILE F 229 -65.15 -58.28 -17.87
C ILE F 229 -64.06 -59.34 -17.98
N THR F 230 -64.43 -60.54 -18.44
CA THR F 230 -63.42 -61.58 -18.60
C THR F 230 -62.38 -61.18 -19.63
N THR F 231 -62.82 -60.62 -20.77
CA THR F 231 -61.87 -60.16 -21.78
C THR F 231 -60.97 -59.06 -21.25
N ALA F 232 -61.52 -58.16 -20.42
CA ALA F 232 -60.72 -57.09 -19.84
C ALA F 232 -59.64 -57.64 -18.93
N LYS F 233 -59.98 -58.66 -18.14
CA LYS F 233 -58.97 -59.32 -17.32
C LYS F 233 -57.92 -60.04 -18.18
N SER F 234 -58.32 -60.53 -19.35
CA SER F 234 -57.38 -61.28 -20.19
C SER F 234 -56.35 -60.39 -20.88
N GLN F 235 -56.61 -59.09 -21.01
CA GLN F 235 -55.78 -58.22 -21.83
C GLN F 235 -54.59 -57.67 -21.04
N GLU F 236 -53.56 -57.27 -21.79
CA GLU F 236 -52.30 -56.82 -21.21
C GLU F 236 -52.18 -55.29 -21.18
N GLY F 237 -53.30 -54.60 -20.97
CA GLY F 237 -53.28 -53.19 -20.67
C GLY F 237 -54.42 -52.84 -19.74
N PRO F 238 -54.46 -51.59 -19.27
CA PRO F 238 -55.69 -51.12 -18.60
C PRO F 238 -56.84 -51.13 -19.59
N THR F 239 -58.02 -51.50 -19.10
CA THR F 239 -59.18 -51.69 -19.96
C THR F 239 -60.37 -50.94 -19.38
N ILE F 240 -61.08 -50.22 -20.25
CA ILE F 240 -62.31 -49.55 -19.88
C ILE F 240 -63.45 -50.20 -20.67
N ILE F 241 -64.50 -50.60 -19.96
CA ILE F 241 -65.71 -51.14 -20.57
C ILE F 241 -66.76 -50.06 -20.52
N GLU F 242 -67.13 -49.52 -21.68
CA GLU F 242 -68.23 -48.58 -21.74
C GLU F 242 -69.53 -49.38 -21.75
N VAL F 243 -70.31 -49.24 -20.68
CA VAL F 243 -71.60 -49.90 -20.56
C VAL F 243 -72.67 -48.87 -20.87
N LYS F 244 -73.46 -49.12 -21.92
CA LYS F 244 -74.48 -48.20 -22.37
C LYS F 244 -75.76 -48.45 -21.58
N THR F 245 -76.08 -47.54 -20.68
CA THR F 245 -77.23 -47.69 -19.80
C THR F 245 -78.19 -46.52 -20.00
N THR F 246 -79.38 -46.68 -19.45
CA THR F 246 -80.35 -45.60 -19.34
C THR F 246 -80.45 -45.22 -17.87
N ILE F 247 -80.16 -43.95 -17.56
CA ILE F 247 -80.21 -43.49 -16.18
C ILE F 247 -81.64 -43.58 -15.66
N GLY F 248 -81.78 -44.03 -14.42
CA GLY F 248 -83.11 -44.20 -13.86
C GLY F 248 -83.94 -45.23 -14.58
N PHE F 249 -83.30 -46.25 -15.15
CA PHE F 249 -84.01 -47.29 -15.87
C PHE F 249 -85.11 -47.90 -15.00
N GLY F 250 -86.31 -48.04 -15.57
CA GLY F 250 -87.46 -48.58 -14.89
C GLY F 250 -88.50 -47.55 -14.53
N SER F 251 -88.09 -46.30 -14.33
CA SER F 251 -89.04 -45.22 -14.08
C SER F 251 -89.79 -44.90 -15.37
N PRO F 252 -91.13 -44.90 -15.34
CA PRO F 252 -91.88 -44.50 -16.54
C PRO F 252 -91.66 -43.05 -16.95
N ASN F 253 -91.66 -42.12 -15.99
CA ASN F 253 -91.73 -40.70 -16.30
C ASN F 253 -90.48 -39.90 -15.96
N LYS F 254 -89.46 -40.53 -15.37
CA LYS F 254 -88.21 -39.83 -15.11
C LYS F 254 -86.98 -40.51 -15.69
N ALA F 255 -87.12 -41.61 -16.41
CA ALA F 255 -85.97 -42.31 -16.96
C ALA F 255 -85.39 -41.53 -18.14
N GLY F 256 -84.07 -41.61 -18.29
CA GLY F 256 -83.39 -40.85 -19.32
C GLY F 256 -83.45 -39.35 -19.14
N THR F 257 -83.71 -38.86 -17.93
CA THR F 257 -83.82 -37.44 -17.65
C THR F 257 -82.76 -37.05 -16.61
N ASN F 258 -82.56 -35.75 -16.45
CA ASN F 258 -81.66 -35.28 -15.41
C ASN F 258 -82.32 -35.26 -14.04
N GLY F 259 -83.65 -35.33 -13.99
CA GLY F 259 -84.34 -35.25 -12.71
C GLY F 259 -84.09 -36.47 -11.83
N VAL F 260 -83.83 -37.62 -12.43
CA VAL F 260 -83.60 -38.84 -11.66
C VAL F 260 -82.18 -38.89 -11.11
N HIS F 261 -81.32 -37.97 -11.52
CA HIS F 261 -79.92 -38.02 -11.08
C HIS F 261 -79.80 -37.86 -9.58
N GLY F 262 -80.24 -36.72 -9.05
CA GLY F 262 -80.03 -36.42 -7.65
C GLY F 262 -81.29 -36.03 -6.90
N ALA F 263 -82.43 -36.56 -7.35
CA ALA F 263 -83.68 -36.33 -6.67
C ALA F 263 -84.35 -37.65 -6.36
N PRO F 264 -84.90 -37.82 -5.17
CA PRO F 264 -85.67 -39.03 -4.87
C PRO F 264 -86.83 -39.21 -5.85
N LEU F 265 -87.13 -40.46 -6.14
CA LEU F 265 -88.17 -40.77 -7.13
C LEU F 265 -89.52 -40.22 -6.71
N GLY F 266 -89.85 -40.30 -5.41
CA GLY F 266 -91.20 -40.05 -4.95
C GLY F 266 -92.02 -41.32 -4.92
N GLU F 267 -93.11 -41.27 -4.16
CA GLU F 267 -93.90 -42.48 -3.91
C GLU F 267 -94.64 -42.94 -5.16
N VAL F 268 -95.22 -42.01 -5.91
CA VAL F 268 -95.96 -42.35 -7.13
C VAL F 268 -95.03 -43.01 -8.14
N GLU F 269 -93.92 -42.34 -8.44
CA GLU F 269 -92.94 -42.90 -9.37
C GLU F 269 -92.35 -44.20 -8.84
N ARG F 270 -92.13 -44.28 -7.53
CA ARG F 270 -91.63 -45.52 -6.94
C ARG F 270 -92.60 -46.67 -7.20
N LYS F 271 -93.89 -46.43 -7.01
CA LYS F 271 -94.88 -47.46 -7.29
C LYS F 271 -94.77 -47.92 -8.74
N LEU F 272 -94.89 -46.98 -9.68
CA LEU F 272 -94.85 -47.36 -11.10
C LEU F 272 -93.57 -48.12 -11.44
N THR F 273 -92.43 -47.68 -10.90
CA THR F 273 -91.16 -48.33 -11.20
C THR F 273 -91.13 -49.75 -10.64
N PHE F 274 -91.63 -49.94 -9.42
CA PHE F 274 -91.66 -51.28 -8.83
C PHE F 274 -92.53 -52.21 -9.65
N GLU F 275 -93.68 -51.71 -10.13
CA GLU F 275 -94.52 -52.53 -11.01
C GLU F 275 -93.79 -52.89 -12.29
N ASN F 276 -92.99 -51.96 -12.82
CA ASN F 276 -92.17 -52.29 -13.98
C ASN F 276 -91.17 -53.39 -13.66
N TYR F 277 -90.53 -53.31 -12.48
CA TYR F 277 -89.58 -54.33 -12.04
C TYR F 277 -90.23 -55.67 -11.72
N GLY F 278 -91.55 -55.71 -11.58
CA GLY F 278 -92.22 -56.93 -11.17
C GLY F 278 -92.18 -57.21 -9.69
N LEU F 279 -91.96 -56.20 -8.86
CA LEU F 279 -91.90 -56.36 -7.41
C LEU F 279 -93.16 -55.77 -6.77
N ASP F 280 -93.28 -56.00 -5.45
CA ASP F 280 -94.44 -55.54 -4.71
C ASP F 280 -94.20 -54.13 -4.16
N PRO F 281 -94.99 -53.13 -4.55
CA PRO F 281 -94.75 -51.77 -4.04
C PRO F 281 -95.04 -51.61 -2.56
N GLU F 282 -95.86 -52.48 -1.95
CA GLU F 282 -96.24 -52.30 -0.57
C GLU F 282 -95.13 -52.67 0.41
N LYS F 283 -94.30 -53.65 0.05
CA LYS F 283 -93.16 -54.00 0.90
C LYS F 283 -92.00 -53.05 0.65
N ARG F 284 -91.46 -52.48 1.72
CA ARG F 284 -90.28 -51.64 1.66
C ARG F 284 -89.09 -52.39 2.24
N PHE F 285 -87.91 -52.10 1.70
CA PHE F 285 -86.65 -52.66 2.18
C PHE F 285 -86.72 -54.19 2.24
N ASN F 286 -87.17 -54.78 1.15
CA ASN F 286 -87.35 -56.22 1.05
C ASN F 286 -86.20 -56.84 0.25
N VAL F 287 -85.57 -57.86 0.83
CA VAL F 287 -84.63 -58.71 0.12
C VAL F 287 -85.05 -60.15 0.34
N SER F 288 -85.36 -60.85 -0.75
CA SER F 288 -85.68 -62.27 -0.66
C SER F 288 -84.48 -63.06 -0.12
N GLU F 289 -84.77 -64.22 0.47
CA GLU F 289 -83.70 -65.09 0.94
C GLU F 289 -82.84 -65.61 -0.21
N GLU F 290 -83.43 -65.72 -1.40
CA GLU F 290 -82.70 -66.24 -2.54
C GLU F 290 -81.60 -65.30 -3.00
N VAL F 291 -81.82 -63.98 -2.87
CA VAL F 291 -80.77 -63.02 -3.20
C VAL F 291 -79.58 -63.16 -2.25
N TYR F 292 -79.88 -63.26 -0.94
CA TYR F 292 -78.84 -63.51 0.04
C TYR F 292 -78.05 -64.77 -0.30
N GLU F 293 -78.75 -65.86 -0.61
CA GLU F 293 -78.02 -67.11 -0.87
C GLU F 293 -77.30 -67.07 -2.21
N ILE F 294 -77.79 -66.29 -3.16
CA ILE F 294 -77.08 -66.07 -4.42
C ILE F 294 -75.73 -65.42 -4.14
N PHE F 295 -75.73 -64.38 -3.30
CA PHE F 295 -74.45 -63.77 -2.92
C PHE F 295 -73.62 -64.69 -2.04
N GLN F 296 -74.28 -65.55 -1.26
CA GLN F 296 -73.56 -66.40 -0.32
C GLN F 296 -72.77 -67.48 -1.04
N ASN F 297 -73.33 -68.06 -2.10
CA ASN F 297 -72.67 -69.15 -2.80
C ASN F 297 -71.72 -68.68 -3.89
N THR F 298 -71.79 -67.42 -4.29
CA THR F 298 -70.89 -66.91 -5.34
C THR F 298 -69.73 -66.13 -4.74
N MET F 299 -70.00 -64.91 -4.28
CA MET F 299 -68.92 -64.01 -3.92
C MET F 299 -68.27 -64.40 -2.59
N LEU F 300 -69.07 -64.72 -1.57
CA LEU F 300 -68.50 -65.01 -0.26
C LEU F 300 -67.76 -66.34 -0.25
N LYS F 301 -68.34 -67.37 -0.87
CA LYS F 301 -67.69 -68.67 -0.93
C LYS F 301 -66.38 -68.60 -1.71
N ARG F 302 -66.43 -67.99 -2.90
CA ARG F 302 -65.22 -67.83 -3.72
C ARG F 302 -64.18 -67.00 -2.98
N ALA F 303 -64.61 -65.98 -2.24
CA ALA F 303 -63.68 -65.14 -1.50
C ALA F 303 -63.00 -65.91 -0.38
N ASN F 304 -63.77 -66.70 0.37
CA ASN F 304 -63.18 -67.49 1.44
C ASN F 304 -62.18 -68.50 0.89
N GLU F 305 -62.50 -69.13 -0.25
CA GLU F 305 -61.56 -70.06 -0.86
C GLU F 305 -60.29 -69.34 -1.29
N ASP F 306 -60.43 -68.19 -1.94
CA ASP F 306 -59.29 -67.38 -2.36
C ASP F 306 -58.40 -67.04 -1.17
N GLU F 307 -59.00 -66.61 -0.06
CA GLU F 307 -58.22 -66.16 1.09
C GLU F 307 -57.51 -67.32 1.79
N SER F 308 -58.19 -68.46 1.92
CA SER F 308 -57.53 -69.60 2.55
C SER F 308 -56.35 -70.08 1.72
N GLN F 309 -56.55 -70.20 0.40
CA GLN F 309 -55.44 -70.57 -0.48
C GLN F 309 -54.30 -69.57 -0.36
N TRP F 310 -54.62 -68.28 -0.27
CA TRP F 310 -53.59 -67.26 -0.16
C TRP F 310 -52.81 -67.39 1.14
N ASN F 311 -53.49 -67.67 2.25
CA ASN F 311 -52.80 -67.80 3.53
C ASN F 311 -51.87 -69.01 3.52
N SER F 312 -52.31 -70.11 2.91
CA SER F 312 -51.43 -71.26 2.76
C SER F 312 -50.18 -70.91 1.94
N LEU F 313 -50.37 -70.19 0.84
CA LEU F 313 -49.24 -69.78 0.02
C LEU F 313 -48.28 -68.89 0.82
N LEU F 314 -48.82 -68.03 1.68
CA LEU F 314 -47.96 -67.18 2.51
C LEU F 314 -47.16 -67.98 3.51
N GLU F 315 -47.77 -69.03 4.08
CA GLU F 315 -47.04 -69.91 4.99
C GLU F 315 -45.86 -70.58 4.30
N LYS F 316 -46.11 -71.19 3.13
CA LYS F 316 -45.04 -71.84 2.39
C LYS F 316 -43.95 -70.84 1.98
N TYR F 317 -44.38 -69.64 1.57
CA TYR F 317 -43.46 -68.55 1.26
C TYR F 317 -42.58 -68.21 2.45
N ALA F 318 -43.18 -68.16 3.65
CA ALA F 318 -42.40 -67.92 4.86
C ALA F 318 -41.36 -69.01 5.08
N GLU F 319 -41.73 -70.25 4.76
CA GLU F 319 -40.75 -71.33 4.86
C GLU F 319 -39.58 -71.14 3.89
N THR F 320 -39.88 -70.77 2.64
CA THR F 320 -38.84 -70.69 1.61
C THR F 320 -38.06 -69.37 1.62
N TYR F 321 -38.73 -68.24 1.85
CA TYR F 321 -38.13 -66.92 1.82
C TYR F 321 -38.42 -66.23 3.15
N PRO F 322 -37.72 -66.60 4.21
CA PRO F 322 -38.11 -66.14 5.56
C PRO F 322 -38.05 -64.63 5.74
N GLU F 323 -36.89 -64.04 5.43
CA GLU F 323 -36.72 -62.61 5.64
C GLU F 323 -37.65 -61.79 4.75
N LEU F 324 -37.86 -62.24 3.52
CA LEU F 324 -38.82 -61.59 2.65
C LEU F 324 -40.24 -61.66 3.22
N ALA F 325 -40.58 -62.78 3.85
CA ALA F 325 -41.91 -62.92 4.45
C ALA F 325 -42.07 -61.99 5.64
N GLU F 326 -41.04 -61.85 6.48
CA GLU F 326 -41.14 -60.93 7.61
C GLU F 326 -41.22 -59.48 7.12
N GLU F 327 -40.42 -59.13 6.12
CA GLU F 327 -40.51 -57.80 5.52
C GLU F 327 -41.91 -57.54 4.97
N PHE F 328 -42.49 -58.55 4.30
CA PHE F 328 -43.85 -58.44 3.78
C PHE F 328 -44.84 -58.16 4.91
N LYS F 329 -44.85 -59.03 5.92
CA LYS F 329 -45.76 -58.87 7.05
C LYS F 329 -45.62 -57.49 7.67
N LEU F 330 -44.38 -57.00 7.80
CA LEU F 330 -44.18 -55.68 8.39
C LEU F 330 -44.76 -54.58 7.51
N ALA F 331 -44.57 -54.67 6.19
CA ALA F 331 -45.17 -53.70 5.29
C ALA F 331 -46.70 -53.70 5.40
N ILE F 332 -47.31 -54.89 5.45
CA ILE F 332 -48.75 -54.97 5.66
C ILE F 332 -49.16 -54.32 6.97
N SER F 333 -48.37 -54.49 8.03
CA SER F 333 -48.64 -53.85 9.31
C SER F 333 -48.48 -52.33 9.27
N GLY F 334 -47.87 -51.78 8.22
CA GLY F 334 -47.63 -50.36 8.14
C GLY F 334 -46.67 -49.82 9.17
N LYS F 335 -45.89 -50.70 9.79
CA LYS F 335 -44.98 -50.33 10.87
C LYS F 335 -43.58 -50.11 10.31
N LEU F 336 -42.89 -49.12 10.86
CA LEU F 336 -41.52 -48.86 10.46
C LEU F 336 -40.57 -49.81 11.18
N PRO F 337 -39.47 -50.21 10.54
CA PRO F 337 -38.50 -51.07 11.20
C PRO F 337 -37.95 -50.40 12.45
N LYS F 338 -37.58 -51.22 13.43
CA LYS F 338 -36.98 -50.69 14.64
C LYS F 338 -35.59 -50.12 14.34
N ASN F 339 -35.32 -48.93 14.90
CA ASN F 339 -34.04 -48.24 14.76
C ASN F 339 -33.74 -47.90 13.30
N TYR F 340 -34.78 -47.61 12.52
CA TYR F 340 -34.58 -47.09 11.19
C TYR F 340 -33.96 -45.70 11.22
N LYS F 341 -34.25 -44.94 12.28
CA LYS F 341 -33.80 -43.55 12.40
C LYS F 341 -32.31 -43.41 12.61
N ASP F 342 -31.59 -44.51 12.81
CA ASP F 342 -30.18 -44.42 13.18
C ASP F 342 -29.32 -44.02 11.99
N GLU F 343 -29.62 -44.55 10.80
CA GLU F 343 -28.87 -44.17 9.62
C GLU F 343 -29.27 -42.80 9.07
N LEU F 344 -30.36 -42.23 9.55
CA LEU F 344 -30.80 -40.94 9.06
C LEU F 344 -29.72 -39.89 9.32
N PRO F 345 -29.42 -39.03 8.35
CA PRO F 345 -28.25 -38.15 8.47
C PRO F 345 -28.41 -37.13 9.60
N ARG F 346 -27.26 -36.67 10.08
CA ARG F 346 -27.18 -35.59 11.04
C ARG F 346 -26.21 -34.54 10.48
N PHE F 347 -26.51 -33.27 10.76
CA PHE F 347 -25.80 -32.15 10.14
C PHE F 347 -25.15 -31.29 11.20
N GLU F 348 -23.91 -30.87 10.93
CA GLU F 348 -23.07 -30.23 11.93
C GLU F 348 -23.21 -28.71 11.91
N LEU F 349 -22.73 -28.08 12.98
CA LEU F 349 -22.61 -26.63 13.00
C LEU F 349 -21.67 -26.17 11.91
N GLY F 350 -22.05 -25.10 11.22
CA GLY F 350 -21.33 -24.61 10.07
C GLY F 350 -21.87 -25.10 8.75
N HIS F 351 -22.65 -26.18 8.76
CA HIS F 351 -23.29 -26.67 7.55
C HIS F 351 -24.33 -25.68 7.06
N ASN F 352 -24.35 -25.45 5.73
CA ASN F 352 -25.20 -24.45 5.09
C ASN F 352 -25.99 -25.12 3.96
N GLY F 353 -26.99 -25.92 4.32
CA GLY F 353 -27.67 -26.75 3.35
C GLY F 353 -29.14 -26.46 3.17
N ALA F 354 -29.57 -26.33 1.91
CA ALA F 354 -30.97 -26.12 1.60
C ALA F 354 -31.82 -27.32 2.03
N SER F 355 -33.08 -27.03 2.37
CA SER F 355 -33.97 -28.06 2.91
C SER F 355 -34.20 -29.19 1.92
N ARG F 356 -34.30 -28.86 0.63
CA ARG F 356 -34.50 -29.90 -0.39
C ARG F 356 -33.32 -30.86 -0.44
N ALA F 357 -32.09 -30.35 -0.27
CA ALA F 357 -30.91 -31.19 -0.39
C ALA F 357 -30.76 -32.10 0.83
N ASP F 358 -30.90 -31.52 2.02
CA ASP F 358 -30.85 -32.34 3.24
C ASP F 358 -31.97 -33.37 3.22
N SER F 359 -33.14 -32.98 2.70
CA SER F 359 -34.22 -33.93 2.51
C SER F 359 -33.82 -35.07 1.58
N GLY F 360 -33.13 -34.75 0.49
CA GLY F 360 -32.67 -35.81 -0.41
C GLY F 360 -31.71 -36.77 0.25
N THR F 361 -30.83 -36.24 1.11
CA THR F 361 -29.97 -37.10 1.91
C THR F 361 -30.79 -38.05 2.78
N VAL F 362 -31.75 -37.49 3.52
CA VAL F 362 -32.63 -38.30 4.36
C VAL F 362 -33.35 -39.35 3.52
N ILE F 363 -33.69 -39.00 2.27
CA ILE F 363 -34.47 -39.90 1.42
C ILE F 363 -33.64 -41.08 0.97
N GLN F 364 -32.38 -40.83 0.56
CA GLN F 364 -31.45 -41.92 0.33
C GLN F 364 -31.41 -42.85 1.53
N ALA F 365 -31.24 -42.27 2.72
CA ALA F 365 -31.18 -43.08 3.94
C ALA F 365 -32.44 -43.92 4.12
N ILE F 366 -33.61 -43.30 3.98
CA ILE F 366 -34.87 -43.99 4.24
C ILE F 366 -35.07 -45.14 3.27
N SER F 367 -34.77 -44.92 1.99
CA SER F 367 -34.89 -46.03 1.03
C SER F 367 -33.91 -47.13 1.36
N LYS F 368 -32.76 -46.79 1.96
CA LYS F 368 -31.83 -47.85 2.37
C LYS F 368 -32.37 -48.63 3.57
N THR F 369 -33.03 -47.96 4.52
CA THR F 369 -33.41 -48.59 5.78
C THR F 369 -34.90 -48.86 5.94
N VAL F 370 -35.76 -48.24 5.13
CA VAL F 370 -37.20 -48.47 5.21
C VAL F 370 -37.63 -49.12 3.91
N PRO F 371 -37.96 -50.42 3.90
CA PRO F 371 -38.21 -51.12 2.64
C PRO F 371 -39.54 -50.80 2.00
N SER F 372 -40.45 -50.12 2.68
CA SER F 372 -41.76 -49.81 2.14
C SER F 372 -41.82 -48.44 1.45
N PHE F 373 -40.68 -47.78 1.30
CA PHE F 373 -40.66 -46.46 0.67
C PHE F 373 -40.91 -46.59 -0.83
N PHE F 374 -41.76 -45.71 -1.37
CA PHE F 374 -42.15 -45.74 -2.77
C PHE F 374 -42.73 -44.38 -3.13
N GLY F 375 -42.30 -43.82 -4.26
CA GLY F 375 -42.82 -42.52 -4.65
C GLY F 375 -41.92 -41.87 -5.69
N GLY F 376 -42.12 -40.56 -5.85
CA GLY F 376 -41.43 -39.83 -6.90
C GLY F 376 -42.00 -38.44 -7.05
N SER F 377 -41.70 -37.82 -8.18
CA SER F 377 -42.07 -36.42 -8.42
C SER F 377 -42.78 -36.27 -9.74
N ALA F 378 -43.40 -35.09 -9.91
CA ALA F 378 -44.12 -34.73 -11.13
C ALA F 378 -43.18 -33.95 -12.04
N ASP F 379 -42.29 -34.69 -12.71
CA ASP F 379 -41.26 -34.11 -13.59
C ASP F 379 -40.45 -33.03 -12.87
N LEU F 380 -40.12 -33.29 -11.59
CA LEU F 380 -39.42 -32.29 -10.80
C LEU F 380 -38.39 -32.91 -9.87
N ALA F 381 -37.92 -34.13 -10.15
CA ALA F 381 -37.01 -34.81 -9.24
C ALA F 381 -35.70 -34.06 -9.08
N GLY F 382 -35.17 -33.50 -10.17
CA GLY F 382 -33.91 -32.79 -10.08
C GLY F 382 -33.98 -31.58 -9.17
N SER F 383 -35.03 -30.76 -9.34
CA SER F 383 -35.18 -29.59 -8.49
C SER F 383 -35.69 -29.97 -7.11
N ASN F 384 -36.52 -31.00 -7.01
CA ASN F 384 -37.08 -31.39 -5.72
C ASN F 384 -36.12 -32.24 -4.89
N LYS F 385 -35.11 -32.85 -5.53
CA LYS F 385 -34.20 -33.77 -4.86
C LYS F 385 -34.97 -34.94 -4.23
N SER F 386 -35.91 -35.48 -5.00
CA SER F 386 -36.75 -36.59 -4.57
C SER F 386 -36.25 -37.95 -5.05
N ASN F 387 -35.29 -37.98 -5.97
CA ASN F 387 -34.81 -39.25 -6.51
C ASN F 387 -34.01 -40.01 -5.46
N VAL F 388 -34.12 -41.33 -5.52
CA VAL F 388 -33.22 -42.23 -4.81
C VAL F 388 -32.18 -42.68 -5.81
N ASN F 389 -30.93 -42.26 -5.61
CA ASN F 389 -29.89 -42.48 -6.62
C ASN F 389 -29.55 -43.95 -6.77
N ASP F 390 -29.53 -44.70 -5.66
CA ASP F 390 -29.21 -46.12 -5.69
C ASP F 390 -30.47 -46.97 -5.86
N ALA F 391 -31.18 -46.71 -6.95
CA ALA F 391 -32.40 -47.45 -7.24
C ALA F 391 -32.79 -47.20 -8.69
N THR F 392 -33.53 -48.16 -9.25
CA THR F 392 -34.00 -48.06 -10.62
C THR F 392 -35.33 -47.30 -10.65
N ASP F 393 -35.82 -47.07 -11.86
CA ASP F 393 -37.09 -46.37 -12.05
C ASP F 393 -38.22 -47.40 -12.19
N TYR F 394 -39.40 -47.05 -11.66
CA TYR F 394 -40.56 -47.86 -11.92
C TYR F 394 -40.95 -47.74 -13.40
N SER F 395 -41.24 -48.88 -14.02
CA SER F 395 -41.72 -48.94 -15.39
C SER F 395 -42.60 -50.18 -15.52
N SER F 396 -43.13 -50.39 -16.72
CA SER F 396 -43.84 -51.64 -16.99
C SER F 396 -42.89 -52.82 -16.92
N GLU F 397 -41.65 -52.64 -17.41
CA GLU F 397 -40.72 -53.75 -17.52
C GLU F 397 -40.06 -54.10 -16.20
N THR F 398 -39.83 -53.11 -15.33
CA THR F 398 -39.23 -53.34 -14.01
C THR F 398 -40.14 -52.71 -12.95
N PRO F 399 -41.22 -53.39 -12.58
CA PRO F 399 -42.08 -52.88 -11.50
C PRO F 399 -41.40 -52.86 -10.14
N GLU F 400 -40.21 -53.48 -10.01
CA GLU F 400 -39.45 -53.45 -8.76
C GLU F 400 -38.85 -52.09 -8.47
N GLY F 401 -38.72 -51.23 -9.48
CA GLY F 401 -38.06 -49.95 -9.28
C GLY F 401 -38.84 -49.04 -8.34
N LYS F 402 -38.10 -48.21 -7.60
CA LYS F 402 -38.67 -47.42 -6.53
C LYS F 402 -38.81 -45.94 -6.88
N ASN F 403 -38.35 -45.51 -8.04
CA ASN F 403 -38.47 -44.12 -8.48
C ASN F 403 -39.63 -44.02 -9.47
N VAL F 404 -40.62 -43.20 -9.15
CA VAL F 404 -41.81 -43.02 -9.98
C VAL F 404 -41.71 -41.68 -10.69
N TRP F 405 -41.77 -41.72 -12.01
CA TRP F 405 -41.91 -40.53 -12.83
C TRP F 405 -43.40 -40.35 -13.10
N PHE F 406 -44.00 -39.36 -12.43
CA PHE F 406 -45.42 -39.07 -12.63
C PHE F 406 -45.70 -38.23 -13.87
N GLY F 407 -44.71 -37.48 -14.37
CA GLY F 407 -44.94 -36.50 -15.40
C GLY F 407 -45.57 -35.25 -14.81
N VAL F 408 -45.80 -34.25 -15.68
CA VAL F 408 -46.47 -33.02 -15.27
C VAL F 408 -47.94 -33.33 -15.01
N ARG F 409 -48.22 -34.05 -13.90
CA ARG F 409 -49.56 -34.53 -13.54
C ARG F 409 -49.71 -34.45 -12.01
N GLU F 410 -49.78 -33.23 -11.47
CA GLU F 410 -49.76 -33.06 -10.02
C GLU F 410 -51.00 -33.66 -9.36
N PHE F 411 -52.18 -33.40 -9.93
CA PHE F 411 -53.42 -33.91 -9.34
C PHE F 411 -53.43 -35.43 -9.29
N ALA F 412 -53.22 -36.08 -10.44
CA ALA F 412 -53.20 -37.52 -10.47
C ALA F 412 -52.09 -38.08 -9.59
N MET F 413 -50.98 -37.36 -9.45
CA MET F 413 -49.93 -37.78 -8.54
C MET F 413 -50.45 -37.86 -7.11
N GLY F 414 -51.07 -36.78 -6.63
CA GLY F 414 -51.61 -36.79 -5.28
C GLY F 414 -52.65 -37.90 -5.08
N ALA F 415 -53.50 -38.10 -6.08
CA ALA F 415 -54.51 -39.14 -5.98
C ALA F 415 -53.89 -40.53 -5.97
N ALA F 416 -52.82 -40.75 -6.75
CA ALA F 416 -52.16 -42.04 -6.77
C ALA F 416 -51.42 -42.31 -5.46
N VAL F 417 -50.80 -41.27 -4.90
CA VAL F 417 -50.16 -41.40 -3.59
C VAL F 417 -51.20 -41.79 -2.55
N ASN F 418 -52.37 -41.16 -2.60
CA ASN F 418 -53.45 -41.52 -1.67
C ASN F 418 -53.89 -42.96 -1.86
N GLY F 419 -54.08 -43.39 -3.11
CA GLY F 419 -54.50 -44.76 -3.37
C GLY F 419 -53.48 -45.78 -2.90
N MET F 420 -52.19 -45.47 -3.08
CA MET F 420 -51.14 -46.35 -2.57
C MET F 420 -51.18 -46.43 -1.05
N ALA F 421 -51.37 -45.30 -0.38
CA ALA F 421 -51.52 -45.36 1.07
C ALA F 421 -52.74 -46.19 1.47
N ALA F 422 -53.81 -46.13 0.68
CA ALA F 422 -55.01 -46.91 1.00
C ALA F 422 -54.81 -48.40 0.74
N HIS F 423 -53.98 -48.76 -0.24
CA HIS F 423 -53.78 -50.18 -0.55
C HIS F 423 -53.15 -50.92 0.62
N GLY F 424 -52.21 -50.28 1.31
CA GLY F 424 -51.43 -50.90 2.35
C GLY F 424 -50.12 -51.45 1.82
N GLY F 425 -49.17 -51.64 2.73
CA GLY F 425 -47.87 -52.19 2.39
C GLY F 425 -46.83 -51.20 1.97
N LEU F 426 -47.14 -49.90 1.96
CA LEU F 426 -46.22 -48.89 1.45
C LEU F 426 -46.36 -47.61 2.26
N HIS F 427 -45.27 -46.84 2.27
CA HIS F 427 -45.23 -45.48 2.79
C HIS F 427 -44.98 -44.53 1.61
N PRO F 428 -46.03 -43.93 1.04
CA PRO F 428 -45.88 -43.21 -0.22
C PRO F 428 -45.56 -41.72 -0.07
N TYR F 429 -44.97 -41.17 -1.14
CA TYR F 429 -44.60 -39.76 -1.18
C TYR F 429 -44.69 -39.23 -2.60
N GLY F 430 -45.13 -37.99 -2.73
CA GLY F 430 -45.11 -37.31 -4.01
C GLY F 430 -44.45 -35.94 -3.84
N ALA F 431 -43.89 -35.46 -4.95
CA ALA F 431 -43.05 -34.25 -4.88
C ALA F 431 -43.35 -33.32 -6.06
N THR F 432 -43.55 -32.05 -5.75
CA THR F 432 -43.70 -31.00 -6.76
C THR F 432 -43.33 -29.67 -6.13
N PHE F 433 -43.38 -28.62 -6.94
CA PHE F 433 -43.16 -27.27 -6.43
C PHE F 433 -44.32 -26.85 -5.53
N PHE F 434 -44.00 -26.09 -4.48
CA PHE F 434 -45.01 -25.70 -3.51
C PHE F 434 -46.12 -24.88 -4.15
N VAL F 435 -45.78 -23.97 -5.07
CA VAL F 435 -46.78 -23.12 -5.71
C VAL F 435 -47.78 -23.96 -6.49
N PHE F 436 -47.36 -25.13 -6.96
CA PHE F 436 -48.23 -26.03 -7.72
C PHE F 436 -48.86 -27.09 -6.84
N SER F 437 -48.69 -26.98 -5.52
CA SER F 437 -49.53 -27.72 -4.60
C SER F 437 -51.01 -27.39 -4.81
N ASP F 438 -51.29 -26.18 -5.31
CA ASP F 438 -52.65 -25.81 -5.68
C ASP F 438 -53.24 -26.79 -6.68
N TYR F 439 -52.40 -27.37 -7.54
CA TYR F 439 -52.88 -28.35 -8.51
C TYR F 439 -53.38 -29.64 -7.86
N LEU F 440 -52.94 -29.93 -6.62
CA LEU F 440 -53.33 -31.14 -5.93
C LEU F 440 -54.01 -30.86 -4.60
N LYS F 441 -54.55 -29.65 -4.42
CA LYS F 441 -55.25 -29.35 -3.19
C LYS F 441 -56.47 -30.24 -2.95
N PRO F 442 -57.30 -30.60 -3.94
CA PRO F 442 -58.42 -31.50 -3.63
C PRO F 442 -57.95 -32.84 -3.08
N ALA F 443 -57.03 -33.51 -3.77
CA ALA F 443 -56.48 -34.77 -3.28
C ALA F 443 -56.00 -34.64 -1.84
N LEU F 444 -55.16 -33.63 -1.57
CA LEU F 444 -54.71 -33.34 -0.22
C LEU F 444 -55.88 -33.41 0.77
N ARG F 445 -56.94 -32.64 0.50
CA ARG F 445 -58.09 -32.62 1.40
C ARG F 445 -58.59 -34.04 1.66
N LEU F 446 -58.84 -34.81 0.60
CA LEU F 446 -59.32 -36.17 0.78
C LEU F 446 -58.36 -37.00 1.62
N SER F 447 -57.05 -36.81 1.39
CA SER F 447 -56.06 -37.50 2.20
C SER F 447 -56.29 -37.24 3.69
N SER F 448 -56.44 -35.96 4.05
CA SER F 448 -56.69 -35.62 5.45
C SER F 448 -57.98 -36.24 5.96
N ILE F 449 -58.99 -36.36 5.10
CA ILE F 449 -60.24 -36.95 5.55
C ILE F 449 -60.08 -38.44 5.76
N MET F 450 -59.22 -39.08 4.97
CA MET F 450 -59.10 -40.53 5.03
C MET F 450 -58.06 -41.00 6.03
N GLY F 451 -57.28 -40.08 6.60
CA GLY F 451 -56.26 -40.43 7.58
C GLY F 451 -55.16 -41.28 6.99
N LEU F 452 -54.75 -41.00 5.76
CA LEU F 452 -53.76 -41.82 5.10
C LEU F 452 -52.35 -41.34 5.47
N ASN F 453 -51.43 -42.30 5.51
CA ASN F 453 -50.03 -41.99 5.78
C ASN F 453 -49.28 -41.63 4.49
N ALA F 454 -49.80 -40.63 3.82
CA ALA F 454 -49.20 -40.10 2.61
C ALA F 454 -48.35 -38.89 2.93
N THR F 455 -47.20 -38.79 2.29
CA THR F 455 -46.32 -37.64 2.41
C THR F 455 -46.31 -36.89 1.08
N PHE F 456 -46.27 -35.57 1.16
CA PHE F 456 -46.23 -34.73 -0.04
C PHE F 456 -45.07 -33.75 0.13
N ILE F 457 -44.07 -33.88 -0.74
CA ILE F 457 -42.87 -33.05 -0.69
C ILE F 457 -43.10 -31.82 -1.56
N PHE F 458 -43.01 -30.63 -0.97
CA PHE F 458 -43.19 -29.38 -1.68
C PHE F 458 -41.92 -28.55 -1.55
N THR F 459 -41.27 -28.29 -2.69
CA THR F 459 -40.01 -27.56 -2.73
C THR F 459 -40.24 -26.15 -3.25
N HIS F 460 -39.22 -25.29 -3.07
CA HIS F 460 -39.22 -23.91 -3.55
C HIS F 460 -40.38 -23.14 -2.93
N ASP F 461 -40.20 -22.84 -1.64
CA ASP F 461 -41.31 -22.53 -0.75
C ASP F 461 -41.65 -21.05 -0.66
N SER F 462 -40.90 -20.17 -1.30
CA SER F 462 -41.04 -18.77 -0.94
C SER F 462 -40.57 -17.88 -2.10
N ILE F 463 -40.47 -16.59 -1.81
CA ILE F 463 -39.95 -15.63 -2.77
C ILE F 463 -38.47 -15.83 -3.06
N ALA F 464 -37.80 -16.69 -2.29
CA ALA F 464 -36.39 -16.98 -2.53
C ALA F 464 -36.16 -17.79 -3.80
N VAL F 465 -37.23 -18.34 -4.41
CA VAL F 465 -37.09 -18.95 -5.73
C VAL F 465 -36.45 -17.97 -6.70
N GLY F 466 -36.91 -16.71 -6.65
CA GLY F 466 -36.20 -15.62 -7.30
C GLY F 466 -36.58 -15.30 -8.73
N GLU F 467 -35.65 -15.56 -9.66
CA GLU F 467 -35.80 -15.10 -11.03
C GLU F 467 -37.00 -15.72 -11.74
N ASP F 468 -37.64 -16.73 -11.14
CA ASP F 468 -38.73 -17.41 -11.83
C ASP F 468 -40.02 -16.60 -11.78
N GLY F 469 -40.19 -15.74 -10.79
CA GLY F 469 -41.28 -14.79 -10.79
C GLY F 469 -42.40 -15.14 -9.83
N PRO F 470 -43.38 -14.22 -9.75
CA PRO F 470 -44.48 -14.42 -8.78
C PRO F 470 -45.37 -15.62 -9.06
N THR F 471 -45.46 -16.07 -10.32
CA THR F 471 -46.23 -17.28 -10.62
C THR F 471 -45.56 -18.54 -10.07
N HIS F 472 -44.27 -18.47 -9.75
CA HIS F 472 -43.52 -19.62 -9.22
C HIS F 472 -43.11 -19.44 -7.77
N GLU F 473 -43.53 -18.36 -7.12
CA GLU F 473 -43.15 -18.07 -5.74
C GLU F 473 -44.37 -18.21 -4.84
N PRO F 474 -44.37 -19.14 -3.88
CA PRO F 474 -45.54 -19.32 -3.02
C PRO F 474 -45.70 -18.16 -2.04
N ILE F 475 -46.96 -17.78 -1.81
CA ILE F 475 -47.29 -16.77 -0.81
C ILE F 475 -48.31 -17.34 0.17
N GLU F 476 -49.44 -17.80 -0.36
CA GLU F 476 -50.61 -18.16 0.43
C GLU F 476 -50.71 -19.66 0.75
N GLN F 477 -49.91 -20.49 0.10
CA GLN F 477 -50.12 -21.93 0.16
C GLN F 477 -49.97 -22.48 1.58
N LEU F 478 -49.05 -21.91 2.36
CA LEU F 478 -48.90 -22.33 3.75
C LEU F 478 -50.20 -22.19 4.52
N ALA F 479 -50.87 -21.04 4.38
CA ALA F 479 -52.08 -20.79 5.16
C ALA F 479 -53.21 -21.72 4.73
N GLY F 480 -53.40 -21.87 3.43
CA GLY F 480 -54.45 -22.76 2.94
C GLY F 480 -54.24 -24.19 3.39
N LEU F 481 -52.98 -24.65 3.40
CA LEU F 481 -52.70 -26.01 3.82
C LEU F 481 -52.82 -26.16 5.33
N ARG F 482 -52.39 -25.13 6.09
CA ARG F 482 -52.56 -25.12 7.53
C ARG F 482 -54.01 -25.08 7.94
N ALA F 483 -54.91 -24.69 7.03
CA ALA F 483 -56.33 -24.68 7.33
C ALA F 483 -57.02 -26.03 7.10
N ILE F 484 -56.41 -26.92 6.33
CA ILE F 484 -57.01 -28.24 6.09
C ILE F 484 -56.93 -29.05 7.38
N PRO F 485 -58.05 -29.45 7.98
CA PRO F 485 -57.99 -30.26 9.20
C PRO F 485 -57.30 -31.59 8.94
N ASN F 486 -56.57 -32.06 9.95
CA ASN F 486 -55.83 -33.32 9.88
C ASN F 486 -54.79 -33.28 8.76
N MET F 487 -53.99 -32.21 8.75
CA MET F 487 -52.92 -32.07 7.76
C MET F 487 -51.71 -31.47 8.47
N ASN F 488 -50.63 -32.24 8.56
CA ASN F 488 -49.38 -31.72 9.07
C ASN F 488 -48.71 -30.90 7.97
N VAL F 489 -48.25 -29.71 8.32
CA VAL F 489 -47.54 -28.85 7.38
C VAL F 489 -46.26 -28.45 8.10
N ILE F 490 -45.14 -29.04 7.68
CA ILE F 490 -43.88 -28.87 8.39
C ILE F 490 -42.91 -28.10 7.51
N ARG F 491 -42.46 -26.94 8.00
CA ARG F 491 -41.45 -26.14 7.31
C ARG F 491 -40.16 -26.19 8.14
N PRO F 492 -39.27 -27.15 7.87
CA PRO F 492 -38.05 -27.28 8.67
C PRO F 492 -37.15 -26.06 8.56
N ALA F 493 -36.41 -25.79 9.63
CA ALA F 493 -35.50 -24.66 9.69
C ALA F 493 -34.08 -24.99 9.25
N ASP F 494 -33.72 -26.27 9.21
CA ASP F 494 -32.40 -26.71 8.77
C ASP F 494 -32.47 -28.21 8.48
N GLY F 495 -31.31 -28.84 8.30
CA GLY F 495 -31.28 -30.26 7.96
C GLY F 495 -31.78 -31.15 9.08
N ASN F 496 -31.40 -30.85 10.32
CA ASN F 496 -31.78 -31.72 11.43
C ASN F 496 -33.30 -31.66 11.67
N GLU F 497 -33.87 -30.45 11.57
CA GLU F 497 -35.32 -30.32 11.57
C GLU F 497 -35.95 -31.07 10.40
N THR F 498 -35.28 -31.08 9.23
CA THR F 498 -35.79 -31.84 8.09
C THR F 498 -35.83 -33.34 8.38
N ARG F 499 -34.78 -33.86 9.02
CA ARG F 499 -34.78 -35.27 9.40
C ARG F 499 -35.93 -35.58 10.35
N VAL F 500 -36.09 -34.75 11.40
CA VAL F 500 -37.17 -35.01 12.35
C VAL F 500 -38.53 -34.91 11.65
N ALA F 501 -38.66 -33.99 10.69
CA ALA F 501 -39.91 -33.85 9.97
C ALA F 501 -40.21 -35.09 9.15
N TRP F 502 -39.21 -35.65 8.48
CA TRP F 502 -39.41 -36.90 7.77
C TRP F 502 -39.83 -38.02 8.71
N GLU F 503 -39.26 -38.03 9.92
CA GLU F 503 -39.69 -39.03 10.91
C GLU F 503 -41.15 -38.83 11.28
N VAL F 504 -41.56 -37.59 11.49
CA VAL F 504 -42.96 -37.30 11.82
C VAL F 504 -43.86 -37.72 10.67
N ALA F 505 -43.40 -37.54 9.44
CA ALA F 505 -44.19 -37.93 8.28
C ALA F 505 -44.37 -39.44 8.21
N LEU F 506 -43.30 -40.20 8.47
CA LEU F 506 -43.40 -41.66 8.39
C LEU F 506 -44.14 -42.26 9.57
N GLU F 507 -44.04 -41.63 10.75
CA GLU F 507 -44.60 -42.18 11.97
C GLU F 507 -46.03 -41.75 12.24
N SER F 508 -46.50 -40.67 11.62
CA SER F 508 -47.94 -40.43 11.57
C SER F 508 -48.60 -41.70 11.05
N GLU F 509 -49.86 -41.91 11.41
CA GLU F 509 -50.57 -43.10 10.94
C GLU F 509 -51.99 -42.82 10.49
N SER F 510 -52.62 -41.76 10.99
CA SER F 510 -53.95 -41.34 10.56
C SER F 510 -53.97 -39.89 10.12
N THR F 511 -52.85 -39.38 9.60
CA THR F 511 -52.76 -38.02 9.18
C THR F 511 -51.70 -37.87 8.09
N PRO F 512 -52.02 -37.16 7.00
CA PRO F 512 -51.02 -36.88 5.98
C PRO F 512 -50.10 -35.72 6.37
N THR F 513 -48.90 -35.75 5.79
CA THR F 513 -47.87 -34.78 6.07
C THR F 513 -47.39 -34.13 4.77
N SER F 514 -47.33 -32.81 4.77
CA SER F 514 -46.71 -32.03 3.69
C SER F 514 -45.43 -31.41 4.22
N LEU F 515 -44.35 -31.56 3.45
CA LEU F 515 -43.04 -31.01 3.78
C LEU F 515 -42.79 -29.80 2.91
N VAL F 516 -42.55 -28.66 3.56
CA VAL F 516 -42.27 -27.39 2.90
C VAL F 516 -40.77 -27.16 2.99
N LEU F 517 -40.08 -27.22 1.86
CA LEU F 517 -38.63 -27.18 1.82
C LEU F 517 -38.15 -25.99 0.99
N THR F 518 -36.89 -25.60 1.21
CA THR F 518 -36.32 -24.41 0.60
C THR F 518 -35.29 -24.79 -0.46
N ARG F 519 -35.09 -23.89 -1.42
CA ARG F 519 -34.02 -24.00 -2.41
C ARG F 519 -32.77 -23.23 -2.03
N GLN F 520 -32.88 -22.26 -1.12
CA GLN F 520 -31.73 -21.51 -0.67
C GLN F 520 -31.10 -22.17 0.54
N ASN F 521 -29.77 -22.06 0.64
CA ASN F 521 -29.04 -22.72 1.71
C ASN F 521 -29.47 -22.18 3.07
N LEU F 522 -29.64 -23.08 4.03
CA LEU F 522 -30.12 -22.72 5.35
C LEU F 522 -29.04 -22.99 6.39
N PRO F 523 -28.59 -21.99 7.13
CA PRO F 523 -27.59 -22.24 8.18
C PRO F 523 -28.16 -23.13 9.28
N VAL F 524 -27.35 -24.06 9.74
CA VAL F 524 -27.75 -24.98 10.81
C VAL F 524 -27.66 -24.27 12.15
N LEU F 525 -28.66 -24.49 13.01
CA LEU F 525 -28.81 -23.75 14.25
C LEU F 525 -28.18 -24.49 15.43
N ASP F 526 -27.78 -23.72 16.43
CA ASP F 526 -27.17 -24.27 17.66
C ASP F 526 -28.28 -24.80 18.59
N VAL F 527 -28.84 -25.93 18.19
CA VAL F 527 -29.88 -26.61 18.93
C VAL F 527 -29.43 -28.05 19.18
N PRO F 528 -29.35 -28.50 20.43
CA PRO F 528 -29.02 -29.90 20.70
C PRO F 528 -30.05 -30.84 20.08
N GLU F 529 -29.55 -31.96 19.53
CA GLU F 529 -30.39 -32.92 18.81
C GLU F 529 -31.62 -33.31 19.62
N ASP F 530 -31.46 -33.48 20.92
CA ASP F 530 -32.58 -33.82 21.80
C ASP F 530 -33.71 -32.80 21.65
N VAL F 531 -33.38 -31.52 21.79
CA VAL F 531 -34.38 -30.47 21.69
C VAL F 531 -35.01 -30.45 20.30
N VAL F 532 -34.24 -30.76 19.26
CA VAL F 532 -34.80 -30.77 17.92
C VAL F 532 -35.85 -31.87 17.79
N GLU F 533 -35.48 -33.10 18.13
CA GLU F 533 -36.43 -34.20 17.96
C GLU F 533 -37.62 -34.05 18.88
N GLU F 534 -37.47 -33.37 20.02
CA GLU F 534 -38.63 -33.12 20.88
C GLU F 534 -39.51 -32.01 20.33
N GLY F 535 -38.91 -30.93 19.83
CA GLY F 535 -39.64 -29.73 19.49
C GLY F 535 -40.30 -29.75 18.13
N VAL F 536 -39.67 -30.39 17.14
CA VAL F 536 -40.35 -30.54 15.86
C VAL F 536 -41.59 -31.41 16.01
N ARG F 537 -41.57 -32.35 16.96
CA ARG F 537 -42.75 -33.16 17.22
C ARG F 537 -43.80 -32.39 18.01
N LYS F 538 -43.39 -31.46 18.86
CA LYS F 538 -44.32 -30.64 19.63
C LYS F 538 -44.73 -29.37 18.89
N GLY F 539 -44.36 -29.24 17.62
CA GLY F 539 -44.89 -28.15 16.81
C GLY F 539 -44.17 -26.82 16.91
N ALA F 540 -43.67 -26.48 18.09
CA ALA F 540 -42.99 -25.20 18.31
C ALA F 540 -42.17 -25.31 19.58
N TYR F 541 -40.97 -24.75 19.55
CA TYR F 541 -40.07 -24.91 20.68
C TYR F 541 -39.02 -23.81 20.66
N THR F 542 -38.49 -23.51 21.85
CA THR F 542 -37.47 -22.48 21.97
C THR F 542 -36.19 -22.90 21.26
N VAL F 543 -35.63 -21.98 20.49
CA VAL F 543 -34.32 -22.18 19.89
C VAL F 543 -33.30 -21.16 20.37
N TYR F 544 -33.71 -20.05 20.98
CA TYR F 544 -32.73 -19.13 21.55
C TYR F 544 -33.36 -18.39 22.73
N GLY F 545 -32.54 -18.10 23.74
CA GLY F 545 -32.99 -17.35 24.90
C GLY F 545 -33.25 -18.24 26.09
N SER F 546 -33.67 -17.59 27.19
CA SER F 546 -33.82 -18.29 28.47
C SER F 546 -35.16 -18.05 29.15
N GLU F 547 -35.41 -16.81 29.58
CA GLU F 547 -36.56 -16.52 30.44
C GLU F 547 -37.87 -16.81 29.73
N GLU F 548 -38.86 -17.27 30.50
CA GLU F 548 -40.17 -17.53 29.90
C GLU F 548 -40.91 -16.24 29.57
N THR F 549 -40.69 -15.19 30.36
CA THR F 549 -41.27 -13.87 30.08
C THR F 549 -40.14 -12.91 29.73
N PRO F 550 -39.76 -12.79 28.45
CA PRO F 550 -38.82 -11.75 28.05
C PRO F 550 -39.54 -10.52 27.53
N GLU F 551 -38.80 -9.45 27.22
CA GLU F 551 -39.42 -8.28 26.64
C GLU F 551 -39.94 -8.59 25.23
N PHE F 552 -39.14 -9.30 24.43
CA PHE F 552 -39.53 -9.67 23.08
C PHE F 552 -39.52 -11.19 22.93
N LEU F 553 -40.58 -11.71 22.34
CA LEU F 553 -40.66 -13.09 21.90
C LEU F 553 -40.75 -13.09 20.38
N LEU F 554 -39.72 -13.64 19.73
CA LEU F 554 -39.65 -13.73 18.28
C LEU F 554 -40.08 -15.13 17.86
N LEU F 555 -41.04 -15.20 16.94
CA LEU F 555 -41.58 -16.46 16.44
C LEU F 555 -41.28 -16.54 14.96
N ALA F 556 -40.81 -17.70 14.50
CA ALA F 556 -40.51 -17.82 13.08
C ALA F 556 -40.60 -19.26 12.64
N SER F 557 -40.53 -19.45 11.32
CA SER F 557 -40.59 -20.77 10.69
C SER F 557 -39.52 -20.87 9.61
N GLY F 558 -38.87 -22.04 9.54
CA GLY F 558 -37.97 -22.33 8.45
C GLY F 558 -36.91 -21.27 8.22
N SER F 559 -36.82 -20.82 6.96
CA SER F 559 -35.81 -19.89 6.47
C SER F 559 -35.68 -18.63 7.31
N GLU F 560 -36.68 -18.38 8.17
CA GLU F 560 -36.70 -17.14 8.94
C GLU F 560 -36.14 -17.31 10.35
N VAL F 561 -36.20 -18.52 10.92
CA VAL F 561 -35.76 -18.73 12.29
C VAL F 561 -34.36 -18.16 12.50
N SER F 562 -33.41 -18.56 11.64
CA SER F 562 -32.04 -18.05 11.74
C SER F 562 -32.00 -16.53 11.81
N LEU F 563 -32.72 -15.86 10.89
CA LEU F 563 -32.77 -14.41 10.89
C LEU F 563 -33.21 -13.90 12.27
N ALA F 564 -34.29 -14.47 12.81
CA ALA F 564 -34.74 -14.09 14.14
C ALA F 564 -33.61 -14.23 15.16
N VAL F 565 -32.91 -15.36 15.14
CA VAL F 565 -31.78 -15.55 16.04
C VAL F 565 -30.76 -14.42 15.84
N GLU F 566 -30.44 -14.13 14.58
CA GLU F 566 -29.50 -13.06 14.31
C GLU F 566 -30.03 -11.71 14.77
N ALA F 567 -31.35 -11.52 14.73
CA ALA F 567 -31.94 -10.33 15.31
C ALA F 567 -31.78 -10.35 16.82
N ALA F 568 -32.07 -11.50 17.44
CA ALA F 568 -32.11 -11.61 18.89
C ALA F 568 -30.82 -11.08 19.53
N LYS F 569 -29.68 -11.61 19.07
CA LYS F 569 -28.40 -11.18 19.60
C LYS F 569 -28.22 -9.67 19.53
N ASP F 570 -28.59 -9.06 18.39
CA ASP F 570 -28.47 -7.62 18.29
C ASP F 570 -29.37 -6.93 19.32
N LEU F 571 -30.59 -7.44 19.49
CA LEU F 571 -31.47 -6.92 20.54
C LEU F 571 -30.80 -7.04 21.90
N GLU F 572 -30.10 -8.14 22.15
CA GLU F 572 -29.39 -8.29 23.42
C GLU F 572 -28.29 -7.26 23.56
N LYS F 573 -27.63 -6.92 22.44
CA LYS F 573 -26.59 -5.90 22.49
C LYS F 573 -27.18 -4.54 22.84
N GLN F 574 -28.42 -4.29 22.45
CA GLN F 574 -29.14 -3.07 22.84
C GLN F 574 -29.98 -3.29 24.09
N GLY F 575 -29.41 -4.00 25.06
CA GLY F 575 -30.00 -4.18 26.38
C GLY F 575 -31.40 -4.74 26.44
N LYS F 576 -31.74 -5.64 25.53
CA LYS F 576 -33.08 -6.21 25.48
C LYS F 576 -33.04 -7.73 25.65
N SER F 577 -34.10 -8.25 26.27
CA SER F 577 -34.26 -9.67 26.50
C SER F 577 -35.19 -10.26 25.45
N VAL F 578 -34.81 -11.42 24.91
CA VAL F 578 -35.49 -11.99 23.76
C VAL F 578 -35.50 -13.50 23.88
N ARG F 579 -36.56 -14.12 23.36
CA ARG F 579 -36.54 -15.56 23.12
C ARG F 579 -37.04 -15.85 21.72
N VAL F 580 -36.28 -16.66 20.98
CA VAL F 580 -36.63 -17.07 19.62
C VAL F 580 -37.19 -18.48 19.64
N VAL F 581 -38.34 -18.66 18.97
CA VAL F 581 -39.06 -19.92 18.88
C VAL F 581 -39.19 -20.31 17.40
N SER F 582 -38.88 -21.58 17.10
CA SER F 582 -39.14 -22.19 15.81
C SER F 582 -40.49 -22.90 15.84
N MET F 583 -41.35 -22.59 14.87
CA MET F 583 -42.66 -23.23 14.77
C MET F 583 -42.72 -24.06 13.49
N PRO F 584 -42.18 -25.28 13.49
CA PRO F 584 -42.16 -26.07 12.25
C PRO F 584 -43.55 -26.52 11.81
N ASN F 585 -44.39 -26.96 12.72
CA ASN F 585 -45.69 -27.55 12.39
C ASN F 585 -46.75 -27.02 13.35
N TRP F 586 -47.65 -26.18 12.85
CA TRP F 586 -48.70 -25.62 13.70
C TRP F 586 -49.62 -26.71 14.24
N ASN F 587 -49.89 -27.73 13.43
CA ASN F 587 -50.84 -28.79 13.82
C ASN F 587 -50.38 -29.48 15.10
N ALA F 588 -49.12 -29.92 15.13
CA ALA F 588 -48.58 -30.56 16.32
C ALA F 588 -48.64 -29.65 17.53
N PHE F 589 -48.29 -28.37 17.35
CA PHE F 589 -48.29 -27.44 18.48
C PHE F 589 -49.70 -27.26 19.04
N GLU F 590 -50.71 -27.17 18.17
CA GLU F 590 -52.08 -27.06 18.64
C GLU F 590 -52.62 -28.39 19.17
N GLN F 591 -51.87 -29.48 19.00
CA GLN F 591 -52.21 -30.72 19.68
C GLN F 591 -51.62 -30.82 21.08
N GLN F 592 -50.72 -29.92 21.48
CA GLN F 592 -49.99 -30.05 22.74
C GLN F 592 -50.78 -29.48 23.92
N SER F 593 -50.21 -29.68 25.12
CA SER F 593 -50.85 -29.21 26.34
C SER F 593 -50.77 -27.69 26.45
N GLU F 594 -51.73 -27.12 27.17
CA GLU F 594 -51.76 -25.68 27.35
C GLU F 594 -50.56 -25.19 28.16
N GLU F 595 -50.07 -26.01 29.09
CA GLU F 595 -48.88 -25.64 29.87
C GLU F 595 -47.68 -25.44 28.96
N TYR F 596 -47.43 -26.39 28.07
CA TYR F 596 -46.32 -26.28 27.13
C TYR F 596 -46.53 -25.10 26.17
N LYS F 597 -47.77 -24.92 25.71
CA LYS F 597 -48.06 -23.77 24.85
C LYS F 597 -47.71 -22.47 25.54
N GLU F 598 -48.04 -22.35 26.82
CA GLU F 598 -47.71 -21.13 27.56
C GLU F 598 -46.22 -21.00 27.78
N SER F 599 -45.54 -22.11 28.08
CA SER F 599 -44.10 -22.04 28.31
C SER F 599 -43.35 -21.63 27.05
N VAL F 600 -43.88 -21.97 25.88
CA VAL F 600 -43.24 -21.57 24.62
C VAL F 600 -43.74 -20.22 24.15
N ILE F 601 -45.05 -20.00 24.14
CA ILE F 601 -45.63 -18.73 23.70
C ILE F 601 -46.53 -18.20 24.81
N PRO F 602 -45.99 -17.45 25.78
CA PRO F 602 -46.85 -16.88 26.83
C PRO F 602 -47.67 -15.71 26.30
N SER F 603 -48.82 -15.50 26.93
CA SER F 603 -49.63 -14.32 26.66
C SER F 603 -49.29 -13.15 27.57
N SER F 604 -48.53 -13.38 28.63
CA SER F 604 -47.96 -12.28 29.39
C SER F 604 -47.08 -11.39 28.50
N VAL F 605 -46.37 -12.00 27.56
CA VAL F 605 -45.48 -11.27 26.65
C VAL F 605 -46.35 -10.62 25.58
N THR F 606 -46.54 -9.30 25.67
CA THR F 606 -47.35 -8.60 24.69
C THR F 606 -46.60 -8.33 23.39
N LYS F 607 -45.29 -8.10 23.47
CA LYS F 607 -44.47 -7.81 22.30
C LYS F 607 -43.99 -9.11 21.68
N ARG F 608 -44.81 -9.65 20.78
CA ARG F 608 -44.49 -10.88 20.05
C ARG F 608 -44.45 -10.57 18.57
N VAL F 609 -43.42 -11.05 17.90
CA VAL F 609 -43.20 -10.81 16.48
C VAL F 609 -43.11 -12.14 15.75
N ALA F 610 -43.81 -12.23 14.62
CA ALA F 610 -43.69 -13.35 13.70
C ALA F 610 -42.91 -12.90 12.47
N ILE F 611 -42.00 -13.75 11.99
CA ILE F 611 -41.29 -13.52 10.74
C ILE F 611 -41.47 -14.76 9.86
N GLU F 612 -42.16 -14.59 8.74
CA GLU F 612 -42.32 -15.69 7.79
C GLU F 612 -42.51 -15.12 6.39
N MET F 613 -41.92 -15.80 5.40
CA MET F 613 -42.00 -15.36 4.02
C MET F 613 -43.23 -15.99 3.35
N ALA F 614 -44.39 -15.59 3.85
CA ALA F 614 -45.68 -16.07 3.34
C ALA F 614 -46.76 -15.10 3.80
N SER F 615 -48.02 -15.45 3.55
CA SER F 615 -49.12 -14.58 3.91
C SER F 615 -49.22 -14.44 5.43
N PRO F 616 -49.57 -13.25 5.94
CA PRO F 616 -49.67 -13.07 7.39
C PRO F 616 -50.84 -13.80 8.03
N LEU F 617 -51.72 -14.40 7.24
CA LEU F 617 -52.93 -15.01 7.76
C LEU F 617 -52.61 -16.15 8.73
N GLY F 618 -53.14 -16.07 9.94
CA GLY F 618 -52.98 -17.09 10.95
C GLY F 618 -51.95 -16.79 12.02
N TRP F 619 -51.13 -15.75 11.83
CA TRP F 619 -50.05 -15.45 12.75
C TRP F 619 -50.48 -14.59 13.94
N HIS F 620 -51.71 -14.09 13.94
CA HIS F 620 -52.18 -13.25 15.03
C HIS F 620 -52.71 -14.06 16.20
N LYS F 621 -53.04 -15.33 15.97
CA LYS F 621 -53.30 -16.26 17.07
C LYS F 621 -52.13 -16.31 18.05
N TYR F 622 -50.90 -16.13 17.56
CA TYR F 622 -49.70 -16.30 18.36
C TYR F 622 -49.05 -14.97 18.76
N VAL F 623 -49.11 -13.95 17.90
CA VAL F 623 -48.53 -12.66 18.28
C VAL F 623 -49.49 -11.86 19.15
N GLY F 624 -50.80 -12.10 19.04
CA GLY F 624 -51.75 -11.44 19.89
C GLY F 624 -52.17 -10.06 19.40
N THR F 625 -52.66 -9.26 20.35
CA THR F 625 -53.23 -7.95 20.03
C THR F 625 -52.15 -6.89 19.86
N ALA F 626 -51.08 -6.97 20.65
CA ALA F 626 -50.00 -6.00 20.59
C ALA F 626 -48.83 -6.48 19.72
N GLY F 627 -48.93 -7.67 19.14
CA GLY F 627 -47.83 -8.22 18.36
C GLY F 627 -47.80 -7.72 16.93
N LYS F 628 -46.71 -8.07 16.24
CA LYS F 628 -46.50 -7.68 14.85
C LYS F 628 -46.19 -8.92 14.01
N VAL F 629 -46.74 -8.94 12.79
CA VAL F 629 -46.43 -9.97 11.80
C VAL F 629 -45.66 -9.31 10.67
N ILE F 630 -44.36 -9.61 10.59
CA ILE F 630 -43.53 -9.25 9.47
C ILE F 630 -43.67 -10.38 8.46
N ALA F 631 -44.47 -10.15 7.41
CA ALA F 631 -44.80 -11.19 6.44
C ALA F 631 -44.93 -10.56 5.06
N ILE F 632 -45.51 -11.30 4.12
CA ILE F 632 -45.71 -10.86 2.75
C ILE F 632 -47.20 -10.77 2.50
N ASP F 633 -47.69 -9.57 2.25
CA ASP F 633 -49.10 -9.38 1.95
C ASP F 633 -49.37 -9.25 0.46
N GLY F 634 -48.32 -9.18 -0.37
CA GLY F 634 -48.49 -9.10 -1.81
C GLY F 634 -47.93 -10.30 -2.54
N PHE F 635 -47.69 -10.15 -3.84
CA PHE F 635 -47.18 -11.24 -4.66
C PHE F 635 -45.66 -11.13 -4.78
N GLY F 636 -45.08 -12.11 -5.45
CA GLY F 636 -43.64 -12.22 -5.57
C GLY F 636 -43.05 -11.32 -6.64
N ALA F 637 -41.81 -11.63 -7.02
CA ALA F 637 -41.06 -10.78 -7.94
C ALA F 637 -39.98 -11.62 -8.62
N SER F 638 -39.67 -11.26 -9.86
CA SER F 638 -38.62 -11.92 -10.63
C SER F 638 -37.32 -11.13 -10.45
N ALA F 639 -36.39 -11.70 -9.69
CA ALA F 639 -35.07 -11.14 -9.42
C ALA F 639 -34.26 -12.19 -8.67
N PRO F 640 -32.93 -12.04 -8.60
CA PRO F 640 -32.14 -12.92 -7.75
C PRO F 640 -32.70 -13.00 -6.33
N GLY F 641 -32.69 -14.23 -5.78
CA GLY F 641 -33.44 -14.49 -4.55
C GLY F 641 -32.96 -13.71 -3.35
N ASP F 642 -31.67 -13.39 -3.30
CA ASP F 642 -31.15 -12.51 -2.26
C ASP F 642 -31.82 -11.15 -2.33
N LEU F 643 -31.90 -10.58 -3.54
CA LEU F 643 -32.54 -9.28 -3.72
C LEU F 643 -34.01 -9.34 -3.36
N VAL F 644 -34.70 -10.42 -3.72
CA VAL F 644 -36.13 -10.49 -3.42
C VAL F 644 -36.35 -10.55 -1.93
N VAL F 645 -35.55 -11.34 -1.21
CA VAL F 645 -35.72 -11.43 0.23
C VAL F 645 -35.42 -10.08 0.88
N GLU F 646 -34.32 -9.44 0.47
CA GLU F 646 -33.94 -8.16 1.10
C GLU F 646 -34.96 -7.08 0.81
N LYS F 647 -35.37 -6.93 -0.46
CA LYS F 647 -36.32 -5.89 -0.84
C LYS F 647 -37.69 -6.13 -0.25
N TYR F 648 -38.07 -7.38 -0.01
CA TYR F 648 -39.33 -7.66 0.66
C TYR F 648 -39.21 -7.53 2.18
N GLY F 649 -38.04 -7.17 2.69
CA GLY F 649 -37.89 -6.69 4.05
C GLY F 649 -37.28 -7.66 5.03
N PHE F 650 -36.97 -8.90 4.62
CA PHE F 650 -36.47 -9.91 5.54
C PHE F 650 -34.95 -9.76 5.68
N THR F 651 -34.57 -8.62 6.26
CA THR F 651 -33.21 -8.35 6.70
C THR F 651 -33.23 -8.15 8.21
N LYS F 652 -32.07 -8.45 8.82
CA LYS F 652 -31.90 -8.23 10.26
C LYS F 652 -32.22 -6.80 10.65
N GLU F 653 -31.68 -5.82 9.89
CA GLU F 653 -31.86 -4.42 10.25
C GLU F 653 -33.32 -3.99 10.19
N ASN F 654 -34.06 -4.48 9.21
CA ASN F 654 -35.48 -4.11 9.14
C ASN F 654 -36.27 -4.73 10.28
N ILE F 655 -35.97 -5.99 10.61
CA ILE F 655 -36.62 -6.61 11.77
C ILE F 655 -36.33 -5.79 13.02
N LEU F 656 -35.10 -5.31 13.15
CA LEU F 656 -34.74 -4.51 14.32
C LEU F 656 -35.52 -3.20 14.35
N ASN F 657 -35.55 -2.49 13.21
CA ASN F 657 -36.26 -1.22 13.11
C ASN F 657 -37.73 -1.39 13.50
N GLN F 658 -38.38 -2.40 12.93
CA GLN F 658 -39.81 -2.58 13.19
C GLN F 658 -40.07 -3.14 14.58
N VAL F 659 -39.11 -3.86 15.17
CA VAL F 659 -39.31 -4.40 16.50
C VAL F 659 -39.16 -3.30 17.54
N MET F 660 -38.16 -2.44 17.38
CA MET F 660 -38.05 -1.26 18.24
C MET F 660 -39.05 -0.17 17.87
N SER F 661 -39.85 -0.37 16.82
CA SER F 661 -40.98 0.53 16.57
C SER F 661 -42.13 0.23 17.54
N LEU F 662 -42.31 -1.04 17.89
CA LEU F 662 -43.44 -1.48 18.73
C LEU F 662 -43.58 -0.72 20.04
N PHE G 2 86.12 10.15 -24.07
CA PHE G 2 85.89 10.47 -22.66
C PHE G 2 87.14 11.10 -22.04
N ASN G 3 86.97 12.28 -21.45
CA ASN G 3 88.09 13.05 -20.90
C ASN G 3 87.76 13.44 -19.46
N GLU G 4 88.42 14.49 -18.97
CA GLU G 4 88.25 14.90 -17.57
C GLU G 4 87.00 15.73 -17.35
N LYS G 5 86.51 16.40 -18.40
CA LYS G 5 85.23 17.10 -18.28
C LYS G 5 84.09 16.10 -18.06
N ASP G 6 84.17 14.93 -18.70
CA ASP G 6 83.19 13.88 -18.48
C ASP G 6 83.21 13.40 -17.03
N GLN G 7 84.40 13.25 -16.46
CA GLN G 7 84.51 12.85 -15.06
C GLN G 7 83.96 13.93 -14.13
N LEU G 8 84.22 15.20 -14.46
CA LEU G 8 83.61 16.30 -13.73
C LEU G 8 82.09 16.19 -13.75
N ALA G 9 81.52 15.86 -14.91
CA ALA G 9 80.07 15.72 -14.99
C ALA G 9 79.56 14.56 -14.15
N VAL G 10 80.26 13.42 -14.18
CA VAL G 10 79.82 12.27 -13.39
C VAL G 10 79.85 12.60 -11.90
N ASP G 11 80.97 13.16 -11.42
CA ASP G 11 81.07 13.49 -10.01
C ASP G 11 80.11 14.62 -9.63
N THR G 12 79.76 15.47 -10.59
CA THR G 12 78.77 16.51 -10.34
C THR G 12 77.38 15.91 -10.14
N LEU G 13 77.02 14.93 -10.97
CA LEU G 13 75.78 14.19 -10.74
C LEU G 13 75.77 13.58 -9.35
N ARG G 14 76.89 12.96 -8.96
CA ARG G 14 77.00 12.39 -7.62
C ARG G 14 76.76 13.44 -6.55
N ALA G 15 77.45 14.57 -6.65
CA ALA G 15 77.36 15.61 -5.61
C ALA G 15 75.96 16.20 -5.55
N LEU G 16 75.31 16.37 -6.71
CA LEU G 16 73.95 16.90 -6.74
C LEU G 16 72.98 15.95 -6.03
N SER G 17 73.07 14.65 -6.35
CA SER G 17 72.23 13.67 -5.65
C SER G 17 72.49 13.69 -4.15
N ILE G 18 73.77 13.79 -3.76
CA ILE G 18 74.14 13.74 -2.35
C ILE G 18 73.58 14.95 -1.61
N ASP G 19 73.72 16.14 -2.20
CA ASP G 19 73.24 17.35 -1.54
C ASP G 19 71.72 17.37 -1.47
N THR G 20 71.06 16.86 -2.51
CA THR G 20 69.61 16.69 -2.47
C THR G 20 69.18 15.86 -1.28
N ILE G 21 69.77 14.66 -1.14
CA ILE G 21 69.40 13.79 -0.01
C ILE G 21 69.80 14.41 1.33
N GLU G 22 70.93 15.13 1.38
CA GLU G 22 71.39 15.73 2.62
C GLU G 22 70.49 16.88 3.06
N LYS G 23 69.90 17.62 2.13
CA LYS G 23 68.93 18.62 2.54
C LYS G 23 67.61 17.98 2.93
N ALA G 24 67.21 16.90 2.25
CA ALA G 24 65.97 16.24 2.62
C ALA G 24 66.10 15.45 3.93
N ASN G 25 67.32 15.07 4.31
CA ASN G 25 67.55 14.13 5.41
C ASN G 25 66.75 12.85 5.22
N SER G 26 66.57 12.47 3.96
CA SER G 26 65.85 11.27 3.55
C SER G 26 66.28 10.94 2.14
N GLY G 27 66.55 9.66 1.88
CA GLY G 27 66.89 9.25 0.54
C GLY G 27 67.94 8.17 0.47
N HIS G 28 68.31 7.80 -0.76
CA HIS G 28 69.20 6.67 -1.01
C HIS G 28 70.42 7.14 -1.77
N PRO G 29 71.57 7.33 -1.11
CA PRO G 29 72.75 7.86 -1.80
C PRO G 29 73.55 6.81 -2.56
N GLY G 30 73.59 5.59 -2.04
CA GLY G 30 74.55 4.60 -2.54
C GLY G 30 74.39 4.29 -4.01
N LEU G 31 73.15 4.08 -4.46
CA LEU G 31 72.92 3.74 -5.86
C LEU G 31 73.27 4.91 -6.77
N PRO G 32 72.90 6.16 -6.45
CA PRO G 32 73.43 7.29 -7.23
C PRO G 32 74.94 7.33 -7.31
N MET G 33 75.63 7.25 -6.17
CA MET G 33 77.09 7.34 -6.19
C MET G 33 77.71 6.20 -6.99
N GLY G 34 77.10 5.02 -6.97
CA GLY G 34 77.68 3.89 -7.69
C GLY G 34 77.32 3.83 -9.16
N ALA G 35 76.16 4.38 -9.53
CA ALA G 35 75.62 4.22 -10.88
C ALA G 35 75.66 5.50 -11.70
N ALA G 36 76.16 6.61 -11.15
CA ALA G 36 76.29 7.82 -11.96
C ALA G 36 77.10 7.62 -13.24
N PRO G 37 78.20 6.85 -13.26
CA PRO G 37 78.92 6.67 -14.54
C PRO G 37 78.09 6.06 -15.65
N MET G 38 77.42 4.93 -15.40
CA MET G 38 76.65 4.30 -16.48
C MET G 38 75.45 5.16 -16.87
N ALA G 39 74.81 5.80 -15.89
CA ALA G 39 73.72 6.72 -16.19
C ALA G 39 74.20 7.85 -17.10
N TYR G 40 75.36 8.44 -16.76
CA TYR G 40 75.93 9.50 -17.59
C TYR G 40 76.23 9.01 -19.00
N THR G 41 76.89 7.85 -19.11
CA THR G 41 77.28 7.35 -20.42
C THR G 41 76.05 7.10 -21.29
N LEU G 42 75.05 6.42 -20.75
CA LEU G 42 73.84 6.18 -21.53
C LEU G 42 73.13 7.48 -21.89
N TRP G 43 73.04 8.41 -20.93
CA TRP G 43 72.38 9.68 -21.18
C TRP G 43 73.04 10.46 -22.31
N THR G 44 74.33 10.76 -22.16
CA THR G 44 74.99 11.70 -23.06
C THR G 44 75.42 11.06 -24.37
N ARG G 45 75.76 9.76 -24.38
CA ARG G 45 76.33 9.17 -25.58
C ARG G 45 75.34 8.38 -26.43
N HIS G 46 74.27 7.87 -25.85
CA HIS G 46 73.44 6.92 -26.60
C HIS G 46 71.97 7.31 -26.64
N LEU G 47 71.43 7.82 -25.55
CA LEU G 47 69.98 7.95 -25.39
C LEU G 47 69.45 9.12 -26.21
N ASN G 48 68.51 8.82 -27.12
CA ASN G 48 67.89 9.85 -27.96
C ASN G 48 66.62 10.35 -27.27
N PHE G 49 66.83 11.09 -26.18
CA PHE G 49 65.75 11.59 -25.36
C PHE G 49 65.97 13.07 -25.06
N ASN G 50 64.92 13.87 -25.20
CA ASN G 50 64.91 15.25 -24.75
C ASN G 50 63.83 15.42 -23.70
N PRO G 51 64.21 15.65 -22.44
CA PRO G 51 63.18 15.84 -21.40
C PRO G 51 62.29 17.04 -21.65
N GLN G 52 62.78 18.05 -22.39
CA GLN G 52 61.93 19.19 -22.70
C GLN G 52 60.89 18.86 -23.77
N SER G 53 61.23 17.97 -24.70
CA SER G 53 60.24 17.38 -25.61
C SER G 53 59.87 15.98 -25.11
N LYS G 54 59.21 15.97 -23.95
CA LYS G 54 58.99 14.73 -23.21
C LYS G 54 58.06 13.77 -23.94
N ASP G 55 57.25 14.25 -24.88
CA ASP G 55 56.22 13.42 -25.51
C ASP G 55 56.53 13.09 -26.97
N TYR G 56 57.77 13.32 -27.41
CA TYR G 56 58.22 12.88 -28.72
C TYR G 56 58.04 11.38 -28.85
N PHE G 57 57.28 10.95 -29.86
CA PHE G 57 56.78 9.57 -29.87
C PHE G 57 57.86 8.54 -30.21
N ASN G 58 58.89 8.92 -30.96
CA ASN G 58 60.00 8.02 -31.24
C ASN G 58 61.19 8.26 -30.31
N ARG G 59 60.93 8.76 -29.11
CA ARG G 59 61.99 8.92 -28.13
C ARG G 59 62.40 7.57 -27.56
N ASP G 60 63.70 7.43 -27.30
CA ASP G 60 64.17 6.32 -26.52
C ASP G 60 63.56 6.40 -25.13
N ARG G 61 63.04 5.29 -24.62
CA ARG G 61 62.38 5.26 -23.31
C ARG G 61 63.37 4.73 -22.29
N PHE G 62 63.68 5.55 -21.29
CA PHE G 62 64.53 5.14 -20.18
C PHE G 62 63.68 4.96 -18.94
N VAL G 63 63.96 3.90 -18.19
CA VAL G 63 63.23 3.58 -16.97
C VAL G 63 64.24 3.25 -15.86
N LEU G 64 64.04 3.83 -14.69
CA LEU G 64 64.83 3.53 -13.49
C LEU G 64 63.97 2.65 -12.58
N SER G 65 64.08 1.32 -12.77
CA SER G 65 63.33 0.39 -11.95
C SER G 65 63.73 0.50 -10.47
N ALA G 66 65.00 0.77 -10.20
CA ALA G 66 65.46 1.06 -8.85
C ALA G 66 65.06 2.49 -8.49
N GLY G 67 63.76 2.67 -8.26
CA GLY G 67 63.20 3.98 -7.98
C GLY G 67 63.85 4.70 -6.82
N HIS G 68 64.39 3.98 -5.84
CA HIS G 68 65.09 4.61 -4.73
C HIS G 68 66.30 5.42 -5.19
N GLY G 69 66.78 5.21 -6.41
CA GLY G 69 67.81 6.06 -6.97
C GLY G 69 67.24 7.31 -7.60
N SER G 70 66.09 7.76 -7.07
CA SER G 70 65.41 8.93 -7.62
C SER G 70 66.36 10.11 -7.77
N ALA G 71 67.16 10.39 -6.73
CA ALA G 71 68.03 11.57 -6.74
C ALA G 71 68.97 11.58 -7.94
N LEU G 72 69.31 10.41 -8.49
CA LEU G 72 70.11 10.40 -9.72
C LEU G 72 69.30 10.91 -10.90
N LEU G 73 68.11 10.34 -11.12
CA LEU G 73 67.28 10.69 -12.26
C LEU G 73 66.94 12.18 -12.26
N TYR G 74 66.41 12.68 -11.14
CA TYR G 74 66.18 14.11 -10.99
C TYR G 74 67.41 14.92 -11.39
N SER G 75 68.58 14.52 -10.87
CA SER G 75 69.81 15.23 -11.22
C SER G 75 70.01 15.28 -12.72
N LEU G 76 69.90 14.12 -13.38
CA LEU G 76 69.96 14.11 -14.84
C LEU G 76 68.98 15.12 -15.42
N LEU G 77 67.72 15.03 -15.00
CA LEU G 77 66.67 15.90 -15.54
C LEU G 77 66.98 17.37 -15.29
N HIS G 78 67.75 17.68 -14.24
CA HIS G 78 68.10 19.07 -14.02
C HIS G 78 69.19 19.51 -14.98
N VAL G 79 70.23 18.69 -15.14
CA VAL G 79 71.33 19.09 -15.99
C VAL G 79 70.93 19.14 -17.45
N SER G 80 69.84 18.46 -17.81
CA SER G 80 69.26 18.50 -19.16
C SER G 80 68.24 19.62 -19.33
N GLY G 81 67.89 20.34 -18.26
CA GLY G 81 67.13 21.57 -18.38
C GLY G 81 65.64 21.44 -18.15
N SER G 82 65.13 20.25 -17.83
CA SER G 82 63.69 20.10 -17.62
C SER G 82 63.28 20.44 -16.19
N LEU G 83 64.19 20.34 -15.23
CA LEU G 83 63.86 20.46 -13.82
C LEU G 83 64.65 21.58 -13.16
N GLU G 84 63.97 22.33 -12.29
CA GLU G 84 64.58 23.45 -11.58
C GLU G 84 65.36 22.98 -10.37
N LEU G 85 66.42 23.73 -10.04
CA LEU G 85 67.26 23.39 -8.90
C LEU G 85 66.51 23.49 -7.58
N GLU G 86 65.54 24.40 -7.49
CA GLU G 86 64.77 24.57 -6.26
C GLU G 86 63.88 23.36 -6.01
N GLU G 87 63.36 22.75 -7.06
CA GLU G 87 62.64 21.49 -6.91
C GLU G 87 63.54 20.40 -6.33
N LEU G 88 64.81 20.39 -6.74
CA LEU G 88 65.76 19.45 -6.14
C LEU G 88 66.05 19.80 -4.69
N LYS G 89 66.05 21.09 -4.36
CA LYS G 89 66.17 21.51 -2.97
C LYS G 89 64.90 21.26 -2.16
N GLN G 90 63.83 20.80 -2.81
CA GLN G 90 62.61 20.38 -2.10
C GLN G 90 62.41 18.87 -2.17
N PHE G 91 63.50 18.11 -2.10
CA PHE G 91 63.43 16.66 -2.26
C PHE G 91 62.53 16.00 -1.23
N ARG G 92 61.64 15.13 -1.70
CA ARG G 92 60.75 14.34 -0.83
C ARG G 92 59.96 15.23 0.11
N GLN G 93 59.62 16.43 -0.33
CA GLN G 93 58.86 17.39 0.47
C GLN G 93 57.49 17.61 -0.15
N TRP G 94 56.62 18.30 0.59
CA TRP G 94 55.24 18.49 0.16
C TRP G 94 55.19 19.30 -1.14
N GLY G 95 54.44 18.79 -2.10
CA GLY G 95 54.18 19.51 -3.34
C GLY G 95 55.34 19.59 -4.31
N SER G 96 56.50 19.02 -3.99
CA SER G 96 57.63 19.08 -4.91
C SER G 96 57.37 18.19 -6.11
N LYS G 97 57.98 18.56 -7.24
CA LYS G 97 58.07 17.67 -8.39
C LYS G 97 59.19 16.65 -8.23
N THR G 98 59.80 16.57 -7.05
CA THR G 98 60.85 15.61 -6.74
C THR G 98 60.40 14.71 -5.59
N PRO G 99 59.42 13.83 -5.83
CA PRO G 99 59.01 12.87 -4.79
C PRO G 99 60.08 11.82 -4.55
N GLY G 100 59.89 11.07 -3.46
CA GLY G 100 60.91 10.12 -3.02
C GLY G 100 61.15 8.98 -3.99
N HIS G 101 60.13 8.59 -4.74
CA HIS G 101 60.29 7.65 -5.83
C HIS G 101 59.68 8.27 -7.09
N PRO G 102 60.31 8.09 -8.25
CA PRO G 102 59.91 8.83 -9.45
C PRO G 102 58.47 8.52 -9.84
N GLU G 103 57.69 9.59 -10.03
CA GLU G 103 56.27 9.50 -10.37
C GLU G 103 56.02 10.05 -11.77
N TYR G 104 55.17 9.35 -12.51
CA TYR G 104 54.78 9.75 -13.86
C TYR G 104 53.57 10.70 -13.78
N ARG G 105 53.51 11.64 -14.73
CA ARG G 105 52.50 12.69 -14.79
C ARG G 105 52.72 13.71 -13.68
N HIS G 106 53.53 13.38 -12.68
CA HIS G 106 53.92 14.29 -11.61
C HIS G 106 55.15 15.10 -11.98
N THR G 107 56.14 14.46 -12.59
CA THR G 107 57.37 15.11 -13.03
C THR G 107 57.53 14.93 -14.54
N ASP G 108 58.09 15.94 -15.18
CA ASP G 108 58.34 15.87 -16.61
C ASP G 108 59.51 14.93 -16.90
N GLY G 109 59.34 14.10 -17.93
CA GLY G 109 60.38 13.21 -18.36
C GLY G 109 60.49 11.91 -17.60
N VAL G 110 59.58 11.63 -16.68
CA VAL G 110 59.53 10.34 -15.99
C VAL G 110 58.54 9.47 -16.74
N GLU G 111 59.04 8.40 -17.38
CA GLU G 111 58.20 7.63 -18.29
C GLU G 111 57.19 6.78 -17.53
N VAL G 112 57.61 6.13 -16.44
CA VAL G 112 56.72 5.33 -15.60
C VAL G 112 57.06 5.57 -14.14
N THR G 113 56.10 5.26 -13.27
CA THR G 113 56.31 5.35 -11.83
C THR G 113 56.92 4.04 -11.33
N THR G 114 58.08 4.13 -10.71
CA THR G 114 58.80 2.98 -10.17
C THR G 114 58.94 3.13 -8.66
N GLY G 115 59.61 2.16 -8.04
CA GLY G 115 59.70 2.08 -6.60
C GLY G 115 59.47 0.67 -6.10
N PRO G 116 58.29 0.12 -6.40
CA PRO G 116 58.08 -1.33 -6.21
C PRO G 116 58.98 -2.11 -7.15
N LEU G 117 59.85 -2.94 -6.57
CA LEU G 117 60.97 -3.50 -7.32
C LEU G 117 60.51 -4.56 -8.32
N GLY G 118 61.26 -4.67 -9.41
CA GLY G 118 60.94 -5.55 -10.51
C GLY G 118 59.89 -5.02 -11.46
N GLN G 119 59.01 -4.12 -10.99
CA GLN G 119 57.89 -3.70 -11.82
C GLN G 119 58.35 -2.80 -12.97
N GLY G 120 59.36 -1.97 -12.73
CA GLY G 120 59.91 -1.18 -13.81
C GLY G 120 60.52 -2.03 -14.91
N PHE G 121 61.23 -3.09 -14.52
CA PHE G 121 61.80 -4.03 -15.49
C PHE G 121 60.72 -4.60 -16.40
N ALA G 122 59.63 -5.09 -15.83
CA ALA G 122 58.57 -5.69 -16.64
C ALA G 122 57.78 -4.63 -17.41
N MET G 123 57.63 -3.42 -16.84
CA MET G 123 57.00 -2.33 -17.58
C MET G 123 57.85 -1.93 -18.78
N SER G 124 59.17 -2.04 -18.65
CA SER G 124 60.06 -1.78 -19.79
C SER G 124 59.91 -2.87 -20.84
N VAL G 125 59.74 -4.12 -20.41
CA VAL G 125 59.41 -5.18 -21.35
C VAL G 125 58.13 -4.84 -22.12
N GLY G 126 57.14 -4.30 -21.41
CA GLY G 126 55.92 -3.87 -22.09
C GLY G 126 56.13 -2.72 -23.06
N LEU G 127 56.93 -1.73 -22.65
CA LEU G 127 57.28 -0.63 -23.54
C LEU G 127 57.92 -1.14 -24.83
N ALA G 128 58.87 -2.08 -24.69
CA ALA G 128 59.54 -2.62 -25.86
C ALA G 128 58.59 -3.41 -26.74
N LEU G 129 57.67 -4.15 -26.12
CA LEU G 129 56.66 -4.88 -26.89
C LEU G 129 55.77 -3.91 -27.66
N ALA G 130 55.41 -2.78 -27.03
CA ALA G 130 54.65 -1.75 -27.73
C ALA G 130 55.42 -1.22 -28.93
N GLU G 131 56.71 -0.95 -28.74
CA GLU G 131 57.53 -0.47 -29.86
C GLU G 131 57.55 -1.48 -30.99
N ASP G 132 57.75 -2.75 -30.68
CA ASP G 132 57.83 -3.78 -31.72
C ASP G 132 56.51 -3.93 -32.46
N HIS G 133 55.39 -3.98 -31.72
CA HIS G 133 54.09 -4.13 -32.38
C HIS G 133 53.77 -2.92 -33.25
N LEU G 134 54.05 -1.71 -32.76
CA LEU G 134 53.78 -0.52 -33.56
C LEU G 134 54.68 -0.48 -34.80
N ALA G 135 55.94 -0.89 -34.67
CA ALA G 135 56.83 -0.93 -35.82
C ALA G 135 56.31 -1.92 -36.86
N GLY G 136 55.93 -3.12 -36.42
CA GLY G 136 55.33 -4.06 -37.34
C GLY G 136 54.10 -3.50 -38.04
N LYS G 137 53.30 -2.72 -37.32
CA LYS G 137 52.05 -2.25 -37.90
C LYS G 137 52.27 -1.11 -38.90
N PHE G 138 53.07 -0.12 -38.53
CA PHE G 138 53.14 1.13 -39.30
C PHE G 138 54.40 1.30 -40.13
N ASN G 139 55.49 0.61 -39.82
CA ASN G 139 56.72 0.82 -40.56
C ASN G 139 56.61 0.33 -41.99
N LYS G 140 57.24 1.07 -42.90
CA LYS G 140 57.32 0.74 -44.32
C LYS G 140 58.78 0.88 -44.75
N GLU G 141 59.03 0.68 -46.03
CA GLU G 141 60.39 0.79 -46.55
C GLU G 141 60.74 2.26 -46.72
N GLY G 142 61.80 2.69 -46.04
CA GLY G 142 62.16 4.09 -46.00
C GLY G 142 61.38 4.92 -45.00
N TYR G 143 60.41 4.32 -44.31
CA TYR G 143 59.59 5.00 -43.31
C TYR G 143 59.61 4.17 -42.02
N ASN G 144 60.74 4.22 -41.31
CA ASN G 144 60.86 3.60 -39.99
C ASN G 144 60.30 4.57 -38.95
N VAL G 145 58.97 4.72 -38.99
CA VAL G 145 58.29 5.70 -38.15
C VAL G 145 58.36 5.31 -36.67
N VAL G 146 58.51 4.02 -36.38
CA VAL G 146 58.70 3.54 -35.01
C VAL G 146 60.06 2.83 -34.96
N ASP G 147 61.04 3.50 -34.35
CA ASP G 147 62.38 2.93 -34.24
C ASP G 147 63.05 3.61 -33.04
N HIS G 148 63.05 2.93 -31.90
CA HIS G 148 63.69 3.48 -30.72
C HIS G 148 63.98 2.36 -29.73
N TYR G 149 64.88 2.64 -28.81
CA TYR G 149 65.35 1.70 -27.81
C TYR G 149 64.63 1.91 -26.48
N THR G 150 64.63 0.86 -25.67
CA THR G 150 64.09 0.89 -24.31
C THR G 150 65.19 0.49 -23.35
N TYR G 151 65.77 1.48 -22.65
CA TYR G 151 66.79 1.25 -21.65
C TYR G 151 66.17 1.20 -20.26
N VAL G 152 66.72 0.33 -19.41
CA VAL G 152 66.25 0.19 -18.04
C VAL G 152 67.47 0.06 -17.13
N LEU G 153 67.41 0.69 -15.96
CA LEU G 153 68.43 0.57 -14.93
C LEU G 153 67.86 -0.25 -13.78
N ALA G 154 68.60 -1.28 -13.36
CA ALA G 154 68.10 -2.25 -12.39
C ALA G 154 69.05 -2.39 -11.21
N SER G 155 68.48 -2.81 -10.08
CA SER G 155 69.22 -3.19 -8.88
C SER G 155 69.15 -4.69 -8.70
N ASP G 156 69.88 -5.19 -7.69
CA ASP G 156 69.82 -6.61 -7.38
C ASP G 156 68.41 -7.02 -6.96
N GLY G 157 67.72 -6.15 -6.21
CA GLY G 157 66.37 -6.46 -5.79
C GLY G 157 65.40 -6.61 -6.94
N ASP G 158 65.61 -5.84 -8.01
CA ASP G 158 64.79 -6.03 -9.22
C ASP G 158 64.92 -7.46 -9.74
N LEU G 159 66.14 -7.99 -9.77
CA LEU G 159 66.38 -9.29 -10.36
C LEU G 159 65.99 -10.44 -9.43
N MET G 160 66.04 -10.23 -8.12
CA MET G 160 65.58 -11.27 -7.21
C MET G 160 64.07 -11.49 -7.32
N GLU G 161 63.33 -10.46 -7.75
CA GLU G 161 61.88 -10.56 -7.84
C GLU G 161 61.48 -11.47 -9.00
N GLY G 162 60.47 -12.31 -8.76
CA GLY G 162 60.07 -13.28 -9.76
C GLY G 162 59.45 -12.66 -11.00
N ILE G 163 58.89 -11.45 -10.85
CA ILE G 163 58.37 -10.75 -12.01
C ILE G 163 59.47 -10.55 -13.04
N SER G 164 60.71 -10.32 -12.58
CA SER G 164 61.82 -10.17 -13.53
C SER G 164 62.08 -11.47 -14.29
N HIS G 165 61.99 -12.61 -13.60
CA HIS G 165 62.06 -13.90 -14.29
C HIS G 165 61.01 -14.00 -15.38
N GLU G 166 59.75 -13.70 -15.02
CA GLU G 166 58.66 -13.78 -15.99
C GLU G 166 58.93 -12.88 -17.19
N ALA G 167 59.25 -11.62 -16.94
CA ALA G 167 59.37 -10.64 -18.01
C ALA G 167 60.59 -10.91 -18.89
N ALA G 168 61.70 -11.34 -18.29
CA ALA G 168 62.85 -11.71 -19.08
C ALA G 168 62.56 -12.92 -19.96
N SER G 169 61.87 -13.92 -19.40
CA SER G 169 61.42 -15.05 -20.22
C SER G 169 60.61 -14.57 -21.42
N PHE G 170 59.66 -13.66 -21.18
CA PHE G 170 58.82 -13.15 -22.25
C PHE G 170 59.64 -12.43 -23.32
N ALA G 171 60.49 -11.49 -22.91
CA ALA G 171 61.26 -10.72 -23.87
C ALA G 171 62.23 -11.61 -24.64
N GLY G 172 62.80 -12.61 -23.98
CA GLY G 172 63.70 -13.52 -24.67
C GLY G 172 62.99 -14.41 -25.67
N HIS G 173 61.76 -14.82 -25.36
CA HIS G 173 60.98 -15.59 -26.33
C HIS G 173 60.66 -14.78 -27.57
N ASN G 174 60.43 -13.48 -27.43
CA ASN G 174 59.93 -12.65 -28.51
C ASN G 174 61.01 -11.74 -29.11
N LYS G 175 62.28 -11.94 -28.72
CA LYS G 175 63.42 -11.25 -29.33
C LYS G 175 63.26 -9.73 -29.30
N LEU G 176 63.10 -9.20 -28.08
CA LEU G 176 63.00 -7.76 -27.87
C LEU G 176 64.41 -7.19 -27.86
N SER G 177 64.96 -7.00 -29.06
CA SER G 177 66.36 -6.65 -29.26
C SER G 177 66.67 -5.20 -28.91
N LYS G 178 65.67 -4.33 -28.85
CA LYS G 178 65.85 -2.93 -28.51
C LYS G 178 65.70 -2.67 -27.01
N LEU G 179 65.55 -3.71 -26.21
CA LEU G 179 65.52 -3.60 -24.75
C LEU G 179 66.92 -3.85 -24.22
N VAL G 180 67.44 -2.90 -23.44
CA VAL G 180 68.80 -2.96 -22.90
C VAL G 180 68.72 -2.66 -21.40
N VAL G 181 69.16 -3.60 -20.59
CA VAL G 181 69.16 -3.44 -19.14
C VAL G 181 70.59 -3.21 -18.66
N LEU G 182 70.79 -2.13 -17.91
CA LEU G 182 72.01 -1.86 -17.18
C LEU G 182 71.79 -2.27 -15.73
N TYR G 183 72.59 -3.21 -15.24
CA TYR G 183 72.39 -3.80 -13.91
C TYR G 183 73.48 -3.30 -12.97
N ASP G 184 73.09 -2.50 -11.97
CA ASP G 184 73.98 -2.09 -10.90
C ASP G 184 74.28 -3.26 -9.97
N SER G 185 75.33 -4.02 -10.29
CA SER G 185 75.73 -5.18 -9.48
C SER G 185 76.73 -4.71 -8.44
N ASN G 186 76.20 -4.32 -7.27
CA ASN G 186 77.01 -3.81 -6.18
C ASN G 186 77.22 -4.82 -5.06
N ASP G 187 76.59 -6.00 -5.17
CA ASP G 187 76.76 -7.09 -4.20
C ASP G 187 76.33 -6.69 -2.79
N ILE G 188 75.40 -5.74 -2.70
CA ILE G 188 74.90 -5.25 -1.42
C ILE G 188 73.41 -4.99 -1.56
N SER G 189 72.63 -5.40 -0.55
CA SER G 189 71.20 -5.16 -0.52
C SER G 189 70.87 -4.20 0.64
N LEU G 190 69.59 -4.09 0.97
CA LEU G 190 69.20 -3.23 2.09
C LEU G 190 69.65 -3.84 3.42
N ASP G 191 69.48 -5.15 3.59
CA ASP G 191 69.75 -5.82 4.85
C ASP G 191 71.19 -6.31 4.98
N GLY G 192 72.01 -6.13 3.97
CA GLY G 192 73.39 -6.56 4.06
C GLY G 192 73.90 -7.00 2.70
N GLU G 193 74.78 -8.01 2.72
CA GLU G 193 75.44 -8.46 1.51
C GLU G 193 74.52 -9.38 0.70
N LEU G 194 74.69 -9.32 -0.63
CA LEU G 194 73.87 -10.12 -1.53
C LEU G 194 74.07 -11.61 -1.27
N ASN G 195 75.29 -12.03 -0.94
CA ASN G 195 75.59 -13.43 -0.75
C ASN G 195 74.95 -14.03 0.49
N LYS G 196 74.32 -13.21 1.34
CA LYS G 196 73.58 -13.76 2.47
C LYS G 196 72.25 -14.36 2.06
N ALA G 197 71.72 -13.96 0.90
CA ALA G 197 70.48 -14.53 0.38
C ALA G 197 70.52 -14.82 -1.11
N PHE G 198 71.51 -14.33 -1.85
CA PHE G 198 71.51 -14.39 -3.31
C PHE G 198 72.91 -14.75 -3.80
N SER G 199 73.05 -15.92 -4.40
CA SER G 199 74.32 -16.42 -4.92
C SER G 199 74.08 -17.07 -6.28
N GLU G 200 73.62 -16.26 -7.23
CA GLU G 200 73.07 -16.76 -8.49
C GLU G 200 73.82 -16.16 -9.66
N ASN G 201 74.03 -16.96 -10.70
CA ASN G 201 74.70 -16.50 -11.91
C ASN G 201 73.68 -15.81 -12.80
N THR G 202 73.78 -14.48 -12.91
CA THR G 202 72.91 -13.74 -13.81
C THR G 202 73.12 -14.17 -15.25
N LYS G 203 74.38 -14.44 -15.63
CA LYS G 203 74.72 -14.73 -17.02
C LYS G 203 74.00 -15.98 -17.51
N ALA G 204 74.10 -17.07 -16.76
CA ALA G 204 73.50 -18.34 -17.19
C ALA G 204 71.99 -18.24 -17.24
N ARG G 205 71.39 -17.58 -16.24
CA ARG G 205 69.94 -17.41 -16.23
C ARG G 205 69.47 -16.64 -17.46
N PHE G 206 70.11 -15.51 -17.75
CA PHE G 206 69.61 -14.69 -18.85
C PHE G 206 69.94 -15.30 -20.20
N GLU G 207 71.08 -15.98 -20.35
CA GLU G 207 71.31 -16.71 -21.59
C GLU G 207 70.34 -17.86 -21.75
N ALA G 208 69.85 -18.42 -20.64
CA ALA G 208 68.81 -19.43 -20.74
C ALA G 208 67.47 -18.81 -21.10
N TYR G 209 67.27 -17.52 -20.78
CA TYR G 209 66.07 -16.84 -21.27
C TYR G 209 66.14 -16.52 -22.77
N GLY G 210 67.31 -16.62 -23.38
CA GLY G 210 67.49 -16.13 -24.73
C GLY G 210 67.98 -14.70 -24.81
N TRP G 211 68.59 -14.20 -23.73
CA TRP G 211 69.16 -12.86 -23.70
C TRP G 211 70.64 -12.90 -24.03
N ASN G 212 71.17 -11.75 -24.43
CA ASN G 212 72.60 -11.55 -24.55
C ASN G 212 73.11 -10.90 -23.27
N TYR G 213 74.32 -11.27 -22.87
CA TYR G 213 74.89 -10.82 -21.60
C TYR G 213 76.25 -10.18 -21.85
N LEU G 214 76.54 -9.13 -21.07
CA LEU G 214 77.80 -8.42 -21.15
C LEU G 214 78.22 -8.03 -19.74
N LEU G 215 79.53 -8.05 -19.49
CA LEU G 215 80.07 -7.82 -18.15
C LEU G 215 80.99 -6.63 -18.18
N VAL G 216 80.70 -5.64 -17.34
CA VAL G 216 81.52 -4.44 -17.19
C VAL G 216 82.21 -4.54 -15.83
N LYS G 217 83.52 -4.79 -15.84
CA LYS G 217 84.22 -5.07 -14.59
C LYS G 217 84.46 -3.81 -13.77
N ASP G 218 84.63 -2.67 -14.43
CA ASP G 218 84.86 -1.39 -13.76
C ASP G 218 83.66 -0.49 -14.00
N GLY G 219 82.89 -0.22 -12.94
CA GLY G 219 81.72 0.63 -13.01
C GLY G 219 82.01 2.09 -13.25
N ASN G 220 83.26 2.52 -13.08
CA ASN G 220 83.65 3.91 -13.32
C ASN G 220 84.28 4.11 -14.69
N ASP G 221 84.51 3.03 -15.44
CA ASP G 221 85.07 3.11 -16.78
C ASP G 221 83.98 3.53 -17.75
N LEU G 222 84.04 4.78 -18.22
CA LEU G 222 83.04 5.25 -19.16
C LEU G 222 83.19 4.56 -20.51
N GLU G 223 84.42 4.25 -20.92
CA GLU G 223 84.64 3.61 -22.22
C GLU G 223 84.15 2.17 -22.23
N GLU G 224 84.36 1.43 -21.14
CA GLU G 224 83.87 0.05 -21.08
C GLU G 224 82.35 0.01 -21.11
N ILE G 225 81.70 0.92 -20.37
CA ILE G 225 80.25 1.00 -20.41
C ILE G 225 79.76 1.36 -21.81
N ASP G 226 80.40 2.34 -22.45
CA ASP G 226 79.97 2.74 -23.79
C ASP G 226 80.16 1.61 -24.80
N LYS G 227 81.27 0.87 -24.70
CA LYS G 227 81.48 -0.27 -25.57
C LYS G 227 80.41 -1.33 -25.35
N ALA G 228 80.05 -1.58 -24.09
CA ALA G 228 78.99 -2.54 -23.80
C ALA G 228 77.67 -2.10 -24.40
N ILE G 229 77.34 -0.80 -24.28
CA ILE G 229 76.06 -0.32 -24.81
C ILE G 229 76.05 -0.37 -26.33
N THR G 230 77.18 0.00 -26.95
CA THR G 230 77.31 -0.06 -28.39
C THR G 230 77.10 -1.49 -28.90
N THR G 231 77.72 -2.47 -28.23
CA THR G 231 77.53 -3.85 -28.61
C THR G 231 76.10 -4.32 -28.35
N ALA G 232 75.50 -3.82 -27.27
CA ALA G 232 74.15 -4.25 -26.91
C ALA G 232 73.12 -3.81 -27.95
N LYS G 233 73.29 -2.60 -28.48
CA LYS G 233 72.36 -2.12 -29.49
C LYS G 233 72.47 -2.87 -30.81
N SER G 234 73.58 -3.59 -31.02
CA SER G 234 73.78 -4.32 -32.28
C SER G 234 73.15 -5.71 -32.25
N GLN G 235 72.95 -6.29 -31.08
CA GLN G 235 72.57 -7.69 -31.00
C GLN G 235 71.09 -7.89 -31.32
N GLU G 236 70.78 -9.12 -31.77
CA GLU G 236 69.48 -9.47 -32.31
C GLU G 236 68.46 -9.83 -31.24
N GLY G 237 68.87 -9.98 -29.98
CA GLY G 237 67.93 -10.28 -28.93
C GLY G 237 68.02 -9.28 -27.79
N PRO G 238 67.26 -9.52 -26.72
CA PRO G 238 67.38 -8.67 -25.53
C PRO G 238 68.74 -8.86 -24.88
N THR G 239 69.21 -7.79 -24.24
CA THR G 239 70.58 -7.76 -23.72
C THR G 239 70.62 -7.16 -22.32
N ILE G 240 71.23 -7.91 -21.40
CA ILE G 240 71.50 -7.47 -20.02
C ILE G 240 72.98 -7.11 -19.92
N ILE G 241 73.27 -5.94 -19.38
CA ILE G 241 74.64 -5.50 -19.11
C ILE G 241 74.82 -5.40 -17.60
N GLU G 242 75.67 -6.27 -17.06
CA GLU G 242 76.00 -6.24 -15.63
C GLU G 242 77.20 -5.32 -15.43
N VAL G 243 76.96 -4.19 -14.77
CA VAL G 243 78.02 -3.24 -14.45
C VAL G 243 78.40 -3.43 -12.99
N LYS G 244 79.65 -3.79 -12.75
CA LYS G 244 80.15 -4.00 -11.39
C LYS G 244 80.53 -2.65 -10.80
N THR G 245 79.80 -2.23 -9.77
CA THR G 245 80.02 -0.95 -9.12
C THR G 245 80.19 -1.15 -7.62
N THR G 246 80.83 -0.18 -6.97
CA THR G 246 80.93 -0.13 -5.52
C THR G 246 79.86 0.83 -5.01
N ILE G 247 78.92 0.30 -4.22
CA ILE G 247 77.84 1.13 -3.71
C ILE G 247 78.42 2.18 -2.76
N GLY G 248 78.00 3.42 -2.93
CA GLY G 248 78.56 4.52 -2.17
C GLY G 248 79.98 4.87 -2.55
N PHE G 249 80.33 4.73 -3.83
CA PHE G 249 81.69 5.01 -4.27
C PHE G 249 82.05 6.47 -4.00
N GLY G 250 83.17 6.67 -3.30
CA GLY G 250 83.59 7.97 -2.82
C GLY G 250 83.46 8.14 -1.33
N SER G 251 82.51 7.45 -0.72
CA SER G 251 82.40 7.44 0.74
C SER G 251 83.61 6.73 1.33
N PRO G 252 84.41 7.38 2.18
CA PRO G 252 85.55 6.67 2.79
C PRO G 252 85.12 5.55 3.72
N ASN G 253 84.00 5.70 4.44
CA ASN G 253 83.62 4.75 5.47
C ASN G 253 82.32 4.01 5.22
N LYS G 254 81.41 4.54 4.41
CA LYS G 254 80.11 3.90 4.20
C LYS G 254 80.03 3.12 2.89
N ALA G 255 81.01 3.26 2.00
CA ALA G 255 80.99 2.51 0.75
C ALA G 255 81.09 1.01 1.02
N GLY G 256 80.48 0.23 0.13
CA GLY G 256 80.52 -1.21 0.27
C GLY G 256 79.73 -1.77 1.43
N THR G 257 78.88 -0.97 2.07
CA THR G 257 78.01 -1.41 3.15
C THR G 257 76.57 -1.08 2.80
N ASN G 258 75.65 -1.74 3.49
CA ASN G 258 74.23 -1.47 3.28
C ASN G 258 73.79 -0.14 3.88
N GLY G 259 74.56 0.39 4.84
CA GLY G 259 74.20 1.65 5.47
C GLY G 259 74.16 2.81 4.49
N VAL G 260 75.06 2.83 3.52
CA VAL G 260 75.03 3.85 2.46
C VAL G 260 73.88 3.63 1.48
N HIS G 261 73.08 2.57 1.67
CA HIS G 261 72.01 2.27 0.71
C HIS G 261 70.90 3.32 0.77
N GLY G 262 70.27 3.49 1.94
CA GLY G 262 69.09 4.33 2.02
C GLY G 262 69.00 5.24 3.22
N ALA G 263 70.11 5.84 3.62
CA ALA G 263 70.14 6.83 4.68
C ALA G 263 71.14 7.90 4.27
N PRO G 264 70.86 9.17 4.61
CA PRO G 264 71.79 10.24 4.24
C PRO G 264 73.19 9.99 4.76
N LEU G 265 74.17 10.44 3.99
CA LEU G 265 75.58 10.26 4.35
C LEU G 265 75.88 10.87 5.71
N GLY G 266 75.36 12.07 5.97
CA GLY G 266 75.83 12.88 7.07
C GLY G 266 76.83 13.91 6.59
N GLU G 267 76.96 15.02 7.35
CA GLU G 267 77.86 16.09 6.93
C GLU G 267 79.28 15.54 6.87
N VAL G 268 79.81 15.09 8.01
CA VAL G 268 81.20 14.61 8.08
C VAL G 268 81.53 13.72 6.88
N GLU G 269 80.71 12.69 6.67
CA GLU G 269 80.97 11.76 5.57
C GLU G 269 80.85 12.45 4.21
N ARG G 270 79.92 13.41 4.08
CA ARG G 270 79.79 14.14 2.82
C ARG G 270 81.03 14.98 2.51
N LYS G 271 81.58 15.65 3.53
CA LYS G 271 82.85 16.34 3.39
C LYS G 271 83.93 15.41 2.84
N LEU G 272 84.14 14.29 3.54
CA LEU G 272 85.22 13.40 3.12
C LEU G 272 84.97 12.82 1.72
N THR G 273 83.70 12.54 1.40
CA THR G 273 83.35 12.04 0.08
C THR G 273 83.66 13.08 -1.00
N PHE G 274 83.31 14.34 -0.75
CA PHE G 274 83.65 15.40 -1.68
C PHE G 274 85.15 15.52 -1.86
N GLU G 275 85.90 15.36 -0.76
CA GLU G 275 87.36 15.34 -0.89
C GLU G 275 87.81 14.24 -1.84
N ASN G 276 87.22 13.05 -1.71
CA ASN G 276 87.58 11.96 -2.61
C ASN G 276 87.24 12.28 -4.06
N TYR G 277 86.10 12.94 -4.29
CA TYR G 277 85.79 13.39 -5.65
C TYR G 277 86.73 14.50 -6.11
N GLY G 278 87.30 15.24 -5.16
CA GLY G 278 87.98 16.46 -5.52
C GLY G 278 87.04 17.60 -5.82
N LEU G 279 86.00 17.78 -5.01
CA LEU G 279 85.02 18.84 -5.18
C LEU G 279 84.96 19.68 -3.90
N ASP G 280 84.78 20.99 -4.07
CA ASP G 280 84.72 21.88 -2.91
C ASP G 280 83.48 21.59 -2.07
N PRO G 281 83.62 21.51 -0.72
CA PRO G 281 82.54 20.98 0.11
C PRO G 281 81.64 22.03 0.76
N GLU G 282 81.96 23.32 0.63
CA GLU G 282 81.12 24.38 1.19
C GLU G 282 80.29 25.08 0.13
N LYS G 283 80.07 24.43 -1.00
CA LYS G 283 79.11 24.87 -2.01
C LYS G 283 78.11 23.73 -2.23
N ARG G 284 76.87 23.96 -1.84
CA ARG G 284 75.81 22.97 -1.97
C ARG G 284 75.00 23.22 -3.23
N PHE G 285 74.57 22.14 -3.87
CA PHE G 285 73.82 22.22 -5.13
C PHE G 285 74.61 22.97 -6.19
N ASN G 286 75.92 22.73 -6.22
CA ASN G 286 76.80 23.40 -7.17
C ASN G 286 76.83 22.63 -8.49
N VAL G 287 76.56 23.33 -9.58
CA VAL G 287 76.70 22.79 -10.93
C VAL G 287 77.62 23.72 -11.69
N SER G 288 78.74 23.19 -12.19
CA SER G 288 79.58 23.95 -13.09
C SER G 288 78.86 24.15 -14.43
N GLU G 289 79.03 25.34 -15.02
CA GLU G 289 78.40 25.59 -16.31
C GLU G 289 78.89 24.62 -17.36
N GLU G 290 80.10 24.08 -17.21
CA GLU G 290 80.63 23.15 -18.18
C GLU G 290 79.81 21.86 -18.23
N VAL G 291 79.21 21.45 -17.11
CA VAL G 291 78.43 20.21 -17.10
C VAL G 291 77.12 20.40 -17.87
N TYR G 292 76.37 21.45 -17.53
CA TYR G 292 75.23 21.86 -18.35
C TYR G 292 75.61 21.89 -19.82
N GLU G 293 76.79 22.46 -20.11
CA GLU G 293 77.21 22.64 -21.49
C GLU G 293 77.46 21.30 -22.17
N ILE G 294 78.12 20.37 -21.47
CA ILE G 294 78.34 19.03 -22.01
C ILE G 294 77.01 18.40 -22.38
N PHE G 295 76.03 18.50 -21.47
CA PHE G 295 74.73 17.89 -21.76
C PHE G 295 74.06 18.54 -22.95
N GLN G 296 74.12 19.88 -23.03
CA GLN G 296 73.57 20.59 -24.18
C GLN G 296 74.19 20.10 -25.47
N ASN G 297 75.51 20.02 -25.53
CA ASN G 297 76.20 19.69 -26.77
C ASN G 297 76.08 18.21 -27.12
N THR G 298 75.82 17.34 -26.14
CA THR G 298 75.75 15.91 -26.42
C THR G 298 74.32 15.41 -26.56
N MET G 299 73.55 15.40 -25.47
CA MET G 299 72.25 14.74 -25.53
C MET G 299 71.19 15.64 -26.14
N LEU G 300 71.11 16.89 -25.71
CA LEU G 300 69.99 17.75 -26.09
C LEU G 300 69.98 18.02 -27.59
N LYS G 301 71.14 18.36 -28.16
CA LYS G 301 71.18 18.69 -29.58
C LYS G 301 70.94 17.45 -30.43
N ARG G 302 71.52 16.31 -30.04
CA ARG G 302 71.24 15.06 -30.73
C ARG G 302 69.77 14.70 -30.68
N ALA G 303 69.13 14.87 -29.52
CA ALA G 303 67.72 14.54 -29.40
C ALA G 303 66.87 15.47 -30.26
N ASN G 304 67.21 16.76 -30.30
CA ASN G 304 66.41 17.68 -31.08
C ASN G 304 66.57 17.44 -32.58
N GLU G 305 67.78 17.09 -33.03
CA GLU G 305 67.92 16.76 -34.44
C GLU G 305 67.26 15.43 -34.78
N ASP G 306 67.27 14.46 -33.84
CA ASP G 306 66.55 13.22 -34.05
C ASP G 306 65.05 13.48 -34.20
N GLU G 307 64.50 14.33 -33.33
CA GLU G 307 63.07 14.65 -33.43
C GLU G 307 62.75 15.42 -34.71
N SER G 308 63.62 16.36 -35.11
CA SER G 308 63.37 17.12 -36.33
C SER G 308 63.35 16.21 -37.55
N GLN G 309 64.31 15.27 -37.62
CA GLN G 309 64.34 14.35 -38.74
C GLN G 309 63.17 13.39 -38.70
N TRP G 310 62.77 12.94 -37.50
CA TRP G 310 61.58 12.10 -37.38
C TRP G 310 60.34 12.84 -37.86
N ASN G 311 60.23 14.12 -37.52
CA ASN G 311 59.07 14.91 -37.92
C ASN G 311 59.03 15.10 -39.43
N SER G 312 60.17 15.43 -40.03
CA SER G 312 60.23 15.54 -41.48
C SER G 312 59.90 14.21 -42.15
N LEU G 313 60.40 13.11 -41.60
CA LEU G 313 60.09 11.79 -42.16
C LEU G 313 58.60 11.49 -42.06
N LEU G 314 57.94 11.97 -41.00
CA LEU G 314 56.50 11.74 -40.90
C LEU G 314 55.73 12.59 -41.90
N GLU G 315 56.17 13.82 -42.14
CA GLU G 315 55.57 14.61 -43.20
C GLU G 315 55.72 13.92 -44.55
N LYS G 316 56.85 13.25 -44.77
CA LYS G 316 57.02 12.47 -45.99
C LYS G 316 56.14 11.23 -45.99
N TYR G 317 55.97 10.62 -44.82
CA TYR G 317 55.19 9.39 -44.66
C TYR G 317 53.72 9.65 -44.96
N ALA G 318 53.23 10.83 -44.59
CA ALA G 318 51.81 11.14 -44.80
C ALA G 318 51.47 11.20 -46.28
N GLU G 319 52.41 11.62 -47.13
CA GLU G 319 52.13 11.71 -48.56
C GLU G 319 52.03 10.33 -49.20
N THR G 320 52.98 9.44 -48.90
CA THR G 320 53.02 8.12 -49.52
C THR G 320 52.00 7.16 -48.93
N TYR G 321 51.69 7.29 -47.65
CA TYR G 321 50.77 6.40 -46.95
C TYR G 321 49.80 7.26 -46.15
N PRO G 322 48.82 7.88 -46.83
CA PRO G 322 47.98 8.87 -46.14
C PRO G 322 47.13 8.29 -45.02
N GLU G 323 46.38 7.22 -45.30
CA GLU G 323 45.49 6.69 -44.27
C GLU G 323 46.27 6.09 -43.12
N LEU G 324 47.39 5.41 -43.41
CA LEU G 324 48.23 4.90 -42.35
C LEU G 324 48.76 6.03 -41.47
N ALA G 325 49.09 7.17 -42.08
CA ALA G 325 49.55 8.30 -41.30
C ALA G 325 48.45 8.87 -40.42
N GLU G 326 47.21 8.97 -40.94
CA GLU G 326 46.12 9.46 -40.12
C GLU G 326 45.84 8.52 -38.96
N GLU G 327 45.81 7.21 -39.24
CA GLU G 327 45.71 6.20 -38.20
C GLU G 327 46.80 6.37 -37.15
N PHE G 328 48.03 6.62 -37.59
CA PHE G 328 49.15 6.79 -36.67
C PHE G 328 48.94 8.00 -35.77
N LYS G 329 48.61 9.15 -36.37
CA LYS G 329 48.43 10.37 -35.60
C LYS G 329 47.33 10.20 -34.56
N LEU G 330 46.20 9.57 -34.96
CA LEU G 330 45.14 9.33 -34.00
C LEU G 330 45.59 8.39 -32.88
N ALA G 331 46.36 7.35 -33.22
CA ALA G 331 46.87 6.46 -32.19
C ALA G 331 47.73 7.23 -31.19
N ILE G 332 48.67 8.03 -31.69
CA ILE G 332 49.53 8.83 -30.82
C ILE G 332 48.70 9.76 -29.95
N SER G 333 47.59 10.28 -30.47
CA SER G 333 46.73 11.13 -29.65
C SER G 333 46.08 10.35 -28.52
N GLY G 334 45.92 9.04 -28.69
CA GLY G 334 45.17 8.24 -27.73
C GLY G 334 43.66 8.31 -27.88
N LYS G 335 43.17 9.06 -28.87
CA LYS G 335 41.75 9.15 -29.11
C LYS G 335 41.25 7.91 -29.86
N LEU G 336 39.95 7.69 -29.77
CA LEU G 336 39.29 6.58 -30.44
C LEU G 336 38.67 7.03 -31.75
N PRO G 337 38.42 6.11 -32.67
CA PRO G 337 37.64 6.46 -33.87
C PRO G 337 36.26 6.96 -33.49
N LYS G 338 35.72 7.84 -34.34
CA LYS G 338 34.38 8.34 -34.12
C LYS G 338 33.35 7.30 -34.52
N ASN G 339 32.26 7.24 -33.75
CA ASN G 339 31.17 6.29 -34.02
C ASN G 339 31.68 4.86 -34.06
N TYR G 340 32.67 4.55 -33.21
CA TYR G 340 33.16 3.18 -33.12
C TYR G 340 32.17 2.26 -32.45
N LYS G 341 31.20 2.82 -31.72
CA LYS G 341 30.23 2.05 -30.94
C LYS G 341 29.08 1.51 -31.78
N ASP G 342 28.95 1.93 -33.04
CA ASP G 342 27.82 1.49 -33.86
C ASP G 342 27.99 0.04 -34.29
N GLU G 343 29.21 -0.38 -34.58
CA GLU G 343 29.46 -1.76 -34.96
C GLU G 343 29.54 -2.71 -33.77
N LEU G 344 29.34 -2.19 -32.57
CA LEU G 344 29.39 -3.03 -31.38
C LEU G 344 28.11 -3.86 -31.26
N PRO G 345 28.19 -5.05 -30.66
CA PRO G 345 27.06 -5.99 -30.74
C PRO G 345 25.90 -5.58 -29.85
N ARG G 346 24.70 -5.86 -30.34
CA ARG G 346 23.48 -5.72 -29.55
C ARG G 346 22.89 -7.10 -29.30
N PHE G 347 22.38 -7.31 -28.09
CA PHE G 347 21.80 -8.59 -27.69
C PHE G 347 20.33 -8.38 -27.36
N GLU G 348 19.48 -9.22 -27.93
CA GLU G 348 18.04 -9.06 -27.81
C GLU G 348 17.48 -9.88 -26.66
N LEU G 349 16.24 -9.56 -26.29
CA LEU G 349 15.56 -10.29 -25.23
C LEU G 349 15.46 -11.77 -25.58
N GLY G 350 15.67 -12.62 -24.59
CA GLY G 350 15.70 -14.06 -24.82
C GLY G 350 17.06 -14.63 -25.14
N HIS G 351 18.08 -13.79 -25.25
CA HIS G 351 19.45 -14.25 -25.45
C HIS G 351 20.10 -14.44 -24.09
N ASN G 352 20.70 -15.62 -23.88
CA ASN G 352 21.43 -15.94 -22.67
C ASN G 352 22.89 -16.15 -23.03
N GLY G 353 23.76 -15.41 -22.39
CA GLY G 353 25.17 -15.46 -22.74
C GLY G 353 26.03 -15.12 -21.54
N ALA G 354 27.18 -15.75 -21.46
CA ALA G 354 28.12 -15.42 -20.40
C ALA G 354 28.72 -14.05 -20.64
N SER G 355 29.06 -13.36 -19.54
CA SER G 355 29.79 -12.10 -19.65
C SER G 355 31.07 -12.26 -20.48
N ARG G 356 31.72 -13.42 -20.36
CA ARG G 356 32.95 -13.65 -21.12
C ARG G 356 32.67 -13.87 -22.60
N ALA G 357 31.60 -14.61 -22.94
CA ALA G 357 31.29 -14.85 -24.34
C ALA G 357 30.86 -13.57 -25.04
N ASP G 358 30.02 -12.77 -24.38
CA ASP G 358 29.59 -11.51 -24.96
C ASP G 358 30.76 -10.53 -25.03
N SER G 359 31.65 -10.55 -24.02
CA SER G 359 32.87 -9.77 -24.09
C SER G 359 33.71 -10.19 -25.28
N GLY G 360 33.74 -11.48 -25.60
CA GLY G 360 34.48 -11.93 -26.77
C GLY G 360 33.90 -11.42 -28.07
N THR G 361 32.58 -11.44 -28.19
CA THR G 361 31.93 -10.84 -29.36
C THR G 361 32.29 -9.35 -29.47
N VAL G 362 32.23 -8.64 -28.35
CA VAL G 362 32.56 -7.22 -28.33
C VAL G 362 34.03 -7.01 -28.73
N ILE G 363 34.91 -7.90 -28.29
CA ILE G 363 36.33 -7.79 -28.62
C ILE G 363 36.53 -7.99 -30.11
N GLN G 364 35.86 -9.00 -30.67
CA GLN G 364 35.87 -9.20 -32.12
C GLN G 364 35.53 -7.91 -32.85
N ALA G 365 34.48 -7.21 -32.37
CA ALA G 365 34.11 -5.95 -33.02
C ALA G 365 35.16 -4.86 -32.80
N ILE G 366 35.71 -4.78 -31.58
CA ILE G 366 36.60 -3.68 -31.21
C ILE G 366 37.87 -3.73 -32.04
N SER G 367 38.47 -4.92 -32.14
CA SER G 367 39.68 -5.07 -32.95
C SER G 367 39.43 -4.65 -34.40
N LYS G 368 38.20 -4.86 -34.90
CA LYS G 368 37.89 -4.46 -36.27
C LYS G 368 37.81 -2.95 -36.40
N THR G 369 37.10 -2.29 -35.48
CA THR G 369 36.87 -0.87 -35.63
C THR G 369 37.88 0.02 -34.89
N VAL G 370 38.60 -0.52 -33.91
CA VAL G 370 39.62 0.27 -33.21
C VAL G 370 40.99 -0.29 -33.51
N PRO G 371 41.78 0.35 -34.39
CA PRO G 371 43.10 -0.21 -34.77
C PRO G 371 44.15 -0.16 -33.67
N SER G 372 43.92 0.57 -32.58
CA SER G 372 44.89 0.64 -31.49
C SER G 372 44.74 -0.51 -30.50
N PHE G 373 43.76 -1.39 -30.68
CA PHE G 373 43.50 -2.48 -29.75
C PHE G 373 44.63 -3.51 -29.79
N PHE G 374 45.09 -3.94 -28.63
CA PHE G 374 46.21 -4.87 -28.52
C PHE G 374 46.20 -5.50 -27.13
N GLY G 375 46.48 -6.79 -27.07
CA GLY G 375 46.52 -7.47 -25.80
C GLY G 375 46.36 -8.97 -25.95
N GLY G 376 46.25 -9.65 -24.81
CA GLY G 376 46.13 -11.10 -24.82
C GLY G 376 45.97 -11.63 -23.41
N SER G 377 45.95 -12.95 -23.32
CA SER G 377 45.67 -13.67 -22.09
C SER G 377 46.92 -14.32 -21.52
N ALA G 378 46.84 -14.67 -20.23
CA ALA G 378 47.92 -15.39 -19.54
C ALA G 378 47.66 -16.89 -19.65
N ASP G 379 47.71 -17.39 -20.88
CA ASP G 379 47.51 -18.79 -21.20
C ASP G 379 46.10 -19.27 -20.88
N LEU G 380 45.10 -18.39 -21.02
CA LEU G 380 43.71 -18.77 -20.77
C LEU G 380 42.78 -18.15 -21.80
N ALA G 381 43.29 -17.87 -22.99
CA ALA G 381 42.51 -17.15 -24.00
C ALA G 381 41.25 -17.92 -24.39
N GLY G 382 41.32 -19.25 -24.37
CA GLY G 382 40.13 -20.04 -24.63
C GLY G 382 39.11 -19.92 -23.51
N SER G 383 39.59 -19.83 -22.27
CA SER G 383 38.66 -19.69 -21.14
C SER G 383 38.21 -18.24 -20.98
N ASN G 384 39.10 -17.29 -21.27
CA ASN G 384 38.82 -15.88 -21.09
C ASN G 384 38.06 -15.27 -22.28
N LYS G 385 38.04 -15.94 -23.43
CA LYS G 385 37.43 -15.41 -24.64
C LYS G 385 38.00 -14.05 -25.00
N SER G 386 39.32 -13.94 -24.91
CA SER G 386 40.05 -12.70 -25.17
C SER G 386 40.72 -12.68 -26.53
N ASN G 387 40.77 -13.81 -27.22
CA ASN G 387 41.41 -13.87 -28.53
C ASN G 387 40.65 -13.05 -29.57
N VAL G 388 41.37 -12.58 -30.58
CA VAL G 388 40.76 -12.00 -31.77
C VAL G 388 40.88 -13.03 -32.89
N ASN G 389 39.74 -13.53 -33.37
CA ASN G 389 39.73 -14.73 -34.19
C ASN G 389 40.31 -14.47 -35.58
N ASP G 390 40.03 -13.31 -36.16
CA ASP G 390 40.54 -12.95 -37.47
C ASP G 390 41.85 -12.17 -37.39
N ALA G 391 42.64 -12.37 -36.34
CA ALA G 391 43.92 -11.71 -36.17
C ALA G 391 45.00 -12.75 -35.93
N THR G 392 46.22 -12.43 -36.34
CA THR G 392 47.34 -13.34 -36.15
C THR G 392 47.87 -13.23 -34.72
N ASP G 393 48.80 -14.11 -34.39
CA ASP G 393 49.43 -14.11 -33.07
C ASP G 393 50.69 -13.26 -33.11
N TYR G 394 50.88 -12.42 -32.08
CA TYR G 394 52.12 -11.69 -31.97
C TYR G 394 53.28 -12.67 -31.85
N SER G 395 54.37 -12.37 -32.54
CA SER G 395 55.57 -13.19 -32.50
C SER G 395 56.75 -12.35 -32.97
N SER G 396 57.97 -12.83 -32.69
CA SER G 396 59.15 -12.20 -33.24
C SER G 396 59.08 -12.16 -34.76
N GLU G 397 58.45 -13.18 -35.37
CA GLU G 397 58.29 -13.21 -36.81
C GLU G 397 57.20 -12.26 -37.27
N THR G 398 56.10 -12.17 -36.52
CA THR G 398 54.94 -11.35 -36.88
C THR G 398 54.65 -10.37 -35.76
N PRO G 399 55.42 -9.27 -35.68
CA PRO G 399 55.13 -8.25 -34.66
C PRO G 399 53.81 -7.55 -34.90
N GLU G 400 53.31 -7.56 -36.14
CA GLU G 400 52.02 -6.94 -36.44
C GLU G 400 50.84 -7.72 -35.87
N GLY G 401 51.06 -8.91 -35.35
CA GLY G 401 49.97 -9.71 -34.82
C GLY G 401 49.41 -9.11 -33.55
N LYS G 402 48.10 -9.24 -33.37
CA LYS G 402 47.37 -8.54 -32.31
C LYS G 402 47.03 -9.42 -31.10
N ASN G 403 47.30 -10.73 -31.18
CA ASN G 403 46.99 -11.66 -30.10
C ASN G 403 48.28 -12.03 -29.38
N VAL G 404 48.40 -11.63 -28.11
CA VAL G 404 49.62 -11.79 -27.34
C VAL G 404 49.51 -13.02 -26.45
N TRP G 405 50.50 -13.89 -26.53
CA TRP G 405 50.58 -15.08 -25.69
C TRP G 405 51.52 -14.79 -24.53
N PHE G 406 50.95 -14.55 -23.35
CA PHE G 406 51.73 -14.15 -22.19
C PHE G 406 52.27 -15.33 -21.39
N GLY G 407 51.86 -16.56 -21.72
CA GLY G 407 52.16 -17.69 -20.88
C GLY G 407 51.53 -17.52 -19.50
N VAL G 408 51.93 -18.40 -18.58
CA VAL G 408 51.45 -18.29 -17.21
C VAL G 408 52.31 -17.28 -16.46
N ARG G 409 52.11 -15.97 -16.76
CA ARG G 409 52.89 -14.87 -16.20
C ARG G 409 51.94 -13.68 -15.91
N GLU G 410 51.11 -13.82 -14.89
CA GLU G 410 50.06 -12.82 -14.64
C GLU G 410 50.64 -11.47 -14.23
N PHE G 411 51.60 -11.48 -13.29
CA PHE G 411 52.18 -10.24 -12.80
C PHE G 411 52.94 -9.51 -13.91
N ALA G 412 53.83 -10.23 -14.61
CA ALA G 412 54.54 -9.62 -15.72
C ALA G 412 53.59 -9.17 -16.82
N MET G 413 52.48 -9.89 -17.01
CA MET G 413 51.48 -9.43 -17.98
C MET G 413 50.88 -8.09 -17.55
N GLY G 414 50.56 -7.95 -16.26
CA GLY G 414 50.05 -6.68 -15.79
C GLY G 414 51.02 -5.54 -16.00
N ALA G 415 52.29 -5.77 -15.65
CA ALA G 415 53.29 -4.72 -15.83
C ALA G 415 53.54 -4.42 -17.30
N ALA G 416 53.44 -5.41 -18.18
CA ALA G 416 53.65 -5.18 -19.60
C ALA G 416 52.49 -4.41 -20.21
N VAL G 417 51.26 -4.71 -19.76
CA VAL G 417 50.10 -3.94 -20.18
C VAL G 417 50.25 -2.48 -19.74
N ASN G 418 50.73 -2.28 -18.51
CA ASN G 418 50.97 -0.91 -18.04
C ASN G 418 52.02 -0.22 -18.89
N GLY G 419 53.10 -0.92 -19.22
CA GLY G 419 54.12 -0.33 -20.09
C GLY G 419 53.60 0.03 -21.46
N MET G 420 52.72 -0.81 -22.01
CA MET G 420 52.14 -0.49 -23.31
C MET G 420 51.25 0.74 -23.23
N ALA G 421 50.43 0.83 -22.16
CA ALA G 421 49.63 2.04 -21.97
C ALA G 421 50.51 3.27 -21.81
N ALA G 422 51.65 3.12 -21.13
CA ALA G 422 52.55 4.24 -20.94
C ALA G 422 53.24 4.65 -22.24
N HIS G 423 53.42 3.71 -23.16
CA HIS G 423 54.14 4.02 -24.40
C HIS G 423 53.34 4.97 -25.27
N GLY G 424 52.05 4.71 -25.44
CA GLY G 424 51.22 5.53 -26.31
C GLY G 424 50.96 4.86 -27.65
N GLY G 425 49.88 5.27 -28.29
CA GLY G 425 49.47 4.70 -29.56
C GLY G 425 48.69 3.41 -29.46
N LEU G 426 48.58 2.83 -28.27
CA LEU G 426 47.95 1.53 -28.10
C LEU G 426 46.93 1.59 -26.98
N HIS G 427 45.85 0.82 -27.15
CA HIS G 427 44.89 0.56 -26.09
C HIS G 427 45.12 -0.87 -25.60
N PRO G 428 45.89 -1.07 -24.54
CA PRO G 428 46.27 -2.42 -24.10
C PRO G 428 45.21 -3.11 -23.24
N TYR G 429 45.28 -4.44 -23.25
CA TYR G 429 44.43 -5.25 -22.39
C TYR G 429 45.16 -6.53 -22.02
N GLY G 430 44.83 -7.06 -20.85
CA GLY G 430 45.31 -8.37 -20.44
C GLY G 430 44.17 -9.17 -19.85
N ALA G 431 44.33 -10.49 -19.87
CA ALA G 431 43.26 -11.39 -19.46
C ALA G 431 43.82 -12.49 -18.56
N THR G 432 43.06 -12.80 -17.50
CA THR G 432 43.33 -13.95 -16.64
C THR G 432 42.05 -14.29 -15.87
N PHE G 433 42.12 -15.33 -15.05
CA PHE G 433 41.01 -15.64 -14.15
C PHE G 433 40.97 -14.63 -13.02
N PHE G 434 39.74 -14.30 -12.59
CA PHE G 434 39.58 -13.27 -11.56
C PHE G 434 40.29 -13.66 -10.27
N VAL G 435 40.20 -14.93 -9.87
CA VAL G 435 40.82 -15.39 -8.63
C VAL G 435 42.34 -15.17 -8.66
N PHE G 436 42.94 -15.17 -9.84
CA PHE G 436 44.37 -14.98 -9.98
C PHE G 436 44.73 -13.53 -10.27
N SER G 437 43.79 -12.61 -10.08
CA SER G 437 44.14 -11.19 -10.09
C SER G 437 45.09 -10.85 -8.93
N ASP G 438 45.09 -11.66 -7.87
CA ASP G 438 46.02 -11.44 -6.77
C ASP G 438 47.47 -11.47 -7.26
N TYR G 439 47.76 -12.26 -8.30
CA TYR G 439 49.13 -12.36 -8.79
C TYR G 439 49.64 -11.03 -9.33
N LEU G 440 48.77 -10.23 -9.95
CA LEU G 440 49.17 -8.99 -10.60
C LEU G 440 48.67 -7.75 -9.88
N LYS G 441 48.14 -7.88 -8.66
CA LYS G 441 47.65 -6.71 -7.93
C LYS G 441 48.67 -5.58 -7.77
N PRO G 442 49.95 -5.84 -7.45
CA PRO G 442 50.91 -4.72 -7.41
C PRO G 442 50.96 -3.92 -8.67
N ALA G 443 50.67 -4.54 -9.81
CA ALA G 443 50.61 -3.79 -11.07
C ALA G 443 49.30 -3.01 -11.19
N LEU G 444 48.20 -3.56 -10.66
CA LEU G 444 46.93 -2.83 -10.64
C LEU G 444 47.06 -1.54 -9.86
N ARG G 445 47.70 -1.60 -8.69
CA ARG G 445 47.88 -0.41 -7.88
C ARG G 445 48.66 0.66 -8.63
N LEU G 446 49.78 0.28 -9.25
CA LEU G 446 50.59 1.25 -9.98
C LEU G 446 49.83 1.79 -11.19
N SER G 447 49.02 0.94 -11.82
CA SER G 447 48.17 1.40 -12.91
C SER G 447 47.22 2.49 -12.43
N SER G 448 46.65 2.32 -11.24
CA SER G 448 45.74 3.33 -10.71
C SER G 448 46.49 4.59 -10.30
N ILE G 449 47.71 4.44 -9.77
CA ILE G 449 48.50 5.59 -9.33
C ILE G 449 48.88 6.45 -10.52
N MET G 450 49.36 5.82 -11.59
CA MET G 450 49.82 6.58 -12.75
C MET G 450 48.65 7.12 -13.57
N GLY G 451 47.50 6.45 -13.53
CA GLY G 451 46.37 6.86 -14.33
C GLY G 451 46.49 6.41 -15.76
N LEU G 452 46.37 5.10 -15.98
CA LEU G 452 46.66 4.49 -17.26
C LEU G 452 45.39 3.88 -17.85
N ASN G 453 45.21 4.04 -19.16
CA ASN G 453 44.06 3.49 -19.86
C ASN G 453 44.26 2.01 -20.19
N ALA G 454 44.70 1.23 -19.20
CA ALA G 454 44.82 -0.21 -19.35
C ALA G 454 43.54 -0.88 -18.89
N THR G 455 43.26 -2.04 -19.49
CA THR G 455 42.06 -2.82 -19.18
C THR G 455 42.48 -4.24 -18.84
N PHE G 456 41.83 -4.82 -17.84
CA PHE G 456 42.18 -6.13 -17.32
C PHE G 456 40.94 -7.01 -17.34
N ILE G 457 41.03 -8.14 -18.05
CA ILE G 457 39.89 -9.01 -18.32
C ILE G 457 39.90 -10.14 -17.30
N PHE G 458 38.96 -10.12 -16.37
CA PHE G 458 38.89 -11.11 -15.30
C PHE G 458 37.61 -11.94 -15.49
N THR G 459 37.76 -13.14 -16.02
CA THR G 459 36.65 -14.06 -16.15
C THR G 459 36.58 -14.98 -14.94
N HIS G 460 35.51 -15.78 -14.87
CA HIS G 460 35.32 -16.80 -13.83
C HIS G 460 35.30 -16.15 -12.44
N ASP G 461 34.21 -15.45 -12.18
CA ASP G 461 34.17 -14.45 -11.13
C ASP G 461 33.57 -14.92 -9.80
N SER G 462 32.96 -16.09 -9.74
CA SER G 462 32.20 -16.45 -8.55
C SER G 462 32.33 -17.94 -8.27
N ILE G 463 31.64 -18.37 -7.21
CA ILE G 463 31.47 -19.78 -6.90
C ILE G 463 30.84 -20.53 -8.06
N ALA G 464 30.15 -19.84 -8.95
CA ALA G 464 29.54 -20.47 -10.12
C ALA G 464 30.57 -21.13 -11.03
N VAL G 465 31.86 -20.90 -10.78
CA VAL G 465 32.90 -21.72 -11.41
C VAL G 465 32.60 -23.20 -11.19
N GLY G 466 32.49 -23.59 -9.92
CA GLY G 466 32.03 -24.92 -9.59
C GLY G 466 33.10 -25.95 -9.30
N GLU G 467 33.29 -26.89 -10.23
CA GLU G 467 34.06 -28.09 -9.96
C GLU G 467 35.54 -27.82 -9.68
N ASP G 468 36.06 -26.68 -10.13
CA ASP G 468 37.48 -26.40 -9.89
C ASP G 468 37.74 -26.07 -8.43
N GLY G 469 36.74 -25.63 -7.69
CA GLY G 469 36.84 -25.57 -6.25
C GLY G 469 37.25 -24.22 -5.70
N PRO G 470 37.44 -24.17 -4.38
CA PRO G 470 37.63 -22.88 -3.70
C PRO G 470 38.94 -22.17 -4.07
N THR G 471 39.93 -22.88 -4.60
CA THR G 471 41.14 -22.20 -5.04
C THR G 471 40.93 -21.45 -6.34
N HIS G 472 39.93 -21.83 -7.14
CA HIS G 472 39.62 -21.16 -8.39
C HIS G 472 38.33 -20.36 -8.34
N GLU G 473 37.75 -20.19 -7.15
CA GLU G 473 36.50 -19.48 -6.99
C GLU G 473 36.73 -18.18 -6.24
N PRO G 474 36.44 -17.02 -6.83
CA PRO G 474 36.71 -15.74 -6.16
C PRO G 474 35.72 -15.46 -5.04
N ILE G 475 36.22 -14.77 -4.02
CA ILE G 475 35.37 -14.29 -2.92
C ILE G 475 35.68 -12.84 -2.61
N GLU G 476 36.95 -12.56 -2.29
CA GLU G 476 37.36 -11.29 -1.73
C GLU G 476 37.96 -10.34 -2.76
N GLN G 477 37.89 -10.69 -4.05
CA GLN G 477 38.62 -9.94 -5.06
C GLN G 477 37.95 -8.61 -5.37
N LEU G 478 36.61 -8.61 -5.49
CA LEU G 478 35.89 -7.37 -5.77
C LEU G 478 36.17 -6.31 -4.71
N ALA G 479 36.18 -6.69 -3.44
CA ALA G 479 36.43 -5.72 -2.38
C ALA G 479 37.83 -5.13 -2.49
N GLY G 480 38.84 -6.00 -2.64
CA GLY G 480 40.20 -5.52 -2.75
C GLY G 480 40.41 -4.59 -3.92
N LEU G 481 39.77 -4.88 -5.06
CA LEU G 481 39.93 -4.00 -6.22
C LEU G 481 39.15 -2.70 -6.06
N ARG G 482 37.93 -2.78 -5.52
CA ARG G 482 37.13 -1.59 -5.26
C ARG G 482 37.78 -0.67 -4.24
N ALA G 483 38.63 -1.21 -3.37
CA ALA G 483 39.33 -0.39 -2.39
C ALA G 483 40.49 0.39 -2.99
N ILE G 484 41.02 -0.03 -4.13
CA ILE G 484 42.08 0.73 -4.80
C ILE G 484 41.53 2.04 -5.34
N PRO G 485 42.07 3.19 -4.94
CA PRO G 485 41.65 4.45 -5.56
C PRO G 485 41.93 4.44 -7.06
N ASN G 486 41.01 5.04 -7.82
CA ASN G 486 41.14 5.20 -9.27
C ASN G 486 41.20 3.84 -9.97
N MET G 487 40.20 3.02 -9.71
CA MET G 487 40.09 1.71 -10.32
C MET G 487 38.64 1.50 -10.74
N ASN G 488 38.37 1.50 -12.04
CA ASN G 488 37.06 1.08 -12.49
C ASN G 488 36.95 -0.42 -12.30
N VAL G 489 35.96 -0.86 -11.52
CA VAL G 489 35.71 -2.29 -11.33
C VAL G 489 34.29 -2.53 -11.84
N ILE G 490 34.19 -3.00 -13.08
CA ILE G 490 32.89 -3.11 -13.75
C ILE G 490 32.52 -4.58 -13.85
N ARG G 491 31.37 -4.95 -13.28
CA ARG G 491 30.83 -6.29 -13.38
C ARG G 491 29.55 -6.25 -14.20
N PRO G 492 29.61 -6.57 -15.49
CA PRO G 492 28.39 -6.48 -16.33
C PRO G 492 27.36 -7.53 -15.95
N ALA G 493 26.08 -7.14 -16.07
CA ALA G 493 24.97 -8.00 -15.68
C ALA G 493 24.32 -8.72 -16.86
N ASP G 494 24.57 -8.27 -18.08
CA ASP G 494 24.11 -8.97 -19.29
C ASP G 494 25.09 -8.62 -20.40
N GLY G 495 24.70 -8.89 -21.66
CA GLY G 495 25.58 -8.60 -22.77
C GLY G 495 25.66 -7.11 -23.07
N ASN G 496 24.52 -6.42 -23.00
CA ASN G 496 24.50 -4.98 -23.28
C ASN G 496 25.33 -4.21 -22.27
N GLU G 497 25.16 -4.52 -20.98
CA GLU G 497 26.05 -3.97 -19.95
C GLU G 497 27.51 -4.26 -20.26
N THR G 498 27.80 -5.45 -20.79
CA THR G 498 29.20 -5.79 -21.10
C THR G 498 29.75 -4.90 -22.19
N ARG G 499 28.96 -4.66 -23.24
CA ARG G 499 29.39 -3.75 -24.31
C ARG G 499 29.62 -2.34 -23.76
N VAL G 500 28.70 -1.86 -22.91
CA VAL G 500 28.87 -0.52 -22.34
C VAL G 500 30.11 -0.47 -21.45
N ALA G 501 30.38 -1.56 -20.72
CA ALA G 501 31.55 -1.60 -19.86
C ALA G 501 32.84 -1.58 -20.68
N TRP G 502 32.84 -2.28 -21.81
CA TRP G 502 33.98 -2.21 -22.73
C TRP G 502 34.17 -0.81 -23.27
N GLU G 503 33.07 -0.10 -23.55
CA GLU G 503 33.19 1.29 -23.97
C GLU G 503 33.84 2.14 -22.89
N VAL G 504 33.37 2.02 -21.65
CA VAL G 504 33.93 2.78 -20.53
C VAL G 504 35.41 2.45 -20.35
N ALA G 505 35.77 1.17 -20.51
CA ALA G 505 37.17 0.78 -20.39
C ALA G 505 38.02 1.43 -21.47
N LEU G 506 37.50 1.50 -22.70
CA LEU G 506 38.27 2.08 -23.79
C LEU G 506 38.38 3.59 -23.68
N GLU G 507 37.39 4.26 -23.08
CA GLU G 507 37.33 5.71 -23.09
C GLU G 507 37.87 6.37 -21.83
N SER G 508 38.20 5.60 -20.78
CA SER G 508 38.63 6.17 -19.51
C SER G 508 40.10 6.58 -19.62
N GLU G 509 40.34 7.88 -19.74
CA GLU G 509 41.67 8.37 -20.10
C GLU G 509 42.67 8.20 -18.96
N SER G 510 42.26 8.45 -17.72
CA SER G 510 43.18 8.48 -16.59
C SER G 510 42.84 7.43 -15.54
N THR G 511 42.01 6.45 -15.86
CA THR G 511 41.57 5.44 -14.89
C THR G 511 41.72 4.06 -15.52
N PRO G 512 42.45 3.15 -14.89
CA PRO G 512 42.45 1.77 -15.35
C PRO G 512 41.14 1.07 -15.03
N THR G 513 40.91 -0.04 -15.72
CA THR G 513 39.64 -0.74 -15.68
C THR G 513 39.87 -2.24 -15.55
N SER G 514 39.15 -2.87 -14.61
CA SER G 514 39.02 -4.32 -14.51
C SER G 514 37.59 -4.73 -14.84
N LEU G 515 37.45 -5.62 -15.81
CA LEU G 515 36.17 -6.20 -16.19
C LEU G 515 36.03 -7.55 -15.49
N VAL G 516 35.02 -7.67 -14.64
CA VAL G 516 34.71 -8.90 -13.94
C VAL G 516 33.61 -9.61 -14.72
N LEU G 517 33.94 -10.75 -15.31
CA LEU G 517 33.03 -11.47 -16.20
C LEU G 517 32.74 -12.86 -15.66
N THR G 518 31.65 -13.45 -16.15
CA THR G 518 31.11 -14.69 -15.64
C THR G 518 31.33 -15.84 -16.62
N ARG G 519 31.48 -17.04 -16.06
CA ARG G 519 31.56 -18.25 -16.88
C ARG G 519 30.18 -18.77 -17.26
N GLN G 520 29.18 -18.52 -16.42
CA GLN G 520 27.82 -19.01 -16.64
C GLN G 520 26.99 -18.01 -17.42
N ASN G 521 25.95 -18.51 -18.08
CA ASN G 521 25.12 -17.67 -18.94
C ASN G 521 24.27 -16.73 -18.11
N LEU G 522 24.18 -15.48 -18.56
CA LEU G 522 23.38 -14.44 -17.98
C LEU G 522 22.22 -14.13 -18.90
N PRO G 523 21.01 -13.94 -18.36
CA PRO G 523 19.88 -13.55 -19.21
C PRO G 523 20.00 -12.08 -19.61
N VAL G 524 19.58 -11.78 -20.83
CA VAL G 524 19.49 -10.40 -21.28
C VAL G 524 18.31 -9.74 -20.60
N LEU G 525 18.56 -8.64 -19.89
CA LEU G 525 17.54 -7.96 -19.11
C LEU G 525 16.74 -7.00 -19.99
N ASP G 526 15.50 -6.75 -19.58
CA ASP G 526 14.62 -5.79 -20.26
C ASP G 526 14.95 -4.39 -19.75
N VAL G 527 16.01 -3.83 -20.34
CA VAL G 527 16.43 -2.46 -20.04
C VAL G 527 16.63 -1.74 -21.37
N PRO G 528 16.10 -0.52 -21.54
CA PRO G 528 16.33 0.21 -22.80
C PRO G 528 17.80 0.52 -23.00
N GLU G 529 18.26 0.36 -24.25
CA GLU G 529 19.68 0.57 -24.55
C GLU G 529 20.15 1.95 -24.12
N ASP G 530 19.32 2.97 -24.35
CA ASP G 530 19.53 4.28 -23.78
C ASP G 530 19.95 4.17 -22.31
N VAL G 531 19.03 3.65 -21.49
CA VAL G 531 19.24 3.55 -20.05
C VAL G 531 20.48 2.73 -19.73
N VAL G 532 20.80 1.72 -20.54
CA VAL G 532 21.99 0.92 -20.26
C VAL G 532 23.26 1.76 -20.44
N GLU G 533 23.38 2.44 -21.59
CA GLU G 533 24.60 3.23 -21.83
C GLU G 533 24.73 4.37 -20.83
N GLU G 534 23.62 4.96 -20.38
CA GLU G 534 23.75 6.03 -19.40
C GLU G 534 23.97 5.50 -17.98
N GLY G 535 23.35 4.37 -17.64
CA GLY G 535 23.38 3.90 -16.26
C GLY G 535 24.66 3.18 -15.92
N VAL G 536 25.20 2.38 -16.85
CA VAL G 536 26.50 1.79 -16.61
C VAL G 536 27.56 2.88 -16.46
N ARG G 537 27.45 3.94 -17.26
CA ARG G 537 28.40 5.04 -17.15
C ARG G 537 28.23 5.80 -15.84
N LYS G 538 27.01 5.85 -15.30
CA LYS G 538 26.82 6.47 -14.00
C LYS G 538 27.12 5.53 -12.84
N GLY G 539 27.37 4.24 -13.09
CA GLY G 539 27.79 3.31 -12.06
C GLY G 539 26.68 2.51 -11.42
N ALA G 540 25.47 3.07 -11.32
CA ALA G 540 24.33 2.34 -10.80
C ALA G 540 23.07 2.97 -11.36
N TYR G 541 22.05 2.14 -11.56
CA TYR G 541 20.82 2.62 -12.18
C TYR G 541 19.70 1.61 -11.92
N THR G 542 18.48 2.15 -11.79
CA THR G 542 17.31 1.31 -11.61
C THR G 542 17.07 0.43 -12.84
N VAL G 543 16.98 -0.87 -12.63
CA VAL G 543 16.66 -1.78 -13.73
C VAL G 543 15.20 -2.20 -13.66
N TYR G 544 14.62 -2.25 -12.46
CA TYR G 544 13.22 -2.67 -12.37
C TYR G 544 12.48 -1.87 -11.30
N GLY G 545 11.30 -1.36 -11.65
CA GLY G 545 10.46 -0.70 -10.66
C GLY G 545 10.25 0.79 -10.86
N SER G 546 9.03 1.26 -10.59
CA SER G 546 8.65 2.64 -10.88
C SER G 546 8.77 3.56 -9.66
N GLU G 547 8.31 3.12 -8.49
CA GLU G 547 8.34 3.95 -7.30
C GLU G 547 9.78 4.27 -6.92
N GLU G 548 10.10 5.56 -6.81
CA GLU G 548 11.44 5.94 -6.37
C GLU G 548 11.73 5.40 -4.98
N THR G 549 10.75 5.54 -4.07
CA THR G 549 10.86 4.99 -2.71
C THR G 549 9.94 3.79 -2.57
N PRO G 550 10.48 2.57 -2.58
CA PRO G 550 9.64 1.39 -2.31
C PRO G 550 9.83 0.88 -0.90
N GLU G 551 9.11 -0.17 -0.53
CA GLU G 551 9.39 -0.82 0.74
C GLU G 551 10.72 -1.55 0.69
N PHE G 552 11.04 -2.16 -0.44
CA PHE G 552 12.29 -2.90 -0.62
C PHE G 552 13.07 -2.33 -1.80
N LEU G 553 14.33 -2.01 -1.54
CA LEU G 553 15.30 -1.67 -2.57
C LEU G 553 16.32 -2.80 -2.62
N LEU G 554 16.30 -3.56 -3.72
CA LEU G 554 17.26 -4.62 -3.97
C LEU G 554 18.42 -4.04 -4.78
N LEU G 555 19.64 -4.26 -4.29
CA LEU G 555 20.87 -3.77 -4.93
C LEU G 555 21.70 -4.97 -5.33
N ALA G 556 22.05 -5.06 -6.62
CA ALA G 556 22.80 -6.22 -7.08
C ALA G 556 23.79 -5.82 -8.15
N SER G 557 24.77 -6.69 -8.39
CA SER G 557 25.76 -6.51 -9.42
C SER G 557 25.89 -7.80 -10.23
N GLY G 558 26.04 -7.64 -11.55
CA GLY G 558 26.28 -8.75 -12.45
C GLY G 558 25.28 -9.89 -12.40
N SER G 559 25.80 -11.10 -12.18
CA SER G 559 24.99 -12.31 -12.23
C SER G 559 23.83 -12.30 -11.24
N GLU G 560 23.86 -11.41 -10.25
CA GLU G 560 22.81 -11.38 -9.25
C GLU G 560 21.64 -10.47 -9.65
N VAL G 561 21.87 -9.53 -10.57
CA VAL G 561 20.80 -8.60 -10.96
C VAL G 561 19.55 -9.37 -11.37
N SER G 562 19.69 -10.30 -12.31
CA SER G 562 18.59 -11.17 -12.71
C SER G 562 17.90 -11.77 -11.49
N LEU G 563 18.67 -12.41 -10.61
CA LEU G 563 18.10 -13.00 -9.40
C LEU G 563 17.24 -11.99 -8.67
N ALA G 564 17.80 -10.79 -8.42
CA ALA G 564 17.06 -9.73 -7.75
C ALA G 564 15.73 -9.47 -8.45
N VAL G 565 15.76 -9.25 -9.77
CA VAL G 565 14.53 -8.97 -10.51
C VAL G 565 13.51 -10.07 -10.27
N GLU G 566 13.97 -11.32 -10.36
CA GLU G 566 13.09 -12.46 -10.11
C GLU G 566 12.36 -12.27 -8.79
N ALA G 567 13.14 -12.10 -7.71
CA ALA G 567 12.55 -11.92 -6.39
C ALA G 567 11.56 -10.76 -6.39
N ALA G 568 11.95 -9.64 -7.02
CA ALA G 568 11.09 -8.48 -7.04
C ALA G 568 9.70 -8.84 -7.56
N LYS G 569 9.64 -9.55 -8.69
CA LYS G 569 8.35 -9.93 -9.24
C LYS G 569 7.52 -10.67 -8.20
N ASP G 570 8.13 -11.68 -7.57
CA ASP G 570 7.43 -12.44 -6.55
C ASP G 570 6.99 -11.54 -5.40
N LEU G 571 7.86 -10.64 -4.96
CA LEU G 571 7.48 -9.68 -3.92
C LEU G 571 6.19 -8.95 -4.32
N GLU G 572 6.14 -8.49 -5.57
CA GLU G 572 4.96 -7.75 -6.04
C GLU G 572 3.72 -8.61 -5.95
N LYS G 573 3.84 -9.91 -6.23
CA LYS G 573 2.67 -10.77 -6.19
C LYS G 573 2.15 -10.97 -4.78
N GLN G 574 2.98 -10.72 -3.76
CA GLN G 574 2.53 -10.77 -2.38
C GLN G 574 2.19 -9.39 -1.82
N GLY G 575 2.16 -8.37 -2.67
CA GLY G 575 1.68 -7.05 -2.29
C GLY G 575 2.74 -6.08 -1.83
N LYS G 576 4.01 -6.34 -2.10
CA LYS G 576 5.11 -5.52 -1.62
C LYS G 576 5.77 -4.79 -2.77
N SER G 577 5.95 -3.48 -2.61
CA SER G 577 6.61 -2.65 -3.61
C SER G 577 8.12 -2.76 -3.50
N VAL G 578 8.78 -2.72 -4.64
CA VAL G 578 10.20 -3.06 -4.72
C VAL G 578 10.80 -2.42 -5.96
N ARG G 579 12.03 -1.94 -5.82
CA ARG G 579 12.87 -1.56 -6.95
C ARG G 579 14.15 -2.38 -6.93
N VAL G 580 14.66 -2.67 -8.13
CA VAL G 580 15.91 -3.39 -8.32
C VAL G 580 16.88 -2.49 -9.07
N VAL G 581 18.10 -2.36 -8.52
CA VAL G 581 19.14 -1.46 -9.01
C VAL G 581 20.40 -2.28 -9.29
N SER G 582 20.89 -2.19 -10.53
CA SER G 582 22.17 -2.76 -10.91
C SER G 582 23.30 -1.79 -10.57
N MET G 583 24.41 -2.34 -10.06
CA MET G 583 25.54 -1.53 -9.59
C MET G 583 26.83 -2.00 -10.27
N PRO G 584 26.97 -1.73 -11.57
CA PRO G 584 28.14 -2.25 -12.29
C PRO G 584 29.48 -1.71 -11.83
N ASN G 585 29.58 -0.42 -11.49
CA ASN G 585 30.88 0.16 -11.13
C ASN G 585 30.69 1.15 -9.98
N TRP G 586 31.12 0.74 -8.78
CA TRP G 586 31.04 1.62 -7.61
C TRP G 586 31.84 2.90 -7.82
N ASN G 587 33.01 2.79 -8.45
CA ASN G 587 33.86 3.95 -8.65
C ASN G 587 33.17 5.02 -9.49
N ALA G 588 32.30 4.60 -10.41
CA ALA G 588 31.56 5.58 -11.21
C ALA G 588 30.41 6.17 -10.40
N PHE G 589 29.72 5.35 -9.61
CA PHE G 589 28.59 5.83 -8.84
C PHE G 589 29.02 6.88 -7.82
N GLU G 590 30.13 6.63 -7.12
CA GLU G 590 30.60 7.58 -6.12
C GLU G 590 31.07 8.89 -6.74
N GLN G 591 31.20 8.95 -8.06
CA GLN G 591 31.53 10.18 -8.77
C GLN G 591 30.30 11.02 -9.13
N GLN G 592 29.10 10.46 -8.99
CA GLN G 592 27.88 11.14 -9.42
C GLN G 592 27.40 12.12 -8.36
N SER G 593 26.36 12.88 -8.72
CA SER G 593 25.85 13.93 -7.85
C SER G 593 25.06 13.35 -6.68
N GLU G 594 24.90 14.16 -5.65
CA GLU G 594 24.05 13.79 -4.53
C GLU G 594 22.62 13.53 -5.00
N GLU G 595 22.15 14.33 -5.96
CA GLU G 595 20.80 14.15 -6.49
C GLU G 595 20.65 12.76 -7.12
N TYR G 596 21.57 12.40 -8.02
CA TYR G 596 21.51 11.09 -8.66
C TYR G 596 21.69 9.97 -7.63
N LYS G 597 22.68 10.12 -6.74
CA LYS G 597 22.94 9.07 -5.76
C LYS G 597 21.72 8.79 -4.90
N GLU G 598 20.97 9.84 -4.53
CA GLU G 598 19.77 9.63 -3.74
C GLU G 598 18.63 9.06 -4.60
N SER G 599 18.50 9.54 -5.84
CA SER G 599 17.45 9.03 -6.70
C SER G 599 17.58 7.54 -6.93
N VAL G 600 18.82 7.03 -6.98
CA VAL G 600 19.03 5.61 -7.21
C VAL G 600 18.91 4.83 -5.90
N ILE G 601 19.59 5.29 -4.85
CA ILE G 601 19.54 4.64 -3.54
C ILE G 601 18.98 5.64 -2.53
N PRO G 602 17.66 5.71 -2.36
CA PRO G 602 17.07 6.77 -1.53
C PRO G 602 17.43 6.63 -0.07
N SER G 603 17.37 7.76 0.63
CA SER G 603 17.67 7.77 2.05
C SER G 603 16.51 7.23 2.88
N SER G 604 15.28 7.51 2.46
CA SER G 604 14.11 7.10 3.22
C SER G 604 13.94 5.58 3.29
N VAL G 605 14.50 4.83 2.35
CA VAL G 605 14.33 3.38 2.32
C VAL G 605 15.31 2.78 3.32
N THR G 606 14.80 2.39 4.50
CA THR G 606 15.64 1.70 5.47
C THR G 606 15.87 0.24 5.08
N LYS G 607 14.94 -0.35 4.33
CA LYS G 607 15.00 -1.75 3.94
C LYS G 607 15.68 -1.88 2.58
N ARG G 608 17.01 -1.83 2.60
CA ARG G 608 17.83 -2.03 1.42
C ARG G 608 18.55 -3.36 1.53
N VAL G 609 18.50 -4.15 0.46
CA VAL G 609 19.03 -5.50 0.44
C VAL G 609 20.00 -5.62 -0.73
N ALA G 610 21.21 -6.06 -0.44
CA ALA G 610 22.26 -6.25 -1.44
C ALA G 610 22.43 -7.73 -1.73
N ILE G 611 22.62 -8.07 -3.01
CA ILE G 611 22.80 -9.45 -3.45
C ILE G 611 24.06 -9.52 -4.30
N GLU G 612 25.05 -10.27 -3.84
CA GLU G 612 26.28 -10.46 -4.60
C GLU G 612 26.97 -11.74 -4.16
N MET G 613 27.48 -12.49 -5.13
CA MET G 613 28.19 -13.73 -4.84
C MET G 613 29.67 -13.40 -4.60
N ALA G 614 29.90 -12.66 -3.52
CA ALA G 614 31.23 -12.18 -3.15
C ALA G 614 31.22 -11.88 -1.64
N SER G 615 32.29 -11.25 -1.15
CA SER G 615 32.34 -10.89 0.26
C SER G 615 31.41 -9.71 0.56
N PRO G 616 30.87 -9.63 1.78
CA PRO G 616 29.94 -8.53 2.10
C PRO G 616 30.63 -7.23 2.47
N LEU G 617 31.93 -7.13 2.22
CA LEU G 617 32.70 -5.97 2.68
C LEU G 617 32.43 -4.77 1.79
N GLY G 618 31.99 -3.66 2.40
CA GLY G 618 31.70 -2.45 1.68
C GLY G 618 30.28 -2.34 1.18
N TRP G 619 29.48 -3.39 1.31
CA TRP G 619 28.10 -3.33 0.86
C TRP G 619 27.21 -2.63 1.89
N HIS G 620 27.60 -2.69 3.17
CA HIS G 620 26.86 -2.00 4.22
C HIS G 620 26.78 -0.50 3.98
N LYS G 621 27.68 0.06 3.17
CA LYS G 621 27.57 1.48 2.83
C LYS G 621 26.25 1.79 2.16
N TYR G 622 25.74 0.86 1.35
CA TYR G 622 24.55 1.16 0.56
C TYR G 622 23.25 0.58 1.12
N VAL G 623 23.32 -0.36 2.06
CA VAL G 623 22.10 -0.98 2.56
C VAL G 623 21.64 -0.32 3.86
N GLY G 624 22.57 0.24 4.61
CA GLY G 624 22.26 0.97 5.83
C GLY G 624 22.31 0.09 7.07
N THR G 625 21.93 0.70 8.19
CA THR G 625 21.97 -0.02 9.46
C THR G 625 20.92 -1.11 9.50
N ALA G 626 19.72 -0.83 9.00
CA ALA G 626 18.64 -1.80 8.91
C ALA G 626 18.64 -2.56 7.58
N GLY G 627 19.71 -2.46 6.79
CA GLY G 627 19.79 -3.20 5.55
C GLY G 627 20.33 -4.60 5.74
N LYS G 628 20.28 -5.38 4.65
CA LYS G 628 20.78 -6.75 4.65
C LYS G 628 21.71 -6.95 3.48
N VAL G 629 22.76 -7.76 3.69
CA VAL G 629 23.72 -8.10 2.65
C VAL G 629 23.76 -9.61 2.52
N ILE G 630 23.22 -10.12 1.42
CA ILE G 630 23.22 -11.55 1.13
C ILE G 630 24.42 -11.81 0.23
N ALA G 631 25.48 -12.35 0.82
CA ALA G 631 26.76 -12.53 0.13
C ALA G 631 27.40 -13.86 0.54
N ILE G 632 28.73 -13.89 0.61
CA ILE G 632 29.47 -15.07 1.01
C ILE G 632 30.55 -14.64 2.01
N ASP G 633 30.55 -15.26 3.19
CA ASP G 633 31.56 -14.98 4.20
C ASP G 633 32.56 -16.11 4.36
N GLY G 634 32.49 -17.14 3.52
CA GLY G 634 33.45 -18.22 3.53
C GLY G 634 33.99 -18.50 2.14
N PHE G 635 34.86 -19.52 2.07
CA PHE G 635 35.41 -19.93 0.78
C PHE G 635 34.43 -20.87 0.06
N GLY G 636 34.66 -21.04 -1.24
CA GLY G 636 33.77 -21.80 -2.09
C GLY G 636 33.85 -23.29 -1.87
N ALA G 637 33.38 -24.04 -2.86
CA ALA G 637 33.26 -25.49 -2.77
C ALA G 637 33.29 -26.09 -4.16
N SER G 638 33.65 -27.37 -4.23
CA SER G 638 33.75 -28.10 -5.50
C SER G 638 32.47 -28.90 -5.74
N ALA G 639 31.75 -28.52 -6.79
CA ALA G 639 30.49 -29.13 -7.23
C ALA G 639 30.12 -28.48 -8.57
N PRO G 640 29.12 -28.98 -9.29
CA PRO G 640 28.60 -28.20 -10.42
C PRO G 640 28.12 -26.82 -9.97
N GLY G 641 28.48 -25.82 -10.76
CA GLY G 641 28.40 -24.43 -10.29
C GLY G 641 27.00 -23.98 -9.90
N ASP G 642 25.99 -24.46 -10.64
CA ASP G 642 24.61 -24.15 -10.27
C ASP G 642 24.31 -24.60 -8.84
N LEU G 643 24.76 -25.81 -8.50
CA LEU G 643 24.55 -26.34 -7.16
C LEU G 643 25.21 -25.45 -6.12
N VAL G 644 26.43 -24.97 -6.40
CA VAL G 644 27.12 -24.11 -5.45
C VAL G 644 26.42 -22.76 -5.32
N VAL G 645 25.79 -22.28 -6.40
CA VAL G 645 25.04 -21.04 -6.33
C VAL G 645 23.81 -21.22 -5.45
N GLU G 646 23.10 -22.33 -5.63
CA GLU G 646 21.90 -22.58 -4.84
C GLU G 646 22.24 -22.85 -3.38
N LYS G 647 23.32 -23.57 -3.13
CA LYS G 647 23.66 -23.96 -1.76
C LYS G 647 24.20 -22.80 -0.96
N TYR G 648 24.83 -21.83 -1.64
CA TYR G 648 25.39 -20.68 -0.95
C TYR G 648 24.36 -19.57 -0.74
N GLY G 649 23.09 -19.87 -0.93
CA GLY G 649 22.02 -18.95 -0.59
C GLY G 649 21.46 -18.15 -1.74
N PHE G 650 21.99 -18.29 -2.94
CA PHE G 650 21.61 -17.43 -4.06
C PHE G 650 20.54 -18.11 -4.91
N THR G 651 19.41 -18.36 -4.25
CA THR G 651 18.17 -18.77 -4.89
C THR G 651 17.13 -17.70 -4.65
N LYS G 652 16.16 -17.61 -5.57
CA LYS G 652 15.08 -16.63 -5.42
C LYS G 652 14.33 -16.85 -4.11
N GLU G 653 14.11 -18.11 -3.75
CA GLU G 653 13.36 -18.41 -2.54
C GLU G 653 14.12 -17.99 -1.29
N ASN G 654 15.44 -18.25 -1.24
CA ASN G 654 16.22 -17.79 -0.10
C ASN G 654 16.23 -16.27 -0.01
N ILE G 655 16.31 -15.60 -1.16
CA ILE G 655 16.23 -14.14 -1.18
C ILE G 655 14.93 -13.70 -0.52
N LEU G 656 13.80 -14.28 -0.94
CA LEU G 656 12.52 -13.87 -0.39
C LEU G 656 12.44 -14.16 1.10
N ASN G 657 12.93 -15.34 1.51
CA ASN G 657 12.90 -15.71 2.93
C ASN G 657 13.71 -14.73 3.76
N GLN G 658 14.81 -14.23 3.22
CA GLN G 658 15.62 -13.26 3.95
C GLN G 658 15.00 -11.87 3.93
N VAL G 659 14.34 -11.51 2.83
CA VAL G 659 13.82 -10.15 2.66
C VAL G 659 12.57 -9.95 3.50
N MET G 660 11.70 -10.95 3.57
CA MET G 660 10.48 -10.80 4.36
C MET G 660 10.75 -10.91 5.87
N SER G 661 11.81 -11.62 6.26
CA SER G 661 12.13 -11.70 7.69
C SER G 661 12.66 -10.38 8.22
N LEU G 662 13.20 -9.52 7.35
CA LEU G 662 13.78 -8.27 7.80
C LEU G 662 12.70 -7.32 8.29
N GLU G 663 12.97 -6.68 9.42
CA GLU G 663 11.99 -5.79 10.05
C GLU G 663 12.45 -4.33 10.05
N MET H 1 63.82 -53.38 -10.25
CA MET H 1 63.44 -53.96 -11.54
C MET H 1 61.98 -53.61 -11.83
N PHE H 2 61.66 -53.46 -13.12
CA PHE H 2 60.32 -53.06 -13.56
C PHE H 2 59.87 -53.99 -14.67
N ASN H 3 58.73 -54.65 -14.48
CA ASN H 3 58.25 -55.62 -15.47
C ASN H 3 56.83 -55.30 -15.93
N GLU H 4 56.08 -56.34 -16.27
CA GLU H 4 54.76 -56.17 -16.89
C GLU H 4 53.69 -55.83 -15.86
N LYS H 5 53.86 -56.29 -14.61
CA LYS H 5 52.87 -55.98 -13.59
C LYS H 5 52.97 -54.50 -13.18
N ASP H 6 54.17 -53.92 -13.19
CA ASP H 6 54.30 -52.48 -12.97
C ASP H 6 53.59 -51.70 -14.08
N GLN H 7 53.69 -52.18 -15.32
CA GLN H 7 52.95 -51.54 -16.40
C GLN H 7 51.45 -51.66 -16.19
N LEU H 8 51.00 -52.81 -15.68
CA LEU H 8 49.59 -52.96 -15.34
C LEU H 8 49.18 -51.92 -14.30
N ALA H 9 50.02 -51.68 -13.29
CA ALA H 9 49.71 -50.67 -12.28
C ALA H 9 49.65 -49.28 -12.91
N VAL H 10 50.62 -48.95 -13.77
CA VAL H 10 50.63 -47.65 -14.46
C VAL H 10 49.31 -47.43 -15.18
N ASP H 11 48.96 -48.39 -16.05
CA ASP H 11 47.77 -48.24 -16.88
C ASP H 11 46.50 -48.28 -16.04
N THR H 12 46.55 -48.98 -14.90
CA THR H 12 45.44 -48.95 -13.95
C THR H 12 45.21 -47.55 -13.42
N LEU H 13 46.29 -46.89 -12.98
CA LEU H 13 46.16 -45.52 -12.48
C LEU H 13 45.63 -44.59 -13.57
N ARG H 14 46.17 -44.71 -14.79
CA ARG H 14 45.69 -43.90 -15.91
C ARG H 14 44.21 -44.10 -16.16
N ALA H 15 43.78 -45.37 -16.26
CA ALA H 15 42.39 -45.67 -16.56
C ALA H 15 41.46 -45.20 -15.43
N LEU H 16 41.89 -45.40 -14.19
CA LEU H 16 41.12 -44.90 -13.05
C LEU H 16 40.92 -43.41 -13.13
N SER H 17 41.97 -42.67 -13.46
CA SER H 17 41.83 -41.21 -13.57
C SER H 17 40.91 -40.83 -14.72
N ILE H 18 41.06 -41.51 -15.86
CA ILE H 18 40.19 -41.25 -17.01
C ILE H 18 38.74 -41.42 -16.62
N ASP H 19 38.40 -42.52 -15.95
CA ASP H 19 37.00 -42.79 -15.64
C ASP H 19 36.48 -41.90 -14.54
N THR H 20 37.34 -41.50 -13.61
CA THR H 20 37.00 -40.47 -12.63
C THR H 20 36.54 -39.19 -13.32
N ILE H 21 37.35 -38.71 -14.26
CA ILE H 21 37.00 -37.51 -15.02
C ILE H 21 35.77 -37.75 -15.90
N GLU H 22 35.60 -38.97 -16.41
CA GLU H 22 34.47 -39.26 -17.27
C GLU H 22 33.16 -39.17 -16.50
N LYS H 23 33.10 -39.80 -15.32
CA LYS H 23 31.89 -39.69 -14.50
C LYS H 23 31.67 -38.25 -14.06
N ALA H 24 32.73 -37.54 -13.68
CA ALA H 24 32.53 -36.14 -13.32
C ALA H 24 32.10 -35.28 -14.50
N ASN H 25 32.38 -35.71 -15.73
CA ASN H 25 32.27 -34.85 -16.92
C ASN H 25 32.97 -33.51 -16.69
N SER H 26 34.15 -33.58 -16.07
CA SER H 26 34.96 -32.43 -15.68
C SER H 26 36.28 -32.98 -15.14
N GLY H 27 37.36 -32.27 -15.40
CA GLY H 27 38.66 -32.66 -14.90
C GLY H 27 39.73 -32.60 -15.98
N HIS H 28 40.96 -32.89 -15.55
CA HIS H 28 42.13 -32.75 -16.41
C HIS H 28 42.79 -34.11 -16.62
N PRO H 29 42.67 -34.69 -17.79
CA PRO H 29 43.18 -36.05 -18.01
C PRO H 29 44.63 -36.09 -18.44
N GLY H 30 45.06 -35.02 -19.11
CA GLY H 30 46.36 -35.03 -19.77
C GLY H 30 47.51 -35.31 -18.82
N LEU H 31 47.55 -34.60 -17.68
CA LEU H 31 48.65 -34.79 -16.76
C LEU H 31 48.60 -36.16 -16.08
N PRO H 32 47.44 -36.65 -15.65
CA PRO H 32 47.41 -38.05 -15.18
C PRO H 32 47.98 -39.02 -16.19
N MET H 33 47.52 -38.99 -17.44
CA MET H 33 48.03 -39.96 -18.42
C MET H 33 49.54 -39.80 -18.65
N GLY H 34 50.03 -38.56 -18.66
CA GLY H 34 51.45 -38.36 -18.93
C GLY H 34 52.35 -38.70 -17.77
N ALA H 35 51.96 -38.34 -16.55
CA ALA H 35 52.81 -38.44 -15.39
C ALA H 35 52.55 -39.66 -14.53
N ALA H 36 51.59 -40.51 -14.88
CA ALA H 36 51.36 -41.72 -14.09
C ALA H 36 52.60 -42.60 -13.96
N PRO H 37 53.43 -42.81 -14.98
CA PRO H 37 54.65 -43.62 -14.76
C PRO H 37 55.56 -43.06 -13.68
N MET H 38 55.94 -41.78 -13.79
CA MET H 38 56.89 -41.21 -12.83
C MET H 38 56.27 -41.10 -11.44
N ALA H 39 54.99 -40.74 -11.37
CA ALA H 39 54.30 -40.70 -10.08
C ALA H 39 54.28 -42.08 -9.43
N TYR H 40 53.97 -43.12 -10.20
CA TYR H 40 54.00 -44.48 -9.68
C TYR H 40 55.39 -44.83 -9.17
N THR H 41 56.42 -44.50 -9.96
CA THR H 41 57.78 -44.85 -9.54
C THR H 41 58.12 -44.19 -8.21
N LEU H 42 57.89 -42.88 -8.11
CA LEU H 42 58.20 -42.18 -6.87
C LEU H 42 57.39 -42.74 -5.70
N TRP H 43 56.09 -42.93 -5.91
CA TRP H 43 55.20 -43.44 -4.88
C TRP H 43 55.66 -44.80 -4.38
N THR H 44 55.84 -45.75 -5.29
CA THR H 44 55.99 -47.15 -4.92
C THR H 44 57.42 -47.49 -4.51
N ARG H 45 58.43 -46.99 -5.23
CA ARG H 45 59.79 -47.43 -4.96
C ARG H 45 60.57 -46.53 -3.99
N HIS H 46 60.17 -45.27 -3.84
CA HIS H 46 61.00 -44.33 -3.08
C HIS H 46 60.29 -43.70 -1.89
N LEU H 47 59.00 -43.42 -1.98
CA LEU H 47 58.32 -42.58 -1.00
C LEU H 47 58.15 -43.33 0.32
N ASN H 48 58.70 -42.77 1.39
CA ASN H 48 58.47 -43.26 2.75
C ASN H 48 57.24 -42.55 3.33
N PHE H 49 56.08 -43.01 2.87
CA PHE H 49 54.82 -42.35 3.15
C PHE H 49 53.72 -43.40 3.27
N ASN H 50 52.96 -43.35 4.35
CA ASN H 50 51.77 -44.17 4.49
C ASN H 50 50.58 -43.25 4.57
N PRO H 51 49.64 -43.29 3.62
CA PRO H 51 48.49 -42.37 3.67
C PRO H 51 47.60 -42.61 4.87
N GLN H 52 47.63 -43.80 5.46
CA GLN H 52 46.83 -44.07 6.64
C GLN H 52 47.43 -43.42 7.88
N SER H 53 48.75 -43.57 8.07
CA SER H 53 49.47 -42.81 9.08
C SER H 53 49.88 -41.46 8.49
N LYS H 54 48.86 -40.65 8.20
CA LYS H 54 49.08 -39.39 7.51
C LYS H 54 49.91 -38.41 8.33
N ASP H 55 50.03 -38.63 9.64
CA ASP H 55 50.69 -37.67 10.53
C ASP H 55 51.99 -38.23 11.11
N TYR H 56 52.64 -39.14 10.40
CA TYR H 56 54.00 -39.55 10.75
C TYR H 56 54.95 -38.38 10.50
N PHE H 57 55.63 -37.92 11.57
CA PHE H 57 56.36 -36.66 11.48
C PHE H 57 57.57 -36.74 10.57
N ASN H 58 58.20 -37.92 10.47
CA ASN H 58 59.35 -38.09 9.59
C ASN H 58 58.98 -38.76 8.27
N ARG H 59 57.71 -38.69 7.87
CA ARG H 59 57.31 -39.16 6.56
C ARG H 59 57.91 -38.27 5.46
N ASP H 60 58.07 -38.85 4.28
CA ASP H 60 58.42 -38.04 3.11
C ASP H 60 57.23 -37.17 2.72
N ARG H 61 57.49 -35.89 2.49
CA ARG H 61 56.45 -34.95 2.07
C ARG H 61 56.37 -34.92 0.56
N PHE H 62 55.16 -35.13 0.03
CA PHE H 62 54.89 -35.08 -1.39
C PHE H 62 53.87 -33.98 -1.68
N VAL H 63 54.13 -33.19 -2.72
CA VAL H 63 53.24 -32.13 -3.16
C VAL H 63 53.04 -32.28 -4.66
N LEU H 64 51.78 -32.24 -5.09
CA LEU H 64 51.46 -32.18 -6.52
C LEU H 64 51.10 -30.72 -6.84
N SER H 65 52.11 -29.97 -7.31
CA SER H 65 51.90 -28.55 -7.56
C SER H 65 50.94 -28.33 -8.73
N ALA H 66 50.98 -29.21 -9.73
CA ALA H 66 49.97 -29.22 -10.78
C ALA H 66 48.71 -29.85 -10.22
N GLY H 67 48.00 -29.07 -9.40
CA GLY H 67 46.79 -29.56 -8.74
C GLY H 67 45.72 -30.03 -9.69
N HIS H 68 45.75 -29.59 -10.96
CA HIS H 68 44.77 -30.07 -11.92
C HIS H 68 44.92 -31.56 -12.19
N GLY H 69 46.05 -32.15 -11.81
CA GLY H 69 46.23 -33.60 -11.88
C GLY H 69 45.70 -34.30 -10.65
N SER H 70 44.81 -33.62 -9.92
CA SER H 70 44.25 -34.16 -8.68
C SER H 70 43.84 -35.61 -8.86
N ALA H 71 43.17 -35.92 -9.98
CA ALA H 71 42.69 -37.27 -10.24
C ALA H 71 43.78 -38.31 -9.98
N LEU H 72 44.94 -38.13 -10.62
CA LEU H 72 46.04 -39.07 -10.42
C LEU H 72 46.34 -39.26 -8.94
N LEU H 73 46.53 -38.16 -8.22
CA LEU H 73 46.80 -38.23 -6.78
C LEU H 73 45.72 -39.04 -6.07
N TYR H 74 44.45 -38.73 -6.35
CA TYR H 74 43.36 -39.48 -5.73
C TYR H 74 43.50 -40.97 -6.04
N SER H 75 43.73 -41.30 -7.31
CA SER H 75 43.94 -42.70 -7.68
C SER H 75 45.04 -43.31 -6.83
N LEU H 76 46.17 -42.61 -6.70
CA LEU H 76 47.23 -43.10 -5.83
C LEU H 76 46.70 -43.35 -4.43
N LEU H 77 46.07 -42.34 -3.83
CA LEU H 77 45.54 -42.49 -2.48
C LEU H 77 44.54 -43.64 -2.40
N HIS H 78 43.84 -43.94 -3.49
CA HIS H 78 42.90 -45.05 -3.45
C HIS H 78 43.61 -46.39 -3.45
N VAL H 79 44.64 -46.55 -4.28
CA VAL H 79 45.29 -47.85 -4.39
C VAL H 79 46.29 -48.09 -3.27
N SER H 80 46.59 -47.07 -2.47
CA SER H 80 47.41 -47.21 -1.28
C SER H 80 46.58 -47.33 0.00
N GLY H 81 45.25 -47.36 -0.12
CA GLY H 81 44.40 -47.83 0.95
C GLY H 81 43.85 -46.81 1.93
N SER H 82 43.81 -45.53 1.57
CA SER H 82 43.24 -44.54 2.46
C SER H 82 42.04 -43.80 1.87
N LEU H 83 41.80 -43.88 0.57
CA LEU H 83 40.69 -43.24 -0.10
C LEU H 83 39.82 -44.31 -0.77
N GLU H 84 38.51 -44.18 -0.63
CA GLU H 84 37.62 -45.22 -1.13
C GLU H 84 37.22 -44.96 -2.58
N LEU H 85 36.79 -46.03 -3.25
CA LEU H 85 36.47 -45.95 -4.67
C LEU H 85 35.19 -45.15 -4.91
N GLU H 86 34.28 -45.15 -3.95
CA GLU H 86 33.06 -44.35 -4.11
C GLU H 86 33.38 -42.86 -4.09
N GLU H 87 34.34 -42.45 -3.25
CA GLU H 87 34.79 -41.06 -3.27
C GLU H 87 35.38 -40.70 -4.64
N LEU H 88 36.09 -41.64 -5.27
CA LEU H 88 36.57 -41.43 -6.63
C LEU H 88 35.41 -41.35 -7.62
N LYS H 89 34.30 -42.03 -7.33
CA LYS H 89 33.11 -41.93 -8.16
C LYS H 89 32.27 -40.69 -7.86
N GLN H 90 32.59 -39.93 -6.81
CA GLN H 90 31.97 -38.63 -6.58
C GLN H 90 32.99 -37.50 -6.78
N PHE H 91 33.82 -37.63 -7.80
CA PHE H 91 34.83 -36.61 -8.11
C PHE H 91 34.18 -35.30 -8.50
N ARG H 92 34.73 -34.20 -7.96
CA ARG H 92 34.27 -32.84 -8.26
C ARG H 92 32.77 -32.68 -7.98
N GLN H 93 32.27 -33.39 -6.97
CA GLN H 93 30.88 -33.34 -6.58
C GLN H 93 30.76 -32.82 -5.15
N TRP H 94 29.55 -32.34 -4.82
CA TRP H 94 29.33 -31.67 -3.55
C TRP H 94 29.61 -32.59 -2.37
N GLY H 95 30.53 -32.15 -1.50
CA GLY H 95 30.79 -32.83 -0.25
C GLY H 95 31.77 -33.98 -0.31
N SER H 96 32.31 -34.31 -1.48
CA SER H 96 33.21 -35.45 -1.58
C SER H 96 34.59 -35.12 -1.03
N LYS H 97 35.31 -36.16 -0.61
CA LYS H 97 36.72 -36.05 -0.26
C LYS H 97 37.60 -35.91 -1.49
N THR H 98 37.01 -35.78 -2.67
CA THR H 98 37.73 -35.66 -3.93
C THR H 98 37.36 -34.35 -4.61
N PRO H 99 37.81 -33.21 -4.09
CA PRO H 99 37.57 -31.94 -4.78
C PRO H 99 38.45 -31.80 -6.02
N GLY H 100 38.06 -30.84 -6.87
CA GLY H 100 38.69 -30.71 -8.18
C GLY H 100 40.16 -30.41 -8.10
N HIS H 101 40.58 -29.64 -7.11
CA HIS H 101 41.98 -29.44 -6.83
C HIS H 101 42.29 -29.93 -5.43
N PRO H 102 43.49 -30.48 -5.20
CA PRO H 102 43.76 -31.13 -3.91
C PRO H 102 43.65 -30.15 -2.75
N GLU H 103 42.83 -30.51 -1.77
CA GLU H 103 42.55 -29.69 -0.61
C GLU H 103 43.13 -30.33 0.64
N TYR H 104 43.96 -29.58 1.35
CA TYR H 104 44.46 -30.03 2.65
C TYR H 104 43.31 -30.05 3.66
N ARG H 105 43.41 -30.96 4.63
CA ARG H 105 42.45 -31.11 5.72
C ARG H 105 41.12 -31.69 5.24
N HIS H 106 40.90 -31.76 3.93
CA HIS H 106 39.68 -32.35 3.38
C HIS H 106 39.88 -33.77 2.90
N THR H 107 41.06 -34.07 2.37
CA THR H 107 41.46 -35.42 1.99
C THR H 107 42.61 -35.86 2.87
N ASP H 108 42.60 -37.13 3.28
CA ASP H 108 43.66 -37.67 4.11
C ASP H 108 44.90 -37.90 3.26
N GLY H 109 46.02 -37.28 3.65
CA GLY H 109 47.27 -37.46 2.95
C GLY H 109 47.65 -36.33 2.01
N VAL H 110 46.77 -35.34 1.81
CA VAL H 110 47.10 -34.16 1.02
C VAL H 110 47.81 -33.18 1.95
N GLU H 111 49.10 -32.92 1.68
CA GLU H 111 49.93 -32.19 2.63
C GLU H 111 49.69 -30.69 2.57
N VAL H 112 49.43 -30.14 1.38
CA VAL H 112 49.09 -28.74 1.22
C VAL H 112 48.04 -28.64 0.11
N THR H 113 47.35 -27.51 0.07
CA THR H 113 46.35 -27.25 -0.95
C THR H 113 47.02 -26.68 -2.19
N THR H 114 46.77 -27.31 -3.34
CA THR H 114 47.34 -26.89 -4.60
C THR H 114 46.21 -26.52 -5.59
N GLY H 115 46.62 -25.93 -6.70
CA GLY H 115 45.71 -25.38 -7.67
C GLY H 115 46.31 -24.19 -8.38
N PRO H 116 46.46 -23.08 -7.66
CA PRO H 116 47.17 -21.92 -8.21
C PRO H 116 48.62 -22.29 -8.50
N LEU H 117 49.03 -22.10 -9.75
CA LEU H 117 50.31 -22.63 -10.20
C LEU H 117 51.48 -21.91 -9.54
N GLY H 118 52.58 -22.63 -9.39
CA GLY H 118 53.80 -22.12 -8.78
C GLY H 118 53.86 -22.22 -7.27
N GLN H 119 52.70 -22.25 -6.59
CA GLN H 119 52.73 -22.09 -5.15
C GLN H 119 53.05 -23.40 -4.43
N GLY H 120 52.63 -24.55 -4.96
CA GLY H 120 53.04 -25.81 -4.37
C GLY H 120 54.54 -25.98 -4.35
N PHE H 121 55.20 -25.57 -5.43
CA PHE H 121 56.66 -25.58 -5.52
C PHE H 121 57.29 -24.77 -4.39
N ALA H 122 56.83 -23.54 -4.20
CA ALA H 122 57.41 -22.67 -3.18
C ALA H 122 57.10 -23.17 -1.77
N MET H 123 55.88 -23.66 -1.56
CA MET H 123 55.55 -24.28 -0.29
C MET H 123 56.43 -25.49 -0.01
N SER H 124 56.79 -26.25 -1.06
CA SER H 124 57.69 -27.37 -0.86
C SER H 124 59.08 -26.90 -0.46
N VAL H 125 59.52 -25.76 -1.02
CA VAL H 125 60.73 -25.13 -0.52
C VAL H 125 60.61 -24.87 0.98
N GLY H 126 59.47 -24.34 1.40
CA GLY H 126 59.24 -24.12 2.82
C GLY H 126 59.30 -25.40 3.64
N LEU H 127 58.79 -26.49 3.08
CA LEU H 127 58.81 -27.79 3.78
C LEU H 127 60.24 -28.28 3.98
N ALA H 128 61.05 -28.20 2.92
CA ALA H 128 62.45 -28.58 3.05
C ALA H 128 63.19 -27.69 4.03
N LEU H 129 62.86 -26.39 4.03
CA LEU H 129 63.41 -25.46 5.01
C LEU H 129 63.09 -25.91 6.43
N ALA H 130 61.83 -26.29 6.67
CA ALA H 130 61.43 -26.77 7.98
C ALA H 130 62.23 -28.01 8.38
N GLU H 131 62.38 -28.96 7.45
CA GLU H 131 63.15 -30.17 7.77
C GLU H 131 64.59 -29.82 8.15
N ASP H 132 65.24 -28.97 7.36
CA ASP H 132 66.62 -28.61 7.63
C ASP H 132 66.77 -27.93 8.98
N HIS H 133 65.89 -26.98 9.29
CA HIS H 133 66.00 -26.24 10.55
C HIS H 133 65.74 -27.15 11.74
N LEU H 134 64.70 -27.98 11.66
CA LEU H 134 64.39 -28.88 12.76
C LEU H 134 65.52 -29.89 12.98
N ALA H 135 66.09 -30.44 11.89
CA ALA H 135 67.21 -31.35 12.03
C ALA H 135 68.40 -30.66 12.69
N GLY H 136 68.73 -29.44 12.25
CA GLY H 136 69.79 -28.70 12.90
C GLY H 136 69.53 -28.46 14.38
N LYS H 137 68.26 -28.37 14.77
CA LYS H 137 67.96 -28.17 16.18
C LYS H 137 68.05 -29.45 17.00
N PHE H 138 67.54 -30.57 16.47
CA PHE H 138 67.27 -31.75 17.29
C PHE H 138 68.15 -32.95 16.97
N ASN H 139 68.69 -33.07 15.77
CA ASN H 139 69.47 -34.25 15.43
C ASN H 139 70.77 -34.30 16.21
N LYS H 140 71.09 -35.46 16.75
CA LYS H 140 72.33 -35.65 17.49
C LYS H 140 72.98 -36.97 17.05
N GLU H 141 73.92 -37.45 17.85
CA GLU H 141 74.79 -38.55 17.47
C GLU H 141 74.02 -39.86 17.45
N GLY H 142 73.77 -40.39 16.27
CA GLY H 142 73.00 -41.60 16.12
C GLY H 142 71.50 -41.42 16.24
N TYR H 143 71.05 -40.19 16.50
CA TYR H 143 69.63 -39.87 16.59
C TYR H 143 69.31 -38.88 15.46
N ASN H 144 69.06 -39.42 14.27
CA ASN H 144 68.57 -38.61 13.15
C ASN H 144 67.05 -38.57 13.23
N VAL H 145 66.54 -37.78 14.17
CA VAL H 145 65.11 -37.74 14.42
C VAL H 145 64.38 -37.02 13.29
N VAL H 146 65.06 -36.12 12.58
CA VAL H 146 64.51 -35.44 11.42
C VAL H 146 65.38 -35.81 10.22
N ASP H 147 64.82 -36.60 9.30
CA ASP H 147 65.55 -37.03 8.12
C ASP H 147 64.52 -37.56 7.11
N HIS H 148 64.03 -36.67 6.26
CA HIS H 148 63.12 -37.06 5.20
C HIS H 148 63.32 -36.12 4.01
N TYR H 149 62.67 -36.45 2.91
CA TYR H 149 62.79 -35.71 1.65
C TYR H 149 61.47 -35.03 1.32
N THR H 150 61.56 -34.00 0.47
CA THR H 150 60.41 -33.29 -0.05
C THR H 150 60.40 -33.38 -1.56
N TYR H 151 59.37 -34.02 -2.11
CA TYR H 151 59.22 -34.24 -3.54
C TYR H 151 58.02 -33.44 -4.05
N VAL H 152 58.16 -32.88 -5.25
CA VAL H 152 57.10 -32.06 -5.83
C VAL H 152 56.94 -32.39 -7.31
N LEU H 153 55.70 -32.68 -7.73
CA LEU H 153 55.37 -32.87 -9.14
C LEU H 153 54.89 -31.53 -9.69
N ALA H 154 55.60 -31.01 -10.70
CA ALA H 154 55.35 -29.68 -11.22
C ALA H 154 55.20 -29.70 -12.74
N SER H 155 54.33 -28.82 -13.25
CA SER H 155 54.04 -28.70 -14.67
C SER H 155 54.79 -27.50 -15.26
N ASP H 156 54.55 -27.24 -16.55
CA ASP H 156 55.18 -26.10 -17.21
C ASP H 156 54.69 -24.78 -16.61
N GLY H 157 53.41 -24.72 -16.24
CA GLY H 157 52.87 -23.51 -15.64
C GLY H 157 53.55 -23.15 -14.34
N ASP H 158 53.91 -24.16 -13.55
CA ASP H 158 54.66 -23.90 -12.31
C ASP H 158 55.98 -23.19 -12.60
N LEU H 159 56.66 -23.58 -13.68
CA LEU H 159 57.99 -23.03 -13.94
C LEU H 159 57.93 -21.70 -14.66
N MET H 160 56.83 -21.41 -15.36
CA MET H 160 56.67 -20.08 -15.94
C MET H 160 56.48 -19.01 -14.86
N GLU H 161 55.92 -19.39 -13.72
CA GLU H 161 55.60 -18.43 -12.67
C GLU H 161 56.85 -17.95 -11.94
N GLY H 162 56.93 -16.64 -11.72
CA GLY H 162 58.09 -16.06 -11.05
C GLY H 162 58.31 -16.54 -9.64
N ILE H 163 57.25 -16.97 -8.96
CA ILE H 163 57.40 -17.53 -7.61
C ILE H 163 58.32 -18.73 -7.65
N SER H 164 58.31 -19.49 -8.75
CA SER H 164 59.23 -20.61 -8.91
C SER H 164 60.67 -20.13 -8.99
N HIS H 165 60.94 -19.04 -9.71
CA HIS H 165 62.30 -18.52 -9.79
C HIS H 165 62.78 -18.06 -8.43
N GLU H 166 61.94 -17.32 -7.70
CA GLU H 166 62.28 -16.88 -6.36
C GLU H 166 62.58 -18.07 -5.43
N ALA H 167 61.68 -19.05 -5.43
CA ALA H 167 61.82 -20.20 -4.54
C ALA H 167 63.04 -21.04 -4.91
N ALA H 168 63.29 -21.24 -6.20
CA ALA H 168 64.46 -21.98 -6.61
C ALA H 168 65.74 -21.25 -6.24
N SER H 169 65.76 -19.92 -6.33
CA SER H 169 66.92 -19.17 -5.88
C SER H 169 67.17 -19.40 -4.40
N PHE H 170 66.13 -19.23 -3.58
CA PHE H 170 66.28 -19.45 -2.14
C PHE H 170 66.69 -20.90 -1.82
N ALA H 171 66.21 -21.86 -2.60
CA ALA H 171 66.52 -23.26 -2.32
C ALA H 171 67.93 -23.63 -2.72
N GLY H 172 68.36 -23.22 -3.91
CA GLY H 172 69.72 -23.50 -4.35
C GLY H 172 70.76 -22.77 -3.54
N HIS H 173 70.45 -21.53 -3.11
CA HIS H 173 71.40 -20.76 -2.31
C HIS H 173 71.69 -21.46 -0.99
N ASN H 174 70.64 -21.80 -0.25
CA ASN H 174 70.79 -22.47 1.04
C ASN H 174 70.91 -23.98 0.92
N LYS H 175 71.02 -24.50 -0.31
CA LYS H 175 71.36 -25.89 -0.58
C LYS H 175 70.43 -26.87 0.14
N LEU H 176 69.16 -26.83 -0.27
CA LEU H 176 68.18 -27.81 0.19
C LEU H 176 68.39 -29.09 -0.61
N SER H 177 69.31 -29.92 -0.13
CA SER H 177 69.73 -31.09 -0.90
C SER H 177 68.64 -32.14 -1.02
N LYS H 178 67.71 -32.19 -0.05
CA LYS H 178 66.67 -33.22 -0.03
C LYS H 178 65.40 -32.78 -0.74
N LEU H 179 65.42 -31.66 -1.45
CA LEU H 179 64.28 -31.20 -2.22
C LEU H 179 64.43 -31.69 -3.66
N VAL H 180 63.47 -32.48 -4.13
CA VAL H 180 63.50 -33.08 -5.47
C VAL H 180 62.22 -32.71 -6.21
N VAL H 181 62.37 -32.15 -7.41
CA VAL H 181 61.26 -31.73 -8.24
C VAL H 181 61.22 -32.62 -9.48
N LEU H 182 60.09 -33.28 -9.69
CA LEU H 182 59.82 -34.01 -10.92
C LEU H 182 58.98 -33.13 -11.83
N TYR H 183 59.51 -32.83 -13.02
CA TYR H 183 58.95 -31.82 -13.92
C TYR H 183 58.32 -32.49 -15.13
N ASP H 184 56.99 -32.47 -15.19
CA ASP H 184 56.25 -32.97 -16.36
C ASP H 184 56.44 -31.98 -17.51
N SER H 185 57.22 -32.37 -18.51
CA SER H 185 57.55 -31.49 -19.63
C SER H 185 56.95 -32.09 -20.90
N ASN H 186 55.66 -31.84 -21.09
CA ASN H 186 54.93 -32.30 -22.27
C ASN H 186 54.94 -31.28 -23.40
N ASP H 187 55.62 -30.16 -23.23
CA ASP H 187 55.75 -29.14 -24.27
C ASP H 187 54.39 -28.60 -24.71
N ILE H 188 53.43 -28.58 -23.79
CA ILE H 188 52.06 -28.17 -24.07
C ILE H 188 51.52 -27.42 -22.85
N SER H 189 50.78 -26.34 -23.10
CA SER H 189 50.12 -25.58 -22.05
C SER H 189 48.60 -25.63 -22.23
N LEU H 190 47.86 -24.74 -21.55
CA LEU H 190 46.41 -24.75 -21.69
C LEU H 190 45.98 -24.27 -23.07
N ASP H 191 46.56 -23.18 -23.55
CA ASP H 191 46.14 -22.61 -24.82
C ASP H 191 46.82 -23.26 -26.03
N GLY H 192 47.84 -24.07 -25.82
CA GLY H 192 48.47 -24.77 -26.92
C GLY H 192 49.91 -25.20 -26.67
N GLU H 193 50.73 -25.11 -27.71
CA GLU H 193 52.11 -25.52 -27.61
C GLU H 193 52.94 -24.51 -26.82
N LEU H 194 53.97 -25.02 -26.15
CA LEU H 194 54.80 -24.17 -25.29
C LEU H 194 55.59 -23.13 -26.09
N ASN H 195 55.93 -23.44 -27.35
CA ASN H 195 56.77 -22.55 -28.15
C ASN H 195 56.04 -21.27 -28.58
N LYS H 196 54.78 -21.09 -28.21
CA LYS H 196 54.09 -19.83 -28.49
C LYS H 196 54.27 -18.80 -27.39
N ALA H 197 55.01 -19.12 -26.32
CA ALA H 197 55.17 -18.20 -25.20
C ALA H 197 56.35 -18.54 -24.30
N PHE H 198 57.01 -19.68 -24.54
CA PHE H 198 57.98 -20.19 -23.58
C PHE H 198 59.03 -21.02 -24.31
N SER H 199 60.29 -20.62 -24.18
CA SER H 199 61.41 -21.28 -24.86
C SER H 199 62.69 -21.10 -24.06
N GLU H 200 62.69 -21.55 -22.81
CA GLU H 200 63.83 -21.35 -21.93
C GLU H 200 64.52 -22.69 -21.65
N ASN H 201 65.84 -22.61 -21.47
CA ASN H 201 66.65 -23.77 -21.12
C ASN H 201 66.51 -24.02 -19.62
N THR H 202 65.62 -24.96 -19.28
CA THR H 202 65.39 -25.29 -17.87
C THR H 202 66.68 -25.72 -17.19
N LYS H 203 67.50 -26.51 -17.89
CA LYS H 203 68.77 -26.96 -17.33
C LYS H 203 69.67 -25.78 -16.96
N ALA H 204 69.83 -24.82 -17.88
CA ALA H 204 70.75 -23.71 -17.62
C ALA H 204 70.22 -22.79 -16.53
N ARG H 205 68.92 -22.47 -16.57
CA ARG H 205 68.31 -21.67 -15.50
C ARG H 205 68.54 -22.30 -14.14
N PHE H 206 68.12 -23.56 -13.99
CA PHE H 206 68.18 -24.17 -12.67
C PHE H 206 69.61 -24.40 -12.22
N GLU H 207 70.53 -24.68 -13.15
CA GLU H 207 71.93 -24.73 -12.76
C GLU H 207 72.43 -23.37 -12.31
N ALA H 208 71.94 -22.29 -12.93
CA ALA H 208 72.28 -20.95 -12.46
C ALA H 208 71.75 -20.68 -11.07
N TYR H 209 70.69 -21.37 -10.66
CA TYR H 209 70.26 -21.26 -9.26
C TYR H 209 71.14 -22.06 -8.29
N GLY H 210 72.04 -22.90 -8.80
CA GLY H 210 72.73 -23.84 -7.94
C GLY H 210 72.02 -25.15 -7.75
N TRP H 211 71.23 -25.57 -8.74
CA TRP H 211 70.44 -26.79 -8.70
C TRP H 211 71.09 -27.86 -9.56
N ASN H 212 70.99 -29.12 -9.13
CA ASN H 212 71.36 -30.23 -9.97
C ASN H 212 70.22 -30.55 -10.93
N TYR H 213 70.56 -30.85 -12.18
CA TYR H 213 69.58 -31.11 -13.23
C TYR H 213 69.79 -32.51 -13.80
N LEU H 214 68.67 -33.22 -14.00
CA LEU H 214 68.68 -34.54 -14.60
C LEU H 214 67.55 -34.62 -15.61
N LEU H 215 67.75 -35.46 -16.64
CA LEU H 215 66.84 -35.51 -17.77
C LEU H 215 66.39 -36.94 -18.02
N VAL H 216 65.07 -37.13 -18.09
CA VAL H 216 64.47 -38.41 -18.48
C VAL H 216 63.85 -38.19 -19.86
N LYS H 217 64.39 -38.90 -20.86
CA LYS H 217 63.97 -38.63 -22.23
C LYS H 217 62.70 -39.38 -22.61
N ASP H 218 62.46 -40.54 -22.01
CA ASP H 218 61.22 -41.30 -22.20
C ASP H 218 60.47 -41.34 -20.86
N GLY H 219 59.48 -40.46 -20.73
CA GLY H 219 58.65 -40.40 -19.54
C GLY H 219 57.88 -41.65 -19.20
N ASN H 220 57.99 -42.69 -20.02
CA ASN H 220 57.36 -43.96 -19.74
C ASN H 220 58.34 -45.03 -19.32
N ASP H 221 59.63 -44.71 -19.28
CA ASP H 221 60.67 -45.63 -18.83
C ASP H 221 60.83 -45.51 -17.32
N LEU H 222 60.24 -46.45 -16.59
CA LEU H 222 60.31 -46.42 -15.13
C LEU H 222 61.74 -46.54 -14.64
N GLU H 223 62.60 -47.20 -15.43
CA GLU H 223 63.99 -47.41 -15.01
C GLU H 223 64.77 -46.11 -15.00
N GLU H 224 64.63 -45.31 -16.07
CA GLU H 224 65.29 -44.02 -16.12
C GLU H 224 64.85 -43.13 -14.97
N ILE H 225 63.54 -43.08 -14.70
CA ILE H 225 63.01 -42.27 -13.60
C ILE H 225 63.58 -42.74 -12.27
N ASP H 226 63.61 -44.05 -12.04
CA ASP H 226 64.09 -44.55 -10.75
C ASP H 226 65.57 -44.21 -10.56
N LYS H 227 66.38 -44.42 -11.59
CA LYS H 227 67.79 -44.04 -11.51
C LYS H 227 67.93 -42.56 -11.22
N ALA H 228 67.07 -41.73 -11.84
CA ALA H 228 67.15 -40.29 -11.62
C ALA H 228 66.77 -39.92 -10.19
N ILE H 229 65.74 -40.56 -9.63
CA ILE H 229 65.36 -40.27 -8.25
C ILE H 229 66.49 -40.66 -7.30
N THR H 230 67.08 -41.83 -7.51
CA THR H 230 68.23 -42.23 -6.69
C THR H 230 69.34 -41.18 -6.76
N THR H 231 69.76 -40.83 -7.98
CA THR H 231 70.81 -39.84 -8.14
C THR H 231 70.45 -38.53 -7.45
N ALA H 232 69.22 -38.06 -7.64
CA ALA H 232 68.80 -36.78 -7.07
C ALA H 232 68.86 -36.80 -5.55
N LYS H 233 68.46 -37.91 -4.94
CA LYS H 233 68.59 -38.05 -3.50
C LYS H 233 70.06 -38.03 -3.08
N SER H 234 70.93 -38.60 -3.91
CA SER H 234 72.34 -38.67 -3.56
C SER H 234 73.09 -37.36 -3.77
N GLN H 235 72.50 -36.38 -4.45
CA GLN H 235 73.20 -35.14 -4.76
C GLN H 235 73.05 -34.11 -3.65
N GLU H 236 74.06 -33.25 -3.53
CA GLU H 236 74.21 -32.32 -2.42
C GLU H 236 73.44 -31.01 -2.61
N GLY H 237 72.77 -30.83 -3.76
CA GLY H 237 71.90 -29.69 -3.92
C GLY H 237 70.46 -30.09 -4.19
N PRO H 238 69.56 -29.12 -4.23
CA PRO H 238 68.22 -29.37 -4.77
C PRO H 238 68.32 -29.82 -6.21
N THR H 239 67.50 -30.80 -6.57
CA THR H 239 67.54 -31.42 -7.88
C THR H 239 66.17 -31.33 -8.55
N ILE H 240 66.18 -31.04 -9.85
CA ILE H 240 64.99 -31.10 -10.68
C ILE H 240 65.22 -32.14 -11.76
N ILE H 241 64.21 -32.96 -12.01
CA ILE H 241 64.27 -34.01 -13.03
C ILE H 241 63.24 -33.65 -14.10
N GLU H 242 63.71 -33.09 -15.21
CA GLU H 242 62.83 -32.85 -16.35
C GLU H 242 62.52 -34.18 -17.01
N VAL H 243 61.27 -34.62 -16.87
CA VAL H 243 60.80 -35.86 -17.47
C VAL H 243 59.98 -35.49 -18.70
N LYS H 244 60.46 -35.92 -19.87
CA LYS H 244 59.76 -35.65 -21.12
C LYS H 244 58.62 -36.63 -21.29
N THR H 245 57.39 -36.12 -21.38
CA THR H 245 56.22 -36.95 -21.53
C THR H 245 55.41 -36.47 -22.74
N THR H 246 54.39 -37.25 -23.09
CA THR H 246 53.39 -36.85 -24.06
C THR H 246 52.06 -36.70 -23.32
N ILE H 247 51.48 -35.50 -23.37
CA ILE H 247 50.27 -35.22 -22.63
C ILE H 247 49.12 -36.04 -23.21
N GLY H 248 48.33 -36.64 -22.33
CA GLY H 248 47.29 -37.56 -22.78
C GLY H 248 47.83 -38.78 -23.48
N PHE H 249 48.95 -39.32 -22.99
CA PHE H 249 49.55 -40.50 -23.61
C PHE H 249 48.55 -41.64 -23.66
N GLY H 250 48.58 -42.39 -24.77
CA GLY H 250 47.66 -43.48 -24.99
C GLY H 250 46.42 -43.09 -25.78
N SER H 251 46.03 -41.83 -25.72
CA SER H 251 44.94 -41.34 -26.55
C SER H 251 45.37 -41.36 -28.01
N PRO H 252 44.62 -41.99 -28.91
CA PRO H 252 45.00 -41.96 -30.32
C PRO H 252 44.90 -40.58 -30.95
N ASN H 253 43.86 -39.81 -30.62
CA ASN H 253 43.58 -38.56 -31.32
C ASN H 253 43.90 -37.31 -30.51
N LYS H 254 43.81 -37.37 -29.18
CA LYS H 254 44.01 -36.18 -28.36
C LYS H 254 45.40 -36.10 -27.74
N ALA H 255 46.23 -37.14 -27.88
CA ALA H 255 47.58 -37.09 -27.32
C ALA H 255 48.41 -36.02 -28.01
N GLY H 256 49.23 -35.33 -27.23
CA GLY H 256 50.07 -34.27 -27.75
C GLY H 256 49.33 -33.00 -28.12
N THR H 257 48.11 -32.81 -27.64
CA THR H 257 47.31 -31.63 -27.95
C THR H 257 46.85 -30.96 -26.65
N ASN H 258 46.52 -29.66 -26.78
CA ASN H 258 46.04 -28.90 -25.63
C ASN H 258 44.64 -29.33 -25.21
N GLY H 259 43.84 -29.85 -26.15
CA GLY H 259 42.47 -30.23 -25.83
C GLY H 259 42.38 -31.33 -24.80
N VAL H 260 43.35 -32.24 -24.79
CA VAL H 260 43.40 -33.30 -23.78
C VAL H 260 43.70 -32.77 -22.40
N HIS H 261 44.05 -31.49 -22.27
CA HIS H 261 44.46 -30.95 -20.98
C HIS H 261 43.28 -30.82 -20.03
N GLY H 262 42.32 -29.95 -20.36
CA GLY H 262 41.28 -29.57 -19.42
C GLY H 262 39.88 -30.07 -19.69
N ALA H 263 39.69 -31.05 -20.58
CA ALA H 263 38.36 -31.56 -20.88
C ALA H 263 38.36 -33.08 -20.78
N PRO H 264 37.24 -33.68 -20.36
CA PRO H 264 37.14 -35.15 -20.36
C PRO H 264 37.34 -35.71 -21.76
N LEU H 265 37.83 -36.96 -21.84
CA LEU H 265 38.17 -37.53 -23.14
C LEU H 265 36.93 -37.71 -24.00
N GLY H 266 35.87 -38.22 -23.41
CA GLY H 266 34.77 -38.67 -24.22
C GLY H 266 34.75 -40.19 -24.31
N GLU H 267 33.54 -40.73 -24.40
CA GLU H 267 33.35 -42.17 -24.43
C GLU H 267 34.14 -42.83 -25.56
N VAL H 268 34.07 -42.25 -26.76
CA VAL H 268 34.71 -42.84 -27.93
C VAL H 268 36.24 -42.85 -27.77
N GLU H 269 36.80 -41.67 -27.47
CA GLU H 269 38.23 -41.58 -27.24
C GLU H 269 38.67 -42.41 -26.05
N ARG H 270 37.83 -42.53 -25.03
CA ARG H 270 38.18 -43.37 -23.88
C ARG H 270 38.26 -44.84 -24.27
N LYS H 271 37.31 -45.31 -25.11
CA LYS H 271 37.39 -46.66 -25.62
C LYS H 271 38.70 -46.88 -26.37
N LEU H 272 39.03 -45.96 -27.27
CA LEU H 272 40.26 -46.11 -28.05
C LEU H 272 41.50 -46.10 -27.16
N THR H 273 41.53 -45.21 -26.17
CA THR H 273 42.68 -45.11 -25.27
C THR H 273 42.83 -46.39 -24.45
N PHE H 274 41.71 -46.87 -23.88
CA PHE H 274 41.72 -48.11 -23.12
C PHE H 274 42.21 -49.27 -23.96
N GLU H 275 41.84 -49.30 -25.24
CA GLU H 275 42.32 -50.36 -26.12
C GLU H 275 43.82 -50.25 -26.33
N ASN H 276 44.34 -49.04 -26.50
CA ASN H 276 45.80 -48.88 -26.62
C ASN H 276 46.51 -49.36 -25.37
N TYR H 277 45.92 -49.12 -24.18
CA TYR H 277 46.54 -49.61 -22.95
C TYR H 277 46.49 -51.13 -22.86
N GLY H 278 45.51 -51.77 -23.49
CA GLY H 278 45.29 -53.19 -23.31
C GLY H 278 44.28 -53.54 -22.25
N LEU H 279 43.39 -52.63 -21.90
CA LEU H 279 42.40 -52.81 -20.85
C LEU H 279 41.01 -52.98 -21.46
N ASP H 280 40.04 -53.29 -20.59
CA ASP H 280 38.67 -53.50 -21.03
C ASP H 280 37.87 -52.20 -20.89
N PRO H 281 37.37 -51.62 -22.00
CA PRO H 281 36.58 -50.38 -21.87
C PRO H 281 35.22 -50.58 -21.21
N GLU H 282 34.74 -51.81 -21.07
CA GLU H 282 33.39 -52.05 -20.57
C GLU H 282 33.31 -52.04 -19.04
N LYS H 283 34.43 -52.16 -18.34
CA LYS H 283 34.47 -52.04 -16.88
C LYS H 283 34.96 -50.65 -16.52
N ARG H 284 34.10 -49.86 -15.87
CA ARG H 284 34.38 -48.45 -15.72
C ARG H 284 35.36 -48.15 -14.58
N PHE H 285 35.23 -48.82 -13.45
CA PHE H 285 36.10 -48.55 -12.31
C PHE H 285 36.75 -49.86 -11.84
N ASN H 286 37.70 -50.35 -12.63
CA ASN H 286 38.35 -51.62 -12.38
C ASN H 286 39.79 -51.41 -11.95
N VAL H 287 40.07 -51.61 -10.66
CA VAL H 287 41.44 -51.69 -10.14
C VAL H 287 41.72 -53.14 -9.79
N SER H 288 42.81 -53.67 -10.35
CA SER H 288 43.14 -55.07 -10.12
C SER H 288 43.67 -55.26 -8.70
N GLU H 289 43.34 -56.42 -8.11
CA GLU H 289 43.92 -56.77 -6.82
C GLU H 289 45.44 -56.80 -6.89
N GLU H 290 46.00 -57.07 -8.08
CA GLU H 290 47.45 -57.07 -8.25
C GLU H 290 48.04 -55.70 -7.96
N VAL H 291 47.36 -54.63 -8.37
CA VAL H 291 47.86 -53.28 -8.13
C VAL H 291 47.81 -52.94 -6.65
N TYR H 292 46.67 -53.24 -6.01
CA TYR H 292 46.56 -53.10 -4.57
C TYR H 292 47.71 -53.81 -3.87
N GLU H 293 48.00 -55.05 -4.30
CA GLU H 293 49.07 -55.83 -3.68
C GLU H 293 50.43 -55.18 -3.89
N ILE H 294 50.68 -54.70 -5.12
CA ILE H 294 51.92 -53.97 -5.41
C ILE H 294 52.13 -52.87 -4.39
N PHE H 295 51.09 -52.07 -4.18
CA PHE H 295 51.23 -50.92 -3.29
C PHE H 295 51.39 -51.37 -1.84
N GLN H 296 50.56 -52.30 -1.38
CA GLN H 296 50.70 -52.83 -0.01
C GLN H 296 52.11 -53.30 0.25
N ASN H 297 52.66 -54.12 -0.66
CA ASN H 297 53.96 -54.72 -0.42
C ASN H 297 55.09 -53.69 -0.49
N THR H 298 55.02 -52.79 -1.46
CA THR H 298 56.10 -51.82 -1.61
C THR H 298 55.92 -50.66 -0.62
N MET H 299 55.01 -49.75 -0.96
CA MET H 299 54.97 -48.45 -0.28
C MET H 299 54.54 -48.59 1.17
N LEU H 300 53.42 -49.27 1.42
CA LEU H 300 52.86 -49.32 2.76
C LEU H 300 53.76 -50.10 3.72
N LYS H 301 54.33 -51.22 3.25
CA LYS H 301 55.21 -51.99 4.13
C LYS H 301 56.49 -51.23 4.42
N ARG H 302 57.13 -50.66 3.37
CA ARG H 302 58.32 -49.87 3.61
C ARG H 302 58.04 -48.71 4.56
N ALA H 303 56.91 -48.03 4.39
CA ALA H 303 56.62 -46.86 5.21
C ALA H 303 56.26 -47.24 6.63
N ASN H 304 55.53 -48.34 6.82
CA ASN H 304 55.19 -48.77 8.17
C ASN H 304 56.43 -49.24 8.93
N GLU H 305 57.34 -49.95 8.24
CA GLU H 305 58.60 -50.30 8.88
C GLU H 305 59.42 -49.07 9.22
N ASP H 306 59.46 -48.09 8.30
CA ASP H 306 60.18 -46.85 8.57
C ASP H 306 59.61 -46.13 9.78
N GLU H 307 58.28 -46.09 9.90
CA GLU H 307 57.64 -45.42 11.04
C GLU H 307 57.92 -46.15 12.34
N SER H 308 57.84 -47.48 12.34
CA SER H 308 58.15 -48.23 13.55
C SER H 308 59.60 -47.98 13.99
N GLN H 309 60.52 -48.03 13.02
CA GLN H 309 61.92 -47.75 13.32
C GLN H 309 62.09 -46.36 13.92
N TRP H 310 61.40 -45.37 13.35
CA TRP H 310 61.50 -44.01 13.88
C TRP H 310 60.98 -43.94 15.31
N ASN H 311 59.86 -44.59 15.59
CA ASN H 311 59.29 -44.54 16.93
C ASN H 311 60.25 -45.12 17.97
N SER H 312 60.89 -46.25 17.64
CA SER H 312 61.88 -46.81 18.57
C SER H 312 63.08 -45.87 18.75
N LEU H 313 63.59 -45.32 17.64
CA LEU H 313 64.67 -44.34 17.74
C LEU H 313 64.29 -43.19 18.66
N LEU H 314 63.03 -42.76 18.62
CA LEU H 314 62.61 -41.62 19.42
C LEU H 314 62.51 -41.99 20.89
N GLU H 315 62.10 -43.22 21.20
CA GLU H 315 62.21 -43.72 22.57
C GLU H 315 63.65 -43.59 23.08
N LYS H 316 64.60 -44.15 22.34
CA LYS H 316 66.00 -44.06 22.77
C LYS H 316 66.46 -42.62 22.91
N TYR H 317 66.09 -41.77 21.95
CA TYR H 317 66.39 -40.34 21.99
C TYR H 317 65.90 -39.71 23.28
N ALA H 318 64.68 -40.02 23.69
CA ALA H 318 64.16 -39.51 24.96
C ALA H 318 65.01 -39.99 26.12
N GLU H 319 65.51 -41.22 26.05
CA GLU H 319 66.38 -41.70 27.13
C GLU H 319 67.68 -40.91 27.22
N THR H 320 68.34 -40.70 26.07
CA THR H 320 69.63 -40.00 26.11
C THR H 320 69.48 -38.48 26.20
N TYR H 321 68.38 -37.93 25.68
CA TYR H 321 68.14 -36.49 25.65
C TYR H 321 66.71 -36.21 26.09
N PRO H 322 66.42 -36.33 27.39
CA PRO H 322 65.02 -36.18 27.83
C PRO H 322 64.42 -34.82 27.54
N GLU H 323 65.13 -33.74 27.87
CA GLU H 323 64.60 -32.40 27.64
C GLU H 323 64.41 -32.12 26.16
N LEU H 324 65.41 -32.45 25.34
CA LEU H 324 65.31 -32.19 23.91
C LEU H 324 64.19 -33.01 23.28
N ALA H 325 63.99 -34.24 23.75
CA ALA H 325 62.92 -35.06 23.19
C ALA H 325 61.54 -34.52 23.59
N GLU H 326 61.39 -34.09 24.84
CA GLU H 326 60.13 -33.48 25.24
C GLU H 326 59.86 -32.22 24.44
N GLU H 327 60.91 -31.40 24.24
CA GLU H 327 60.78 -30.20 23.41
C GLU H 327 60.32 -30.56 22.01
N PHE H 328 60.94 -31.59 21.42
CA PHE H 328 60.49 -32.14 20.14
C PHE H 328 59.01 -32.46 20.16
N LYS H 329 58.52 -33.02 21.27
CA LYS H 329 57.11 -33.36 21.39
C LYS H 329 56.23 -32.12 21.44
N LEU H 330 56.59 -31.14 22.26
CA LEU H 330 55.77 -29.93 22.32
C LEU H 330 55.76 -29.23 20.96
N ALA H 331 56.84 -29.36 20.20
CA ALA H 331 56.88 -28.76 18.87
C ALA H 331 55.94 -29.50 17.91
N ILE H 332 56.00 -30.84 17.89
CA ILE H 332 55.14 -31.57 16.97
C ILE H 332 53.68 -31.48 17.41
N SER H 333 53.43 -31.11 18.67
CA SER H 333 52.06 -30.93 19.14
C SER H 333 51.46 -29.61 18.69
N GLY H 334 52.29 -28.68 18.21
CA GLY H 334 51.85 -27.32 18.02
C GLY H 334 51.58 -26.56 19.29
N LYS H 335 52.08 -27.03 20.43
CA LYS H 335 51.71 -26.38 21.68
C LYS H 335 52.72 -25.30 22.06
N LEU H 336 52.25 -24.37 22.68
CA LEU H 336 53.12 -23.34 23.17
C LEU H 336 53.51 -23.68 24.59
N PRO H 337 54.75 -23.37 24.93
CA PRO H 337 55.24 -23.54 26.30
C PRO H 337 54.29 -22.88 27.28
N LYS H 338 54.06 -23.55 28.41
CA LYS H 338 53.21 -23.01 29.45
C LYS H 338 53.78 -21.72 30.03
N ASN H 339 52.93 -20.70 30.16
CA ASN H 339 53.28 -19.43 30.81
C ASN H 339 54.31 -18.62 30.01
N TYR H 340 54.28 -18.72 28.68
CA TYR H 340 55.23 -17.96 27.88
C TYR H 340 54.94 -16.46 28.00
N LYS H 341 53.66 -16.09 28.03
CA LYS H 341 53.25 -14.69 28.09
C LYS H 341 53.92 -13.93 29.23
N ASP H 342 54.36 -14.63 30.28
CA ASP H 342 54.95 -13.95 31.43
C ASP H 342 56.28 -13.28 31.10
N GLU H 343 57.00 -13.73 30.08
CA GLU H 343 58.22 -13.04 29.73
C GLU H 343 58.02 -12.02 28.60
N LEU H 344 56.85 -11.99 27.98
CA LEU H 344 56.55 -10.96 27.01
C LEU H 344 56.55 -9.59 27.69
N PRO H 345 56.97 -8.54 26.98
CA PRO H 345 57.20 -7.25 27.64
C PRO H 345 55.91 -6.52 27.96
N ARG H 346 55.96 -5.73 29.03
CA ARG H 346 54.89 -4.80 29.37
C ARG H 346 55.42 -3.38 29.33
N PHE H 347 54.62 -2.48 28.76
CA PHE H 347 55.01 -1.09 28.55
C PHE H 347 54.16 -0.19 29.42
N GLU H 348 54.81 0.70 30.16
CA GLU H 348 54.14 1.55 31.14
C GLU H 348 53.71 2.87 30.50
N LEU H 349 52.89 3.61 31.23
CA LEU H 349 52.42 4.91 30.76
C LEU H 349 53.58 5.88 30.59
N GLY H 350 53.44 6.77 29.61
CA GLY H 350 54.48 7.74 29.30
C GLY H 350 55.55 7.24 28.35
N HIS H 351 55.55 5.95 28.01
CA HIS H 351 56.48 5.39 27.04
C HIS H 351 55.87 5.52 25.64
N ASN H 352 56.72 5.86 24.68
CA ASN H 352 56.30 6.05 23.29
C ASN H 352 57.10 5.11 22.41
N GLY H 353 56.42 4.16 21.77
CA GLY H 353 57.08 3.19 20.93
C GLY H 353 56.30 2.85 19.68
N ALA H 354 57.00 2.69 18.57
CA ALA H 354 56.36 2.27 17.33
C ALA H 354 55.95 0.80 17.42
N SER H 355 54.88 0.47 16.70
CA SER H 355 54.39 -0.91 16.68
C SER H 355 55.46 -1.88 16.19
N ARG H 356 56.32 -1.44 15.27
CA ARG H 356 57.39 -2.31 14.78
C ARG H 356 58.46 -2.55 15.86
N ALA H 357 58.81 -1.50 16.61
CA ALA H 357 59.86 -1.64 17.62
C ALA H 357 59.36 -2.48 18.79
N ASP H 358 58.15 -2.19 19.29
CA ASP H 358 57.58 -3.02 20.34
C ASP H 358 57.34 -4.44 19.87
N SER H 359 57.03 -4.61 18.57
CA SER H 359 56.95 -5.94 18.00
C SER H 359 58.28 -6.68 18.11
N GLY H 360 59.38 -6.02 17.73
CA GLY H 360 60.68 -6.64 17.87
C GLY H 360 61.03 -6.98 19.31
N THR H 361 60.66 -6.11 20.24
CA THR H 361 60.89 -6.37 21.66
C THR H 361 60.05 -7.56 22.13
N VAL H 362 58.88 -7.78 21.54
CA VAL H 362 58.12 -8.99 21.83
C VAL H 362 58.76 -10.20 21.14
N ILE H 363 59.36 -9.99 19.97
CA ILE H 363 59.89 -11.09 19.18
C ILE H 363 61.10 -11.72 19.86
N GLN H 364 61.95 -10.89 20.47
CA GLN H 364 63.09 -11.43 21.21
C GLN H 364 62.63 -12.28 22.39
N ALA H 365 61.61 -11.82 23.13
CA ALA H 365 61.04 -12.57 24.23
C ALA H 365 60.43 -13.89 23.76
N ILE H 366 59.69 -13.86 22.65
CA ILE H 366 59.12 -15.07 22.09
C ILE H 366 60.24 -16.05 21.73
N SER H 367 61.27 -15.57 21.03
CA SER H 367 62.37 -16.45 20.64
C SER H 367 63.06 -17.05 21.84
N LYS H 368 63.11 -16.33 22.97
CA LYS H 368 63.71 -16.93 24.16
C LYS H 368 62.79 -17.98 24.78
N THR H 369 61.48 -17.73 24.80
CA THR H 369 60.58 -18.63 25.54
C THR H 369 59.82 -19.61 24.66
N VAL H 370 59.69 -19.36 23.36
CA VAL H 370 58.98 -20.26 22.46
C VAL H 370 60.01 -20.91 21.54
N PRO H 371 60.34 -22.19 21.73
CA PRO H 371 61.44 -22.78 20.97
C PRO H 371 61.14 -22.98 19.49
N SER H 372 59.87 -23.15 19.11
CA SER H 372 59.51 -23.41 17.72
C SER H 372 59.43 -22.16 16.87
N PHE H 373 59.81 -21.00 17.41
CA PHE H 373 59.70 -19.75 16.66
C PHE H 373 60.77 -19.70 15.57
N PHE H 374 60.34 -19.37 14.35
CA PHE H 374 61.20 -19.42 13.18
C PHE H 374 60.65 -18.47 12.11
N GLY H 375 61.53 -17.72 11.47
CA GLY H 375 61.14 -16.88 10.36
C GLY H 375 62.13 -15.76 10.12
N GLY H 376 61.74 -14.86 9.22
CA GLY H 376 62.57 -13.73 8.86
C GLY H 376 61.85 -12.68 8.03
N SER H 377 62.60 -11.93 7.23
CA SER H 377 62.06 -10.84 6.43
C SER H 377 62.48 -10.98 4.97
N ALA H 378 61.83 -10.20 4.12
CA ALA H 378 62.17 -10.15 2.69
C ALA H 378 63.14 -8.99 2.44
N ASP H 379 64.37 -9.18 2.94
CA ASP H 379 65.42 -8.17 2.91
C ASP H 379 64.98 -6.85 3.55
N LEU H 380 64.15 -6.94 4.59
CA LEU H 380 63.61 -5.76 5.24
C LEU H 380 63.67 -5.86 6.76
N ALA H 381 64.57 -6.70 7.29
CA ALA H 381 64.54 -7.00 8.72
C ALA H 381 64.87 -5.78 9.56
N GLY H 382 65.82 -4.95 9.10
CA GLY H 382 66.19 -3.78 9.86
C GLY H 382 65.04 -2.81 10.03
N SER H 383 64.24 -2.61 8.98
CA SER H 383 63.09 -1.72 9.07
C SER H 383 61.90 -2.38 9.74
N ASN H 384 61.73 -3.69 9.57
CA ASN H 384 60.65 -4.43 10.19
C ASN H 384 60.93 -4.77 11.66
N LYS H 385 62.17 -4.66 12.10
CA LYS H 385 62.57 -5.02 13.46
C LYS H 385 62.18 -6.47 13.76
N SER H 386 62.26 -7.32 12.74
CA SER H 386 61.86 -8.72 12.84
C SER H 386 63.01 -9.65 13.22
N ASN H 387 64.24 -9.13 13.26
CA ASN H 387 65.40 -9.96 13.53
C ASN H 387 65.49 -10.33 15.01
N VAL H 388 65.93 -11.55 15.27
CA VAL H 388 66.22 -12.01 16.63
C VAL H 388 67.71 -11.77 16.86
N ASN H 389 68.03 -10.80 17.72
CA ASN H 389 69.41 -10.35 17.87
C ASN H 389 70.27 -11.41 18.53
N ASP H 390 69.81 -11.99 19.64
CA ASP H 390 70.56 -13.03 20.34
C ASP H 390 70.45 -14.40 19.69
N ALA H 391 70.45 -14.44 18.36
CA ALA H 391 70.37 -15.71 17.64
C ALA H 391 71.11 -15.58 16.32
N THR H 392 71.54 -16.72 15.81
CA THR H 392 72.32 -16.78 14.57
C THR H 392 71.40 -16.85 13.36
N ASP H 393 72.01 -16.78 12.19
CA ASP H 393 71.28 -16.74 10.92
C ASP H 393 71.27 -18.13 10.28
N TYR H 394 70.15 -18.43 9.61
CA TYR H 394 70.01 -19.72 8.94
C TYR H 394 70.90 -19.78 7.71
N SER H 395 71.74 -20.81 7.65
CA SER H 395 72.57 -21.08 6.48
C SER H 395 72.61 -22.59 6.25
N SER H 396 73.13 -22.99 5.10
CA SER H 396 73.39 -24.40 4.86
C SER H 396 74.37 -24.94 5.89
N GLU H 397 75.40 -24.15 6.21
CA GLU H 397 76.37 -24.52 7.23
C GLU H 397 75.85 -24.29 8.63
N THR H 398 74.83 -23.45 8.79
CA THR H 398 74.25 -23.11 10.09
C THR H 398 72.74 -23.31 10.04
N PRO H 399 72.28 -24.56 9.99
CA PRO H 399 70.82 -24.78 9.89
C PRO H 399 70.08 -24.50 11.19
N GLU H 400 70.77 -24.48 12.32
CA GLU H 400 70.14 -24.24 13.62
C GLU H 400 69.76 -22.77 13.83
N GLY H 401 70.25 -21.86 12.99
CA GLY H 401 69.92 -20.46 13.16
C GLY H 401 68.44 -20.18 12.92
N LYS H 402 67.93 -19.18 13.63
CA LYS H 402 66.50 -18.86 13.64
C LYS H 402 66.18 -17.55 12.94
N ASN H 403 67.07 -17.06 12.08
CA ASN H 403 66.84 -15.83 11.31
C ASN H 403 66.99 -16.15 9.83
N VAL H 404 65.87 -16.16 9.11
CA VAL H 404 65.86 -16.46 7.68
C VAL H 404 65.99 -15.17 6.89
N TRP H 405 66.87 -15.18 5.90
CA TRP H 405 67.04 -14.07 4.97
C TRP H 405 66.40 -14.51 3.66
N PHE H 406 65.10 -14.24 3.52
CA PHE H 406 64.40 -14.59 2.30
C PHE H 406 64.82 -13.75 1.11
N GLY H 407 65.35 -12.55 1.35
CA GLY H 407 65.66 -11.63 0.27
C GLY H 407 64.38 -11.10 -0.36
N VAL H 408 64.56 -10.21 -1.33
CA VAL H 408 63.43 -9.56 -1.98
C VAL H 408 62.65 -10.59 -2.79
N ARG H 409 61.95 -11.49 -2.07
CA ARG H 409 61.19 -12.62 -2.65
C ARG H 409 59.92 -12.80 -1.80
N GLU H 410 59.00 -11.84 -1.90
CA GLU H 410 57.88 -11.76 -0.96
C GLU H 410 56.89 -12.91 -1.16
N PHE H 411 56.41 -13.08 -2.39
CA PHE H 411 55.51 -14.18 -2.73
C PHE H 411 56.06 -15.50 -2.21
N ALA H 412 57.32 -15.79 -2.54
CA ALA H 412 57.94 -17.04 -2.12
C ALA H 412 58.14 -17.11 -0.61
N MET H 413 58.40 -15.97 0.04
CA MET H 413 58.55 -15.99 1.49
C MET H 413 57.25 -16.37 2.17
N GLY H 414 56.13 -15.79 1.71
CA GLY H 414 54.84 -16.19 2.22
C GLY H 414 54.56 -17.67 1.99
N ALA H 415 54.82 -18.14 0.77
CA ALA H 415 54.56 -19.54 0.46
C ALA H 415 55.45 -20.49 1.27
N ALA H 416 56.69 -20.06 1.54
CA ALA H 416 57.58 -20.88 2.35
C ALA H 416 57.12 -20.91 3.80
N VAL H 417 56.62 -19.79 4.31
CA VAL H 417 56.05 -19.79 5.66
C VAL H 417 54.85 -20.73 5.73
N ASN H 418 54.05 -20.78 4.66
CA ASN H 418 52.94 -21.72 4.61
C ASN H 418 53.43 -23.16 4.67
N GLY H 419 54.44 -23.49 3.87
CA GLY H 419 55.03 -24.82 3.94
C GLY H 419 55.54 -25.15 5.33
N MET H 420 56.21 -24.19 5.97
CA MET H 420 56.74 -24.41 7.31
C MET H 420 55.63 -24.60 8.33
N ALA H 421 54.48 -23.96 8.10
CA ALA H 421 53.34 -24.15 9.00
C ALA H 421 52.70 -25.52 8.79
N ALA H 422 52.55 -25.93 7.53
CA ALA H 422 51.96 -27.23 7.24
C ALA H 422 52.86 -28.38 7.70
N HIS H 423 54.18 -28.19 7.66
CA HIS H 423 55.10 -29.27 8.01
C HIS H 423 54.89 -29.73 9.45
N GLY H 424 54.72 -28.80 10.37
CA GLY H 424 54.62 -29.13 11.77
C GLY H 424 55.96 -29.02 12.47
N GLY H 425 55.93 -28.54 13.72
CA GLY H 425 57.12 -28.39 14.52
C GLY H 425 57.56 -26.95 14.71
N LEU H 426 57.11 -26.04 13.85
CA LEU H 426 57.57 -24.66 13.86
C LEU H 426 56.38 -23.71 13.96
N HIS H 427 56.63 -22.53 14.52
CA HIS H 427 55.71 -21.41 14.54
C HIS H 427 56.23 -20.38 13.56
N PRO H 428 55.86 -20.44 12.28
CA PRO H 428 56.55 -19.67 11.24
C PRO H 428 56.01 -18.26 11.06
N TYR H 429 56.92 -17.34 10.76
CA TYR H 429 56.58 -15.95 10.53
C TYR H 429 57.42 -15.38 9.38
N GLY H 430 56.85 -14.38 8.71
CA GLY H 430 57.58 -13.66 7.68
C GLY H 430 57.23 -12.19 7.75
N ALA H 431 58.05 -11.37 7.08
CA ALA H 431 57.95 -9.94 7.22
C ALA H 431 58.25 -9.23 5.90
N THR H 432 57.53 -8.15 5.66
CA THR H 432 57.79 -7.20 4.57
C THR H 432 57.03 -5.91 4.91
N PHE H 433 57.03 -4.97 3.97
CA PHE H 433 56.24 -3.75 4.14
C PHE H 433 54.78 -4.03 3.78
N PHE H 434 53.87 -3.38 4.52
CA PHE H 434 52.45 -3.63 4.34
C PHE H 434 52.01 -3.39 2.90
N VAL H 435 52.55 -2.34 2.28
CA VAL H 435 52.17 -2.01 0.90
C VAL H 435 52.54 -3.15 -0.06
N PHE H 436 53.54 -3.94 0.28
CA PHE H 436 53.96 -5.04 -0.58
C PHE H 436 53.30 -6.36 -0.19
N SER H 437 52.32 -6.33 0.72
CA SER H 437 51.52 -7.53 0.98
C SER H 437 50.89 -8.05 -0.31
N ASP H 438 50.61 -7.17 -1.27
CA ASP H 438 50.06 -7.57 -2.55
C ASP H 438 50.93 -8.61 -3.24
N TYR H 439 52.25 -8.56 -3.01
CA TYR H 439 53.16 -9.47 -3.69
C TYR H 439 52.93 -10.92 -3.27
N LEU H 440 52.50 -11.15 -2.03
CA LEU H 440 52.29 -12.48 -1.49
C LEU H 440 50.82 -12.79 -1.24
N LYS H 441 49.91 -11.95 -1.74
CA LYS H 441 48.49 -12.13 -1.49
C LYS H 441 47.97 -13.52 -1.85
N PRO H 442 48.34 -14.13 -2.99
CA PRO H 442 47.86 -15.50 -3.25
C PRO H 442 48.22 -16.49 -2.16
N ALA H 443 49.44 -16.38 -1.62
CA ALA H 443 49.84 -17.20 -0.49
C ALA H 443 49.01 -16.89 0.75
N LEU H 444 48.62 -15.62 0.94
CA LEU H 444 47.76 -15.27 2.06
C LEU H 444 46.40 -15.96 1.94
N ARG H 445 45.83 -15.91 0.75
CA ARG H 445 44.58 -16.61 0.48
C ARG H 445 44.73 -18.11 0.76
N LEU H 446 45.84 -18.70 0.31
CA LEU H 446 46.03 -20.14 0.52
C LEU H 446 46.20 -20.48 2.00
N SER H 447 46.89 -19.61 2.75
CA SER H 447 46.97 -19.77 4.20
C SER H 447 45.58 -19.82 4.82
N SER H 448 44.72 -18.88 4.45
CA SER H 448 43.39 -18.85 5.05
C SER H 448 42.52 -20.01 4.57
N ILE H 449 42.74 -20.49 3.35
CA ILE H 449 41.98 -21.63 2.86
C ILE H 449 42.37 -22.90 3.59
N MET H 450 43.67 -23.06 3.89
CA MET H 450 44.13 -24.25 4.59
C MET H 450 43.99 -24.15 6.10
N GLY H 451 44.04 -22.93 6.64
CA GLY H 451 43.92 -22.72 8.07
C GLY H 451 45.21 -22.90 8.84
N LEU H 452 46.32 -22.41 8.28
CA LEU H 452 47.63 -22.58 8.90
C LEU H 452 47.93 -21.48 9.92
N ASN H 453 48.58 -21.88 11.02
CA ASN H 453 49.09 -20.98 12.04
C ASN H 453 50.35 -20.36 11.43
N ALA H 454 50.14 -19.34 10.61
CA ALA H 454 51.21 -18.54 10.02
C ALA H 454 51.04 -17.09 10.43
N THR H 455 52.15 -16.37 10.50
CA THR H 455 52.15 -14.98 10.91
C THR H 455 52.93 -14.17 9.89
N PHE H 456 52.35 -13.08 9.44
CA PHE H 456 52.96 -12.20 8.45
C PHE H 456 53.11 -10.81 9.08
N ILE H 457 54.35 -10.40 9.31
CA ILE H 457 54.64 -9.10 9.89
C ILE H 457 54.62 -8.06 8.77
N PHE H 458 53.74 -7.07 8.89
CA PHE H 458 53.62 -5.99 7.92
C PHE H 458 53.82 -4.66 8.65
N THR H 459 54.95 -4.00 8.37
CA THR H 459 55.29 -2.72 8.97
C THR H 459 55.14 -1.62 7.92
N HIS H 460 55.27 -0.37 8.38
CA HIS H 460 55.12 0.81 7.54
C HIS H 460 53.75 0.80 6.88
N ASP H 461 52.72 1.18 7.65
CA ASP H 461 51.35 0.79 7.37
C ASP H 461 50.48 1.90 6.81
N SER H 462 50.97 3.13 6.70
CA SER H 462 50.08 4.24 6.38
C SER H 462 50.85 5.32 5.64
N ILE H 463 50.17 6.44 5.40
CA ILE H 463 50.79 7.62 4.82
C ILE H 463 51.87 8.21 5.71
N ALA H 464 51.93 7.81 6.98
CA ALA H 464 53.01 8.24 7.86
C ALA H 464 54.34 7.58 7.53
N VAL H 465 54.38 6.69 6.54
CA VAL H 465 55.66 6.24 5.98
C VAL H 465 56.49 7.45 5.59
N GLY H 466 55.87 8.41 4.91
CA GLY H 466 56.44 9.71 4.71
C GLY H 466 57.01 9.96 3.33
N GLU H 467 58.31 10.23 3.28
CA GLU H 467 58.95 10.70 2.07
C GLU H 467 58.97 9.65 0.96
N ASP H 468 58.91 8.37 1.32
CA ASP H 468 58.99 7.32 0.31
C ASP H 468 57.86 7.43 -0.71
N GLY H 469 56.69 7.90 -0.28
CA GLY H 469 55.67 8.33 -1.21
C GLY H 469 54.52 7.37 -1.40
N PRO H 470 53.64 7.69 -2.37
CA PRO H 470 52.42 6.89 -2.55
C PRO H 470 52.69 5.43 -2.90
N THR H 471 53.75 5.14 -3.65
CA THR H 471 54.06 3.76 -4.01
C THR H 471 54.49 2.93 -2.80
N HIS H 472 54.89 3.57 -1.71
CA HIS H 472 55.34 2.89 -0.51
C HIS H 472 54.40 3.11 0.67
N GLU H 473 53.22 3.68 0.44
CA GLU H 473 52.28 3.98 1.51
C GLU H 473 50.99 3.20 1.30
N PRO H 474 50.52 2.45 2.30
CA PRO H 474 49.32 1.63 2.12
C PRO H 474 48.05 2.46 2.23
N ILE H 475 47.07 2.12 1.38
CA ILE H 475 45.76 2.76 1.41
C ILE H 475 44.68 1.68 1.49
N GLU H 476 44.73 0.72 0.57
CA GLU H 476 43.66 -0.24 0.39
C GLU H 476 44.03 -1.63 0.91
N GLN H 477 45.16 -1.77 1.57
CA GLN H 477 45.65 -3.09 1.95
C GLN H 477 44.83 -3.67 3.10
N LEU H 478 44.48 -2.84 4.08
CA LEU H 478 43.67 -3.31 5.20
C LEU H 478 42.34 -3.87 4.73
N ALA H 479 41.67 -3.18 3.80
CA ALA H 479 40.36 -3.64 3.35
C ALA H 479 40.45 -4.97 2.60
N GLY H 480 41.47 -5.10 1.74
CA GLY H 480 41.66 -6.36 1.04
C GLY H 480 41.97 -7.51 1.97
N LEU H 481 42.77 -7.25 3.00
CA LEU H 481 43.09 -8.31 3.96
C LEU H 481 41.88 -8.69 4.79
N ARG H 482 41.10 -7.69 5.24
CA ARG H 482 39.90 -7.98 6.00
C ARG H 482 38.86 -8.71 5.16
N ALA H 483 38.91 -8.55 3.83
CA ALA H 483 37.99 -9.28 2.96
C ALA H 483 38.33 -10.76 2.86
N ILE H 484 39.55 -11.17 3.23
CA ILE H 484 39.94 -12.57 3.13
C ILE H 484 39.27 -13.37 4.23
N PRO H 485 38.48 -14.40 3.90
CA PRO H 485 37.86 -15.23 4.94
C PRO H 485 38.91 -15.97 5.76
N ASN H 486 38.70 -15.99 7.07
CA ASN H 486 39.55 -16.72 8.02
C ASN H 486 40.94 -16.10 8.12
N MET H 487 41.01 -14.77 8.18
CA MET H 487 42.29 -14.08 8.25
C MET H 487 42.21 -13.03 9.36
N ASN H 488 43.03 -13.21 10.40
CA ASN H 488 43.14 -12.19 11.44
C ASN H 488 44.00 -11.06 10.91
N VAL H 489 43.47 -9.84 10.91
CA VAL H 489 44.21 -8.66 10.49
C VAL H 489 44.24 -7.74 11.71
N ILE H 490 45.38 -7.70 12.39
CA ILE H 490 45.48 -7.07 13.71
C ILE H 490 46.36 -5.84 13.61
N ARG H 491 45.78 -4.68 13.92
CA ARG H 491 46.47 -3.39 13.92
C ARG H 491 46.59 -2.89 15.36
N PRO H 492 47.69 -3.18 16.05
CA PRO H 492 47.80 -2.79 17.46
C PRO H 492 47.91 -1.29 17.62
N ALA H 493 47.28 -0.78 18.69
CA ALA H 493 47.28 0.66 18.93
C ALA H 493 48.52 1.10 19.71
N ASP H 494 49.05 0.25 20.58
CA ASP H 494 50.23 0.56 21.36
C ASP H 494 50.97 -0.74 21.66
N GLY H 495 52.05 -0.63 22.43
CA GLY H 495 52.91 -1.78 22.67
C GLY H 495 52.20 -2.93 23.37
N ASN H 496 51.35 -2.61 24.35
CA ASN H 496 50.62 -3.66 25.05
C ASN H 496 49.69 -4.41 24.10
N GLU H 497 48.95 -3.65 23.28
CA GLU H 497 48.15 -4.26 22.22
C GLU H 497 49.02 -5.08 21.26
N THR H 498 50.26 -4.64 21.02
CA THR H 498 51.14 -5.40 20.14
C THR H 498 51.48 -6.76 20.75
N ARG H 499 51.80 -6.79 22.05
CA ARG H 499 52.05 -8.05 22.72
C ARG H 499 50.83 -8.97 22.64
N VAL H 500 49.65 -8.44 22.94
CA VAL H 500 48.45 -9.29 22.87
C VAL H 500 48.20 -9.77 21.44
N ALA H 501 48.50 -8.94 20.44
CA ALA H 501 48.33 -9.37 19.07
C ALA H 501 49.27 -10.52 18.74
N TRP H 502 50.51 -10.44 19.23
CA TRP H 502 51.44 -11.55 19.03
C TRP H 502 50.94 -12.82 19.70
N GLU H 503 50.33 -12.68 20.88
CA GLU H 503 49.72 -13.84 21.53
C GLU H 503 48.62 -14.45 20.66
N VAL H 504 47.76 -13.60 20.08
CA VAL H 504 46.68 -14.10 19.24
C VAL H 504 47.24 -14.81 18.02
N ALA H 505 48.28 -14.24 17.41
CA ALA H 505 48.91 -14.88 16.24
C ALA H 505 49.52 -16.22 16.61
N LEU H 506 50.11 -16.32 17.81
CA LEU H 506 50.78 -17.57 18.21
C LEU H 506 49.79 -18.64 18.64
N GLU H 507 48.64 -18.25 19.21
CA GLU H 507 47.68 -19.19 19.77
C GLU H 507 46.59 -19.59 18.78
N SER H 508 46.63 -19.06 17.55
CA SER H 508 45.59 -19.30 16.55
C SER H 508 45.96 -20.55 15.75
N GLU H 509 45.58 -21.70 16.30
CA GLU H 509 45.97 -22.98 15.70
C GLU H 509 45.32 -23.23 14.35
N SER H 510 44.27 -22.47 14.00
CA SER H 510 43.53 -22.71 12.78
C SER H 510 43.45 -21.50 11.87
N THR H 511 44.11 -20.39 12.20
CA THR H 511 43.91 -19.16 11.47
C THR H 511 45.20 -18.36 11.29
N PRO H 512 45.50 -17.94 10.07
CA PRO H 512 46.66 -17.06 9.86
C PRO H 512 46.38 -15.64 10.32
N THR H 513 47.46 -14.95 10.68
CA THR H 513 47.40 -13.61 11.23
C THR H 513 48.39 -12.70 10.52
N SER H 514 47.91 -11.53 10.12
CA SER H 514 48.72 -10.45 9.57
C SER H 514 48.77 -9.32 10.59
N LEU H 515 49.97 -8.92 10.96
CA LEU H 515 50.20 -7.87 11.94
C LEU H 515 50.53 -6.58 11.21
N VAL H 516 49.68 -5.58 11.37
CA VAL H 516 49.84 -4.27 10.73
C VAL H 516 50.51 -3.35 11.75
N LEU H 517 51.77 -3.00 11.49
CA LEU H 517 52.58 -2.24 12.43
C LEU H 517 53.01 -0.91 11.84
N THR H 518 53.41 0.01 12.72
CA THR H 518 53.68 1.39 12.38
C THR H 518 55.15 1.74 12.57
N ARG H 519 55.66 2.61 11.69
CA ARG H 519 57.03 3.11 11.82
C ARG H 519 57.11 4.33 12.74
N GLN H 520 56.02 5.07 12.87
CA GLN H 520 55.98 6.23 13.75
C GLN H 520 55.67 5.80 15.18
N ASN H 521 56.13 6.61 16.13
CA ASN H 521 55.94 6.29 17.54
C ASN H 521 54.49 6.47 17.96
N LEU H 522 54.06 5.64 18.91
CA LEU H 522 52.70 5.64 19.43
C LEU H 522 52.73 5.75 20.95
N PRO H 523 51.88 6.59 21.52
CA PRO H 523 51.80 6.67 22.98
C PRO H 523 51.06 5.49 23.56
N VAL H 524 51.47 5.09 24.77
CA VAL H 524 50.81 4.00 25.48
C VAL H 524 49.51 4.51 26.08
N LEU H 525 48.41 3.82 25.79
CA LEU H 525 47.10 4.22 26.25
C LEU H 525 46.90 3.82 27.72
N ASP H 526 46.02 4.56 28.40
CA ASP H 526 45.76 4.35 29.82
C ASP H 526 44.67 3.29 29.97
N VAL H 527 45.05 2.03 29.72
CA VAL H 527 44.16 0.90 29.89
C VAL H 527 44.85 -0.21 30.66
N PRO H 528 44.42 -0.53 31.92
CA PRO H 528 44.92 -1.72 32.61
C PRO H 528 44.99 -2.97 31.75
N GLU H 529 45.96 -3.82 32.07
CA GLU H 529 46.38 -4.90 31.19
C GLU H 529 45.31 -5.97 31.01
N ASP H 530 44.53 -6.26 32.04
CA ASP H 530 43.43 -7.22 31.93
C ASP H 530 42.51 -6.84 30.78
N VAL H 531 42.14 -5.56 30.72
CA VAL H 531 41.26 -5.06 29.67
C VAL H 531 41.91 -5.21 28.30
N VAL H 532 43.23 -4.99 28.20
CA VAL H 532 43.89 -5.08 26.90
C VAL H 532 43.91 -6.51 26.40
N GLU H 533 44.31 -7.45 27.27
CA GLU H 533 44.35 -8.86 26.86
C GLU H 533 42.95 -9.37 26.52
N GLU H 534 41.93 -8.94 27.26
CA GLU H 534 40.57 -9.34 26.93
C GLU H 534 40.12 -8.72 25.62
N GLY H 535 40.43 -7.44 25.41
CA GLY H 535 39.81 -6.69 24.33
C GLY H 535 40.43 -7.00 22.98
N VAL H 536 41.77 -7.02 22.90
CA VAL H 536 42.41 -7.38 21.65
C VAL H 536 41.95 -8.75 21.19
N ARG H 537 41.88 -9.71 22.11
CA ARG H 537 41.36 -11.02 21.78
C ARG H 537 39.91 -10.96 21.32
N LYS H 538 39.12 -10.04 21.90
CA LYS H 538 37.74 -9.87 21.44
C LYS H 538 37.64 -9.08 20.14
N GLY H 539 38.64 -8.24 19.84
CA GLY H 539 38.71 -7.55 18.57
C GLY H 539 38.25 -6.10 18.60
N ALA H 540 37.32 -5.77 19.49
CA ALA H 540 36.86 -4.41 19.68
C ALA H 540 36.52 -4.22 21.15
N TYR H 541 36.92 -3.09 21.71
CA TYR H 541 36.67 -2.85 23.13
C TYR H 541 36.79 -1.36 23.43
N THR H 542 36.14 -0.96 24.51
CA THR H 542 36.15 0.44 24.92
C THR H 542 37.48 0.77 25.57
N VAL H 543 38.09 1.88 25.13
CA VAL H 543 39.36 2.34 25.70
C VAL H 543 39.21 3.66 26.44
N TYR H 544 38.11 4.38 26.27
CA TYR H 544 37.86 5.63 26.98
C TYR H 544 36.36 5.88 26.97
N GLY H 545 35.84 6.27 28.12
CA GLY H 545 34.42 6.49 28.27
C GLY H 545 33.74 5.35 29.01
N SER H 546 32.57 5.66 29.58
CA SER H 546 31.85 4.73 30.42
C SER H 546 30.42 4.46 29.96
N GLU H 547 29.78 5.42 29.31
CA GLU H 547 28.34 5.34 29.04
C GLU H 547 28.03 4.35 27.93
N GLU H 548 27.01 3.51 28.16
CA GLU H 548 26.49 2.64 27.11
C GLU H 548 25.87 3.45 25.98
N THR H 549 25.28 4.60 26.30
CA THR H 549 24.65 5.46 25.30
C THR H 549 25.33 6.83 25.31
N PRO H 550 26.55 6.92 24.78
CA PRO H 550 27.17 8.24 24.60
C PRO H 550 26.57 8.94 23.39
N GLU H 551 26.78 10.26 23.35
CA GLU H 551 26.34 11.01 22.17
C GLU H 551 27.15 10.63 20.93
N PHE H 552 28.45 10.43 21.09
CA PHE H 552 29.31 10.00 20.00
C PHE H 552 30.08 8.75 20.39
N LEU H 553 30.22 7.87 19.42
CA LEU H 553 31.02 6.66 19.52
C LEU H 553 32.15 6.80 18.50
N LEU H 554 33.31 7.24 18.98
CA LEU H 554 34.51 7.26 18.16
C LEU H 554 35.06 5.85 18.07
N LEU H 555 35.33 5.38 16.85
CA LEU H 555 35.89 4.06 16.63
C LEU H 555 37.19 4.20 15.85
N ALA H 556 38.22 3.45 16.25
CA ALA H 556 39.52 3.63 15.61
C ALA H 556 40.32 2.34 15.67
N SER H 557 41.45 2.35 14.97
CA SER H 557 42.38 1.24 14.89
C SER H 557 43.81 1.77 14.89
N GLY H 558 44.66 1.15 15.69
CA GLY H 558 46.09 1.43 15.62
C GLY H 558 46.44 2.87 15.92
N SER H 559 47.25 3.46 15.03
CA SER H 559 47.83 4.78 15.24
C SER H 559 46.80 5.84 15.61
N GLU H 560 45.54 5.63 15.27
CA GLU H 560 44.53 6.67 15.46
C GLU H 560 43.84 6.60 16.81
N VAL H 561 43.97 5.50 17.55
CA VAL H 561 43.27 5.37 18.83
C VAL H 561 43.64 6.52 19.75
N SER H 562 44.95 6.75 19.96
CA SER H 562 45.41 7.92 20.70
C SER H 562 44.69 9.18 20.22
N LEU H 563 44.77 9.46 18.91
CA LEU H 563 44.11 10.62 18.34
C LEU H 563 42.66 10.69 18.81
N ALA H 564 41.93 9.59 18.65
CA ALA H 564 40.52 9.58 19.04
C ALA H 564 40.36 9.93 20.51
N VAL H 565 41.16 9.30 21.38
CA VAL H 565 41.08 9.60 22.80
C VAL H 565 41.26 11.09 23.02
N GLU H 566 42.25 11.68 22.35
CA GLU H 566 42.47 13.11 22.46
C GLU H 566 41.17 13.86 22.15
N ALA H 567 40.61 13.61 20.97
CA ALA H 567 39.38 14.29 20.59
C ALA H 567 38.30 14.09 21.64
N ALA H 568 38.20 12.87 22.18
CA ALA H 568 37.21 12.58 23.22
C ALA H 568 37.29 13.61 24.33
N LYS H 569 38.49 13.80 24.89
CA LYS H 569 38.65 14.77 25.97
C LYS H 569 38.05 16.11 25.58
N ASP H 570 38.46 16.64 24.41
CA ASP H 570 37.96 17.95 24.01
C ASP H 570 36.45 17.92 23.87
N LEU H 571 35.91 16.86 23.28
CA LEU H 571 34.46 16.75 23.18
C LEU H 571 33.84 16.85 24.56
N GLU H 572 34.39 16.10 25.52
CA GLU H 572 33.88 16.16 26.89
C GLU H 572 34.01 17.55 27.48
N LYS H 573 35.03 18.29 27.06
CA LYS H 573 35.22 19.64 27.59
C LYS H 573 34.15 20.59 27.09
N GLN H 574 33.55 20.32 25.92
CA GLN H 574 32.45 21.14 25.44
C GLN H 574 31.09 20.64 25.92
N GLY H 575 31.05 19.53 26.64
CA GLY H 575 29.82 19.08 27.28
C GLY H 575 29.15 17.95 26.53
N LYS H 576 29.94 17.00 26.04
CA LYS H 576 29.44 15.99 25.12
C LYS H 576 29.94 14.61 25.51
N SER H 577 29.01 13.67 25.74
CA SER H 577 29.38 12.32 26.14
C SER H 577 29.96 11.56 24.96
N VAL H 578 31.15 11.00 25.15
CA VAL H 578 31.88 10.31 24.09
C VAL H 578 32.41 9.00 24.63
N ARG H 579 32.32 7.95 23.83
CA ARG H 579 33.06 6.73 24.10
C ARG H 579 33.85 6.35 22.86
N VAL H 580 35.11 5.96 23.07
CA VAL H 580 35.98 5.56 21.97
C VAL H 580 36.31 4.08 22.10
N VAL H 581 36.43 3.43 20.96
CA VAL H 581 36.61 1.99 20.85
C VAL H 581 37.88 1.75 20.02
N SER H 582 38.73 0.85 20.51
CA SER H 582 39.85 0.32 19.74
C SER H 582 39.41 -0.97 19.06
N MET H 583 39.68 -1.09 17.76
CA MET H 583 39.26 -2.26 16.98
C MET H 583 40.47 -2.94 16.36
N PRO H 584 41.27 -3.65 17.16
CA PRO H 584 42.49 -4.26 16.61
C PRO H 584 42.23 -5.34 15.56
N ASN H 585 41.17 -6.14 15.69
CA ASN H 585 40.95 -7.27 14.78
C ASN H 585 39.45 -7.45 14.53
N TRP H 586 39.02 -7.17 13.30
CA TRP H 586 37.61 -7.34 12.94
C TRP H 586 37.21 -8.80 12.90
N ASN H 587 38.11 -9.69 12.46
CA ASN H 587 37.80 -11.11 12.41
C ASN H 587 37.38 -11.63 13.76
N ALA H 588 38.07 -11.19 14.82
CA ALA H 588 37.70 -11.60 16.17
C ALA H 588 36.37 -10.99 16.59
N PHE H 589 36.13 -9.73 16.23
CA PHE H 589 34.92 -9.04 16.69
C PHE H 589 33.67 -9.60 16.05
N GLU H 590 33.75 -9.98 14.77
CA GLU H 590 32.59 -10.58 14.12
C GLU H 590 32.30 -11.99 14.63
N GLN H 591 33.25 -12.58 15.36
CA GLN H 591 33.04 -13.89 15.98
C GLN H 591 32.47 -13.80 17.38
N GLN H 592 32.33 -12.61 17.94
CA GLN H 592 31.86 -12.45 19.30
C GLN H 592 30.33 -12.36 19.34
N SER H 593 29.78 -12.46 20.55
CA SER H 593 28.35 -12.49 20.73
C SER H 593 27.72 -11.15 20.40
N GLU H 594 26.41 -11.19 20.08
CA GLU H 594 25.69 -9.95 19.82
C GLU H 594 25.61 -9.07 21.06
N GLU H 595 25.67 -9.66 22.25
CA GLU H 595 25.65 -8.85 23.47
C GLU H 595 26.93 -8.03 23.59
N TYR H 596 28.09 -8.67 23.36
CA TYR H 596 29.35 -7.93 23.37
C TYR H 596 29.40 -6.88 22.27
N LYS H 597 28.91 -7.23 21.07
CA LYS H 597 28.86 -6.28 19.97
C LYS H 597 28.04 -5.04 20.33
N GLU H 598 26.82 -5.26 20.82
CA GLU H 598 25.99 -4.12 21.23
C GLU H 598 26.60 -3.38 22.41
N SER H 599 27.35 -4.08 23.26
CA SER H 599 28.04 -3.42 24.37
C SER H 599 29.03 -2.38 23.86
N VAL H 600 29.90 -2.78 22.93
CA VAL H 600 30.94 -1.84 22.49
C VAL H 600 30.39 -0.88 21.43
N ILE H 601 29.60 -1.38 20.49
CA ILE H 601 29.05 -0.54 19.43
C ILE H 601 27.53 -0.60 19.46
N PRO H 602 26.88 0.13 20.37
CA PRO H 602 25.43 0.01 20.53
C PRO H 602 24.66 0.63 19.37
N SER H 603 23.41 0.18 19.25
CA SER H 603 22.53 0.63 18.18
C SER H 603 21.91 1.99 18.45
N SER H 604 21.65 2.32 19.72
CA SER H 604 21.08 3.61 20.07
C SER H 604 21.98 4.78 19.70
N VAL H 605 23.29 4.55 19.58
CA VAL H 605 24.23 5.63 19.26
C VAL H 605 24.26 5.75 17.74
N THR H 606 23.42 6.63 17.21
CA THR H 606 23.37 6.82 15.77
C THR H 606 24.61 7.53 15.26
N LYS H 607 25.14 8.47 16.05
CA LYS H 607 26.30 9.25 15.65
C LYS H 607 27.57 8.49 15.98
N ARG H 608 28.02 7.68 15.03
CA ARG H 608 29.27 6.94 15.16
C ARG H 608 30.23 7.42 14.07
N VAL H 609 31.49 7.62 14.46
CA VAL H 609 32.51 8.11 13.54
C VAL H 609 33.73 7.22 13.68
N ALA H 610 34.22 6.73 12.55
CA ALA H 610 35.41 5.91 12.48
C ALA H 610 36.58 6.77 12.05
N ILE H 611 37.77 6.49 12.58
CA ILE H 611 38.98 7.23 12.27
C ILE H 611 40.08 6.22 11.97
N GLU H 612 40.41 6.05 10.69
CA GLU H 612 41.47 5.15 10.29
C GLU H 612 42.13 5.70 9.04
N MET H 613 43.46 5.57 8.98
CA MET H 613 44.22 6.07 7.85
C MET H 613 44.31 4.98 6.79
N ALA H 614 43.18 4.74 6.14
CA ALA H 614 43.08 3.70 5.13
C ALA H 614 41.90 4.01 4.21
N SER H 615 41.53 3.03 3.39
CA SER H 615 40.33 3.13 2.59
C SER H 615 39.10 3.19 3.49
N PRO H 616 38.04 3.88 3.05
CA PRO H 616 36.77 3.82 3.80
C PRO H 616 36.08 2.47 3.72
N LEU H 617 36.56 1.55 2.88
CA LEU H 617 35.83 0.34 2.57
C LEU H 617 35.69 -0.56 3.80
N GLY H 618 34.45 -0.82 4.20
CA GLY H 618 34.14 -1.68 5.32
C GLY H 618 33.70 -0.96 6.57
N TRP H 619 33.97 0.34 6.68
CA TRP H 619 33.72 1.07 7.91
C TRP H 619 32.25 1.44 8.12
N HIS H 620 31.42 1.36 7.07
CA HIS H 620 30.03 1.73 7.21
C HIS H 620 29.22 0.66 7.93
N LYS H 621 29.68 -0.59 7.93
CA LYS H 621 29.04 -1.62 8.74
C LYS H 621 29.01 -1.23 10.21
N TYR H 622 30.00 -0.47 10.68
CA TYR H 622 30.15 -0.16 12.09
C TYR H 622 29.71 1.25 12.47
N VAL H 623 29.47 2.13 11.50
CA VAL H 623 29.03 3.49 11.81
C VAL H 623 27.58 3.75 11.43
N GLY H 624 27.05 3.06 10.41
CA GLY H 624 25.65 3.20 10.06
C GLY H 624 25.37 4.32 9.07
N THR H 625 24.09 4.46 8.73
CA THR H 625 23.67 5.49 7.78
C THR H 625 23.92 6.89 8.31
N ALA H 626 23.85 7.08 9.63
CA ALA H 626 23.99 8.38 10.26
C ALA H 626 25.41 8.65 10.74
N GLY H 627 26.36 7.76 10.41
CA GLY H 627 27.72 7.89 10.87
C GLY H 627 28.62 8.58 9.87
N LYS H 628 29.91 8.56 10.18
CA LYS H 628 30.93 9.25 9.39
C LYS H 628 32.23 8.46 9.45
N VAL H 629 33.00 8.53 8.37
CA VAL H 629 34.29 7.85 8.28
C VAL H 629 35.35 8.88 7.90
N ILE H 630 36.34 9.07 8.76
CA ILE H 630 37.50 9.91 8.50
C ILE H 630 38.60 8.96 8.02
N ALA H 631 38.97 9.07 6.74
CA ALA H 631 39.86 8.08 6.15
C ALA H 631 40.59 8.73 4.96
N ILE H 632 41.04 7.89 4.03
CA ILE H 632 41.80 8.31 2.86
C ILE H 632 41.14 7.72 1.62
N ASP H 633 40.78 8.56 0.66
CA ASP H 633 40.19 8.11 -0.58
C ASP H 633 41.11 8.30 -1.78
N GLY H 634 42.33 8.79 -1.56
CA GLY H 634 43.34 8.85 -2.59
C GLY H 634 44.63 8.21 -2.14
N PHE H 635 45.67 8.31 -2.96
CA PHE H 635 46.96 7.76 -2.57
C PHE H 635 47.73 8.76 -1.72
N GLY H 636 48.82 8.28 -1.13
CA GLY H 636 49.62 9.12 -0.24
C GLY H 636 50.43 10.19 -0.93
N ALA H 637 51.46 10.68 -0.26
CA ALA H 637 52.25 11.79 -0.78
C ALA H 637 53.66 11.72 -0.21
N SER H 638 54.60 12.32 -0.94
CA SER H 638 56.01 12.33 -0.54
C SER H 638 56.26 13.58 0.31
N ALA H 639 56.34 13.40 1.61
CA ALA H 639 56.60 14.48 2.56
C ALA H 639 56.85 13.86 3.92
N PRO H 640 57.49 14.59 4.83
CA PRO H 640 57.68 14.05 6.20
C PRO H 640 56.36 13.55 6.77
N GLY H 641 56.44 12.43 7.48
CA GLY H 641 55.24 11.67 7.82
C GLY H 641 54.20 12.47 8.59
N ASP H 642 54.66 13.23 9.58
CA ASP H 642 53.75 14.04 10.40
C ASP H 642 52.96 15.01 9.55
N LEU H 643 53.63 15.69 8.61
CA LEU H 643 52.97 16.63 7.73
C LEU H 643 51.90 15.94 6.89
N VAL H 644 52.20 14.74 6.40
CA VAL H 644 51.23 14.00 5.59
C VAL H 644 50.01 13.64 6.42
N VAL H 645 50.23 13.12 7.63
CA VAL H 645 49.12 12.77 8.51
C VAL H 645 48.25 13.98 8.79
N GLU H 646 48.88 15.14 9.02
CA GLU H 646 48.11 16.35 9.27
C GLU H 646 47.29 16.76 8.05
N LYS H 647 47.91 16.72 6.86
CA LYS H 647 47.24 17.24 5.67
C LYS H 647 46.13 16.32 5.19
N TYR H 648 46.22 15.02 5.47
CA TYR H 648 45.20 14.06 5.06
C TYR H 648 44.02 14.01 6.04
N GLY H 649 44.01 14.86 7.06
CA GLY H 649 42.84 15.08 7.88
C GLY H 649 42.88 14.52 9.27
N PHE H 650 44.00 13.90 9.67
CA PHE H 650 44.08 13.21 10.95
C PHE H 650 44.76 14.09 11.98
N THR H 651 44.06 15.17 12.29
CA THR H 651 44.39 16.07 13.39
C THR H 651 43.20 16.12 14.34
N LYS H 652 43.48 16.50 15.56
CA LYS H 652 42.44 16.58 16.58
C LYS H 652 41.33 17.55 16.17
N GLU H 653 41.71 18.73 15.69
CA GLU H 653 40.73 19.76 15.35
C GLU H 653 39.82 19.30 14.21
N ASN H 654 40.38 18.59 13.22
CA ASN H 654 39.57 18.13 12.11
C ASN H 654 38.56 17.08 12.55
N ILE H 655 38.95 16.21 13.48
CA ILE H 655 38.02 15.23 14.01
C ILE H 655 36.89 15.94 14.73
N LEU H 656 37.23 16.93 15.56
CA LEU H 656 36.18 17.69 16.25
C LEU H 656 35.24 18.36 15.26
N ASN H 657 35.80 19.00 14.23
CA ASN H 657 34.99 19.77 13.30
C ASN H 657 34.08 18.87 12.47
N GLN H 658 34.57 17.71 12.03
CA GLN H 658 33.73 16.81 11.27
C GLN H 658 32.75 16.06 12.16
N VAL H 659 33.09 15.88 13.43
CA VAL H 659 32.22 15.15 14.35
C VAL H 659 31.06 16.01 14.81
N MET H 660 31.33 17.27 15.13
CA MET H 660 30.29 18.17 15.63
C MET H 660 29.45 18.77 14.52
N SER H 661 29.70 18.42 13.26
CA SER H 661 28.91 18.90 12.14
C SER H 661 27.88 17.89 11.66
N LEU H 662 27.69 16.79 12.39
CA LEU H 662 26.71 15.78 12.01
C LEU H 662 25.28 16.25 12.29
N MET I 1 32.68 41.12 36.34
CA MET I 1 32.75 39.76 35.85
C MET I 1 34.04 39.51 35.07
N PHE I 2 34.88 40.53 34.98
CA PHE I 2 36.16 40.45 34.28
C PHE I 2 37.30 40.48 35.29
N ASN I 3 38.22 39.53 35.18
CA ASN I 3 39.29 39.40 36.16
C ASN I 3 40.69 39.51 35.56
N GLU I 4 41.67 38.96 36.28
CA GLU I 4 43.05 38.95 35.83
C GLU I 4 43.30 37.84 34.81
N LYS I 5 42.52 36.76 34.88
CA LYS I 5 42.70 35.63 33.98
C LYS I 5 42.14 35.96 32.60
N ASP I 6 41.04 36.72 32.54
CA ASP I 6 40.58 37.27 31.28
C ASP I 6 41.66 38.16 30.67
N GLN I 7 42.35 38.93 31.51
CA GLN I 7 43.47 39.74 31.03
C GLN I 7 44.56 38.86 30.44
N LEU I 8 44.86 37.74 31.10
CA LEU I 8 45.80 36.78 30.55
C LEU I 8 45.35 36.26 29.20
N ALA I 9 44.06 35.99 29.04
CA ALA I 9 43.55 35.54 27.75
C ALA I 9 43.76 36.58 26.67
N VAL I 10 43.47 37.85 26.99
CA VAL I 10 43.64 38.92 26.00
C VAL I 10 45.11 39.03 25.59
N ASP I 11 46.00 39.13 26.58
CA ASP I 11 47.43 39.23 26.28
C ASP I 11 47.94 38.00 25.54
N THR I 12 47.33 36.84 25.81
CA THR I 12 47.72 35.63 25.12
C THR I 12 47.36 35.70 23.64
N LEU I 13 46.13 36.13 23.34
CA LEU I 13 45.75 36.30 21.94
C LEU I 13 46.69 37.28 21.24
N ARG I 14 47.03 38.39 21.91
CA ARG I 14 47.99 39.32 21.35
C ARG I 14 49.33 38.65 21.06
N ALA I 15 49.88 37.95 22.05
CA ALA I 15 51.19 37.34 21.88
C ALA I 15 51.17 36.28 20.79
N LEU I 16 50.05 35.55 20.68
CA LEU I 16 49.92 34.52 19.65
C LEU I 16 49.89 35.13 18.26
N SER I 17 49.12 36.21 18.09
CA SER I 17 49.13 36.94 16.83
C SER I 17 50.54 37.41 16.49
N ILE I 18 51.24 37.96 17.48
CA ILE I 18 52.59 38.46 17.27
C ILE I 18 53.51 37.34 16.81
N ASP I 19 53.43 36.18 17.46
CA ASP I 19 54.35 35.09 17.15
C ASP I 19 54.08 34.51 15.77
N THR I 20 52.80 34.33 15.41
CA THR I 20 52.47 33.92 14.06
C THR I 20 53.04 34.88 13.03
N ILE I 21 52.82 36.19 13.24
CA ILE I 21 53.31 37.19 12.29
C ILE I 21 54.83 37.19 12.23
N GLU I 22 55.49 36.97 13.37
CA GLU I 22 56.94 37.00 13.41
C GLU I 22 57.53 35.82 12.65
N LYS I 23 56.99 34.62 12.88
CA LYS I 23 57.47 33.47 12.12
C LYS I 23 57.22 33.66 10.63
N ALA I 24 56.09 34.30 10.27
CA ALA I 24 55.85 34.54 8.85
C ALA I 24 56.73 35.66 8.31
N ASN I 25 57.24 36.54 9.18
CA ASN I 25 57.87 37.81 8.81
C ASN I 25 57.00 38.64 7.88
N SER I 26 55.70 38.32 7.82
CA SER I 26 54.70 39.06 7.06
C SER I 26 53.42 39.07 7.88
N GLY I 27 52.65 40.15 7.76
CA GLY I 27 51.41 40.26 8.49
C GLY I 27 51.33 41.56 9.26
N HIS I 28 50.15 41.78 9.84
CA HIS I 28 49.78 43.06 10.43
C HIS I 28 49.53 42.89 11.92
N PRO I 29 50.45 43.32 12.80
CA PRO I 29 50.24 43.08 14.23
C PRO I 29 49.46 44.16 14.94
N GLY I 30 49.41 45.37 14.37
CA GLY I 30 48.85 46.50 15.11
C GLY I 30 47.40 46.31 15.47
N LEU I 31 46.56 45.98 14.48
CA LEU I 31 45.14 45.76 14.75
C LEU I 31 44.89 44.58 15.69
N PRO I 32 45.56 43.43 15.56
CA PRO I 32 45.39 42.39 16.60
C PRO I 32 45.69 42.91 18.00
N MET I 33 46.85 43.56 18.18
CA MET I 33 47.20 44.09 19.48
C MET I 33 46.20 45.12 19.99
N GLY I 34 45.61 45.89 19.08
CA GLY I 34 44.71 46.95 19.49
C GLY I 34 43.31 46.48 19.81
N ALA I 35 42.81 45.54 19.02
CA ALA I 35 41.42 45.11 19.12
C ALA I 35 41.24 43.81 19.89
N ALA I 36 42.32 43.18 20.37
CA ALA I 36 42.17 41.95 21.15
C ALA I 36 41.19 42.06 22.31
N PRO I 37 41.16 43.14 23.11
CA PRO I 37 40.14 43.20 24.17
C PRO I 37 38.71 43.12 23.66
N MET I 38 38.36 43.95 22.67
CA MET I 38 36.99 43.96 22.17
C MET I 38 36.62 42.63 21.52
N ALA I 39 37.56 42.02 20.79
CA ALA I 39 37.29 40.74 20.16
C ALA I 39 37.09 39.65 21.19
N TYR I 40 37.96 39.61 22.21
CA TYR I 40 37.80 38.63 23.29
C TYR I 40 36.47 38.79 23.99
N THR I 41 36.06 40.04 24.26
CA THR I 41 34.79 40.27 24.94
C THR I 41 33.62 39.77 24.09
N LEU I 42 33.61 40.13 22.80
CA LEU I 42 32.58 39.67 21.89
C LEU I 42 32.52 38.15 21.84
N TRP I 43 33.69 37.50 21.72
CA TRP I 43 33.74 36.05 21.63
C TRP I 43 33.19 35.39 22.89
N THR I 44 33.84 35.63 24.03
CA THR I 44 33.55 34.83 25.22
C THR I 44 32.24 35.22 25.88
N ARG I 45 31.80 36.48 25.77
CA ARG I 45 30.62 36.89 26.54
C ARG I 45 29.35 37.01 25.72
N HIS I 46 29.43 37.22 24.40
CA HIS I 46 28.22 37.53 23.65
C HIS I 46 27.99 36.62 22.45
N LEU I 47 29.06 36.18 21.81
CA LEU I 47 28.97 35.46 20.54
C LEU I 47 28.42 34.05 20.77
N ASN I 48 27.31 33.73 20.10
CA ASN I 48 26.66 32.41 20.18
C ASN I 48 27.10 31.57 18.98
N PHE I 49 28.36 31.14 19.03
CA PHE I 49 29.01 30.55 17.88
C PHE I 49 30.09 29.58 18.34
N ASN I 50 30.22 28.48 17.61
CA ASN I 50 31.22 27.44 17.85
C ASN I 50 31.81 27.06 16.50
N PRO I 51 33.10 27.30 16.30
CA PRO I 51 33.76 26.98 15.02
C PRO I 51 33.66 25.54 14.60
N GLN I 52 33.46 24.62 15.55
CA GLN I 52 33.40 23.22 15.20
C GLN I 52 32.09 22.90 14.47
N SER I 53 30.98 23.34 15.04
CA SER I 53 29.71 23.35 14.30
C SER I 53 29.61 24.66 13.50
N LYS I 54 30.44 24.74 12.46
CA LYS I 54 30.55 25.98 11.69
C LYS I 54 29.29 26.29 10.90
N ASP I 55 28.49 25.27 10.56
CA ASP I 55 27.32 25.44 9.71
C ASP I 55 26.01 25.47 10.50
N TYR I 56 26.08 25.78 11.79
CA TYR I 56 24.87 25.97 12.59
C TYR I 56 24.08 27.16 12.06
N PHE I 57 22.87 26.89 11.54
CA PHE I 57 22.16 27.90 10.76
C PHE I 57 21.81 29.11 11.61
N ASN I 58 21.47 28.92 12.88
CA ASN I 58 21.10 30.02 13.75
C ASN I 58 22.27 30.60 14.52
N ARG I 59 23.50 30.30 14.10
CA ARG I 59 24.69 30.83 14.76
C ARG I 59 24.80 32.33 14.55
N ASP I 60 25.40 33.02 15.52
CA ASP I 60 25.76 34.41 15.35
C ASP I 60 26.85 34.52 14.28
N ARG I 61 26.61 35.36 13.28
CA ARG I 61 27.56 35.57 12.20
C ARG I 61 28.54 36.66 12.61
N PHE I 62 29.84 36.33 12.58
CA PHE I 62 30.89 37.30 12.84
C PHE I 62 31.74 37.48 11.59
N VAL I 63 32.06 38.73 11.28
CA VAL I 63 32.90 39.09 10.14
C VAL I 63 33.91 40.12 10.60
N LEU I 64 35.18 39.90 10.27
CA LEU I 64 36.23 40.88 10.52
C LEU I 64 36.52 41.57 9.19
N SER I 65 35.89 42.73 8.96
CA SER I 65 36.06 43.44 7.70
C SER I 65 37.50 43.87 7.46
N ALA I 66 38.26 44.09 8.54
CA ALA I 66 39.67 44.44 8.45
C ALA I 66 40.48 43.14 8.41
N GLY I 67 40.46 42.50 7.24
CA GLY I 67 41.07 41.20 7.07
C GLY I 67 42.56 41.15 7.33
N HIS I 68 43.24 42.30 7.32
CA HIS I 68 44.67 42.32 7.60
C HIS I 68 44.96 41.91 9.04
N GLY I 69 43.99 42.02 9.94
CA GLY I 69 44.13 41.50 11.29
C GLY I 69 43.82 40.01 11.38
N SER I 70 43.93 39.30 10.26
CA SER I 70 43.54 37.88 10.22
C SER I 70 44.17 37.08 11.35
N ALA I 71 45.41 37.41 11.73
CA ALA I 71 46.08 36.67 12.80
C ALA I 71 45.20 36.58 14.03
N LEU I 72 44.65 37.73 14.47
CA LEU I 72 43.75 37.74 15.61
C LEU I 72 42.64 36.71 15.45
N LEU I 73 41.92 36.76 14.32
CA LEU I 73 40.89 35.75 14.05
C LEU I 73 41.44 34.35 14.21
N TYR I 74 42.57 34.07 13.56
CA TYR I 74 43.17 32.74 13.65
C TYR I 74 43.52 32.40 15.09
N SER I 75 44.09 33.37 15.83
CA SER I 75 44.33 33.15 17.25
C SER I 75 43.05 32.71 17.94
N LEU I 76 41.96 33.45 17.73
CA LEU I 76 40.68 33.07 18.31
C LEU I 76 40.30 31.66 17.88
N LEU I 77 40.42 31.37 16.58
CA LEU I 77 40.01 30.05 16.11
C LEU I 77 40.87 28.94 16.69
N HIS I 78 42.07 29.27 17.19
CA HIS I 78 42.85 28.23 17.86
C HIS I 78 42.37 28.05 19.29
N VAL I 79 42.09 29.14 20.01
CA VAL I 79 41.68 29.01 21.41
C VAL I 79 40.23 28.57 21.53
N SER I 80 39.49 28.58 20.42
CA SER I 80 38.13 28.06 20.40
C SER I 80 38.08 26.58 20.04
N GLY I 81 39.19 26.01 19.56
CA GLY I 81 39.29 24.59 19.33
C GLY I 81 39.17 24.13 17.90
N SER I 82 39.31 25.01 16.92
CA SER I 82 39.11 24.65 15.52
C SER I 82 40.36 24.75 14.65
N LEU I 83 41.36 25.50 15.08
CA LEU I 83 42.55 25.74 14.27
C LEU I 83 43.78 25.34 15.06
N GLU I 84 44.65 24.55 14.44
CA GLU I 84 45.81 24.00 15.13
C GLU I 84 46.92 25.03 15.24
N LEU I 85 47.66 24.96 16.36
CA LEU I 85 48.82 25.80 16.54
C LEU I 85 49.84 25.61 15.41
N GLU I 86 49.89 24.42 14.83
CA GLU I 86 50.77 24.19 13.68
C GLU I 86 50.32 25.02 12.48
N GLU I 87 49.01 25.06 12.23
CA GLU I 87 48.49 25.89 11.16
C GLU I 87 48.79 27.37 11.41
N LEU I 88 48.73 27.80 12.67
CA LEU I 88 49.18 29.15 13.01
C LEU I 88 50.66 29.33 12.67
N LYS I 89 51.46 28.31 12.91
CA LYS I 89 52.89 28.38 12.58
C LYS I 89 53.15 28.31 11.08
N GLN I 90 52.13 28.04 10.26
CA GLN I 90 52.27 28.12 8.81
C GLN I 90 51.52 29.32 8.22
N PHE I 91 51.46 30.42 8.97
CA PHE I 91 50.73 31.61 8.54
C PHE I 91 51.36 32.22 7.30
N ARG I 92 50.51 32.58 6.33
CA ARG I 92 50.95 33.21 5.07
C ARG I 92 51.91 32.32 4.28
N GLN I 93 51.76 31.00 4.42
CA GLN I 93 52.61 30.03 3.75
C GLN I 93 51.77 29.14 2.84
N TRP I 94 52.48 28.43 1.96
CA TRP I 94 51.84 27.64 0.90
C TRP I 94 50.97 26.53 1.47
N GLY I 95 49.73 26.43 0.97
CA GLY I 95 48.81 25.38 1.37
C GLY I 95 48.17 25.56 2.73
N SER I 96 48.57 26.59 3.47
CA SER I 96 48.08 26.82 4.83
C SER I 96 46.57 27.01 4.87
N LYS I 97 46.00 26.70 6.02
CA LYS I 97 44.67 27.17 6.39
C LYS I 97 44.70 28.55 7.02
N THR I 98 45.87 29.17 7.10
CA THR I 98 46.01 30.50 7.69
C THR I 98 46.64 31.45 6.66
N PRO I 99 45.88 31.85 5.64
CA PRO I 99 46.38 32.83 4.67
C PRO I 99 46.44 34.23 5.27
N GLY I 100 47.07 35.13 4.51
CA GLY I 100 47.22 36.50 4.97
C GLY I 100 45.90 37.19 5.22
N HIS I 101 44.91 36.93 4.38
CA HIS I 101 43.58 37.45 4.61
C HIS I 101 42.59 36.30 4.76
N PRO I 102 41.56 36.46 5.57
CA PRO I 102 40.65 35.32 5.85
C PRO I 102 39.87 34.92 4.61
N GLU I 103 39.95 33.64 4.28
CA GLU I 103 39.27 33.08 3.11
C GLU I 103 38.15 32.14 3.56
N TYR I 104 36.95 32.40 3.05
CA TYR I 104 35.84 31.47 3.19
C TYR I 104 36.12 30.22 2.39
N ARG I 105 35.71 29.06 2.94
CA ARG I 105 35.80 27.72 2.37
C ARG I 105 37.18 27.08 2.55
N HIS I 106 38.21 27.86 2.88
CA HIS I 106 39.52 27.29 3.17
C HIS I 106 39.74 27.01 4.65
N THR I 107 39.30 27.91 5.52
CA THR I 107 39.44 27.78 6.95
C THR I 107 38.05 27.69 7.58
N ASP I 108 37.86 26.73 8.47
CA ASP I 108 36.57 26.58 9.13
C ASP I 108 36.30 27.73 10.08
N GLY I 109 35.06 28.20 10.09
CA GLY I 109 34.66 29.31 10.93
C GLY I 109 34.71 30.67 10.29
N VAL I 110 35.41 30.82 9.16
CA VAL I 110 35.47 32.09 8.45
C VAL I 110 34.23 32.24 7.59
N GLU I 111 33.41 33.26 7.90
CA GLU I 111 32.09 33.38 7.28
C GLU I 111 32.16 33.94 5.86
N VAL I 112 32.98 34.97 5.64
CA VAL I 112 33.16 35.54 4.30
C VAL I 112 34.63 35.85 4.08
N THR I 113 35.06 35.73 2.82
CA THR I 113 36.40 36.17 2.45
C THR I 113 36.44 37.70 2.50
N THR I 114 37.43 38.22 3.21
CA THR I 114 37.53 39.64 3.49
C THR I 114 38.96 40.12 3.23
N GLY I 115 39.13 41.44 3.24
CA GLY I 115 40.39 42.05 2.87
C GLY I 115 40.19 43.33 2.09
N PRO I 116 39.49 43.23 0.94
CA PRO I 116 39.05 44.44 0.25
C PRO I 116 38.15 45.29 1.15
N LEU I 117 38.66 46.42 1.60
CA LEU I 117 38.01 47.16 2.67
C LEU I 117 36.62 47.63 2.27
N GLY I 118 35.74 47.72 3.26
CA GLY I 118 34.36 48.09 3.07
C GLY I 118 33.42 46.95 2.73
N GLN I 119 33.92 45.85 2.17
CA GLN I 119 33.02 44.82 1.68
C GLN I 119 32.61 43.83 2.77
N GLY I 120 33.46 43.61 3.77
CA GLY I 120 33.02 42.83 4.93
C GLY I 120 31.84 43.48 5.62
N PHE I 121 31.88 44.82 5.73
CA PHE I 121 30.80 45.56 6.36
C PHE I 121 29.49 45.42 5.56
N ALA I 122 29.54 45.67 4.25
CA ALA I 122 28.33 45.58 3.44
C ALA I 122 27.83 44.14 3.33
N MET I 123 28.76 43.19 3.26
CA MET I 123 28.39 41.78 3.24
C MET I 123 27.71 41.39 4.55
N SER I 124 28.16 41.95 5.67
CA SER I 124 27.45 41.73 6.93
C SER I 124 26.04 42.31 6.87
N VAL I 125 25.90 43.47 6.21
CA VAL I 125 24.55 43.99 5.97
C VAL I 125 23.70 42.97 5.22
N GLY I 126 24.31 42.31 4.22
CA GLY I 126 23.60 41.28 3.49
C GLY I 126 23.24 40.08 4.37
N LEU I 127 24.15 39.71 5.27
CA LEU I 127 23.84 38.66 6.25
C LEU I 127 22.61 39.03 7.07
N ALA I 128 22.59 40.24 7.63
CA ALA I 128 21.49 40.65 8.48
C ALA I 128 20.18 40.72 7.71
N LEU I 129 20.24 41.14 6.44
CA LEU I 129 19.04 41.22 5.63
C LEU I 129 18.50 39.82 5.30
N ALA I 130 19.40 38.86 5.04
CA ALA I 130 18.99 37.47 4.92
C ALA I 130 18.32 36.97 6.20
N GLU I 131 18.90 37.28 7.35
CA GLU I 131 18.29 36.90 8.62
C GLU I 131 16.87 37.45 8.74
N ASP I 132 16.71 38.76 8.49
CA ASP I 132 15.40 39.37 8.63
C ASP I 132 14.39 38.75 7.67
N HIS I 133 14.78 38.52 6.42
CA HIS I 133 13.83 37.96 5.45
C HIS I 133 13.45 36.52 5.81
N LEU I 134 14.43 35.71 6.22
CA LEU I 134 14.14 34.32 6.57
C LEU I 134 13.27 34.24 7.81
N ALA I 135 13.54 35.08 8.81
CA ALA I 135 12.68 35.11 10.00
C ALA I 135 11.28 35.59 9.65
N GLY I 136 11.16 36.60 8.79
CA GLY I 136 9.85 37.09 8.41
C GLY I 136 9.03 36.06 7.64
N LYS I 137 9.70 35.18 6.90
CA LYS I 137 8.96 34.13 6.21
C LYS I 137 8.65 32.95 7.13
N PHE I 138 9.58 32.54 7.98
CA PHE I 138 9.46 31.26 8.67
C PHE I 138 9.04 31.35 10.12
N ASN I 139 9.46 32.40 10.84
CA ASN I 139 9.17 32.46 12.27
C ASN I 139 7.67 32.51 12.53
N LYS I 140 7.21 31.61 13.38
CA LYS I 140 5.83 31.58 13.85
C LYS I 140 5.84 31.78 15.36
N GLU I 141 4.68 32.11 15.93
CA GLU I 141 4.63 32.38 17.36
C GLU I 141 4.97 31.12 18.14
N GLY I 142 5.97 31.24 19.03
CA GLY I 142 6.51 30.11 19.74
C GLY I 142 7.69 29.44 19.06
N TYR I 143 7.96 29.77 17.79
CA TYR I 143 9.00 29.11 17.00
C TYR I 143 9.85 30.17 16.31
N ASN I 144 10.78 30.77 17.06
CA ASN I 144 11.75 31.71 16.49
C ASN I 144 12.92 30.91 15.93
N VAL I 145 12.70 30.36 14.74
CA VAL I 145 13.70 29.50 14.13
C VAL I 145 14.85 30.31 13.52
N VAL I 146 14.62 31.58 13.17
CA VAL I 146 15.67 32.49 12.72
C VAL I 146 15.74 33.62 13.74
N ASP I 147 16.77 33.57 14.60
CA ASP I 147 16.95 34.60 15.63
C ASP I 147 18.43 34.61 16.01
N HIS I 148 19.23 35.38 15.27
CA HIS I 148 20.63 35.54 15.59
C HIS I 148 21.09 36.93 15.15
N TYR I 149 22.34 37.24 15.50
CA TYR I 149 22.91 38.56 15.30
C TYR I 149 24.01 38.53 14.26
N THR I 150 24.34 39.71 13.76
CA THR I 150 25.46 39.92 12.85
C THR I 150 26.41 40.91 13.51
N TYR I 151 27.67 40.49 13.66
CA TYR I 151 28.71 41.30 14.27
C TYR I 151 29.80 41.52 13.25
N VAL I 152 30.31 42.75 13.19
CA VAL I 152 31.40 43.03 12.26
C VAL I 152 32.44 43.90 12.94
N LEU I 153 33.70 43.47 12.88
CA LEU I 153 34.84 44.26 13.32
C LEU I 153 35.37 45.05 12.13
N ALA I 154 35.43 46.39 12.27
CA ALA I 154 35.82 47.28 11.20
C ALA I 154 36.96 48.18 11.65
N SER I 155 37.66 48.75 10.66
CA SER I 155 38.75 49.70 10.87
C SER I 155 38.40 51.03 10.21
N ASP I 156 39.36 51.97 10.25
CA ASP I 156 39.10 53.28 9.63
C ASP I 156 38.93 53.16 8.13
N GLY I 157 39.77 52.34 7.49
CA GLY I 157 39.67 52.16 6.05
C GLY I 157 38.33 51.58 5.62
N ASP I 158 37.67 50.85 6.51
CA ASP I 158 36.34 50.36 6.20
C ASP I 158 35.35 51.51 6.04
N LEU I 159 35.41 52.48 6.94
CA LEU I 159 34.44 53.56 6.96
C LEU I 159 34.82 54.75 6.10
N MET I 160 36.05 54.78 5.57
CA MET I 160 36.38 55.73 4.53
C MET I 160 35.78 55.34 3.18
N GLU I 161 35.46 54.07 2.99
CA GLU I 161 34.98 53.58 1.71
C GLU I 161 33.52 53.92 1.50
N GLY I 162 33.15 54.14 0.23
CA GLY I 162 31.79 54.55 -0.08
C GLY I 162 30.78 53.42 0.05
N ILE I 163 31.22 52.17 -0.15
CA ILE I 163 30.32 51.05 0.03
C ILE I 163 29.84 50.99 1.47
N SER I 164 30.67 51.46 2.42
CA SER I 164 30.23 51.58 3.80
C SER I 164 29.10 52.59 3.94
N HIS I 165 29.23 53.75 3.28
CA HIS I 165 28.15 54.75 3.30
C HIS I 165 26.86 54.15 2.76
N GLU I 166 26.95 53.48 1.61
CA GLU I 166 25.76 52.86 1.01
C GLU I 166 25.13 51.83 1.94
N ALA I 167 25.96 50.92 2.46
CA ALA I 167 25.44 49.81 3.26
C ALA I 167 24.89 50.29 4.59
N ALA I 168 25.54 51.27 5.21
CA ALA I 168 25.02 51.84 6.44
C ALA I 168 23.69 52.54 6.20
N SER I 169 23.57 53.28 5.08
CA SER I 169 22.30 53.92 4.77
C SER I 169 21.19 52.88 4.58
N PHE I 170 21.50 51.83 3.83
CA PHE I 170 20.52 50.76 3.61
C PHE I 170 20.13 50.08 4.90
N ALA I 171 21.09 49.89 5.82
CA ALA I 171 20.82 49.17 7.05
C ALA I 171 20.05 50.04 8.04
N GLY I 172 20.31 51.34 8.04
CA GLY I 172 19.55 52.24 8.90
C GLY I 172 18.15 52.46 8.39
N HIS I 173 17.96 52.45 7.07
CA HIS I 173 16.63 52.68 6.53
C HIS I 173 15.69 51.53 6.82
N ASN I 174 16.21 50.31 6.85
CA ASN I 174 15.41 49.12 7.07
C ASN I 174 15.52 48.59 8.49
N LYS I 175 16.17 49.33 9.38
CA LYS I 175 16.19 49.04 10.81
C LYS I 175 16.64 47.62 11.11
N LEU I 176 17.85 47.31 10.65
CA LEU I 176 18.47 46.01 10.93
C LEU I 176 19.04 46.07 12.34
N SER I 177 18.16 45.84 13.31
CA SER I 177 18.51 46.05 14.72
C SER I 177 19.52 45.02 15.23
N LYS I 178 19.64 43.88 14.56
CA LYS I 178 20.53 42.82 15.00
C LYS I 178 21.92 42.90 14.37
N LEU I 179 22.23 44.00 13.67
CA LEU I 179 23.56 44.24 13.14
C LEU I 179 24.30 45.18 14.08
N VAL I 180 25.52 44.78 14.48
CA VAL I 180 26.32 45.55 15.42
C VAL I 180 27.76 45.59 14.93
N VAL I 181 28.32 46.79 14.92
CA VAL I 181 29.65 47.06 14.37
C VAL I 181 30.56 47.47 15.53
N LEU I 182 31.71 46.82 15.63
CA LEU I 182 32.76 47.17 16.57
C LEU I 182 33.88 47.82 15.76
N TYR I 183 34.11 49.11 16.00
CA TYR I 183 34.94 49.93 15.14
C TYR I 183 36.24 50.25 15.88
N ASP I 184 37.36 49.74 15.36
CA ASP I 184 38.69 49.98 15.92
C ASP I 184 39.14 51.37 15.50
N SER I 185 38.84 52.36 16.35
CA SER I 185 39.20 53.75 16.10
C SER I 185 40.58 54.00 16.69
N ASN I 186 41.62 53.82 15.88
CA ASN I 186 43.00 53.96 16.33
C ASN I 186 43.65 55.26 15.85
N ASP I 187 42.94 56.07 15.06
CA ASP I 187 43.43 57.35 14.55
C ASP I 187 44.67 57.20 13.70
N ILE I 188 44.78 56.09 12.96
CA ILE I 188 45.95 55.80 12.15
C ILE I 188 45.55 54.94 10.97
N SER I 189 46.25 55.12 9.84
CA SER I 189 46.05 54.34 8.62
C SER I 189 47.34 53.68 8.17
N LEU I 190 47.36 53.14 6.94
CA LEU I 190 48.60 52.58 6.40
C LEU I 190 49.67 53.65 6.29
N ASP I 191 49.33 54.79 5.69
CA ASP I 191 50.32 55.82 5.39
C ASP I 191 50.63 56.70 6.58
N GLY I 192 49.81 56.70 7.60
CA GLY I 192 50.11 57.52 8.75
C GLY I 192 48.86 57.91 9.51
N GLU I 193 48.89 59.10 10.09
CA GLU I 193 47.83 59.55 10.97
C GLU I 193 46.55 59.82 10.18
N LEU I 194 45.41 59.48 10.78
CA LEU I 194 44.13 59.64 10.12
C LEU I 194 43.84 61.10 9.78
N ASN I 195 44.30 62.03 10.61
CA ASN I 195 43.98 63.43 10.42
C ASN I 195 44.62 64.03 9.17
N LYS I 196 45.44 63.26 8.44
CA LYS I 196 45.98 63.75 7.18
C LYS I 196 44.94 63.68 6.06
N ALA I 197 43.95 62.78 6.19
CA ALA I 197 42.96 62.59 5.14
C ALA I 197 41.53 62.38 5.64
N PHE I 198 41.31 62.36 6.95
CA PHE I 198 40.02 61.93 7.48
C PHE I 198 39.76 62.68 8.79
N SER I 199 38.59 63.31 8.89
CA SER I 199 38.24 64.08 10.08
C SER I 199 36.73 64.20 10.26
N GLU I 200 35.97 63.25 9.74
CA GLU I 200 34.51 63.33 9.85
C GLU I 200 34.04 62.83 11.20
N ASN I 201 32.91 63.36 11.65
CA ASN I 201 32.24 62.87 12.85
C ASN I 201 31.49 61.60 12.49
N THR I 202 32.08 60.45 12.84
CA THR I 202 31.40 59.17 12.60
C THR I 202 30.07 59.10 13.35
N LYS I 203 30.00 59.73 14.52
CA LYS I 203 28.77 59.70 15.30
C LYS I 203 27.63 60.40 14.58
N ALA I 204 27.83 61.67 14.20
CA ALA I 204 26.77 62.39 13.51
C ALA I 204 26.44 61.75 12.17
N ARG I 205 27.44 61.15 11.52
CA ARG I 205 27.21 60.53 10.22
C ARG I 205 26.34 59.28 10.33
N PHE I 206 26.67 58.39 11.27
CA PHE I 206 25.87 57.17 11.43
C PHE I 206 24.56 57.46 12.13
N GLU I 207 24.49 58.51 12.95
CA GLU I 207 23.22 58.94 13.51
C GLU I 207 22.33 59.53 12.43
N ALA I 208 22.94 60.15 11.40
CA ALA I 208 22.18 60.62 10.25
C ALA I 208 21.69 59.47 9.37
N TYR I 209 22.26 58.28 9.54
CA TYR I 209 21.83 57.09 8.82
C TYR I 209 20.65 56.38 9.47
N GLY I 210 20.28 56.77 10.68
CA GLY I 210 19.33 56.01 11.47
C GLY I 210 19.95 54.98 12.37
N TRP I 211 21.27 55.04 12.59
CA TRP I 211 21.95 54.09 13.43
C TRP I 211 22.02 54.59 14.88
N ASN I 212 22.28 53.66 15.78
CA ASN I 212 22.60 53.99 17.17
C ASN I 212 24.11 54.06 17.32
N TYR I 213 24.56 54.92 18.23
CA TYR I 213 25.98 55.20 18.42
C TYR I 213 26.36 54.96 19.87
N LEU I 214 27.45 54.21 20.07
CA LEU I 214 28.07 54.06 21.38
C LEU I 214 29.55 54.36 21.25
N LEU I 215 30.13 54.85 22.34
CA LEU I 215 31.55 55.24 22.36
C LEU I 215 32.21 54.59 23.56
N VAL I 216 33.10 53.63 23.30
CA VAL I 216 33.94 53.04 24.33
C VAL I 216 35.21 53.87 24.37
N LYS I 217 35.46 54.54 25.50
CA LYS I 217 36.57 55.48 25.57
C LYS I 217 37.90 54.78 25.81
N ASP I 218 37.90 53.64 26.50
CA ASP I 218 39.10 52.84 26.70
C ASP I 218 38.87 51.47 26.05
N GLY I 219 39.59 51.20 24.98
CA GLY I 219 39.46 49.91 24.31
C GLY I 219 39.96 48.75 25.14
N ASN I 220 40.86 49.03 26.09
CA ASN I 220 41.36 47.98 26.98
C ASN I 220 40.42 47.69 28.14
N ASP I 221 39.39 48.51 28.36
CA ASP I 221 38.41 48.25 29.40
C ASP I 221 37.38 47.26 28.89
N LEU I 222 37.39 46.05 29.45
CA LEU I 222 36.44 45.03 29.01
C LEU I 222 35.02 45.35 29.46
N GLU I 223 34.87 46.03 30.60
CA GLU I 223 33.53 46.30 31.12
C GLU I 223 32.77 47.27 30.23
N GLU I 224 33.45 48.32 29.75
CA GLU I 224 32.80 49.26 28.83
C GLU I 224 32.36 48.57 27.56
N ILE I 225 33.20 47.68 27.02
CA ILE I 225 32.85 46.93 25.82
C ILE I 225 31.63 46.05 26.08
N ASP I 226 31.61 45.36 27.23
CA ASP I 226 30.50 44.47 27.53
C ASP I 226 29.18 45.24 27.65
N LYS I 227 29.22 46.36 28.39
CA LYS I 227 28.03 47.19 28.51
C LYS I 227 27.56 47.70 27.15
N ALA I 228 28.51 48.10 26.31
CA ALA I 228 28.17 48.61 24.98
C ALA I 228 27.51 47.54 24.13
N ILE I 229 28.07 46.34 24.10
CA ILE I 229 27.51 45.27 23.29
C ILE I 229 26.11 44.90 23.80
N THR I 230 25.94 44.84 25.12
CA THR I 230 24.61 44.54 25.65
C THR I 230 23.59 45.58 25.22
N THR I 231 23.93 46.86 25.39
CA THR I 231 23.02 47.93 24.98
C THR I 231 22.69 47.83 23.50
N ALA I 232 23.71 47.64 22.67
CA ALA I 232 23.49 47.56 21.23
C ALA I 232 22.59 46.38 20.87
N LYS I 233 22.78 45.25 21.56
CA LYS I 233 21.89 44.11 21.35
C LYS I 233 20.46 44.46 21.73
N SER I 234 20.27 45.36 22.69
CA SER I 234 18.93 45.73 23.12
C SER I 234 18.31 46.88 22.31
N GLN I 235 19.03 47.49 21.38
CA GLN I 235 18.53 48.65 20.67
C GLN I 235 17.86 48.27 19.36
N GLU I 236 16.78 48.98 19.02
CA GLU I 236 15.98 48.67 17.84
C GLU I 236 16.47 49.47 16.63
N GLY I 237 17.72 49.20 16.27
CA GLY I 237 18.36 49.79 15.12
C GLY I 237 19.81 49.37 15.07
N PRO I 238 20.39 49.35 13.87
CA PRO I 238 21.81 49.01 13.76
C PRO I 238 22.65 49.95 14.61
N THR I 239 23.68 49.40 15.24
CA THR I 239 24.51 50.14 16.18
C THR I 239 25.98 50.01 15.82
N ILE I 240 26.69 51.13 15.90
CA ILE I 240 28.14 51.16 15.71
C ILE I 240 28.77 51.58 17.03
N ILE I 241 29.86 50.90 17.40
CA ILE I 241 30.56 51.12 18.67
C ILE I 241 31.96 51.60 18.37
N GLU I 242 32.21 52.89 18.58
CA GLU I 242 33.54 53.44 18.41
C GLU I 242 34.38 53.05 19.62
N VAL I 243 35.34 52.16 19.40
CA VAL I 243 36.22 51.67 20.46
C VAL I 243 37.58 52.33 20.27
N LYS I 244 37.91 53.26 21.17
CA LYS I 244 39.17 53.98 21.08
C LYS I 244 40.31 53.08 21.55
N THR I 245 41.23 52.78 20.64
CA THR I 245 42.35 51.90 20.92
C THR I 245 43.66 52.58 20.55
N THR I 246 44.75 52.04 21.08
CA THR I 246 46.10 52.42 20.70
C THR I 246 46.67 51.26 19.87
N ILE I 247 46.86 51.50 18.58
CA ILE I 247 47.34 50.45 17.70
C ILE I 247 48.72 49.98 18.14
N GLY I 248 48.93 48.67 18.13
CA GLY I 248 50.15 48.09 18.65
C GLY I 248 50.35 48.36 20.14
N PHE I 249 49.32 48.09 20.94
CA PHE I 249 49.37 48.38 22.37
C PHE I 249 50.44 47.54 23.05
N GLY I 250 51.08 48.12 24.06
CA GLY I 250 52.16 47.47 24.77
C GLY I 250 53.53 47.63 24.13
N SER I 251 53.59 48.01 22.87
CA SER I 251 54.88 48.26 22.24
C SER I 251 55.49 49.53 22.79
N PRO I 252 56.72 49.50 23.29
CA PRO I 252 57.33 50.73 23.84
C PRO I 252 57.58 51.79 22.79
N ASN I 253 58.22 51.41 21.68
CA ASN I 253 58.67 52.39 20.69
C ASN I 253 57.71 52.61 19.53
N LYS I 254 57.05 51.57 19.00
CA LYS I 254 56.28 51.74 17.77
C LYS I 254 54.77 51.78 18.01
N ALA I 255 54.32 51.80 19.26
CA ALA I 255 52.89 51.96 19.53
C ALA I 255 52.40 53.31 19.02
N GLY I 256 51.18 53.32 18.50
CA GLY I 256 50.62 54.56 17.97
C GLY I 256 51.31 55.10 16.74
N THR I 257 51.92 54.23 15.95
CA THR I 257 52.56 54.62 14.69
C THR I 257 51.89 53.86 13.55
N ASN I 258 52.05 54.38 12.33
CA ASN I 258 51.65 53.57 11.19
C ASN I 258 52.64 52.45 10.93
N GLY I 259 53.82 52.50 11.56
CA GLY I 259 54.78 51.43 11.41
C GLY I 259 54.25 50.07 11.85
N VAL I 260 53.50 50.03 12.96
CA VAL I 260 52.97 48.76 13.45
C VAL I 260 51.82 48.23 12.62
N HIS I 261 51.36 48.97 11.62
CA HIS I 261 50.23 48.48 10.84
C HIS I 261 50.61 47.24 10.04
N GLY I 262 51.51 47.39 9.06
CA GLY I 262 51.77 46.34 8.10
C GLY I 262 53.08 45.61 8.19
N ALA I 263 53.88 45.81 9.23
CA ALA I 263 55.19 45.17 9.36
C ALA I 263 55.34 44.47 10.70
N PRO I 264 56.01 43.33 10.73
CA PRO I 264 56.24 42.62 12.00
C PRO I 264 56.99 43.48 13.01
N LEU I 265 56.80 43.13 14.28
CA LEU I 265 57.37 43.91 15.39
C LEU I 265 58.89 43.89 15.37
N GLY I 266 59.48 42.75 15.06
CA GLY I 266 60.91 42.59 15.28
C GLY I 266 61.21 41.97 16.64
N GLU I 267 62.28 41.19 16.68
CA GLU I 267 62.57 40.38 17.87
C GLU I 267 62.82 41.24 19.10
N VAL I 268 63.64 42.30 18.95
CA VAL I 268 63.92 43.21 20.06
C VAL I 268 62.63 43.82 20.59
N GLU I 269 61.89 44.47 19.70
CA GLU I 269 60.63 45.09 20.08
C GLU I 269 59.62 44.06 20.57
N ARG I 270 59.63 42.85 19.99
CA ARG I 270 58.74 41.80 20.47
C ARG I 270 59.03 41.45 21.92
N LYS I 271 60.32 41.30 22.26
CA LYS I 271 60.67 41.03 23.65
C LYS I 271 60.21 42.15 24.57
N LEU I 272 60.43 43.40 24.17
CA LEU I 272 60.02 44.51 25.02
C LEU I 272 58.50 44.54 25.21
N THR I 273 57.75 44.24 24.14
CA THR I 273 56.29 44.22 24.24
C THR I 273 55.81 43.11 25.15
N PHE I 274 56.33 41.90 24.96
CA PHE I 274 56.01 40.79 25.85
C PHE I 274 56.27 41.16 27.31
N GLU I 275 57.41 41.81 27.57
CA GLU I 275 57.69 42.27 28.92
C GLU I 275 56.61 43.22 29.43
N ASN I 276 56.17 44.15 28.58
CA ASN I 276 55.10 45.05 29.01
C ASN I 276 53.82 44.28 29.34
N TYR I 277 53.54 43.19 28.62
CA TYR I 277 52.35 42.38 28.91
C TYR I 277 52.51 41.52 30.16
N GLY I 278 53.72 41.35 30.67
CA GLY I 278 53.95 40.40 31.74
C GLY I 278 54.12 38.96 31.27
N LEU I 279 54.41 38.76 29.99
CA LEU I 279 54.55 37.43 29.41
C LEU I 279 56.01 37.08 29.24
N ASP I 280 56.27 35.78 29.04
CA ASP I 280 57.65 35.29 28.91
C ASP I 280 58.05 35.24 27.45
N PRO I 281 59.09 35.96 27.02
CA PRO I 281 59.47 35.93 25.60
C PRO I 281 60.08 34.61 25.16
N GLU I 282 60.70 33.86 26.08
CA GLU I 282 61.45 32.67 25.69
C GLU I 282 60.55 31.59 25.11
N LYS I 283 59.34 31.42 25.67
CA LYS I 283 58.39 30.46 25.12
C LYS I 283 57.54 31.13 24.06
N ARG I 284 57.52 30.53 22.87
CA ARG I 284 56.80 31.06 21.72
C ARG I 284 55.62 30.16 21.39
N PHE I 285 54.57 30.77 20.84
CA PHE I 285 53.32 30.06 20.54
C PHE I 285 52.80 29.34 21.78
N ASN I 286 52.71 30.09 22.88
CA ASN I 286 52.38 29.54 24.18
C ASN I 286 51.00 30.01 24.60
N VAL I 287 50.06 29.07 24.75
CA VAL I 287 48.74 29.35 25.27
C VAL I 287 48.58 28.55 26.55
N SER I 288 48.34 29.23 27.67
CA SER I 288 48.16 28.56 28.94
C SER I 288 46.84 27.81 28.97
N GLU I 289 46.78 26.77 29.80
CA GLU I 289 45.59 25.94 29.90
C GLU I 289 44.37 26.74 30.32
N GLU I 290 44.57 27.75 31.18
CA GLU I 290 43.44 28.53 31.68
C GLU I 290 42.75 29.31 30.55
N VAL I 291 43.51 29.72 29.54
CA VAL I 291 42.92 30.43 28.40
C VAL I 291 41.99 29.51 27.62
N TYR I 292 42.51 28.35 27.20
CA TYR I 292 41.67 27.33 26.59
C TYR I 292 40.43 27.09 27.42
N GLU I 293 40.61 26.92 28.74
CA GLU I 293 39.49 26.60 29.61
C GLU I 293 38.46 27.71 29.65
N ILE I 294 38.91 28.97 29.68
CA ILE I 294 37.98 30.10 29.62
C ILE I 294 37.12 30.00 28.37
N PHE I 295 37.77 29.76 27.23
CA PHE I 295 37.01 29.70 25.97
C PHE I 295 36.04 28.52 25.96
N GLN I 296 36.46 27.37 26.49
CA GLN I 296 35.55 26.24 26.59
C GLN I 296 34.33 26.59 27.44
N ASN I 297 34.57 27.10 28.66
CA ASN I 297 33.49 27.37 29.60
C ASN I 297 32.52 28.40 29.06
N THR I 298 33.01 29.43 28.37
CA THR I 298 32.15 30.53 27.96
C THR I 298 31.53 30.29 26.59
N MET I 299 32.29 30.51 25.52
CA MET I 299 31.70 30.49 24.19
C MET I 299 31.26 29.08 23.79
N LEU I 300 32.09 28.06 24.05
CA LEU I 300 31.82 26.74 23.50
C LEU I 300 30.57 26.11 24.12
N LYS I 301 30.48 26.10 25.45
CA LYS I 301 29.31 25.52 26.10
C LYS I 301 28.04 26.29 25.76
N ARG I 302 28.10 27.62 25.83
CA ARG I 302 26.94 28.44 25.48
C ARG I 302 26.46 28.16 24.06
N ALA I 303 27.40 28.10 23.11
CA ALA I 303 27.02 27.88 21.72
C ALA I 303 26.45 26.49 21.52
N ASN I 304 27.07 25.47 22.12
CA ASN I 304 26.58 24.11 21.94
C ASN I 304 25.18 23.94 22.53
N GLU I 305 24.94 24.54 23.70
CA GLU I 305 23.61 24.45 24.30
C GLU I 305 22.58 25.21 23.47
N ASP I 306 22.95 26.40 22.96
CA ASP I 306 22.07 27.13 22.06
C ASP I 306 21.69 26.28 20.85
N GLU I 307 22.67 25.58 20.26
CA GLU I 307 22.39 24.77 19.08
C GLU I 307 21.49 23.58 19.43
N SER I 308 21.73 22.93 20.58
CA SER I 308 20.87 21.82 20.98
C SER I 308 19.41 22.27 21.13
N GLN I 309 19.21 23.39 21.84
CA GLN I 309 17.84 23.90 22.00
C GLN I 309 17.23 24.27 20.65
N TRP I 310 18.05 24.80 19.73
CA TRP I 310 17.52 25.12 18.40
C TRP I 310 17.11 23.87 17.65
N ASN I 311 17.89 22.79 17.75
CA ASN I 311 17.54 21.55 17.06
C ASN I 311 16.22 20.99 17.59
N SER I 312 16.04 21.02 18.91
CA SER I 312 14.77 20.53 19.44
C SER I 312 13.61 21.43 19.01
N LEU I 313 13.82 22.74 19.03
CA LEU I 313 12.81 23.66 18.50
C LEU I 313 12.48 23.32 17.05
N LEU I 314 13.46 22.84 16.29
CA LEU I 314 13.20 22.47 14.90
C LEU I 314 12.34 21.22 14.80
N GLU I 315 12.65 20.19 15.59
CA GLU I 315 11.81 18.98 15.61
C GLU I 315 10.35 19.34 15.92
N LYS I 316 10.17 20.22 16.91
CA LYS I 316 8.84 20.67 17.29
C LYS I 316 8.18 21.52 16.19
N TYR I 317 8.96 22.41 15.56
CA TYR I 317 8.51 23.18 14.42
C TYR I 317 7.98 22.27 13.32
N ALA I 318 8.69 21.16 13.08
CA ALA I 318 8.24 20.19 12.09
C ALA I 318 6.92 19.55 12.50
N GLU I 319 6.76 19.27 13.79
CA GLU I 319 5.46 18.79 14.26
C GLU I 319 4.35 19.80 13.95
N THR I 320 4.48 21.02 14.49
CA THR I 320 3.41 22.01 14.35
C THR I 320 3.23 22.45 12.90
N TYR I 321 4.32 22.73 12.20
CA TYR I 321 4.31 23.27 10.85
C TYR I 321 5.14 22.35 9.96
N PRO I 322 4.55 21.26 9.46
CA PRO I 322 5.33 20.34 8.60
C PRO I 322 5.79 20.97 7.30
N GLU I 323 4.90 21.69 6.61
CA GLU I 323 5.24 22.28 5.33
C GLU I 323 6.34 23.34 5.48
N LEU I 324 6.24 24.19 6.52
CA LEU I 324 7.24 25.23 6.71
C LEU I 324 8.59 24.64 7.07
N ALA I 325 8.59 23.62 7.93
CA ALA I 325 9.85 22.97 8.28
C ALA I 325 10.47 22.28 7.07
N GLU I 326 9.64 21.71 6.17
CA GLU I 326 10.20 21.09 4.98
C GLU I 326 10.83 22.14 4.06
N GLU I 327 10.09 23.22 3.77
CA GLU I 327 10.64 24.32 3.00
C GLU I 327 11.94 24.82 3.61
N PHE I 328 11.94 25.01 4.94
CA PHE I 328 13.11 25.50 5.65
C PHE I 328 14.29 24.54 5.48
N LYS I 329 14.03 23.24 5.53
CA LYS I 329 15.10 22.26 5.36
C LYS I 329 15.71 22.35 3.97
N LEU I 330 14.86 22.39 2.94
CA LEU I 330 15.38 22.51 1.58
C LEU I 330 16.17 23.80 1.40
N ALA I 331 15.73 24.88 2.06
CA ALA I 331 16.44 26.15 1.94
C ALA I 331 17.82 26.08 2.59
N ILE I 332 17.90 25.56 3.81
CA ILE I 332 19.19 25.43 4.49
C ILE I 332 20.13 24.53 3.70
N SER I 333 19.59 23.48 3.10
CA SER I 333 20.39 22.58 2.29
C SER I 333 20.96 23.28 1.06
N GLY I 334 20.29 24.30 0.57
CA GLY I 334 20.66 24.94 -0.68
C GLY I 334 20.01 24.37 -1.91
N LYS I 335 19.04 23.47 -1.75
CA LYS I 335 18.46 22.81 -2.92
C LYS I 335 17.30 23.62 -3.47
N LEU I 336 16.97 23.34 -4.68
CA LEU I 336 15.83 23.89 -5.38
C LEU I 336 14.72 22.86 -5.45
N PRO I 337 13.47 23.29 -5.55
CA PRO I 337 12.37 22.34 -5.66
C PRO I 337 12.54 21.44 -6.86
N LYS I 338 12.20 20.17 -6.68
CA LYS I 338 12.23 19.21 -7.77
C LYS I 338 11.15 19.54 -8.80
N ASN I 339 11.51 19.42 -10.08
CA ASN I 339 10.61 19.67 -11.21
C ASN I 339 10.16 21.11 -11.31
N TYR I 340 10.91 22.05 -10.72
CA TYR I 340 10.54 23.46 -10.76
C TYR I 340 10.56 24.04 -12.17
N LYS I 341 11.34 23.43 -13.07
CA LYS I 341 11.48 23.92 -14.44
C LYS I 341 10.17 23.89 -15.21
N ASP I 342 9.17 23.15 -14.72
CA ASP I 342 7.94 22.96 -15.48
C ASP I 342 7.07 24.21 -15.50
N GLU I 343 7.08 24.99 -14.42
CA GLU I 343 6.38 26.27 -14.42
C GLU I 343 7.12 27.32 -15.24
N LEU I 344 8.41 27.14 -15.47
CA LEU I 344 9.17 28.13 -16.21
C LEU I 344 8.64 28.22 -17.65
N PRO I 345 8.67 29.40 -18.25
CA PRO I 345 7.97 29.61 -19.53
C PRO I 345 8.74 29.06 -20.71
N ARG I 346 7.98 28.64 -21.72
CA ARG I 346 8.51 28.28 -23.02
C ARG I 346 7.97 29.27 -24.05
N PHE I 347 8.83 29.71 -24.95
CA PHE I 347 8.49 30.76 -25.92
C PHE I 347 8.38 30.15 -27.31
N GLU I 348 7.18 30.23 -27.88
CA GLU I 348 6.89 29.61 -29.17
C GLU I 348 7.48 30.45 -30.30
N LEU I 349 7.53 29.85 -31.48
CA LEU I 349 8.06 30.54 -32.64
C LEU I 349 7.17 31.73 -32.99
N GLY I 350 7.80 32.80 -33.48
CA GLY I 350 7.11 34.04 -33.76
C GLY I 350 7.02 34.99 -32.59
N HIS I 351 7.45 34.59 -31.41
CA HIS I 351 7.50 35.50 -30.27
C HIS I 351 8.71 36.42 -30.40
N ASN I 352 8.48 37.71 -30.22
CA ASN I 352 9.54 38.72 -30.24
C ASN I 352 9.53 39.42 -28.89
N GLY I 353 10.56 39.19 -28.10
CA GLY I 353 10.64 39.78 -26.78
C GLY I 353 12.07 40.08 -26.40
N ALA I 354 12.25 41.15 -25.65
CA ALA I 354 13.53 41.42 -25.04
C ALA I 354 13.85 40.34 -24.01
N SER I 355 15.11 39.91 -23.97
CA SER I 355 15.55 39.01 -22.91
C SER I 355 15.36 39.64 -21.54
N ARG I 356 15.30 40.96 -21.48
CA ARG I 356 14.80 41.69 -20.30
C ARG I 356 13.42 41.19 -19.89
N ALA I 357 12.45 41.31 -20.80
CA ALA I 357 11.07 40.96 -20.49
C ALA I 357 10.91 39.47 -20.23
N ASP I 358 11.62 38.64 -20.99
CA ASP I 358 11.53 37.20 -20.79
C ASP I 358 12.16 36.80 -19.46
N SER I 359 13.23 37.49 -19.07
CA SER I 359 13.79 37.30 -17.74
C SER I 359 12.78 37.63 -16.66
N GLY I 360 11.99 38.70 -16.87
CA GLY I 360 10.93 39.01 -15.92
C GLY I 360 9.88 37.92 -15.82
N THR I 361 9.46 37.39 -16.96
CA THR I 361 8.51 36.28 -16.97
C THR I 361 9.06 35.09 -16.17
N VAL I 362 10.31 34.70 -16.47
CA VAL I 362 10.93 33.60 -15.76
C VAL I 362 11.04 33.92 -14.27
N ILE I 363 11.24 35.20 -13.92
CA ILE I 363 11.35 35.58 -12.52
C ILE I 363 10.04 35.33 -11.80
N GLN I 364 8.92 35.69 -12.42
CA GLN I 364 7.62 35.36 -11.85
C GLN I 364 7.49 33.86 -11.65
N ALA I 365 7.87 33.08 -12.65
CA ALA I 365 7.79 31.62 -12.51
C ALA I 365 8.60 31.12 -11.31
N ILE I 366 9.85 31.59 -11.20
CA ILE I 366 10.73 31.10 -10.14
C ILE I 366 10.19 31.49 -8.76
N SER I 367 9.68 32.71 -8.63
CA SER I 367 9.13 33.12 -7.34
C SER I 367 7.91 32.28 -6.98
N LYS I 368 7.12 31.85 -7.97
CA LYS I 368 6.03 30.94 -7.65
C LYS I 368 6.52 29.55 -7.26
N THR I 369 7.66 29.11 -7.80
CA THR I 369 8.10 27.73 -7.57
C THR I 369 9.25 27.58 -6.59
N VAL I 370 10.17 28.55 -6.53
CA VAL I 370 11.35 28.42 -5.68
C VAL I 370 11.16 29.36 -4.49
N PRO I 371 10.97 28.85 -3.27
CA PRO I 371 10.70 29.73 -2.13
C PRO I 371 11.90 30.54 -1.66
N SER I 372 13.13 30.07 -1.91
CA SER I 372 14.32 30.77 -1.45
C SER I 372 14.66 32.01 -2.27
N PHE I 373 14.03 32.16 -3.43
CA PHE I 373 14.31 33.30 -4.31
C PHE I 373 14.11 34.61 -3.59
N PHE I 374 15.07 35.52 -3.74
CA PHE I 374 15.04 36.80 -3.05
C PHE I 374 15.98 37.78 -3.74
N GLY I 375 15.64 39.06 -3.67
CA GLY I 375 16.50 40.10 -4.17
C GLY I 375 15.70 41.28 -4.71
N GLY I 376 16.39 42.12 -5.48
CA GLY I 376 15.75 43.28 -6.05
C GLY I 376 16.70 43.99 -6.99
N SER I 377 16.39 45.26 -7.26
CA SER I 377 17.18 46.06 -8.18
C SER I 377 17.66 47.33 -7.51
N ALA I 378 18.73 47.90 -8.05
CA ALA I 378 19.27 49.17 -7.58
C ALA I 378 18.59 50.33 -8.32
N ASP I 379 17.33 50.55 -7.93
CA ASP I 379 16.50 51.64 -8.45
C ASP I 379 16.33 51.60 -9.97
N LEU I 380 16.36 50.41 -10.55
CA LEU I 380 16.12 50.24 -11.98
C LEU I 380 15.17 49.08 -12.25
N ALA I 381 14.31 48.76 -11.27
CA ALA I 381 13.46 47.58 -11.40
C ALA I 381 12.53 47.68 -12.59
N GLY I 382 11.90 48.83 -12.79
CA GLY I 382 11.05 49.01 -13.96
C GLY I 382 11.81 48.81 -15.26
N SER I 383 13.06 49.27 -15.29
CA SER I 383 13.90 49.04 -16.46
C SER I 383 14.49 47.63 -16.49
N ASN I 384 14.79 47.06 -15.33
CA ASN I 384 15.48 45.78 -15.28
C ASN I 384 14.54 44.59 -15.31
N LYS I 385 13.23 44.80 -15.19
CA LYS I 385 12.25 43.71 -15.22
C LYS I 385 12.55 42.65 -14.17
N SER I 386 12.93 43.11 -12.97
CA SER I 386 13.33 42.22 -11.88
C SER I 386 12.27 42.06 -10.80
N ASN I 387 11.21 42.87 -10.84
CA ASN I 387 10.21 42.85 -9.78
C ASN I 387 9.37 41.57 -9.84
N VAL I 388 9.01 41.07 -8.66
CA VAL I 388 7.98 40.04 -8.52
C VAL I 388 6.67 40.74 -8.20
N ASN I 389 5.71 40.66 -9.11
CA ASN I 389 4.55 41.55 -9.07
C ASN I 389 3.45 41.07 -8.13
N ASP I 390 3.37 39.78 -7.82
CA ASP I 390 2.44 39.29 -6.81
C ASP I 390 3.03 39.34 -5.41
N ALA I 391 4.26 39.84 -5.26
CA ALA I 391 4.96 39.87 -4.00
C ALA I 391 5.07 41.30 -3.47
N THR I 392 5.02 41.43 -2.16
CA THR I 392 5.21 42.73 -1.52
C THR I 392 6.69 43.08 -1.49
N ASP I 393 6.98 44.31 -1.10
CA ASP I 393 8.35 44.79 -1.04
C ASP I 393 8.94 44.56 0.35
N TYR I 394 10.27 44.46 0.41
CA TYR I 394 10.94 44.29 1.69
C TYR I 394 11.02 45.61 2.42
N SER I 395 10.62 45.60 3.69
CA SER I 395 10.78 46.75 4.57
C SER I 395 11.04 46.24 5.97
N SER I 396 11.35 47.17 6.88
CA SER I 396 11.35 46.83 8.29
C SER I 396 9.96 46.35 8.73
N GLU I 397 8.91 46.94 8.16
CA GLU I 397 7.56 46.58 8.53
C GLU I 397 7.13 45.24 7.93
N THR I 398 7.62 44.89 6.75
CA THR I 398 7.26 43.65 6.06
C THR I 398 8.53 42.90 5.67
N PRO I 399 9.22 42.30 6.64
CA PRO I 399 10.46 41.60 6.32
C PRO I 399 10.26 40.39 5.42
N GLU I 400 9.04 39.84 5.38
CA GLU I 400 8.74 38.71 4.50
C GLU I 400 8.64 39.10 3.03
N GLY I 401 8.63 40.41 2.72
CA GLY I 401 8.52 40.83 1.33
C GLY I 401 9.73 40.41 0.52
N LYS I 402 9.48 40.11 -0.76
CA LYS I 402 10.48 39.46 -1.60
C LYS I 402 11.07 40.37 -2.67
N ASN I 403 10.81 41.67 -2.62
CA ASN I 403 11.39 42.63 -3.56
C ASN I 403 12.16 43.66 -2.76
N VAL I 404 13.46 43.77 -3.03
CA VAL I 404 14.35 44.65 -2.30
C VAL I 404 14.60 45.91 -3.12
N TRP I 405 14.37 47.06 -2.50
CA TRP I 405 14.68 48.37 -3.07
C TRP I 405 16.06 48.77 -2.56
N PHE I 406 17.10 48.47 -3.34
CA PHE I 406 18.46 48.80 -2.92
C PHE I 406 18.75 50.28 -3.07
N GLY I 407 18.04 50.98 -3.96
CA GLY I 407 18.39 52.34 -4.31
C GLY I 407 19.64 52.37 -5.17
N VAL I 408 20.11 53.59 -5.44
CA VAL I 408 21.30 53.80 -6.27
C VAL I 408 22.54 53.39 -5.48
N ARG I 409 22.72 52.08 -5.28
CA ARG I 409 23.75 51.52 -4.38
C ARG I 409 24.24 50.19 -4.96
N GLU I 410 24.86 50.23 -6.14
CA GLU I 410 25.22 49.01 -6.84
C GLU I 410 26.29 48.21 -6.10
N PHE I 411 27.32 48.89 -5.59
CA PHE I 411 28.40 48.20 -4.90
C PHE I 411 27.89 47.52 -3.62
N ALA I 412 27.14 48.26 -2.80
CA ALA I 412 26.57 47.67 -1.60
C ALA I 412 25.54 46.61 -1.94
N MET I 413 24.79 46.79 -3.03
CA MET I 413 23.83 45.76 -3.45
C MET I 413 24.56 44.45 -3.73
N GLY I 414 25.65 44.51 -4.49
CA GLY I 414 26.41 43.31 -4.79
C GLY I 414 27.00 42.67 -3.55
N ALA I 415 27.57 43.48 -2.66
CA ALA I 415 28.12 42.93 -1.43
C ALA I 415 27.03 42.30 -0.57
N ALA I 416 25.84 42.90 -0.51
CA ALA I 416 24.77 42.34 0.31
C ALA I 416 24.23 41.06 -0.29
N VAL I 417 24.13 40.98 -1.61
CA VAL I 417 23.77 39.73 -2.27
C VAL I 417 24.78 38.64 -1.94
N ASN I 418 26.07 39.00 -1.93
CA ASN I 418 27.10 38.05 -1.56
C ASN I 418 26.95 37.58 -0.11
N GLY I 419 26.63 38.51 0.79
CA GLY I 419 26.38 38.12 2.17
C GLY I 419 25.18 37.20 2.29
N MET I 420 24.15 37.44 1.47
CA MET I 420 22.98 36.56 1.44
C MET I 420 23.35 35.17 0.97
N ALA I 421 24.17 35.07 -0.06
CA ALA I 421 24.69 33.77 -0.47
C ALA I 421 25.44 33.11 0.68
N ALA I 422 26.25 33.89 1.40
CA ALA I 422 27.03 33.34 2.51
C ALA I 422 26.15 32.85 3.65
N HIS I 423 25.02 33.50 3.89
CA HIS I 423 24.15 33.11 5.00
C HIS I 423 23.56 31.72 4.78
N GLY I 424 23.02 31.46 3.60
CA GLY I 424 22.35 30.20 3.36
C GLY I 424 20.85 30.30 3.58
N GLY I 425 20.11 29.50 2.83
CA GLY I 425 18.65 29.53 2.86
C GLY I 425 18.02 30.43 1.82
N LEU I 426 18.81 31.14 1.04
CA LEU I 426 18.31 32.03 0.00
C LEU I 426 19.00 31.75 -1.31
N HIS I 427 18.36 32.17 -2.39
CA HIS I 427 18.95 32.23 -3.73
C HIS I 427 18.91 33.70 -4.13
N PRO I 428 19.93 34.48 -3.76
CA PRO I 428 19.85 35.93 -3.89
C PRO I 428 20.16 36.43 -5.29
N TYR I 429 19.59 37.60 -5.63
CA TYR I 429 19.86 38.22 -6.92
C TYR I 429 19.82 39.74 -6.77
N GLY I 430 20.66 40.41 -7.57
CA GLY I 430 20.58 41.84 -7.73
C GLY I 430 20.50 42.19 -9.20
N ALA I 431 20.10 43.43 -9.47
CA ALA I 431 19.88 43.87 -10.84
C ALA I 431 20.27 45.33 -11.02
N THR I 432 21.04 45.61 -12.07
CA THR I 432 21.32 46.97 -12.50
C THR I 432 21.59 46.95 -14.00
N PHE I 433 22.02 48.08 -14.54
CA PHE I 433 22.41 48.17 -15.93
C PHE I 433 23.81 47.57 -16.12
N PHE I 434 23.99 46.87 -17.25
CA PHE I 434 25.28 46.24 -17.52
C PHE I 434 26.42 47.25 -17.47
N VAL I 435 26.20 48.44 -18.03
CA VAL I 435 27.21 49.49 -18.03
C VAL I 435 27.66 49.86 -16.62
N PHE I 436 26.81 49.67 -15.62
CA PHE I 436 27.16 50.01 -14.25
C PHE I 436 27.63 48.79 -13.44
N SER I 437 27.81 47.65 -14.09
CA SER I 437 28.43 46.50 -13.43
C SER I 437 29.77 46.88 -12.82
N ASP I 438 30.49 47.83 -13.45
CA ASP I 438 31.77 48.28 -12.92
C ASP I 438 31.66 48.73 -11.48
N TYR I 439 30.53 49.37 -11.11
CA TYR I 439 30.36 49.85 -9.75
C TYR I 439 30.48 48.72 -8.73
N LEU I 440 30.01 47.52 -9.09
CA LEU I 440 30.11 46.38 -8.19
C LEU I 440 31.13 45.36 -8.68
N LYS I 441 32.13 45.82 -9.44
CA LYS I 441 33.18 44.89 -9.88
C LYS I 441 33.99 44.31 -8.74
N PRO I 442 34.46 45.08 -7.75
CA PRO I 442 35.20 44.45 -6.65
C PRO I 442 34.42 43.37 -5.94
N ALA I 443 33.09 43.46 -5.91
CA ALA I 443 32.26 42.46 -5.26
C ALA I 443 32.12 41.21 -6.11
N LEU I 444 31.87 41.39 -7.41
CA LEU I 444 31.74 40.23 -8.31
C LEU I 444 32.94 39.30 -8.17
N ARG I 445 34.15 39.87 -8.23
CA ARG I 445 35.36 39.08 -8.02
C ARG I 445 35.26 38.23 -6.75
N LEU I 446 34.84 38.85 -5.65
CA LEU I 446 34.70 38.10 -4.40
C LEU I 446 33.70 36.96 -4.54
N SER I 447 32.58 37.22 -5.22
CA SER I 447 31.61 36.15 -5.49
C SER I 447 32.28 34.98 -6.19
N SER I 448 33.24 35.26 -7.09
CA SER I 448 33.97 34.20 -7.75
C SER I 448 35.04 33.58 -6.84
N ILE I 449 35.60 34.38 -5.94
CA ILE I 449 36.64 33.85 -5.06
C ILE I 449 36.04 32.94 -4.00
N MET I 450 34.92 33.35 -3.42
CA MET I 450 34.20 32.55 -2.44
C MET I 450 33.36 31.46 -3.07
N GLY I 451 33.08 31.56 -4.37
CA GLY I 451 32.27 30.57 -5.05
C GLY I 451 30.84 30.57 -4.56
N LEU I 452 30.22 31.74 -4.56
CA LEU I 452 28.87 31.90 -4.04
C LEU I 452 27.82 31.80 -5.14
N ASN I 453 26.67 31.24 -4.79
CA ASN I 453 25.53 31.18 -5.69
C ASN I 453 24.80 32.52 -5.62
N ALA I 454 25.39 33.53 -6.24
CA ALA I 454 24.73 34.79 -6.48
C ALA I 454 24.44 34.93 -7.97
N THR I 455 23.27 35.47 -8.29
CA THR I 455 22.92 35.79 -9.67
C THR I 455 22.79 37.30 -9.80
N PHE I 456 23.50 37.87 -10.77
CA PHE I 456 23.46 39.30 -11.03
C PHE I 456 22.80 39.55 -12.37
N ILE I 457 21.74 40.35 -12.36
CA ILE I 457 20.97 40.67 -13.55
C ILE I 457 21.48 41.98 -14.12
N PHE I 458 21.96 41.95 -15.35
CA PHE I 458 22.50 43.13 -16.03
C PHE I 458 21.74 43.32 -17.34
N THR I 459 20.87 44.32 -17.39
CA THR I 459 20.12 44.64 -18.59
C THR I 459 20.74 45.84 -19.31
N HIS I 460 20.22 46.13 -20.50
CA HIS I 460 20.70 47.22 -21.35
C HIS I 460 22.18 47.02 -21.69
N ASP I 461 22.41 45.99 -22.50
CA ASP I 461 23.70 45.32 -22.61
C ASP I 461 24.56 45.77 -23.78
N SER I 462 24.01 46.48 -24.77
CA SER I 462 24.75 46.77 -25.99
C SER I 462 24.54 48.23 -26.35
N ILE I 463 25.07 48.61 -27.52
CA ILE I 463 24.81 49.92 -28.10
C ILE I 463 23.37 50.08 -28.54
N ALA I 464 22.58 49.00 -28.49
CA ALA I 464 21.15 49.06 -28.77
C ALA I 464 20.39 49.84 -27.71
N VAL I 465 21.06 50.28 -26.65
CA VAL I 465 20.43 51.18 -25.69
C VAL I 465 19.95 52.45 -26.39
N GLY I 466 20.85 53.10 -27.12
CA GLY I 466 20.47 54.18 -28.00
C GLY I 466 20.69 55.60 -27.51
N GLU I 467 19.60 56.26 -27.11
CA GLU I 467 19.64 57.69 -26.87
C GLU I 467 20.43 58.05 -25.61
N ASP I 468 20.52 57.13 -24.64
CA ASP I 468 21.21 57.45 -23.39
C ASP I 468 22.70 57.69 -23.62
N GLY I 469 23.27 57.09 -24.66
CA GLY I 469 24.59 57.48 -25.11
C GLY I 469 25.72 56.57 -24.66
N PRO I 470 26.95 56.97 -24.98
CA PRO I 470 28.11 56.10 -24.72
C PRO I 470 28.36 55.84 -23.25
N THR I 471 27.93 56.74 -22.35
CA THR I 471 28.06 56.48 -20.93
C THR I 471 27.13 55.38 -20.46
N HIS I 472 26.12 55.04 -21.27
CA HIS I 472 25.12 54.05 -20.91
C HIS I 472 25.10 52.84 -21.83
N GLU I 473 26.02 52.75 -22.78
CA GLU I 473 26.05 51.64 -23.72
C GLU I 473 27.29 50.79 -23.45
N PRO I 474 27.12 49.52 -23.07
CA PRO I 474 28.26 48.69 -22.71
C PRO I 474 29.15 48.39 -23.90
N ILE I 475 30.46 48.36 -23.65
CA ILE I 475 31.45 48.04 -24.67
C ILE I 475 32.41 46.99 -24.12
N GLU I 476 33.02 47.28 -22.98
CA GLU I 476 34.13 46.49 -22.46
C GLU I 476 33.77 45.68 -21.23
N GLN I 477 32.48 45.64 -20.86
CA GLN I 477 32.09 44.97 -19.63
C GLN I 477 32.07 43.44 -19.78
N LEU I 478 31.64 42.96 -20.95
CA LEU I 478 31.60 41.52 -21.21
C LEU I 478 32.98 40.89 -21.03
N ALA I 479 34.00 41.49 -21.64
CA ALA I 479 35.34 40.89 -21.57
C ALA I 479 35.92 40.98 -20.17
N GLY I 480 35.66 42.09 -19.48
CA GLY I 480 36.05 42.18 -18.09
C GLY I 480 35.45 41.08 -17.22
N LEU I 481 34.20 40.70 -17.49
CA LEU I 481 33.61 39.63 -16.69
C LEU I 481 34.08 38.25 -17.13
N ARG I 482 34.29 38.05 -18.44
CA ARG I 482 34.83 36.79 -18.93
C ARG I 482 36.26 36.56 -18.44
N ALA I 483 36.96 37.62 -18.04
CA ALA I 483 38.29 37.46 -17.48
C ALA I 483 38.28 37.04 -16.01
N ILE I 484 37.17 37.26 -15.28
CA ILE I 484 37.08 36.82 -13.90
C ILE I 484 36.95 35.30 -13.87
N PRO I 485 37.86 34.58 -13.21
CA PRO I 485 37.72 33.13 -13.13
C PRO I 485 36.53 32.75 -12.27
N ASN I 486 35.92 31.61 -12.62
CA ASN I 486 34.76 31.09 -11.90
C ASN I 486 33.59 32.08 -11.94
N MET I 487 33.28 32.57 -13.14
CA MET I 487 32.18 33.50 -13.33
C MET I 487 31.43 33.10 -14.59
N ASN I 488 30.14 32.79 -14.46
CA ASN I 488 29.32 32.53 -15.63
C ASN I 488 28.81 33.86 -16.16
N VAL I 489 29.03 34.11 -17.44
CA VAL I 489 28.55 35.31 -18.12
C VAL I 489 27.65 34.82 -19.25
N ILE I 490 26.35 34.72 -18.99
CA ILE I 490 25.42 34.11 -19.92
C ILE I 490 24.61 35.19 -20.63
N ARG I 491 24.77 35.24 -21.95
CA ARG I 491 24.09 36.20 -22.83
C ARG I 491 23.06 35.45 -23.65
N PRO I 492 21.81 35.36 -23.21
CA PRO I 492 20.82 34.58 -23.96
C PRO I 492 20.48 35.20 -25.30
N ALA I 493 20.11 34.34 -26.26
CA ALA I 493 19.80 34.75 -27.62
C ALA I 493 18.32 34.94 -27.88
N ASP I 494 17.46 34.20 -27.20
CA ASP I 494 16.00 34.40 -27.25
C ASP I 494 15.46 34.16 -25.84
N GLY I 495 14.13 34.13 -25.71
CA GLY I 495 13.56 33.82 -24.41
C GLY I 495 13.80 32.38 -23.97
N ASN I 496 13.78 31.46 -24.93
CA ASN I 496 14.05 30.06 -24.61
C ASN I 496 15.46 29.88 -24.08
N GLU I 497 16.42 30.68 -24.56
CA GLU I 497 17.76 30.65 -23.99
C GLU I 497 17.81 31.33 -22.63
N THR I 498 16.96 32.34 -22.42
CA THR I 498 16.94 33.04 -21.12
C THR I 498 16.43 32.14 -20.01
N ARG I 499 15.45 31.28 -20.32
CA ARG I 499 14.98 30.32 -19.32
C ARG I 499 16.10 29.43 -18.83
N VAL I 500 16.87 28.84 -19.76
CA VAL I 500 17.97 27.96 -19.39
C VAL I 500 19.09 28.75 -18.73
N ALA I 501 19.25 30.04 -19.09
CA ALA I 501 20.24 30.88 -18.42
C ALA I 501 19.88 31.07 -16.95
N TRP I 502 18.60 31.31 -16.67
CA TRP I 502 18.14 31.38 -15.29
C TRP I 502 18.30 30.04 -14.57
N GLU I 503 18.06 28.95 -15.30
CA GLU I 503 18.23 27.62 -14.71
C GLU I 503 19.69 27.39 -14.31
N VAL I 504 20.62 27.75 -15.19
CA VAL I 504 22.04 27.66 -14.85
C VAL I 504 22.37 28.56 -13.68
N ALA I 505 21.80 29.77 -13.66
CA ALA I 505 22.05 30.70 -12.56
C ALA I 505 21.65 30.11 -11.22
N LEU I 506 20.47 29.47 -11.15
CA LEU I 506 20.02 28.90 -9.89
C LEU I 506 20.73 27.60 -9.54
N GLU I 507 21.03 26.77 -10.55
CA GLU I 507 21.59 25.44 -10.29
C GLU I 507 23.09 25.50 -10.02
N SER I 508 23.79 26.53 -10.52
CA SER I 508 25.16 26.74 -10.09
C SER I 508 25.19 26.93 -8.59
N GLU I 509 26.06 26.18 -7.91
CA GLU I 509 26.09 26.17 -6.46
C GLU I 509 27.42 26.64 -5.88
N SER I 510 28.49 26.67 -6.68
CA SER I 510 29.78 27.17 -6.26
C SER I 510 30.33 28.21 -7.23
N THR I 511 29.50 28.72 -8.15
CA THR I 511 29.96 29.69 -9.14
C THR I 511 28.90 30.78 -9.27
N PRO I 512 29.30 32.06 -9.26
CA PRO I 512 28.33 33.13 -9.49
C PRO I 512 27.98 33.27 -10.97
N THR I 513 26.89 33.99 -11.21
CA THR I 513 26.32 34.09 -12.55
C THR I 513 25.87 35.52 -12.83
N SER I 514 26.24 36.02 -14.01
CA SER I 514 25.80 37.32 -14.52
C SER I 514 25.04 37.08 -15.81
N LEU I 515 23.78 37.51 -15.83
CA LEU I 515 22.94 37.43 -17.00
C LEU I 515 23.04 38.75 -17.77
N VAL I 516 23.42 38.66 -19.04
CA VAL I 516 23.60 39.81 -19.90
C VAL I 516 22.34 39.91 -20.78
N LEU I 517 21.45 40.84 -20.46
CA LEU I 517 20.13 40.90 -21.06
C LEU I 517 19.94 42.16 -21.89
N THR I 518 19.09 42.05 -22.91
CA THR I 518 18.87 43.09 -23.90
C THR I 518 17.55 43.80 -23.65
N ARG I 519 17.52 45.09 -23.97
CA ARG I 519 16.31 45.89 -23.90
C ARG I 519 15.50 45.84 -25.19
N GLN I 520 16.15 45.60 -26.33
CA GLN I 520 15.46 45.51 -27.59
C GLN I 520 14.93 44.09 -27.81
N ASN I 521 13.90 43.98 -28.65
CA ASN I 521 13.21 42.72 -28.82
C ASN I 521 14.06 41.72 -29.61
N LEU I 522 14.08 40.48 -29.13
CA LEU I 522 14.83 39.42 -29.78
C LEU I 522 13.88 38.40 -30.41
N PRO I 523 14.19 37.92 -31.61
CA PRO I 523 13.36 36.90 -32.24
C PRO I 523 13.65 35.52 -31.66
N VAL I 524 12.61 34.74 -31.45
CA VAL I 524 12.76 33.36 -31.03
C VAL I 524 13.27 32.53 -32.20
N LEU I 525 14.31 31.72 -31.96
CA LEU I 525 14.97 30.95 -32.98
C LEU I 525 14.45 29.53 -33.03
N ASP I 526 14.44 28.96 -34.24
CA ASP I 526 13.91 27.62 -34.46
C ASP I 526 15.00 26.62 -34.06
N VAL I 527 15.13 26.39 -32.75
CA VAL I 527 15.94 25.24 -32.28
C VAL I 527 15.19 24.41 -31.23
N PRO I 528 14.86 23.15 -31.46
CA PRO I 528 14.05 22.37 -30.51
C PRO I 528 14.66 22.52 -29.12
N GLU I 529 13.80 22.48 -28.09
CA GLU I 529 14.16 22.79 -26.67
C GLU I 529 15.25 21.90 -26.02
N ASP I 530 15.24 20.59 -26.28
CA ASP I 530 16.32 19.72 -25.83
C ASP I 530 17.68 20.31 -26.18
N VAL I 531 17.83 20.71 -27.45
CA VAL I 531 19.07 21.30 -27.91
C VAL I 531 19.37 22.58 -27.13
N VAL I 532 18.34 23.40 -26.86
CA VAL I 532 18.57 24.66 -26.18
C VAL I 532 19.08 24.44 -24.76
N GLU I 533 18.36 23.62 -23.99
CA GLU I 533 18.77 23.32 -22.62
C GLU I 533 20.18 22.77 -22.58
N GLU I 534 20.40 21.68 -23.34
CA GLU I 534 21.73 21.06 -23.34
C GLU I 534 22.81 22.04 -23.76
N GLY I 535 22.55 22.84 -24.79
CA GLY I 535 23.60 23.69 -25.33
C GLY I 535 23.93 24.88 -24.45
N VAL I 536 22.89 25.54 -23.92
CA VAL I 536 23.14 26.62 -22.97
C VAL I 536 23.93 26.09 -21.78
N ARG I 537 23.63 24.85 -21.34
CA ARG I 537 24.45 24.28 -20.27
C ARG I 537 25.84 23.88 -20.74
N LYS I 538 26.05 23.69 -22.04
CA LYS I 538 27.38 23.36 -22.56
C LYS I 538 28.16 24.58 -23.02
N GLY I 539 27.61 25.79 -22.87
CA GLY I 539 28.36 26.98 -23.20
C GLY I 539 28.28 27.41 -24.65
N ALA I 540 28.16 26.45 -25.56
CA ALA I 540 28.07 26.75 -26.99
C ALA I 540 27.52 25.54 -27.71
N TYR I 541 26.78 25.81 -28.79
CA TYR I 541 26.16 24.75 -29.59
C TYR I 541 25.79 25.35 -30.93
N THR I 542 25.74 24.50 -31.95
CA THR I 542 25.32 24.94 -33.27
C THR I 542 23.81 25.12 -33.29
N VAL I 543 23.36 26.30 -33.72
CA VAL I 543 21.94 26.60 -33.83
C VAL I 543 21.46 26.49 -35.27
N TYR I 544 22.28 26.85 -36.24
CA TYR I 544 21.88 26.69 -37.63
C TYR I 544 22.99 25.97 -38.39
N GLY I 545 22.61 25.05 -39.27
CA GLY I 545 23.60 24.37 -40.07
C GLY I 545 23.67 22.87 -39.85
N SER I 546 24.28 22.16 -40.81
CA SER I 546 24.19 20.71 -40.85
C SER I 546 25.53 20.01 -41.04
N GLU I 547 26.57 20.70 -41.47
CA GLU I 547 27.82 20.05 -41.86
C GLU I 547 28.91 20.30 -40.84
N GLU I 548 29.55 19.22 -40.39
CA GLU I 548 30.72 19.35 -39.53
C GLU I 548 31.83 20.14 -40.21
N THR I 549 31.89 20.06 -41.54
CA THR I 549 32.82 20.85 -42.33
C THR I 549 32.03 21.94 -43.06
N PRO I 550 31.94 23.16 -42.50
CA PRO I 550 31.35 24.25 -43.26
C PRO I 550 32.40 25.20 -43.82
N GLU I 551 32.11 25.84 -44.95
CA GLU I 551 33.00 26.86 -45.48
C GLU I 551 33.10 28.04 -44.52
N PHE I 552 31.98 28.40 -43.88
CA PHE I 552 31.94 29.47 -42.91
C PHE I 552 31.33 28.96 -41.61
N LEU I 553 31.99 29.30 -40.51
CA LEU I 553 31.51 29.02 -39.17
C LEU I 553 31.29 30.35 -38.47
N LEU I 554 30.03 30.79 -38.41
CA LEU I 554 29.68 32.03 -37.74
C LEU I 554 29.48 31.77 -36.26
N LEU I 555 30.04 32.63 -35.41
CA LEU I 555 29.96 32.51 -33.97
C LEU I 555 29.31 33.76 -33.41
N ALA I 556 28.32 33.61 -32.53
CA ALA I 556 27.67 34.81 -32.00
C ALA I 556 27.26 34.59 -30.56
N SER I 557 26.82 35.68 -29.93
CA SER I 557 26.31 35.68 -28.56
C SER I 557 25.21 36.72 -28.44
N GLY I 558 24.15 36.34 -27.72
CA GLY I 558 23.10 37.31 -27.42
C GLY I 558 22.26 37.66 -28.64
N SER I 559 22.03 38.97 -28.82
CA SER I 559 21.15 39.44 -29.88
C SER I 559 21.67 39.11 -31.28
N GLU I 560 22.96 38.84 -31.43
CA GLU I 560 23.54 38.75 -32.76
C GLU I 560 23.29 37.40 -33.42
N VAL I 561 22.96 36.37 -32.64
CA VAL I 561 22.70 35.04 -33.19
C VAL I 561 21.68 35.11 -34.32
N SER I 562 20.53 35.72 -34.05
CA SER I 562 19.50 35.89 -35.08
C SER I 562 20.08 36.55 -36.33
N LEU I 563 20.81 37.65 -36.15
CA LEU I 563 21.53 38.26 -37.27
C LEU I 563 22.34 37.21 -38.04
N ALA I 564 23.20 36.49 -37.32
CA ALA I 564 24.06 35.50 -37.95
C ALA I 564 23.27 34.38 -38.62
N VAL I 565 22.02 34.15 -38.20
CA VAL I 565 21.20 33.17 -38.91
C VAL I 565 20.73 33.75 -40.24
N GLU I 566 20.24 34.99 -40.20
CA GLU I 566 19.80 35.67 -41.41
C GLU I 566 20.90 35.65 -42.47
N ALA I 567 22.05 36.24 -42.13
CA ALA I 567 23.23 36.16 -42.99
C ALA I 567 23.47 34.75 -43.49
N ALA I 568 23.40 33.77 -42.59
CA ALA I 568 23.66 32.37 -42.98
C ALA I 568 22.79 31.99 -44.17
N LYS I 569 21.48 32.24 -44.07
CA LYS I 569 20.58 31.85 -45.15
C LYS I 569 20.98 32.52 -46.46
N ASP I 570 21.29 33.82 -46.41
CA ASP I 570 21.71 34.50 -47.63
C ASP I 570 23.01 33.93 -48.16
N LEU I 571 23.92 33.55 -47.26
CA LEU I 571 25.15 32.91 -47.73
C LEU I 571 24.86 31.59 -48.42
N GLU I 572 23.84 30.86 -47.93
CA GLU I 572 23.42 29.64 -48.61
C GLU I 572 22.83 29.95 -49.98
N LYS I 573 22.22 31.13 -50.14
CA LYS I 573 21.58 31.45 -51.41
C LYS I 573 22.61 31.73 -52.49
N GLN I 574 23.76 32.31 -52.14
CA GLN I 574 24.87 32.42 -53.07
C GLN I 574 25.66 31.11 -53.18
N GLY I 575 25.33 30.10 -52.40
CA GLY I 575 25.91 28.78 -52.55
C GLY I 575 27.04 28.43 -51.61
N LYS I 576 27.11 29.04 -50.43
CA LYS I 576 28.20 28.83 -49.49
C LYS I 576 27.70 28.16 -48.22
N SER I 577 28.43 27.13 -47.77
CA SER I 577 28.01 26.33 -46.63
C SER I 577 28.34 27.05 -45.33
N VAL I 578 27.33 27.19 -44.47
CA VAL I 578 27.47 27.95 -43.23
C VAL I 578 27.01 27.08 -42.07
N ARG I 579 27.62 27.31 -40.90
CA ARG I 579 27.08 26.84 -39.63
C ARG I 579 27.17 27.97 -38.61
N VAL I 580 26.03 28.33 -38.03
CA VAL I 580 25.95 29.34 -36.98
C VAL I 580 25.91 28.66 -35.62
N VAL I 581 26.78 29.13 -34.73
CA VAL I 581 26.93 28.62 -33.37
C VAL I 581 26.61 29.74 -32.39
N SER I 582 25.62 29.48 -31.53
CA SER I 582 25.35 30.35 -30.38
C SER I 582 26.33 30.04 -29.25
N MET I 583 26.84 31.09 -28.62
CA MET I 583 27.86 30.99 -27.58
C MET I 583 27.40 31.76 -26.36
N PRO I 584 26.41 31.22 -25.62
CA PRO I 584 25.86 31.99 -24.51
C PRO I 584 26.79 32.13 -23.31
N ASN I 585 27.63 31.14 -23.02
CA ASN I 585 28.47 31.17 -21.82
C ASN I 585 29.83 30.54 -22.12
N TRP I 586 30.85 31.39 -22.26
CA TRP I 586 32.18 30.87 -22.58
C TRP I 586 32.69 29.92 -21.50
N ASN I 587 32.38 30.20 -20.23
CA ASN I 587 32.88 29.41 -19.13
C ASN I 587 32.44 27.95 -19.25
N ALA I 588 31.14 27.73 -19.47
CA ALA I 588 30.62 26.39 -19.62
C ALA I 588 31.25 25.67 -20.81
N PHE I 589 31.49 26.40 -21.90
CA PHE I 589 32.15 25.81 -23.06
C PHE I 589 33.57 25.37 -22.72
N GLU I 590 34.34 26.25 -22.08
CA GLU I 590 35.71 25.92 -21.71
C GLU I 590 35.79 24.85 -20.64
N GLN I 591 34.67 24.48 -20.01
CA GLN I 591 34.66 23.28 -19.18
C GLN I 591 34.31 22.01 -19.94
N GLN I 592 33.92 22.09 -21.21
CA GLN I 592 33.49 20.90 -21.92
C GLN I 592 34.68 20.11 -22.46
N SER I 593 34.38 18.95 -23.04
CA SER I 593 35.42 18.06 -23.57
C SER I 593 35.99 18.59 -24.88
N GLU I 594 37.24 18.21 -25.15
CA GLU I 594 37.88 18.57 -26.42
C GLU I 594 37.06 18.08 -27.60
N GLU I 595 36.42 16.91 -27.47
CA GLU I 595 35.62 16.36 -28.55
C GLU I 595 34.41 17.25 -28.84
N TYR I 596 33.66 17.63 -27.80
CA TYR I 596 32.51 18.51 -28.00
C TYR I 596 32.93 19.84 -28.63
N LYS I 597 34.02 20.43 -28.11
CA LYS I 597 34.50 21.71 -28.63
C LYS I 597 34.87 21.60 -30.10
N GLU I 598 35.61 20.55 -30.46
CA GLU I 598 35.99 20.36 -31.87
C GLU I 598 34.78 20.08 -32.74
N SER I 599 33.73 19.49 -32.17
CA SER I 599 32.51 19.28 -32.93
C SER I 599 31.78 20.60 -33.17
N VAL I 600 31.84 21.52 -32.22
CA VAL I 600 31.13 22.79 -32.34
C VAL I 600 31.97 23.83 -33.08
N ILE I 601 33.25 23.93 -32.77
CA ILE I 601 34.16 24.86 -33.43
C ILE I 601 35.34 24.07 -33.99
N PRO I 602 35.20 23.48 -35.19
CA PRO I 602 36.30 22.68 -35.75
C PRO I 602 37.49 23.56 -36.11
N SER I 603 38.68 23.12 -35.71
CA SER I 603 39.90 23.81 -36.13
C SER I 603 40.24 23.55 -37.60
N SER I 604 39.62 22.55 -38.22
CA SER I 604 39.69 22.42 -39.68
C SER I 604 39.04 23.59 -40.41
N VAL I 605 38.12 24.29 -39.77
CA VAL I 605 37.47 25.45 -40.37
C VAL I 605 38.35 26.68 -40.16
N THR I 606 38.77 27.30 -41.25
CA THR I 606 39.62 28.48 -41.21
C THR I 606 38.84 29.78 -41.29
N LYS I 607 37.80 29.84 -42.11
CA LYS I 607 36.98 31.05 -42.23
C LYS I 607 35.90 31.01 -41.16
N ARG I 608 36.28 31.48 -39.97
CA ARG I 608 35.38 31.61 -38.83
C ARG I 608 35.20 33.08 -38.50
N VAL I 609 33.96 33.51 -38.41
CA VAL I 609 33.61 34.91 -38.20
C VAL I 609 32.77 35.03 -36.94
N ALA I 610 33.26 35.80 -35.98
CA ALA I 610 32.53 36.09 -34.75
C ALA I 610 31.79 37.40 -34.90
N ILE I 611 30.56 37.45 -34.38
CA ILE I 611 29.76 38.66 -34.40
C ILE I 611 29.27 38.94 -32.99
N GLU I 612 29.66 40.08 -32.43
CA GLU I 612 29.22 40.51 -31.12
C GLU I 612 29.25 42.03 -31.07
N MET I 613 28.26 42.62 -30.41
CA MET I 613 28.21 44.07 -30.21
C MET I 613 28.90 44.39 -28.89
N ALA I 614 30.22 44.23 -28.90
CA ALA I 614 31.07 44.41 -27.73
C ALA I 614 32.52 44.44 -28.19
N SER I 615 33.44 44.43 -27.23
CA SER I 615 34.86 44.53 -27.54
C SER I 615 35.35 43.31 -28.31
N PRO I 616 36.39 43.49 -29.14
CA PRO I 616 37.00 42.34 -29.82
C PRO I 616 37.76 41.41 -28.88
N LEU I 617 38.12 41.86 -27.68
CA LEU I 617 39.05 41.12 -26.82
C LEU I 617 38.51 39.74 -26.47
N GLY I 618 39.31 38.71 -26.75
CA GLY I 618 39.02 37.34 -26.36
C GLY I 618 38.44 36.47 -27.47
N TRP I 619 37.87 37.07 -28.52
CA TRP I 619 37.22 36.32 -29.58
C TRP I 619 38.20 35.59 -30.49
N HIS I 620 39.44 36.08 -30.58
CA HIS I 620 40.38 35.51 -31.54
C HIS I 620 40.76 34.08 -31.18
N LYS I 621 40.64 33.72 -29.90
CA LYS I 621 40.76 32.33 -29.49
C LYS I 621 39.88 31.42 -30.33
N TYR I 622 38.69 31.90 -30.69
CA TYR I 622 37.69 31.07 -31.35
C TYR I 622 37.66 31.23 -32.86
N VAL I 623 38.13 32.35 -33.39
CA VAL I 623 38.09 32.56 -34.84
C VAL I 623 39.43 32.18 -35.48
N GLY I 624 40.54 32.42 -34.80
CA GLY I 624 41.85 32.02 -35.29
C GLY I 624 42.57 33.12 -36.06
N THR I 625 43.64 32.70 -36.71
CA THR I 625 44.47 33.64 -37.48
C THR I 625 43.79 34.04 -38.78
N ALA I 626 43.12 33.09 -39.44
CA ALA I 626 42.44 33.32 -40.71
C ALA I 626 41.01 33.79 -40.54
N GLY I 627 40.51 33.92 -39.31
CA GLY I 627 39.14 34.33 -39.07
C GLY I 627 39.01 35.83 -38.84
N LYS I 628 37.76 36.27 -38.72
CA LYS I 628 37.45 37.68 -38.51
C LYS I 628 36.55 37.85 -37.30
N VAL I 629 36.72 39.00 -36.63
CA VAL I 629 35.87 39.40 -35.51
C VAL I 629 35.19 40.71 -35.88
N ILE I 630 33.87 40.69 -35.93
CA ILE I 630 33.05 41.85 -36.27
C ILE I 630 32.49 42.38 -34.96
N ALA I 631 33.11 43.43 -34.44
CA ALA I 631 32.83 43.87 -33.08
C ALA I 631 32.79 45.40 -33.07
N ILE I 632 32.90 45.96 -31.87
CA ILE I 632 32.97 47.41 -31.66
C ILE I 632 34.25 47.68 -30.87
N ASP I 633 35.12 48.54 -31.42
CA ASP I 633 36.30 48.98 -30.68
C ASP I 633 36.27 50.48 -30.40
N GLY I 634 35.10 51.09 -30.46
CA GLY I 634 34.92 52.46 -30.01
C GLY I 634 33.77 52.54 -29.01
N PHE I 635 33.56 53.75 -28.50
CA PHE I 635 32.43 53.95 -27.61
C PHE I 635 31.18 54.23 -28.45
N GLY I 636 30.02 54.18 -27.79
CA GLY I 636 28.74 54.27 -28.46
C GLY I 636 28.38 55.69 -28.85
N ALA I 637 27.15 55.82 -29.36
CA ALA I 637 26.61 57.10 -29.82
C ALA I 637 25.23 57.31 -29.25
N SER I 638 24.74 58.55 -29.35
CA SER I 638 23.42 58.92 -28.85
C SER I 638 22.48 59.06 -30.03
N ALA I 639 21.74 57.99 -30.33
CA ALA I 639 20.73 58.01 -31.38
C ALA I 639 19.74 56.90 -31.06
N PRO I 640 18.65 56.79 -31.82
CA PRO I 640 17.78 55.62 -31.67
C PRO I 640 18.56 54.32 -31.87
N GLY I 641 18.14 53.28 -31.14
CA GLY I 641 18.98 52.10 -30.98
C GLY I 641 19.23 51.35 -32.27
N ASP I 642 18.17 51.17 -33.08
CA ASP I 642 18.33 50.49 -34.35
C ASP I 642 19.37 51.18 -35.22
N LEU I 643 19.33 52.51 -35.26
CA LEU I 643 20.29 53.25 -36.08
C LEU I 643 21.71 53.12 -35.55
N VAL I 644 21.88 53.16 -34.22
CA VAL I 644 23.20 52.97 -33.64
C VAL I 644 23.76 51.60 -34.04
N VAL I 645 22.95 50.56 -33.88
CA VAL I 645 23.37 49.20 -34.25
C VAL I 645 23.75 49.15 -35.72
N GLU I 646 22.87 49.66 -36.59
CA GLU I 646 23.14 49.70 -38.02
C GLU I 646 24.47 50.38 -38.32
N LYS I 647 24.62 51.62 -37.86
CA LYS I 647 25.81 52.43 -38.16
C LYS I 647 27.07 51.79 -37.62
N TYR I 648 26.95 50.93 -36.61
CA TYR I 648 28.12 50.23 -36.08
C TYR I 648 28.40 48.92 -36.82
N GLY I 649 27.73 48.69 -37.95
CA GLY I 649 28.05 47.59 -38.84
C GLY I 649 27.27 46.31 -38.63
N PHE I 650 26.26 46.31 -37.76
CA PHE I 650 25.53 45.09 -37.42
C PHE I 650 24.24 44.97 -38.23
N THR I 651 24.45 45.02 -39.54
CA THR I 651 23.43 44.69 -40.53
C THR I 651 23.87 43.43 -41.24
N LYS I 652 22.88 42.63 -41.68
CA LYS I 652 23.19 41.42 -42.43
C LYS I 652 24.07 41.73 -43.64
N GLU I 653 23.91 42.91 -44.22
CA GLU I 653 24.65 43.27 -45.42
C GLU I 653 26.14 43.45 -45.11
N ASN I 654 26.47 44.24 -44.08
CA ASN I 654 27.87 44.42 -43.72
C ASN I 654 28.52 43.09 -43.38
N ILE I 655 27.81 42.23 -42.65
CA ILE I 655 28.35 40.92 -42.27
C ILE I 655 28.63 40.09 -43.52
N LEU I 656 27.69 40.07 -44.45
CA LEU I 656 27.88 39.33 -45.70
C LEU I 656 29.10 39.85 -46.47
N ASN I 657 29.22 41.18 -46.57
CA ASN I 657 30.33 41.79 -47.28
C ASN I 657 31.67 41.40 -46.66
N GLN I 658 31.79 41.54 -45.33
CA GLN I 658 33.04 41.18 -44.67
C GLN I 658 33.32 39.69 -44.76
N VAL I 659 32.26 38.87 -44.76
CA VAL I 659 32.44 37.43 -44.76
C VAL I 659 32.99 36.95 -46.09
N MET I 660 32.43 37.45 -47.20
CA MET I 660 32.92 37.00 -48.50
C MET I 660 34.16 37.74 -48.97
N SER I 661 34.59 38.78 -48.25
CA SER I 661 35.87 39.42 -48.56
C SER I 661 37.06 38.66 -48.00
N LEU I 662 36.83 37.61 -47.21
CA LEU I 662 37.90 36.97 -46.46
C LEU I 662 38.74 36.04 -47.35
N GLU I 663 39.93 35.73 -46.86
CA GLU I 663 40.96 34.99 -47.59
C GLU I 663 41.43 35.78 -48.81
N MET J 1 14.48 93.13 -8.31
CA MET J 1 15.57 92.22 -8.64
C MET J 1 15.06 90.99 -9.38
N PHE J 2 13.85 90.56 -9.07
CA PHE J 2 13.24 89.41 -9.75
C PHE J 2 11.88 89.82 -10.31
N ASN J 3 11.88 90.09 -11.62
CA ASN J 3 10.72 90.55 -12.35
C ASN J 3 9.85 89.38 -12.78
N GLU J 4 8.73 89.69 -13.43
CA GLU J 4 7.99 88.70 -14.18
C GLU J 4 8.74 88.26 -15.42
N LYS J 5 9.74 89.04 -15.82
CA LYS J 5 10.61 88.65 -16.92
C LYS J 5 11.44 87.44 -16.56
N ASP J 6 11.94 87.40 -15.31
CA ASP J 6 12.72 86.26 -14.86
C ASP J 6 11.86 85.01 -14.76
N GLN J 7 10.59 85.17 -14.36
CA GLN J 7 9.68 84.04 -14.39
C GLN J 7 9.45 83.56 -15.82
N LEU J 8 9.30 84.51 -16.75
CA LEU J 8 9.14 84.14 -18.15
C LEU J 8 10.35 83.37 -18.65
N ALA J 9 11.55 83.79 -18.25
CA ALA J 9 12.76 83.10 -18.68
C ALA J 9 12.82 81.69 -18.13
N VAL J 10 12.55 81.53 -16.82
CA VAL J 10 12.53 80.21 -16.21
C VAL J 10 11.55 79.29 -16.95
N ASP J 11 10.35 79.79 -17.22
CA ASP J 11 9.34 78.97 -17.88
C ASP J 11 9.71 78.68 -19.33
N THR J 12 10.37 79.63 -19.99
CA THR J 12 10.91 79.35 -21.32
C THR J 12 11.87 78.19 -21.28
N LEU J 13 12.74 78.14 -20.26
CA LEU J 13 13.69 77.04 -20.15
C LEU J 13 12.98 75.71 -19.94
N ARG J 14 11.99 75.69 -19.05
CA ARG J 14 11.19 74.48 -18.85
C ARG J 14 10.56 74.01 -20.16
N ALA J 15 9.91 74.93 -20.89
CA ALA J 15 9.22 74.55 -22.12
C ALA J 15 10.19 74.13 -23.21
N LEU J 16 11.37 74.77 -23.28
CA LEU J 16 12.39 74.37 -24.24
C LEU J 16 12.82 72.92 -24.01
N SER J 17 13.09 72.58 -22.74
CA SER J 17 13.47 71.20 -22.44
C SER J 17 12.34 70.23 -22.78
N ILE J 18 11.10 70.61 -22.44
CA ILE J 18 9.95 69.77 -22.75
C ILE J 18 9.86 69.50 -24.24
N ASP J 19 10.07 70.54 -25.06
CA ASP J 19 9.89 70.38 -26.50
C ASP J 19 11.02 69.59 -27.14
N THR J 20 12.25 69.76 -26.66
CA THR J 20 13.34 68.89 -27.11
C THR J 20 13.00 67.43 -26.82
N ILE J 21 12.59 67.14 -25.58
CA ILE J 21 12.28 65.75 -25.22
C ILE J 21 11.10 65.23 -26.02
N GLU J 22 10.14 66.10 -26.35
CA GLU J 22 8.95 65.67 -27.08
C GLU J 22 9.27 65.36 -28.54
N LYS J 23 10.13 66.17 -29.17
CA LYS J 23 10.55 65.85 -30.53
C LYS J 23 11.41 64.60 -30.56
N ALA J 24 12.23 64.38 -29.52
CA ALA J 24 13.03 63.17 -29.47
C ALA J 24 12.23 61.94 -29.05
N ASN J 25 11.04 62.15 -28.45
CA ASN J 25 10.29 61.07 -27.81
C ASN J 25 11.18 60.25 -26.90
N SER J 26 12.09 60.94 -26.21
CA SER J 26 13.13 60.34 -25.39
C SER J 26 13.73 61.45 -24.54
N GLY J 27 13.93 61.19 -23.26
CA GLY J 27 14.53 62.18 -22.39
C GLY J 27 13.94 62.25 -21.01
N HIS J 28 14.46 63.14 -20.18
CA HIS J 28 14.10 63.24 -18.78
C HIS J 28 13.49 64.61 -18.49
N PRO J 29 12.17 64.71 -18.33
CA PRO J 29 11.55 66.04 -18.18
C PRO J 29 11.51 66.55 -16.74
N GLY J 30 11.40 65.61 -15.79
CA GLY J 30 11.11 65.99 -14.41
C GLY J 30 12.19 66.87 -13.80
N LEU J 31 13.45 66.47 -13.94
CA LEU J 31 14.54 67.28 -13.38
C LEU J 31 14.62 68.66 -14.03
N PRO J 32 14.55 68.81 -15.37
CA PRO J 32 14.48 70.17 -15.92
C PRO J 32 13.37 71.00 -15.32
N MET J 33 12.13 70.50 -15.28
CA MET J 33 11.04 71.32 -14.75
C MET J 33 11.31 71.72 -13.31
N GLY J 34 11.78 70.78 -12.48
CA GLY J 34 11.93 71.07 -11.07
C GLY J 34 13.10 71.98 -10.76
N ALA J 35 14.20 71.81 -11.49
CA ALA J 35 15.46 72.47 -11.16
C ALA J 35 15.75 73.68 -12.05
N ALA J 36 14.87 74.02 -12.99
CA ALA J 36 15.10 75.20 -13.80
C ALA J 36 15.30 76.50 -13.01
N PRO J 37 14.58 76.77 -11.91
CA PRO J 37 14.78 78.09 -11.26
C PRO J 37 16.14 78.25 -10.59
N MET J 38 16.61 77.23 -9.89
CA MET J 38 17.92 77.34 -9.25
C MET J 38 19.02 77.42 -10.31
N ALA J 39 18.82 76.72 -11.43
CA ALA J 39 19.76 76.84 -12.54
C ALA J 39 19.76 78.24 -13.12
N TYR J 40 18.57 78.81 -13.34
CA TYR J 40 18.47 80.17 -13.85
C TYR J 40 19.15 81.15 -12.90
N THR J 41 18.92 81.01 -11.59
CA THR J 41 19.53 81.93 -10.64
C THR J 41 21.05 81.84 -10.66
N LEU J 42 21.59 80.62 -10.59
CA LEU J 42 23.03 80.45 -10.60
C LEU J 42 23.64 80.94 -11.91
N TRP J 43 23.05 80.55 -13.04
CA TRP J 43 23.53 80.92 -14.36
C TRP J 43 23.50 82.44 -14.56
N THR J 44 22.35 83.05 -14.30
CA THR J 44 22.11 84.45 -14.65
C THR J 44 22.79 85.40 -13.70
N ARG J 45 22.74 85.12 -12.39
CA ARG J 45 23.12 86.10 -11.39
C ARG J 45 24.47 85.86 -10.73
N HIS J 46 25.04 84.65 -10.86
CA HIS J 46 26.25 84.31 -10.12
C HIS J 46 27.40 83.80 -10.97
N LEU J 47 27.14 83.26 -12.15
CA LEU J 47 28.15 82.51 -12.88
C LEU J 47 29.02 83.47 -13.70
N ASN J 48 30.29 83.59 -13.31
CA ASN J 48 31.30 84.24 -14.14
C ASN J 48 31.76 83.22 -15.18
N PHE J 49 30.92 83.04 -16.19
CA PHE J 49 31.16 82.02 -17.21
C PHE J 49 30.55 82.48 -18.52
N ASN J 50 31.35 82.43 -19.59
CA ASN J 50 30.88 82.71 -20.94
C ASN J 50 31.03 81.45 -21.78
N PRO J 51 29.92 80.86 -22.23
CA PRO J 51 30.03 79.59 -22.99
C PRO J 51 30.67 79.75 -24.35
N GLN J 52 30.72 80.98 -24.90
CA GLN J 52 31.37 81.19 -26.18
C GLN J 52 32.89 81.19 -26.04
N SER J 53 33.42 81.82 -24.99
CA SER J 53 34.82 81.66 -24.60
C SER J 53 34.93 80.54 -23.58
N LYS J 54 34.63 79.33 -24.05
CA LYS J 54 34.49 78.17 -23.17
C LYS J 54 35.78 77.85 -22.42
N ASP J 55 36.92 78.30 -22.92
CA ASP J 55 38.22 77.92 -22.36
C ASP J 55 38.82 79.01 -21.49
N TYR J 56 38.02 79.98 -21.03
CA TYR J 56 38.50 80.97 -20.08
C TYR J 56 38.95 80.27 -18.80
N PHE J 57 40.26 80.37 -18.50
CA PHE J 57 40.84 79.52 -17.46
C PHE J 57 40.25 79.81 -16.09
N ASN J 58 40.06 81.10 -15.76
CA ASN J 58 39.51 81.48 -14.47
C ASN J 58 37.98 81.51 -14.47
N ARG J 59 37.35 80.80 -15.39
CA ARG J 59 35.90 80.73 -15.39
C ARG J 59 35.40 79.89 -14.22
N ASP J 60 34.22 80.24 -13.73
CA ASP J 60 33.50 79.38 -12.80
C ASP J 60 33.16 78.06 -13.50
N ARG J 61 33.59 76.95 -12.92
CA ARG J 61 33.29 75.63 -13.45
C ARG J 61 31.93 75.19 -12.95
N PHE J 62 31.08 74.76 -13.88
CA PHE J 62 29.75 74.26 -13.55
C PHE J 62 29.62 72.84 -14.06
N VAL J 63 29.12 71.95 -13.21
CA VAL J 63 28.91 70.54 -13.54
C VAL J 63 27.47 70.17 -13.26
N LEU J 64 26.88 69.41 -14.18
CA LEU J 64 25.57 68.81 -13.98
C LEU J 64 25.84 67.32 -13.74
N SER J 65 26.01 66.95 -12.46
CA SER J 65 26.19 65.54 -12.10
C SER J 65 25.00 64.70 -12.56
N ALA J 66 23.81 65.26 -12.47
CA ALA J 66 22.60 64.59 -12.96
C ALA J 66 22.49 64.80 -14.47
N GLY J 67 23.34 64.07 -15.20
CA GLY J 67 23.41 64.15 -16.64
C GLY J 67 22.07 63.97 -17.33
N HIS J 68 21.15 63.25 -16.70
CA HIS J 68 19.84 63.03 -17.30
C HIS J 68 19.05 64.33 -17.42
N GLY J 69 19.42 65.37 -16.67
CA GLY J 69 18.84 66.68 -16.85
C GLY J 69 19.40 67.44 -18.03
N SER J 70 20.07 66.72 -18.94
CA SER J 70 20.80 67.31 -20.05
C SER J 70 20.03 68.45 -20.73
N ALA J 71 18.75 68.23 -20.99
CA ALA J 71 17.95 69.20 -21.73
C ALA J 71 18.07 70.61 -21.11
N LEU J 72 17.89 70.70 -19.79
CA LEU J 72 18.01 72.00 -19.13
C LEU J 72 19.34 72.65 -19.46
N LEU J 73 20.45 71.92 -19.26
CA LEU J 73 21.76 72.43 -19.64
C LEU J 73 21.76 72.93 -21.08
N TYR J 74 21.28 72.10 -22.00
CA TYR J 74 21.24 72.50 -23.40
C TYR J 74 20.44 73.78 -23.58
N SER J 75 19.27 73.86 -22.91
CA SER J 75 18.48 75.08 -22.97
C SER J 75 19.32 76.27 -22.55
N LEU J 76 20.00 76.16 -21.40
CA LEU J 76 20.88 77.23 -20.96
C LEU J 76 21.89 77.56 -22.05
N LEU J 77 22.56 76.52 -22.58
CA LEU J 77 23.59 76.76 -23.58
C LEU J 77 23.01 77.36 -24.85
N HIS J 78 21.70 77.22 -25.08
CA HIS J 78 21.12 77.88 -26.25
C HIS J 78 20.79 79.33 -25.96
N VAL J 79 20.29 79.64 -24.75
CA VAL J 79 19.94 81.03 -24.47
C VAL J 79 21.15 81.86 -24.11
N SER J 80 22.32 81.22 -23.99
CA SER J 80 23.58 81.88 -23.69
C SER J 80 24.44 82.12 -24.92
N GLY J 81 24.09 81.51 -26.06
CA GLY J 81 24.61 81.92 -27.34
C GLY J 81 25.58 80.97 -28.03
N SER J 82 25.77 79.75 -27.52
CA SER J 82 26.76 78.85 -28.10
C SER J 82 26.15 77.60 -28.72
N LEU J 83 24.89 77.30 -28.45
CA LEU J 83 24.24 76.08 -28.94
C LEU J 83 23.06 76.46 -29.82
N GLU J 84 22.98 75.82 -30.98
CA GLU J 84 21.97 76.16 -31.97
C GLU J 84 20.62 75.56 -31.60
N LEU J 85 19.55 76.28 -32.01
CA LEU J 85 18.20 75.78 -31.77
C LEU J 85 17.95 74.49 -32.54
N GLU J 86 18.55 74.35 -33.73
CA GLU J 86 18.35 73.14 -34.52
C GLU J 86 19.02 71.93 -33.85
N GLU J 87 20.15 72.15 -33.18
CA GLU J 87 20.77 71.06 -32.44
C GLU J 87 19.89 70.62 -31.28
N LEU J 88 19.25 71.58 -30.60
CA LEU J 88 18.22 71.21 -29.62
C LEU J 88 17.11 70.41 -30.26
N LYS J 89 16.75 70.76 -31.50
CA LYS J 89 15.77 69.98 -32.25
C LYS J 89 16.30 68.64 -32.70
N GLN J 90 17.60 68.37 -32.51
CA GLN J 90 18.19 67.07 -32.79
C GLN J 90 18.62 66.34 -31.52
N PHE J 91 17.92 66.61 -30.42
CA PHE J 91 18.24 65.98 -29.13
C PHE J 91 18.21 64.47 -29.26
N ARG J 92 19.24 63.82 -28.69
CA ARG J 92 19.34 62.35 -28.66
C ARG J 92 19.26 61.74 -30.06
N GLN J 93 19.65 62.49 -31.07
CA GLN J 93 19.67 62.05 -32.47
C GLN J 93 21.11 61.84 -32.93
N TRP J 94 21.25 61.20 -34.09
CA TRP J 94 22.56 60.82 -34.60
C TRP J 94 23.38 62.06 -34.97
N GLY J 95 24.67 62.01 -34.63
CA GLY J 95 25.59 63.09 -34.94
C GLY J 95 25.27 64.42 -34.29
N SER J 96 24.39 64.46 -33.29
CA SER J 96 23.99 65.70 -32.66
C SER J 96 25.12 66.33 -31.86
N LYS J 97 25.05 67.65 -31.69
CA LYS J 97 25.79 68.32 -30.64
C LYS J 97 25.05 68.26 -29.31
N THR J 98 23.97 67.49 -29.23
CA THR J 98 23.09 67.45 -28.07
C THR J 98 22.80 66.00 -27.69
N PRO J 99 23.81 65.25 -27.24
CA PRO J 99 23.56 63.87 -26.81
C PRO J 99 22.73 63.81 -25.54
N GLY J 100 22.10 62.65 -25.32
CA GLY J 100 21.17 62.47 -24.22
C GLY J 100 21.76 62.65 -22.84
N HIS J 101 23.08 62.57 -22.72
CA HIS J 101 23.79 62.97 -21.52
C HIS J 101 24.95 63.86 -21.93
N PRO J 102 25.23 64.92 -21.17
CA PRO J 102 26.20 65.92 -21.63
C PRO J 102 27.59 65.33 -21.78
N GLU J 103 28.24 65.65 -22.89
CA GLU J 103 29.52 65.08 -23.26
C GLU J 103 30.57 66.18 -23.40
N TYR J 104 31.69 65.99 -22.73
CA TYR J 104 32.83 66.88 -22.88
C TYR J 104 33.54 66.59 -24.19
N ARG J 105 34.03 67.65 -24.85
CA ARG J 105 34.73 67.65 -26.13
C ARG J 105 33.74 67.54 -27.29
N HIS J 106 32.48 67.17 -27.03
CA HIS J 106 31.45 67.07 -28.06
C HIS J 106 30.64 68.36 -28.19
N THR J 107 30.18 68.90 -27.07
CA THR J 107 29.40 70.13 -27.02
C THR J 107 30.22 71.19 -26.30
N ASP J 108 30.30 72.38 -26.89
CA ASP J 108 30.98 73.49 -26.23
C ASP J 108 30.28 73.85 -24.93
N GLY J 109 31.06 74.04 -23.87
CA GLY J 109 30.55 74.47 -22.59
C GLY J 109 30.32 73.37 -21.58
N VAL J 110 30.46 72.10 -21.98
CA VAL J 110 30.29 70.97 -21.08
C VAL J 110 31.65 70.66 -20.47
N GLU J 111 31.81 70.98 -19.18
CA GLU J 111 33.11 70.80 -18.54
C GLU J 111 33.47 69.32 -18.38
N VAL J 112 32.49 68.48 -18.04
CA VAL J 112 32.74 67.05 -17.84
C VAL J 112 31.58 66.24 -18.38
N THR J 113 31.89 65.03 -18.85
CA THR J 113 30.89 64.07 -19.28
C THR J 113 30.25 63.41 -18.07
N THR J 114 28.94 63.61 -17.90
CA THR J 114 28.19 63.05 -16.79
C THR J 114 27.05 62.18 -17.30
N GLY J 115 26.46 61.41 -16.39
CA GLY J 115 25.49 60.39 -16.73
C GLY J 115 25.48 59.27 -15.70
N PRO J 116 26.62 58.59 -15.55
CA PRO J 116 26.80 57.68 -14.41
C PRO J 116 26.86 58.47 -13.12
N LEU J 117 25.90 58.23 -12.23
CA LEU J 117 25.62 59.15 -11.14
C LEU J 117 26.73 59.15 -10.09
N GLY J 118 26.85 60.28 -9.40
CA GLY J 118 27.85 60.47 -8.38
C GLY J 118 29.19 60.98 -8.89
N GLN J 119 29.57 60.59 -10.11
CA GLN J 119 30.90 60.96 -10.59
C GLN J 119 31.00 62.45 -10.88
N GLY J 120 29.93 63.08 -11.40
CA GLY J 120 29.96 64.52 -11.60
C GLY J 120 30.31 65.27 -10.34
N PHE J 121 29.75 64.85 -9.20
CA PHE J 121 30.05 65.46 -7.92
C PHE J 121 31.53 65.31 -7.57
N ALA J 122 32.09 64.12 -7.72
CA ALA J 122 33.47 63.88 -7.31
C ALA J 122 34.47 64.55 -8.26
N MET J 123 34.14 64.60 -9.56
CA MET J 123 34.93 65.41 -10.49
C MET J 123 34.84 66.90 -10.16
N SER J 124 33.71 67.37 -9.63
CA SER J 124 33.65 68.76 -9.17
C SER J 124 34.59 68.99 -7.98
N VAL J 125 34.65 68.01 -7.08
CA VAL J 125 35.64 68.05 -5.99
C VAL J 125 37.05 68.13 -6.57
N GLY J 126 37.33 67.34 -7.61
CA GLY J 126 38.64 67.39 -8.23
C GLY J 126 38.94 68.73 -8.88
N LEU J 127 37.93 69.31 -9.54
CA LEU J 127 38.07 70.64 -10.12
C LEU J 127 38.44 71.67 -9.05
N ALA J 128 37.72 71.63 -7.91
CA ALA J 128 37.99 72.58 -6.83
C ALA J 128 39.39 72.36 -6.26
N LEU J 129 39.80 71.10 -6.13
CA LEU J 129 41.15 70.79 -5.71
C LEU J 129 42.18 71.40 -6.64
N ALA J 130 41.96 71.26 -7.95
CA ALA J 130 42.88 71.85 -8.93
C ALA J 130 42.96 73.36 -8.76
N GLU J 131 41.81 74.02 -8.62
CA GLU J 131 41.82 75.46 -8.43
C GLU J 131 42.63 75.83 -7.19
N ASP J 132 42.43 75.10 -6.09
CA ASP J 132 43.16 75.40 -4.86
C ASP J 132 44.67 75.24 -5.05
N HIS J 133 45.09 74.16 -5.73
CA HIS J 133 46.53 73.92 -5.89
C HIS J 133 47.17 74.95 -6.81
N LEU J 134 46.52 75.24 -7.94
CA LEU J 134 47.07 76.22 -8.88
C LEU J 134 47.13 77.61 -8.24
N ALA J 135 46.12 77.96 -7.44
CA ALA J 135 46.15 79.23 -6.73
C ALA J 135 47.28 79.26 -5.71
N GLY J 136 47.47 78.18 -4.96
CA GLY J 136 48.60 78.13 -4.04
C GLY J 136 49.93 78.31 -4.73
N LYS J 137 50.09 77.71 -5.91
CA LYS J 137 51.36 77.82 -6.63
C LYS J 137 51.57 79.21 -7.18
N PHE J 138 50.59 79.74 -7.92
CA PHE J 138 50.83 80.88 -8.80
C PHE J 138 50.33 82.21 -8.27
N ASN J 139 49.44 82.22 -7.29
CA ASN J 139 48.91 83.50 -6.82
C ASN J 139 49.96 84.27 -6.03
N LYS J 140 50.10 85.56 -6.36
CA LYS J 140 50.99 86.47 -5.67
C LYS J 140 50.15 87.66 -5.20
N GLU J 141 50.78 88.55 -4.43
CA GLU J 141 50.06 89.67 -3.84
C GLU J 141 49.55 90.62 -4.93
N GLY J 142 48.23 90.83 -4.95
CA GLY J 142 47.58 91.59 -6.00
C GLY J 142 47.42 90.86 -7.31
N TYR J 143 47.77 89.57 -7.37
CA TYR J 143 47.72 88.76 -8.59
C TYR J 143 46.95 87.48 -8.29
N ASN J 144 45.62 87.58 -8.20
CA ASN J 144 44.76 86.40 -8.07
C ASN J 144 44.49 85.83 -9.46
N VAL J 145 45.53 85.21 -10.03
CA VAL J 145 45.43 84.63 -11.35
C VAL J 145 44.61 83.34 -11.35
N VAL J 146 44.34 82.77 -10.18
CA VAL J 146 43.47 81.61 -10.03
C VAL J 146 42.49 81.93 -8.91
N ASP J 147 41.26 82.32 -9.27
CA ASP J 147 40.25 82.72 -8.30
C ASP J 147 38.89 82.51 -8.95
N HIS J 148 38.33 81.31 -8.79
CA HIS J 148 37.02 81.03 -9.35
C HIS J 148 36.35 79.93 -8.53
N TYR J 149 35.07 79.74 -8.78
CA TYR J 149 34.22 78.85 -8.00
C TYR J 149 33.91 77.57 -8.79
N THR J 150 33.44 76.56 -8.06
CA THR J 150 33.03 75.29 -8.63
C THR J 150 31.63 74.97 -8.12
N TYR J 151 30.67 74.92 -9.04
CA TYR J 151 29.27 74.63 -8.73
C TYR J 151 28.86 73.33 -9.38
N VAL J 152 28.11 72.52 -8.64
CA VAL J 152 27.62 71.25 -9.17
C VAL J 152 26.14 71.08 -8.80
N LEU J 153 25.35 70.64 -9.77
CA LEU J 153 23.92 70.39 -9.58
C LEU J 153 23.71 68.88 -9.46
N ALA J 154 23.21 68.44 -8.30
CA ALA J 154 23.16 67.02 -7.97
C ALA J 154 21.72 66.57 -7.71
N SER J 155 21.49 65.28 -7.96
CA SER J 155 20.21 64.61 -7.74
C SER J 155 20.28 63.75 -6.48
N ASP J 156 19.19 63.03 -6.19
CA ASP J 156 19.18 62.14 -5.03
C ASP J 156 20.11 60.95 -5.25
N GLY J 157 20.03 60.32 -6.43
CA GLY J 157 20.94 59.22 -6.75
C GLY J 157 22.40 59.62 -6.73
N ASP J 158 22.70 60.93 -6.87
CA ASP J 158 24.07 61.38 -6.74
C ASP J 158 24.58 61.22 -5.32
N LEU J 159 23.72 61.45 -4.33
CA LEU J 159 24.13 61.32 -2.93
C LEU J 159 23.87 59.94 -2.37
N MET J 160 23.12 59.10 -3.08
CA MET J 160 22.96 57.70 -2.70
C MET J 160 24.17 56.86 -3.07
N GLU J 161 25.07 57.38 -3.89
CA GLU J 161 26.28 56.67 -4.30
C GLU J 161 27.39 56.92 -3.30
N GLY J 162 28.17 55.87 -3.01
CA GLY J 162 29.23 55.99 -2.01
C GLY J 162 30.32 56.97 -2.40
N ILE J 163 30.53 57.14 -3.70
CA ILE J 163 31.56 58.07 -4.17
C ILE J 163 31.25 59.48 -3.70
N SER J 164 29.98 59.82 -3.56
CA SER J 164 29.60 61.11 -3.01
C SER J 164 30.10 61.25 -1.58
N HIS J 165 29.91 60.22 -0.76
CA HIS J 165 30.40 60.24 0.61
C HIS J 165 31.92 60.43 0.64
N GLU J 166 32.64 59.68 -0.20
CA GLU J 166 34.10 59.77 -0.23
C GLU J 166 34.57 61.16 -0.63
N ALA J 167 34.02 61.69 -1.73
CA ALA J 167 34.43 63.00 -2.22
C ALA J 167 34.05 64.09 -1.22
N ALA J 168 32.88 63.97 -0.60
CA ALA J 168 32.47 64.99 0.36
C ALA J 168 33.38 64.99 1.58
N SER J 169 33.79 63.79 2.05
CA SER J 169 34.72 63.74 3.17
C SER J 169 36.06 64.35 2.80
N PHE J 170 36.58 64.05 1.60
CA PHE J 170 37.82 64.67 1.17
C PHE J 170 37.68 66.19 1.07
N ALA J 171 36.54 66.66 0.56
CA ALA J 171 36.37 68.11 0.36
C ALA J 171 36.20 68.84 1.68
N GLY J 172 35.39 68.30 2.59
CA GLY J 172 35.23 68.93 3.88
C GLY J 172 36.48 68.84 4.73
N HIS J 173 37.28 67.79 4.55
CA HIS J 173 38.51 67.67 5.32
C HIS J 173 39.53 68.71 4.88
N ASN J 174 39.65 68.95 3.58
CA ASN J 174 40.63 69.90 3.07
C ASN J 174 40.05 71.31 2.91
N LYS J 175 38.80 71.52 3.33
CA LYS J 175 38.16 72.83 3.34
C LYS J 175 38.17 73.48 1.94
N LEU J 176 37.48 72.81 1.01
CA LEU J 176 37.30 73.35 -0.34
C LEU J 176 36.13 74.33 -0.28
N SER J 177 36.43 75.55 0.13
CA SER J 177 35.38 76.51 0.45
C SER J 177 34.69 77.07 -0.79
N LYS J 178 35.35 77.04 -1.95
CA LYS J 178 34.77 77.55 -3.18
C LYS J 178 33.93 76.51 -3.91
N LEU J 179 33.58 75.42 -3.24
CA LEU J 179 32.75 74.36 -3.83
C LEU J 179 31.32 74.52 -3.31
N VAL J 180 30.37 74.66 -4.24
CA VAL J 180 28.97 74.81 -3.90
C VAL J 180 28.16 73.77 -4.66
N VAL J 181 27.38 73.00 -3.93
CA VAL J 181 26.49 72.00 -4.48
C VAL J 181 25.07 72.52 -4.34
N LEU J 182 24.32 72.49 -5.44
CA LEU J 182 22.88 72.69 -5.41
C LEU J 182 22.23 71.31 -5.52
N TYR J 183 21.53 70.90 -4.47
CA TYR J 183 20.96 69.56 -4.36
C TYR J 183 19.46 69.64 -4.64
N ASP J 184 19.04 69.06 -5.76
CA ASP J 184 17.63 69.03 -6.15
C ASP J 184 16.96 67.87 -5.44
N SER J 185 16.36 68.15 -4.28
CA SER J 185 15.69 67.12 -3.50
C SER J 185 14.21 67.10 -3.87
N ASN J 186 13.82 66.10 -4.66
CA ASN J 186 12.45 65.94 -5.13
C ASN J 186 11.73 64.78 -4.45
N ASP J 187 12.40 64.08 -3.54
CA ASP J 187 11.81 62.97 -2.77
C ASP J 187 11.26 61.88 -3.68
N ILE J 188 11.83 61.77 -4.88
CA ILE J 188 11.42 60.79 -5.88
C ILE J 188 12.68 60.22 -6.53
N SER J 189 12.64 58.93 -6.85
CA SER J 189 13.69 58.27 -7.62
C SER J 189 13.09 57.74 -8.93
N LEU J 190 13.91 57.00 -9.68
CA LEU J 190 13.39 56.37 -10.90
C LEU J 190 12.31 55.35 -10.57
N ASP J 191 12.59 54.48 -9.59
CA ASP J 191 11.68 53.38 -9.29
C ASP J 191 10.46 53.80 -8.49
N GLY J 192 10.51 54.94 -7.81
CA GLY J 192 9.35 55.42 -7.07
C GLY J 192 9.66 56.54 -6.10
N GLU J 193 9.15 56.41 -4.88
CA GLU J 193 9.40 57.40 -3.84
C GLU J 193 10.76 57.16 -3.19
N LEU J 194 11.41 58.26 -2.80
CA LEU J 194 12.72 58.16 -2.18
C LEU J 194 12.65 57.48 -0.82
N ASN J 195 11.49 57.54 -0.16
CA ASN J 195 11.33 56.91 1.15
C ASN J 195 11.30 55.39 1.07
N LYS J 196 11.30 54.81 -0.12
CA LYS J 196 11.29 53.35 -0.25
C LYS J 196 12.68 52.75 -0.03
N ALA J 197 13.72 53.58 -0.01
CA ALA J 197 15.06 53.09 0.25
C ALA J 197 16.00 54.15 0.82
N PHE J 198 15.54 55.39 1.01
CA PHE J 198 16.41 56.49 1.40
C PHE J 198 15.66 57.37 2.39
N SER J 199 16.21 57.47 3.61
CA SER J 199 15.63 58.30 4.66
C SER J 199 16.70 59.10 5.39
N GLU J 200 17.82 59.38 4.70
CA GLU J 200 18.92 60.09 5.31
C GLU J 200 18.53 61.52 5.67
N ASN J 201 19.11 62.01 6.75
CA ASN J 201 19.17 63.45 6.97
C ASN J 201 20.46 63.92 6.32
N THR J 202 20.33 64.55 5.14
CA THR J 202 21.51 65.00 4.42
C THR J 202 22.28 66.05 5.21
N LYS J 203 21.58 66.78 6.10
CA LYS J 203 22.20 67.91 6.80
C LYS J 203 23.25 67.43 7.80
N ALA J 204 22.91 66.51 8.71
CA ALA J 204 23.91 66.07 9.67
C ALA J 204 25.01 65.25 9.01
N ARG J 205 24.68 64.53 7.93
CA ARG J 205 25.71 63.84 7.17
C ARG J 205 26.77 64.82 6.67
N PHE J 206 26.34 65.82 5.89
CA PHE J 206 27.30 66.75 5.31
C PHE J 206 27.95 67.61 6.39
N GLU J 207 27.22 67.91 7.47
CA GLU J 207 27.82 68.64 8.58
C GLU J 207 28.85 67.78 9.32
N ALA J 208 28.71 66.46 9.28
CA ALA J 208 29.72 65.58 9.85
C ALA J 208 30.95 65.55 8.96
N TYR J 209 30.77 65.65 7.65
CA TYR J 209 31.91 65.79 6.77
C TYR J 209 32.70 67.09 7.03
N GLY J 210 32.05 68.10 7.58
CA GLY J 210 32.63 69.43 7.66
C GLY J 210 32.09 70.40 6.64
N TRP J 211 30.93 70.13 6.07
CA TRP J 211 30.30 70.97 5.07
C TRP J 211 29.33 71.95 5.72
N ASN J 212 29.16 73.10 5.06
CA ASN J 212 28.07 74.00 5.39
C ASN J 212 26.81 73.53 4.69
N TYR J 213 25.67 73.63 5.37
CA TYR J 213 24.40 73.19 4.84
C TYR J 213 23.43 74.38 4.79
N LEU J 214 22.61 74.42 3.75
CA LEU J 214 21.53 75.41 3.63
C LEU J 214 20.31 74.75 3.03
N LEU J 215 19.14 75.09 3.56
CA LEU J 215 17.87 74.53 3.12
C LEU J 215 17.04 75.62 2.44
N VAL J 216 16.77 75.44 1.16
CA VAL J 216 15.85 76.28 0.41
C VAL J 216 14.54 75.52 0.34
N LYS J 217 13.50 76.04 1.00
CA LYS J 217 12.24 75.29 1.11
C LYS J 217 11.41 75.41 -0.15
N ASP J 218 11.44 76.56 -0.82
CA ASP J 218 10.71 76.76 -2.07
C ASP J 218 11.70 76.74 -3.22
N GLY J 219 11.67 75.67 -4.01
CA GLY J 219 12.52 75.56 -5.18
C GLY J 219 12.17 76.54 -6.29
N ASN J 220 11.04 77.23 -6.19
CA ASN J 220 10.63 78.21 -7.18
C ASN J 220 10.84 79.65 -6.72
N ASP J 221 11.44 79.86 -5.56
CA ASP J 221 11.71 81.20 -5.06
C ASP J 221 13.13 81.60 -5.46
N LEU J 222 13.23 82.50 -6.43
CA LEU J 222 14.54 82.92 -6.92
C LEU J 222 15.30 83.72 -5.87
N GLU J 223 14.59 84.44 -5.02
CA GLU J 223 15.24 85.22 -3.96
C GLU J 223 15.92 84.30 -2.95
N GLU J 224 15.23 83.24 -2.53
CA GLU J 224 15.80 82.30 -1.57
C GLU J 224 17.03 81.61 -2.13
N ILE J 225 16.95 81.17 -3.39
CA ILE J 225 18.09 80.52 -4.05
C ILE J 225 19.26 81.48 -4.16
N ASP J 226 19.01 82.72 -4.57
CA ASP J 226 20.07 83.71 -4.68
C ASP J 226 20.74 83.95 -3.33
N LYS J 227 19.94 84.08 -2.27
CA LYS J 227 20.48 84.29 -0.94
C LYS J 227 21.37 83.12 -0.53
N ALA J 228 20.89 81.89 -0.78
CA ALA J 228 21.68 80.71 -0.43
C ALA J 228 23.01 80.69 -1.17
N ILE J 229 23.00 81.01 -2.47
CA ILE J 229 24.24 81.00 -3.24
C ILE J 229 25.23 82.02 -2.70
N THR J 230 24.76 83.25 -2.42
CA THR J 230 25.66 84.27 -1.88
C THR J 230 26.26 83.84 -0.55
N THR J 231 25.41 83.33 0.36
CA THR J 231 25.91 82.88 1.66
C THR J 231 26.93 81.77 1.51
N ALA J 232 26.68 80.83 0.59
CA ALA J 232 27.61 79.72 0.40
C ALA J 232 28.93 80.21 -0.17
N LYS J 233 28.89 81.21 -1.04
CA LYS J 233 30.12 81.79 -1.57
C LYS J 233 30.94 82.44 -0.46
N SER J 234 30.27 83.05 0.52
CA SER J 234 31.03 83.72 1.58
C SER J 234 31.65 82.73 2.58
N GLN J 235 31.03 81.57 2.79
CA GLN J 235 31.43 80.68 3.88
C GLN J 235 32.75 79.97 3.57
N GLU J 236 33.41 79.54 4.65
CA GLU J 236 34.78 79.02 4.59
C GLU J 236 34.85 77.50 4.62
N GLY J 237 33.75 76.82 4.34
CA GLY J 237 33.78 75.40 4.07
C GLY J 237 33.05 75.10 2.79
N PRO J 238 33.19 73.87 2.28
CA PRO J 238 32.31 73.42 1.19
C PRO J 238 30.87 73.53 1.63
N THR J 239 29.98 73.80 0.67
CA THR J 239 28.59 74.04 1.00
C THR J 239 27.68 73.32 0.03
N ILE J 240 26.61 72.73 0.58
CA ILE J 240 25.56 72.08 -0.19
C ILE J 240 24.23 72.72 0.17
N ILE J 241 23.45 73.08 -0.84
CA ILE J 241 22.15 73.70 -0.65
C ILE J 241 21.08 72.71 -1.10
N GLU J 242 20.26 72.26 -0.15
CA GLU J 242 19.12 71.40 -0.46
C GLU J 242 17.99 72.30 -0.93
N VAL J 243 17.73 72.29 -2.23
CA VAL J 243 16.62 73.02 -2.82
C VAL J 243 15.47 72.04 -2.99
N LYS J 244 14.46 72.15 -2.13
CA LYS J 244 13.32 71.25 -2.18
C LYS J 244 12.41 71.63 -3.34
N THR J 245 12.21 70.70 -4.27
CA THR J 245 11.44 70.95 -5.47
C THR J 245 10.46 69.81 -5.71
N THR J 246 9.44 70.10 -6.51
CA THR J 246 8.52 69.10 -7.02
C THR J 246 9.00 68.68 -8.40
N ILE J 247 9.27 67.39 -8.58
CA ILE J 247 9.73 66.88 -9.86
C ILE J 247 8.62 67.05 -10.89
N GLY J 248 8.99 67.51 -12.08
CA GLY J 248 8.00 67.78 -13.11
C GLY J 248 6.99 68.84 -12.74
N PHE J 249 7.45 69.90 -12.07
CA PHE J 249 6.55 70.97 -11.63
C PHE J 249 5.78 71.58 -12.79
N GLY J 250 4.48 71.78 -12.59
CA GLY J 250 3.62 72.37 -13.59
C GLY J 250 2.75 71.39 -14.34
N SER J 251 3.06 70.09 -14.26
CA SER J 251 2.25 69.07 -14.93
C SER J 251 1.10 68.66 -14.03
N PRO J 252 -0.15 68.76 -14.49
CA PRO J 252 -1.28 68.41 -13.62
C PRO J 252 -1.30 66.95 -13.21
N ASN J 253 -0.99 66.03 -14.12
CA ASN J 253 -1.19 64.61 -13.86
C ASN J 253 0.10 63.83 -13.63
N LYS J 254 1.27 64.42 -13.83
CA LYS J 254 2.52 63.71 -13.64
C LYS J 254 3.47 64.36 -12.64
N ALA J 255 3.12 65.50 -12.08
CA ALA J 255 4.01 66.16 -11.12
C ALA J 255 4.06 65.35 -9.82
N GLY J 256 5.26 65.28 -9.23
CA GLY J 256 5.47 64.52 -8.01
C GLY J 256 5.45 63.02 -8.17
N THR J 257 5.53 62.50 -9.40
CA THR J 257 5.50 61.07 -9.65
C THR J 257 6.79 60.64 -10.36
N ASN J 258 7.12 59.36 -10.23
CA ASN J 258 8.28 58.83 -10.93
C ASN J 258 8.05 58.70 -12.43
N GLY J 259 6.80 58.79 -12.90
CA GLY J 259 6.53 58.70 -14.32
C GLY J 259 7.09 59.88 -15.10
N VAL J 260 7.27 61.02 -14.44
CA VAL J 260 7.81 62.21 -15.11
C VAL J 260 9.34 62.21 -15.14
N HIS J 261 9.97 61.18 -14.59
CA HIS J 261 11.43 61.18 -14.48
C HIS J 261 12.09 61.02 -15.84
N GLY J 262 11.79 59.94 -16.55
CA GLY J 262 12.48 59.62 -17.78
C GLY J 262 11.58 59.23 -18.94
N ALA J 263 10.32 59.66 -18.89
CA ALA J 263 9.40 59.47 -20.00
C ALA J 263 8.86 60.81 -20.46
N PRO J 264 8.78 61.05 -21.77
CA PRO J 264 8.23 62.32 -22.26
C PRO J 264 6.80 62.53 -21.78
N LEU J 265 6.40 63.80 -21.70
CA LEU J 265 5.10 64.14 -21.12
C LEU J 265 3.94 63.67 -22.01
N GLY J 266 4.04 63.93 -23.30
CA GLY J 266 2.93 63.72 -24.21
C GLY J 266 2.28 65.04 -24.58
N GLU J 267 1.60 65.02 -25.74
CA GLU J 267 1.05 66.25 -26.29
C GLU J 267 -0.04 66.83 -25.40
N VAL J 268 -0.98 65.99 -24.96
CA VAL J 268 -2.05 66.46 -24.07
C VAL J 268 -1.46 66.98 -22.76
N GLU J 269 -0.55 66.19 -22.17
CA GLU J 269 0.03 66.57 -20.88
C GLU J 269 0.92 67.80 -21.01
N ARG J 270 1.71 67.88 -22.09
CA ARG J 270 2.51 69.09 -22.28
C ARG J 270 1.62 70.30 -22.57
N LYS J 271 0.49 70.11 -23.24
CA LYS J 271 -0.44 71.22 -23.44
C LYS J 271 -0.95 71.75 -22.11
N LEU J 272 -1.37 70.85 -21.23
CA LEU J 272 -1.83 71.29 -19.92
C LEU J 272 -0.72 71.96 -19.12
N THR J 273 0.50 71.44 -19.22
CA THR J 273 1.64 72.05 -18.53
C THR J 273 1.92 73.46 -19.03
N PHE J 274 1.93 73.63 -20.36
CA PHE J 274 2.17 74.95 -20.95
C PHE J 274 1.08 75.92 -20.54
N GLU J 275 -0.18 75.46 -20.50
CA GLU J 275 -1.25 76.33 -20.03
C GLU J 275 -1.10 76.68 -18.56
N ASN J 276 -0.55 75.76 -17.75
CA ASN J 276 -0.25 76.08 -16.36
C ASN J 276 0.84 77.15 -16.27
N TYR J 277 1.81 77.14 -17.20
CA TYR J 277 2.89 78.13 -17.17
C TYR J 277 2.46 79.51 -17.66
N GLY J 278 1.38 79.60 -18.43
CA GLY J 278 1.03 80.84 -19.10
C GLY J 278 1.60 81.00 -20.48
N LEU J 279 2.23 79.96 -21.02
CA LEU J 279 2.82 79.98 -22.35
C LEU J 279 1.80 79.53 -23.39
N ASP J 280 2.06 79.88 -24.65
CA ASP J 280 1.21 79.42 -25.75
C ASP J 280 1.68 78.05 -26.23
N PRO J 281 0.87 77.00 -26.10
CA PRO J 281 1.33 75.65 -26.51
C PRO J 281 1.52 75.48 -28.00
N GLU J 282 0.88 76.32 -28.83
CA GLU J 282 0.92 76.10 -30.28
C GLU J 282 2.27 76.47 -30.88
N LYS J 283 2.97 77.44 -30.29
CA LYS J 283 4.32 77.76 -30.71
C LYS J 283 5.31 76.80 -30.03
N ARG J 284 6.15 76.16 -30.83
CA ARG J 284 7.13 75.20 -30.34
C ARG J 284 8.54 75.78 -30.46
N PHE J 285 9.41 75.38 -29.55
CA PHE J 285 10.79 75.85 -29.51
C PHE J 285 10.83 77.37 -29.54
N ASN J 286 10.03 77.98 -28.68
CA ASN J 286 9.84 79.42 -28.67
C ASN J 286 10.64 80.04 -27.53
N VAL J 287 11.62 80.87 -27.89
CA VAL J 287 12.34 81.72 -26.94
C VAL J 287 12.10 83.15 -27.34
N SER J 288 11.48 83.93 -26.46
CA SER J 288 11.30 85.36 -26.73
C SER J 288 12.64 86.08 -26.70
N GLU J 289 12.68 87.23 -27.38
CA GLU J 289 13.91 88.02 -27.40
C GLU J 289 14.27 88.51 -26.00
N GLU J 290 13.28 88.64 -25.13
CA GLU J 290 13.51 89.15 -23.78
C GLU J 290 14.39 88.19 -22.97
N VAL J 291 14.23 86.90 -23.20
CA VAL J 291 15.01 85.90 -22.47
C VAL J 291 16.46 85.92 -22.93
N TYR J 292 16.67 85.86 -24.25
CA TYR J 292 18.00 86.03 -24.82
C TYR J 292 18.66 87.28 -24.25
N GLU J 293 17.91 88.40 -24.20
CA GLU J 293 18.46 89.66 -23.74
C GLU J 293 18.84 89.59 -22.27
N ILE J 294 18.00 88.96 -21.44
CA ILE J 294 18.35 88.77 -20.04
C ILE J 294 19.69 88.05 -19.93
N PHE J 295 19.87 86.97 -20.69
CA PHE J 295 21.13 86.23 -20.59
C PHE J 295 22.31 87.03 -21.14
N GLN J 296 22.07 87.91 -22.12
CA GLN J 296 23.15 88.71 -22.67
C GLN J 296 23.59 89.82 -21.71
N ASN J 297 22.63 90.48 -21.06
CA ASN J 297 22.93 91.60 -20.18
C ASN J 297 23.36 91.17 -18.79
N THR J 298 23.15 89.91 -18.42
CA THR J 298 23.62 89.43 -17.13
C THR J 298 24.87 88.59 -17.27
N MET J 299 24.71 87.33 -17.66
CA MET J 299 25.84 86.40 -17.61
C MET J 299 26.92 86.77 -18.64
N LEU J 300 26.50 87.05 -19.88
CA LEU J 300 27.49 87.20 -20.95
C LEU J 300 28.35 88.44 -20.76
N LYS J 301 27.72 89.59 -20.54
CA LYS J 301 28.47 90.83 -20.33
C LYS J 301 29.34 90.75 -19.08
N ARG J 302 28.79 90.20 -18.00
CA ARG J 302 29.57 90.03 -16.77
C ARG J 302 30.80 89.15 -17.02
N ALA J 303 30.62 88.02 -17.71
CA ALA J 303 31.73 87.11 -17.94
C ALA J 303 32.77 87.72 -18.85
N ASN J 304 32.34 88.46 -19.87
CA ASN J 304 33.29 89.11 -20.77
C ASN J 304 34.11 90.14 -20.02
N GLU J 305 33.47 90.92 -19.14
CA GLU J 305 34.24 91.85 -18.31
C GLU J 305 35.21 91.09 -17.42
N ASP J 306 34.75 90.03 -16.77
CA ASP J 306 35.63 89.25 -15.88
C ASP J 306 36.86 88.77 -16.63
N GLU J 307 36.67 88.20 -17.81
CA GLU J 307 37.79 87.68 -18.59
C GLU J 307 38.71 88.79 -19.05
N SER J 308 38.16 89.96 -19.40
CA SER J 308 39.00 91.07 -19.84
C SER J 308 39.88 91.58 -18.71
N GLN J 309 39.30 91.80 -17.53
CA GLN J 309 40.09 92.21 -16.37
C GLN J 309 41.13 91.15 -16.02
N TRP J 310 40.77 89.88 -16.17
CA TRP J 310 41.74 88.81 -15.93
C TRP J 310 42.90 88.89 -16.92
N ASN J 311 42.61 89.20 -18.19
CA ASN J 311 43.68 89.23 -19.19
C ASN J 311 44.62 90.41 -18.95
N SER J 312 44.07 91.56 -18.57
CA SER J 312 44.93 92.68 -18.21
C SER J 312 45.75 92.36 -16.96
N LEU J 313 45.15 91.68 -15.99
CA LEU J 313 45.90 91.25 -14.82
C LEU J 313 47.02 90.31 -15.21
N LEU J 314 46.77 89.40 -16.16
CA LEU J 314 47.82 88.49 -16.60
C LEU J 314 48.92 89.21 -17.35
N GLU J 315 48.58 90.32 -18.02
CA GLU J 315 49.60 91.17 -18.62
C GLU J 315 50.52 91.76 -17.56
N LYS J 316 49.92 92.43 -16.57
CA LYS J 316 50.71 93.01 -15.49
C LYS J 316 51.54 91.94 -14.77
N TYR J 317 50.96 90.74 -14.62
CA TYR J 317 51.61 89.61 -13.97
C TYR J 317 52.81 89.12 -14.77
N ALA J 318 52.66 89.03 -16.09
CA ALA J 318 53.80 88.65 -16.93
C ALA J 318 54.89 89.70 -16.88
N GLU J 319 54.53 90.97 -16.70
CA GLU J 319 55.55 92.00 -16.57
C GLU J 319 56.33 91.84 -15.27
N THR J 320 55.64 91.60 -14.15
CA THR J 320 56.34 91.56 -12.86
C THR J 320 57.05 90.23 -12.63
N TYR J 321 56.41 89.10 -12.95
CA TYR J 321 56.97 87.77 -12.75
C TYR J 321 56.97 87.05 -14.09
N PRO J 322 57.94 87.35 -14.97
CA PRO J 322 57.96 86.73 -16.30
C PRO J 322 57.95 85.21 -16.26
N GLU J 323 59.04 84.63 -15.73
CA GLU J 323 59.20 83.18 -15.67
C GLU J 323 57.94 82.49 -15.16
N LEU J 324 57.36 83.01 -14.08
CA LEU J 324 56.16 82.41 -13.52
C LEU J 324 55.00 82.46 -14.51
N ALA J 325 54.84 83.58 -15.21
CA ALA J 325 53.75 83.69 -16.17
C ALA J 325 53.95 82.73 -17.34
N GLU J 326 55.18 82.54 -17.80
CA GLU J 326 55.38 81.60 -18.90
C GLU J 326 55.15 80.16 -18.45
N GLU J 327 55.56 79.85 -17.22
CA GLU J 327 55.19 78.55 -16.64
C GLU J 327 53.68 78.36 -16.60
N PHE J 328 52.96 79.40 -16.14
CA PHE J 328 51.49 79.36 -16.12
C PHE J 328 50.91 79.12 -17.51
N LYS J 329 51.45 79.81 -18.51
CA LYS J 329 50.96 79.67 -19.88
C LYS J 329 51.17 78.25 -20.39
N LEU J 330 52.39 77.73 -20.24
CA LEU J 330 52.68 76.34 -20.58
C LEU J 330 51.70 75.40 -19.88
N ALA J 331 51.40 75.66 -18.60
CA ALA J 331 50.47 74.82 -17.87
C ALA J 331 49.08 74.85 -18.49
N ILE J 332 48.62 76.04 -18.88
CA ILE J 332 47.29 76.15 -19.47
C ILE J 332 47.23 75.41 -20.81
N SER J 333 48.32 75.46 -21.58
CA SER J 333 48.27 74.82 -22.89
C SER J 333 48.36 73.31 -22.84
N GLY J 334 48.44 72.70 -21.65
CA GLY J 334 48.60 71.27 -21.56
C GLY J 334 49.95 70.76 -22.02
N LYS J 335 50.94 71.64 -22.13
CA LYS J 335 52.26 71.27 -22.64
C LYS J 335 53.20 70.93 -21.49
N LEU J 336 54.26 70.21 -21.84
CA LEU J 336 55.35 69.85 -20.96
C LEU J 336 56.57 70.71 -21.27
N PRO J 337 57.40 71.00 -20.27
CA PRO J 337 58.62 71.76 -20.54
C PRO J 337 59.57 70.98 -21.45
N LYS J 338 60.37 71.71 -22.20
CA LYS J 338 61.23 71.09 -23.19
C LYS J 338 62.38 70.33 -22.53
N ASN J 339 62.75 69.21 -23.14
CA ASN J 339 63.90 68.40 -22.72
C ASN J 339 63.75 67.89 -21.29
N TYR J 340 62.50 67.73 -20.83
CA TYR J 340 62.29 67.22 -19.48
C TYR J 340 62.85 65.81 -19.35
N LYS J 341 62.65 64.97 -20.37
CA LYS J 341 63.16 63.60 -20.34
C LYS J 341 64.66 63.55 -20.13
N ASP J 342 65.38 64.64 -20.39
CA ASP J 342 66.83 64.62 -20.19
C ASP J 342 67.20 64.44 -18.73
N GLU J 343 66.38 64.94 -17.81
CA GLU J 343 66.68 64.79 -16.39
C GLU J 343 66.09 63.52 -15.78
N LEU J 344 65.45 62.68 -16.59
CA LEU J 344 64.81 61.47 -16.09
C LEU J 344 65.84 60.35 -15.96
N PRO J 345 65.61 59.41 -15.04
CA PRO J 345 66.64 58.41 -14.72
C PRO J 345 66.93 57.46 -15.87
N ARG J 346 68.17 56.99 -15.91
CA ARG J 346 68.59 55.90 -16.77
C ARG J 346 69.10 54.78 -15.89
N PHE J 347 68.84 53.54 -16.31
CA PHE J 347 69.23 52.36 -15.54
C PHE J 347 70.13 51.47 -16.37
N GLU J 348 71.07 50.82 -15.68
CA GLU J 348 72.15 50.11 -16.34
C GLU J 348 71.99 48.60 -16.17
N LEU J 349 72.73 47.87 -17.00
CA LEU J 349 72.75 46.41 -16.90
C LEU J 349 73.14 46.00 -15.49
N GLY J 350 72.48 44.97 -14.98
CA GLY J 350 72.76 44.48 -13.65
C GLY J 350 72.09 45.23 -12.53
N HIS J 351 71.36 46.30 -12.83
CA HIS J 351 70.51 46.96 -11.84
C HIS J 351 69.19 46.22 -11.74
N ASN J 352 68.80 45.85 -10.52
CA ASN J 352 67.58 45.08 -10.28
C ASN J 352 66.66 45.93 -9.40
N GLY J 353 65.56 46.37 -9.97
CA GLY J 353 64.66 47.26 -9.26
C GLY J 353 63.23 46.90 -9.56
N ALA J 354 62.38 47.07 -8.56
CA ALA J 354 60.96 46.89 -8.77
C ALA J 354 60.41 48.04 -9.61
N SER J 355 59.45 47.73 -10.47
CA SER J 355 58.83 48.75 -11.31
C SER J 355 58.28 49.90 -10.47
N ARG J 356 57.78 49.61 -9.27
CA ARG J 356 57.29 50.67 -8.40
C ARG J 356 58.44 51.56 -7.91
N ALA J 357 59.57 50.96 -7.54
CA ALA J 357 60.70 51.74 -7.07
C ALA J 357 61.28 52.59 -8.19
N ASP J 358 61.43 52.01 -9.38
CA ASP J 358 61.92 52.78 -10.52
C ASP J 358 60.93 53.88 -10.90
N SER J 359 59.63 53.59 -10.78
CA SER J 359 58.62 54.61 -11.04
C SER J 359 58.74 55.78 -10.07
N GLY J 360 59.03 55.50 -8.80
CA GLY J 360 59.25 56.57 -7.84
C GLY J 360 60.50 57.36 -8.12
N THR J 361 61.57 56.67 -8.52
CA THR J 361 62.77 57.36 -8.99
C THR J 361 62.42 58.31 -10.13
N VAL J 362 61.60 57.87 -11.08
CA VAL J 362 61.19 58.73 -12.19
C VAL J 362 60.34 59.89 -11.68
N ILE J 363 59.44 59.61 -10.72
CA ILE J 363 58.51 60.62 -10.22
C ILE J 363 59.26 61.78 -9.58
N GLN J 364 60.39 61.49 -8.92
CA GLN J 364 61.20 62.57 -8.37
C GLN J 364 61.64 63.54 -9.47
N ALA J 365 62.17 63.00 -10.56
CA ALA J 365 62.63 63.84 -11.67
C ALA J 365 61.46 64.54 -12.35
N ILE J 366 60.30 63.89 -12.44
CA ILE J 366 59.13 64.51 -13.06
C ILE J 366 58.66 65.70 -12.24
N SER J 367 58.64 65.57 -10.91
CA SER J 367 58.30 66.70 -10.07
C SER J 367 59.33 67.82 -10.20
N LYS J 368 60.60 67.45 -10.37
CA LYS J 368 61.63 68.48 -10.54
C LYS J 368 61.46 69.25 -11.83
N THR J 369 61.27 68.56 -12.95
CA THR J 369 61.32 69.19 -14.27
C THR J 369 59.97 69.53 -14.87
N VAL J 370 58.88 68.96 -14.38
CA VAL J 370 57.53 69.24 -14.87
C VAL J 370 56.76 69.88 -13.72
N PRO J 371 56.48 71.18 -13.78
CA PRO J 371 55.77 71.87 -12.69
C PRO J 371 54.25 71.73 -12.73
N SER J 372 53.71 70.95 -13.65
CA SER J 372 52.29 70.65 -13.68
C SER J 372 51.96 69.33 -12.98
N PHE J 373 52.95 68.71 -12.35
CA PHE J 373 52.78 67.40 -11.75
C PHE J 373 52.00 67.52 -10.44
N PHE J 374 50.93 66.75 -10.30
CA PHE J 374 50.11 66.75 -9.10
C PHE J 374 49.51 65.36 -8.93
N GLY J 375 49.61 64.81 -7.72
CA GLY J 375 49.05 63.48 -7.54
C GLY J 375 49.16 63.02 -6.10
N GLY J 376 48.63 61.83 -5.87
CA GLY J 376 48.66 61.23 -4.56
C GLY J 376 48.29 59.76 -4.65
N SER J 377 48.17 59.15 -3.48
CA SER J 377 47.79 57.75 -3.38
C SER J 377 46.55 57.62 -2.50
N ALA J 378 45.91 56.45 -2.60
CA ALA J 378 44.79 56.10 -1.74
C ALA J 378 45.29 55.32 -0.53
N ASP J 379 45.97 56.05 0.36
CA ASP J 379 46.52 55.51 1.60
C ASP J 379 47.57 54.42 1.34
N LEU J 380 48.26 54.47 0.20
CA LEU J 380 49.25 53.45 -0.11
C LEU J 380 50.50 54.06 -0.74
N ALA J 381 50.85 55.30 -0.37
CA ALA J 381 51.95 55.98 -1.03
C ALA J 381 53.28 55.26 -0.83
N GLY J 382 53.57 54.82 0.40
CA GLY J 382 54.81 54.12 0.65
C GLY J 382 54.93 52.82 -0.13
N SER J 383 53.80 52.13 -0.33
CA SER J 383 53.80 50.90 -1.11
C SER J 383 53.79 51.20 -2.60
N ASN J 384 53.09 52.26 -3.02
CA ASN J 384 53.06 52.65 -4.43
C ASN J 384 54.30 53.42 -4.85
N LYS J 385 55.05 53.97 -3.90
CA LYS J 385 56.26 54.76 -4.19
C LYS J 385 55.94 55.98 -5.04
N SER J 386 54.77 56.57 -4.80
CA SER J 386 54.31 57.73 -5.54
C SER J 386 54.67 59.06 -4.88
N ASN J 387 55.19 59.02 -3.66
CA ASN J 387 55.49 60.26 -2.94
C ASN J 387 56.69 60.97 -3.56
N VAL J 388 56.59 62.29 -3.66
CA VAL J 388 57.73 63.14 -4.01
C VAL J 388 58.39 63.56 -2.71
N ASN J 389 59.61 63.08 -2.46
CA ASN J 389 60.24 63.24 -1.16
C ASN J 389 60.74 64.65 -0.90
N ASP J 390 61.00 65.43 -1.95
CA ASP J 390 61.50 66.81 -1.79
C ASP J 390 60.38 67.84 -1.82
N ALA J 391 59.12 67.40 -1.77
CA ALA J 391 57.98 68.31 -1.88
C ALA J 391 57.05 68.13 -0.69
N THR J 392 56.55 69.26 -0.16
CA THR J 392 55.58 69.20 0.91
C THR J 392 54.25 68.66 0.39
N ASP J 393 53.37 68.31 1.33
CA ASP J 393 52.12 67.67 0.98
C ASP J 393 51.00 68.70 0.87
N TYR J 394 50.02 68.39 0.02
CA TYR J 394 48.85 69.26 -0.10
C TYR J 394 48.03 69.20 1.18
N SER J 395 47.58 70.38 1.63
CA SER J 395 46.67 70.50 2.76
C SER J 395 45.90 71.81 2.62
N SER J 396 44.90 71.98 3.51
CA SER J 396 44.17 73.25 3.53
C SER J 396 45.07 74.41 3.92
N GLU J 397 46.15 74.14 4.67
CA GLU J 397 47.10 75.17 5.06
C GLU J 397 48.31 75.24 4.13
N THR J 398 48.48 74.25 3.25
CA THR J 398 49.50 74.27 2.20
C THR J 398 48.88 73.83 0.88
N PRO J 399 48.08 74.71 0.26
CA PRO J 399 47.55 74.37 -1.07
C PRO J 399 48.62 74.25 -2.13
N GLU J 400 49.81 74.79 -1.87
CA GLU J 400 50.94 74.69 -2.79
C GLU J 400 51.62 73.33 -2.76
N GLY J 401 51.26 72.48 -1.79
CA GLY J 401 51.89 71.17 -1.71
C GLY J 401 51.51 70.28 -2.88
N LYS J 402 52.43 69.37 -3.23
CA LYS J 402 52.30 68.56 -4.44
C LYS J 402 51.97 67.10 -4.18
N ASN J 403 51.89 66.68 -2.92
CA ASN J 403 51.54 65.31 -2.56
C ASN J 403 50.17 65.32 -1.88
N VAL J 404 49.21 64.60 -2.47
CA VAL J 404 47.82 64.59 -2.00
C VAL J 404 47.56 63.32 -1.21
N TRP J 405 46.75 63.44 -0.16
CA TRP J 405 46.39 62.33 0.72
C TRP J 405 44.92 62.01 0.51
N PHE J 406 44.64 61.02 -0.34
CA PHE J 406 43.25 60.68 -0.67
C PHE J 406 42.63 59.77 0.37
N GLY J 407 43.41 58.94 1.05
CA GLY J 407 42.86 57.95 1.96
C GLY J 407 42.22 56.80 1.20
N VAL J 408 41.61 55.90 1.95
CA VAL J 408 40.98 54.72 1.36
C VAL J 408 39.73 55.13 0.60
N ARG J 409 39.92 55.80 -0.57
CA ARG J 409 38.85 56.42 -1.35
C ARG J 409 39.20 56.31 -2.84
N GLU J 410 39.27 55.07 -3.35
CA GLU J 410 39.82 54.84 -4.69
C GLU J 410 38.94 55.46 -5.78
N PHE J 411 37.64 55.15 -5.75
CA PHE J 411 36.73 55.64 -6.78
C PHE J 411 36.75 57.15 -6.88
N ALA J 412 36.56 57.83 -5.74
CA ALA J 412 36.62 59.29 -5.73
C ALA J 412 37.98 59.80 -6.16
N MET J 413 39.05 59.03 -5.91
CA MET J 413 40.37 59.44 -6.35
C MET J 413 40.46 59.46 -7.88
N GLY J 414 39.92 58.43 -8.54
CA GLY J 414 39.89 58.45 -9.99
C GLY J 414 39.07 59.61 -10.52
N ALA J 415 37.91 59.84 -9.92
CA ALA J 415 37.07 60.95 -10.35
C ALA J 415 37.78 62.30 -10.15
N ALA J 416 38.57 62.42 -9.07
CA ALA J 416 39.25 63.67 -8.79
C ALA J 416 40.39 63.91 -9.77
N VAL J 417 41.13 62.85 -10.12
CA VAL J 417 42.17 62.98 -11.14
C VAL J 417 41.57 63.36 -12.48
N ASN J 418 40.37 62.83 -12.77
CA ASN J 418 39.66 63.23 -13.99
C ASN J 418 39.29 64.71 -13.95
N GLY J 419 38.75 65.17 -12.83
CA GLY J 419 38.41 66.59 -12.71
C GLY J 419 39.60 67.51 -12.81
N MET J 420 40.75 67.07 -12.30
CA MET J 420 41.98 67.85 -12.41
C MET J 420 42.48 67.89 -13.85
N ALA J 421 42.33 66.78 -14.58
CA ALA J 421 42.63 66.81 -16.01
C ALA J 421 41.69 67.77 -16.74
N ALA J 422 40.40 67.74 -16.40
CA ALA J 422 39.43 68.57 -17.10
C ALA J 422 39.61 70.06 -16.80
N HIS J 423 40.13 70.39 -15.60
CA HIS J 423 40.34 71.78 -15.25
C HIS J 423 41.41 72.45 -16.12
N GLY J 424 42.40 71.69 -16.55
CA GLY J 424 43.55 72.27 -17.23
C GLY J 424 44.58 72.80 -16.27
N GLY J 425 45.84 72.82 -16.72
CA GLY J 425 46.93 73.36 -15.96
C GLY J 425 47.73 72.34 -15.18
N LEU J 426 47.26 71.10 -15.08
CA LEU J 426 47.92 70.09 -14.28
C LEU J 426 48.15 68.83 -15.10
N HIS J 427 49.16 68.06 -14.69
CA HIS J 427 49.37 66.71 -15.17
C HIS J 427 49.08 65.77 -14.01
N PRO J 428 47.85 65.21 -13.92
CA PRO J 428 47.41 64.56 -12.68
C PRO J 428 47.61 63.04 -12.65
N TYR J 429 47.84 62.50 -11.46
CA TYR J 429 47.98 61.06 -11.28
C TYR J 429 47.37 60.64 -9.95
N GLY J 430 46.90 59.40 -9.92
CA GLY J 430 46.44 58.78 -8.68
C GLY J 430 46.95 57.36 -8.61
N ALA J 431 47.20 56.88 -7.40
CA ALA J 431 47.90 55.62 -7.23
C ALA J 431 47.17 54.69 -6.27
N THR J 432 47.19 53.39 -6.59
CA THR J 432 46.66 52.36 -5.71
C THR J 432 47.19 51.00 -6.17
N PHE J 433 46.74 49.94 -5.50
CA PHE J 433 47.07 48.59 -5.90
C PHE J 433 46.26 48.19 -7.12
N PHE J 434 46.90 47.48 -8.06
CA PHE J 434 46.22 47.11 -9.30
C PHE J 434 44.92 46.36 -9.03
N VAL J 435 44.91 45.51 -8.00
CA VAL J 435 43.74 44.73 -7.67
C VAL J 435 42.55 45.63 -7.34
N PHE J 436 42.81 46.79 -6.73
CA PHE J 436 41.75 47.71 -6.38
C PHE J 436 41.47 48.74 -7.46
N SER J 437 42.13 48.62 -8.62
CA SER J 437 41.70 49.39 -9.78
C SER J 437 40.22 49.20 -10.03
N ASP J 438 39.68 48.01 -9.76
CA ASP J 438 38.25 47.75 -9.86
C ASP J 438 37.44 48.85 -9.21
N TYR J 439 37.85 49.27 -8.01
CA TYR J 439 37.09 50.27 -7.25
C TYR J 439 36.89 51.55 -8.05
N LEU J 440 37.90 51.98 -8.80
CA LEU J 440 37.78 53.20 -9.61
C LEU J 440 37.55 52.90 -11.08
N LYS J 441 37.12 51.68 -11.41
CA LYS J 441 36.93 51.32 -12.81
C LYS J 441 35.92 52.20 -13.55
N PRO J 442 34.78 52.60 -12.97
CA PRO J 442 33.90 53.51 -13.71
C PRO J 442 34.59 54.80 -14.12
N ALA J 443 35.27 55.46 -13.19
CA ALA J 443 36.02 56.68 -13.49
C ALA J 443 36.97 56.45 -14.67
N LEU J 444 37.77 55.39 -14.60
CA LEU J 444 38.64 55.01 -15.70
C LEU J 444 37.89 55.04 -17.03
N ARG J 445 36.73 54.38 -17.08
CA ARG J 445 35.94 54.36 -18.32
C ARG J 445 35.66 55.78 -18.79
N LEU J 446 35.12 56.62 -17.89
CA LEU J 446 34.85 58.01 -18.25
C LEU J 446 36.12 58.70 -18.74
N SER J 447 37.25 58.42 -18.08
CA SER J 447 38.51 59.04 -18.45
C SER J 447 38.88 58.74 -19.90
N SER J 448 38.50 57.55 -20.39
CA SER J 448 38.76 57.23 -21.79
C SER J 448 37.71 57.83 -22.71
N ILE J 449 36.45 57.94 -22.24
CA ILE J 449 35.40 58.51 -23.07
C ILE J 449 35.72 59.96 -23.39
N MET J 450 36.23 60.70 -22.41
CA MET J 450 36.61 62.08 -22.59
C MET J 450 37.91 62.22 -23.35
N GLY J 451 38.90 61.39 -23.01
CA GLY J 451 40.24 61.54 -23.51
C GLY J 451 41.04 62.49 -22.64
N LEU J 452 41.11 62.20 -21.35
CA LEU J 452 41.81 63.06 -20.39
C LEU J 452 43.24 62.58 -20.17
N ASN J 453 44.16 63.53 -20.02
CA ASN J 453 45.56 63.21 -19.75
C ASN J 453 45.82 62.90 -18.27
N ALA J 454 45.07 61.94 -17.76
CA ALA J 454 45.24 61.42 -16.42
C ALA J 454 46.20 60.22 -16.43
N THR J 455 46.87 60.01 -15.30
CA THR J 455 47.69 58.82 -15.11
C THR J 455 47.26 58.09 -13.84
N PHE J 456 47.01 56.79 -13.98
CA PHE J 456 46.61 55.93 -12.87
C PHE J 456 47.74 54.95 -12.63
N ILE J 457 48.44 55.12 -11.52
CA ILE J 457 49.49 54.21 -11.09
C ILE J 457 48.86 53.04 -10.35
N PHE J 458 49.08 51.84 -10.85
CA PHE J 458 48.57 50.61 -10.24
C PHE J 458 49.77 49.70 -9.97
N THR J 459 50.06 49.49 -8.69
CA THR J 459 51.19 48.64 -8.31
C THR J 459 50.69 47.32 -7.74
N HIS J 460 51.66 46.43 -7.47
CA HIS J 460 51.40 45.09 -6.94
C HIS J 460 50.48 44.31 -7.88
N ASP J 461 51.06 43.89 -9.00
CA ASP J 461 50.32 43.64 -10.23
C ASP J 461 50.01 42.18 -10.51
N SER J 462 50.41 41.25 -9.65
CA SER J 462 50.34 39.85 -10.05
C SER J 462 50.19 38.97 -8.81
N ILE J 463 50.37 37.66 -9.01
CA ILE J 463 50.43 36.72 -7.90
C ILE J 463 51.70 36.88 -7.10
N ALA J 464 52.65 37.69 -7.58
CA ALA J 464 53.90 37.88 -6.88
C ALA J 464 53.77 38.76 -5.65
N VAL J 465 52.61 39.40 -5.43
CA VAL J 465 52.39 40.15 -4.19
C VAL J 465 52.56 39.24 -2.98
N GLY J 466 52.17 37.98 -3.11
CA GLY J 466 52.68 36.93 -2.23
C GLY J 466 51.77 36.67 -1.02
N GLU J 467 52.24 37.10 0.15
CA GLU J 467 51.64 36.66 1.41
C GLU J 467 50.24 37.22 1.63
N ASP J 468 49.90 38.33 0.98
CA ASP J 468 48.56 38.90 1.17
C ASP J 468 47.48 38.03 0.55
N GLY J 469 47.77 37.35 -0.56
CA GLY J 469 46.93 36.29 -1.05
C GLY J 469 46.01 36.64 -2.20
N PRO J 470 44.94 35.85 -2.36
CA PRO J 470 44.10 35.99 -3.57
C PRO J 470 43.34 37.29 -3.66
N THR J 471 42.82 37.82 -2.54
CA THR J 471 42.08 39.07 -2.58
C THR J 471 42.96 40.22 -3.03
N HIS J 472 44.27 40.11 -2.83
CA HIS J 472 45.21 41.19 -3.10
C HIS J 472 46.06 40.96 -4.34
N GLU J 473 45.82 39.87 -5.08
CA GLU J 473 46.64 39.53 -6.24
C GLU J 473 45.80 39.65 -7.51
N PRO J 474 46.20 40.48 -8.46
CA PRO J 474 45.38 40.68 -9.66
C PRO J 474 45.55 39.54 -10.67
N ILE J 475 44.44 39.25 -11.36
CA ILE J 475 44.43 38.21 -12.38
C ILE J 475 43.71 38.71 -13.63
N GLU J 476 42.54 39.30 -13.45
CA GLU J 476 41.69 39.68 -14.57
C GLU J 476 41.72 41.17 -14.88
N GLN J 477 42.54 41.94 -14.16
CA GLN J 477 42.48 43.39 -14.27
C GLN J 477 43.07 43.89 -15.59
N LEU J 478 44.20 43.32 -16.01
CA LEU J 478 44.85 43.76 -17.24
C LEU J 478 43.93 43.64 -18.44
N ALA J 479 43.22 42.51 -18.56
CA ALA J 479 42.31 42.33 -19.69
C ALA J 479 41.15 43.32 -19.63
N GLY J 480 40.54 43.48 -18.46
CA GLY J 480 39.42 44.39 -18.32
C GLY J 480 39.80 45.84 -18.62
N LEU J 481 41.05 46.21 -18.35
CA LEU J 481 41.50 47.56 -18.68
C LEU J 481 41.87 47.68 -20.15
N ARG J 482 42.51 46.65 -20.69
CA ARG J 482 42.89 46.65 -22.11
C ARG J 482 41.65 46.67 -23.00
N ALA J 483 40.53 46.15 -22.52
CA ALA J 483 39.30 46.17 -23.31
C ALA J 483 38.69 47.56 -23.42
N ILE J 484 39.04 48.47 -22.52
CA ILE J 484 38.50 49.83 -22.55
C ILE J 484 39.11 50.58 -23.73
N PRO J 485 38.30 51.08 -24.67
CA PRO J 485 38.86 51.84 -25.78
C PRO J 485 39.50 53.12 -25.31
N ASN J 486 40.60 53.49 -25.98
CA ASN J 486 41.34 54.72 -25.68
C ASN J 486 41.84 54.71 -24.23
N MET J 487 42.46 53.60 -23.85
CA MET J 487 43.11 53.49 -22.55
C MET J 487 44.45 52.81 -22.74
N ASN J 488 45.52 53.49 -22.34
CA ASN J 488 46.87 52.95 -22.44
C ASN J 488 47.17 52.19 -21.17
N VAL J 489 47.28 50.86 -21.27
CA VAL J 489 47.67 50.05 -20.11
C VAL J 489 49.10 49.60 -20.31
N ILE J 490 50.07 50.33 -19.73
CA ILE J 490 51.49 50.07 -19.95
C ILE J 490 52.03 49.24 -18.79
N ARG J 491 52.64 48.11 -19.10
CA ARG J 491 53.28 47.23 -18.12
C ARG J 491 54.77 47.16 -18.42
N PRO J 492 55.62 47.86 -17.67
CA PRO J 492 57.04 47.96 -18.05
C PRO J 492 57.85 46.75 -17.63
N ALA J 493 58.86 46.42 -18.44
CA ALA J 493 59.67 45.24 -18.19
C ALA J 493 60.86 45.52 -17.28
N ASP J 494 61.30 46.77 -17.20
CA ASP J 494 62.35 47.16 -16.29
C ASP J 494 62.20 48.67 -16.05
N GLY J 495 63.24 49.29 -15.49
CA GLY J 495 63.17 50.70 -15.18
C GLY J 495 63.17 51.59 -16.41
N ASN J 496 63.91 51.22 -17.45
CA ASN J 496 63.98 52.06 -18.64
C ASN J 496 62.63 52.10 -19.36
N GLU J 497 61.98 50.94 -19.47
CA GLU J 497 60.59 50.92 -19.91
C GLU J 497 59.70 51.74 -18.98
N THR J 498 60.00 51.75 -17.68
CA THR J 498 59.20 52.54 -16.75
C THR J 498 59.34 54.03 -17.03
N ARG J 499 60.56 54.50 -17.29
CA ARG J 499 60.76 55.90 -17.66
C ARG J 499 60.01 56.24 -18.94
N VAL J 500 60.15 55.40 -19.97
CA VAL J 500 59.48 55.71 -21.23
C VAL J 500 57.96 55.61 -21.07
N ALA J 501 57.49 54.75 -20.17
CA ALA J 501 56.06 54.65 -19.93
C ALA J 501 55.53 55.90 -19.23
N TRP J 502 56.31 56.44 -18.29
CA TRP J 502 55.93 57.73 -17.71
C TRP J 502 55.89 58.81 -18.77
N GLU J 503 56.86 58.81 -19.69
CA GLU J 503 56.87 59.80 -20.77
C GLU J 503 55.63 59.68 -21.64
N VAL J 504 55.25 58.44 -21.98
CA VAL J 504 54.04 58.21 -22.78
C VAL J 504 52.81 58.68 -22.02
N ALA J 505 52.76 58.42 -20.72
CA ALA J 505 51.61 58.86 -19.92
C ALA J 505 51.49 60.37 -19.91
N LEU J 506 52.62 61.07 -19.81
CA LEU J 506 52.58 62.53 -19.76
C LEU J 506 52.28 63.14 -21.12
N GLU J 507 52.77 62.52 -22.21
CA GLU J 507 52.69 63.12 -23.53
C GLU J 507 51.38 62.82 -24.26
N SER J 508 50.79 61.65 -24.03
CA SER J 508 49.46 61.36 -24.56
C SER J 508 48.49 62.44 -24.12
N GLU J 509 47.85 63.11 -25.07
CA GLU J 509 47.00 64.23 -24.69
C GLU J 509 45.52 63.91 -24.71
N SER J 510 45.09 62.94 -25.52
CA SER J 510 43.69 62.54 -25.61
C SER J 510 43.47 61.11 -25.13
N THR J 511 44.43 60.56 -24.39
CA THR J 511 44.33 59.16 -23.97
C THR J 511 44.83 59.00 -22.54
N PRO J 512 44.01 58.48 -21.64
CA PRO J 512 44.45 58.23 -20.27
C PRO J 512 45.32 56.97 -20.19
N THR J 513 46.12 56.91 -19.13
CA THR J 513 47.16 55.91 -18.98
C THR J 513 47.09 55.25 -17.61
N SER J 514 47.05 53.92 -17.60
CA SER J 514 47.20 53.09 -16.41
C SER J 514 48.58 52.42 -16.44
N LEU J 515 49.35 52.62 -15.39
CA LEU J 515 50.69 52.05 -15.26
C LEU J 515 50.63 50.84 -14.33
N VAL J 516 50.99 49.67 -14.86
CA VAL J 516 50.91 48.42 -14.12
C VAL J 516 52.32 48.05 -13.68
N LEU J 517 52.61 48.21 -12.39
CA LEU J 517 53.95 48.08 -11.85
C LEU J 517 54.06 46.92 -10.87
N THR J 518 55.28 46.44 -10.70
CA THR J 518 55.57 45.26 -9.91
C THR J 518 56.03 45.63 -8.51
N ARG J 519 55.72 44.74 -7.56
CA ARG J 519 56.36 44.80 -6.24
C ARG J 519 57.73 44.13 -6.25
N GLN J 520 57.91 43.09 -7.06
CA GLN J 520 59.16 42.33 -7.09
C GLN J 520 60.20 43.03 -7.96
N ASN J 521 61.46 42.82 -7.61
CA ASN J 521 62.57 43.40 -8.37
C ASN J 521 62.64 42.77 -9.76
N LEU J 522 62.80 43.62 -10.76
CA LEU J 522 62.93 43.27 -12.15
C LEU J 522 64.33 43.59 -12.63
N PRO J 523 64.95 42.68 -13.38
CA PRO J 523 66.26 42.93 -13.96
C PRO J 523 66.18 43.88 -15.14
N VAL J 524 67.16 44.78 -15.23
CA VAL J 524 67.31 45.63 -16.40
C VAL J 524 67.84 44.81 -17.56
N LEU J 525 67.24 44.99 -18.73
CA LEU J 525 67.56 44.20 -19.92
C LEU J 525 68.62 44.88 -20.77
N ASP J 526 69.29 44.07 -21.60
CA ASP J 526 70.29 44.57 -22.54
C ASP J 526 69.59 45.04 -23.82
N VAL J 527 68.84 46.14 -23.68
CA VAL J 527 68.16 46.79 -24.78
C VAL J 527 68.65 48.24 -24.84
N PRO J 528 69.15 48.70 -25.99
CA PRO J 528 69.68 50.07 -26.07
C PRO J 528 68.60 51.11 -25.83
N GLU J 529 69.02 52.27 -25.31
CA GLU J 529 68.08 53.30 -24.87
C GLU J 529 67.17 53.75 -26.00
N ASP J 530 67.73 54.03 -27.18
CA ASP J 530 66.93 54.44 -28.32
C ASP J 530 65.87 53.39 -28.65
N VAL J 531 66.27 52.11 -28.62
CA VAL J 531 65.34 51.03 -28.87
C VAL J 531 64.19 51.05 -27.87
N VAL J 532 64.51 51.33 -26.60
CA VAL J 532 63.46 51.37 -25.57
C VAL J 532 62.50 52.52 -25.84
N GLU J 533 63.04 53.72 -26.04
CA GLU J 533 62.18 54.89 -26.24
C GLU J 533 61.27 54.72 -27.44
N GLU J 534 61.77 54.14 -28.53
CA GLU J 534 60.90 53.93 -29.68
C GLU J 534 59.93 52.77 -29.45
N GLY J 535 60.39 51.70 -28.80
CA GLY J 535 59.59 50.49 -28.73
C GLY J 535 58.42 50.61 -27.76
N VAL J 536 58.67 51.21 -26.59
CA VAL J 536 57.57 51.40 -25.64
C VAL J 536 56.49 52.29 -26.25
N ARG J 537 56.87 53.22 -27.11
CA ARG J 537 55.85 54.05 -27.77
C ARG J 537 55.13 53.27 -28.86
N LYS J 538 55.82 52.36 -29.55
CA LYS J 538 55.15 51.54 -30.54
C LYS J 538 54.42 50.33 -29.96
N GLY J 539 54.58 50.05 -28.66
CA GLY J 539 53.78 49.05 -27.98
C GLY J 539 54.31 47.63 -28.01
N ALA J 540 55.09 47.26 -29.02
CA ALA J 540 55.67 45.91 -29.08
C ALA J 540 56.93 45.96 -29.93
N TYR J 541 58.01 45.42 -29.40
CA TYR J 541 59.30 45.49 -30.06
C TYR J 541 60.17 44.32 -29.62
N THR J 542 61.18 44.03 -30.42
CA THR J 542 62.06 42.88 -30.20
C THR J 542 63.13 43.22 -29.17
N VAL J 543 63.08 42.52 -28.03
CA VAL J 543 64.14 42.67 -27.03
C VAL J 543 65.21 41.58 -27.14
N TYR J 544 64.92 40.47 -27.83
CA TYR J 544 65.96 39.47 -28.04
C TYR J 544 65.80 38.82 -29.41
N GLY J 545 66.92 38.46 -30.03
CA GLY J 545 66.92 37.86 -31.34
C GLY J 545 67.06 38.89 -32.45
N SER J 546 67.49 38.41 -33.62
CA SER J 546 67.81 39.29 -34.74
C SER J 546 67.25 38.77 -36.07
N GLU J 547 66.30 37.85 -36.04
CA GLU J 547 65.80 37.20 -37.25
C GLU J 547 64.29 37.40 -37.36
N GLU J 548 63.84 37.80 -38.56
CA GLU J 548 62.42 38.02 -38.80
C GLU J 548 61.61 36.75 -38.58
N THR J 549 62.08 35.62 -39.13
CA THR J 549 61.39 34.34 -39.01
C THR J 549 62.21 33.38 -38.17
N PRO J 550 61.90 33.19 -36.90
CA PRO J 550 62.56 32.14 -36.12
C PRO J 550 61.67 30.92 -35.99
N GLU J 551 62.20 29.83 -35.45
CA GLU J 551 61.35 28.70 -35.11
C GLU J 551 60.38 29.07 -33.99
N PHE J 552 60.82 29.90 -33.05
CA PHE J 552 59.99 30.29 -31.92
C PHE J 552 59.96 31.80 -31.75
N LEU J 553 58.75 32.32 -31.49
CA LEU J 553 58.52 33.71 -31.12
C LEU J 553 57.90 33.71 -29.74
N LEU J 554 58.59 34.30 -28.77
CA LEU J 554 58.16 34.36 -27.38
C LEU J 554 57.72 35.78 -27.06
N LEU J 555 56.43 35.93 -26.74
CA LEU J 555 55.83 37.22 -26.45
C LEU J 555 55.63 37.35 -24.95
N ALA J 556 55.96 38.51 -24.40
CA ALA J 556 55.76 38.68 -22.96
C ALA J 556 55.48 40.14 -22.65
N SER J 557 55.22 40.41 -21.38
CA SER J 557 54.98 41.75 -20.87
C SER J 557 55.57 41.87 -19.48
N GLY J 558 56.21 43.00 -19.21
CA GLY J 558 56.71 43.31 -17.88
C GLY J 558 57.59 42.25 -17.25
N SER J 559 57.19 41.80 -16.05
CA SER J 559 57.98 40.85 -15.28
C SER J 559 58.35 39.60 -16.07
N GLU J 560 57.50 39.19 -17.01
CA GLU J 560 57.73 37.97 -17.75
C GLU J 560 58.78 38.14 -18.84
N VAL J 561 59.05 39.37 -19.28
CA VAL J 561 59.96 39.61 -20.40
C VAL J 561 61.28 38.90 -20.16
N SER J 562 61.96 39.25 -19.04
CA SER J 562 63.21 38.62 -18.68
C SER J 562 63.12 37.09 -18.78
N LEU J 563 62.07 36.51 -18.16
CA LEU J 563 61.92 35.07 -18.19
C LEU J 563 61.98 34.55 -19.62
N ALA J 564 61.16 35.13 -20.51
CA ALA J 564 61.18 34.72 -21.90
C ALA J 564 62.59 34.72 -22.46
N VAL J 565 63.32 35.83 -22.27
CA VAL J 565 64.67 35.92 -22.81
C VAL J 565 65.51 34.76 -22.31
N GLU J 566 65.46 34.49 -21.00
CA GLU J 566 66.23 33.39 -20.45
C GLU J 566 65.85 32.08 -21.15
N ALA J 567 64.55 31.79 -21.24
CA ALA J 567 64.12 30.62 -22.00
C ALA J 567 64.74 30.63 -23.38
N ALA J 568 64.57 31.76 -24.10
CA ALA J 568 65.14 31.90 -25.43
C ALA J 568 66.60 31.45 -25.44
N LYS J 569 67.40 31.98 -24.51
CA LYS J 569 68.83 31.69 -24.52
C LYS J 569 69.07 30.17 -24.46
N ASP J 570 68.39 29.49 -23.54
CA ASP J 570 68.53 28.04 -23.46
C ASP J 570 68.15 27.40 -24.78
N LEU J 571 67.00 27.81 -25.33
CA LEU J 571 66.59 27.36 -26.65
C LEU J 571 67.71 27.53 -27.67
N GLU J 572 68.36 28.70 -27.68
CA GLU J 572 69.43 28.92 -28.65
C GLU J 572 70.61 28.01 -28.36
N LYS J 573 70.95 27.81 -27.08
CA LYS J 573 72.02 26.88 -26.76
C LYS J 573 71.61 25.44 -27.02
N GLN J 574 70.38 25.22 -27.46
CA GLN J 574 69.81 23.92 -27.75
C GLN J 574 69.53 23.74 -29.23
N GLY J 575 69.82 24.75 -30.05
CA GLY J 575 69.71 24.64 -31.49
C GLY J 575 68.46 25.21 -32.12
N LYS J 576 67.78 26.14 -31.46
CA LYS J 576 66.51 26.68 -31.95
C LYS J 576 66.62 28.20 -32.11
N SER J 577 66.21 28.70 -33.27
CA SER J 577 66.15 30.14 -33.47
C SER J 577 64.95 30.71 -32.73
N VAL J 578 65.19 31.72 -31.90
CA VAL J 578 64.14 32.29 -31.08
C VAL J 578 64.21 33.82 -31.16
N ARG J 579 63.04 34.44 -31.06
CA ARG J 579 62.91 35.88 -30.95
C ARG J 579 62.03 36.17 -29.75
N VAL J 580 62.32 37.25 -29.02
CA VAL J 580 61.58 37.62 -27.82
C VAL J 580 61.11 39.06 -27.97
N VAL J 581 59.79 39.25 -27.82
CA VAL J 581 59.11 40.52 -28.04
C VAL J 581 58.49 40.99 -26.74
N SER J 582 58.89 42.19 -26.30
CA SER J 582 58.25 42.87 -25.20
C SER J 582 57.00 43.58 -25.68
N MET J 583 55.96 43.54 -24.84
CA MET J 583 54.62 44.04 -25.18
C MET J 583 54.08 44.93 -24.09
N PRO J 584 54.66 46.12 -23.92
CA PRO J 584 54.23 47.00 -22.82
C PRO J 584 52.81 47.51 -22.96
N ASN J 585 52.43 48.00 -24.15
CA ASN J 585 51.13 48.62 -24.34
C ASN J 585 50.46 48.14 -25.62
N TRP J 586 49.37 47.39 -25.46
CA TRP J 586 48.63 46.87 -26.60
C TRP J 586 47.93 47.96 -27.37
N ASN J 587 47.50 49.02 -26.68
CA ASN J 587 46.84 50.14 -27.35
C ASN J 587 47.78 50.83 -28.33
N ALA J 588 49.01 51.10 -27.88
CA ALA J 588 50.00 51.71 -28.77
C ALA J 588 50.37 50.77 -29.92
N PHE J 589 50.37 49.45 -29.67
CA PHE J 589 50.74 48.54 -30.74
C PHE J 589 49.66 48.45 -31.80
N GLU J 590 48.38 48.37 -31.40
CA GLU J 590 47.29 48.25 -32.35
C GLU J 590 47.08 49.50 -33.19
N GLN J 591 47.75 50.60 -32.86
CA GLN J 591 47.68 51.83 -33.63
C GLN J 591 48.74 51.90 -34.74
N GLN J 592 49.72 51.00 -34.72
CA GLN J 592 50.84 51.09 -35.63
C GLN J 592 50.47 50.56 -37.02
N SER J 593 51.45 50.57 -37.92
CA SER J 593 51.25 50.08 -39.27
C SER J 593 51.20 48.56 -39.28
N GLU J 594 50.54 48.01 -40.30
CA GLU J 594 50.58 46.57 -40.52
C GLU J 594 52.00 46.09 -40.76
N GLU J 595 52.83 46.93 -41.38
CA GLU J 595 54.21 46.55 -41.64
C GLU J 595 54.98 46.37 -40.34
N TYR J 596 54.85 47.32 -39.42
CA TYR J 596 55.54 47.20 -38.14
C TYR J 596 55.01 46.01 -37.35
N LYS J 597 53.70 45.78 -37.40
CA LYS J 597 53.13 44.62 -36.73
C LYS J 597 53.72 43.33 -37.26
N GLU J 598 53.77 43.19 -38.59
CA GLU J 598 54.35 41.99 -39.19
C GLU J 598 55.82 41.83 -38.82
N SER J 599 56.57 42.94 -38.82
CA SER J 599 57.99 42.86 -38.45
C SER J 599 58.16 42.46 -36.99
N VAL J 600 57.20 42.79 -36.12
CA VAL J 600 57.33 42.39 -34.73
C VAL J 600 56.74 41.00 -34.52
N ILE J 601 55.53 40.76 -35.02
CA ILE J 601 54.90 39.44 -34.96
C ILE J 601 54.54 38.95 -36.35
N PRO J 602 55.43 38.24 -37.02
CA PRO J 602 55.06 37.63 -38.29
C PRO J 602 53.96 36.59 -38.09
N SER J 603 53.01 36.57 -39.01
CA SER J 603 52.04 35.48 -39.06
C SER J 603 52.60 34.25 -39.76
N SER J 604 53.84 34.32 -40.26
CA SER J 604 54.52 33.13 -40.75
C SER J 604 54.93 32.21 -39.60
N VAL J 605 55.35 32.79 -38.49
CA VAL J 605 55.82 32.03 -37.33
C VAL J 605 54.59 31.46 -36.63
N THR J 606 54.37 30.15 -36.80
CA THR J 606 53.22 29.51 -36.17
C THR J 606 53.45 29.30 -34.68
N LYS J 607 54.63 28.79 -34.31
CA LYS J 607 54.97 28.49 -32.92
C LYS J 607 55.20 29.79 -32.15
N ARG J 608 54.10 30.41 -31.73
CA ARG J 608 54.15 31.59 -30.90
C ARG J 608 53.68 31.24 -29.49
N VAL J 609 54.40 31.75 -28.50
CA VAL J 609 54.14 31.47 -27.10
C VAL J 609 54.05 32.79 -26.35
N ALA J 610 52.91 33.04 -25.71
CA ALA J 610 52.71 34.18 -24.83
C ALA J 610 52.99 33.77 -23.39
N ILE J 611 53.51 34.71 -22.60
CA ILE J 611 53.78 34.46 -21.19
C ILE J 611 53.42 35.72 -20.41
N GLU J 612 52.34 35.66 -19.63
CA GLU J 612 51.96 36.75 -18.75
C GLU J 612 51.33 36.19 -17.49
N MET J 613 51.61 36.82 -16.35
CA MET J 613 51.09 36.37 -15.06
C MET J 613 49.75 37.03 -14.76
N ALA J 614 48.77 36.66 -15.57
CA ALA J 614 47.41 37.19 -15.49
C ALA J 614 46.53 36.34 -16.41
N SER J 615 45.25 36.71 -16.51
CA SER J 615 44.27 35.99 -17.31
C SER J 615 44.78 35.77 -18.73
N PRO J 616 44.47 34.63 -19.34
CA PRO J 616 44.90 34.38 -20.72
C PRO J 616 44.11 35.14 -21.78
N LEU J 617 43.08 35.88 -21.40
CA LEU J 617 42.14 36.43 -22.38
C LEU J 617 42.79 37.50 -23.23
N GLY J 618 42.61 37.38 -24.55
CA GLY J 618 43.16 38.32 -25.50
C GLY J 618 44.49 37.92 -26.09
N TRP J 619 45.22 37.02 -25.42
CA TRP J 619 46.55 36.66 -25.90
C TRP J 619 46.50 35.80 -27.15
N HIS J 620 45.42 35.04 -27.35
CA HIS J 620 45.28 34.23 -28.55
C HIS J 620 45.20 35.07 -29.81
N LYS J 621 44.95 36.37 -29.68
CA LYS J 621 45.05 37.27 -30.83
C LYS J 621 46.45 37.26 -31.42
N TYR J 622 47.47 37.13 -30.58
CA TYR J 622 48.84 37.31 -31.02
C TYR J 622 49.60 36.00 -31.21
N VAL J 623 49.15 34.91 -30.59
CA VAL J 623 49.85 33.63 -30.72
C VAL J 623 49.29 32.78 -31.86
N GLY J 624 48.06 33.03 -32.29
CA GLY J 624 47.46 32.30 -33.39
C GLY J 624 46.78 31.02 -32.93
N THR J 625 46.22 30.32 -33.92
CA THR J 625 45.56 29.05 -33.62
C THR J 625 46.54 28.00 -33.15
N ALA J 626 47.77 28.03 -33.66
CA ALA J 626 48.77 27.02 -33.37
C ALA J 626 49.70 27.40 -32.22
N GLY J 627 49.50 28.57 -31.61
CA GLY J 627 50.33 29.02 -30.52
C GLY J 627 49.74 28.64 -29.18
N LYS J 628 50.49 28.95 -28.13
CA LYS J 628 50.03 28.70 -26.77
C LYS J 628 50.27 29.93 -25.91
N VAL J 629 49.37 30.13 -24.94
CA VAL J 629 49.52 31.18 -23.94
C VAL J 629 49.74 30.51 -22.59
N ILE J 630 50.77 30.97 -21.88
CA ILE J 630 51.12 30.51 -20.55
C ILE J 630 50.68 31.62 -19.61
N ALA J 631 49.47 31.48 -19.08
CA ALA J 631 48.89 32.52 -18.25
C ALA J 631 48.40 31.93 -16.93
N ILE J 632 47.38 32.55 -16.33
CA ILE J 632 46.77 32.07 -15.11
C ILE J 632 45.26 32.05 -15.34
N ASP J 633 44.65 30.88 -15.14
CA ASP J 633 43.20 30.73 -15.25
C ASP J 633 42.57 30.39 -13.90
N GLY J 634 43.19 30.84 -12.82
CA GLY J 634 42.62 30.71 -11.49
C GLY J 634 42.93 31.92 -10.63
N PHE J 635 42.69 31.82 -9.34
CA PHE J 635 43.05 32.89 -8.41
C PHE J 635 44.38 32.57 -7.74
N GLY J 636 44.88 33.55 -7.00
CA GLY J 636 46.21 33.46 -6.43
C GLY J 636 46.27 32.58 -5.20
N ALA J 637 47.42 32.64 -4.54
CA ALA J 637 47.67 31.88 -3.32
C ALA J 637 48.43 32.75 -2.34
N SER J 638 48.23 32.48 -1.05
CA SER J 638 48.94 33.21 0.01
C SER J 638 50.21 32.42 0.34
N ALA J 639 51.36 32.95 -0.05
CA ALA J 639 52.66 32.33 0.16
C ALA J 639 53.72 33.32 -0.32
N PRO J 640 54.98 33.14 0.11
CA PRO J 640 56.07 33.94 -0.46
C PRO J 640 55.96 34.05 -1.98
N GLY J 641 56.12 35.27 -2.48
CA GLY J 641 55.78 35.57 -3.86
C GLY J 641 56.55 34.74 -4.87
N ASP J 642 57.84 34.54 -4.63
CA ASP J 642 58.64 33.70 -5.52
C ASP J 642 58.07 32.29 -5.59
N LEU J 643 57.63 31.74 -4.45
CA LEU J 643 57.04 30.41 -4.45
C LEU J 643 55.79 30.37 -5.31
N VAL J 644 55.00 31.45 -5.28
CA VAL J 644 53.77 31.48 -6.06
C VAL J 644 54.07 31.58 -7.55
N VAL J 645 55.07 32.39 -7.93
CA VAL J 645 55.40 32.47 -9.36
C VAL J 645 56.04 31.17 -9.82
N GLU J 646 56.71 30.45 -8.92
CA GLU J 646 57.28 29.16 -9.27
C GLU J 646 56.20 28.11 -9.47
N LYS J 647 55.21 28.07 -8.57
CA LYS J 647 54.21 27.02 -8.60
C LYS J 647 53.10 27.27 -9.61
N TYR J 648 53.01 28.47 -10.17
CA TYR J 648 52.04 28.74 -11.22
C TYR J 648 52.64 28.56 -12.61
N GLY J 649 53.87 28.05 -12.69
CA GLY J 649 54.46 27.66 -13.95
C GLY J 649 55.41 28.64 -14.59
N PHE J 650 55.80 29.70 -13.89
CA PHE J 650 56.64 30.75 -14.47
C PHE J 650 58.10 30.56 -14.03
N THR J 651 58.67 29.45 -14.50
CA THR J 651 60.09 29.13 -14.37
C THR J 651 60.61 28.77 -15.75
N LYS J 652 61.90 29.06 -16.00
CA LYS J 652 62.48 28.80 -17.30
C LYS J 652 62.23 27.37 -17.75
N GLU J 653 62.34 26.42 -16.81
CA GLU J 653 62.23 25.02 -17.15
C GLU J 653 60.82 24.67 -17.62
N ASN J 654 59.80 25.22 -16.97
CA ASN J 654 58.44 24.94 -17.42
C ASN J 654 58.15 25.60 -18.75
N ILE J 655 58.59 26.85 -18.94
CA ILE J 655 58.42 27.50 -20.24
C ILE J 655 59.07 26.68 -21.33
N LEU J 656 60.27 26.17 -21.07
CA LEU J 656 60.98 25.35 -22.05
C LEU J 656 60.22 24.07 -22.36
N ASN J 657 59.76 23.38 -21.31
CA ASN J 657 59.03 22.12 -21.51
C ASN J 657 57.77 22.33 -22.33
N GLN J 658 57.01 23.39 -22.02
CA GLN J 658 55.80 23.66 -22.78
C GLN J 658 56.11 24.10 -24.20
N VAL J 659 57.22 24.82 -24.38
CA VAL J 659 57.59 25.30 -25.71
C VAL J 659 57.96 24.14 -26.62
N MET J 660 58.81 23.23 -26.13
CA MET J 660 59.26 22.12 -26.98
C MET J 660 58.18 21.06 -27.22
N SER J 661 57.06 21.11 -26.49
CA SER J 661 55.98 20.17 -26.69
C SER J 661 54.94 20.66 -27.70
N LEU J 662 55.09 21.88 -28.19
CA LEU J 662 54.13 22.51 -29.07
C LEU J 662 54.12 21.88 -30.46
#